data_2HA1
#
_entry.id   2HA1
#
_entity_poly.entity_id   1
_entity_poly.type   'polypeptide(L)'
_entity_poly.pdbx_seq_one_letter_code
;SGPVEVFITETPSQPNSHPIQWNAPQPSHISKYILRWRPKNSVGRWKEATIPGHLNSYTIKGLKPGVVYEGQLISIQQYG
HQEVTRFDFTTTSTSTPVTSNTVTGETTPFSPLVATSESVTEITASSFVVSWVSASDTVSGFRVEYELSEEGDEPQYLDL
PSTATSVNIPDLLPGRKYIVNVYQISEDGEQSLILSTSQTT
;
_entity_poly.pdbx_strand_id   A
#
# COMPACT_ATOMS: atom_id res chain seq x y z
N SER A 1 -1.55 8.75 -30.82
CA SER A 1 -0.90 7.55 -31.43
C SER A 1 -1.64 6.30 -30.97
N GLY A 2 -0.89 5.25 -30.65
CA GLY A 2 -1.49 4.01 -30.19
C GLY A 2 -1.08 3.70 -28.76
N PRO A 3 -1.93 3.01 -28.06
CA PRO A 3 -1.73 2.63 -26.65
C PRO A 3 -0.27 2.29 -26.31
N VAL A 4 0.11 2.70 -25.11
CA VAL A 4 1.45 2.45 -24.60
C VAL A 4 1.51 1.02 -24.07
N GLU A 5 2.70 0.56 -23.68
CA GLU A 5 2.84 -0.80 -23.18
C GLU A 5 3.02 -0.81 -21.67
N VAL A 6 2.17 -1.59 -20.99
CA VAL A 6 2.21 -1.71 -19.53
C VAL A 6 2.04 -3.16 -19.11
N PHE A 7 2.76 -3.55 -18.05
CA PHE A 7 2.67 -4.93 -17.56
C PHE A 7 2.95 -5.00 -16.07
N ILE A 8 2.67 -6.15 -15.47
CA ILE A 8 2.90 -6.35 -14.04
C ILE A 8 4.07 -7.29 -13.83
N THR A 9 5.01 -6.90 -12.95
CA THR A 9 6.18 -7.74 -12.67
C THR A 9 6.54 -7.69 -11.19
N GLU A 10 7.34 -8.66 -10.74
CA GLU A 10 7.76 -8.73 -9.35
C GLU A 10 6.64 -8.25 -8.44
N THR A 11 5.41 -8.49 -8.88
CA THR A 11 4.25 -8.06 -8.11
C THR A 11 3.35 -9.24 -7.75
N PRO A 12 3.80 -10.11 -6.88
CA PRO A 12 3.01 -11.29 -6.44
C PRO A 12 1.72 -10.88 -5.72
N SER A 13 1.77 -9.72 -5.07
CA SER A 13 0.61 -9.22 -4.34
C SER A 13 1.05 -8.38 -3.15
N GLN A 14 0.55 -7.15 -3.08
CA GLN A 14 0.91 -6.26 -1.98
C GLN A 14 -0.34 -5.77 -1.25
N PRO A 15 -0.21 -5.34 -0.03
CA PRO A 15 -1.36 -4.86 0.79
C PRO A 15 -1.74 -3.41 0.51
N ASN A 16 -0.83 -2.49 0.80
CA ASN A 16 -1.12 -1.07 0.59
C ASN A 16 -0.33 -0.50 -0.58
N SER A 17 0.74 -1.18 -0.98
CA SER A 17 1.55 -0.69 -2.09
C SER A 17 1.35 -1.53 -3.34
N HIS A 18 1.54 -0.90 -4.50
CA HIS A 18 1.37 -1.61 -5.77
C HIS A 18 2.20 -0.92 -6.86
N PRO A 19 3.31 -1.50 -7.21
CA PRO A 19 4.21 -0.95 -8.26
C PRO A 19 3.77 -1.34 -9.68
N ILE A 20 3.98 -0.43 -10.62
CA ILE A 20 3.61 -0.67 -12.02
C ILE A 20 4.78 -0.33 -12.93
N GLN A 21 4.70 -0.73 -14.19
CA GLN A 21 5.75 -0.43 -15.14
C GLN A 21 5.17 -0.28 -16.54
N TRP A 22 5.77 0.58 -17.35
CA TRP A 22 5.28 0.80 -18.71
C TRP A 22 6.43 0.99 -19.69
N ASN A 23 6.15 0.73 -20.96
CA ASN A 23 7.16 0.90 -22.00
C ASN A 23 6.62 1.76 -23.13
N ALA A 24 7.52 2.41 -23.86
CA ALA A 24 7.12 3.28 -24.95
C ALA A 24 7.95 3.00 -26.20
N PRO A 25 7.60 3.61 -27.30
CA PRO A 25 8.32 3.44 -28.59
C PRO A 25 9.83 3.64 -28.42
N GLN A 26 10.58 3.39 -29.48
CA GLN A 26 12.03 3.56 -29.42
C GLN A 26 12.40 5.02 -29.65
N PRO A 27 11.90 5.62 -30.70
CA PRO A 27 12.17 7.04 -31.02
C PRO A 27 11.58 7.98 -29.97
N SER A 28 12.20 9.14 -29.81
CA SER A 28 11.73 10.11 -28.82
C SER A 28 10.32 10.58 -29.16
N HIS A 29 9.50 9.64 -29.57
CA HIS A 29 8.11 9.92 -29.93
C HIS A 29 7.34 10.44 -28.72
N ILE A 30 7.57 9.81 -27.57
CA ILE A 30 6.89 10.20 -26.35
C ILE A 30 7.84 10.86 -25.36
N SER A 31 7.37 11.93 -24.73
CA SER A 31 8.20 12.67 -23.79
C SER A 31 7.77 12.42 -22.35
N LYS A 32 6.64 13.00 -21.97
CA LYS A 32 6.13 12.86 -20.60
C LYS A 32 5.23 11.63 -20.45
N TYR A 33 5.24 11.05 -19.26
CA TYR A 33 4.39 9.90 -18.97
C TYR A 33 3.49 10.24 -17.77
N ILE A 34 2.18 10.10 -17.95
CA ILE A 34 1.26 10.38 -16.87
C ILE A 34 0.47 9.14 -16.48
N LEU A 35 0.35 8.90 -15.18
CA LEU A 35 -0.39 7.73 -14.71
C LEU A 35 -1.55 8.14 -13.83
N ARG A 36 -2.73 7.62 -14.14
CA ARG A 36 -3.92 7.91 -13.36
C ARG A 36 -4.65 6.63 -13.01
N TRP A 37 -5.15 6.54 -11.77
CA TRP A 37 -5.83 5.33 -11.33
C TRP A 37 -6.99 5.64 -10.38
N ARG A 38 -7.86 4.66 -10.21
CA ARG A 38 -9.01 4.79 -9.30
C ARG A 38 -9.56 3.42 -8.93
N PRO A 39 -9.92 3.24 -7.69
CA PRO A 39 -10.48 1.94 -7.20
C PRO A 39 -11.79 1.60 -7.89
N LYS A 40 -11.80 0.51 -8.66
CA LYS A 40 -13.01 0.10 -9.36
C LYS A 40 -14.19 0.13 -8.41
N ASN A 41 -14.76 1.31 -8.22
CA ASN A 41 -15.89 1.48 -7.31
C ASN A 41 -16.66 2.77 -7.60
N SER A 42 -16.02 3.73 -8.25
CA SER A 42 -16.68 5.00 -8.56
C SER A 42 -16.00 5.68 -9.74
N VAL A 43 -16.73 6.57 -10.41
CA VAL A 43 -16.18 7.31 -11.55
C VAL A 43 -16.23 8.81 -11.28
N GLY A 44 -16.19 9.18 -10.01
CA GLY A 44 -16.24 10.59 -9.62
C GLY A 44 -14.85 11.19 -9.47
N ARG A 45 -14.19 10.86 -8.36
CA ARG A 45 -12.86 11.39 -8.10
C ARG A 45 -11.83 10.27 -8.01
N TRP A 46 -10.58 10.59 -8.34
CA TRP A 46 -9.51 9.60 -8.28
C TRP A 46 -8.14 10.26 -8.20
N LYS A 47 -7.08 9.45 -8.37
CA LYS A 47 -5.71 9.97 -8.26
C LYS A 47 -4.99 10.01 -9.60
N GLU A 48 -4.09 10.98 -9.72
CA GLU A 48 -3.29 11.14 -10.93
C GLU A 48 -1.87 11.53 -10.57
N ALA A 49 -0.94 11.25 -11.48
CA ALA A 49 0.47 11.57 -11.22
C ALA A 49 1.23 11.79 -12.52
N THR A 50 2.35 12.50 -12.42
CA THR A 50 3.21 12.78 -13.56
C THR A 50 4.55 12.10 -13.39
N ILE A 51 5.04 11.46 -14.46
CA ILE A 51 6.32 10.76 -14.39
C ILE A 51 7.27 11.22 -15.50
N PRO A 52 8.42 11.72 -15.14
CA PRO A 52 9.45 12.18 -16.14
C PRO A 52 9.64 11.17 -17.27
N GLY A 53 10.03 11.68 -18.44
CA GLY A 53 10.24 10.83 -19.60
C GLY A 53 11.35 9.80 -19.39
N HIS A 54 12.27 10.06 -18.46
CA HIS A 54 13.37 9.12 -18.24
C HIS A 54 12.96 7.97 -17.32
N LEU A 55 11.86 8.13 -16.60
CA LEU A 55 11.39 7.07 -15.72
C LEU A 55 10.42 6.15 -16.46
N ASN A 56 10.55 4.85 -16.23
CA ASN A 56 9.68 3.88 -16.89
C ASN A 56 8.90 3.03 -15.88
N SER A 57 8.89 3.46 -14.62
CA SER A 57 8.18 2.71 -13.59
C SER A 57 7.67 3.65 -12.50
N TYR A 58 6.48 3.35 -11.97
CA TYR A 58 5.88 4.17 -10.93
C TYR A 58 5.77 3.40 -9.62
N THR A 59 5.04 3.98 -8.68
CA THR A 59 4.83 3.35 -7.38
C THR A 59 3.49 3.81 -6.80
N ILE A 60 2.63 2.86 -6.44
CA ILE A 60 1.33 3.24 -5.88
C ILE A 60 1.21 2.78 -4.42
N LYS A 61 0.94 3.73 -3.54
CA LYS A 61 0.79 3.43 -2.13
C LYS A 61 -0.54 3.96 -1.59
N GLY A 62 -0.95 3.47 -0.44
CA GLY A 62 -2.21 3.90 0.17
C GLY A 62 -3.38 3.09 -0.39
N LEU A 63 -3.05 1.94 -0.97
CA LEU A 63 -4.08 1.07 -1.55
C LEU A 63 -4.80 0.26 -0.47
N LYS A 64 -6.01 -0.17 -0.79
CA LYS A 64 -6.80 -0.96 0.14
C LYS A 64 -6.71 -2.45 -0.19
N PRO A 65 -6.50 -3.28 0.80
CA PRO A 65 -6.38 -4.76 0.59
C PRO A 65 -7.71 -5.38 0.17
N GLY A 66 -7.64 -6.38 -0.70
CA GLY A 66 -8.82 -7.05 -1.18
C GLY A 66 -9.64 -6.14 -2.08
N VAL A 67 -8.96 -5.18 -2.71
CA VAL A 67 -9.63 -4.23 -3.60
C VAL A 67 -8.93 -4.18 -4.95
N VAL A 68 -9.65 -3.73 -5.97
CA VAL A 68 -9.08 -3.65 -7.30
C VAL A 68 -9.03 -2.20 -7.78
N TYR A 69 -7.94 -1.84 -8.45
CA TYR A 69 -7.76 -0.48 -8.95
C TYR A 69 -7.55 -0.50 -10.45
N GLU A 70 -8.21 0.42 -11.17
CA GLU A 70 -8.02 0.52 -12.60
C GLU A 70 -7.04 1.66 -12.88
N GLY A 71 -6.03 1.39 -13.71
CA GLY A 71 -5.04 2.42 -14.00
C GLY A 71 -4.96 2.72 -15.48
N GLN A 72 -4.53 3.93 -15.80
CA GLN A 72 -4.39 4.35 -17.18
C GLN A 72 -3.06 5.06 -17.38
N LEU A 73 -2.43 4.81 -18.51
CA LEU A 73 -1.15 5.45 -18.79
C LEU A 73 -1.27 6.36 -20.00
N ILE A 74 -1.02 7.65 -19.80
CA ILE A 74 -1.10 8.61 -20.88
C ILE A 74 0.28 9.17 -21.22
N SER A 75 0.62 9.13 -22.50
CA SER A 75 1.93 9.63 -22.93
C SER A 75 1.77 10.91 -23.75
N ILE A 76 2.40 11.99 -23.28
CA ILE A 76 2.30 13.26 -23.98
C ILE A 76 3.58 13.56 -24.75
N GLN A 77 3.41 14.22 -25.89
CA GLN A 77 4.54 14.57 -26.73
C GLN A 77 4.83 16.07 -26.61
N GLN A 78 6.08 16.45 -26.85
CA GLN A 78 6.46 17.85 -26.76
C GLN A 78 5.36 18.74 -27.32
N TYR A 79 4.42 19.12 -26.45
CA TYR A 79 3.30 19.97 -26.87
C TYR A 79 2.78 19.54 -28.23
N GLY A 80 2.85 18.24 -28.51
CA GLY A 80 2.37 17.72 -29.79
C GLY A 80 1.16 16.82 -29.60
N HIS A 81 1.33 15.55 -29.98
CA HIS A 81 0.25 14.57 -29.88
C HIS A 81 0.11 14.02 -28.46
N GLN A 82 -0.88 13.16 -28.27
CA GLN A 82 -1.13 12.54 -26.96
C GLN A 82 -1.71 11.14 -27.15
N GLU A 83 -1.41 10.24 -26.21
CA GLU A 83 -1.92 8.87 -26.28
C GLU A 83 -2.35 8.39 -24.89
N VAL A 84 -3.42 7.58 -24.84
CA VAL A 84 -3.90 7.08 -23.56
C VAL A 84 -4.05 5.56 -23.58
N THR A 85 -3.60 4.92 -22.50
CA THR A 85 -3.68 3.47 -22.38
C THR A 85 -4.43 3.09 -21.10
N ARG A 86 -5.26 2.05 -21.16
CA ARG A 86 -6.02 1.63 -19.98
C ARG A 86 -5.63 0.22 -19.54
N PHE A 87 -5.54 0.04 -18.23
CA PHE A 87 -5.19 -1.25 -17.65
C PHE A 87 -5.79 -1.36 -16.25
N ASP A 88 -5.85 -2.58 -15.71
CA ASP A 88 -6.41 -2.75 -14.37
C ASP A 88 -5.69 -3.87 -13.63
N PHE A 89 -5.67 -3.75 -12.30
CA PHE A 89 -5.01 -4.76 -11.46
C PHE A 89 -5.74 -4.92 -10.14
N THR A 90 -5.31 -5.91 -9.37
CA THR A 90 -5.92 -6.19 -8.07
C THR A 90 -4.86 -6.03 -6.97
N THR A 91 -5.31 -5.86 -5.73
CA THR A 91 -4.38 -5.71 -4.63
C THR A 91 -4.79 -6.58 -3.45
N THR A 92 -3.88 -7.47 -3.03
CA THR A 92 -4.14 -8.37 -1.92
C THR A 92 -3.04 -8.32 -0.87
N SER A 93 -3.42 -8.49 0.39
CA SER A 93 -2.44 -8.53 1.47
C SER A 93 -1.58 -9.78 1.34
N THR A 94 -2.24 -10.86 0.91
CA THR A 94 -1.64 -12.19 0.73
C THR A 94 -2.71 -13.22 1.13
N SER A 95 -2.40 -14.10 2.08
CA SER A 95 -3.38 -15.09 2.54
C SER A 95 -3.67 -14.85 4.02
N THR A 96 -4.95 -14.95 4.39
CA THR A 96 -5.34 -14.71 5.79
C THR A 96 -6.38 -15.73 6.26
N PRO A 97 -6.49 -15.95 7.55
CA PRO A 97 -7.49 -16.89 8.13
C PRO A 97 -8.93 -16.45 7.85
N VAL A 98 -9.85 -17.41 7.83
CA VAL A 98 -11.27 -17.12 7.58
C VAL A 98 -11.49 -16.50 6.20
N THR A 99 -10.43 -16.30 5.45
CA THR A 99 -10.56 -15.73 4.12
C THR A 99 -11.50 -16.59 3.27
N SER A 100 -11.43 -17.90 3.46
CA SER A 100 -12.28 -18.82 2.72
C SER A 100 -13.74 -18.63 3.12
N ASN A 101 -14.65 -19.14 2.30
CA ASN A 101 -16.08 -19.02 2.57
C ASN A 101 -16.63 -20.29 3.21
N THR A 102 -17.55 -20.11 4.15
CA THR A 102 -18.16 -21.24 4.85
C THR A 102 -19.32 -21.81 4.03
N VAL A 103 -19.72 -23.04 4.35
CA VAL A 103 -20.81 -23.71 3.64
C VAL A 103 -22.00 -23.95 4.57
N THR A 104 -23.19 -23.66 4.08
CA THR A 104 -24.40 -23.86 4.86
C THR A 104 -24.82 -25.33 4.85
N GLY A 105 -25.24 -25.84 5.99
CA GLY A 105 -25.65 -27.24 6.09
C GLY A 105 -26.55 -27.49 7.30
N GLU A 106 -26.84 -28.76 7.54
CA GLU A 106 -27.69 -29.16 8.65
C GLU A 106 -27.03 -28.86 9.99
N THR A 107 -25.73 -28.62 9.97
CA THR A 107 -24.99 -28.32 11.20
C THR A 107 -25.41 -26.97 11.76
N THR A 108 -25.59 -26.93 13.08
CA THR A 108 -26.02 -25.71 13.77
C THR A 108 -25.00 -25.30 14.84
N PRO A 109 -23.97 -24.58 14.46
CA PRO A 109 -22.91 -24.12 15.42
C PRO A 109 -23.51 -23.42 16.64
N PHE A 110 -22.81 -23.51 17.77
CA PHE A 110 -23.28 -22.91 19.00
C PHE A 110 -23.26 -21.38 18.90
N SER A 111 -24.20 -20.74 19.59
CA SER A 111 -24.32 -19.28 19.57
C SER A 111 -24.25 -18.72 20.99
N PRO A 112 -23.07 -18.55 21.53
CA PRO A 112 -22.88 -18.01 22.91
C PRO A 112 -23.63 -16.69 23.12
N LEU A 113 -24.04 -16.45 24.37
CA LEU A 113 -24.78 -15.23 24.70
C LEU A 113 -26.04 -15.12 23.86
N VAL A 114 -27.07 -14.46 24.42
CA VAL A 114 -28.34 -14.29 23.72
C VAL A 114 -28.59 -12.82 23.41
N ALA A 115 -29.04 -12.57 22.18
CA ALA A 115 -29.35 -11.21 21.73
C ALA A 115 -28.25 -10.22 22.17
N THR A 116 -28.47 -8.94 21.87
CA THR A 116 -27.52 -7.89 22.22
C THR A 116 -28.17 -6.83 23.10
N SER A 117 -27.42 -6.30 24.05
CA SER A 117 -27.94 -5.28 24.95
C SER A 117 -28.37 -4.05 24.16
N GLU A 118 -29.27 -3.26 24.74
CA GLU A 118 -29.76 -2.06 24.07
C GLU A 118 -28.60 -1.14 23.72
N SER A 119 -27.58 -1.12 24.57
CA SER A 119 -26.41 -0.26 24.32
C SER A 119 -25.15 -1.12 24.24
N VAL A 120 -24.25 -0.76 23.32
CA VAL A 120 -23.00 -1.48 23.14
C VAL A 120 -21.82 -0.52 23.12
N THR A 121 -20.63 -1.04 23.38
CA THR A 121 -19.42 -0.22 23.39
C THR A 121 -18.42 -0.72 22.34
N GLU A 122 -17.49 0.15 21.97
CA GLU A 122 -16.48 -0.20 20.96
C GLU A 122 -15.13 -0.51 21.61
N ILE A 123 -14.07 0.05 21.04
CA ILE A 123 -12.71 -0.18 21.53
C ILE A 123 -12.16 1.11 22.14
N THR A 124 -11.38 0.95 23.21
CA THR A 124 -10.80 2.11 23.91
C THR A 124 -9.31 1.93 24.17
N ALA A 125 -8.62 3.06 24.32
CA ALA A 125 -7.18 3.09 24.60
C ALA A 125 -6.43 1.91 23.96
N SER A 126 -5.72 1.15 24.79
CA SER A 126 -4.93 0.01 24.33
C SER A 126 -4.06 0.35 23.12
N SER A 127 -4.07 1.62 22.73
CA SER A 127 -3.26 2.07 21.61
C SER A 127 -1.80 1.67 21.78
N PHE A 128 -1.03 1.80 20.70
CA PHE A 128 0.39 1.46 20.72
C PHE A 128 1.19 2.56 20.06
N VAL A 129 2.39 2.79 20.57
CA VAL A 129 3.27 3.80 19.97
C VAL A 129 4.59 3.14 19.61
N VAL A 130 4.76 2.84 18.32
CA VAL A 130 5.98 2.19 17.86
C VAL A 130 6.78 3.12 16.96
N SER A 131 8.10 3.09 17.13
CA SER A 131 8.98 3.92 16.34
C SER A 131 10.09 3.06 15.73
N TRP A 132 10.63 3.49 14.60
CA TRP A 132 11.69 2.73 13.94
C TRP A 132 12.68 3.67 13.27
N VAL A 133 13.50 3.13 12.39
CA VAL A 133 14.50 3.92 11.68
C VAL A 133 14.34 3.77 10.17
N SER A 134 14.24 4.91 9.48
CA SER A 134 14.08 4.90 8.03
C SER A 134 15.26 4.16 7.38
N ALA A 135 15.44 2.90 7.76
CA ALA A 135 16.52 2.09 7.23
C ALA A 135 16.75 2.36 5.75
N SER A 136 16.36 3.55 5.29
CA SER A 136 16.54 3.90 3.88
C SER A 136 15.99 5.30 3.60
N ASP A 137 16.82 6.12 2.97
CA ASP A 137 16.41 7.48 2.63
C ASP A 137 15.69 7.50 1.29
N THR A 138 15.73 6.39 0.59
CA THR A 138 15.07 6.28 -0.70
C THR A 138 13.62 5.87 -0.53
N VAL A 139 13.21 5.69 0.72
CA VAL A 139 11.84 5.31 1.03
C VAL A 139 10.89 6.42 0.62
N SER A 140 9.77 6.05 0.00
CA SER A 140 8.78 7.03 -0.44
C SER A 140 7.68 7.18 0.60
N GLY A 141 7.63 6.21 1.50
CA GLY A 141 6.64 6.20 2.56
C GLY A 141 6.80 4.95 3.42
N PHE A 142 6.02 4.86 4.48
CA PHE A 142 6.09 3.72 5.37
C PHE A 142 4.74 3.04 5.48
N ARG A 143 4.74 1.75 5.73
CA ARG A 143 3.49 1.00 5.88
C ARG A 143 3.55 0.14 7.11
N VAL A 144 2.61 0.36 8.02
CA VAL A 144 2.55 -0.41 9.25
C VAL A 144 1.43 -1.43 9.20
N GLU A 145 1.72 -2.64 9.65
CA GLU A 145 0.72 -3.70 9.66
C GLU A 145 0.65 -4.34 11.03
N TYR A 146 -0.57 -4.46 11.56
CA TYR A 146 -0.76 -5.06 12.87
C TYR A 146 -1.98 -5.97 12.87
N GLU A 147 -1.82 -7.15 13.46
CA GLU A 147 -2.91 -8.11 13.54
C GLU A 147 -2.83 -8.87 14.86
N LEU A 148 -3.94 -9.50 15.25
CA LEU A 148 -3.97 -10.24 16.50
C LEU A 148 -3.13 -11.52 16.39
N SER A 149 -2.19 -11.66 17.30
CA SER A 149 -1.32 -12.83 17.31
C SER A 149 -2.08 -14.08 17.75
N GLU A 150 -3.31 -13.89 18.20
CA GLU A 150 -4.13 -15.00 18.68
C GLU A 150 -5.28 -15.29 17.71
N GLU A 151 -6.24 -14.38 17.67
CA GLU A 151 -7.40 -14.55 16.80
C GLU A 151 -7.00 -14.63 15.34
N GLY A 152 -5.97 -13.89 14.96
CA GLY A 152 -5.51 -13.90 13.58
C GLY A 152 -6.40 -13.02 12.70
N ASP A 153 -7.32 -12.30 13.34
CA ASP A 153 -8.23 -11.43 12.60
C ASP A 153 -7.57 -10.95 11.32
N GLU A 154 -8.23 -10.01 10.64
CA GLU A 154 -7.69 -9.48 9.40
C GLU A 154 -6.66 -8.39 9.70
N PRO A 155 -5.59 -8.39 8.96
CA PRO A 155 -4.49 -7.40 9.15
C PRO A 155 -4.90 -6.00 8.70
N GLN A 156 -4.38 -5.00 9.40
CA GLN A 156 -4.67 -3.61 9.06
C GLN A 156 -3.39 -2.91 8.63
N TYR A 157 -3.50 -2.00 7.69
CA TYR A 157 -2.32 -1.30 7.20
C TYR A 157 -2.46 0.21 7.35
N LEU A 158 -1.36 0.85 7.72
CA LEU A 158 -1.34 2.29 7.88
C LEU A 158 -0.17 2.86 7.07
N ASP A 159 -0.46 3.85 6.24
CA ASP A 159 0.57 4.44 5.40
C ASP A 159 1.05 5.77 5.96
N LEU A 160 2.37 5.91 6.04
CA LEU A 160 2.99 7.13 6.55
C LEU A 160 4.02 7.63 5.54
N PRO A 161 4.35 8.88 5.59
CA PRO A 161 5.34 9.49 4.67
C PRO A 161 6.76 9.01 4.96
N SER A 162 7.63 9.12 3.96
CA SER A 162 9.02 8.69 4.11
C SER A 162 9.70 9.47 5.23
N THR A 163 9.05 10.52 5.69
CA THR A 163 9.60 11.34 6.77
C THR A 163 9.10 10.86 8.12
N ALA A 164 8.14 9.94 8.11
CA ALA A 164 7.59 9.40 9.35
C ALA A 164 8.48 8.27 9.88
N THR A 165 8.74 8.30 11.18
CA THR A 165 9.58 7.27 11.80
C THR A 165 8.93 6.74 13.07
N SER A 166 7.64 7.01 13.22
CA SER A 166 6.89 6.56 14.39
C SER A 166 5.41 6.74 14.16
N VAL A 167 4.60 5.84 14.72
CA VAL A 167 3.16 5.92 14.55
C VAL A 167 2.41 5.32 15.73
N ASN A 168 1.22 5.84 15.99
CA ASN A 168 0.39 5.35 17.08
C ASN A 168 -0.77 4.53 16.52
N ILE A 169 -0.90 3.30 16.98
CA ILE A 169 -1.97 2.42 16.52
C ILE A 169 -3.12 2.41 17.52
N PRO A 170 -4.20 3.07 17.20
CA PRO A 170 -5.40 3.13 18.06
C PRO A 170 -6.40 2.03 17.74
N ASP A 171 -7.51 2.03 18.48
CA ASP A 171 -8.57 1.05 18.28
C ASP A 171 -8.07 -0.36 18.55
N LEU A 172 -7.13 -0.50 19.47
CA LEU A 172 -6.59 -1.82 19.81
C LEU A 172 -7.47 -2.50 20.87
N LEU A 173 -7.53 -3.82 20.81
CA LEU A 173 -8.33 -4.58 21.76
C LEU A 173 -7.51 -4.91 23.02
N PRO A 174 -7.91 -4.36 24.13
CA PRO A 174 -7.22 -4.60 25.43
C PRO A 174 -7.18 -6.08 25.81
N GLY A 175 -6.06 -6.53 26.36
CA GLY A 175 -5.92 -7.93 26.77
C GLY A 175 -5.67 -8.82 25.55
N ARG A 176 -5.19 -8.22 24.46
CA ARG A 176 -4.91 -8.97 23.25
C ARG A 176 -3.49 -8.73 22.78
N LYS A 177 -2.91 -9.72 22.12
CA LYS A 177 -1.55 -9.60 21.61
C LYS A 177 -1.59 -9.28 20.12
N TYR A 178 -0.83 -8.28 19.72
CA TYR A 178 -0.79 -7.89 18.32
C TYR A 178 0.62 -7.99 17.77
N ILE A 179 0.72 -8.31 16.48
CA ILE A 179 2.01 -8.38 15.82
C ILE A 179 2.18 -7.16 14.94
N VAL A 180 3.26 -6.44 15.14
CA VAL A 180 3.51 -5.23 14.38
C VAL A 180 4.73 -5.38 13.48
N ASN A 181 4.56 -4.98 12.22
CA ASN A 181 5.65 -5.06 11.25
C ASN A 181 5.68 -3.78 10.43
N VAL A 182 6.82 -3.10 10.45
CA VAL A 182 6.96 -1.85 9.70
C VAL A 182 7.71 -2.08 8.41
N TYR A 183 7.11 -1.68 7.30
CA TYR A 183 7.73 -1.85 5.99
C TYR A 183 7.97 -0.48 5.36
N GLN A 184 9.14 -0.30 4.75
CA GLN A 184 9.43 0.97 4.10
C GLN A 184 9.21 0.82 2.60
N ILE A 185 8.55 1.80 2.01
CA ILE A 185 8.25 1.74 0.58
C ILE A 185 9.25 2.57 -0.20
N SER A 186 9.93 1.91 -1.14
CA SER A 186 10.91 2.59 -1.96
C SER A 186 10.24 3.28 -3.15
N GLU A 187 11.01 4.10 -3.85
CA GLU A 187 10.48 4.84 -5.00
C GLU A 187 9.94 3.89 -6.05
N ASP A 188 10.30 2.61 -5.94
CA ASP A 188 9.85 1.61 -6.91
C ASP A 188 8.61 0.89 -6.40
N GLY A 189 8.20 1.19 -5.18
CA GLY A 189 7.02 0.57 -4.59
C GLY A 189 7.39 -0.74 -3.89
N GLU A 190 8.68 -0.95 -3.67
CA GLU A 190 9.13 -2.15 -2.98
C GLU A 190 9.07 -1.98 -1.48
N GLN A 191 8.63 -3.03 -0.78
CA GLN A 191 8.53 -2.97 0.68
C GLN A 191 9.62 -3.81 1.32
N SER A 192 10.17 -3.29 2.42
CA SER A 192 11.24 -3.99 3.12
C SER A 192 11.00 -3.94 4.64
N LEU A 193 11.00 -5.10 5.27
CA LEU A 193 10.79 -5.15 6.71
C LEU A 193 11.96 -4.54 7.46
N ILE A 194 11.68 -3.45 8.19
CA ILE A 194 12.73 -2.77 8.93
C ILE A 194 12.55 -2.99 10.43
N LEU A 195 11.33 -3.33 10.84
CA LEU A 195 11.06 -3.57 12.26
C LEU A 195 9.84 -4.46 12.46
N SER A 196 10.04 -5.54 13.21
CA SER A 196 8.97 -6.48 13.50
C SER A 196 8.96 -6.80 14.99
N THR A 197 7.84 -6.50 15.67
CA THR A 197 7.74 -6.75 17.09
C THR A 197 6.29 -6.94 17.52
N SER A 198 6.09 -7.72 18.58
CA SER A 198 4.74 -7.96 19.08
C SER A 198 4.54 -7.28 20.42
N GLN A 199 3.28 -7.05 20.79
CA GLN A 199 2.97 -6.39 22.05
C GLN A 199 1.67 -6.94 22.63
N THR A 200 1.52 -6.79 23.94
CA THR A 200 0.32 -7.25 24.61
C THR A 200 -0.36 -6.09 25.33
N THR A 201 -1.46 -5.61 24.75
CA THR A 201 -2.20 -4.50 25.33
C THR A 201 -2.43 -4.74 26.82
N SER A 1 -1.10 8.88 -31.37
CA SER A 1 -0.43 7.69 -31.96
C SER A 1 -1.18 6.43 -31.50
N GLY A 2 -0.43 5.39 -31.14
CA GLY A 2 -1.03 4.15 -30.69
C GLY A 2 -0.67 3.86 -29.24
N PRO A 3 -1.54 3.18 -28.56
CA PRO A 3 -1.37 2.83 -27.13
C PRO A 3 0.08 2.51 -26.75
N VAL A 4 0.42 2.93 -25.55
CA VAL A 4 1.75 2.69 -24.99
C VAL A 4 1.81 1.26 -24.44
N GLU A 5 2.98 0.83 -24.01
CA GLU A 5 3.11 -0.53 -23.48
C GLU A 5 3.25 -0.53 -21.96
N VAL A 6 2.38 -1.28 -21.31
CA VAL A 6 2.40 -1.38 -19.85
C VAL A 6 2.21 -2.84 -19.40
N PHE A 7 2.89 -3.21 -18.32
CA PHE A 7 2.80 -4.57 -17.82
C PHE A 7 3.05 -4.62 -16.31
N ILE A 8 2.75 -5.77 -15.71
CA ILE A 8 2.93 -5.94 -14.26
C ILE A 8 4.11 -6.88 -14.00
N THR A 9 5.01 -6.47 -13.12
CA THR A 9 6.18 -7.30 -12.79
C THR A 9 6.50 -7.22 -11.29
N GLU A 10 7.30 -8.18 -10.81
CA GLU A 10 7.68 -8.23 -9.41
C GLU A 10 6.53 -7.75 -8.54
N THR A 11 5.31 -8.01 -9.00
CA THR A 11 4.13 -7.57 -8.28
C THR A 11 3.22 -8.75 -7.92
N PRO A 12 3.65 -9.60 -7.03
CA PRO A 12 2.85 -10.77 -6.60
C PRO A 12 1.55 -10.36 -5.92
N SER A 13 1.56 -9.20 -5.28
CA SER A 13 0.38 -8.69 -4.59
C SER A 13 0.79 -7.83 -3.40
N GLN A 14 0.28 -6.60 -3.36
CA GLN A 14 0.59 -5.70 -2.27
C GLN A 14 -0.68 -5.21 -1.59
N PRO A 15 -0.58 -4.76 -0.36
CA PRO A 15 -1.75 -4.27 0.41
C PRO A 15 -2.14 -2.82 0.10
N ASN A 16 -1.24 -1.90 0.40
CA ASN A 16 -1.52 -0.48 0.16
C ASN A 16 -0.71 0.09 -0.99
N SER A 17 0.37 -0.59 -1.35
CA SER A 17 1.22 -0.11 -2.45
C SER A 17 1.04 -0.98 -3.69
N HIS A 18 1.27 -0.37 -4.85
CA HIS A 18 1.15 -1.09 -6.11
C HIS A 18 1.99 -0.43 -7.19
N PRO A 19 3.13 -0.99 -7.50
CA PRO A 19 4.05 -0.45 -8.54
C PRO A 19 3.66 -0.87 -9.95
N ILE A 20 3.88 0.03 -10.91
CA ILE A 20 3.56 -0.23 -12.30
C ILE A 20 4.76 0.10 -13.18
N GLN A 21 4.71 -0.32 -14.45
CA GLN A 21 5.80 -0.03 -15.37
C GLN A 21 5.24 0.10 -16.79
N TRP A 22 5.87 0.96 -17.60
CA TRP A 22 5.41 1.15 -18.97
C TRP A 22 6.59 1.34 -19.92
N ASN A 23 6.35 1.05 -21.20
CA ASN A 23 7.40 1.21 -22.20
C ASN A 23 6.88 2.05 -23.36
N ALA A 24 7.80 2.70 -24.07
CA ALA A 24 7.42 3.56 -25.19
C ALA A 24 8.28 3.25 -26.41
N PRO A 25 7.97 3.85 -27.52
CA PRO A 25 8.73 3.66 -28.80
C PRO A 25 10.22 3.88 -28.58
N GLN A 26 11.01 3.62 -29.62
CA GLN A 26 12.46 3.79 -29.52
C GLN A 26 12.83 5.25 -29.76
N PRO A 27 12.35 5.82 -30.83
CA PRO A 27 12.62 7.26 -31.17
C PRO A 27 12.01 8.20 -30.14
N SER A 28 12.60 9.37 -29.98
CA SER A 28 12.09 10.35 -29.02
C SER A 28 10.70 10.81 -29.41
N HIS A 29 9.90 9.85 -29.83
CA HIS A 29 8.52 10.13 -30.23
C HIS A 29 7.71 10.66 -29.06
N ILE A 30 7.91 10.04 -27.90
CA ILE A 30 7.19 10.45 -26.69
C ILE A 30 8.11 11.13 -25.69
N SER A 31 7.62 12.21 -25.09
CA SER A 31 8.42 12.96 -24.13
C SER A 31 7.95 12.74 -22.70
N LYS A 32 6.81 13.31 -22.37
CA LYS A 32 6.25 13.18 -21.01
C LYS A 32 5.36 11.96 -20.87
N TYR A 33 5.34 11.39 -19.66
CA TYR A 33 4.49 10.24 -19.37
C TYR A 33 3.55 10.58 -18.22
N ILE A 34 2.25 10.43 -18.44
CA ILE A 34 1.28 10.73 -17.38
C ILE A 34 0.49 9.49 -17.01
N LEU A 35 0.35 9.26 -15.70
CA LEU A 35 -0.40 8.10 -15.23
C LEU A 35 -1.59 8.52 -14.39
N ARG A 36 -2.76 7.99 -14.73
CA ARG A 36 -3.97 8.29 -13.99
C ARG A 36 -4.71 7.00 -13.64
N TRP A 37 -5.24 6.93 -12.41
CA TRP A 37 -5.94 5.72 -11.98
C TRP A 37 -7.11 6.04 -11.07
N ARG A 38 -7.99 5.05 -10.91
CA ARG A 38 -9.15 5.19 -10.04
C ARG A 38 -9.71 3.82 -9.66
N PRO A 39 -10.12 3.66 -8.42
CA PRO A 39 -10.67 2.36 -7.94
C PRO A 39 -11.97 2.00 -8.65
N LYS A 40 -11.95 0.91 -9.41
CA LYS A 40 -13.13 0.48 -10.14
C LYS A 40 -14.35 0.51 -9.23
N ASN A 41 -14.91 1.70 -9.06
CA ASN A 41 -16.08 1.87 -8.20
C ASN A 41 -16.85 3.15 -8.52
N SER A 42 -16.20 4.11 -9.18
CA SER A 42 -16.86 5.37 -9.52
C SER A 42 -16.14 6.04 -10.69
N VAL A 43 -16.86 6.91 -11.39
CA VAL A 43 -16.28 7.63 -12.53
C VAL A 43 -16.35 9.13 -12.28
N GLY A 44 -16.34 9.52 -11.01
CA GLY A 44 -16.42 10.93 -10.65
C GLY A 44 -15.03 11.55 -10.46
N ARG A 45 -14.41 11.24 -9.33
CA ARG A 45 -13.08 11.79 -9.03
C ARG A 45 -12.05 10.67 -8.90
N TRP A 46 -10.79 10.99 -9.21
CA TRP A 46 -9.73 10.02 -9.10
C TRP A 46 -8.35 10.67 -8.99
N LYS A 47 -7.29 9.87 -9.12
CA LYS A 47 -5.93 10.40 -8.97
C LYS A 47 -5.17 10.43 -10.30
N GLU A 48 -4.27 11.40 -10.40
CA GLU A 48 -3.43 11.54 -11.59
C GLU A 48 -2.02 11.96 -11.19
N ALA A 49 -1.07 11.66 -12.06
CA ALA A 49 0.32 11.99 -11.78
C ALA A 49 1.13 12.20 -13.06
N THR A 50 2.25 12.92 -12.93
CA THR A 50 3.12 13.19 -14.06
C THR A 50 4.47 12.52 -13.83
N ILE A 51 4.99 11.87 -14.88
CA ILE A 51 6.27 11.18 -14.77
C ILE A 51 7.24 11.63 -15.86
N PRO A 52 8.39 12.13 -15.47
CA PRO A 52 9.44 12.59 -16.44
C PRO A 52 9.68 11.56 -17.55
N GLY A 53 10.10 12.06 -18.70
CA GLY A 53 10.35 11.20 -19.86
C GLY A 53 11.46 10.17 -19.61
N HIS A 54 12.33 10.45 -18.65
CA HIS A 54 13.44 9.53 -18.38
C HIS A 54 13.02 8.38 -17.46
N LEU A 55 11.89 8.55 -16.78
CA LEU A 55 11.40 7.49 -15.90
C LEU A 55 10.45 6.56 -16.65
N ASN A 56 10.58 5.26 -16.40
CA ASN A 56 9.74 4.28 -17.07
C ASN A 56 8.94 3.44 -16.07
N SER A 57 8.90 3.88 -14.82
CA SER A 57 8.15 3.15 -13.80
C SER A 57 7.61 4.10 -12.73
N TYR A 58 6.40 3.80 -12.24
CA TYR A 58 5.77 4.64 -11.22
C TYR A 58 5.62 3.87 -9.91
N THR A 59 4.87 4.47 -9.00
CA THR A 59 4.62 3.86 -7.70
C THR A 59 3.27 4.31 -7.16
N ILE A 60 2.40 3.38 -6.81
CA ILE A 60 1.08 3.74 -6.29
C ILE A 60 0.92 3.31 -4.84
N LYS A 61 0.62 4.28 -3.97
CA LYS A 61 0.44 3.99 -2.56
C LYS A 61 -0.91 4.52 -2.08
N GLY A 62 -1.35 4.04 -0.92
CA GLY A 62 -2.63 4.47 -0.36
C GLY A 62 -3.78 3.65 -0.93
N LEU A 63 -3.44 2.49 -1.49
CA LEU A 63 -4.44 1.61 -2.08
C LEU A 63 -5.18 0.81 -1.01
N LYS A 64 -6.38 0.36 -1.37
CA LYS A 64 -7.21 -0.42 -0.45
C LYS A 64 -7.08 -1.91 -0.76
N PRO A 65 -6.89 -2.72 0.24
CA PRO A 65 -6.77 -4.20 0.08
C PRO A 65 -8.08 -4.84 -0.38
N GLY A 66 -7.97 -5.85 -1.24
CA GLY A 66 -9.15 -6.53 -1.74
C GLY A 66 -9.94 -5.63 -2.68
N VAL A 67 -9.26 -4.68 -3.29
CA VAL A 67 -9.91 -3.76 -4.22
C VAL A 67 -9.16 -3.72 -5.56
N VAL A 68 -9.86 -3.29 -6.60
CA VAL A 68 -9.24 -3.23 -7.92
C VAL A 68 -9.20 -1.78 -8.41
N TYR A 69 -8.08 -1.43 -9.05
CA TYR A 69 -7.91 -0.07 -9.57
C TYR A 69 -7.64 -0.10 -11.07
N GLU A 70 -8.29 0.80 -11.81
CA GLU A 70 -8.05 0.88 -13.24
C GLU A 70 -7.07 2.02 -13.51
N GLY A 71 -6.04 1.75 -14.30
CA GLY A 71 -5.04 2.77 -14.58
C GLY A 71 -4.92 3.05 -16.07
N GLN A 72 -4.49 4.27 -16.39
CA GLN A 72 -4.32 4.66 -17.78
C GLN A 72 -2.99 5.38 -17.94
N LEU A 73 -2.32 5.12 -19.05
CA LEU A 73 -1.03 5.75 -19.30
C LEU A 73 -1.13 6.66 -20.53
N ILE A 74 -0.88 7.94 -20.34
CA ILE A 74 -0.94 8.89 -21.44
C ILE A 74 0.44 9.45 -21.74
N SER A 75 0.83 9.40 -23.01
CA SER A 75 2.14 9.89 -23.41
C SER A 75 2.00 11.16 -24.24
N ILE A 76 2.61 12.25 -23.78
CA ILE A 76 2.52 13.52 -24.49
C ILE A 76 3.81 13.81 -25.24
N GLN A 77 3.67 14.46 -26.39
CA GLN A 77 4.83 14.80 -27.20
C GLN A 77 5.11 16.30 -27.10
N GLN A 78 6.36 16.69 -27.31
CA GLN A 78 6.74 18.09 -27.23
C GLN A 78 5.64 18.96 -27.83
N TYR A 79 4.68 19.35 -27.00
CA TYR A 79 3.58 20.19 -27.46
C TYR A 79 3.09 19.74 -28.83
N GLY A 80 3.17 18.44 -29.09
CA GLY A 80 2.74 17.89 -30.36
C GLY A 80 1.53 16.98 -30.21
N HIS A 81 1.71 15.72 -30.55
CA HIS A 81 0.63 14.73 -30.46
C HIS A 81 0.46 14.20 -29.05
N GLN A 82 -0.54 13.34 -28.87
CA GLN A 82 -0.81 12.73 -27.58
C GLN A 82 -1.39 11.32 -27.76
N GLU A 83 -1.11 10.45 -26.79
CA GLU A 83 -1.61 9.06 -26.85
C GLU A 83 -2.08 8.61 -25.48
N VAL A 84 -3.13 7.79 -25.45
CA VAL A 84 -3.65 7.30 -24.17
C VAL A 84 -3.80 5.78 -24.18
N THR A 85 -3.38 5.16 -23.08
CA THR A 85 -3.46 3.71 -22.93
C THR A 85 -4.23 3.35 -21.67
N ARG A 86 -5.05 2.30 -21.74
CA ARG A 86 -5.84 1.90 -20.58
C ARG A 86 -5.47 0.49 -20.11
N PHE A 87 -5.40 0.33 -18.79
CA PHE A 87 -5.07 -0.95 -18.19
C PHE A 87 -5.71 -1.04 -16.80
N ASP A 88 -5.78 -2.24 -16.24
CA ASP A 88 -6.38 -2.41 -14.92
C ASP A 88 -5.67 -3.51 -14.13
N PHE A 89 -5.69 -3.38 -12.81
CA PHE A 89 -5.05 -4.36 -11.94
C PHE A 89 -5.83 -4.51 -10.64
N THR A 90 -5.41 -5.49 -9.84
CA THR A 90 -6.04 -5.76 -8.56
C THR A 90 -5.02 -5.58 -7.43
N THR A 91 -5.50 -5.38 -6.21
CA THR A 91 -4.61 -5.21 -5.08
C THR A 91 -5.04 -6.07 -3.90
N THR A 92 -4.15 -6.95 -3.44
CA THR A 92 -4.44 -7.83 -2.32
C THR A 92 -3.41 -7.77 -1.20
N SER A 93 -3.87 -8.25 -0.04
CA SER A 93 -3.06 -8.31 1.17
C SER A 93 -3.20 -9.71 1.76
N THR A 94 -2.18 -10.15 2.49
CA THR A 94 -2.24 -11.47 3.10
C THR A 94 -3.42 -11.53 4.07
N SER A 95 -4.00 -10.36 4.31
CA SER A 95 -5.14 -10.26 5.22
C SER A 95 -6.39 -10.90 4.61
N THR A 96 -7.38 -11.16 5.46
CA THR A 96 -8.62 -11.78 5.03
C THR A 96 -9.72 -10.71 4.92
N PRO A 97 -10.82 -10.99 4.27
CA PRO A 97 -11.94 -10.01 4.13
C PRO A 97 -12.38 -9.42 5.47
N VAL A 98 -12.77 -8.15 5.45
CA VAL A 98 -13.22 -7.45 6.66
C VAL A 98 -14.70 -7.11 6.55
N THR A 99 -15.44 -7.36 7.63
CA THR A 99 -16.88 -7.08 7.65
C THR A 99 -17.15 -5.59 7.56
N SER A 100 -16.22 -4.78 8.06
CA SER A 100 -16.36 -3.32 8.02
C SER A 100 -17.73 -2.91 8.58
N ASN A 101 -18.29 -1.86 7.99
CA ASN A 101 -19.59 -1.36 8.42
C ASN A 101 -19.57 -0.94 9.90
N THR A 102 -18.52 -0.23 10.27
CA THR A 102 -18.39 0.24 11.65
C THR A 102 -19.12 1.56 11.84
N VAL A 103 -19.80 1.70 12.99
CA VAL A 103 -20.55 2.92 13.28
C VAL A 103 -20.22 3.44 14.67
N THR A 104 -20.15 4.77 14.81
CA THR A 104 -19.84 5.41 16.08
C THR A 104 -20.95 6.39 16.46
N GLY A 105 -21.26 6.45 17.75
CA GLY A 105 -22.32 7.35 18.22
C GLY A 105 -23.67 6.64 18.26
N GLU A 106 -23.65 5.34 18.06
CA GLU A 106 -24.89 4.56 18.08
C GLU A 106 -25.63 4.76 19.40
N THR A 107 -24.88 4.95 20.48
CA THR A 107 -25.47 5.14 21.80
C THR A 107 -25.06 6.49 22.39
N THR A 108 -25.80 6.94 23.40
CA THR A 108 -25.51 8.21 24.05
C THR A 108 -25.37 8.02 25.56
N PRO A 109 -24.24 7.55 26.02
CA PRO A 109 -24.00 7.31 27.48
C PRO A 109 -24.28 8.56 28.34
N PHE A 110 -24.78 8.33 29.54
CA PHE A 110 -25.10 9.42 30.46
C PHE A 110 -23.96 9.58 31.48
N SER A 111 -23.58 10.83 31.73
CA SER A 111 -22.47 11.12 32.64
C SER A 111 -22.97 11.87 33.89
N PRO A 112 -23.26 11.16 34.97
CA PRO A 112 -23.76 11.79 36.23
C PRO A 112 -22.73 12.73 36.84
N LEU A 113 -21.50 12.62 36.37
CA LEU A 113 -20.41 13.46 36.88
C LEU A 113 -20.76 14.94 36.77
N VAL A 114 -21.45 15.32 35.70
CA VAL A 114 -21.83 16.73 35.51
C VAL A 114 -23.32 16.88 35.25
N ALA A 115 -23.85 18.04 35.61
CA ALA A 115 -25.27 18.33 35.42
C ALA A 115 -25.66 18.35 33.95
N THR A 116 -24.73 18.79 33.09
CA THR A 116 -25.00 18.87 31.65
C THR A 116 -24.03 17.99 30.87
N SER A 117 -24.55 17.34 29.84
CA SER A 117 -23.73 16.46 29.01
C SER A 117 -22.63 17.25 28.31
N GLU A 118 -21.54 16.56 27.98
CA GLU A 118 -20.40 17.17 27.30
C GLU A 118 -20.30 16.64 25.87
N SER A 119 -19.60 17.38 25.02
CA SER A 119 -19.43 16.97 23.63
C SER A 119 -18.62 15.68 23.57
N VAL A 120 -18.69 14.98 22.44
CA VAL A 120 -17.95 13.71 22.30
C VAL A 120 -16.85 13.83 21.26
N THR A 121 -15.68 13.31 21.62
CA THR A 121 -14.52 13.31 20.74
C THR A 121 -14.03 11.88 20.54
N GLU A 122 -13.21 11.65 19.52
CA GLU A 122 -12.71 10.30 19.28
C GLU A 122 -11.97 9.80 20.51
N ILE A 123 -12.14 8.52 20.83
CA ILE A 123 -11.49 7.93 21.99
C ILE A 123 -10.69 6.68 21.60
N THR A 124 -9.52 6.53 22.21
CA THR A 124 -8.66 5.37 21.94
C THR A 124 -8.39 4.62 23.23
N ALA A 125 -8.00 3.36 23.13
CA ALA A 125 -7.71 2.55 24.30
C ALA A 125 -6.61 1.52 24.00
N SER A 126 -5.93 1.09 25.05
CA SER A 126 -4.85 0.10 24.91
C SER A 126 -4.00 0.37 23.67
N SER A 127 -4.06 1.62 23.18
CA SER A 127 -3.31 2.02 22.01
C SER A 127 -1.83 1.71 22.20
N PHE A 128 -1.08 1.80 21.10
CA PHE A 128 0.35 1.52 21.12
C PHE A 128 1.10 2.62 20.38
N VAL A 129 2.29 2.95 20.84
CA VAL A 129 3.10 3.95 20.15
C VAL A 129 4.46 3.34 19.81
N VAL A 130 4.62 2.95 18.56
CA VAL A 130 5.87 2.33 18.13
C VAL A 130 6.62 3.23 17.15
N SER A 131 7.93 3.29 17.30
CA SER A 131 8.77 4.10 16.44
C SER A 131 9.90 3.25 15.88
N TRP A 132 10.40 3.63 14.70
CA TRP A 132 11.49 2.88 14.09
C TRP A 132 12.42 3.81 13.33
N VAL A 133 13.27 3.25 12.48
CA VAL A 133 14.22 4.04 11.71
C VAL A 133 14.05 3.77 10.21
N SER A 134 13.87 4.84 9.44
CA SER A 134 13.70 4.71 7.99
C SER A 134 14.91 4.00 7.39
N ALA A 135 15.16 2.79 7.86
CA ALA A 135 16.28 1.99 7.37
C ALA A 135 16.47 2.17 5.86
N SER A 136 16.01 3.29 5.33
CA SER A 136 16.16 3.54 3.89
C SER A 136 15.54 4.89 3.52
N ASP A 137 16.31 5.71 2.81
CA ASP A 137 15.83 7.02 2.39
C ASP A 137 15.09 6.90 1.06
N THR A 138 15.18 5.72 0.44
CA THR A 138 14.52 5.49 -0.82
C THR A 138 13.08 5.03 -0.60
N VAL A 139 12.70 4.92 0.66
CA VAL A 139 11.36 4.49 1.02
C VAL A 139 10.34 5.52 0.55
N SER A 140 9.24 5.04 -0.02
CA SER A 140 8.20 5.93 -0.52
C SER A 140 7.10 6.09 0.52
N GLY A 141 7.11 5.20 1.49
CA GLY A 141 6.13 5.23 2.57
C GLY A 141 6.38 4.06 3.50
N PHE A 142 5.61 4.01 4.59
CA PHE A 142 5.75 2.93 5.55
C PHE A 142 4.43 2.20 5.74
N ARG A 143 4.51 0.93 6.08
CA ARG A 143 3.32 0.14 6.30
C ARG A 143 3.43 -0.64 7.60
N VAL A 144 2.48 -0.39 8.50
CA VAL A 144 2.49 -1.08 9.78
C VAL A 144 1.41 -2.15 9.83
N GLU A 145 1.77 -3.30 10.36
CA GLU A 145 0.83 -4.41 10.47
C GLU A 145 0.81 -4.96 11.88
N TYR A 146 -0.39 -5.10 12.43
CA TYR A 146 -0.54 -5.60 13.79
C TYR A 146 -1.70 -6.57 13.87
N GLU A 147 -1.48 -7.69 14.55
CA GLU A 147 -2.51 -8.71 14.71
C GLU A 147 -2.38 -9.36 16.09
N LEU A 148 -3.44 -10.00 16.53
CA LEU A 148 -3.41 -10.66 17.84
C LEU A 148 -2.52 -11.89 17.81
N SER A 149 -1.55 -11.93 18.71
CA SER A 149 -0.62 -13.05 18.80
C SER A 149 -1.31 -14.29 19.35
N GLU A 150 -2.55 -14.13 19.80
CA GLU A 150 -3.31 -15.25 20.36
C GLU A 150 -4.45 -15.66 19.45
N GLU A 151 -5.46 -14.81 19.35
CA GLU A 151 -6.62 -15.11 18.52
C GLU A 151 -6.23 -15.28 17.05
N GLY A 152 -5.25 -14.52 16.61
CA GLY A 152 -4.80 -14.61 15.22
C GLY A 152 -5.75 -13.84 14.30
N ASP A 153 -6.70 -13.13 14.90
CA ASP A 153 -7.66 -12.36 14.11
C ASP A 153 -7.05 -11.94 12.78
N GLU A 154 -7.76 -11.09 12.05
CA GLU A 154 -7.26 -10.62 10.76
C GLU A 154 -6.29 -9.47 10.97
N PRO A 155 -5.23 -9.47 10.22
CA PRO A 155 -4.17 -8.41 10.31
C PRO A 155 -4.66 -7.07 9.77
N GLN A 156 -4.19 -5.99 10.38
CA GLN A 156 -4.56 -4.65 9.95
C GLN A 156 -3.32 -3.92 9.44
N TYR A 157 -3.49 -3.08 8.44
CA TYR A 157 -2.36 -2.36 7.88
C TYR A 157 -2.58 -0.86 7.92
N LEU A 158 -1.50 -0.14 8.23
CA LEU A 158 -1.54 1.31 8.29
C LEU A 158 -0.43 1.88 7.42
N ASP A 159 -0.79 2.78 6.52
CA ASP A 159 0.20 3.36 5.63
C ASP A 159 0.62 4.75 6.07
N LEU A 160 1.94 4.97 6.12
CA LEU A 160 2.49 6.25 6.53
C LEU A 160 3.48 6.72 5.48
N PRO A 161 3.74 8.00 5.42
CA PRO A 161 4.69 8.59 4.44
C PRO A 161 6.14 8.21 4.74
N SER A 162 6.99 8.28 3.72
CA SER A 162 8.40 7.95 3.88
C SER A 162 9.05 8.83 4.94
N THR A 163 8.35 9.89 5.33
CA THR A 163 8.87 10.81 6.33
C THR A 163 8.41 10.41 7.73
N ALA A 164 7.51 9.44 7.80
CA ALA A 164 7.00 8.96 9.08
C ALA A 164 7.95 7.94 9.68
N THR A 165 8.23 8.07 10.97
CA THR A 165 9.12 7.13 11.64
C THR A 165 8.51 6.67 12.97
N SER A 166 7.22 6.88 13.12
CA SER A 166 6.52 6.48 14.34
C SER A 166 5.01 6.55 14.11
N VAL A 167 4.27 5.67 14.76
CA VAL A 167 2.82 5.66 14.59
C VAL A 167 2.12 5.11 15.83
N ASN A 168 0.90 5.59 16.06
CA ASN A 168 0.12 5.14 17.20
C ASN A 168 -1.01 4.22 16.72
N ILE A 169 -1.07 3.01 17.29
CA ILE A 169 -2.10 2.06 16.90
C ILE A 169 -3.24 2.05 17.91
N PRO A 170 -4.35 2.63 17.56
CA PRO A 170 -5.54 2.70 18.43
C PRO A 170 -6.49 1.52 18.21
N ASP A 171 -7.58 1.53 18.97
CA ASP A 171 -8.59 0.47 18.85
C ASP A 171 -8.02 -0.89 19.22
N LEU A 172 -7.06 -0.90 20.14
CA LEU A 172 -6.45 -2.16 20.57
C LEU A 172 -7.27 -2.80 21.68
N LEU A 173 -7.26 -4.13 21.73
CA LEU A 173 -8.01 -4.86 22.75
C LEU A 173 -7.16 -5.05 24.00
N PRO A 174 -7.57 -4.45 25.08
CA PRO A 174 -6.85 -4.55 26.39
C PRO A 174 -6.74 -5.99 26.87
N GLY A 175 -5.59 -6.34 27.43
CA GLY A 175 -5.37 -7.69 27.94
C GLY A 175 -5.09 -8.66 26.79
N ARG A 176 -4.65 -8.12 25.66
CA ARG A 176 -4.35 -8.94 24.49
C ARG A 176 -2.94 -8.66 23.98
N LYS A 177 -2.32 -9.67 23.39
CA LYS A 177 -0.98 -9.52 22.85
C LYS A 177 -1.05 -9.31 21.35
N TYR A 178 -0.36 -8.30 20.86
CA TYR A 178 -0.35 -8.01 19.44
C TYR A 178 1.06 -8.08 18.87
N ILE A 179 1.16 -8.49 17.61
CA ILE A 179 2.45 -8.56 16.94
C ILE A 179 2.53 -7.39 15.96
N VAL A 180 3.59 -6.60 16.10
CA VAL A 180 3.75 -5.44 15.24
C VAL A 180 4.97 -5.59 14.33
N ASN A 181 4.76 -5.31 13.05
CA ASN A 181 5.84 -5.39 12.07
C ASN A 181 5.79 -4.17 11.16
N VAL A 182 6.90 -3.43 11.12
CA VAL A 182 6.96 -2.24 10.27
C VAL A 182 7.71 -2.54 8.99
N TYR A 183 7.07 -2.26 7.86
CA TYR A 183 7.69 -2.47 6.56
C TYR A 183 7.85 -1.15 5.83
N GLN A 184 8.99 -0.95 5.19
CA GLN A 184 9.21 0.27 4.44
C GLN A 184 8.99 0.00 2.97
N ILE A 185 8.27 0.89 2.30
CA ILE A 185 7.97 0.71 0.90
C ILE A 185 8.90 1.54 0.03
N SER A 186 9.60 0.85 -0.87
CA SER A 186 10.54 1.50 -1.75
C SER A 186 9.82 2.08 -2.97
N GLU A 187 10.54 2.88 -3.74
CA GLU A 187 9.96 3.50 -4.92
C GLU A 187 9.47 2.45 -5.91
N ASP A 188 9.89 1.20 -5.71
CA ASP A 188 9.47 0.12 -6.60
C ASP A 188 8.28 -0.63 -6.01
N GLY A 189 7.87 -0.26 -4.81
CA GLY A 189 6.74 -0.90 -4.16
C GLY A 189 7.17 -2.12 -3.36
N GLU A 190 8.48 -2.25 -3.14
CA GLU A 190 9.01 -3.39 -2.40
C GLU A 190 8.95 -3.10 -0.89
N GLN A 191 8.57 -4.11 -0.11
CA GLN A 191 8.48 -3.96 1.33
C GLN A 191 9.63 -4.68 2.02
N SER A 192 10.17 -4.06 3.07
CA SER A 192 11.28 -4.65 3.81
C SER A 192 11.05 -4.49 5.30
N LEU A 193 11.13 -5.60 6.03
CA LEU A 193 10.93 -5.57 7.47
C LEU A 193 12.08 -4.82 8.16
N ILE A 194 11.75 -3.72 8.80
CA ILE A 194 12.76 -2.92 9.48
C ILE A 194 12.61 -3.04 11.00
N LEU A 195 11.43 -3.41 11.45
CA LEU A 195 11.19 -3.55 12.89
C LEU A 195 10.02 -4.50 13.17
N SER A 196 10.28 -5.50 14.00
CA SER A 196 9.26 -6.47 14.37
C SER A 196 9.28 -6.68 15.89
N THR A 197 8.17 -6.39 16.55
CA THR A 197 8.10 -6.54 18.00
C THR A 197 6.66 -6.77 18.45
N SER A 198 6.51 -7.47 19.57
CA SER A 198 5.18 -7.75 20.11
C SER A 198 4.96 -6.98 21.41
N GLN A 199 3.70 -6.78 21.76
CA GLN A 199 3.37 -6.06 22.99
C GLN A 199 2.11 -6.62 23.62
N THR A 200 1.96 -6.38 24.91
CA THR A 200 0.80 -6.86 25.64
C THR A 200 0.06 -5.68 26.28
N THR A 201 -1.07 -5.31 25.68
CA THR A 201 -1.85 -4.19 26.20
C THR A 201 -2.05 -4.33 27.71
N SER A 1 -2.06 8.04 -31.12
CA SER A 1 -1.42 6.82 -31.69
C SER A 1 -2.13 5.58 -31.16
N GLY A 2 -1.35 4.56 -30.81
CA GLY A 2 -1.92 3.34 -30.29
C GLY A 2 -1.47 3.08 -28.85
N PRO A 3 -2.30 2.43 -28.10
CA PRO A 3 -2.04 2.11 -26.67
C PRO A 3 -0.59 1.81 -26.37
N VAL A 4 -0.18 2.27 -25.20
CA VAL A 4 1.19 2.05 -24.71
C VAL A 4 1.28 0.65 -24.12
N GLU A 5 2.48 0.23 -23.75
CA GLU A 5 2.65 -1.11 -23.20
C GLU A 5 2.87 -1.06 -21.69
N VAL A 6 2.04 -1.80 -20.95
CA VAL A 6 2.14 -1.85 -19.50
C VAL A 6 2.00 -3.29 -18.99
N PHE A 7 2.73 -3.63 -17.95
CA PHE A 7 2.68 -4.98 -17.39
C PHE A 7 3.01 -4.98 -15.90
N ILE A 8 2.75 -6.11 -15.25
CA ILE A 8 3.03 -6.23 -13.82
C ILE A 8 4.22 -7.17 -13.60
N THR A 9 5.18 -6.72 -12.77
CA THR A 9 6.36 -7.53 -12.48
C THR A 9 6.77 -7.41 -11.01
N GLU A 10 7.59 -8.36 -10.55
CA GLU A 10 8.06 -8.35 -9.17
C GLU A 10 6.95 -7.85 -8.26
N THR A 11 5.71 -8.13 -8.64
CA THR A 11 4.57 -7.68 -7.86
C THR A 11 3.69 -8.84 -7.42
N PRO A 12 4.17 -9.66 -6.53
CA PRO A 12 3.40 -10.83 -6.01
C PRO A 12 2.14 -10.40 -5.27
N SER A 13 2.19 -9.21 -4.67
CA SER A 13 1.05 -8.69 -3.94
C SER A 13 1.51 -7.79 -2.79
N GLN A 14 1.00 -6.57 -2.76
CA GLN A 14 1.38 -5.62 -1.72
C GLN A 14 0.14 -5.12 -0.98
N PRO A 15 0.32 -4.63 0.21
CA PRO A 15 -0.81 -4.12 1.05
C PRO A 15 -1.23 -2.69 0.72
N ASN A 16 -0.32 -1.75 0.93
CA ASN A 16 -0.62 -0.34 0.67
C ASN A 16 0.12 0.19 -0.54
N SER A 17 1.18 -0.49 -0.95
CA SER A 17 1.96 -0.05 -2.10
C SER A 17 1.73 -0.95 -3.30
N HIS A 18 1.88 -0.38 -4.49
CA HIS A 18 1.69 -1.14 -5.72
C HIS A 18 2.47 -0.50 -6.87
N PRO A 19 3.59 -1.08 -7.22
CA PRO A 19 4.45 -0.57 -8.33
C PRO A 19 3.97 -1.02 -9.71
N ILE A 20 4.14 -0.16 -10.70
CA ILE A 20 3.74 -0.47 -12.07
C ILE A 20 4.88 -0.15 -13.03
N GLN A 21 4.76 -0.61 -14.28
CA GLN A 21 5.79 -0.34 -15.27
C GLN A 21 5.16 -0.26 -16.66
N TRP A 22 5.73 0.57 -17.52
CA TRP A 22 5.20 0.72 -18.87
C TRP A 22 6.32 0.88 -19.89
N ASN A 23 6.00 0.55 -21.14
CA ASN A 23 6.99 0.68 -22.22
C ASN A 23 6.40 1.49 -23.37
N ALA A 24 7.27 2.11 -24.15
CA ALA A 24 6.84 2.93 -25.27
C ALA A 24 7.63 2.59 -26.53
N PRO A 25 7.24 3.16 -27.64
CA PRO A 25 7.92 2.94 -28.94
C PRO A 25 9.43 3.15 -28.82
N GLN A 26 10.17 2.87 -29.90
CA GLN A 26 11.61 3.05 -29.89
C GLN A 26 11.96 4.51 -30.20
N PRO A 27 11.42 5.05 -31.25
CA PRO A 27 11.66 6.46 -31.65
C PRO A 27 11.10 7.44 -30.61
N SER A 28 11.71 8.62 -30.53
CA SER A 28 11.25 9.62 -29.56
C SER A 28 9.83 10.06 -29.90
N HIS A 29 9.00 9.09 -30.23
CA HIS A 29 7.61 9.35 -30.57
C HIS A 29 6.86 9.91 -29.36
N ILE A 30 7.14 9.34 -28.20
CA ILE A 30 6.48 9.77 -26.96
C ILE A 30 7.46 10.49 -26.05
N SER A 31 6.99 11.59 -25.45
CA SER A 31 7.84 12.37 -24.57
C SER A 31 7.46 12.18 -23.10
N LYS A 32 6.34 12.78 -22.71
CA LYS A 32 5.85 12.69 -21.33
C LYS A 32 4.98 11.46 -21.09
N TYR A 33 5.03 10.93 -19.88
CA TYR A 33 4.21 9.79 -19.51
C TYR A 33 3.33 10.17 -18.31
N ILE A 34 2.02 10.01 -18.45
CA ILE A 34 1.11 10.33 -17.35
C ILE A 34 0.36 9.10 -16.89
N LEU A 35 0.28 8.91 -15.57
CA LEU A 35 -0.42 7.76 -15.01
C LEU A 35 -1.57 8.20 -14.12
N ARG A 36 -2.75 7.65 -14.38
CA ARG A 36 -3.92 7.98 -13.58
C ARG A 36 -4.63 6.70 -13.15
N TRP A 37 -5.09 6.66 -11.90
CA TRP A 37 -5.75 5.47 -11.38
C TRP A 37 -6.88 5.81 -10.41
N ARG A 38 -7.74 4.83 -10.17
CA ARG A 38 -8.85 4.99 -9.25
C ARG A 38 -9.38 3.63 -8.79
N PRO A 39 -9.71 3.50 -7.53
CA PRO A 39 -10.24 2.22 -6.98
C PRO A 39 -11.57 1.84 -7.61
N LYS A 40 -11.58 0.71 -8.33
CA LYS A 40 -12.80 0.26 -8.97
C LYS A 40 -13.97 0.32 -7.99
N ASN A 41 -14.53 1.51 -7.83
CA ASN A 41 -15.64 1.70 -6.91
C ASN A 41 -16.44 2.97 -7.23
N SER A 42 -15.83 3.91 -7.94
CA SER A 42 -16.52 5.15 -8.30
C SER A 42 -15.87 5.79 -9.52
N VAL A 43 -16.63 6.64 -10.21
CA VAL A 43 -16.12 7.33 -11.39
C VAL A 43 -16.19 8.84 -11.20
N GLY A 44 -16.11 9.26 -9.94
CA GLY A 44 -16.17 10.69 -9.62
C GLY A 44 -14.78 11.31 -9.53
N ARG A 45 -14.09 11.04 -8.43
CA ARG A 45 -12.76 11.60 -8.23
C ARG A 45 -11.70 10.50 -8.12
N TRP A 46 -10.47 10.81 -8.50
CA TRP A 46 -9.39 9.84 -8.43
C TRP A 46 -8.01 10.50 -8.42
N LYS A 47 -6.96 9.70 -8.58
CA LYS A 47 -5.60 10.24 -8.54
C LYS A 47 -4.92 10.22 -9.90
N GLU A 48 -4.03 11.20 -10.08
CA GLU A 48 -3.26 11.31 -11.31
C GLU A 48 -1.83 11.73 -11.02
N ALA A 49 -0.93 11.42 -11.94
CA ALA A 49 0.48 11.76 -11.74
C ALA A 49 1.21 11.94 -13.07
N THR A 50 2.32 12.66 -13.02
CA THR A 50 3.14 12.89 -14.22
C THR A 50 4.50 12.23 -14.05
N ILE A 51 4.96 11.56 -15.09
CA ILE A 51 6.25 10.87 -15.04
C ILE A 51 7.15 11.28 -16.20
N PRO A 52 8.32 11.81 -15.90
CA PRO A 52 9.30 12.24 -16.93
C PRO A 52 9.48 11.18 -18.02
N GLY A 53 9.83 11.64 -19.23
CA GLY A 53 10.03 10.75 -20.36
C GLY A 53 11.15 9.73 -20.14
N HIS A 54 12.08 10.04 -19.25
CA HIS A 54 13.21 9.14 -19.00
C HIS A 54 12.84 8.02 -18.03
N LEU A 55 11.75 8.20 -17.29
CA LEU A 55 11.32 7.17 -16.35
C LEU A 55 10.34 6.22 -17.01
N ASN A 56 10.49 4.92 -16.73
CA ASN A 56 9.62 3.92 -17.32
C ASN A 56 8.88 3.11 -16.25
N SER A 57 8.91 3.59 -15.02
CA SER A 57 8.22 2.89 -13.93
C SER A 57 7.73 3.86 -12.86
N TYR A 58 6.56 3.57 -12.29
CA TYR A 58 5.98 4.44 -11.26
C TYR A 58 5.91 3.73 -9.93
N THR A 59 5.22 4.34 -8.99
CA THR A 59 5.04 3.76 -7.66
C THR A 59 3.72 4.24 -7.06
N ILE A 60 2.88 3.31 -6.63
CA ILE A 60 1.59 3.68 -6.06
C ILE A 60 1.51 3.30 -4.57
N LYS A 61 1.26 4.29 -3.73
CA LYS A 61 1.16 4.05 -2.30
C LYS A 61 -0.17 4.59 -1.75
N GLY A 62 -0.54 4.15 -0.56
CA GLY A 62 -1.78 4.59 0.06
C GLY A 62 -2.96 3.75 -0.43
N LEU A 63 -2.65 2.57 -0.96
CA LEU A 63 -3.67 1.67 -1.47
C LEU A 63 -4.35 0.91 -0.35
N LYS A 64 -5.56 0.44 -0.62
CA LYS A 64 -6.33 -0.32 0.38
C LYS A 64 -6.22 -1.82 0.11
N PRO A 65 -5.97 -2.59 1.13
CA PRO A 65 -5.84 -4.07 0.99
C PRO A 65 -7.18 -4.73 0.63
N GLY A 66 -7.11 -5.76 -0.19
CA GLY A 66 -8.31 -6.47 -0.60
C GLY A 66 -9.16 -5.61 -1.52
N VAL A 67 -8.52 -4.67 -2.21
CA VAL A 67 -9.22 -3.78 -3.12
C VAL A 67 -8.56 -3.78 -4.49
N VAL A 68 -9.31 -3.39 -5.52
CA VAL A 68 -8.77 -3.36 -6.87
C VAL A 68 -8.76 -1.93 -7.41
N TYR A 69 -7.69 -1.59 -8.12
CA TYR A 69 -7.55 -0.26 -8.69
C TYR A 69 -7.37 -0.33 -10.20
N GLU A 70 -8.06 0.54 -10.93
CA GLU A 70 -7.92 0.58 -12.38
C GLU A 70 -6.96 1.72 -12.74
N GLY A 71 -5.97 1.42 -13.58
CA GLY A 71 -5.00 2.44 -13.94
C GLY A 71 -4.96 2.68 -15.45
N GLN A 72 -4.55 3.87 -15.82
CA GLN A 72 -4.47 4.23 -17.24
C GLN A 72 -3.15 4.95 -17.50
N LEU A 73 -2.55 4.66 -18.63
CA LEU A 73 -1.29 5.29 -18.98
C LEU A 73 -1.45 6.15 -20.23
N ILE A 74 -1.20 7.45 -20.08
CA ILE A 74 -1.33 8.37 -21.21
C ILE A 74 0.03 8.91 -21.61
N SER A 75 0.34 8.82 -22.89
CA SER A 75 1.63 9.31 -23.38
C SER A 75 1.44 10.54 -24.25
N ILE A 76 2.06 11.65 -23.85
CA ILE A 76 1.93 12.89 -24.60
C ILE A 76 3.18 13.17 -25.43
N GLN A 77 2.98 13.78 -26.59
CA GLN A 77 4.09 14.10 -27.48
C GLN A 77 4.36 15.60 -27.44
N GLN A 78 5.59 15.99 -27.73
CA GLN A 78 5.95 17.39 -27.71
C GLN A 78 4.82 18.25 -28.28
N TYR A 79 3.91 18.65 -27.41
CA TYR A 79 2.78 19.47 -27.82
C TYR A 79 2.21 18.98 -29.15
N GLY A 80 2.29 17.67 -29.37
CA GLY A 80 1.79 17.09 -30.61
C GLY A 80 0.60 16.17 -30.35
N HIS A 81 0.76 14.90 -30.67
CA HIS A 81 -0.30 13.92 -30.49
C HIS A 81 -0.39 13.43 -29.05
N GLN A 82 -1.37 12.57 -28.80
CA GLN A 82 -1.57 12.00 -27.46
C GLN A 82 -2.14 10.59 -27.56
N GLU A 83 -1.80 9.74 -26.59
CA GLU A 83 -2.30 8.36 -26.58
C GLU A 83 -2.69 7.94 -25.17
N VAL A 84 -3.74 7.12 -25.06
CA VAL A 84 -4.18 6.67 -23.74
C VAL A 84 -4.32 5.15 -23.68
N THR A 85 -3.83 4.57 -22.59
CA THR A 85 -3.89 3.12 -22.39
C THR A 85 -4.59 2.80 -21.08
N ARG A 86 -5.41 1.74 -21.07
CA ARG A 86 -6.14 1.38 -19.86
C ARG A 86 -5.73 -0.02 -19.36
N PHE A 87 -5.59 -0.13 -18.05
CA PHE A 87 -5.21 -1.39 -17.42
C PHE A 87 -5.77 -1.44 -16.00
N ASP A 88 -5.81 -2.63 -15.40
CA ASP A 88 -6.32 -2.75 -14.04
C ASP A 88 -5.57 -3.82 -13.27
N PHE A 89 -5.51 -3.65 -11.95
CA PHE A 89 -4.82 -4.61 -11.09
C PHE A 89 -5.51 -4.72 -9.74
N THR A 90 -5.05 -5.68 -8.94
CA THR A 90 -5.61 -5.89 -7.61
C THR A 90 -4.53 -5.68 -6.55
N THR A 91 -4.94 -5.46 -5.31
CA THR A 91 -3.98 -5.24 -4.24
C THR A 91 -4.35 -6.07 -3.00
N THR A 92 -3.42 -6.93 -2.59
CA THR A 92 -3.65 -7.78 -1.41
C THR A 92 -2.52 -7.70 -0.38
N SER A 93 -2.84 -8.20 0.80
CA SER A 93 -1.90 -8.30 1.91
C SER A 93 -1.91 -9.74 2.41
N THR A 94 -2.30 -9.95 3.67
CA THR A 94 -2.39 -11.30 4.24
C THR A 94 -3.82 -11.53 4.73
N SER A 95 -4.23 -12.79 4.86
CA SER A 95 -5.59 -13.06 5.31
C SER A 95 -5.69 -14.34 6.14
N THR A 96 -6.74 -14.39 6.96
CA THR A 96 -7.02 -15.55 7.80
C THR A 96 -8.39 -15.36 8.46
N PRO A 97 -9.45 -15.29 7.67
CA PRO A 97 -10.83 -15.07 8.20
C PRO A 97 -11.28 -16.14 9.19
N VAL A 98 -11.87 -15.68 10.28
CA VAL A 98 -12.40 -16.58 11.32
C VAL A 98 -13.81 -16.12 11.71
N THR A 99 -14.62 -17.04 12.26
CA THR A 99 -15.96 -16.67 12.66
C THR A 99 -15.94 -15.99 14.03
N SER A 100 -16.63 -14.86 14.16
CA SER A 100 -16.67 -14.13 15.41
C SER A 100 -17.50 -14.88 16.46
N ASN A 101 -17.16 -14.69 17.73
CA ASN A 101 -17.91 -15.32 18.81
C ASN A 101 -19.06 -14.41 19.26
N THR A 102 -19.23 -13.30 18.55
CA THR A 102 -20.29 -12.34 18.88
C THR A 102 -21.00 -11.86 17.61
N VAL A 103 -22.19 -11.29 17.80
CA VAL A 103 -22.98 -10.78 16.68
C VAL A 103 -23.41 -9.34 16.95
N THR A 104 -23.43 -8.53 15.90
CA THR A 104 -23.81 -7.13 16.04
C THR A 104 -25.33 -6.98 16.10
N GLY A 105 -25.80 -6.10 16.97
CA GLY A 105 -27.23 -5.87 17.13
C GLY A 105 -27.50 -4.53 17.80
N GLU A 106 -28.77 -4.24 18.05
CA GLU A 106 -29.15 -2.97 18.69
C GLU A 106 -28.46 -2.83 20.05
N THR A 107 -28.07 -1.59 20.38
CA THR A 107 -27.42 -1.32 21.66
C THR A 107 -28.45 -1.17 22.77
N THR A 108 -28.00 -1.28 24.01
CA THR A 108 -28.89 -1.16 25.15
C THR A 108 -29.44 0.28 25.24
N PRO A 109 -30.68 0.44 25.67
CA PRO A 109 -31.32 1.79 25.78
C PRO A 109 -30.54 2.73 26.71
N PHE A 110 -30.53 4.02 26.37
CA PHE A 110 -29.84 5.03 27.17
C PHE A 110 -30.82 5.74 28.09
N SER A 111 -32.07 5.28 28.10
CA SER A 111 -33.10 5.89 28.93
C SER A 111 -32.73 5.82 30.41
N PRO A 112 -33.34 6.64 31.23
CA PRO A 112 -33.07 6.68 32.71
C PRO A 112 -33.22 5.30 33.36
N LEU A 113 -33.83 4.37 32.63
CA LEU A 113 -34.03 3.02 33.15
C LEU A 113 -32.72 2.25 33.07
N VAL A 114 -32.50 1.34 34.01
CA VAL A 114 -31.26 0.58 34.04
C VAL A 114 -31.08 -0.21 32.74
N ALA A 115 -29.87 -0.11 32.19
CA ALA A 115 -29.51 -0.79 30.94
C ALA A 115 -28.46 0.04 30.20
N THR A 116 -28.12 1.18 30.78
CA THR A 116 -27.13 2.08 30.18
C THR A 116 -25.71 1.58 30.43
N SER A 117 -24.87 1.65 29.41
CA SER A 117 -23.49 1.20 29.53
C SER A 117 -22.74 2.03 30.57
N GLU A 118 -23.18 3.27 30.77
CA GLU A 118 -22.55 4.16 31.74
C GLU A 118 -21.06 4.32 31.43
N SER A 119 -20.64 5.58 31.28
CA SER A 119 -19.23 5.87 30.98
C SER A 119 -18.36 5.60 32.19
N VAL A 120 -17.06 5.43 31.95
CA VAL A 120 -16.10 5.17 33.02
C VAL A 120 -14.88 6.07 32.87
N THR A 121 -14.31 6.49 34.00
CA THR A 121 -13.15 7.39 33.99
C THR A 121 -11.92 6.71 33.39
N GLU A 122 -12.00 5.40 33.18
CA GLU A 122 -10.89 4.65 32.61
C GLU A 122 -11.09 4.44 31.11
N ILE A 123 -9.99 4.16 30.39
CA ILE A 123 -10.08 3.96 28.95
C ILE A 123 -9.62 2.56 28.57
N THR A 124 -10.10 2.11 27.40
CA THR A 124 -9.78 0.77 26.89
C THR A 124 -9.16 0.87 25.50
N ALA A 125 -8.42 1.93 25.26
CA ALA A 125 -7.81 2.15 23.95
C ALA A 125 -6.84 1.02 23.58
N SER A 126 -6.22 0.40 24.59
CA SER A 126 -5.27 -0.69 24.34
C SER A 126 -4.33 -0.32 23.18
N SER A 127 -4.29 0.97 22.88
CA SER A 127 -3.45 1.48 21.80
C SER A 127 -2.01 1.03 21.99
N PHE A 128 -1.21 1.21 20.94
CA PHE A 128 0.20 0.82 20.97
C PHE A 128 1.06 1.95 20.42
N VAL A 129 2.25 2.11 20.97
CA VAL A 129 3.16 3.12 20.45
C VAL A 129 4.48 2.47 20.08
N VAL A 130 4.67 2.25 18.78
CA VAL A 130 5.88 1.61 18.31
C VAL A 130 6.73 2.57 17.49
N SER A 131 8.05 2.50 17.69
CA SER A 131 8.98 3.36 16.98
C SER A 131 10.07 2.51 16.35
N TRP A 132 10.64 3.00 15.26
CA TRP A 132 11.70 2.27 14.58
C TRP A 132 12.74 3.22 13.99
N VAL A 133 13.58 2.71 13.09
CA VAL A 133 14.61 3.54 12.48
C VAL A 133 14.49 3.50 10.96
N SER A 134 14.44 4.68 10.35
CA SER A 134 14.32 4.77 8.90
C SER A 134 15.48 4.05 8.23
N ALA A 135 15.63 2.78 8.52
CA ALA A 135 16.70 1.97 7.96
C ALA A 135 16.98 2.34 6.51
N SER A 136 16.62 3.57 6.12
CA SER A 136 16.85 4.01 4.75
C SER A 136 16.35 5.43 4.55
N ASP A 137 17.22 6.29 4.01
CA ASP A 137 16.86 7.68 3.76
C ASP A 137 16.17 7.82 2.41
N THR A 138 16.20 6.73 1.62
CA THR A 138 15.57 6.75 0.31
C THR A 138 14.10 6.36 0.42
N VAL A 139 13.65 6.12 1.65
CA VAL A 139 12.28 5.74 1.89
C VAL A 139 11.35 6.91 1.53
N SER A 140 10.24 6.62 0.87
CA SER A 140 9.30 7.65 0.47
C SER A 140 8.17 7.75 1.49
N GLY A 141 8.07 6.72 2.33
CA GLY A 141 7.05 6.67 3.35
C GLY A 141 7.16 5.37 4.13
N PHE A 142 6.35 5.22 5.16
CA PHE A 142 6.37 4.00 5.96
C PHE A 142 4.99 3.37 6.00
N ARG A 143 4.96 2.06 6.15
CA ARG A 143 3.69 1.34 6.21
C ARG A 143 3.69 0.39 7.38
N VAL A 144 2.73 0.57 8.27
CA VAL A 144 2.62 -0.29 9.45
C VAL A 144 1.47 -1.26 9.30
N GLU A 145 1.72 -2.51 9.67
CA GLU A 145 0.68 -3.54 9.57
C GLU A 145 0.57 -4.27 10.90
N TYR A 146 -0.65 -4.40 11.38
CA TYR A 146 -0.90 -5.08 12.65
C TYR A 146 -2.14 -5.96 12.55
N GLU A 147 -2.03 -7.18 13.07
CA GLU A 147 -3.15 -8.11 13.04
C GLU A 147 -3.12 -8.97 14.31
N LEU A 148 -4.25 -9.59 14.62
CA LEU A 148 -4.33 -10.42 15.82
C LEU A 148 -3.54 -11.71 15.63
N SER A 149 -2.61 -11.95 16.56
CA SER A 149 -1.78 -13.14 16.49
C SER A 149 -2.58 -14.39 16.84
N GLU A 150 -3.82 -14.19 17.26
CA GLU A 150 -4.67 -15.31 17.63
C GLU A 150 -5.80 -15.51 16.63
N GLU A 151 -6.74 -14.56 16.62
CA GLU A 151 -7.89 -14.64 15.72
C GLU A 151 -7.45 -14.64 14.26
N GLY A 152 -6.39 -13.89 13.97
CA GLY A 152 -5.89 -13.82 12.61
C GLY A 152 -6.73 -12.86 11.77
N ASP A 153 -7.65 -12.16 12.43
CA ASP A 153 -8.52 -11.22 11.74
C ASP A 153 -7.83 -10.66 10.51
N GLU A 154 -8.44 -9.66 9.88
CA GLU A 154 -7.85 -9.05 8.70
C GLU A 154 -6.81 -8.02 9.10
N PRO A 155 -5.71 -8.00 8.38
CA PRO A 155 -4.59 -7.05 8.67
C PRO A 155 -4.94 -5.61 8.32
N GLN A 156 -4.43 -4.68 9.10
CA GLN A 156 -4.68 -3.26 8.85
C GLN A 156 -3.36 -2.57 8.50
N TYR A 157 -3.42 -1.58 7.63
CA TYR A 157 -2.22 -0.89 7.22
C TYR A 157 -2.32 0.61 7.47
N LEU A 158 -1.21 1.18 7.91
CA LEU A 158 -1.15 2.61 8.18
C LEU A 158 0.04 3.21 7.44
N ASP A 159 -0.21 4.25 6.68
CA ASP A 159 0.86 4.87 5.91
C ASP A 159 1.37 6.16 6.57
N LEU A 160 2.69 6.25 6.69
CA LEU A 160 3.33 7.41 7.30
C LEU A 160 4.40 7.95 6.36
N PRO A 161 4.75 9.19 6.51
CA PRO A 161 5.79 9.84 5.66
C PRO A 161 7.19 9.30 5.95
N SER A 162 8.08 9.45 4.98
CA SER A 162 9.46 8.98 5.13
C SER A 162 10.13 9.65 6.33
N THR A 163 9.49 10.69 6.85
CA THR A 163 10.03 11.41 7.99
C THR A 163 9.49 10.85 9.30
N ALA A 164 8.51 9.96 9.19
CA ALA A 164 7.91 9.35 10.37
C ALA A 164 8.75 8.17 10.84
N THR A 165 8.99 8.09 12.15
CA THR A 165 9.78 7.01 12.71
C THR A 165 9.07 6.40 13.93
N SER A 166 7.79 6.69 14.06
CA SER A 166 7.01 6.19 15.18
C SER A 166 5.53 6.42 14.92
N VAL A 167 4.69 5.50 15.41
CA VAL A 167 3.25 5.64 15.20
C VAL A 167 2.46 4.98 16.32
N ASN A 168 1.28 5.51 16.58
CA ASN A 168 0.41 4.96 17.61
C ASN A 168 -0.77 4.22 16.98
N ILE A 169 -0.93 2.96 17.34
CA ILE A 169 -2.02 2.15 16.79
C ILE A 169 -3.20 2.09 17.75
N PRO A 170 -4.25 2.81 17.45
CA PRO A 170 -5.46 2.85 18.29
C PRO A 170 -6.49 1.79 17.87
N ASP A 171 -7.61 1.78 18.57
CA ASP A 171 -8.69 0.84 18.28
C ASP A 171 -8.24 -0.61 18.46
N LEU A 172 -7.33 -0.83 19.40
CA LEU A 172 -6.83 -2.18 19.66
C LEU A 172 -7.75 -2.91 20.64
N LEU A 173 -7.84 -4.22 20.49
CA LEU A 173 -8.69 -5.03 21.37
C LEU A 173 -7.92 -5.47 22.61
N PRO A 174 -8.32 -4.99 23.75
CA PRO A 174 -7.67 -5.34 25.05
C PRO A 174 -7.69 -6.84 25.32
N GLY A 175 -6.59 -7.36 25.86
CA GLY A 175 -6.49 -8.78 26.17
C GLY A 175 -6.24 -9.60 24.90
N ARG A 176 -5.72 -8.94 23.87
CA ARG A 176 -5.42 -9.61 22.61
C ARG A 176 -3.98 -9.36 22.19
N LYS A 177 -3.41 -10.33 21.48
CA LYS A 177 -2.04 -10.21 21.02
C LYS A 177 -2.03 -9.79 19.56
N TYR A 178 -1.23 -8.78 19.24
CA TYR A 178 -1.15 -8.28 17.87
C TYR A 178 0.28 -8.39 17.35
N ILE A 179 0.40 -8.61 16.05
CA ILE A 179 1.70 -8.69 15.42
C ILE A 179 1.92 -7.41 14.63
N VAL A 180 3.03 -6.73 14.91
CA VAL A 180 3.31 -5.47 14.24
C VAL A 180 4.56 -5.59 13.36
N ASN A 181 4.44 -5.11 12.13
CA ASN A 181 5.55 -5.14 11.19
C ASN A 181 5.63 -3.81 10.46
N VAL A 182 6.79 -3.16 10.55
CA VAL A 182 6.97 -1.88 9.90
C VAL A 182 7.76 -2.03 8.61
N TYR A 183 7.19 -1.54 7.52
CA TYR A 183 7.85 -1.62 6.22
C TYR A 183 8.13 -0.22 5.70
N GLN A 184 9.32 -0.04 5.13
CA GLN A 184 9.66 1.27 4.59
C GLN A 184 9.48 1.23 3.07
N ILE A 185 8.86 2.27 2.54
CA ILE A 185 8.61 2.32 1.11
C ILE A 185 9.65 3.18 0.40
N SER A 186 10.32 2.58 -0.57
CA SER A 186 11.35 3.27 -1.31
C SER A 186 10.73 4.07 -2.45
N GLU A 187 11.53 4.91 -3.08
CA GLU A 187 11.05 5.74 -4.18
C GLU A 187 10.53 4.88 -5.33
N ASP A 188 10.85 3.59 -5.30
CA ASP A 188 10.39 2.68 -6.34
C ASP A 188 9.12 1.95 -5.91
N GLY A 189 8.70 2.19 -4.68
CA GLY A 189 7.48 1.55 -4.17
C GLY A 189 7.79 0.19 -3.56
N GLU A 190 9.07 -0.08 -3.32
CA GLU A 190 9.49 -1.34 -2.72
C GLU A 190 9.37 -1.27 -1.20
N GLN A 191 8.89 -2.36 -0.59
CA GLN A 191 8.75 -2.39 0.86
C GLN A 191 9.82 -3.30 1.47
N SER A 192 10.35 -2.88 2.62
CA SER A 192 11.37 -3.66 3.30
C SER A 192 11.09 -3.70 4.80
N LEU A 193 11.06 -4.91 5.36
CA LEU A 193 10.80 -5.07 6.78
C LEU A 193 11.97 -4.52 7.59
N ILE A 194 11.70 -3.50 8.39
CA ILE A 194 12.74 -2.89 9.21
C ILE A 194 12.51 -3.22 10.69
N LEU A 195 11.27 -3.55 11.05
CA LEU A 195 10.97 -3.88 12.43
C LEU A 195 9.72 -4.75 12.54
N SER A 196 9.87 -5.88 13.21
CA SER A 196 8.76 -6.82 13.41
C SER A 196 8.71 -7.24 14.87
N THR A 197 7.58 -6.96 15.53
CA THR A 197 7.44 -7.30 16.95
C THR A 197 5.97 -7.49 17.31
N SER A 198 5.73 -8.32 18.31
CA SER A 198 4.36 -8.58 18.76
C SER A 198 4.13 -7.97 20.15
N GLN A 199 2.88 -7.74 20.50
CA GLN A 199 2.55 -7.17 21.79
C GLN A 199 1.22 -7.72 22.31
N THR A 200 1.04 -7.65 23.61
CA THR A 200 -0.20 -8.13 24.22
C THR A 200 -0.87 -7.01 25.00
N THR A 201 -1.93 -6.46 24.43
CA THR A 201 -2.65 -5.37 25.08
C THR A 201 -2.93 -5.70 26.54
N SER A 1 -1.07 9.04 -30.94
CA SER A 1 -0.42 7.84 -31.55
C SER A 1 -1.20 6.59 -31.12
N GLY A 2 -0.47 5.52 -30.79
CA GLY A 2 -1.10 4.29 -30.37
C GLY A 2 -0.74 3.94 -28.94
N PRO A 3 -1.63 3.28 -28.26
CA PRO A 3 -1.46 2.87 -26.85
C PRO A 3 -0.03 2.52 -26.48
N VAL A 4 0.32 2.89 -25.27
CA VAL A 4 1.65 2.61 -24.71
C VAL A 4 1.67 1.17 -24.21
N GLU A 5 2.83 0.70 -23.79
CA GLU A 5 2.95 -0.67 -23.30
C GLU A 5 3.08 -0.72 -21.77
N VAL A 6 2.19 -1.47 -21.14
CA VAL A 6 2.19 -1.61 -19.68
C VAL A 6 1.99 -3.06 -19.27
N PHE A 7 2.66 -3.49 -18.21
CA PHE A 7 2.54 -4.86 -17.73
C PHE A 7 2.77 -4.96 -16.23
N ILE A 8 2.46 -6.11 -15.66
CA ILE A 8 2.64 -6.33 -14.22
C ILE A 8 3.80 -7.30 -13.99
N THR A 9 4.71 -6.93 -13.08
CA THR A 9 5.85 -7.79 -12.79
C THR A 9 6.18 -7.76 -11.29
N GLU A 10 6.95 -8.76 -10.84
CA GLU A 10 7.33 -8.84 -9.43
C GLU A 10 6.19 -8.36 -8.55
N THR A 11 4.97 -8.59 -9.02
CA THR A 11 3.80 -8.14 -8.29
C THR A 11 2.87 -9.30 -7.97
N PRO A 12 3.28 -10.20 -7.09
CA PRO A 12 2.45 -11.37 -6.69
C PRO A 12 1.16 -10.94 -6.00
N SER A 13 1.20 -9.79 -5.33
CA SER A 13 0.03 -9.28 -4.63
C SER A 13 0.45 -8.46 -3.41
N GLN A 14 -0.03 -7.23 -3.34
CA GLN A 14 0.31 -6.35 -2.22
C GLN A 14 -0.96 -5.85 -1.53
N PRO A 15 -0.85 -5.44 -0.30
CA PRO A 15 -2.00 -4.95 0.50
C PRO A 15 -2.36 -3.49 0.22
N ASN A 16 -1.44 -2.58 0.55
CA ASN A 16 -1.69 -1.16 0.35
C ASN A 16 -0.87 -0.58 -0.79
N SER A 17 0.19 -1.27 -1.17
CA SER A 17 1.05 -0.79 -2.26
C SER A 17 0.87 -1.61 -3.52
N HIS A 18 1.10 -0.98 -4.66
CA HIS A 18 0.97 -1.66 -5.94
C HIS A 18 1.82 -0.98 -7.00
N PRO A 19 2.95 -1.58 -7.33
CA PRO A 19 3.88 -1.03 -8.35
C PRO A 19 3.47 -1.39 -9.78
N ILE A 20 3.72 -0.47 -10.71
CA ILE A 20 3.40 -0.69 -12.11
C ILE A 20 4.60 -0.36 -12.98
N GLN A 21 4.54 -0.75 -14.25
CA GLN A 21 5.63 -0.45 -15.18
C GLN A 21 5.08 -0.27 -16.59
N TRP A 22 5.73 0.59 -17.37
CA TRP A 22 5.27 0.83 -18.74
C TRP A 22 6.46 1.01 -19.69
N ASN A 23 6.21 0.77 -20.97
CA ASN A 23 7.26 0.94 -21.97
C ASN A 23 6.75 1.83 -23.11
N ALA A 24 7.69 2.46 -23.79
CA ALA A 24 7.33 3.35 -24.90
C ALA A 24 8.20 3.06 -26.13
N PRO A 25 7.89 3.71 -27.22
CA PRO A 25 8.65 3.54 -28.50
C PRO A 25 10.15 3.71 -28.28
N GLN A 26 10.93 3.46 -29.32
CA GLN A 26 12.38 3.60 -29.22
C GLN A 26 12.78 5.06 -29.42
N PRO A 27 12.31 5.67 -30.48
CA PRO A 27 12.62 7.10 -30.78
C PRO A 27 12.02 8.03 -29.72
N SER A 28 12.64 9.19 -29.53
CA SER A 28 12.16 10.15 -28.55
C SER A 28 10.78 10.65 -28.92
N HIS A 29 9.95 9.72 -29.37
CA HIS A 29 8.58 10.04 -29.76
C HIS A 29 7.78 10.55 -28.57
N ILE A 30 7.97 9.91 -27.42
CA ILE A 30 7.26 10.29 -26.21
C ILE A 30 8.19 10.92 -25.20
N SER A 31 7.72 12.00 -24.56
CA SER A 31 8.54 12.70 -23.58
C SER A 31 8.07 12.45 -22.16
N LYS A 32 6.93 13.05 -21.80
CA LYS A 32 6.38 12.89 -20.47
C LYS A 32 5.46 11.69 -20.35
N TYR A 33 5.43 11.08 -19.16
CA TYR A 33 4.54 9.95 -18.91
C TYR A 33 3.62 10.28 -17.74
N ILE A 34 2.31 10.16 -17.96
CA ILE A 34 1.35 10.46 -16.90
C ILE A 34 0.54 9.22 -16.55
N LEU A 35 0.39 8.96 -15.26
CA LEU A 35 -0.38 7.80 -14.81
C LEU A 35 -1.57 8.23 -13.96
N ARG A 36 -2.74 7.73 -14.32
CA ARG A 36 -3.95 8.04 -13.56
C ARG A 36 -4.71 6.76 -13.25
N TRP A 37 -5.25 6.66 -12.03
CA TRP A 37 -5.96 5.46 -11.62
C TRP A 37 -7.14 5.78 -10.69
N ARG A 38 -8.03 4.81 -10.57
CA ARG A 38 -9.20 4.95 -9.69
C ARG A 38 -9.79 3.59 -9.35
N PRO A 39 -10.19 3.40 -8.12
CA PRO A 39 -10.78 2.10 -7.67
C PRO A 39 -12.08 1.79 -8.40
N LYS A 40 -12.08 0.71 -9.18
CA LYS A 40 -13.27 0.32 -9.92
C LYS A 40 -14.49 0.37 -9.00
N ASN A 41 -15.04 1.56 -8.80
CA ASN A 41 -16.20 1.74 -7.94
C ASN A 41 -16.94 3.04 -8.23
N SER A 42 -16.26 4.00 -8.86
CA SER A 42 -16.89 5.28 -9.17
C SER A 42 -16.17 5.97 -10.32
N VAL A 43 -16.86 6.87 -11.00
CA VAL A 43 -16.27 7.61 -12.11
C VAL A 43 -16.31 9.11 -11.83
N GLY A 44 -16.29 9.46 -10.54
CA GLY A 44 -16.34 10.87 -10.15
C GLY A 44 -14.94 11.45 -9.95
N ARG A 45 -14.32 11.10 -8.82
CA ARG A 45 -12.98 11.60 -8.51
C ARG A 45 -11.97 10.46 -8.42
N TRP A 46 -10.71 10.76 -8.71
CA TRP A 46 -9.66 9.76 -8.64
C TRP A 46 -8.27 10.38 -8.50
N LYS A 47 -7.22 9.57 -8.65
CA LYS A 47 -5.86 10.06 -8.50
C LYS A 47 -5.10 10.10 -9.82
N GLU A 48 -4.17 11.05 -9.90
CA GLU A 48 -3.34 11.22 -11.08
C GLU A 48 -1.92 11.59 -10.67
N ALA A 49 -0.97 11.30 -11.55
CA ALA A 49 0.43 11.59 -11.26
C ALA A 49 1.24 11.81 -12.54
N THR A 50 2.37 12.50 -12.38
CA THR A 50 3.25 12.78 -13.51
C THR A 50 4.59 12.08 -13.31
N ILE A 51 5.09 11.44 -14.36
CA ILE A 51 6.36 10.72 -14.27
C ILE A 51 7.34 11.18 -15.35
N PRO A 52 8.49 11.65 -14.95
CA PRO A 52 9.55 12.10 -15.90
C PRO A 52 9.76 11.11 -17.04
N GLY A 53 10.20 11.62 -18.20
CA GLY A 53 10.43 10.79 -19.37
C GLY A 53 11.52 9.73 -19.15
N HIS A 54 12.41 9.97 -18.18
CA HIS A 54 13.49 9.01 -17.93
C HIS A 54 13.03 7.86 -17.04
N LEU A 55 11.91 8.02 -16.36
CA LEU A 55 11.40 6.96 -15.50
C LEU A 55 10.43 6.07 -16.28
N ASN A 56 10.53 4.76 -16.06
CA ASN A 56 9.67 3.81 -16.76
C ASN A 56 8.86 2.97 -15.78
N SER A 57 8.82 3.38 -14.52
CA SER A 57 8.06 2.63 -13.52
C SER A 57 7.54 3.57 -12.43
N TYR A 58 6.33 3.28 -11.94
CA TYR A 58 5.71 4.10 -10.91
C TYR A 58 5.54 3.31 -9.61
N THR A 59 4.80 3.89 -8.69
CA THR A 59 4.54 3.25 -7.40
C THR A 59 3.20 3.73 -6.85
N ILE A 60 2.32 2.80 -6.52
CA ILE A 60 1.01 3.18 -6.00
C ILE A 60 0.84 2.71 -4.56
N LYS A 61 0.55 3.66 -3.66
CA LYS A 61 0.36 3.34 -2.25
C LYS A 61 -0.97 3.88 -1.76
N GLY A 62 -1.43 3.38 -0.62
CA GLY A 62 -2.69 3.83 -0.04
C GLY A 62 -3.86 3.04 -0.65
N LEU A 63 -3.55 1.90 -1.23
CA LEU A 63 -4.57 1.06 -1.84
C LEU A 63 -5.33 0.25 -0.80
N LYS A 64 -6.53 -0.16 -1.16
CA LYS A 64 -7.37 -0.94 -0.27
C LYS A 64 -7.28 -2.43 -0.61
N PRO A 65 -7.11 -3.28 0.37
CA PRO A 65 -7.02 -4.75 0.16
C PRO A 65 -8.34 -5.35 -0.31
N GLY A 66 -8.26 -6.34 -1.20
CA GLY A 66 -9.45 -6.99 -1.72
C GLY A 66 -10.22 -6.05 -2.63
N VAL A 67 -9.52 -5.10 -3.22
CA VAL A 67 -10.14 -4.13 -4.12
C VAL A 67 -9.40 -4.08 -5.45
N VAL A 68 -10.08 -3.60 -6.48
CA VAL A 68 -9.47 -3.51 -7.80
C VAL A 68 -9.38 -2.06 -8.25
N TYR A 69 -8.27 -1.70 -8.88
CA TYR A 69 -8.06 -0.34 -9.37
C TYR A 69 -7.80 -0.34 -10.87
N GLU A 70 -8.42 0.59 -11.58
CA GLU A 70 -8.19 0.71 -13.01
C GLU A 70 -7.18 1.83 -13.25
N GLY A 71 -6.17 1.56 -14.05
CA GLY A 71 -5.15 2.56 -14.31
C GLY A 71 -5.01 2.88 -15.78
N GLN A 72 -4.55 4.09 -16.08
CA GLN A 72 -4.38 4.52 -17.45
C GLN A 72 -3.03 5.22 -17.60
N LEU A 73 -2.36 4.97 -18.71
CA LEU A 73 -1.08 5.58 -18.95
C LEU A 73 -1.14 6.52 -20.15
N ILE A 74 -0.87 7.80 -19.92
CA ILE A 74 -0.91 8.78 -21.00
C ILE A 74 0.48 9.31 -21.29
N SER A 75 0.87 9.28 -22.55
CA SER A 75 2.19 9.75 -22.95
C SER A 75 2.08 11.05 -23.75
N ILE A 76 2.71 12.12 -23.25
CA ILE A 76 2.65 13.40 -23.93
C ILE A 76 3.95 13.68 -24.67
N GLN A 77 3.83 14.36 -25.80
CA GLN A 77 5.00 14.71 -26.60
C GLN A 77 5.31 16.20 -26.46
N GLN A 78 6.56 16.56 -26.66
CA GLN A 78 6.97 17.95 -26.54
C GLN A 78 5.89 18.87 -27.12
N TYR A 79 4.94 19.25 -26.28
CA TYR A 79 3.86 20.13 -26.71
C TYR A 79 3.36 19.72 -28.09
N GLY A 80 3.42 18.43 -28.39
CA GLY A 80 2.98 17.93 -29.68
C GLY A 80 1.74 17.04 -29.55
N HIS A 81 1.89 15.78 -29.93
CA HIS A 81 0.80 14.82 -29.87
C HIS A 81 0.61 14.25 -28.47
N GLN A 82 -0.41 13.41 -28.32
CA GLN A 82 -0.69 12.77 -27.02
C GLN A 82 -1.29 11.39 -27.25
N GLU A 83 -1.04 10.47 -26.31
CA GLU A 83 -1.57 9.11 -26.41
C GLU A 83 -2.04 8.61 -25.04
N VAL A 84 -3.12 7.83 -25.03
CA VAL A 84 -3.65 7.32 -23.77
C VAL A 84 -3.83 5.80 -23.82
N THR A 85 -3.42 5.14 -22.74
CA THR A 85 -3.53 3.69 -22.62
C THR A 85 -4.32 3.31 -21.38
N ARG A 86 -5.16 2.29 -21.47
CA ARG A 86 -5.96 1.87 -20.33
C ARG A 86 -5.62 0.45 -19.89
N PHE A 87 -5.56 0.25 -18.57
CA PHE A 87 -5.25 -1.06 -18.01
C PHE A 87 -5.89 -1.17 -16.63
N ASP A 88 -5.99 -2.39 -16.10
CA ASP A 88 -6.59 -2.57 -14.77
C ASP A 88 -5.91 -3.71 -14.02
N PHE A 89 -5.92 -3.61 -12.70
CA PHE A 89 -5.31 -4.64 -11.86
C PHE A 89 -6.08 -4.80 -10.56
N THR A 90 -5.68 -5.81 -9.79
CA THR A 90 -6.33 -6.09 -8.51
C THR A 90 -5.31 -5.97 -7.38
N THR A 91 -5.79 -5.80 -6.15
CA THR A 91 -4.88 -5.68 -5.01
C THR A 91 -5.34 -6.56 -3.86
N THR A 92 -4.47 -7.47 -3.43
CA THR A 92 -4.78 -8.37 -2.33
C THR A 92 -3.72 -8.33 -1.24
N SER A 93 -4.12 -8.76 -0.04
CA SER A 93 -3.23 -8.79 1.11
C SER A 93 -2.01 -9.67 0.84
N THR A 94 -2.25 -10.77 0.10
CA THR A 94 -1.20 -11.74 -0.27
C THR A 94 -1.69 -13.16 0.03
N SER A 95 -2.97 -13.41 -0.21
CA SER A 95 -3.53 -14.73 0.06
C SER A 95 -2.84 -15.79 -0.79
N THR A 96 -2.80 -17.01 -0.25
CA THR A 96 -2.17 -18.13 -0.94
C THR A 96 -3.10 -19.34 -1.00
N PRO A 97 -4.09 -19.33 -1.88
CA PRO A 97 -5.05 -20.46 -1.99
C PRO A 97 -4.32 -21.77 -2.30
N VAL A 98 -4.79 -22.86 -1.71
CA VAL A 98 -4.18 -24.18 -1.92
C VAL A 98 -5.10 -25.12 -2.67
N THR A 99 -6.21 -24.59 -3.19
CA THR A 99 -7.17 -25.41 -3.93
C THR A 99 -7.41 -24.84 -5.33
N SER A 100 -7.88 -25.69 -6.23
CA SER A 100 -8.16 -25.28 -7.61
C SER A 100 -9.55 -24.67 -7.71
N ASN A 101 -10.22 -24.52 -6.56
CA ASN A 101 -11.57 -23.96 -6.53
C ASN A 101 -11.54 -22.50 -6.11
N THR A 102 -12.45 -21.71 -6.69
CA THR A 102 -12.54 -20.29 -6.39
C THR A 102 -13.17 -20.08 -5.02
N VAL A 103 -12.63 -19.14 -4.26
CA VAL A 103 -13.14 -18.85 -2.92
C VAL A 103 -14.57 -18.32 -3.00
N THR A 104 -15.43 -18.87 -2.13
CA THR A 104 -16.83 -18.45 -2.07
C THR A 104 -17.08 -17.64 -0.81
N GLY A 105 -16.02 -17.37 -0.06
CA GLY A 105 -16.13 -16.61 1.17
C GLY A 105 -14.74 -16.17 1.66
N GLU A 106 -14.68 -15.62 2.86
CA GLU A 106 -13.42 -15.16 3.42
C GLU A 106 -12.41 -16.30 3.44
N THR A 107 -11.15 -15.98 3.18
CA THR A 107 -10.09 -16.99 3.16
C THR A 107 -9.61 -17.31 4.57
N THR A 108 -8.98 -18.48 4.73
CA THR A 108 -8.47 -18.91 6.02
C THR A 108 -7.00 -19.31 5.91
N PRO A 109 -6.11 -18.35 5.86
CA PRO A 109 -4.65 -18.64 5.75
C PRO A 109 -4.16 -19.56 6.87
N PHE A 110 -3.24 -20.46 6.54
CA PHE A 110 -2.72 -21.40 7.54
C PHE A 110 -1.33 -20.97 8.00
N SER A 111 -1.15 -20.86 9.32
CA SER A 111 0.13 -20.48 9.90
C SER A 111 -0.06 -20.03 11.36
N PRO A 112 -0.75 -18.93 11.59
CA PRO A 112 -0.99 -18.41 12.97
C PRO A 112 -1.75 -19.39 13.85
N LEU A 113 -1.46 -19.35 15.14
CA LEU A 113 -2.13 -20.23 16.11
C LEU A 113 -3.38 -19.53 16.62
N VAL A 114 -4.43 -20.30 16.91
CA VAL A 114 -5.69 -19.72 17.38
C VAL A 114 -6.16 -20.41 18.67
N ALA A 115 -6.72 -19.60 19.57
CA ALA A 115 -7.22 -20.08 20.85
C ALA A 115 -8.47 -19.28 21.25
N THR A 116 -9.26 -19.82 22.17
CA THR A 116 -10.47 -19.13 22.61
C THR A 116 -10.10 -17.96 23.52
N SER A 117 -11.01 -16.99 23.63
CA SER A 117 -10.77 -15.82 24.46
C SER A 117 -12.02 -15.41 25.25
N GLU A 118 -11.80 -14.88 26.44
CA GLU A 118 -12.90 -14.43 27.29
C GLU A 118 -13.68 -13.31 26.59
N SER A 119 -12.97 -12.55 25.77
CA SER A 119 -13.56 -11.42 25.03
C SER A 119 -14.03 -10.33 25.97
N VAL A 120 -13.20 -9.29 26.11
CA VAL A 120 -13.49 -8.16 26.97
C VAL A 120 -13.56 -6.88 26.13
N THR A 121 -14.48 -5.99 26.46
CA THR A 121 -14.61 -4.74 25.69
C THR A 121 -13.46 -3.80 26.04
N GLU A 122 -13.20 -2.83 25.16
CA GLU A 122 -12.11 -1.90 25.37
C GLU A 122 -12.25 -1.12 26.68
N ILE A 123 -11.11 -0.92 27.35
CA ILE A 123 -11.07 -0.16 28.60
C ILE A 123 -10.02 0.95 28.48
N THR A 124 -10.35 2.13 29.00
CA THR A 124 -9.44 3.28 28.93
C THR A 124 -8.76 3.35 27.56
N ALA A 125 -7.53 2.85 27.45
CA ALA A 125 -6.82 2.87 26.17
C ALA A 125 -5.83 1.71 26.07
N SER A 126 -5.66 1.20 24.84
CA SER A 126 -4.74 0.09 24.58
C SER A 126 -3.87 0.40 23.36
N SER A 127 -3.93 1.65 22.93
CA SER A 127 -3.16 2.09 21.77
C SER A 127 -1.69 1.76 21.94
N PHE A 128 -0.94 1.88 20.84
CA PHE A 128 0.48 1.59 20.85
C PHE A 128 1.25 2.70 20.14
N VAL A 129 2.45 3.00 20.62
CA VAL A 129 3.27 4.01 19.97
C VAL A 129 4.62 3.40 19.61
N VAL A 130 4.77 3.05 18.34
CA VAL A 130 6.01 2.43 17.88
C VAL A 130 6.77 3.36 16.93
N SER A 131 8.08 3.40 17.08
CA SER A 131 8.93 4.23 16.25
C SER A 131 10.05 3.40 15.66
N TRP A 132 10.55 3.80 14.49
CA TRP A 132 11.63 3.07 13.85
C TRP A 132 12.58 4.01 13.13
N VAL A 133 13.41 3.46 12.25
CA VAL A 133 14.37 4.28 11.51
C VAL A 133 14.20 4.07 10.01
N SER A 134 14.03 5.17 9.27
CA SER A 134 13.86 5.10 7.83
C SER A 134 15.05 4.38 7.19
N ALA A 135 15.29 3.15 7.62
CA ALA A 135 16.40 2.36 7.10
C ALA A 135 16.60 2.59 5.59
N SER A 136 16.15 3.74 5.11
CA SER A 136 16.29 4.05 3.69
C SER A 136 15.69 5.41 3.36
N ASP A 137 16.47 6.24 2.69
CA ASP A 137 16.01 7.57 2.30
C ASP A 137 15.26 7.51 0.97
N THR A 138 15.34 6.37 0.31
CA THR A 138 14.67 6.18 -0.97
C THR A 138 13.23 5.72 -0.75
N VAL A 139 12.85 5.58 0.51
CA VAL A 139 11.50 5.15 0.85
C VAL A 139 10.49 6.21 0.42
N SER A 140 9.39 5.76 -0.17
CA SER A 140 8.35 6.69 -0.64
C SER A 140 7.27 6.83 0.42
N GLY A 141 7.27 5.89 1.35
CA GLY A 141 6.29 5.89 2.43
C GLY A 141 6.51 4.69 3.33
N PHE A 142 5.75 4.61 4.41
CA PHE A 142 5.89 3.49 5.33
C PHE A 142 4.55 2.78 5.50
N ARG A 143 4.63 1.49 5.80
CA ARG A 143 3.41 0.71 5.98
C ARG A 143 3.52 -0.12 7.25
N VAL A 144 2.58 0.10 8.16
CA VAL A 144 2.58 -0.62 9.43
C VAL A 144 1.49 -1.69 9.43
N GLU A 145 1.84 -2.87 9.92
CA GLU A 145 0.88 -3.96 9.98
C GLU A 145 0.86 -4.57 11.39
N TYR A 146 -0.34 -4.71 11.94
CA TYR A 146 -0.49 -5.26 13.27
C TYR A 146 -1.67 -6.22 13.32
N GLU A 147 -1.46 -7.36 13.96
CA GLU A 147 -2.51 -8.36 14.08
C GLU A 147 -2.38 -9.07 15.44
N LEU A 148 -3.45 -9.73 15.86
CA LEU A 148 -3.43 -10.43 17.14
C LEU A 148 -2.55 -11.67 17.06
N SER A 149 -1.58 -11.75 17.96
CA SER A 149 -0.66 -12.88 18.00
C SER A 149 -1.36 -14.14 18.51
N GLU A 150 -2.61 -13.97 18.97
CA GLU A 150 -3.37 -15.10 19.49
C GLU A 150 -4.52 -15.47 18.56
N GLU A 151 -5.51 -14.60 18.49
CA GLU A 151 -6.68 -14.86 17.66
C GLU A 151 -6.30 -14.98 16.19
N GLY A 152 -5.31 -14.21 15.77
CA GLY A 152 -4.86 -14.25 14.38
C GLY A 152 -5.80 -13.46 13.49
N ASP A 153 -6.74 -12.75 14.11
CA ASP A 153 -7.70 -11.94 13.37
C ASP A 153 -7.08 -11.48 12.05
N GLU A 154 -7.78 -10.59 11.34
CA GLU A 154 -7.29 -10.09 10.07
C GLU A 154 -6.30 -8.95 10.31
N PRO A 155 -5.24 -8.93 9.56
CA PRO A 155 -4.18 -7.89 9.70
C PRO A 155 -4.64 -6.53 9.20
N GLN A 156 -4.16 -5.48 9.86
CA GLN A 156 -4.51 -4.12 9.48
C GLN A 156 -3.27 -3.40 8.99
N TYR A 157 -3.43 -2.51 8.01
CA TYR A 157 -2.29 -1.79 7.48
C TYR A 157 -2.49 -0.28 7.58
N LEU A 158 -1.41 0.41 7.91
CA LEU A 158 -1.43 1.86 8.01
C LEU A 158 -0.31 2.44 7.17
N ASP A 159 -0.66 3.39 6.31
CA ASP A 159 0.34 3.98 5.43
C ASP A 159 0.77 5.35 5.93
N LEU A 160 2.09 5.55 5.98
CA LEU A 160 2.66 6.81 6.43
C LEU A 160 3.67 7.32 5.40
N PRO A 161 3.93 8.59 5.39
CA PRO A 161 4.89 9.20 4.43
C PRO A 161 6.33 8.79 4.72
N SER A 162 7.18 8.89 3.70
CA SER A 162 8.59 8.54 3.84
C SER A 162 9.26 9.37 4.92
N THR A 163 8.55 10.42 5.36
CA THR A 163 9.10 11.30 6.40
C THR A 163 8.64 10.85 7.78
N ALA A 164 7.71 9.90 7.81
CA ALA A 164 7.21 9.38 9.08
C ALA A 164 8.15 8.32 9.64
N THR A 165 8.43 8.40 10.93
CA THR A 165 9.32 7.43 11.57
C THR A 165 8.71 6.93 12.87
N SER A 166 7.41 7.14 13.04
CA SER A 166 6.70 6.71 14.24
C SER A 166 5.20 6.81 14.02
N VAL A 167 4.45 5.90 14.63
CA VAL A 167 2.99 5.93 14.47
C VAL A 167 2.29 5.34 15.69
N ASN A 168 1.08 5.83 15.94
CA ASN A 168 0.29 5.34 17.07
C ASN A 168 -0.84 4.45 16.56
N ILE A 169 -0.92 3.23 17.07
CA ILE A 169 -1.96 2.31 16.65
C ILE A 169 -3.10 2.27 17.67
N PRO A 170 -4.20 2.88 17.34
CA PRO A 170 -5.39 2.93 18.22
C PRO A 170 -6.35 1.77 17.96
N ASP A 171 -7.45 1.77 18.71
CA ASP A 171 -8.47 0.73 18.56
C ASP A 171 -7.91 -0.66 18.87
N LEU A 172 -6.95 -0.72 19.80
CA LEU A 172 -6.36 -1.99 20.18
C LEU A 172 -7.18 -2.67 21.28
N LEU A 173 -7.19 -3.99 21.27
CA LEU A 173 -7.95 -4.75 22.26
C LEU A 173 -7.10 -5.00 23.51
N PRO A 174 -7.50 -4.43 24.62
CA PRO A 174 -6.78 -4.59 25.91
C PRO A 174 -6.69 -6.05 26.33
N GLY A 175 -5.54 -6.43 26.88
CA GLY A 175 -5.34 -7.81 27.34
C GLY A 175 -5.06 -8.74 26.16
N ARG A 176 -4.63 -8.15 25.04
CA ARG A 176 -4.33 -8.94 23.84
C ARG A 176 -2.93 -8.65 23.35
N LYS A 177 -2.32 -9.66 22.72
CA LYS A 177 -0.97 -9.49 22.19
C LYS A 177 -1.05 -9.23 20.69
N TYR A 178 -0.33 -8.22 20.24
CA TYR A 178 -0.33 -7.88 18.83
C TYR A 178 1.08 -7.94 18.25
N ILE A 179 1.17 -8.30 16.98
CA ILE A 179 2.45 -8.36 16.30
C ILE A 179 2.55 -7.16 15.37
N VAL A 180 3.62 -6.39 15.53
CA VAL A 180 3.79 -5.20 14.71
C VAL A 180 5.01 -5.33 13.80
N ASN A 181 4.81 -4.99 12.53
CA ASN A 181 5.88 -5.06 11.55
C ASN A 181 5.85 -3.81 10.68
N VAL A 182 6.96 -3.09 10.65
CA VAL A 182 7.04 -1.87 9.86
C VAL A 182 7.79 -2.12 8.57
N TYR A 183 7.15 -1.78 7.45
CA TYR A 183 7.75 -1.97 6.14
C TYR A 183 7.93 -0.62 5.46
N GLN A 184 9.08 -0.42 4.82
CA GLN A 184 9.32 0.84 4.12
C GLN A 184 9.08 0.62 2.64
N ILE A 185 8.37 1.55 2.01
CA ILE A 185 8.06 1.43 0.60
C ILE A 185 9.02 2.27 -0.24
N SER A 186 9.70 1.60 -1.16
CA SER A 186 10.64 2.27 -2.02
C SER A 186 9.93 2.91 -3.21
N GLU A 187 10.65 3.73 -3.97
CA GLU A 187 10.07 4.40 -5.12
C GLU A 187 9.57 3.38 -6.15
N ASP A 188 9.98 2.13 -5.99
CA ASP A 188 9.55 1.08 -6.91
C ASP A 188 8.35 0.33 -6.35
N GLY A 189 7.95 0.66 -5.14
CA GLY A 189 6.81 0.00 -4.51
C GLY A 189 7.22 -1.25 -3.76
N GLU A 190 8.53 -1.40 -3.54
CA GLU A 190 9.05 -2.57 -2.84
C GLU A 190 8.99 -2.34 -1.33
N GLN A 191 8.61 -3.37 -0.59
CA GLN A 191 8.52 -3.27 0.86
C GLN A 191 9.67 -4.03 1.53
N SER A 192 10.21 -3.45 2.58
CA SER A 192 11.32 -4.08 3.31
C SER A 192 11.10 -3.98 4.81
N LEU A 193 11.16 -5.11 5.49
CA LEU A 193 10.96 -5.13 6.93
C LEU A 193 12.12 -4.42 7.64
N ILE A 194 11.80 -3.33 8.33
CA ILE A 194 12.83 -2.58 9.04
C ILE A 194 12.68 -2.75 10.55
N LEU A 195 11.48 -3.13 10.99
CA LEU A 195 11.25 -3.32 12.42
C LEU A 195 10.07 -4.26 12.67
N SER A 196 10.33 -5.30 13.45
CA SER A 196 9.29 -6.26 13.80
C SER A 196 9.31 -6.52 15.31
N THR A 197 8.20 -6.25 15.98
CA THR A 197 8.13 -6.45 17.42
C THR A 197 6.69 -6.68 17.87
N SER A 198 6.54 -7.42 18.96
CA SER A 198 5.21 -7.71 19.50
C SER A 198 5.00 -6.97 20.81
N GLN A 199 3.74 -6.78 21.18
CA GLN A 199 3.41 -6.09 22.43
C GLN A 199 2.16 -6.67 23.05
N THR A 200 2.01 -6.47 24.35
CA THR A 200 0.84 -6.96 25.06
C THR A 200 0.12 -5.80 25.75
N THR A 201 -1.00 -5.39 25.17
CA THR A 201 -1.78 -4.29 25.73
C THR A 201 -1.97 -4.47 27.23
N SER A 1 -1.19 8.71 -31.13
CA SER A 1 -0.49 7.51 -31.70
C SER A 1 -1.20 6.25 -31.26
N GLY A 2 -0.43 5.22 -30.89
CA GLY A 2 -1.01 3.98 -30.44
C GLY A 2 -0.66 3.70 -28.98
N PRO A 3 -1.51 3.00 -28.30
CA PRO A 3 -1.35 2.65 -26.87
C PRO A 3 0.10 2.36 -26.48
N VAL A 4 0.43 2.80 -25.28
CA VAL A 4 1.76 2.58 -24.71
C VAL A 4 1.84 1.17 -24.16
N GLU A 5 3.03 0.75 -23.73
CA GLU A 5 3.19 -0.59 -23.19
C GLU A 5 3.31 -0.58 -21.67
N VAL A 6 2.46 -1.36 -21.01
CA VAL A 6 2.47 -1.45 -19.55
C VAL A 6 2.32 -2.91 -19.11
N PHE A 7 3.00 -3.27 -18.02
CA PHE A 7 2.93 -4.63 -17.51
C PHE A 7 3.17 -4.67 -16.00
N ILE A 8 2.89 -5.83 -15.40
CA ILE A 8 3.08 -5.99 -13.96
C ILE A 8 4.28 -6.90 -13.69
N THR A 9 5.16 -6.46 -12.80
CA THR A 9 6.35 -7.27 -12.46
C THR A 9 6.67 -7.18 -10.96
N GLU A 10 7.47 -8.13 -10.48
CA GLU A 10 7.85 -8.16 -9.07
C GLU A 10 6.68 -7.70 -8.21
N THR A 11 5.47 -7.99 -8.68
CA THR A 11 4.27 -7.58 -7.96
C THR A 11 3.40 -8.77 -7.61
N PRO A 12 3.84 -9.61 -6.72
CA PRO A 12 3.06 -10.81 -6.28
C PRO A 12 1.74 -10.42 -5.60
N SER A 13 1.74 -9.25 -4.98
CA SER A 13 0.54 -8.77 -4.30
C SER A 13 0.92 -7.89 -3.10
N GLN A 14 0.38 -6.67 -3.07
CA GLN A 14 0.68 -5.76 -1.98
C GLN A 14 -0.62 -5.29 -1.31
N PRO A 15 -0.52 -4.84 -0.09
CA PRO A 15 -1.71 -4.38 0.70
C PRO A 15 -2.13 -2.94 0.37
N ASN A 16 -1.26 -1.99 0.67
CA ASN A 16 -1.57 -0.59 0.43
C ASN A 16 -0.77 -0.01 -0.72
N SER A 17 0.33 -0.66 -1.08
CA SER A 17 1.18 -0.17 -2.17
C SER A 17 1.04 -1.04 -3.40
N HIS A 18 1.25 -0.44 -4.57
CA HIS A 18 1.14 -1.16 -5.83
C HIS A 18 1.98 -0.48 -6.91
N PRO A 19 3.13 -1.02 -7.21
CA PRO A 19 4.05 -0.46 -8.24
C PRO A 19 3.66 -0.89 -9.66
N ILE A 20 3.89 0.02 -10.61
CA ILE A 20 3.57 -0.27 -12.01
C ILE A 20 4.76 0.09 -12.89
N GLN A 21 4.73 -0.33 -14.15
CA GLN A 21 5.82 -0.02 -15.07
C GLN A 21 5.27 0.10 -16.49
N TRP A 22 5.88 0.97 -17.30
CA TRP A 22 5.43 1.15 -18.67
C TRP A 22 6.60 1.35 -19.61
N ASN A 23 6.38 1.06 -20.89
CA ASN A 23 7.42 1.25 -21.90
C ASN A 23 6.89 2.07 -23.06
N ALA A 24 7.80 2.73 -23.77
CA ALA A 24 7.41 3.57 -24.90
C ALA A 24 8.30 3.29 -26.10
N PRO A 25 7.96 3.87 -27.22
CA PRO A 25 8.73 3.70 -28.48
C PRO A 25 10.23 3.95 -28.27
N GLN A 26 11.03 3.70 -29.30
CA GLN A 26 12.46 3.91 -29.19
C GLN A 26 12.81 5.38 -29.44
N PRO A 27 12.33 5.94 -30.51
CA PRO A 27 12.56 7.37 -30.85
C PRO A 27 11.93 8.31 -29.82
N SER A 28 12.49 9.50 -29.67
CA SER A 28 11.96 10.46 -28.71
C SER A 28 10.56 10.89 -29.11
N HIS A 29 9.78 9.91 -29.53
CA HIS A 29 8.40 10.16 -29.95
C HIS A 29 7.57 10.68 -28.78
N ILE A 30 7.79 10.07 -27.61
CA ILE A 30 7.04 10.46 -26.42
C ILE A 30 7.94 11.16 -25.41
N SER A 31 7.43 12.23 -24.81
CA SER A 31 8.20 13.00 -23.85
C SER A 31 7.73 12.77 -22.42
N LYS A 32 6.58 13.33 -22.09
CA LYS A 32 6.02 13.19 -20.74
C LYS A 32 5.15 11.95 -20.59
N TYR A 33 5.14 11.37 -19.39
CA TYR A 33 4.31 10.21 -19.11
C TYR A 33 3.36 10.53 -17.96
N ILE A 34 2.06 10.36 -18.18
CA ILE A 34 1.09 10.64 -17.13
C ILE A 34 0.32 9.38 -16.76
N LEU A 35 0.17 9.16 -15.45
CA LEU A 35 -0.55 7.98 -14.97
C LEU A 35 -1.76 8.37 -14.14
N ARG A 36 -2.90 7.81 -14.50
CA ARG A 36 -4.13 8.09 -13.76
C ARG A 36 -4.85 6.79 -13.41
N TRP A 37 -5.38 6.71 -12.19
CA TRP A 37 -6.05 5.49 -11.75
C TRP A 37 -7.24 5.78 -10.84
N ARG A 38 -8.10 4.78 -10.68
CA ARG A 38 -9.27 4.90 -9.83
C ARG A 38 -9.79 3.51 -9.44
N PRO A 39 -10.20 3.34 -8.21
CA PRO A 39 -10.74 2.04 -7.73
C PRO A 39 -12.02 1.65 -8.44
N LYS A 40 -11.97 0.55 -9.20
CA LYS A 40 -13.14 0.09 -9.94
C LYS A 40 -14.36 0.11 -9.02
N ASN A 41 -14.95 1.28 -8.87
CA ASN A 41 -16.13 1.42 -8.01
C ASN A 41 -16.92 2.69 -8.34
N SER A 42 -16.28 3.66 -8.99
CA SER A 42 -16.98 4.90 -9.35
C SER A 42 -16.26 5.59 -10.51
N VAL A 43 -17.00 6.44 -11.22
CA VAL A 43 -16.43 7.17 -12.35
C VAL A 43 -16.54 8.67 -12.11
N GLY A 44 -16.53 9.06 -10.84
CA GLY A 44 -16.65 10.48 -10.49
C GLY A 44 -15.28 11.12 -10.30
N ARG A 45 -14.65 10.84 -9.15
CA ARG A 45 -13.35 11.41 -8.86
C ARG A 45 -12.29 10.32 -8.72
N TRP A 46 -11.03 10.66 -9.01
CA TRP A 46 -9.95 9.70 -8.91
C TRP A 46 -8.58 10.39 -8.79
N LYS A 47 -7.51 9.62 -8.91
CA LYS A 47 -6.15 10.18 -8.76
C LYS A 47 -5.40 10.21 -10.08
N GLU A 48 -4.51 11.20 -10.19
CA GLU A 48 -3.68 11.37 -11.37
C GLU A 48 -2.28 11.80 -10.96
N ALA A 49 -1.31 11.54 -11.82
CA ALA A 49 0.08 11.89 -11.54
C ALA A 49 0.88 12.11 -12.81
N THR A 50 1.98 12.86 -12.68
CA THR A 50 2.85 13.13 -13.81
C THR A 50 4.22 12.50 -13.58
N ILE A 51 4.76 11.86 -14.62
CA ILE A 51 6.05 11.20 -14.49
C ILE A 51 7.02 11.67 -15.58
N PRO A 52 8.15 12.20 -15.19
CA PRO A 52 9.19 12.67 -16.15
C PRO A 52 9.46 11.65 -17.27
N GLY A 53 9.88 12.15 -18.42
CA GLY A 53 10.15 11.29 -19.57
C GLY A 53 11.28 10.29 -19.31
N HIS A 54 12.15 10.59 -18.35
CA HIS A 54 13.28 9.69 -18.07
C HIS A 54 12.87 8.55 -17.15
N LEU A 55 11.74 8.69 -16.48
CA LEU A 55 11.26 7.62 -15.58
C LEU A 55 10.34 6.67 -16.34
N ASN A 56 10.49 5.38 -16.08
CA ASN A 56 9.68 4.38 -16.76
C ASN A 56 8.90 3.51 -15.77
N SER A 57 8.83 3.96 -14.51
CA SER A 57 8.10 3.22 -13.49
C SER A 57 7.53 4.15 -12.43
N TYR A 58 6.33 3.84 -11.94
CA TYR A 58 5.67 4.66 -10.93
C TYR A 58 5.53 3.90 -9.62
N THR A 59 4.77 4.48 -8.71
CA THR A 59 4.52 3.86 -7.42
C THR A 59 3.16 4.30 -6.88
N ILE A 60 2.31 3.34 -6.53
CA ILE A 60 0.98 3.67 -6.02
C ILE A 60 0.83 3.24 -4.57
N LYS A 61 0.49 4.20 -3.71
CA LYS A 61 0.31 3.92 -2.29
C LYS A 61 -1.05 4.42 -1.82
N GLY A 62 -1.49 3.93 -0.67
CA GLY A 62 -2.78 4.34 -0.12
C GLY A 62 -3.91 3.49 -0.70
N LEU A 63 -3.54 2.34 -1.25
CA LEU A 63 -4.52 1.43 -1.84
C LEU A 63 -5.24 0.63 -0.77
N LYS A 64 -6.44 0.15 -1.13
CA LYS A 64 -7.25 -0.65 -0.21
C LYS A 64 -7.09 -2.13 -0.52
N PRO A 65 -6.89 -2.94 0.49
CA PRO A 65 -6.72 -4.41 0.32
C PRO A 65 -8.02 -5.08 -0.14
N GLY A 66 -7.90 -6.09 -0.99
CA GLY A 66 -9.05 -6.80 -1.50
C GLY A 66 -9.86 -5.93 -2.45
N VAL A 67 -9.19 -4.96 -3.06
CA VAL A 67 -9.86 -4.06 -3.99
C VAL A 67 -9.11 -4.01 -5.31
N VAL A 68 -9.80 -3.59 -6.37
CA VAL A 68 -9.19 -3.51 -7.68
C VAL A 68 -9.16 -2.07 -8.18
N TYR A 69 -8.05 -1.69 -8.82
CA TYR A 69 -7.91 -0.34 -9.33
C TYR A 69 -7.64 -0.36 -10.83
N GLU A 70 -8.30 0.52 -11.58
CA GLU A 70 -8.05 0.60 -13.01
C GLU A 70 -7.10 1.75 -13.28
N GLY A 71 -6.06 1.51 -14.06
CA GLY A 71 -5.08 2.55 -14.34
C GLY A 71 -4.96 2.83 -15.83
N GLN A 72 -4.55 4.05 -16.16
CA GLN A 72 -4.38 4.46 -17.54
C GLN A 72 -3.07 5.20 -17.70
N LEU A 73 -2.39 4.95 -18.81
CA LEU A 73 -1.12 5.61 -19.05
C LEU A 73 -1.22 6.50 -20.28
N ILE A 74 -1.01 7.80 -20.09
CA ILE A 74 -1.08 8.74 -21.19
C ILE A 74 0.29 9.33 -21.49
N SER A 75 0.69 9.29 -22.76
CA SER A 75 1.99 9.81 -23.15
C SER A 75 1.83 11.06 -24.00
N ILE A 76 2.40 12.16 -23.52
CA ILE A 76 2.29 13.42 -24.24
C ILE A 76 3.58 13.75 -24.98
N GLN A 77 3.45 14.39 -26.14
CA GLN A 77 4.60 14.76 -26.94
C GLN A 77 4.84 16.27 -26.84
N GLN A 78 6.08 16.67 -27.05
CA GLN A 78 6.43 18.08 -26.97
C GLN A 78 5.32 18.94 -27.58
N TYR A 79 4.34 19.30 -26.75
CA TYR A 79 3.22 20.12 -27.22
C TYR A 79 2.75 19.65 -28.60
N GLY A 80 2.86 18.35 -28.84
CA GLY A 80 2.46 17.79 -30.12
C GLY A 80 1.26 16.86 -29.97
N HIS A 81 1.47 15.60 -30.31
CA HIS A 81 0.41 14.59 -30.23
C HIS A 81 0.25 14.06 -28.81
N GLN A 82 -0.73 13.18 -28.64
CA GLN A 82 -1.00 12.56 -27.34
C GLN A 82 -1.54 11.15 -27.51
N GLU A 83 -1.25 10.27 -26.56
CA GLU A 83 -1.72 8.89 -26.62
C GLU A 83 -2.18 8.42 -25.24
N VAL A 84 -3.23 7.58 -25.20
CA VAL A 84 -3.74 7.09 -23.95
C VAL A 84 -3.85 5.56 -23.94
N THR A 85 -3.42 4.95 -22.84
CA THR A 85 -3.47 3.50 -22.68
C THR A 85 -4.25 3.13 -21.43
N ARG A 86 -5.05 2.06 -21.49
CA ARG A 86 -5.84 1.64 -20.34
C ARG A 86 -5.44 0.25 -19.86
N PHE A 87 -5.37 0.10 -18.55
CA PHE A 87 -5.01 -1.18 -17.93
C PHE A 87 -5.65 -1.28 -16.55
N ASP A 88 -5.71 -2.48 -15.99
CA ASP A 88 -6.31 -2.65 -14.67
C ASP A 88 -5.58 -3.74 -13.88
N PHE A 89 -5.60 -3.61 -12.55
CA PHE A 89 -4.95 -4.57 -11.68
C PHE A 89 -5.72 -4.74 -10.38
N THR A 90 -5.29 -5.70 -9.58
CA THR A 90 -5.93 -5.97 -8.30
C THR A 90 -4.93 -5.77 -7.17
N THR A 91 -5.41 -5.59 -5.95
CA THR A 91 -4.52 -5.39 -4.81
C THR A 91 -4.95 -6.26 -3.63
N THR A 92 -4.04 -7.12 -3.17
CA THR A 92 -4.32 -8.01 -2.05
C THR A 92 -3.30 -7.93 -0.93
N SER A 93 -3.71 -8.47 0.20
CA SER A 93 -2.91 -8.55 1.40
C SER A 93 -2.99 -9.96 1.98
N THR A 94 -2.06 -10.31 2.85
CA THR A 94 -2.06 -11.63 3.45
C THR A 94 -3.38 -11.87 4.19
N SER A 95 -4.19 -10.81 4.28
CA SER A 95 -5.48 -10.90 4.94
C SER A 95 -6.42 -11.83 4.18
N THR A 96 -7.48 -12.28 4.84
CA THR A 96 -8.46 -13.17 4.24
C THR A 96 -9.86 -12.56 4.33
N PRO A 97 -10.15 -11.57 3.51
CA PRO A 97 -11.49 -10.89 3.52
C PRO A 97 -12.64 -11.85 3.21
N VAL A 98 -13.78 -11.60 3.84
CA VAL A 98 -14.97 -12.42 3.63
C VAL A 98 -16.05 -11.58 2.94
N THR A 99 -15.61 -10.58 2.20
CA THR A 99 -16.52 -9.69 1.48
C THR A 99 -17.64 -9.18 2.36
N SER A 100 -17.33 -8.94 3.64
CA SER A 100 -18.31 -8.42 4.59
C SER A 100 -17.76 -7.21 5.32
N ASN A 101 -18.61 -6.22 5.57
CA ASN A 101 -18.18 -5.00 6.27
C ASN A 101 -18.75 -4.98 7.68
N THR A 102 -17.90 -4.75 8.66
CA THR A 102 -18.34 -4.69 10.06
C THR A 102 -19.27 -3.51 10.26
N VAL A 103 -18.95 -2.39 9.62
CA VAL A 103 -19.75 -1.17 9.72
C VAL A 103 -20.03 -0.60 8.33
N THR A 104 -21.23 -0.04 8.16
CA THR A 104 -21.61 0.55 6.87
C THR A 104 -21.87 2.05 7.03
N GLY A 105 -21.40 2.82 6.06
CA GLY A 105 -21.58 4.27 6.10
C GLY A 105 -21.00 4.92 4.86
N GLU A 106 -20.94 6.26 4.86
CA GLU A 106 -20.41 6.98 3.72
C GLU A 106 -18.96 6.59 3.47
N THR A 107 -18.23 6.29 4.55
CA THR A 107 -16.83 5.90 4.46
C THR A 107 -16.61 4.53 5.11
N THR A 108 -15.47 3.91 4.80
CA THR A 108 -15.12 2.60 5.35
C THR A 108 -13.76 2.68 6.05
N PRO A 109 -13.70 3.30 7.21
CA PRO A 109 -12.43 3.45 7.99
C PRO A 109 -11.79 2.11 8.38
N PHE A 110 -10.47 2.10 8.39
CA PHE A 110 -9.71 0.91 8.77
C PHE A 110 -10.09 0.46 10.18
N SER A 111 -10.33 1.44 11.05
CA SER A 111 -10.68 1.12 12.43
C SER A 111 -11.20 2.35 13.19
N PRO A 112 -10.64 3.51 12.96
CA PRO A 112 -11.07 4.76 13.67
C PRO A 112 -12.57 5.03 13.52
N LEU A 113 -13.18 5.52 14.59
CA LEU A 113 -14.61 5.83 14.60
C LEU A 113 -14.88 7.23 14.05
N VAL A 114 -13.80 7.96 13.74
CA VAL A 114 -13.88 9.33 13.20
C VAL A 114 -15.17 10.04 13.62
N ALA A 115 -15.02 11.06 14.46
CA ALA A 115 -16.18 11.84 14.91
C ALA A 115 -16.85 12.49 13.71
N THR A 116 -18.17 12.60 13.73
CA THR A 116 -18.88 13.22 12.63
C THR A 116 -18.36 14.63 12.38
N SER A 117 -18.14 15.36 13.47
CA SER A 117 -17.64 16.74 13.40
C SER A 117 -16.38 16.87 14.25
N GLU A 118 -15.49 17.79 13.86
CA GLU A 118 -14.23 18.05 14.58
C GLU A 118 -14.32 17.62 16.05
N SER A 119 -14.23 18.61 16.96
CA SER A 119 -14.31 18.38 18.41
C SER A 119 -13.88 16.95 18.80
N VAL A 120 -14.17 16.59 20.05
CA VAL A 120 -13.82 15.27 20.57
C VAL A 120 -12.36 14.91 20.27
N THR A 121 -11.63 14.51 21.31
CA THR A 121 -10.23 14.13 21.17
C THR A 121 -10.02 12.68 21.60
N GLU A 122 -8.92 12.09 21.16
CA GLU A 122 -8.62 10.69 21.49
C GLU A 122 -7.47 10.61 22.49
N ILE A 123 -7.60 9.67 23.43
CA ILE A 123 -6.57 9.46 24.45
C ILE A 123 -5.93 8.09 24.23
N THR A 124 -4.61 8.03 24.27
CA THR A 124 -3.92 6.76 24.04
C THR A 124 -4.01 5.84 25.25
N ALA A 125 -4.77 4.75 25.09
CA ALA A 125 -4.93 3.75 26.14
C ALA A 125 -4.36 2.42 25.64
N SER A 126 -5.24 1.60 25.08
CA SER A 126 -4.85 0.33 24.51
C SER A 126 -3.96 0.57 23.31
N SER A 127 -3.98 1.82 22.85
CA SER A 127 -3.19 2.22 21.69
C SER A 127 -1.72 1.85 21.88
N PHE A 128 -0.96 1.93 20.80
CA PHE A 128 0.46 1.61 20.83
C PHE A 128 1.26 2.69 20.10
N VAL A 129 2.45 2.96 20.60
CA VAL A 129 3.31 3.94 19.94
C VAL A 129 4.64 3.29 19.60
N VAL A 130 4.80 2.91 18.34
CA VAL A 130 6.02 2.26 17.91
C VAL A 130 6.82 3.15 16.95
N SER A 131 8.13 3.15 17.12
CA SER A 131 9.00 3.94 16.27
C SER A 131 10.12 3.07 15.71
N TRP A 132 10.65 3.44 14.55
CA TRP A 132 11.71 2.67 13.93
C TRP A 132 12.68 3.59 13.20
N VAL A 133 13.52 3.00 12.34
CA VAL A 133 14.50 3.77 11.60
C VAL A 133 14.34 3.54 10.09
N SER A 134 14.21 4.64 9.34
CA SER A 134 14.05 4.54 7.91
C SER A 134 15.23 3.79 7.28
N ALA A 135 15.43 2.56 7.73
CA ALA A 135 16.53 1.74 7.24
C ALA A 135 16.74 1.93 5.74
N SER A 136 16.33 3.09 5.22
CA SER A 136 16.50 3.37 3.80
C SER A 136 15.94 4.73 3.44
N ASP A 137 16.75 5.54 2.76
CA ASP A 137 16.32 6.87 2.36
C ASP A 137 15.59 6.81 1.02
N THR A 138 15.64 5.65 0.38
CA THR A 138 14.99 5.47 -0.90
C THR A 138 13.53 5.04 -0.69
N VAL A 139 13.13 4.93 0.57
CA VAL A 139 11.77 4.55 0.90
C VAL A 139 10.80 5.63 0.43
N SER A 140 9.69 5.20 -0.16
CA SER A 140 8.68 6.14 -0.64
C SER A 140 7.58 6.33 0.39
N GLY A 141 7.54 5.41 1.34
CA GLY A 141 6.57 5.46 2.41
C GLY A 141 6.75 4.26 3.33
N PHE A 142 5.97 4.21 4.40
CA PHE A 142 6.07 3.11 5.34
C PHE A 142 4.71 2.43 5.51
N ARG A 143 4.74 1.15 5.82
CA ARG A 143 3.51 0.40 6.01
C ARG A 143 3.58 -0.41 7.30
N VAL A 144 2.64 -0.14 8.19
CA VAL A 144 2.61 -0.84 9.46
C VAL A 144 1.49 -1.88 9.48
N GLU A 145 1.80 -3.06 9.99
CA GLU A 145 0.82 -4.13 10.05
C GLU A 145 0.76 -4.71 11.47
N TYR A 146 -0.45 -4.80 12.00
CA TYR A 146 -0.63 -5.33 13.35
C TYR A 146 -1.83 -6.26 13.40
N GLU A 147 -1.65 -7.40 14.06
CA GLU A 147 -2.73 -8.38 14.19
C GLU A 147 -2.64 -9.06 15.55
N LEU A 148 -3.72 -9.68 15.98
CA LEU A 148 -3.74 -10.36 17.27
C LEU A 148 -2.89 -11.62 17.22
N SER A 149 -1.94 -11.72 18.14
CA SER A 149 -1.05 -12.87 18.20
C SER A 149 -1.79 -14.10 18.71
N GLU A 150 -3.02 -13.90 19.16
CA GLU A 150 -3.83 -14.99 19.69
C GLU A 150 -4.97 -15.35 18.76
N GLU A 151 -5.95 -14.46 18.67
CA GLU A 151 -7.11 -14.69 17.82
C GLU A 151 -6.72 -14.86 16.36
N GLY A 152 -5.70 -14.12 15.94
CA GLY A 152 -5.25 -14.19 14.56
C GLY A 152 -6.16 -13.38 13.64
N ASP A 153 -7.08 -12.64 14.24
CA ASP A 153 -8.01 -11.81 13.47
C ASP A 153 -7.36 -11.40 12.15
N GLU A 154 -8.04 -10.51 11.43
CA GLU A 154 -7.51 -10.03 10.16
C GLU A 154 -6.50 -8.92 10.39
N PRO A 155 -5.43 -8.95 9.65
CA PRO A 155 -4.34 -7.93 9.78
C PRO A 155 -4.77 -6.56 9.25
N GLN A 156 -4.26 -5.52 9.89
CA GLN A 156 -4.58 -4.15 9.49
C GLN A 156 -3.30 -3.47 9.01
N TYR A 157 -3.44 -2.60 8.02
CA TYR A 157 -2.26 -1.91 7.49
C TYR A 157 -2.43 -0.40 7.56
N LEU A 158 -1.33 0.27 7.88
CA LEU A 158 -1.32 1.72 7.97
C LEU A 158 -0.17 2.26 7.13
N ASP A 159 -0.49 3.20 6.25
CA ASP A 159 0.53 3.76 5.37
C ASP A 159 1.00 5.13 5.86
N LEU A 160 2.32 5.29 5.92
CA LEU A 160 2.92 6.54 6.36
C LEU A 160 3.95 7.00 5.32
N PRO A 161 4.24 8.27 5.30
CA PRO A 161 5.23 8.83 4.34
C PRO A 161 6.67 8.39 4.65
N SER A 162 7.52 8.45 3.64
CA SER A 162 8.92 8.06 3.80
C SER A 162 9.60 8.90 4.88
N THR A 163 8.92 9.97 5.30
CA THR A 163 9.48 10.85 6.31
C THR A 163 8.98 10.43 7.70
N ALA A 164 8.04 9.50 7.74
CA ALA A 164 7.51 9.02 9.01
C ALA A 164 8.41 7.95 9.59
N THR A 165 8.67 8.04 10.89
CA THR A 165 9.53 7.06 11.55
C THR A 165 8.90 6.59 12.86
N SER A 166 7.60 6.85 13.01
CA SER A 166 6.88 6.45 14.21
C SER A 166 5.37 6.59 13.97
N VAL A 167 4.59 5.72 14.58
CA VAL A 167 3.15 5.77 14.41
C VAL A 167 2.41 5.22 15.62
N ASN A 168 1.22 5.75 15.86
CA ASN A 168 0.40 5.30 16.99
C ASN A 168 -0.76 4.43 16.47
N ILE A 169 -0.87 3.22 17.01
CA ILE A 169 -1.93 2.31 16.60
C ILE A 169 -3.07 2.33 17.60
N PRO A 170 -4.17 2.97 17.25
CA PRO A 170 -5.35 3.06 18.12
C PRO A 170 -6.35 1.93 17.86
N ASP A 171 -7.45 1.95 18.60
CA ASP A 171 -8.49 0.95 18.46
C ASP A 171 -7.97 -0.45 18.80
N LEU A 172 -7.04 -0.52 19.73
CA LEU A 172 -6.47 -1.81 20.14
C LEU A 172 -7.33 -2.44 21.23
N LEU A 173 -7.37 -3.77 21.26
CA LEU A 173 -8.16 -4.48 22.25
C LEU A 173 -7.34 -4.73 23.50
N PRO A 174 -7.73 -4.14 24.60
CA PRO A 174 -7.02 -4.29 25.91
C PRO A 174 -6.97 -5.75 26.36
N GLY A 175 -5.84 -6.15 26.93
CA GLY A 175 -5.67 -7.52 27.40
C GLY A 175 -5.42 -8.47 26.24
N ARG A 176 -4.96 -7.93 25.12
CA ARG A 176 -4.67 -8.74 23.95
C ARG A 176 -3.26 -8.50 23.45
N LYS A 177 -2.66 -9.53 22.85
CA LYS A 177 -1.31 -9.41 22.33
C LYS A 177 -1.36 -9.17 20.82
N TYR A 178 -0.62 -8.18 20.37
CA TYR A 178 -0.59 -7.87 18.94
C TYR A 178 0.82 -7.98 18.39
N ILE A 179 0.91 -8.36 17.12
CA ILE A 179 2.20 -8.47 16.45
C ILE A 179 2.35 -7.29 15.51
N VAL A 180 3.43 -6.54 15.67
CA VAL A 180 3.65 -5.36 14.84
C VAL A 180 4.87 -5.55 13.94
N ASN A 181 4.69 -5.22 12.66
CA ASN A 181 5.77 -5.33 11.69
C ASN A 181 5.78 -4.10 10.80
N VAL A 182 6.91 -3.40 10.78
CA VAL A 182 7.02 -2.20 9.97
C VAL A 182 7.78 -2.49 8.68
N TYR A 183 7.16 -2.15 7.56
CA TYR A 183 7.79 -2.38 6.26
C TYR A 183 8.00 -1.05 5.56
N GLN A 184 9.17 -0.88 4.93
CA GLN A 184 9.43 0.35 4.22
C GLN A 184 9.21 0.12 2.74
N ILE A 185 8.54 1.05 2.08
CA ILE A 185 8.24 0.91 0.67
C ILE A 185 9.23 1.71 -0.17
N SER A 186 9.90 1.02 -1.08
CA SER A 186 10.87 1.66 -1.94
C SER A 186 10.18 2.28 -3.15
N GLU A 187 10.94 3.07 -3.90
CA GLU A 187 10.39 3.74 -5.08
C GLU A 187 9.87 2.72 -6.08
N ASP A 188 10.24 1.46 -5.91
CA ASP A 188 9.80 0.40 -6.82
C ASP A 188 8.57 -0.30 -6.27
N GLY A 189 8.16 0.06 -5.05
CA GLY A 189 7.00 -0.56 -4.43
C GLY A 189 7.38 -1.81 -3.67
N GLU A 190 8.68 -1.99 -3.43
CA GLU A 190 9.16 -3.16 -2.70
C GLU A 190 9.09 -2.90 -1.20
N GLN A 191 8.67 -3.91 -0.45
CA GLN A 191 8.57 -3.78 1.01
C GLN A 191 9.69 -4.56 1.70
N SER A 192 10.23 -3.98 2.76
CA SER A 192 11.31 -4.63 3.50
C SER A 192 11.08 -4.50 5.00
N LEU A 193 11.11 -5.63 5.70
CA LEU A 193 10.90 -5.61 7.14
C LEU A 193 12.06 -4.92 7.84
N ILE A 194 11.77 -3.82 8.51
CA ILE A 194 12.81 -3.08 9.22
C ILE A 194 12.64 -3.22 10.73
N LEU A 195 11.43 -3.55 11.16
CA LEU A 195 11.17 -3.71 12.59
C LEU A 195 9.97 -4.62 12.85
N SER A 196 10.18 -5.65 13.65
CA SER A 196 9.12 -6.59 14.00
C SER A 196 9.12 -6.83 15.51
N THR A 197 8.00 -6.51 16.16
CA THR A 197 7.92 -6.69 17.61
C THR A 197 6.47 -6.87 18.05
N SER A 198 6.29 -7.59 19.15
CA SER A 198 4.94 -7.83 19.68
C SER A 198 4.74 -7.07 20.98
N GLN A 199 3.48 -6.84 21.33
CA GLN A 199 3.16 -6.13 22.57
C GLN A 199 1.88 -6.66 23.18
N THR A 200 1.72 -6.43 24.47
CA THR A 200 0.54 -6.88 25.18
C THR A 200 -0.16 -5.69 25.83
N THR A 201 -1.27 -5.26 25.24
CA THR A 201 -2.01 -4.13 25.77
C THR A 201 -2.24 -4.29 27.27
N SER A 1 -1.27 9.10 -30.69
CA SER A 1 -0.65 7.91 -31.33
C SER A 1 -1.42 6.65 -30.90
N GLY A 2 -0.69 5.58 -30.60
CA GLY A 2 -1.33 4.34 -30.18
C GLY A 2 -0.94 3.99 -28.75
N PRO A 3 -1.82 3.31 -28.06
CA PRO A 3 -1.63 2.89 -26.66
C PRO A 3 -0.19 2.53 -26.32
N VAL A 4 0.19 2.89 -25.11
CA VAL A 4 1.52 2.60 -24.59
C VAL A 4 1.54 1.15 -24.09
N GLU A 5 2.72 0.66 -23.71
CA GLU A 5 2.82 -0.72 -23.23
C GLU A 5 2.99 -0.77 -21.72
N VAL A 6 2.11 -1.53 -21.07
CA VAL A 6 2.14 -1.68 -19.61
C VAL A 6 1.93 -3.14 -19.22
N PHE A 7 2.62 -3.57 -18.16
CA PHE A 7 2.50 -4.96 -17.71
C PHE A 7 2.77 -5.06 -16.21
N ILE A 8 2.46 -6.23 -15.64
CA ILE A 8 2.66 -6.46 -14.22
C ILE A 8 3.82 -7.45 -14.01
N THR A 9 4.74 -7.09 -13.13
CA THR A 9 5.90 -7.95 -12.85
C THR A 9 6.26 -7.94 -11.36
N GLU A 10 7.02 -8.95 -10.94
CA GLU A 10 7.44 -9.05 -9.54
C GLU A 10 6.32 -8.58 -8.64
N THR A 11 5.09 -8.78 -9.08
CA THR A 11 3.93 -8.34 -8.31
C THR A 11 2.99 -9.51 -7.99
N PRO A 12 3.42 -10.40 -7.13
CA PRO A 12 2.58 -11.57 -6.73
C PRO A 12 1.31 -11.14 -6.01
N SER A 13 1.37 -10.00 -5.33
CA SER A 13 0.23 -9.48 -4.60
C SER A 13 0.68 -8.68 -3.39
N GLN A 14 0.20 -7.44 -3.29
CA GLN A 14 0.57 -6.58 -2.17
C GLN A 14 -0.68 -6.08 -1.45
N PRO A 15 -0.54 -5.68 -0.21
CA PRO A 15 -1.67 -5.18 0.61
C PRO A 15 -2.02 -3.73 0.35
N ASN A 16 -1.10 -2.83 0.67
CA ASN A 16 -1.34 -1.40 0.50
C ASN A 16 -0.53 -0.83 -0.66
N SER A 17 0.52 -1.52 -1.07
CA SER A 17 1.35 -1.02 -2.16
C SER A 17 1.14 -1.83 -3.42
N HIS A 18 1.35 -1.19 -4.57
CA HIS A 18 1.18 -1.86 -5.85
C HIS A 18 2.04 -1.18 -6.93
N PRO A 19 3.14 -1.77 -7.29
CA PRO A 19 4.06 -1.22 -8.32
C PRO A 19 3.62 -1.57 -9.74
N ILE A 20 3.85 -0.64 -10.67
CA ILE A 20 3.50 -0.85 -12.06
C ILE A 20 4.69 -0.51 -12.95
N GLN A 21 4.60 -0.89 -14.23
CA GLN A 21 5.67 -0.59 -15.17
C GLN A 21 5.10 -0.39 -16.57
N TRP A 22 5.73 0.47 -17.35
CA TRP A 22 5.26 0.73 -18.71
C TRP A 22 6.41 0.91 -19.67
N ASN A 23 6.15 0.69 -20.95
CA ASN A 23 7.17 0.86 -21.98
C ASN A 23 6.65 1.76 -23.09
N ALA A 24 7.58 2.40 -23.79
CA ALA A 24 7.21 3.30 -24.88
C ALA A 24 8.04 3.01 -26.13
N PRO A 25 7.72 3.67 -27.21
CA PRO A 25 8.45 3.50 -28.50
C PRO A 25 9.95 3.68 -28.32
N GLN A 26 10.72 3.43 -29.38
CA GLN A 26 12.17 3.56 -29.30
C GLN A 26 12.57 5.01 -29.49
N PRO A 27 12.09 5.65 -30.54
CA PRO A 27 12.39 7.07 -30.83
C PRO A 27 11.83 7.99 -29.76
N SER A 28 12.47 9.14 -29.57
CA SER A 28 12.01 10.10 -28.56
C SER A 28 10.62 10.61 -28.90
N HIS A 29 9.77 9.69 -29.34
CA HIS A 29 8.41 10.02 -29.71
C HIS A 29 7.63 10.54 -28.49
N ILE A 30 7.84 9.87 -27.36
CA ILE A 30 7.15 10.25 -26.12
C ILE A 30 8.12 10.87 -25.12
N SER A 31 7.67 11.93 -24.47
CA SER A 31 8.51 12.63 -23.50
C SER A 31 8.06 12.36 -22.07
N LYS A 32 6.94 12.97 -21.68
CA LYS A 32 6.41 12.81 -20.34
C LYS A 32 5.49 11.60 -20.21
N TYR A 33 5.47 10.99 -19.04
CA TYR A 33 4.59 9.85 -18.78
C TYR A 33 3.69 10.18 -17.59
N ILE A 34 2.38 10.08 -17.77
CA ILE A 34 1.44 10.37 -16.69
C ILE A 34 0.63 9.13 -16.34
N LEU A 35 0.50 8.86 -15.04
CA LEU A 35 -0.27 7.70 -14.60
C LEU A 35 -1.43 8.12 -13.71
N ARG A 36 -2.62 7.64 -14.06
CA ARG A 36 -3.81 7.95 -13.28
C ARG A 36 -4.58 6.67 -12.96
N TRP A 37 -5.09 6.56 -11.73
CA TRP A 37 -5.81 5.37 -11.32
C TRP A 37 -6.96 5.68 -10.37
N ARG A 38 -7.86 4.71 -10.23
CA ARG A 38 -9.00 4.86 -9.33
C ARG A 38 -9.60 3.50 -8.99
N PRO A 39 -9.98 3.29 -7.76
CA PRO A 39 -10.56 2.00 -7.31
C PRO A 39 -11.88 1.70 -8.01
N LYS A 40 -11.91 0.63 -8.80
CA LYS A 40 -13.12 0.26 -9.52
C LYS A 40 -14.31 0.30 -8.58
N ASN A 41 -14.84 1.50 -8.36
CA ASN A 41 -15.99 1.67 -7.47
C ASN A 41 -16.72 2.99 -7.73
N SER A 42 -16.06 3.95 -8.36
CA SER A 42 -16.69 5.23 -8.64
C SER A 42 -15.97 5.93 -9.80
N VAL A 43 -16.68 6.84 -10.46
CA VAL A 43 -16.11 7.59 -11.58
C VAL A 43 -16.13 9.08 -11.28
N GLY A 44 -16.08 9.43 -10.00
CA GLY A 44 -16.10 10.83 -9.59
C GLY A 44 -14.70 11.40 -9.40
N ARG A 45 -14.06 11.03 -8.29
CA ARG A 45 -12.71 11.52 -8.01
C ARG A 45 -11.72 10.37 -7.94
N TRP A 46 -10.45 10.67 -8.26
CA TRP A 46 -9.41 9.66 -8.22
C TRP A 46 -8.01 10.27 -8.10
N LYS A 47 -6.98 9.45 -8.29
CA LYS A 47 -5.60 9.93 -8.15
C LYS A 47 -4.87 9.98 -9.49
N GLU A 48 -3.95 10.93 -9.58
CA GLU A 48 -3.13 11.10 -10.77
C GLU A 48 -1.70 11.45 -10.39
N ALA A 49 -0.77 11.16 -11.30
CA ALA A 49 0.64 11.44 -11.03
C ALA A 49 1.43 11.67 -12.32
N THR A 50 2.56 12.36 -12.18
CA THR A 50 3.42 12.64 -13.32
C THR A 50 4.76 11.92 -13.15
N ILE A 51 5.24 11.30 -14.22
CA ILE A 51 6.49 10.56 -14.16
C ILE A 51 7.46 11.03 -15.27
N PRO A 52 8.63 11.48 -14.88
CA PRO A 52 9.67 11.94 -15.85
C PRO A 52 9.85 10.96 -17.01
N GLY A 53 10.26 11.48 -18.16
CA GLY A 53 10.46 10.66 -19.34
C GLY A 53 11.55 9.59 -19.15
N HIS A 54 12.46 9.81 -18.21
CA HIS A 54 13.54 8.85 -17.99
C HIS A 54 13.10 7.69 -17.10
N LEU A 55 11.99 7.85 -16.39
CA LEU A 55 11.48 6.78 -15.53
C LEU A 55 10.50 5.91 -16.30
N ASN A 56 10.60 4.59 -16.10
CA ASN A 56 9.71 3.66 -16.79
C ASN A 56 8.92 2.80 -15.81
N SER A 57 8.90 3.22 -14.54
CA SER A 57 8.16 2.46 -13.53
C SER A 57 7.66 3.38 -12.42
N TYR A 58 6.46 3.10 -11.91
CA TYR A 58 5.88 3.92 -10.85
C TYR A 58 5.73 3.11 -9.56
N THR A 59 5.01 3.69 -8.61
CA THR A 59 4.77 3.04 -7.34
C THR A 59 3.44 3.52 -6.76
N ILE A 60 2.56 2.60 -6.41
CA ILE A 60 1.26 2.97 -5.86
C ILE A 60 1.12 2.50 -4.42
N LYS A 61 0.86 3.44 -3.51
CA LYS A 61 0.70 3.11 -2.10
C LYS A 61 -0.63 3.66 -1.58
N GLY A 62 -1.06 3.15 -0.43
CA GLY A 62 -2.31 3.60 0.17
C GLY A 62 -3.49 2.82 -0.42
N LEU A 63 -3.20 1.68 -1.02
CA LEU A 63 -4.24 0.85 -1.62
C LEU A 63 -4.99 0.04 -0.57
N LYS A 64 -6.20 -0.36 -0.91
CA LYS A 64 -7.03 -1.15 0.00
C LYS A 64 -6.96 -2.64 -0.36
N PRO A 65 -6.77 -3.49 0.61
CA PRO A 65 -6.69 -4.96 0.38
C PRO A 65 -8.03 -5.54 -0.08
N GLY A 66 -7.97 -6.52 -0.96
CA GLY A 66 -9.18 -7.16 -1.47
C GLY A 66 -9.97 -6.20 -2.36
N VAL A 67 -9.27 -5.25 -2.95
CA VAL A 67 -9.90 -4.28 -3.83
C VAL A 67 -9.18 -4.22 -5.17
N VAL A 68 -9.88 -3.72 -6.19
CA VAL A 68 -9.30 -3.62 -7.52
C VAL A 68 -9.21 -2.16 -7.96
N TYR A 69 -8.11 -1.81 -8.61
CA TYR A 69 -7.90 -0.45 -9.08
C TYR A 69 -7.67 -0.43 -10.59
N GLU A 70 -8.30 0.51 -11.28
CA GLU A 70 -8.09 0.64 -12.72
C GLU A 70 -7.08 1.76 -12.96
N GLY A 71 -6.08 1.48 -13.78
CA GLY A 71 -5.06 2.49 -14.05
C GLY A 71 -4.96 2.82 -15.53
N GLN A 72 -4.50 4.03 -15.82
CA GLN A 72 -4.33 4.48 -17.19
C GLN A 72 -2.99 5.15 -17.36
N LEU A 73 -2.35 4.92 -18.48
CA LEU A 73 -1.06 5.53 -18.74
C LEU A 73 -1.15 6.47 -19.94
N ILE A 74 -0.86 7.75 -19.69
CA ILE A 74 -0.91 8.74 -20.76
C ILE A 74 0.48 9.26 -21.07
N SER A 75 0.84 9.25 -22.35
CA SER A 75 2.15 9.73 -22.76
C SER A 75 2.04 11.02 -23.55
N ILE A 76 2.68 12.08 -23.05
CA ILE A 76 2.62 13.37 -23.73
C ILE A 76 3.91 13.65 -24.48
N GLN A 77 3.78 14.35 -25.61
CA GLN A 77 4.93 14.69 -26.43
C GLN A 77 5.24 16.17 -26.28
N GLN A 78 6.50 16.53 -26.49
CA GLN A 78 6.91 17.91 -26.37
C GLN A 78 5.83 18.85 -26.93
N TYR A 79 4.90 19.23 -26.06
CA TYR A 79 3.81 20.11 -26.45
C TYR A 79 3.28 19.73 -27.84
N GLY A 80 3.33 18.43 -28.14
CA GLY A 80 2.85 17.95 -29.43
C GLY A 80 1.61 17.07 -29.28
N HIS A 81 1.76 15.81 -29.68
CA HIS A 81 0.65 14.86 -29.61
C HIS A 81 0.49 14.28 -28.20
N GLN A 82 -0.53 13.45 -28.04
CA GLN A 82 -0.79 12.79 -26.76
C GLN A 82 -1.41 11.41 -26.98
N GLU A 83 -1.14 10.49 -26.05
CA GLU A 83 -1.68 9.13 -26.16
C GLU A 83 -2.14 8.63 -24.79
N VAL A 84 -3.22 7.85 -24.77
CA VAL A 84 -3.73 7.33 -23.50
C VAL A 84 -3.91 5.82 -23.55
N THR A 85 -3.49 5.14 -22.48
CA THR A 85 -3.61 3.69 -22.39
C THR A 85 -4.37 3.30 -21.12
N ARG A 86 -5.22 2.28 -21.22
CA ARG A 86 -6.00 1.86 -20.05
C ARG A 86 -5.66 0.43 -19.64
N PHE A 87 -5.57 0.22 -18.33
CA PHE A 87 -5.27 -1.10 -17.77
C PHE A 87 -5.87 -1.22 -16.38
N ASP A 88 -5.98 -2.44 -15.87
CA ASP A 88 -6.56 -2.63 -14.54
C ASP A 88 -5.87 -3.78 -13.82
N PHE A 89 -5.84 -3.70 -12.49
CA PHE A 89 -5.22 -4.73 -11.67
C PHE A 89 -5.97 -4.91 -10.35
N THR A 90 -5.57 -5.94 -9.60
CA THR A 90 -6.18 -6.22 -8.31
C THR A 90 -5.15 -6.12 -7.21
N THR A 91 -5.59 -5.95 -5.96
CA THR A 91 -4.66 -5.85 -4.85
C THR A 91 -5.11 -6.75 -3.69
N THR A 92 -4.23 -7.66 -3.29
CA THR A 92 -4.52 -8.57 -2.19
C THR A 92 -3.45 -8.57 -1.13
N SER A 93 -3.80 -9.13 0.03
CA SER A 93 -2.89 -9.24 1.16
C SER A 93 -2.64 -10.72 1.46
N THR A 94 -1.46 -11.03 1.96
CA THR A 94 -1.10 -12.40 2.29
C THR A 94 -2.07 -12.95 3.33
N SER A 95 -2.97 -12.09 3.77
CA SER A 95 -3.96 -12.45 4.78
C SER A 95 -4.75 -13.69 4.38
N THR A 96 -4.98 -13.85 3.07
CA THR A 96 -5.75 -15.00 2.60
C THR A 96 -7.18 -14.93 3.14
N PRO A 97 -7.95 -13.96 2.70
CA PRO A 97 -9.36 -13.77 3.17
C PRO A 97 -10.19 -15.05 3.05
N VAL A 98 -11.17 -15.18 3.95
CA VAL A 98 -12.04 -16.35 3.96
C VAL A 98 -12.80 -16.49 2.65
N THR A 99 -12.87 -17.72 2.15
CA THR A 99 -13.56 -17.99 0.89
C THR A 99 -15.03 -17.57 0.95
N SER A 100 -15.69 -17.81 2.08
CA SER A 100 -17.09 -17.45 2.21
C SER A 100 -17.55 -17.43 3.66
N ASN A 101 -16.62 -17.53 4.60
CA ASN A 101 -16.99 -17.53 6.02
C ASN A 101 -17.81 -16.29 6.35
N THR A 102 -17.46 -15.17 5.72
CA THR A 102 -18.18 -13.92 5.95
C THR A 102 -19.48 -13.91 5.13
N VAL A 103 -20.55 -13.42 5.74
CA VAL A 103 -21.85 -13.36 5.06
C VAL A 103 -22.45 -11.96 5.15
N THR A 104 -23.32 -11.63 4.20
CA THR A 104 -23.99 -10.33 4.18
C THR A 104 -25.51 -10.53 4.16
N GLY A 105 -26.22 -9.68 4.90
CA GLY A 105 -27.68 -9.80 4.95
C GLY A 105 -28.34 -8.46 5.31
N GLU A 106 -29.39 -8.12 4.57
CA GLU A 106 -30.12 -6.89 4.82
C GLU A 106 -30.69 -6.88 6.25
N THR A 107 -31.01 -8.06 6.73
CA THR A 107 -31.58 -8.21 8.07
C THR A 107 -30.68 -7.57 9.13
N THR A 108 -29.36 -7.67 8.94
CA THR A 108 -28.43 -7.12 9.91
C THR A 108 -28.73 -5.64 10.17
N PRO A 109 -28.49 -5.17 11.38
CA PRO A 109 -28.77 -3.75 11.76
C PRO A 109 -28.04 -2.73 10.89
N PHE A 110 -28.68 -1.58 10.68
CA PHE A 110 -28.09 -0.51 9.87
C PHE A 110 -27.36 0.49 10.75
N SER A 111 -27.25 0.19 12.05
CA SER A 111 -26.59 1.08 12.99
C SER A 111 -25.23 0.49 13.43
N PRO A 112 -24.14 0.99 12.90
CA PRO A 112 -22.78 0.50 13.27
C PRO A 112 -22.53 0.54 14.78
N LEU A 113 -21.68 -0.37 15.25
CA LEU A 113 -21.36 -0.45 16.67
C LEU A 113 -20.78 0.87 17.18
N VAL A 114 -20.05 1.57 16.31
CA VAL A 114 -19.43 2.84 16.68
C VAL A 114 -19.83 3.95 15.71
N ALA A 115 -19.72 5.19 16.16
CA ALA A 115 -20.09 6.33 15.33
C ALA A 115 -19.24 6.38 14.05
N THR A 116 -19.87 6.82 12.97
CA THR A 116 -19.17 6.93 11.69
C THR A 116 -18.15 8.07 11.71
N SER A 117 -18.28 8.95 12.69
CA SER A 117 -17.37 10.08 12.80
C SER A 117 -15.93 9.60 12.95
N GLU A 118 -14.99 10.43 12.51
CA GLU A 118 -13.57 10.07 12.59
C GLU A 118 -13.13 9.91 14.04
N SER A 119 -13.71 10.70 14.93
CA SER A 119 -13.34 10.62 16.35
C SER A 119 -13.73 9.27 16.94
N VAL A 120 -12.97 8.84 17.94
CA VAL A 120 -13.23 7.55 18.60
C VAL A 120 -13.24 7.73 20.12
N THR A 121 -13.92 6.83 20.82
CA THR A 121 -13.98 6.90 22.28
C THR A 121 -12.76 6.21 22.87
N GLU A 122 -12.13 6.83 23.87
CA GLU A 122 -10.95 6.24 24.49
C GLU A 122 -11.28 4.88 25.09
N ILE A 123 -10.35 3.93 24.93
CA ILE A 123 -10.54 2.59 25.48
C ILE A 123 -9.89 2.49 26.86
N THR A 124 -8.56 2.38 26.86
CA THR A 124 -7.80 2.28 28.10
C THR A 124 -6.30 2.22 27.78
N ALA A 125 -5.85 3.16 26.96
CA ALA A 125 -4.44 3.21 26.56
C ALA A 125 -4.06 1.96 25.77
N SER A 126 -5.06 1.33 25.17
CA SER A 126 -4.83 0.13 24.38
C SER A 126 -3.97 0.45 23.17
N SER A 127 -4.01 1.70 22.74
CA SER A 127 -3.24 2.15 21.59
C SER A 127 -1.76 1.81 21.75
N PHE A 128 -1.03 1.94 20.66
CA PHE A 128 0.40 1.64 20.68
C PHE A 128 1.17 2.75 19.97
N VAL A 129 2.37 3.03 20.46
CA VAL A 129 3.20 4.04 19.81
C VAL A 129 4.54 3.44 19.45
N VAL A 130 4.70 3.10 18.17
CA VAL A 130 5.93 2.48 17.71
C VAL A 130 6.69 3.40 16.77
N SER A 131 8.01 3.43 16.93
CA SER A 131 8.86 4.27 16.10
C SER A 131 9.99 3.44 15.50
N TRP A 132 10.49 3.84 14.34
CA TRP A 132 11.57 3.11 13.69
C TRP A 132 12.51 4.07 12.98
N VAL A 133 13.35 3.52 12.10
CA VAL A 133 14.30 4.33 11.36
C VAL A 133 14.14 4.14 9.86
N SER A 134 13.97 5.25 9.14
CA SER A 134 13.81 5.18 7.69
C SER A 134 14.99 4.48 7.05
N ALA A 135 15.22 3.24 7.46
CA ALA A 135 16.33 2.45 6.94
C ALA A 135 16.53 2.69 5.44
N SER A 136 16.08 3.85 4.96
CA SER A 136 16.23 4.16 3.54
C SER A 136 15.63 5.53 3.22
N ASP A 137 16.43 6.38 2.57
CA ASP A 137 15.97 7.71 2.20
C ASP A 137 15.22 7.67 0.86
N THR A 138 15.29 6.53 0.19
CA THR A 138 14.62 6.37 -1.09
C THR A 138 13.18 5.91 -0.88
N VAL A 139 12.81 5.75 0.38
CA VAL A 139 11.45 5.33 0.71
C VAL A 139 10.45 6.40 0.29
N SER A 140 9.34 5.98 -0.30
CA SER A 140 8.31 6.92 -0.76
C SER A 140 7.23 7.05 0.30
N GLY A 141 7.22 6.10 1.22
CA GLY A 141 6.24 6.09 2.30
C GLY A 141 6.46 4.87 3.19
N PHE A 142 5.70 4.80 4.26
CA PHE A 142 5.82 3.66 5.17
C PHE A 142 4.49 2.95 5.34
N ARG A 143 4.54 1.66 5.62
CA ARG A 143 3.33 0.88 5.79
C ARG A 143 3.43 0.05 7.06
N VAL A 144 2.49 0.27 7.96
CA VAL A 144 2.49 -0.47 9.22
C VAL A 144 1.39 -1.52 9.22
N GLU A 145 1.73 -2.72 9.70
CA GLU A 145 0.77 -3.81 9.75
C GLU A 145 0.74 -4.41 11.14
N TYR A 146 -0.46 -4.56 11.69
CA TYR A 146 -0.62 -5.12 13.02
C TYR A 146 -1.81 -6.07 13.06
N GLU A 147 -1.60 -7.24 13.69
CA GLU A 147 -2.66 -8.23 13.80
C GLU A 147 -2.53 -8.96 15.14
N LEU A 148 -3.60 -9.61 15.56
CA LEU A 148 -3.59 -10.31 16.83
C LEU A 148 -2.72 -11.56 16.74
N SER A 149 -1.75 -11.65 17.64
CA SER A 149 -0.84 -12.80 17.67
C SER A 149 -1.55 -14.05 18.16
N GLU A 150 -2.79 -13.88 18.63
CA GLU A 150 -3.56 -15.01 19.13
C GLU A 150 -4.71 -15.37 18.20
N GLU A 151 -5.71 -14.50 18.14
CA GLU A 151 -6.87 -14.73 17.30
C GLU A 151 -6.49 -14.84 15.84
N GLY A 152 -5.49 -14.07 15.42
CA GLY A 152 -5.05 -14.10 14.03
C GLY A 152 -5.98 -13.28 13.15
N ASP A 153 -6.92 -12.58 13.78
CA ASP A 153 -7.86 -11.76 13.04
C ASP A 153 -7.24 -11.29 11.72
N GLU A 154 -7.95 -10.39 11.03
CA GLU A 154 -7.44 -9.87 9.77
C GLU A 154 -6.44 -8.74 10.02
N PRO A 155 -5.39 -8.72 9.28
CA PRO A 155 -4.32 -7.69 9.41
C PRO A 155 -4.77 -6.32 8.94
N GLN A 156 -4.28 -5.28 9.60
CA GLN A 156 -4.63 -3.92 9.23
C GLN A 156 -3.38 -3.20 8.76
N TYR A 157 -3.53 -2.30 7.79
CA TYR A 157 -2.39 -1.58 7.27
C TYR A 157 -2.57 -0.07 7.39
N LEU A 158 -1.49 0.61 7.72
CA LEU A 158 -1.51 2.06 7.84
C LEU A 158 -0.39 2.65 7.00
N ASP A 159 -0.72 3.60 6.14
CA ASP A 159 0.27 4.20 5.28
C ASP A 159 0.72 5.56 5.79
N LEU A 160 2.04 5.75 5.84
CA LEU A 160 2.62 6.99 6.31
C LEU A 160 3.62 7.51 5.28
N PRO A 161 3.90 8.78 5.29
CA PRO A 161 4.86 9.39 4.34
C PRO A 161 6.31 8.97 4.62
N SER A 162 7.15 9.08 3.60
CA SER A 162 8.55 8.71 3.73
C SER A 162 9.22 9.53 4.83
N THR A 163 8.54 10.57 5.28
CA THR A 163 9.09 11.44 6.32
C THR A 163 8.62 10.99 7.70
N ALA A 164 7.70 10.03 7.72
CA ALA A 164 7.18 9.51 8.98
C ALA A 164 8.11 8.43 9.53
N THR A 165 8.39 8.50 10.83
CA THR A 165 9.27 7.52 11.45
C THR A 165 8.66 7.00 12.75
N SER A 166 7.36 7.23 12.92
CA SER A 166 6.66 6.78 14.11
C SER A 166 5.16 6.90 13.90
N VAL A 167 4.39 6.00 14.50
CA VAL A 167 2.94 6.03 14.34
C VAL A 167 2.24 5.43 15.55
N ASN A 168 1.03 5.92 15.81
CA ASN A 168 0.24 5.42 16.92
C ASN A 168 -0.91 4.55 16.41
N ILE A 169 -0.99 3.33 16.91
CA ILE A 169 -2.04 2.41 16.49
C ILE A 169 -3.18 2.38 17.50
N PRO A 170 -4.28 3.00 17.17
CA PRO A 170 -5.46 3.04 18.05
C PRO A 170 -6.43 1.90 17.78
N ASP A 171 -7.53 1.89 18.53
CA ASP A 171 -8.56 0.86 18.37
C ASP A 171 -8.01 -0.54 18.67
N LEU A 172 -7.05 -0.61 19.59
CA LEU A 172 -6.47 -1.89 19.95
C LEU A 172 -7.29 -2.58 21.04
N LEU A 173 -7.31 -3.91 21.03
CA LEU A 173 -8.07 -4.66 22.01
C LEU A 173 -7.24 -4.93 23.25
N PRO A 174 -7.63 -4.37 24.36
CA PRO A 174 -6.90 -4.55 25.66
C PRO A 174 -6.82 -6.01 26.07
N GLY A 175 -5.67 -6.41 26.61
CA GLY A 175 -5.48 -7.79 27.05
C GLY A 175 -5.21 -8.70 25.87
N ARG A 176 -4.77 -8.12 24.76
CA ARG A 176 -4.48 -8.90 23.56
C ARG A 176 -3.08 -8.61 23.06
N LYS A 177 -2.47 -9.61 22.42
CA LYS A 177 -1.13 -9.45 21.89
C LYS A 177 -1.20 -9.18 20.40
N TYR A 178 -0.48 -8.16 19.95
CA TYR A 178 -0.47 -7.81 18.54
C TYR A 178 0.93 -7.87 17.97
N ILE A 179 1.02 -8.21 16.69
CA ILE A 179 2.31 -8.28 16.01
C ILE A 179 2.42 -7.06 15.10
N VAL A 180 3.49 -6.31 15.26
CA VAL A 180 3.67 -5.11 14.47
C VAL A 180 4.89 -5.24 13.55
N ASN A 181 4.69 -4.89 12.28
CA ASN A 181 5.76 -4.95 11.30
C ASN A 181 5.73 -3.70 10.44
N VAL A 182 6.85 -2.97 10.43
CA VAL A 182 6.93 -1.74 9.66
C VAL A 182 7.68 -1.99 8.35
N TYR A 183 7.05 -1.64 7.24
CA TYR A 183 7.66 -1.81 5.93
C TYR A 183 7.84 -0.45 5.26
N GLN A 184 8.99 -0.26 4.63
CA GLN A 184 9.23 1.00 3.94
C GLN A 184 9.00 0.80 2.46
N ILE A 185 8.29 1.74 1.84
CA ILE A 185 7.99 1.63 0.42
C ILE A 185 8.95 2.48 -0.41
N SER A 186 9.63 1.82 -1.34
CA SER A 186 10.58 2.50 -2.19
C SER A 186 9.86 3.15 -3.38
N GLU A 187 10.59 3.96 -4.11
CA GLU A 187 10.02 4.66 -5.27
C GLU A 187 9.51 3.66 -6.30
N ASP A 188 9.91 2.39 -6.15
CA ASP A 188 9.48 1.36 -7.09
C ASP A 188 8.27 0.60 -6.55
N GLY A 189 7.88 0.93 -5.32
CA GLY A 189 6.72 0.28 -4.70
C GLY A 189 7.15 -0.99 -3.97
N GLU A 190 8.45 -1.15 -3.76
CA GLU A 190 8.96 -2.32 -3.06
C GLU A 190 8.89 -2.11 -1.55
N GLN A 191 8.50 -3.15 -0.82
CA GLN A 191 8.42 -3.06 0.63
C GLN A 191 9.56 -3.84 1.29
N SER A 192 10.11 -3.27 2.36
CA SER A 192 11.20 -3.93 3.07
C SER A 192 10.98 -3.83 4.57
N LEU A 193 11.04 -4.98 5.25
CA LEU A 193 10.84 -5.00 6.69
C LEU A 193 12.00 -4.32 7.40
N ILE A 194 11.70 -3.23 8.10
CA ILE A 194 12.72 -2.48 8.81
C ILE A 194 12.57 -2.67 10.33
N LEU A 195 11.38 -3.04 10.76
CA LEU A 195 11.13 -3.25 12.19
C LEU A 195 9.95 -4.18 12.43
N SER A 196 10.20 -5.23 13.21
CA SER A 196 9.16 -6.20 13.54
C SER A 196 9.18 -6.48 15.04
N THR A 197 8.07 -6.19 15.72
CA THR A 197 8.00 -6.42 17.16
C THR A 197 6.56 -6.64 17.60
N SER A 198 6.39 -7.39 18.69
CA SER A 198 5.07 -7.67 19.22
C SER A 198 4.86 -6.96 20.55
N GLN A 199 3.60 -6.75 20.92
CA GLN A 199 3.28 -6.08 22.18
C GLN A 199 2.01 -6.66 22.78
N THR A 200 1.87 -6.47 24.09
CA THR A 200 0.69 -6.96 24.80
C THR A 200 -0.01 -5.81 25.49
N THR A 201 -1.14 -5.38 24.91
CA THR A 201 -1.90 -4.28 25.49
C THR A 201 -2.10 -4.48 26.98
N SER A 1 -1.35 8.64 -31.05
CA SER A 1 -0.74 7.42 -31.65
C SER A 1 -1.50 6.18 -31.18
N GLY A 2 -0.78 5.12 -30.84
CA GLY A 2 -1.41 3.90 -30.37
C GLY A 2 -1.01 3.59 -28.93
N PRO A 3 -1.89 2.95 -28.22
CA PRO A 3 -1.69 2.57 -26.80
C PRO A 3 -0.26 2.20 -26.46
N VAL A 4 0.14 2.62 -25.27
CA VAL A 4 1.47 2.34 -24.75
C VAL A 4 1.49 0.91 -24.20
N GLU A 5 2.66 0.43 -23.80
CA GLU A 5 2.77 -0.93 -23.28
C GLU A 5 2.95 -0.92 -21.77
N VAL A 6 2.07 -1.66 -21.09
CA VAL A 6 2.12 -1.76 -19.62
C VAL A 6 1.90 -3.20 -19.18
N PHE A 7 2.60 -3.61 -18.12
CA PHE A 7 2.48 -4.97 -17.61
C PHE A 7 2.75 -5.03 -16.11
N ILE A 8 2.44 -6.17 -15.50
CA ILE A 8 2.66 -6.35 -14.08
C ILE A 8 3.81 -7.33 -13.84
N THR A 9 4.76 -6.95 -12.97
CA THR A 9 5.90 -7.81 -12.68
C THR A 9 6.27 -7.75 -11.20
N GLU A 10 7.04 -8.74 -10.74
CA GLU A 10 7.46 -8.79 -9.34
C GLU A 10 6.34 -8.27 -8.44
N THR A 11 5.11 -8.50 -8.87
CA THR A 11 3.95 -8.03 -8.11
C THR A 11 3.02 -9.18 -7.75
N PRO A 12 3.45 -10.04 -6.86
CA PRO A 12 2.63 -11.20 -6.41
C PRO A 12 1.35 -10.75 -5.70
N SER A 13 1.43 -9.58 -5.06
CA SER A 13 0.28 -9.04 -4.34
C SER A 13 0.74 -8.20 -3.16
N GLN A 14 0.27 -6.96 -3.10
CA GLN A 14 0.65 -6.05 -2.02
C GLN A 14 -0.60 -5.54 -1.31
N PRO A 15 -0.45 -5.10 -0.08
CA PRO A 15 -1.58 -4.57 0.73
C PRO A 15 -1.93 -3.11 0.42
N ASN A 16 -1.00 -2.21 0.70
CA ASN A 16 -1.25 -0.79 0.48
C ASN A 16 -0.45 -0.25 -0.70
N SER A 17 0.61 -0.96 -1.09
CA SER A 17 1.43 -0.51 -2.20
C SER A 17 1.21 -1.37 -3.44
N HIS A 18 1.42 -0.76 -4.60
CA HIS A 18 1.24 -1.47 -5.86
C HIS A 18 2.08 -0.82 -6.96
N PRO A 19 3.20 -1.43 -7.30
CA PRO A 19 4.10 -0.92 -8.36
C PRO A 19 3.65 -1.32 -9.77
N ILE A 20 3.88 -0.43 -10.73
CA ILE A 20 3.52 -0.68 -12.11
C ILE A 20 4.70 -0.38 -13.02
N GLN A 21 4.61 -0.79 -14.29
CA GLN A 21 5.68 -0.52 -15.24
C GLN A 21 5.10 -0.37 -16.65
N TRP A 22 5.72 0.46 -17.47
CA TRP A 22 5.23 0.67 -18.83
C TRP A 22 6.39 0.83 -19.80
N ASN A 23 6.11 0.55 -21.08
CA ASN A 23 7.13 0.68 -22.11
C ASN A 23 6.61 1.54 -23.25
N ALA A 24 7.53 2.16 -23.99
CA ALA A 24 7.16 3.02 -25.10
C ALA A 24 7.99 2.69 -26.34
N PRO A 25 7.65 3.31 -27.44
CA PRO A 25 8.37 3.11 -28.73
C PRO A 25 9.88 3.27 -28.56
N GLN A 26 10.63 2.99 -29.61
CA GLN A 26 12.08 3.11 -29.55
C GLN A 26 12.49 4.57 -29.80
N PRO A 27 12.00 5.16 -30.86
CA PRO A 27 12.31 6.58 -31.20
C PRO A 27 11.75 7.54 -30.15
N SER A 28 12.40 8.70 -30.01
CA SER A 28 11.94 9.68 -29.03
C SER A 28 10.55 10.19 -29.39
N HIS A 29 9.70 9.26 -29.78
CA HIS A 29 8.33 9.58 -30.15
C HIS A 29 7.57 10.12 -28.96
N ILE A 30 7.78 9.51 -27.80
CA ILE A 30 7.10 9.92 -26.58
C ILE A 30 8.07 10.58 -25.60
N SER A 31 7.63 11.67 -24.98
CA SER A 31 8.47 12.39 -24.05
C SER A 31 8.03 12.18 -22.60
N LYS A 32 6.92 12.79 -22.24
CA LYS A 32 6.39 12.68 -20.87
C LYS A 32 5.47 11.47 -20.70
N TYR A 33 5.47 10.91 -19.50
CA TYR A 33 4.58 9.79 -19.20
C TYR A 33 3.69 10.15 -18.02
N ILE A 34 2.38 10.05 -18.19
CA ILE A 34 1.45 10.38 -17.12
C ILE A 34 0.64 9.15 -16.72
N LEU A 35 0.51 8.93 -15.41
CA LEU A 35 -0.25 7.79 -14.92
C LEU A 35 -1.41 8.24 -14.05
N ARG A 36 -2.61 7.74 -14.37
CA ARG A 36 -3.79 8.09 -13.59
C ARG A 36 -4.56 6.82 -13.23
N TRP A 37 -5.05 6.76 -11.99
CA TRP A 37 -5.77 5.57 -11.54
C TRP A 37 -6.92 5.92 -10.59
N ARG A 38 -7.82 4.97 -10.41
CA ARG A 38 -8.96 5.14 -9.51
C ARG A 38 -9.55 3.79 -9.12
N PRO A 39 -9.92 3.64 -7.87
CA PRO A 39 -10.51 2.36 -7.38
C PRO A 39 -11.84 2.04 -8.06
N LYS A 40 -11.86 0.95 -8.81
CA LYS A 40 -13.08 0.55 -9.52
C LYS A 40 -14.27 0.63 -8.57
N ASN A 41 -14.79 1.83 -8.39
CA ASN A 41 -15.94 2.03 -7.50
C ASN A 41 -16.68 3.34 -7.80
N SER A 42 -16.00 4.28 -8.46
CA SER A 42 -16.64 5.55 -8.80
C SER A 42 -15.94 6.21 -9.98
N VAL A 43 -16.64 7.11 -10.66
CA VAL A 43 -16.07 7.81 -11.81
C VAL A 43 -16.09 9.31 -11.56
N GLY A 44 -16.03 9.69 -10.29
CA GLY A 44 -16.05 11.11 -9.93
C GLY A 44 -14.65 11.68 -9.76
N ARG A 45 -14.00 11.36 -8.65
CA ARG A 45 -12.65 11.86 -8.39
C ARG A 45 -11.65 10.71 -8.30
N TRP A 46 -10.39 10.99 -8.62
CA TRP A 46 -9.35 9.98 -8.56
C TRP A 46 -7.95 10.59 -8.47
N LYS A 47 -6.92 9.76 -8.63
CA LYS A 47 -5.54 10.25 -8.52
C LYS A 47 -4.82 10.25 -9.86
N GLU A 48 -3.89 11.19 -10.00
CA GLU A 48 -3.08 11.33 -11.20
C GLU A 48 -1.65 11.68 -10.84
N ALA A 49 -0.73 11.36 -11.73
CA ALA A 49 0.69 11.65 -11.49
C ALA A 49 1.46 11.84 -12.79
N THR A 50 2.60 12.52 -12.68
CA THR A 50 3.45 12.76 -13.85
C THR A 50 4.79 12.05 -13.66
N ILE A 51 5.26 11.39 -14.70
CA ILE A 51 6.52 10.65 -14.63
C ILE A 51 7.48 11.08 -15.75
N PRO A 52 8.65 11.54 -15.40
CA PRO A 52 9.68 11.97 -16.38
C PRO A 52 9.86 10.94 -17.50
N GLY A 53 10.27 11.43 -18.67
CA GLY A 53 10.46 10.56 -19.84
C GLY A 53 11.54 9.50 -19.61
N HIS A 54 12.46 9.75 -18.68
CA HIS A 54 13.54 8.79 -18.43
C HIS A 54 13.10 7.66 -17.51
N LEU A 55 12.00 7.86 -16.79
CA LEU A 55 11.49 6.82 -15.89
C LEU A 55 10.50 5.91 -16.63
N ASN A 56 10.60 4.61 -16.39
CA ASN A 56 9.71 3.66 -17.04
C ASN A 56 8.91 2.84 -16.02
N SER A 57 8.91 3.29 -14.76
CA SER A 57 8.17 2.58 -13.73
C SER A 57 7.69 3.54 -12.65
N TYR A 58 6.49 3.27 -12.13
CA TYR A 58 5.91 4.13 -11.08
C TYR A 58 5.77 3.37 -9.77
N THR A 59 5.06 3.98 -8.84
CA THR A 59 4.83 3.37 -7.53
C THR A 59 3.50 3.88 -6.96
N ILE A 60 2.61 2.96 -6.59
CA ILE A 60 1.32 3.36 -6.04
C ILE A 60 1.19 2.94 -4.58
N LYS A 61 0.94 3.91 -3.71
CA LYS A 61 0.78 3.63 -2.28
C LYS A 61 -0.54 4.20 -1.77
N GLY A 62 -0.96 3.73 -0.60
CA GLY A 62 -2.21 4.20 -0.01
C GLY A 62 -3.40 3.41 -0.55
N LEU A 63 -3.11 2.24 -1.12
CA LEU A 63 -4.15 1.40 -1.69
C LEU A 63 -4.89 0.63 -0.60
N LYS A 64 -6.11 0.21 -0.93
CA LYS A 64 -6.93 -0.54 0.01
C LYS A 64 -6.87 -2.04 -0.30
N PRO A 65 -6.68 -2.86 0.70
CA PRO A 65 -6.60 -4.34 0.52
C PRO A 65 -7.95 -4.93 0.10
N GLY A 66 -7.90 -5.95 -0.76
CA GLY A 66 -9.10 -6.59 -1.23
C GLY A 66 -9.90 -5.67 -2.15
N VAL A 67 -9.19 -4.74 -2.79
CA VAL A 67 -9.84 -3.79 -3.69
C VAL A 67 -9.13 -3.78 -5.04
N VAL A 68 -9.84 -3.32 -6.07
CA VAL A 68 -9.25 -3.27 -7.40
C VAL A 68 -9.17 -1.82 -7.90
N TYR A 69 -8.06 -1.50 -8.56
CA TYR A 69 -7.86 -0.16 -9.09
C TYR A 69 -7.64 -0.19 -10.58
N GLU A 70 -8.27 0.73 -11.31
CA GLU A 70 -8.08 0.81 -12.75
C GLU A 70 -7.06 1.91 -13.04
N GLY A 71 -6.07 1.61 -13.86
CA GLY A 71 -5.04 2.61 -14.17
C GLY A 71 -4.96 2.89 -15.66
N GLN A 72 -4.48 4.08 -15.99
CA GLN A 72 -4.34 4.48 -17.38
C GLN A 72 -3.00 5.16 -17.57
N LEU A 73 -2.37 4.88 -18.70
CA LEU A 73 -1.07 5.48 -18.99
C LEU A 73 -1.16 6.38 -20.21
N ILE A 74 -0.88 7.66 -20.02
CA ILE A 74 -0.94 8.62 -21.11
C ILE A 74 0.46 9.13 -21.45
N SER A 75 0.81 9.07 -22.73
CA SER A 75 2.12 9.52 -23.16
C SER A 75 2.00 10.79 -24.00
N ILE A 76 2.65 11.86 -23.54
CA ILE A 76 2.59 13.13 -24.25
C ILE A 76 3.87 13.39 -25.03
N GLN A 77 3.73 14.04 -26.18
CA GLN A 77 4.87 14.36 -27.02
C GLN A 77 5.20 15.85 -26.92
N GLN A 78 6.46 16.19 -27.16
CA GLN A 78 6.87 17.58 -27.09
C GLN A 78 5.79 18.49 -27.67
N TYR A 79 4.86 18.90 -26.81
CA TYR A 79 3.77 19.78 -27.23
C TYR A 79 3.24 19.35 -28.58
N GLY A 80 3.27 18.04 -28.85
CA GLY A 80 2.79 17.52 -30.12
C GLY A 80 1.56 16.64 -29.93
N HIS A 81 1.69 15.37 -30.29
CA HIS A 81 0.58 14.43 -30.17
C HIS A 81 0.44 13.89 -28.75
N GLN A 82 -0.58 13.07 -28.55
CA GLN A 82 -0.85 12.46 -27.25
C GLN A 82 -1.46 11.07 -27.41
N GLU A 83 -1.19 10.19 -26.46
CA GLU A 83 -1.73 8.82 -26.52
C GLU A 83 -2.18 8.37 -25.12
N VAL A 84 -3.27 7.59 -25.07
CA VAL A 84 -3.76 7.11 -23.78
C VAL A 84 -3.96 5.60 -23.78
N THR A 85 -3.52 4.96 -22.70
CA THR A 85 -3.65 3.52 -22.55
C THR A 85 -4.40 3.18 -21.27
N ARG A 86 -5.25 2.15 -21.32
CA ARG A 86 -6.03 1.78 -20.14
C ARG A 86 -5.69 0.36 -19.68
N PHE A 87 -5.60 0.19 -18.37
CA PHE A 87 -5.28 -1.11 -17.77
C PHE A 87 -5.88 -1.18 -16.37
N ASP A 88 -5.99 -2.38 -15.80
CA ASP A 88 -6.55 -2.53 -14.48
C ASP A 88 -5.86 -3.65 -13.71
N PHE A 89 -5.84 -3.52 -12.39
CA PHE A 89 -5.21 -4.53 -11.54
C PHE A 89 -5.95 -4.66 -10.22
N THR A 90 -5.54 -5.66 -9.44
CA THR A 90 -6.15 -5.90 -8.13
C THR A 90 -5.10 -5.76 -7.03
N THR A 91 -5.55 -5.55 -5.79
CA THR A 91 -4.61 -5.40 -4.68
C THR A 91 -5.05 -6.26 -3.49
N THR A 92 -4.17 -7.17 -3.07
CA THR A 92 -4.46 -8.04 -1.94
C THR A 92 -3.35 -8.00 -0.90
N SER A 93 -3.66 -8.47 0.30
CA SER A 93 -2.66 -8.51 1.37
C SER A 93 -1.51 -9.45 0.98
N THR A 94 -0.34 -9.22 1.55
CA THR A 94 0.82 -10.04 1.23
C THR A 94 0.57 -11.50 1.62
N SER A 95 -0.09 -11.70 2.76
CA SER A 95 -0.40 -13.05 3.24
C SER A 95 -1.82 -13.43 2.87
N THR A 96 -2.11 -14.73 2.86
CA THR A 96 -3.45 -15.20 2.52
C THR A 96 -4.45 -14.60 3.51
N PRO A 97 -5.55 -14.05 3.06
CA PRO A 97 -6.56 -13.43 3.97
C PRO A 97 -7.17 -14.43 4.95
N VAL A 98 -7.29 -14.00 6.21
CA VAL A 98 -7.87 -14.83 7.25
C VAL A 98 -9.32 -15.16 6.92
N THR A 99 -9.94 -14.32 6.11
CA THR A 99 -11.34 -14.49 5.74
C THR A 99 -11.57 -15.81 5.03
N SER A 100 -10.51 -16.44 4.55
CA SER A 100 -10.67 -17.72 3.87
C SER A 100 -11.12 -18.77 4.86
N ASN A 101 -11.77 -19.83 4.36
CA ASN A 101 -12.26 -20.90 5.22
C ASN A 101 -11.58 -22.22 4.92
N THR A 102 -11.04 -22.87 5.94
CA THR A 102 -10.39 -24.17 5.76
C THR A 102 -11.47 -25.22 5.57
N VAL A 103 -11.27 -26.11 4.59
CA VAL A 103 -12.27 -27.14 4.29
C VAL A 103 -11.63 -28.52 4.13
N THR A 104 -12.36 -29.54 4.59
CA THR A 104 -11.91 -30.92 4.48
C THR A 104 -12.91 -31.72 3.65
N GLY A 105 -12.48 -32.82 3.06
CA GLY A 105 -13.37 -33.63 2.25
C GLY A 105 -14.58 -34.13 3.03
N GLU A 106 -14.37 -34.53 4.27
CA GLU A 106 -15.45 -35.07 5.10
C GLU A 106 -16.54 -34.03 5.37
N THR A 107 -16.15 -32.78 5.61
CA THR A 107 -17.11 -31.71 5.91
C THR A 107 -16.89 -30.50 5.02
N THR A 108 -17.99 -29.82 4.64
CA THR A 108 -17.90 -28.62 3.80
C THR A 108 -18.58 -27.43 4.50
N PRO A 109 -17.93 -26.85 5.49
CA PRO A 109 -18.49 -25.68 6.25
C PRO A 109 -18.68 -24.44 5.37
N PHE A 110 -19.71 -23.66 5.67
CA PHE A 110 -19.98 -22.43 4.94
C PHE A 110 -19.63 -21.21 5.81
N SER A 111 -18.92 -20.25 5.24
CA SER A 111 -18.52 -19.05 5.99
C SER A 111 -18.92 -17.78 5.24
N PRO A 112 -20.17 -17.39 5.31
CA PRO A 112 -20.66 -16.16 4.62
C PRO A 112 -19.85 -14.92 5.02
N LEU A 113 -19.65 -14.02 4.07
CA LEU A 113 -18.90 -12.79 4.32
C LEU A 113 -19.82 -11.64 4.69
N VAL A 114 -19.36 -10.78 5.59
CA VAL A 114 -20.17 -9.63 6.02
C VAL A 114 -19.54 -8.34 5.51
N ALA A 115 -20.37 -7.47 4.92
CA ALA A 115 -19.89 -6.20 4.36
C ALA A 115 -20.39 -5.00 5.14
N THR A 116 -20.69 -5.18 6.43
CA THR A 116 -21.18 -4.05 7.24
C THR A 116 -20.03 -3.14 7.65
N SER A 117 -20.36 -1.88 7.94
CA SER A 117 -19.36 -0.90 8.33
C SER A 117 -18.74 -1.24 9.69
N GLU A 118 -19.49 -1.95 10.52
CA GLU A 118 -18.99 -2.30 11.86
C GLU A 118 -18.58 -1.02 12.59
N SER A 119 -19.07 0.10 12.07
CA SER A 119 -18.77 1.41 12.66
C SER A 119 -19.48 1.61 13.98
N VAL A 120 -19.06 2.64 14.71
CA VAL A 120 -19.65 2.97 16.01
C VAL A 120 -19.41 1.87 17.03
N THR A 121 -18.47 0.97 16.73
CA THR A 121 -18.15 -0.11 17.65
C THR A 121 -17.40 0.44 18.86
N GLU A 122 -17.78 0.01 20.06
CA GLU A 122 -17.14 0.47 21.27
C GLU A 122 -15.66 0.10 21.28
N ILE A 123 -14.82 1.00 21.80
CA ILE A 123 -13.38 0.77 21.85
C ILE A 123 -12.86 0.91 23.29
N THR A 124 -11.74 0.26 23.58
CA THR A 124 -11.13 0.32 24.91
C THR A 124 -9.67 0.74 24.81
N ALA A 125 -9.09 1.19 25.93
CA ALA A 125 -7.70 1.62 25.93
C ALA A 125 -6.78 0.40 25.76
N SER A 126 -5.73 0.55 24.94
CA SER A 126 -4.79 -0.53 24.70
C SER A 126 -3.92 -0.17 23.49
N SER A 127 -3.96 1.10 23.12
CA SER A 127 -3.19 1.60 21.99
C SER A 127 -1.72 1.25 22.13
N PHE A 128 -0.98 1.41 21.04
CA PHE A 128 0.45 1.11 21.03
C PHE A 128 1.21 2.25 20.38
N VAL A 129 2.42 2.51 20.87
CA VAL A 129 3.24 3.55 20.27
C VAL A 129 4.58 2.95 19.87
N VAL A 130 4.74 2.67 18.59
CA VAL A 130 5.96 2.07 18.08
C VAL A 130 6.73 3.03 17.19
N SER A 131 8.05 3.05 17.35
CA SER A 131 8.90 3.92 16.54
C SER A 131 10.01 3.10 15.90
N TRP A 132 10.51 3.56 14.76
CA TRP A 132 11.58 2.86 14.07
C TRP A 132 12.53 3.84 13.40
N VAL A 133 13.36 3.32 12.49
CA VAL A 133 14.32 4.17 11.78
C VAL A 133 14.13 4.04 10.28
N SER A 134 13.98 5.19 9.61
CA SER A 134 13.80 5.19 8.16
C SER A 134 14.99 4.51 7.48
N ALA A 135 15.22 3.26 7.84
CA ALA A 135 16.32 2.49 7.27
C ALA A 135 16.50 2.80 5.79
N SER A 136 16.07 3.97 5.35
CA SER A 136 16.21 4.36 3.96
C SER A 136 15.62 5.74 3.70
N ASP A 137 16.41 6.60 3.07
CA ASP A 137 15.96 7.95 2.78
C ASP A 137 15.21 7.99 1.45
N THR A 138 15.27 6.87 0.73
CA THR A 138 14.59 6.77 -0.55
C THR A 138 13.15 6.31 -0.37
N VAL A 139 12.77 6.10 0.89
CA VAL A 139 11.42 5.67 1.21
C VAL A 139 10.42 6.77 0.84
N SER A 140 9.30 6.36 0.23
CA SER A 140 8.28 7.32 -0.17
C SER A 140 7.20 7.41 0.89
N GLY A 141 7.19 6.43 1.77
CA GLY A 141 6.22 6.38 2.86
C GLY A 141 6.44 5.12 3.69
N PHE A 142 5.68 4.99 4.76
CA PHE A 142 5.80 3.82 5.61
C PHE A 142 4.47 3.11 5.75
N ARG A 143 4.52 1.81 5.98
CA ARG A 143 3.31 1.03 6.12
C ARG A 143 3.41 0.13 7.34
N VAL A 144 2.47 0.32 8.27
CA VAL A 144 2.47 -0.48 9.49
C VAL A 144 1.37 -1.52 9.44
N GLU A 145 1.70 -2.74 9.86
CA GLU A 145 0.74 -3.82 9.86
C GLU A 145 0.71 -4.50 11.23
N TYR A 146 -0.49 -4.66 11.78
CA TYR A 146 -0.64 -5.28 13.08
C TYR A 146 -1.84 -6.23 13.09
N GLU A 147 -1.62 -7.42 13.65
CA GLU A 147 -2.68 -8.41 13.73
C GLU A 147 -2.56 -9.20 15.04
N LEU A 148 -3.63 -9.86 15.43
CA LEU A 148 -3.61 -10.63 16.67
C LEU A 148 -2.75 -11.88 16.52
N SER A 149 -1.78 -12.02 17.41
CA SER A 149 -0.87 -13.16 17.38
C SER A 149 -1.59 -14.43 17.82
N GLU A 150 -2.82 -14.28 18.29
CA GLU A 150 -3.59 -15.43 18.75
C GLU A 150 -4.75 -15.74 17.81
N GLU A 151 -5.75 -14.86 17.80
CA GLU A 151 -6.92 -15.05 16.95
C GLU A 151 -6.54 -15.10 15.47
N GLY A 152 -5.54 -14.31 15.10
CA GLY A 152 -5.10 -14.28 13.71
C GLY A 152 -6.04 -13.42 12.86
N ASP A 153 -6.97 -12.74 13.52
CA ASP A 153 -7.91 -11.89 12.83
C ASP A 153 -7.31 -11.36 11.53
N GLU A 154 -7.99 -10.43 10.89
CA GLU A 154 -7.50 -9.85 9.65
C GLU A 154 -6.49 -8.75 9.95
N PRO A 155 -5.43 -8.70 9.20
CA PRO A 155 -4.36 -7.68 9.38
C PRO A 155 -4.81 -6.28 8.97
N GLN A 156 -4.32 -5.28 9.68
CA GLN A 156 -4.66 -3.90 9.37
C GLN A 156 -3.41 -3.15 8.93
N TYR A 157 -3.56 -2.21 8.01
CA TYR A 157 -2.42 -1.48 7.51
C TYR A 157 -2.60 0.02 7.69
N LEU A 158 -1.51 0.69 8.04
CA LEU A 158 -1.52 2.13 8.24
C LEU A 158 -0.40 2.75 7.43
N ASP A 159 -0.73 3.74 6.61
CA ASP A 159 0.26 4.37 5.77
C ASP A 159 0.71 5.71 6.34
N LEU A 160 2.03 5.89 6.40
CA LEU A 160 2.62 7.12 6.92
C LEU A 160 3.62 7.66 5.91
N PRO A 161 3.91 8.93 5.97
CA PRO A 161 4.87 9.59 5.04
C PRO A 161 6.31 9.15 5.30
N SER A 162 7.15 9.30 4.28
CA SER A 162 8.56 8.91 4.40
C SER A 162 9.23 9.68 5.53
N THR A 163 8.56 10.71 6.03
CA THR A 163 9.11 11.53 7.10
C THR A 163 8.65 11.01 8.46
N ALA A 164 7.71 10.06 8.44
CA ALA A 164 7.20 9.48 9.68
C ALA A 164 8.14 8.37 10.18
N THR A 165 8.42 8.39 11.47
CA THR A 165 9.30 7.37 12.05
C THR A 165 8.69 6.80 13.33
N SER A 166 7.39 7.03 13.51
CA SER A 166 6.69 6.53 14.69
C SER A 166 5.19 6.66 14.48
N VAL A 167 4.43 5.73 15.05
CA VAL A 167 2.98 5.77 14.89
C VAL A 167 2.27 5.12 16.08
N ASN A 168 1.07 5.61 16.36
CA ASN A 168 0.28 5.07 17.47
C ASN A 168 -0.87 4.23 16.92
N ILE A 169 -0.96 2.98 17.35
CA ILE A 169 -2.01 2.09 16.90
C ILE A 169 -3.15 2.01 17.91
N PRO A 170 -4.24 2.65 17.62
CA PRO A 170 -5.43 2.66 18.51
C PRO A 170 -6.40 1.53 18.18
N ASP A 171 -7.50 1.49 18.93
CA ASP A 171 -8.52 0.48 18.74
C ASP A 171 -7.98 -0.93 18.97
N LEU A 172 -7.02 -1.05 19.88
CA LEU A 172 -6.44 -2.35 20.19
C LEU A 172 -7.27 -3.08 21.24
N LEU A 173 -7.29 -4.40 21.17
CA LEU A 173 -8.06 -5.20 22.12
C LEU A 173 -7.20 -5.53 23.35
N PRO A 174 -7.59 -5.02 24.48
CA PRO A 174 -6.87 -5.26 25.76
C PRO A 174 -6.79 -6.75 26.11
N GLY A 175 -5.64 -7.17 26.63
CA GLY A 175 -5.45 -8.57 27.00
C GLY A 175 -5.20 -9.43 25.77
N ARG A 176 -4.75 -8.79 24.69
CA ARG A 176 -4.47 -9.52 23.45
C ARG A 176 -3.07 -9.22 22.96
N LYS A 177 -2.47 -10.19 22.28
CA LYS A 177 -1.13 -10.01 21.75
C LYS A 177 -1.21 -9.67 20.26
N TYR A 178 -0.48 -8.63 19.87
CA TYR A 178 -0.48 -8.22 18.48
C TYR A 178 0.93 -8.27 17.90
N ILE A 179 1.00 -8.56 16.61
CA ILE A 179 2.29 -8.58 15.92
C ILE A 179 2.40 -7.34 15.06
N VAL A 180 3.47 -6.58 15.25
CA VAL A 180 3.66 -5.36 14.51
C VAL A 180 4.87 -5.45 13.58
N ASN A 181 4.66 -5.04 12.33
CA ASN A 181 5.73 -5.06 11.35
C ASN A 181 5.71 -3.77 10.55
N VAL A 182 6.83 -3.05 10.56
CA VAL A 182 6.91 -1.79 9.84
C VAL A 182 7.66 -1.98 8.52
N TYR A 183 7.01 -1.58 7.43
CA TYR A 183 7.62 -1.69 6.11
C TYR A 183 7.81 -0.31 5.50
N GLN A 184 8.96 -0.08 4.88
CA GLN A 184 9.19 1.21 4.24
C GLN A 184 8.96 1.07 2.76
N ILE A 185 8.25 2.04 2.19
CA ILE A 185 7.94 2.00 0.77
C ILE A 185 8.90 2.89 -0.03
N SER A 186 9.58 2.26 -0.99
CA SER A 186 10.53 2.98 -1.82
C SER A 186 9.81 3.68 -2.97
N GLU A 187 10.54 4.53 -3.67
CA GLU A 187 9.96 5.27 -4.80
C GLU A 187 9.44 4.32 -5.86
N ASP A 188 9.84 3.05 -5.78
CA ASP A 188 9.41 2.07 -6.76
C ASP A 188 8.19 1.29 -6.24
N GLY A 189 7.80 1.56 -5.00
CA GLY A 189 6.65 0.89 -4.41
C GLY A 189 7.07 -0.42 -3.74
N GLU A 190 8.36 -0.59 -3.54
CA GLU A 190 8.87 -1.80 -2.90
C GLU A 190 8.82 -1.66 -1.37
N GLN A 191 8.43 -2.72 -0.69
CA GLN A 191 8.35 -2.70 0.76
C GLN A 191 9.49 -3.51 1.38
N SER A 192 10.05 -3.00 2.47
CA SER A 192 11.14 -3.68 3.15
C SER A 192 10.93 -3.66 4.65
N LEU A 193 10.98 -4.84 5.27
CA LEU A 193 10.80 -4.93 6.71
C LEU A 193 11.96 -4.28 7.45
N ILE A 194 11.66 -3.22 8.20
CA ILE A 194 12.70 -2.51 8.95
C ILE A 194 12.55 -2.77 10.44
N LEU A 195 11.35 -3.16 10.87
CA LEU A 195 11.12 -3.42 12.29
C LEU A 195 9.94 -4.36 12.49
N SER A 196 10.18 -5.45 13.22
CA SER A 196 9.14 -6.43 13.51
C SER A 196 9.16 -6.77 15.00
N THR A 197 8.06 -6.52 15.69
CA THR A 197 8.00 -6.80 17.12
C THR A 197 6.56 -7.04 17.56
N SER A 198 6.39 -7.84 18.61
CA SER A 198 5.06 -8.14 19.13
C SER A 198 4.86 -7.48 20.50
N GLN A 199 3.61 -7.30 20.87
CA GLN A 199 3.30 -6.68 22.16
C GLN A 199 2.03 -7.28 22.75
N THR A 200 1.89 -7.15 24.07
CA THR A 200 0.72 -7.66 24.76
C THR A 200 0.02 -6.54 25.50
N THR A 201 -1.11 -6.08 24.96
CA THR A 201 -1.86 -5.00 25.58
C THR A 201 -2.06 -5.27 27.07
N SER A 1 -1.34 8.84 -30.75
CA SER A 1 -0.68 7.65 -31.37
C SER A 1 -1.41 6.39 -30.94
N GLY A 2 -0.66 5.34 -30.61
CA GLY A 2 -1.26 4.08 -30.18
C GLY A 2 -0.88 3.76 -28.74
N PRO A 3 -1.74 3.07 -28.05
CA PRO A 3 -1.55 2.68 -26.64
C PRO A 3 -0.11 2.35 -26.28
N VAL A 4 0.25 2.75 -25.08
CA VAL A 4 1.59 2.49 -24.54
C VAL A 4 1.65 1.07 -24.03
N GLU A 5 2.83 0.62 -23.62
CA GLU A 5 2.96 -0.75 -23.12
C GLU A 5 3.13 -0.78 -21.61
N VAL A 6 2.26 -1.56 -20.95
CA VAL A 6 2.29 -1.70 -19.49
C VAL A 6 2.12 -3.15 -19.08
N PHE A 7 2.80 -3.55 -18.03
CA PHE A 7 2.71 -4.93 -17.54
C PHE A 7 2.98 -5.01 -16.04
N ILE A 8 2.69 -6.17 -15.47
CA ILE A 8 2.90 -6.38 -14.03
C ILE A 8 4.07 -7.32 -13.80
N THR A 9 4.98 -6.93 -12.91
CA THR A 9 6.16 -7.76 -12.62
C THR A 9 6.51 -7.72 -11.13
N GLU A 10 7.29 -8.69 -10.67
CA GLU A 10 7.69 -8.77 -9.27
C GLU A 10 6.54 -8.31 -8.39
N THR A 11 5.33 -8.56 -8.84
CA THR A 11 4.15 -8.14 -8.09
C THR A 11 3.25 -9.32 -7.77
N PRO A 12 3.69 -10.19 -6.89
CA PRO A 12 2.89 -11.38 -6.48
C PRO A 12 1.59 -10.99 -5.77
N SER A 13 1.62 -9.83 -5.11
CA SER A 13 0.44 -9.35 -4.40
C SER A 13 0.87 -8.51 -3.19
N GLN A 14 0.36 -7.28 -3.12
CA GLN A 14 0.69 -6.41 -2.00
C GLN A 14 -0.58 -5.93 -1.30
N PRO A 15 -0.46 -5.51 -0.07
CA PRO A 15 -1.62 -5.04 0.73
C PRO A 15 -2.02 -3.59 0.46
N ASN A 16 -1.13 -2.67 0.77
CA ASN A 16 -1.40 -1.24 0.58
C ASN A 16 -0.61 -0.66 -0.58
N SER A 17 0.47 -1.33 -0.97
CA SER A 17 1.30 -0.82 -2.07
C SER A 17 1.13 -1.65 -3.32
N HIS A 18 1.34 -1.02 -4.47
CA HIS A 18 1.20 -1.71 -5.75
C HIS A 18 2.03 -1.02 -6.82
N PRO A 19 3.16 -1.58 -7.16
CA PRO A 19 4.07 -1.02 -8.19
C PRO A 19 3.66 -1.40 -9.61
N ILE A 20 3.88 -0.48 -10.54
CA ILE A 20 3.54 -0.72 -11.94
C ILE A 20 4.72 -0.36 -12.83
N GLN A 21 4.66 -0.75 -14.11
CA GLN A 21 5.74 -0.43 -15.04
C GLN A 21 5.18 -0.27 -16.44
N TRP A 22 5.79 0.60 -17.23
CA TRP A 22 5.32 0.82 -18.60
C TRP A 22 6.48 1.03 -19.56
N ASN A 23 6.23 0.78 -20.84
CA ASN A 23 7.26 0.96 -21.85
C ASN A 23 6.73 1.83 -22.98
N ALA A 24 7.64 2.49 -23.69
CA ALA A 24 7.26 3.36 -24.79
C ALA A 24 8.11 3.10 -26.02
N PRO A 25 7.77 3.71 -27.11
CA PRO A 25 8.52 3.56 -28.39
C PRO A 25 10.02 3.77 -28.20
N GLN A 26 10.80 3.53 -29.25
CA GLN A 26 12.24 3.70 -29.16
C GLN A 26 12.61 5.18 -29.37
N PRO A 27 12.12 5.78 -30.43
CA PRO A 27 12.38 7.21 -30.74
C PRO A 27 11.78 8.13 -29.67
N SER A 28 12.38 9.31 -29.49
CA SER A 28 11.89 10.26 -28.51
C SER A 28 10.48 10.72 -28.87
N HIS A 29 9.68 9.77 -29.30
CA HIS A 29 8.30 10.07 -29.69
C HIS A 29 7.50 10.56 -28.49
N ILE A 30 7.71 9.93 -27.35
CA ILE A 30 7.01 10.29 -26.13
C ILE A 30 7.94 10.95 -25.12
N SER A 31 7.45 12.02 -24.49
CA SER A 31 8.26 12.75 -23.52
C SER A 31 7.81 12.49 -22.09
N LYS A 32 6.66 13.06 -21.73
CA LYS A 32 6.13 12.90 -20.38
C LYS A 32 5.23 11.67 -20.25
N TYR A 33 5.24 11.08 -19.06
CA TYR A 33 4.38 9.92 -18.79
C TYR A 33 3.46 10.23 -17.61
N ILE A 34 2.15 10.09 -17.82
CA ILE A 34 1.20 10.37 -16.75
C ILE A 34 0.41 9.11 -16.39
N LEU A 35 0.28 8.86 -15.09
CA LEU A 35 -0.45 7.68 -14.64
C LEU A 35 -1.64 8.08 -13.77
N ARG A 36 -2.80 7.55 -14.11
CA ARG A 36 -4.01 7.84 -13.35
C ARG A 36 -4.75 6.55 -13.02
N TRP A 37 -5.26 6.44 -11.80
CA TRP A 37 -5.95 5.23 -11.38
C TRP A 37 -7.12 5.52 -10.45
N ARG A 38 -7.99 4.53 -10.30
CA ARG A 38 -9.15 4.65 -9.41
C ARG A 38 -9.71 3.27 -9.06
N PRO A 39 -10.09 3.08 -7.82
CA PRO A 39 -10.65 1.77 -7.37
C PRO A 39 -11.95 1.44 -8.07
N LYS A 40 -11.93 0.35 -8.85
CA LYS A 40 -13.13 -0.07 -9.58
C LYS A 40 -14.34 -0.05 -8.65
N ASN A 41 -14.89 1.13 -8.46
CA ASN A 41 -16.06 1.28 -7.58
C ASN A 41 -16.83 2.57 -7.86
N SER A 42 -16.18 3.55 -8.50
CA SER A 42 -16.85 4.80 -8.81
C SER A 42 -16.15 5.51 -9.97
N VAL A 43 -16.87 6.40 -10.64
CA VAL A 43 -16.31 7.14 -11.77
C VAL A 43 -16.37 8.64 -11.49
N GLY A 44 -16.35 8.99 -10.21
CA GLY A 44 -16.43 10.40 -9.82
C GLY A 44 -15.04 11.01 -9.63
N ARG A 45 -14.40 10.68 -8.51
CA ARG A 45 -13.07 11.22 -8.22
C ARG A 45 -12.03 10.10 -8.12
N TRP A 46 -10.78 10.44 -8.44
CA TRP A 46 -9.71 9.45 -8.37
C TRP A 46 -8.34 10.10 -8.25
N LYS A 47 -7.27 9.32 -8.41
CA LYS A 47 -5.91 9.83 -8.27
C LYS A 47 -5.17 9.89 -9.60
N GLU A 48 -4.27 10.86 -9.70
CA GLU A 48 -3.45 11.04 -10.88
C GLU A 48 -2.04 11.44 -10.49
N ALA A 49 -1.09 11.18 -11.38
CA ALA A 49 0.31 11.49 -11.11
C ALA A 49 1.10 11.73 -12.39
N THR A 50 2.21 12.45 -12.26
CA THR A 50 3.08 12.74 -13.39
C THR A 50 4.43 12.06 -13.20
N ILE A 51 4.94 11.44 -14.26
CA ILE A 51 6.22 10.75 -14.17
C ILE A 51 7.18 11.23 -15.27
N PRO A 52 8.33 11.72 -14.88
CA PRO A 52 9.36 12.20 -15.84
C PRO A 52 9.60 11.20 -16.99
N GLY A 53 10.00 11.73 -18.14
CA GLY A 53 10.24 10.89 -19.33
C GLY A 53 11.35 9.86 -19.10
N HIS A 54 12.25 10.12 -18.14
CA HIS A 54 13.35 9.19 -17.91
C HIS A 54 12.93 8.03 -17.02
N LEU A 55 11.82 8.17 -16.32
CA LEU A 55 11.33 7.11 -15.45
C LEU A 55 10.38 6.18 -16.21
N ASN A 56 10.51 4.88 -15.99
CA ASN A 56 9.66 3.91 -16.68
C ASN A 56 8.88 3.05 -15.69
N SER A 57 8.84 3.47 -14.43
CA SER A 57 8.11 2.71 -13.41
C SER A 57 7.59 3.63 -12.32
N TYR A 58 6.39 3.32 -11.82
CA TYR A 58 5.77 4.13 -10.78
C TYR A 58 5.63 3.35 -9.48
N THR A 59 4.89 3.91 -8.54
CA THR A 59 4.65 3.27 -7.26
C THR A 59 3.30 3.72 -6.70
N ILE A 60 2.44 2.77 -6.36
CA ILE A 60 1.13 3.12 -5.82
C ILE A 60 0.99 2.65 -4.37
N LYS A 61 0.69 3.60 -3.48
CA LYS A 61 0.53 3.28 -2.07
C LYS A 61 -0.82 3.80 -1.57
N GLY A 62 -1.26 3.30 -0.41
CA GLY A 62 -2.52 3.72 0.17
C GLY A 62 -3.68 2.90 -0.42
N LEU A 63 -3.34 1.76 -1.00
CA LEU A 63 -4.35 0.89 -1.60
C LEU A 63 -5.08 0.07 -0.54
N LYS A 64 -6.28 -0.37 -0.90
CA LYS A 64 -7.09 -1.17 0.02
C LYS A 64 -6.97 -2.65 -0.32
N PRO A 65 -6.78 -3.49 0.66
CA PRO A 65 -6.65 -4.96 0.46
C PRO A 65 -7.96 -5.59 -0.01
N GLY A 66 -7.87 -6.58 -0.89
CA GLY A 66 -9.05 -7.26 -1.39
C GLY A 66 -9.86 -6.34 -2.30
N VAL A 67 -9.18 -5.37 -2.90
CA VAL A 67 -9.84 -4.44 -3.79
C VAL A 67 -9.11 -4.36 -5.13
N VAL A 68 -9.81 -3.91 -6.16
CA VAL A 68 -9.21 -3.81 -7.49
C VAL A 68 -9.16 -2.35 -7.95
N TYR A 69 -8.06 -1.98 -8.59
CA TYR A 69 -7.89 -0.62 -9.08
C TYR A 69 -7.64 -0.61 -10.59
N GLU A 70 -8.30 0.30 -11.30
CA GLU A 70 -8.09 0.42 -12.72
C GLU A 70 -7.11 1.56 -12.98
N GLY A 71 -6.08 1.31 -13.79
CA GLY A 71 -5.09 2.34 -14.06
C GLY A 71 -4.99 2.66 -15.54
N GLN A 72 -4.56 3.87 -15.84
CA GLN A 72 -4.40 4.30 -17.22
C GLN A 72 -3.07 5.02 -17.39
N LEU A 73 -2.42 4.79 -18.50
CA LEU A 73 -1.14 5.43 -18.75
C LEU A 73 -1.24 6.36 -19.97
N ILE A 74 -1.00 7.65 -19.73
CA ILE A 74 -1.07 8.63 -20.81
C ILE A 74 0.31 9.18 -21.12
N SER A 75 0.69 9.16 -22.40
CA SER A 75 1.99 9.66 -22.79
C SER A 75 1.84 10.94 -23.61
N ILE A 76 2.45 12.02 -23.12
CA ILE A 76 2.35 13.31 -23.81
C ILE A 76 3.64 13.62 -24.55
N GLN A 77 3.50 14.29 -25.69
CA GLN A 77 4.64 14.66 -26.51
C GLN A 77 4.92 16.15 -26.38
N GLN A 78 6.17 16.55 -26.59
CA GLN A 78 6.54 17.95 -26.48
C GLN A 78 5.44 18.84 -27.06
N TYR A 79 4.48 19.20 -26.20
CA TYR A 79 3.38 20.05 -26.62
C TYR A 79 2.88 19.63 -28.00
N GLY A 80 2.95 18.33 -28.29
CA GLY A 80 2.51 17.82 -29.58
C GLY A 80 1.30 16.91 -29.43
N HIS A 81 1.48 15.64 -29.80
CA HIS A 81 0.40 14.66 -29.74
C HIS A 81 0.25 14.10 -28.32
N GLN A 82 -0.75 13.23 -28.16
CA GLN A 82 -1.00 12.60 -26.86
C GLN A 82 -1.58 11.19 -27.07
N GLU A 83 -1.29 10.29 -26.14
CA GLU A 83 -1.79 8.92 -26.22
C GLU A 83 -2.25 8.42 -24.85
N VAL A 84 -3.30 7.61 -24.83
CA VAL A 84 -3.81 7.09 -23.56
C VAL A 84 -3.95 5.57 -23.60
N THR A 85 -3.52 4.92 -22.52
CA THR A 85 -3.59 3.46 -22.40
C THR A 85 -4.36 3.08 -21.14
N ARG A 86 -5.18 2.03 -21.22
CA ARG A 86 -5.96 1.60 -20.07
C ARG A 86 -5.58 0.19 -19.63
N PHE A 87 -5.50 -0.01 -18.31
CA PHE A 87 -5.16 -1.30 -17.74
C PHE A 87 -5.78 -1.43 -16.35
N ASP A 88 -5.85 -2.64 -15.82
CA ASP A 88 -6.43 -2.83 -14.50
C ASP A 88 -5.72 -3.95 -13.74
N PHE A 89 -5.71 -3.85 -12.42
CA PHE A 89 -5.07 -4.85 -11.58
C PHE A 89 -5.82 -5.04 -10.28
N THR A 90 -5.40 -6.03 -9.51
CA THR A 90 -6.02 -6.32 -8.22
C THR A 90 -5.00 -6.17 -7.10
N THR A 91 -5.46 -6.01 -5.87
CA THR A 91 -4.54 -5.86 -4.74
C THR A 91 -4.97 -6.75 -3.58
N THR A 92 -4.07 -7.64 -3.16
CA THR A 92 -4.35 -8.54 -2.05
C THR A 92 -3.24 -8.46 -1.01
N SER A 93 -3.50 -8.96 0.21
CA SER A 93 -2.46 -8.94 1.24
C SER A 93 -1.96 -10.35 1.52
N THR A 94 -0.63 -10.49 1.57
CA THR A 94 0.01 -11.78 1.85
C THR A 94 1.06 -11.62 2.94
N SER A 95 1.49 -12.74 3.53
CA SER A 95 2.52 -12.69 4.58
C SER A 95 3.75 -13.46 4.13
N THR A 96 4.92 -12.87 4.35
CA THR A 96 6.19 -13.50 3.97
C THR A 96 7.19 -13.41 5.13
N PRO A 97 7.07 -14.26 6.12
CA PRO A 97 7.99 -14.23 7.30
C PRO A 97 9.46 -14.32 6.88
N VAL A 98 10.28 -13.49 7.51
CA VAL A 98 11.70 -13.46 7.22
C VAL A 98 12.37 -14.78 7.59
N THR A 99 11.93 -15.37 8.70
CA THR A 99 12.52 -16.61 9.19
C THR A 99 11.99 -17.83 8.43
N SER A 100 12.73 -18.92 8.56
CA SER A 100 12.38 -20.18 7.90
C SER A 100 11.12 -20.79 8.52
N ASN A 101 10.68 -20.24 9.64
CA ASN A 101 9.51 -20.76 10.33
C ASN A 101 8.29 -20.74 9.40
N THR A 102 7.23 -21.43 9.81
CA THR A 102 6.01 -21.53 9.02
C THR A 102 5.17 -20.26 9.15
N VAL A 103 4.22 -20.09 8.23
CA VAL A 103 3.36 -18.92 8.24
C VAL A 103 2.60 -18.82 9.56
N THR A 104 2.15 -19.96 10.08
CA THR A 104 1.42 -19.98 11.34
C THR A 104 2.40 -19.90 12.52
N GLY A 105 1.89 -19.45 13.66
CA GLY A 105 2.72 -19.35 14.86
C GLY A 105 2.18 -18.26 15.79
N GLU A 106 2.93 -17.96 16.85
CA GLU A 106 2.53 -16.93 17.80
C GLU A 106 3.50 -15.76 17.76
N THR A 107 4.48 -15.76 18.68
CA THR A 107 5.48 -14.71 18.73
C THR A 107 6.89 -15.30 18.71
N THR A 108 7.78 -14.69 17.94
CA THR A 108 9.16 -15.17 17.87
C THR A 108 9.93 -14.68 19.10
N PRO A 109 10.80 -15.49 19.67
CA PRO A 109 11.58 -15.09 20.88
C PRO A 109 12.50 -13.91 20.58
N PHE A 110 12.62 -13.00 21.55
CA PHE A 110 13.48 -11.83 21.40
C PHE A 110 14.23 -11.51 22.68
N SER A 111 15.35 -10.81 22.55
CA SER A 111 16.15 -10.42 23.72
C SER A 111 17.27 -9.45 23.31
N PRO A 112 16.92 -8.29 22.83
CA PRO A 112 17.94 -7.27 22.41
C PRO A 112 18.94 -6.96 23.52
N LEU A 113 20.22 -6.84 23.15
CA LEU A 113 21.26 -6.54 24.12
C LEU A 113 21.01 -5.18 24.77
N VAL A 114 20.47 -4.25 24.00
CA VAL A 114 20.19 -2.91 24.51
C VAL A 114 19.05 -2.92 25.52
N ALA A 115 19.26 -2.19 26.62
CA ALA A 115 18.24 -2.10 27.66
C ALA A 115 17.00 -1.37 27.14
N THR A 116 15.83 -1.75 27.65
CA THR A 116 14.59 -1.12 27.22
C THR A 116 14.48 0.29 27.80
N SER A 117 14.07 1.24 26.97
CA SER A 117 13.94 2.63 27.39
C SER A 117 12.96 2.75 28.57
N GLU A 118 11.92 1.93 28.57
CA GLU A 118 10.92 1.96 29.64
C GLU A 118 11.20 0.85 30.65
N SER A 119 11.00 1.17 31.93
CA SER A 119 11.25 0.20 33.00
C SER A 119 10.40 -1.05 32.81
N VAL A 120 9.20 -0.86 32.26
CA VAL A 120 8.28 -1.99 32.03
C VAL A 120 7.76 -1.96 30.59
N THR A 121 7.61 -3.14 30.00
CA THR A 121 7.15 -3.23 28.62
C THR A 121 5.69 -2.79 28.48
N GLU A 122 4.93 -2.89 29.56
CA GLU A 122 3.52 -2.49 29.53
C GLU A 122 3.40 -1.02 29.12
N ILE A 123 2.36 -0.72 28.34
CA ILE A 123 2.12 0.63 27.86
C ILE A 123 0.71 1.09 28.25
N THR A 124 0.60 2.35 28.67
CA THR A 124 -0.69 2.90 29.07
C THR A 124 -1.56 3.13 27.84
N ALA A 125 -2.84 2.76 27.96
CA ALA A 125 -3.78 2.92 26.85
C ALA A 125 -3.64 1.74 25.88
N SER A 126 -4.76 1.31 25.30
CA SER A 126 -4.71 0.18 24.38
C SER A 126 -3.84 0.50 23.16
N SER A 127 -3.83 1.77 22.77
CA SER A 127 -3.05 2.21 21.63
C SER A 127 -1.58 1.80 21.79
N PHE A 128 -0.83 1.91 20.70
CA PHE A 128 0.59 1.56 20.71
C PHE A 128 1.40 2.65 20.03
N VAL A 129 2.61 2.87 20.52
CA VAL A 129 3.48 3.87 19.91
C VAL A 129 4.79 3.20 19.53
N VAL A 130 4.94 2.90 18.25
CA VAL A 130 6.15 2.23 17.77
C VAL A 130 6.95 3.15 16.86
N SER A 131 8.26 3.11 17.02
CA SER A 131 9.16 3.93 16.21
C SER A 131 10.24 3.07 15.60
N TRP A 132 10.77 3.47 14.44
CA TRP A 132 11.81 2.71 13.78
C TRP A 132 12.80 3.65 13.09
N VAL A 133 13.61 3.08 12.20
CA VAL A 133 14.61 3.87 11.48
C VAL A 133 14.43 3.73 9.98
N SER A 134 14.32 4.86 9.28
CA SER A 134 14.15 4.83 7.83
C SER A 134 15.31 4.10 7.18
N ALA A 135 15.49 2.84 7.56
CA ALA A 135 16.56 2.02 7.02
C ALA A 135 16.76 2.29 5.53
N SER A 136 16.38 3.47 5.07
CA SER A 136 16.54 3.82 3.67
C SER A 136 16.02 5.22 3.38
N ASP A 137 16.84 6.04 2.74
CA ASP A 137 16.45 7.40 2.41
C ASP A 137 15.71 7.43 1.07
N THR A 138 15.72 6.29 0.37
CA THR A 138 15.05 6.20 -0.91
C THR A 138 13.59 5.80 -0.71
N VAL A 139 13.20 5.63 0.54
CA VAL A 139 11.83 5.26 0.86
C VAL A 139 10.87 6.39 0.46
N SER A 140 9.75 6.02 -0.15
CA SER A 140 8.77 7.01 -0.57
C SER A 140 7.69 7.17 0.48
N GLY A 141 7.63 6.20 1.39
CA GLY A 141 6.65 6.21 2.46
C GLY A 141 6.81 4.97 3.32
N PHE A 142 6.04 4.88 4.39
CA PHE A 142 6.12 3.73 5.28
C PHE A 142 4.75 3.07 5.41
N ARG A 143 4.75 1.78 5.66
CA ARG A 143 3.51 1.05 5.82
C ARG A 143 3.57 0.18 7.06
N VAL A 144 2.64 0.42 7.97
CA VAL A 144 2.60 -0.35 9.21
C VAL A 144 1.45 -1.36 9.18
N GLU A 145 1.73 -2.57 9.63
CA GLU A 145 0.74 -3.62 9.65
C GLU A 145 0.67 -4.26 11.03
N TYR A 146 -0.53 -4.37 11.57
CA TYR A 146 -0.72 -4.96 12.88
C TYR A 146 -1.95 -5.86 12.91
N GLU A 147 -1.79 -7.03 13.50
CA GLU A 147 -2.88 -7.99 13.59
C GLU A 147 -2.80 -8.75 14.91
N LEU A 148 -3.90 -9.36 15.31
CA LEU A 148 -3.92 -10.10 16.57
C LEU A 148 -3.11 -11.39 16.44
N SER A 149 -2.14 -11.55 17.35
CA SER A 149 -1.29 -12.72 17.34
C SER A 149 -2.06 -13.96 17.80
N GLU A 150 -3.28 -13.75 18.27
CA GLU A 150 -4.10 -14.85 18.75
C GLU A 150 -5.27 -15.14 17.80
N GLU A 151 -6.23 -14.22 17.77
CA GLU A 151 -7.40 -14.38 16.92
C GLU A 151 -7.02 -14.47 15.46
N GLY A 152 -5.99 -13.74 15.05
CA GLY A 152 -5.54 -13.76 13.67
C GLY A 152 -6.44 -12.87 12.80
N ASP A 153 -7.34 -12.15 13.45
CA ASP A 153 -8.25 -11.27 12.73
C ASP A 153 -7.61 -10.79 11.42
N GLU A 154 -8.27 -9.85 10.76
CA GLU A 154 -7.74 -9.32 9.51
C GLU A 154 -6.69 -8.25 9.79
N PRO A 155 -5.63 -8.26 9.05
CA PRO A 155 -4.52 -7.27 9.21
C PRO A 155 -4.91 -5.87 8.77
N GLN A 156 -4.38 -4.87 9.46
CA GLN A 156 -4.66 -3.48 9.12
C GLN A 156 -3.38 -2.81 8.67
N TYR A 157 -3.49 -1.89 7.72
CA TYR A 157 -2.32 -1.19 7.22
C TYR A 157 -2.44 0.31 7.37
N LEU A 158 -1.32 0.94 7.73
CA LEU A 158 -1.29 2.39 7.89
C LEU A 158 -0.13 2.93 7.06
N ASP A 159 -0.42 3.92 6.22
CA ASP A 159 0.61 4.51 5.38
C ASP A 159 1.11 5.83 5.93
N LEU A 160 2.43 5.96 5.99
CA LEU A 160 3.06 7.17 6.48
C LEU A 160 4.09 7.66 5.47
N PRO A 161 4.42 8.92 5.52
CA PRO A 161 5.42 9.51 4.58
C PRO A 161 6.84 9.02 4.85
N SER A 162 7.69 9.11 3.84
CA SER A 162 9.07 8.68 3.97
C SER A 162 9.78 9.45 5.09
N THR A 163 9.14 10.52 5.55
CA THR A 163 9.72 11.32 6.62
C THR A 163 9.23 10.85 7.98
N ALA A 164 8.26 9.94 7.99
CA ALA A 164 7.73 9.42 9.23
C ALA A 164 8.61 8.28 9.74
N THR A 165 8.89 8.30 11.05
CA THR A 165 9.72 7.27 11.65
C THR A 165 9.08 6.75 12.94
N SER A 166 7.79 7.03 13.11
CA SER A 166 7.06 6.59 14.29
C SER A 166 5.58 6.77 14.07
N VAL A 167 4.77 5.89 14.65
CA VAL A 167 3.32 5.99 14.49
C VAL A 167 2.58 5.39 15.68
N ASN A 168 1.41 5.93 15.95
CA ASN A 168 0.58 5.44 17.06
C ASN A 168 -0.59 4.64 16.52
N ILE A 169 -0.73 3.41 16.98
CA ILE A 169 -1.82 2.55 16.54
C ILE A 169 -2.96 2.53 17.54
N PRO A 170 -4.03 3.21 17.24
CA PRO A 170 -5.22 3.29 18.12
C PRO A 170 -6.23 2.19 17.81
N ASP A 171 -7.33 2.21 18.56
CA ASP A 171 -8.40 1.23 18.38
C ASP A 171 -7.91 -0.19 18.64
N LEU A 172 -6.96 -0.33 19.56
CA LEU A 172 -6.43 -1.65 19.90
C LEU A 172 -7.30 -2.31 20.96
N LEU A 173 -7.37 -3.65 20.91
CA LEU A 173 -8.17 -4.39 21.88
C LEU A 173 -7.35 -4.72 23.11
N PRO A 174 -7.72 -4.18 24.24
CA PRO A 174 -7.01 -4.42 25.53
C PRO A 174 -6.99 -5.90 25.90
N GLY A 175 -5.86 -6.36 26.44
CA GLY A 175 -5.73 -7.75 26.84
C GLY A 175 -5.51 -8.65 25.63
N ARG A 176 -5.03 -8.06 24.54
CA ARG A 176 -4.78 -8.82 23.32
C ARG A 176 -3.35 -8.59 22.83
N LYS A 177 -2.80 -9.59 22.17
CA LYS A 177 -1.44 -9.48 21.64
C LYS A 177 -1.49 -9.16 20.16
N TYR A 178 -0.73 -8.16 19.75
CA TYR A 178 -0.71 -7.77 18.34
C TYR A 178 0.70 -7.90 17.77
N ILE A 179 0.77 -8.22 16.48
CA ILE A 179 2.06 -8.31 15.80
C ILE A 179 2.22 -7.08 14.92
N VAL A 180 3.32 -6.37 15.11
CA VAL A 180 3.57 -5.17 14.34
C VAL A 180 4.77 -5.33 13.43
N ASN A 181 4.59 -4.94 12.16
CA ASN A 181 5.66 -5.02 11.18
C ASN A 181 5.70 -3.74 10.35
N VAL A 182 6.84 -3.07 10.36
CA VAL A 182 6.98 -1.83 9.61
C VAL A 182 7.73 -2.08 8.31
N TYR A 183 7.11 -1.67 7.21
CA TYR A 183 7.71 -1.84 5.89
C TYR A 183 7.96 -0.48 5.26
N GLN A 184 9.12 -0.31 4.64
CA GLN A 184 9.42 0.96 3.98
C GLN A 184 9.17 0.80 2.48
N ILE A 185 8.51 1.78 1.90
CA ILE A 185 8.21 1.73 0.47
C ILE A 185 9.20 2.54 -0.33
N SER A 186 9.85 1.89 -1.28
CA SER A 186 10.84 2.54 -2.12
C SER A 186 10.16 3.25 -3.29
N GLU A 187 10.92 4.05 -4.00
CA GLU A 187 10.39 4.80 -5.14
C GLU A 187 9.83 3.84 -6.20
N ASP A 188 10.17 2.56 -6.08
CA ASP A 188 9.71 1.57 -7.05
C ASP A 188 8.46 0.86 -6.52
N GLY A 189 8.08 1.17 -5.29
CA GLY A 189 6.90 0.55 -4.69
C GLY A 189 7.25 -0.75 -3.98
N GLU A 190 8.55 -0.98 -3.77
CA GLU A 190 9.00 -2.18 -3.10
C GLU A 190 8.96 -2.01 -1.58
N GLN A 191 8.52 -3.05 -0.89
CA GLN A 191 8.43 -2.98 0.57
C GLN A 191 9.54 -3.83 1.20
N SER A 192 10.10 -3.32 2.29
CA SER A 192 11.17 -4.03 2.99
C SER A 192 10.95 -3.97 4.49
N LEU A 193 10.95 -5.13 5.14
CA LEU A 193 10.75 -5.19 6.58
C LEU A 193 11.94 -4.57 7.31
N ILE A 194 11.68 -3.49 8.04
CA ILE A 194 12.73 -2.80 8.77
C ILE A 194 12.57 -3.02 10.27
N LEU A 195 11.36 -3.35 10.70
CA LEU A 195 11.11 -3.58 12.12
C LEU A 195 9.89 -4.47 12.34
N SER A 196 10.08 -5.54 13.09
CA SER A 196 9.00 -6.48 13.40
C SER A 196 9.00 -6.78 14.89
N THR A 197 7.90 -6.48 15.57
CA THR A 197 7.82 -6.73 17.00
C THR A 197 6.37 -6.90 17.44
N SER A 198 6.17 -7.67 18.51
CA SER A 198 4.83 -7.91 19.04
C SER A 198 4.66 -7.21 20.38
N GLN A 199 3.41 -6.97 20.75
CA GLN A 199 3.11 -6.31 22.01
C GLN A 199 1.82 -6.84 22.61
N THR A 200 1.68 -6.68 23.92
CA THR A 200 0.49 -7.14 24.61
C THR A 200 -0.18 -5.97 25.33
N THR A 201 -1.27 -5.48 24.78
CA THR A 201 -2.00 -4.36 25.37
C THR A 201 -2.21 -4.60 26.85
N SER A 1 -1.09 9.15 -30.71
CA SER A 1 -0.47 7.96 -31.34
C SER A 1 -1.24 6.71 -30.93
N GLY A 2 -0.53 5.63 -30.62
CA GLY A 2 -1.19 4.40 -30.23
C GLY A 2 -0.82 4.03 -28.79
N PRO A 3 -1.71 3.36 -28.12
CA PRO A 3 -1.54 2.94 -26.72
C PRO A 3 -0.12 2.55 -26.36
N VAL A 4 0.26 2.92 -25.14
CA VAL A 4 1.57 2.61 -24.60
C VAL A 4 1.59 1.16 -24.12
N GLU A 5 2.75 0.66 -23.71
CA GLU A 5 2.83 -0.72 -23.25
C GLU A 5 2.98 -0.78 -21.72
N VAL A 6 2.08 -1.54 -21.08
CA VAL A 6 2.11 -1.69 -19.64
C VAL A 6 1.88 -3.16 -19.25
N PHE A 7 2.54 -3.60 -18.19
CA PHE A 7 2.41 -4.98 -17.74
C PHE A 7 2.66 -5.10 -16.23
N ILE A 8 2.33 -6.26 -15.67
CA ILE A 8 2.52 -6.50 -14.25
C ILE A 8 3.66 -7.49 -14.03
N THR A 9 4.58 -7.14 -13.14
CA THR A 9 5.72 -8.02 -12.84
C THR A 9 6.06 -8.02 -11.35
N GLU A 10 6.81 -9.03 -10.93
CA GLU A 10 7.21 -9.14 -9.52
C GLU A 10 6.08 -8.66 -8.63
N THR A 11 4.85 -8.85 -9.09
CA THR A 11 3.69 -8.41 -8.34
C THR A 11 2.74 -9.57 -8.03
N PRO A 12 3.15 -10.47 -7.17
CA PRO A 12 2.30 -11.64 -6.79
C PRO A 12 1.02 -11.20 -6.07
N SER A 13 1.09 -10.06 -5.40
CA SER A 13 -0.08 -9.54 -4.67
C SER A 13 0.37 -8.75 -3.45
N GLN A 14 -0.09 -7.51 -3.36
CA GLN A 14 0.26 -6.66 -2.24
C GLN A 14 -0.99 -6.14 -1.53
N PRO A 15 -0.86 -5.76 -0.29
CA PRO A 15 -2.01 -5.26 0.52
C PRO A 15 -2.34 -3.79 0.27
N ASN A 16 -1.42 -2.90 0.60
CA ASN A 16 -1.65 -1.48 0.43
C ASN A 16 -0.82 -0.89 -0.71
N SER A 17 0.23 -1.59 -1.11
CA SER A 17 1.08 -1.10 -2.19
C SER A 17 0.88 -1.90 -3.47
N HIS A 18 1.12 -1.27 -4.60
CA HIS A 18 0.96 -1.92 -5.90
C HIS A 18 1.82 -1.24 -6.95
N PRO A 19 2.93 -1.84 -7.29
CA PRO A 19 3.87 -1.29 -8.30
C PRO A 19 3.44 -1.64 -9.73
N ILE A 20 3.71 -0.70 -10.66
CA ILE A 20 3.36 -0.90 -12.06
C ILE A 20 4.57 -0.57 -12.94
N GLN A 21 4.49 -0.94 -14.22
CA GLN A 21 5.59 -0.65 -15.13
C GLN A 21 5.03 -0.43 -16.54
N TRP A 22 5.68 0.43 -17.32
CA TRP A 22 5.22 0.69 -18.68
C TRP A 22 6.39 0.87 -19.62
N ASN A 23 6.14 0.64 -20.91
CA ASN A 23 7.18 0.81 -21.93
C ASN A 23 6.69 1.72 -23.04
N ALA A 24 7.63 2.36 -23.73
CA ALA A 24 7.28 3.27 -24.81
C ALA A 24 8.13 2.99 -26.05
N PRO A 25 7.81 3.64 -27.14
CA PRO A 25 8.57 3.48 -28.41
C PRO A 25 10.06 3.63 -28.21
N GLN A 26 10.84 3.39 -29.26
CA GLN A 26 12.29 3.50 -29.17
C GLN A 26 12.71 4.97 -29.35
N PRO A 27 12.25 5.60 -30.40
CA PRO A 27 12.57 7.02 -30.68
C PRO A 27 12.00 7.95 -29.61
N SER A 28 12.63 9.10 -29.40
CA SER A 28 12.17 10.05 -28.40
C SER A 28 10.79 10.57 -28.75
N HIS A 29 9.95 9.66 -29.21
CA HIS A 29 8.59 10.00 -29.60
C HIS A 29 7.80 10.51 -28.39
N ILE A 30 7.98 9.85 -27.25
CA ILE A 30 7.29 10.22 -26.03
C ILE A 30 8.23 10.84 -25.01
N SER A 31 7.79 11.90 -24.36
CA SER A 31 8.62 12.58 -23.39
C SER A 31 8.15 12.32 -21.95
N LYS A 32 7.04 12.92 -21.58
CA LYS A 32 6.48 12.76 -20.25
C LYS A 32 5.54 11.56 -20.14
N TYR A 33 5.52 10.94 -18.96
CA TYR A 33 4.63 9.81 -18.71
C TYR A 33 3.71 10.14 -17.54
N ILE A 34 2.40 10.05 -17.74
CA ILE A 34 1.45 10.34 -16.67
C ILE A 34 0.62 9.11 -16.34
N LEU A 35 0.46 8.84 -15.05
CA LEU A 35 -0.31 7.69 -14.61
C LEU A 35 -1.48 8.11 -13.74
N ARG A 36 -2.67 7.63 -14.10
CA ARG A 36 -3.87 7.95 -13.34
C ARG A 36 -4.65 6.68 -13.03
N TRP A 37 -5.17 6.57 -11.82
CA TRP A 37 -5.91 5.38 -11.42
C TRP A 37 -7.07 5.69 -10.49
N ARG A 38 -7.98 4.74 -10.36
CA ARG A 38 -9.13 4.89 -9.48
C ARG A 38 -9.74 3.53 -9.15
N PRO A 39 -10.14 3.32 -7.92
CA PRO A 39 -10.74 2.03 -7.49
C PRO A 39 -12.05 1.74 -8.21
N LYS A 40 -12.08 0.68 -9.00
CA LYS A 40 -13.27 0.32 -9.74
C LYS A 40 -14.48 0.36 -8.81
N ASN A 41 -15.01 1.56 -8.60
CA ASN A 41 -16.17 1.73 -7.72
C ASN A 41 -16.89 3.06 -7.99
N SER A 42 -16.21 4.02 -8.61
CA SER A 42 -16.82 5.31 -8.89
C SER A 42 -16.09 6.01 -10.04
N VAL A 43 -16.78 6.93 -10.70
CA VAL A 43 -16.19 7.67 -11.81
C VAL A 43 -16.20 9.17 -11.51
N GLY A 44 -16.17 9.50 -10.22
CA GLY A 44 -16.18 10.91 -9.80
C GLY A 44 -14.78 11.47 -9.60
N ARG A 45 -14.16 11.08 -8.49
CA ARG A 45 -12.82 11.57 -8.18
C ARG A 45 -11.82 10.41 -8.10
N TRP A 46 -10.55 10.71 -8.40
CA TRP A 46 -9.52 9.68 -8.34
C TRP A 46 -8.12 10.28 -8.21
N LYS A 47 -7.09 9.45 -8.39
CA LYS A 47 -5.71 9.93 -8.23
C LYS A 47 -4.96 9.98 -9.55
N GLU A 48 -4.03 10.92 -9.63
CA GLU A 48 -3.19 11.09 -10.81
C GLU A 48 -1.77 11.43 -10.41
N ALA A 49 -0.83 11.14 -11.30
CA ALA A 49 0.57 11.40 -11.02
C ALA A 49 1.39 11.63 -12.29
N THR A 50 2.53 12.31 -12.14
CA THR A 50 3.39 12.59 -13.27
C THR A 50 4.73 11.86 -13.09
N ILE A 51 5.21 11.24 -14.15
CA ILE A 51 6.47 10.50 -14.08
C ILE A 51 7.45 10.96 -15.16
N PRO A 52 8.62 11.40 -14.77
CA PRO A 52 9.68 11.86 -15.72
C PRO A 52 9.86 10.88 -16.87
N GLY A 53 10.30 11.41 -18.01
CA GLY A 53 10.51 10.58 -19.21
C GLY A 53 11.58 9.50 -19.00
N HIS A 54 12.48 9.71 -18.04
CA HIS A 54 13.55 8.74 -17.81
C HIS A 54 13.09 7.58 -16.94
N LEU A 55 11.97 7.75 -16.24
CA LEU A 55 11.46 6.69 -15.39
C LEU A 55 10.46 5.82 -16.18
N ASN A 56 10.56 4.51 -15.98
CA ASN A 56 9.67 3.58 -16.70
C ASN A 56 8.86 2.73 -15.72
N SER A 57 8.83 3.12 -14.45
CA SER A 57 8.06 2.38 -13.45
C SER A 57 7.56 3.31 -12.35
N TYR A 58 6.36 3.03 -11.85
CA TYR A 58 5.75 3.85 -10.80
C TYR A 58 5.59 3.03 -9.52
N THR A 59 4.86 3.62 -8.58
CA THR A 59 4.59 2.96 -7.31
C THR A 59 3.27 3.45 -6.74
N ILE A 60 2.37 2.52 -6.41
CA ILE A 60 1.07 2.91 -5.88
C ILE A 60 0.91 2.43 -4.44
N LYS A 61 0.64 3.37 -3.54
CA LYS A 61 0.45 3.04 -2.13
C LYS A 61 -0.86 3.59 -1.62
N GLY A 62 -1.33 3.08 -0.48
CA GLY A 62 -2.58 3.53 0.11
C GLY A 62 -3.76 2.77 -0.50
N LEU A 63 -3.46 1.63 -1.09
CA LEU A 63 -4.50 0.81 -1.72
C LEU A 63 -5.27 0.00 -0.68
N LYS A 64 -6.48 -0.39 -1.04
CA LYS A 64 -7.32 -1.18 -0.14
C LYS A 64 -7.26 -2.67 -0.51
N PRO A 65 -7.10 -3.52 0.46
CA PRO A 65 -7.02 -4.99 0.23
C PRO A 65 -8.36 -5.56 -0.25
N GLY A 66 -8.30 -6.54 -1.14
CA GLY A 66 -9.50 -7.16 -1.66
C GLY A 66 -10.26 -6.21 -2.56
N VAL A 67 -9.55 -5.25 -3.14
CA VAL A 67 -10.17 -4.26 -4.02
C VAL A 67 -9.44 -4.21 -5.36
N VAL A 68 -10.12 -3.71 -6.38
CA VAL A 68 -9.52 -3.61 -7.70
C VAL A 68 -9.41 -2.14 -8.14
N TYR A 69 -8.29 -1.80 -8.77
CA TYR A 69 -8.08 -0.44 -9.24
C TYR A 69 -7.81 -0.41 -10.74
N GLU A 70 -8.43 0.53 -11.43
CA GLU A 70 -8.21 0.67 -12.87
C GLU A 70 -7.19 1.78 -13.10
N GLY A 71 -6.18 1.51 -13.90
CA GLY A 71 -5.13 2.50 -14.15
C GLY A 71 -5.02 2.84 -15.63
N GLN A 72 -4.54 4.04 -15.89
CA GLN A 72 -4.37 4.50 -17.27
C GLN A 72 -3.01 5.17 -17.42
N LEU A 73 -2.36 4.93 -18.54
CA LEU A 73 -1.06 5.53 -18.78
C LEU A 73 -1.12 6.48 -19.97
N ILE A 74 -0.83 7.75 -19.71
CA ILE A 74 -0.86 8.76 -20.78
C ILE A 74 0.53 9.26 -21.07
N SER A 75 0.91 9.26 -22.34
CA SER A 75 2.24 9.72 -22.74
C SER A 75 2.14 11.02 -23.52
N ILE A 76 2.78 12.06 -23.01
CA ILE A 76 2.75 13.37 -23.68
C ILE A 76 4.04 13.64 -24.42
N GLN A 77 3.93 14.34 -25.55
CA GLN A 77 5.09 14.68 -26.35
C GLN A 77 5.42 16.15 -26.18
N GLN A 78 6.68 16.51 -26.39
CA GLN A 78 7.10 17.89 -26.25
C GLN A 78 6.04 18.83 -26.81
N TYR A 79 5.09 19.22 -25.96
CA TYR A 79 4.02 20.12 -26.37
C TYR A 79 3.51 19.73 -27.76
N GLY A 80 3.54 18.44 -28.06
CA GLY A 80 3.08 17.97 -29.36
C GLY A 80 1.84 17.10 -29.23
N HIS A 81 1.98 15.84 -29.63
CA HIS A 81 0.86 14.90 -29.58
C HIS A 81 0.68 14.31 -28.18
N GLN A 82 -0.35 13.48 -28.03
CA GLN A 82 -0.63 12.83 -26.76
C GLN A 82 -1.26 11.46 -26.99
N GLU A 83 -1.01 10.52 -26.07
CA GLU A 83 -1.55 9.17 -26.18
C GLU A 83 -2.03 8.67 -24.82
N VAL A 84 -3.12 7.89 -24.81
CA VAL A 84 -3.65 7.37 -23.56
C VAL A 84 -3.84 5.85 -23.62
N THR A 85 -3.44 5.18 -22.56
CA THR A 85 -3.57 3.72 -22.46
C THR A 85 -4.36 3.34 -21.21
N ARG A 86 -5.21 2.33 -21.32
CA ARG A 86 -6.01 1.91 -20.17
C ARG A 86 -5.69 0.47 -19.76
N PHE A 87 -5.61 0.25 -18.45
CA PHE A 87 -5.32 -1.07 -17.89
C PHE A 87 -5.95 -1.19 -16.51
N ASP A 88 -6.08 -2.41 -16.00
CA ASP A 88 -6.67 -2.61 -14.68
C ASP A 88 -5.99 -3.77 -13.95
N PHE A 89 -5.99 -3.68 -12.63
CA PHE A 89 -5.39 -4.72 -11.80
C PHE A 89 -6.15 -4.90 -10.50
N THR A 90 -5.77 -5.94 -9.75
CA THR A 90 -6.41 -6.21 -8.47
C THR A 90 -5.38 -6.13 -7.35
N THR A 91 -5.85 -5.96 -6.11
CA THR A 91 -4.93 -5.87 -4.97
C THR A 91 -5.40 -6.76 -3.83
N THR A 92 -4.53 -7.69 -3.43
CA THR A 92 -4.84 -8.60 -2.33
C THR A 92 -3.75 -8.68 -1.29
N SER A 93 -4.13 -9.19 -0.14
CA SER A 93 -3.21 -9.42 0.95
C SER A 93 -2.15 -10.45 0.57
N THR A 94 -2.57 -11.47 -0.18
CA THR A 94 -1.66 -12.56 -0.54
C THR A 94 -2.06 -13.24 -1.87
N SER A 95 -3.32 -13.67 -1.97
CA SER A 95 -3.77 -14.37 -3.17
C SER A 95 -2.91 -15.59 -3.44
N THR A 96 -3.25 -16.35 -4.48
CA THR A 96 -2.50 -17.56 -4.84
C THR A 96 -1.99 -17.46 -6.27
N PRO A 97 -0.97 -16.66 -6.51
CA PRO A 97 -0.38 -16.48 -7.87
C PRO A 97 0.15 -17.80 -8.45
N VAL A 98 0.02 -17.94 -9.76
CA VAL A 98 0.49 -19.15 -10.46
C VAL A 98 0.62 -18.86 -11.95
N THR A 99 0.43 -17.60 -12.32
CA THR A 99 0.52 -17.19 -13.71
C THR A 99 1.98 -16.93 -14.12
N SER A 100 2.20 -16.87 -15.43
CA SER A 100 3.53 -16.65 -15.99
C SER A 100 4.12 -15.30 -15.60
N ASN A 101 3.27 -14.33 -15.23
CA ASN A 101 3.76 -13.00 -14.88
C ASN A 101 4.26 -12.94 -13.44
N THR A 102 4.30 -14.10 -12.77
CA THR A 102 4.79 -14.17 -11.40
C THR A 102 6.31 -14.25 -11.37
N VAL A 103 6.90 -13.97 -10.21
CA VAL A 103 8.36 -14.00 -10.09
C VAL A 103 8.89 -15.41 -10.32
N THR A 104 9.87 -15.53 -11.21
CA THR A 104 10.46 -16.83 -11.54
C THR A 104 11.35 -17.35 -10.39
N GLY A 105 11.80 -16.45 -9.53
CA GLY A 105 12.67 -16.84 -8.42
C GLY A 105 11.86 -17.33 -7.23
N GLU A 106 12.57 -17.73 -6.18
CA GLU A 106 11.93 -18.23 -4.97
C GLU A 106 11.06 -17.16 -4.33
N THR A 107 9.92 -17.57 -3.80
CA THR A 107 9.00 -16.63 -3.13
C THR A 107 8.72 -17.09 -1.70
N THR A 108 8.69 -16.13 -0.77
CA THR A 108 8.42 -16.45 0.63
C THR A 108 6.93 -16.83 0.78
N PRO A 109 6.60 -17.83 1.58
CA PRO A 109 5.18 -18.26 1.76
C PRO A 109 4.27 -17.13 2.26
N PHE A 110 3.09 -17.04 1.66
CA PHE A 110 2.07 -16.06 2.04
C PHE A 110 0.76 -16.77 2.37
N SER A 111 -0.11 -16.13 3.16
CA SER A 111 -1.40 -16.76 3.49
C SER A 111 -2.41 -15.78 4.10
N PRO A 112 -1.98 -14.89 4.97
CA PRO A 112 -2.91 -13.93 5.66
C PRO A 112 -3.77 -13.07 4.71
N LEU A 113 -5.03 -12.87 5.10
CA LEU A 113 -5.97 -12.06 4.34
C LEU A 113 -6.16 -10.72 5.05
N VAL A 114 -6.12 -9.60 4.31
CA VAL A 114 -6.26 -8.28 4.94
C VAL A 114 -7.66 -7.71 4.69
N ALA A 115 -8.27 -7.20 5.77
CA ALA A 115 -9.62 -6.63 5.71
C ALA A 115 -9.62 -5.24 5.07
N THR A 116 -10.72 -4.91 4.40
CA THR A 116 -10.87 -3.61 3.76
C THR A 116 -11.38 -2.57 4.76
N SER A 117 -11.24 -1.29 4.41
CA SER A 117 -11.68 -0.17 5.24
C SER A 117 -10.49 0.54 5.90
N GLU A 118 -10.77 1.68 6.55
CA GLU A 118 -9.73 2.45 7.23
C GLU A 118 -9.91 2.40 8.74
N SER A 119 -8.82 2.57 9.47
CA SER A 119 -8.87 2.55 10.93
C SER A 119 -9.72 3.72 11.44
N VAL A 120 -10.23 3.59 12.66
CA VAL A 120 -11.06 4.64 13.25
C VAL A 120 -10.33 5.32 14.41
N THR A 121 -10.38 6.66 14.42
CA THR A 121 -9.70 7.43 15.46
C THR A 121 -10.40 7.30 16.82
N GLU A 122 -11.66 6.90 16.80
CA GLU A 122 -12.41 6.76 18.04
C GLU A 122 -11.71 5.80 19.01
N ILE A 123 -11.84 6.08 20.29
CA ILE A 123 -11.22 5.28 21.34
C ILE A 123 -9.73 5.09 21.09
N THR A 124 -8.93 5.60 22.02
CA THR A 124 -7.46 5.51 21.93
C THR A 124 -6.95 4.50 22.97
N ALA A 125 -7.85 3.64 23.42
CA ALA A 125 -7.50 2.64 24.42
C ALA A 125 -6.50 1.61 23.89
N SER A 126 -5.70 1.08 24.80
CA SER A 126 -4.69 0.06 24.46
C SER A 126 -3.86 0.42 23.22
N SER A 127 -3.93 1.67 22.80
CA SER A 127 -3.17 2.11 21.64
C SER A 127 -1.69 1.80 21.80
N PHE A 128 -0.95 1.92 20.70
CA PHE A 128 0.49 1.64 20.71
C PHE A 128 1.25 2.76 20.01
N VAL A 129 2.44 3.05 20.49
CA VAL A 129 3.25 4.07 19.85
C VAL A 129 4.60 3.47 19.48
N VAL A 130 4.76 3.13 18.20
CA VAL A 130 6.00 2.53 17.74
C VAL A 130 6.75 3.47 16.80
N SER A 131 8.06 3.50 16.95
CA SER A 131 8.90 4.34 16.11
C SER A 131 10.04 3.52 15.52
N TRP A 132 10.52 3.93 14.35
CA TRP A 132 11.62 3.21 13.70
C TRP A 132 12.55 4.17 12.98
N VAL A 133 13.39 3.63 12.11
CA VAL A 133 14.33 4.44 11.36
C VAL A 133 14.15 4.25 9.86
N SER A 134 14.00 5.36 9.14
CA SER A 134 13.82 5.29 7.70
C SER A 134 15.02 4.60 7.05
N ALA A 135 15.25 3.36 7.47
CA ALA A 135 16.37 2.58 6.93
C ALA A 135 16.55 2.83 5.44
N SER A 136 16.11 3.98 4.95
CA SER A 136 16.25 4.30 3.53
C SER A 136 15.63 5.65 3.22
N ASP A 137 16.41 6.50 2.55
CA ASP A 137 15.94 7.83 2.18
C ASP A 137 15.20 7.79 0.86
N THR A 138 15.28 6.64 0.19
CA THR A 138 14.61 6.47 -1.09
C THR A 138 13.17 6.01 -0.88
N VAL A 139 12.79 5.85 0.39
CA VAL A 139 11.44 5.41 0.72
C VAL A 139 10.44 6.48 0.30
N SER A 140 9.33 6.03 -0.29
CA SER A 140 8.29 6.96 -0.74
C SER A 140 7.20 7.08 0.32
N GLY A 141 7.21 6.14 1.24
CA GLY A 141 6.24 6.13 2.32
C GLY A 141 6.46 4.92 3.21
N PHE A 142 5.71 4.82 4.29
CA PHE A 142 5.84 3.70 5.20
C PHE A 142 4.52 2.97 5.36
N ARG A 143 4.58 1.68 5.65
CA ARG A 143 3.37 0.90 5.83
C ARG A 143 3.49 0.07 7.10
N VAL A 144 2.55 0.27 8.01
CA VAL A 144 2.56 -0.46 9.26
C VAL A 144 1.47 -1.53 9.26
N GLU A 145 1.82 -2.71 9.74
CA GLU A 145 0.87 -3.81 9.79
C GLU A 145 0.85 -4.42 11.19
N TYR A 146 -0.35 -4.57 11.74
CA TYR A 146 -0.49 -5.14 13.07
C TYR A 146 -1.68 -6.11 13.12
N GLU A 147 -1.45 -7.25 13.74
CA GLU A 147 -2.50 -8.26 13.86
C GLU A 147 -2.37 -8.98 15.20
N LEU A 148 -3.43 -9.64 15.63
CA LEU A 148 -3.41 -10.36 16.90
C LEU A 148 -2.53 -11.59 16.81
N SER A 149 -1.55 -11.68 17.70
CA SER A 149 -0.63 -12.81 17.73
C SER A 149 -1.34 -14.07 18.22
N GLU A 150 -2.57 -13.91 18.69
CA GLU A 150 -3.33 -15.05 19.20
C GLU A 150 -4.48 -15.42 18.27
N GLU A 151 -5.48 -14.55 18.22
CA GLU A 151 -6.65 -14.80 17.38
C GLU A 151 -6.27 -14.91 15.91
N GLY A 152 -5.28 -14.13 15.50
CA GLY A 152 -4.84 -14.16 14.10
C GLY A 152 -5.78 -13.34 13.22
N ASP A 153 -6.73 -12.65 13.85
CA ASP A 153 -7.68 -11.83 13.11
C ASP A 153 -7.07 -11.37 11.80
N GLU A 154 -7.78 -10.47 11.11
CA GLU A 154 -7.28 -9.95 9.85
C GLU A 154 -6.30 -8.82 10.10
N PRO A 155 -5.24 -8.79 9.34
CA PRO A 155 -4.18 -7.75 9.48
C PRO A 155 -4.65 -6.38 9.00
N GLN A 156 -4.17 -5.34 9.66
CA GLN A 156 -4.54 -3.98 9.29
C GLN A 156 -3.29 -3.24 8.82
N TYR A 157 -3.45 -2.35 7.85
CA TYR A 157 -2.31 -1.62 7.32
C TYR A 157 -2.51 -0.11 7.44
N LEU A 158 -1.43 0.58 7.77
CA LEU A 158 -1.47 2.03 7.89
C LEU A 158 -0.35 2.62 7.04
N ASP A 159 -0.69 3.56 6.19
CA ASP A 159 0.30 4.18 5.32
C ASP A 159 0.73 5.55 5.83
N LEU A 160 2.04 5.74 5.88
CA LEU A 160 2.61 7.00 6.34
C LEU A 160 3.61 7.52 5.31
N PRO A 161 3.87 8.80 5.32
CA PRO A 161 4.84 9.41 4.35
C PRO A 161 6.28 9.00 4.64
N SER A 162 7.12 9.12 3.62
CA SER A 162 8.53 8.76 3.76
C SER A 162 9.19 9.59 4.84
N THR A 163 8.51 10.64 5.29
CA THR A 163 9.04 11.51 6.33
C THR A 163 8.58 11.04 7.71
N ALA A 164 7.66 10.08 7.73
CA ALA A 164 7.16 9.56 9.00
C ALA A 164 8.10 8.49 9.54
N THR A 165 8.39 8.56 10.84
CA THR A 165 9.28 7.59 11.47
C THR A 165 8.67 7.07 12.77
N SER A 166 7.37 7.29 12.94
CA SER A 166 6.68 6.83 14.14
C SER A 166 5.17 6.94 13.92
N VAL A 167 4.42 6.03 14.52
CA VAL A 167 2.97 6.05 14.37
C VAL A 167 2.27 5.44 15.58
N ASN A 168 1.06 5.92 15.84
CA ASN A 168 0.27 5.42 16.96
C ASN A 168 -0.87 4.54 16.45
N ILE A 169 -0.94 3.31 16.95
CA ILE A 169 -1.98 2.38 16.54
C ILE A 169 -3.11 2.34 17.54
N PRO A 170 -4.22 2.95 17.22
CA PRO A 170 -5.41 2.99 18.11
C PRO A 170 -6.36 1.83 17.84
N ASP A 171 -7.45 1.82 18.59
CA ASP A 171 -8.48 0.78 18.44
C ASP A 171 -7.92 -0.61 18.73
N LEU A 172 -6.95 -0.68 19.65
CA LEU A 172 -6.35 -1.95 20.02
C LEU A 172 -7.17 -2.63 21.11
N LEU A 173 -7.18 -3.97 21.10
CA LEU A 173 -7.93 -4.73 22.09
C LEU A 173 -7.09 -4.99 23.33
N PRO A 174 -7.48 -4.44 24.44
CA PRO A 174 -6.76 -4.60 25.72
C PRO A 174 -6.65 -6.07 26.14
N GLY A 175 -5.51 -6.45 26.69
CA GLY A 175 -5.30 -7.83 27.12
C GLY A 175 -5.03 -8.75 25.93
N ARG A 176 -4.59 -8.15 24.82
CA ARG A 176 -4.30 -8.93 23.62
C ARG A 176 -2.89 -8.64 23.12
N LYS A 177 -2.28 -9.63 22.48
CA LYS A 177 -0.94 -9.46 21.95
C LYS A 177 -1.02 -9.19 20.45
N TYR A 178 -0.31 -8.17 20.01
CA TYR A 178 -0.32 -7.81 18.60
C TYR A 178 1.10 -7.87 18.02
N ILE A 179 1.18 -8.21 16.74
CA ILE A 179 2.47 -8.26 16.06
C ILE A 179 2.57 -7.05 15.15
N VAL A 180 3.62 -6.28 15.30
CA VAL A 180 3.79 -5.08 14.50
C VAL A 180 5.01 -5.20 13.59
N ASN A 181 4.80 -4.86 12.33
CA ASN A 181 5.88 -4.90 11.34
C ASN A 181 5.84 -3.65 10.48
N VAL A 182 6.95 -2.92 10.46
CA VAL A 182 7.02 -1.70 9.68
C VAL A 182 7.77 -1.93 8.38
N TYR A 183 7.12 -1.59 7.27
CA TYR A 183 7.74 -1.75 5.95
C TYR A 183 7.90 -0.40 5.28
N GLN A 184 9.05 -0.19 4.65
CA GLN A 184 9.28 1.07 3.96
C GLN A 184 9.04 0.86 2.48
N ILE A 185 8.33 1.80 1.86
CA ILE A 185 8.02 1.68 0.44
C ILE A 185 8.96 2.53 -0.39
N SER A 186 9.65 1.89 -1.32
CA SER A 186 10.59 2.58 -2.18
C SER A 186 9.87 3.21 -3.36
N GLU A 187 10.59 4.04 -4.11
CA GLU A 187 10.01 4.71 -5.26
C GLU A 187 9.51 3.71 -6.28
N ASP A 188 9.91 2.46 -6.14
CA ASP A 188 9.49 1.41 -7.07
C ASP A 188 8.29 0.65 -6.53
N GLY A 189 7.89 0.98 -5.29
CA GLY A 189 6.76 0.31 -4.67
C GLY A 189 7.18 -0.95 -3.94
N GLU A 190 8.49 -1.10 -3.74
CA GLU A 190 9.01 -2.27 -3.04
C GLU A 190 8.95 -2.06 -1.52
N GLN A 191 8.57 -3.10 -0.79
CA GLN A 191 8.49 -3.01 0.66
C GLN A 191 9.64 -3.77 1.31
N SER A 192 10.19 -3.21 2.39
CA SER A 192 11.29 -3.84 3.10
C SER A 192 11.07 -3.75 4.60
N LEU A 193 11.14 -4.89 5.27
CA LEU A 193 10.94 -4.91 6.71
C LEU A 193 12.10 -4.22 7.42
N ILE A 194 11.79 -3.14 8.12
CA ILE A 194 12.81 -2.38 8.84
C ILE A 194 12.66 -2.57 10.34
N LEU A 195 11.48 -2.96 10.78
CA LEU A 195 11.24 -3.15 12.20
C LEU A 195 10.07 -4.10 12.46
N SER A 196 10.32 -5.15 13.24
CA SER A 196 9.29 -6.12 13.57
C SER A 196 9.32 -6.40 15.07
N THR A 197 8.21 -6.13 15.75
CA THR A 197 8.14 -6.34 17.19
C THR A 197 6.71 -6.58 17.64
N SER A 198 6.55 -7.34 18.73
CA SER A 198 5.23 -7.63 19.26
C SER A 198 5.02 -6.91 20.59
N GLN A 199 3.76 -6.72 20.96
CA GLN A 199 3.43 -6.05 22.21
C GLN A 199 2.17 -6.64 22.83
N THR A 200 2.03 -6.45 24.13
CA THR A 200 0.87 -6.94 24.84
C THR A 200 0.15 -5.80 25.54
N THR A 201 -0.98 -5.39 24.97
CA THR A 201 -1.76 -4.29 25.54
C THR A 201 -1.95 -4.49 27.04
N SER A 1 -1.31 8.71 -30.68
CA SER A 1 -0.70 7.50 -31.27
C SER A 1 -1.48 6.27 -30.82
N GLY A 2 -0.75 5.20 -30.49
CA GLY A 2 -1.40 3.97 -30.04
C GLY A 2 -1.01 3.65 -28.60
N PRO A 3 -1.89 3.00 -27.91
CA PRO A 3 -1.70 2.61 -26.49
C PRO A 3 -0.27 2.24 -26.15
N VAL A 4 0.12 2.63 -24.95
CA VAL A 4 1.45 2.34 -24.43
C VAL A 4 1.46 0.90 -23.90
N GLU A 5 2.63 0.41 -23.50
CA GLU A 5 2.73 -0.95 -22.99
C GLU A 5 2.90 -0.96 -21.47
N VAL A 6 2.02 -1.70 -20.80
CA VAL A 6 2.06 -1.82 -19.35
C VAL A 6 1.84 -3.27 -18.92
N PHE A 7 2.53 -3.68 -17.86
CA PHE A 7 2.39 -5.06 -17.36
C PHE A 7 2.67 -5.13 -15.86
N ILE A 8 2.35 -6.27 -15.27
CA ILE A 8 2.56 -6.47 -13.83
C ILE A 8 3.70 -7.46 -13.61
N THR A 9 4.64 -7.09 -12.74
CA THR A 9 5.78 -7.95 -12.45
C THR A 9 6.15 -7.91 -10.96
N GLU A 10 6.92 -8.91 -10.51
CA GLU A 10 7.33 -8.98 -9.12
C GLU A 10 6.22 -8.48 -8.22
N THR A 11 4.98 -8.69 -8.66
CA THR A 11 3.84 -8.21 -7.89
C THR A 11 2.89 -9.36 -7.54
N PRO A 12 3.30 -10.24 -6.66
CA PRO A 12 2.47 -11.40 -6.23
C PRO A 12 1.20 -10.94 -5.51
N SER A 13 1.28 -9.78 -4.86
CA SER A 13 0.13 -9.24 -4.14
C SER A 13 0.59 -8.42 -2.95
N GLN A 14 0.13 -7.17 -2.89
CA GLN A 14 0.51 -6.28 -1.78
C GLN A 14 -0.74 -5.76 -1.07
N PRO A 15 -0.59 -5.33 0.16
CA PRO A 15 -1.71 -4.81 0.97
C PRO A 15 -2.06 -3.35 0.68
N ASN A 16 -1.12 -2.46 0.97
CA ASN A 16 -1.35 -1.03 0.77
C ASN A 16 -0.55 -0.47 -0.41
N SER A 17 0.50 -1.19 -0.80
CA SER A 17 1.34 -0.73 -1.91
C SER A 17 1.10 -1.57 -3.15
N HIS A 18 1.32 -0.96 -4.31
CA HIS A 18 1.15 -1.66 -5.58
C HIS A 18 2.00 -1.01 -6.68
N PRO A 19 3.09 -1.62 -7.02
CA PRO A 19 4.01 -1.10 -8.07
C PRO A 19 3.57 -1.47 -9.48
N ILE A 20 3.81 -0.58 -10.43
CA ILE A 20 3.45 -0.82 -11.82
C ILE A 20 4.63 -0.51 -12.73
N GLN A 21 4.54 -0.92 -13.99
CA GLN A 21 5.61 -0.65 -14.94
C GLN A 21 5.03 -0.47 -16.34
N TRP A 22 5.67 0.36 -17.15
CA TRP A 22 5.20 0.59 -18.51
C TRP A 22 6.35 0.74 -19.48
N ASN A 23 6.08 0.49 -20.76
CA ASN A 23 7.10 0.62 -21.79
C ASN A 23 6.59 1.49 -22.92
N ALA A 24 7.51 2.11 -23.65
CA ALA A 24 7.14 2.99 -24.75
C ALA A 24 7.98 2.67 -25.99
N PRO A 25 7.65 3.30 -27.09
CA PRO A 25 8.37 3.10 -28.38
C PRO A 25 9.88 3.26 -28.20
N GLN A 26 10.64 2.98 -29.26
CA GLN A 26 12.09 3.10 -29.19
C GLN A 26 12.50 4.55 -29.42
N PRO A 27 12.02 5.15 -30.48
CA PRO A 27 12.34 6.58 -30.80
C PRO A 27 11.79 7.53 -29.75
N SER A 28 12.43 8.69 -29.59
CA SER A 28 11.98 9.66 -28.61
C SER A 28 10.60 10.18 -28.96
N HIS A 29 9.74 9.25 -29.37
CA HIS A 29 8.37 9.59 -29.74
C HIS A 29 7.61 10.13 -28.53
N ILE A 30 7.82 9.50 -27.39
CA ILE A 30 7.13 9.91 -26.16
C ILE A 30 8.11 10.55 -25.18
N SER A 31 7.67 11.64 -24.54
CA SER A 31 8.52 12.34 -23.60
C SER A 31 8.08 12.12 -22.17
N LYS A 32 6.96 12.73 -21.79
CA LYS A 32 6.43 12.61 -20.43
C LYS A 32 5.50 11.41 -20.28
N TYR A 33 5.49 10.83 -19.09
CA TYR A 33 4.59 9.71 -18.79
C TYR A 33 3.70 10.07 -17.61
N ILE A 34 2.39 9.98 -17.79
CA ILE A 34 1.46 10.30 -16.71
C ILE A 34 0.64 9.08 -16.34
N LEU A 35 0.50 8.84 -15.03
CA LEU A 35 -0.27 7.69 -14.55
C LEU A 35 -1.43 8.15 -13.68
N ARG A 36 -2.62 7.66 -14.01
CA ARG A 36 -3.80 8.00 -13.23
C ARG A 36 -4.57 6.74 -12.88
N TRP A 37 -5.08 6.67 -11.64
CA TRP A 37 -5.81 5.49 -11.20
C TRP A 37 -6.95 5.84 -10.26
N ARG A 38 -7.86 4.88 -10.09
CA ARG A 38 -9.00 5.06 -9.20
C ARG A 38 -9.60 3.70 -8.82
N PRO A 39 -9.99 3.53 -7.58
CA PRO A 39 -10.58 2.26 -7.09
C PRO A 39 -11.90 1.95 -7.78
N LYS A 40 -11.94 0.86 -8.55
CA LYS A 40 -13.15 0.48 -9.26
C LYS A 40 -14.35 0.56 -8.31
N ASN A 41 -14.86 1.76 -8.12
CA ASN A 41 -16.01 1.96 -7.24
C ASN A 41 -16.74 3.28 -7.52
N SER A 42 -16.06 4.22 -8.17
CA SER A 42 -16.68 5.51 -8.49
C SER A 42 -15.97 6.17 -9.67
N VAL A 43 -16.67 7.07 -10.34
CA VAL A 43 -16.09 7.78 -11.49
C VAL A 43 -16.10 9.28 -11.22
N GLY A 44 -16.04 9.66 -9.95
CA GLY A 44 -16.06 11.07 -9.57
C GLY A 44 -14.65 11.63 -9.40
N ARG A 45 -14.01 11.29 -8.29
CA ARG A 45 -12.66 11.77 -8.02
C ARG A 45 -11.67 10.61 -7.93
N TRP A 46 -10.41 10.90 -8.25
CA TRP A 46 -9.37 9.88 -8.20
C TRP A 46 -7.97 10.49 -8.10
N LYS A 47 -6.94 9.65 -8.26
CA LYS A 47 -5.56 10.12 -8.15
C LYS A 47 -4.83 10.14 -9.49
N GLU A 48 -3.90 11.08 -9.60
CA GLU A 48 -3.09 11.21 -10.80
C GLU A 48 -1.65 11.56 -10.44
N ALA A 49 -0.73 11.24 -11.34
CA ALA A 49 0.68 11.52 -11.08
C ALA A 49 1.46 11.71 -12.38
N THR A 50 2.61 12.39 -12.26
CA THR A 50 3.46 12.64 -13.41
C THR A 50 4.80 11.92 -13.23
N ILE A 51 5.27 11.26 -14.29
CA ILE A 51 6.52 10.52 -14.21
C ILE A 51 7.49 10.95 -15.32
N PRO A 52 8.66 11.41 -14.96
CA PRO A 52 9.70 11.84 -15.94
C PRO A 52 9.88 10.82 -17.08
N GLY A 53 10.29 11.31 -18.24
CA GLY A 53 10.48 10.45 -19.40
C GLY A 53 11.55 9.39 -19.18
N HIS A 54 12.47 9.62 -18.25
CA HIS A 54 13.54 8.66 -18.02
C HIS A 54 13.09 7.52 -17.10
N LEU A 55 11.99 7.71 -16.40
CA LEU A 55 11.48 6.67 -15.50
C LEU A 55 10.49 5.78 -16.24
N ASN A 56 10.57 4.47 -16.02
CA ASN A 56 9.68 3.53 -16.68
C ASN A 56 8.87 2.71 -15.67
N SER A 57 8.87 3.14 -14.41
CA SER A 57 8.12 2.42 -13.38
C SER A 57 7.64 3.38 -12.29
N TYR A 58 6.44 3.12 -11.77
CA TYR A 58 5.87 3.96 -10.74
C TYR A 58 5.72 3.19 -9.43
N THR A 59 5.01 3.80 -8.48
CA THR A 59 4.76 3.18 -7.19
C THR A 59 3.44 3.69 -6.62
N ILE A 60 2.54 2.77 -6.26
CA ILE A 60 1.25 3.18 -5.70
C ILE A 60 1.12 2.73 -4.25
N LYS A 61 0.86 3.70 -3.37
CA LYS A 61 0.71 3.40 -1.95
C LYS A 61 -0.62 3.97 -1.43
N GLY A 62 -1.05 3.50 -0.27
CA GLY A 62 -2.29 3.97 0.32
C GLY A 62 -3.48 3.20 -0.25
N LEU A 63 -3.20 2.03 -0.82
CA LEU A 63 -4.25 1.20 -1.40
C LEU A 63 -4.99 0.42 -0.32
N LYS A 64 -6.22 0.02 -0.65
CA LYS A 64 -7.05 -0.75 0.28
C LYS A 64 -6.98 -2.23 -0.05
N PRO A 65 -6.81 -3.07 0.94
CA PRO A 65 -6.74 -4.55 0.74
C PRO A 65 -8.08 -5.13 0.31
N GLY A 66 -8.04 -6.13 -0.56
CA GLY A 66 -9.24 -6.76 -1.03
C GLY A 66 -10.03 -5.83 -1.95
N VAL A 67 -9.32 -4.90 -2.57
CA VAL A 67 -9.95 -3.95 -3.46
C VAL A 67 -9.24 -3.91 -4.81
N VAL A 68 -9.93 -3.44 -5.84
CA VAL A 68 -9.35 -3.38 -7.17
C VAL A 68 -9.26 -1.94 -7.66
N TYR A 69 -8.16 -1.61 -8.32
CA TYR A 69 -7.94 -0.26 -8.81
C TYR A 69 -7.71 -0.28 -10.32
N GLU A 70 -8.34 0.65 -11.04
CA GLU A 70 -8.14 0.75 -12.48
C GLU A 70 -7.12 1.85 -12.75
N GLY A 71 -6.12 1.56 -13.57
CA GLY A 71 -5.09 2.54 -13.87
C GLY A 71 -4.99 2.84 -15.35
N GLN A 72 -4.52 4.04 -15.67
CA GLN A 72 -4.37 4.44 -17.05
C GLN A 72 -3.02 5.11 -17.24
N LEU A 73 -2.39 4.84 -18.36
CA LEU A 73 -1.08 5.43 -18.64
C LEU A 73 -1.17 6.35 -19.86
N ILE A 74 -0.88 7.63 -19.66
CA ILE A 74 -0.92 8.60 -20.73
C ILE A 74 0.47 9.10 -21.07
N SER A 75 0.83 9.05 -22.34
CA SER A 75 2.14 9.51 -22.77
C SER A 75 2.04 10.78 -23.59
N ILE A 76 2.69 11.85 -23.12
CA ILE A 76 2.64 13.11 -23.82
C ILE A 76 3.92 13.37 -24.59
N GLN A 77 3.78 14.04 -25.74
CA GLN A 77 4.94 14.36 -26.57
C GLN A 77 5.28 15.84 -26.45
N GLN A 78 6.53 16.18 -26.69
CA GLN A 78 6.96 17.57 -26.59
C GLN A 78 5.88 18.49 -27.17
N TYR A 79 4.96 18.90 -26.31
CA TYR A 79 3.87 19.78 -26.72
C TYR A 79 3.34 19.37 -28.09
N GLY A 80 3.36 18.07 -28.36
CA GLY A 80 2.88 17.56 -29.64
C GLY A 80 1.64 16.69 -29.47
N HIS A 81 1.77 15.43 -29.84
CA HIS A 81 0.65 14.48 -29.74
C HIS A 81 0.51 13.94 -28.32
N GLN A 82 -0.52 13.11 -28.13
CA GLN A 82 -0.79 12.50 -26.83
C GLN A 82 -1.42 11.12 -27.01
N GLU A 83 -1.15 10.21 -26.06
CA GLU A 83 -1.70 8.86 -26.14
C GLU A 83 -2.16 8.40 -24.75
N VAL A 84 -3.25 7.63 -24.71
CA VAL A 84 -3.75 7.14 -23.43
C VAL A 84 -3.96 5.61 -23.45
N THR A 85 -3.53 4.97 -22.37
CA THR A 85 -3.66 3.53 -22.24
C THR A 85 -4.42 3.18 -20.96
N ARG A 86 -5.28 2.16 -21.02
CA ARG A 86 -6.07 1.77 -19.85
C ARG A 86 -5.73 0.35 -19.41
N PHE A 87 -5.64 0.17 -18.09
CA PHE A 87 -5.34 -1.14 -17.50
C PHE A 87 -5.95 -1.22 -16.10
N ASP A 88 -6.06 -2.43 -15.56
CA ASP A 88 -6.63 -2.58 -14.23
C ASP A 88 -5.95 -3.72 -13.47
N PHE A 89 -5.92 -3.61 -12.15
CA PHE A 89 -5.31 -4.62 -11.31
C PHE A 89 -6.05 -4.76 -9.99
N THR A 90 -5.65 -5.77 -9.21
CA THR A 90 -6.27 -6.01 -7.91
C THR A 90 -5.22 -5.90 -6.82
N THR A 91 -5.67 -5.70 -5.57
CA THR A 91 -4.73 -5.57 -4.46
C THR A 91 -5.18 -6.44 -3.28
N THR A 92 -4.31 -7.35 -2.86
CA THR A 92 -4.60 -8.23 -1.74
C THR A 92 -3.51 -8.21 -0.68
N SER A 93 -3.83 -8.79 0.48
CA SER A 93 -2.88 -8.84 1.57
C SER A 93 -1.64 -9.65 1.19
N THR A 94 -0.57 -9.44 1.94
CA THR A 94 0.70 -10.14 1.68
C THR A 94 0.54 -11.64 1.93
N SER A 95 -0.25 -12.00 2.92
CA SER A 95 -0.45 -13.41 3.24
C SER A 95 -1.30 -14.11 2.19
N THR A 96 -0.96 -15.36 1.89
CA THR A 96 -1.67 -16.16 0.91
C THR A 96 -2.19 -17.49 1.50
N PRO A 97 -1.48 -18.08 2.43
CA PRO A 97 -1.91 -19.38 3.04
C PRO A 97 -3.31 -19.31 3.65
N VAL A 98 -3.79 -18.11 3.92
CA VAL A 98 -5.13 -17.93 4.51
C VAL A 98 -5.96 -16.95 3.67
N THR A 99 -7.28 -17.08 3.80
CA THR A 99 -8.21 -16.22 3.06
C THR A 99 -8.59 -15.00 3.89
N SER A 100 -9.15 -13.99 3.22
CA SER A 100 -9.57 -12.77 3.90
C SER A 100 -10.87 -12.99 4.65
N ASN A 101 -11.05 -12.27 5.75
CA ASN A 101 -12.25 -12.40 6.59
C ASN A 101 -13.24 -11.28 6.29
N THR A 102 -14.52 -11.62 6.26
CA THR A 102 -15.57 -10.65 6.00
C THR A 102 -15.86 -9.82 7.25
N VAL A 103 -16.09 -8.53 7.06
CA VAL A 103 -16.38 -7.64 8.19
C VAL A 103 -17.68 -8.05 8.87
N THR A 104 -17.67 -8.02 10.20
CA THR A 104 -18.86 -8.40 10.98
C THR A 104 -19.11 -7.39 12.10
N GLY A 105 -20.34 -7.38 12.61
CA GLY A 105 -20.71 -6.45 13.68
C GLY A 105 -21.60 -7.15 14.71
N GLU A 106 -21.94 -6.42 15.77
CA GLU A 106 -22.78 -6.97 16.84
C GLU A 106 -24.17 -6.35 16.80
N THR A 107 -25.15 -7.09 17.30
CA THR A 107 -26.54 -6.62 17.33
C THR A 107 -27.07 -6.62 18.76
N THR A 108 -28.16 -5.89 18.99
CA THR A 108 -28.77 -5.81 20.32
C THR A 108 -27.73 -5.33 21.34
N PRO A 109 -27.30 -4.10 21.23
CA PRO A 109 -26.30 -3.51 22.16
C PRO A 109 -26.74 -3.64 23.63
N PHE A 110 -25.77 -3.82 24.51
CA PHE A 110 -26.04 -3.95 25.94
C PHE A 110 -25.60 -2.70 26.70
N SER A 111 -26.42 -2.26 27.65
CA SER A 111 -26.12 -1.07 28.44
C SER A 111 -26.13 -1.40 29.93
N PRO A 112 -25.14 -2.09 30.42
CA PRO A 112 -25.05 -2.46 31.87
C PRO A 112 -25.06 -1.24 32.77
N LEU A 113 -25.63 -1.40 33.97
CA LEU A 113 -25.71 -0.30 34.92
C LEU A 113 -24.56 -0.40 35.93
N VAL A 114 -23.87 0.73 36.13
CA VAL A 114 -22.74 0.77 37.06
C VAL A 114 -22.87 1.94 38.03
N ALA A 115 -22.45 1.70 39.28
CA ALA A 115 -22.55 2.73 40.33
C ALA A 115 -21.69 3.95 40.00
N THR A 116 -20.55 3.72 39.34
CA THR A 116 -19.65 4.82 39.00
C THR A 116 -19.43 4.90 37.49
N SER A 117 -18.97 6.05 37.02
CA SER A 117 -18.73 6.27 35.59
C SER A 117 -17.26 6.59 35.33
N GLU A 118 -16.78 6.21 34.15
CA GLU A 118 -15.40 6.47 33.76
C GLU A 118 -14.43 6.11 34.90
N SER A 119 -13.19 6.59 34.79
CA SER A 119 -12.16 6.33 35.78
C SER A 119 -11.65 7.62 36.40
N VAL A 120 -11.06 7.51 37.59
CA VAL A 120 -10.54 8.68 38.29
C VAL A 120 -9.49 9.38 37.43
N THR A 121 -8.68 8.59 36.73
CA THR A 121 -7.64 9.16 35.86
C THR A 121 -7.68 8.50 34.48
N GLU A 122 -7.17 9.21 33.49
CA GLU A 122 -7.17 8.70 32.11
C GLU A 122 -6.38 7.40 32.01
N ILE A 123 -6.89 6.48 31.20
CA ILE A 123 -6.24 5.19 30.97
C ILE A 123 -6.05 4.96 29.48
N THR A 124 -5.13 4.07 29.12
CA THR A 124 -4.88 3.78 27.71
C THR A 124 -5.92 2.80 27.19
N ALA A 125 -6.50 3.11 26.03
CA ALA A 125 -7.52 2.25 25.44
C ALA A 125 -6.92 0.89 25.06
N SER A 126 -5.67 0.93 24.58
CA SER A 126 -4.94 -0.27 24.15
C SER A 126 -4.06 0.08 22.95
N SER A 127 -4.12 1.34 22.55
CA SER A 127 -3.34 1.82 21.42
C SER A 127 -1.87 1.49 21.59
N PHE A 128 -1.11 1.65 20.51
CA PHE A 128 0.32 1.38 20.53
C PHE A 128 1.08 2.51 19.87
N VAL A 129 2.27 2.80 20.37
CA VAL A 129 3.10 3.83 19.76
C VAL A 129 4.44 3.24 19.39
N VAL A 130 4.62 2.94 18.11
CA VAL A 130 5.86 2.34 17.64
C VAL A 130 6.63 3.30 16.74
N SER A 131 7.94 3.33 16.91
CA SER A 131 8.79 4.21 16.11
C SER A 131 9.93 3.39 15.51
N TRP A 132 10.44 3.84 14.37
CA TRP A 132 11.53 3.13 13.70
C TRP A 132 12.48 4.11 13.02
N VAL A 133 13.33 3.60 12.14
CA VAL A 133 14.28 4.44 11.43
C VAL A 133 14.12 4.28 9.92
N SER A 134 13.96 5.41 9.23
CA SER A 134 13.82 5.38 7.78
C SER A 134 15.01 4.70 7.13
N ALA A 135 15.25 3.45 7.52
CA ALA A 135 16.38 2.69 6.98
C ALA A 135 16.58 2.97 5.49
N SER A 136 16.14 4.14 5.04
CA SER A 136 16.29 4.49 3.62
C SER A 136 15.69 5.86 3.34
N ASP A 137 16.47 6.73 2.71
CA ASP A 137 16.00 8.07 2.37
C ASP A 137 15.28 8.05 1.03
N THR A 138 15.35 6.93 0.33
CA THR A 138 14.70 6.78 -0.96
C THR A 138 13.27 6.32 -0.77
N VAL A 139 12.87 6.12 0.48
CA VAL A 139 11.52 5.67 0.79
C VAL A 139 10.51 6.75 0.38
N SER A 140 9.42 6.33 -0.23
CA SER A 140 8.39 7.26 -0.68
C SER A 140 7.28 7.36 0.37
N GLY A 141 7.28 6.39 1.27
CA GLY A 141 6.29 6.35 2.34
C GLY A 141 6.51 5.12 3.20
N PHE A 142 5.75 4.99 4.27
CA PHE A 142 5.87 3.84 5.15
C PHE A 142 4.54 3.12 5.27
N ARG A 143 4.60 1.82 5.53
CA ARG A 143 3.39 1.02 5.67
C ARG A 143 3.49 0.16 6.91
N VAL A 144 2.54 0.35 7.82
CA VAL A 144 2.53 -0.42 9.05
C VAL A 144 1.44 -1.49 9.01
N GLU A 145 1.79 -2.69 9.47
CA GLU A 145 0.84 -3.79 9.47
C GLU A 145 0.81 -4.43 10.85
N TYR A 146 -0.40 -4.60 11.38
CA TYR A 146 -0.56 -5.20 12.69
C TYR A 146 -1.74 -6.16 12.70
N GLU A 147 -1.53 -7.33 13.30
CA GLU A 147 -2.57 -8.35 13.38
C GLU A 147 -2.45 -9.09 14.70
N LEU A 148 -3.53 -9.77 15.10
CA LEU A 148 -3.52 -10.52 16.34
C LEU A 148 -2.64 -11.75 16.24
N SER A 149 -1.67 -11.86 17.14
CA SER A 149 -0.76 -12.99 17.15
C SER A 149 -1.46 -14.26 17.60
N GLU A 150 -2.70 -14.12 18.06
CA GLU A 150 -3.46 -15.28 18.53
C GLU A 150 -4.61 -15.62 17.58
N GLU A 151 -5.61 -14.75 17.53
CA GLU A 151 -6.77 -14.97 16.67
C GLU A 151 -6.36 -15.04 15.21
N GLY A 152 -5.37 -14.25 14.82
CA GLY A 152 -4.91 -14.25 13.45
C GLY A 152 -5.84 -13.41 12.56
N ASP A 153 -6.79 -12.73 13.20
CA ASP A 153 -7.74 -11.91 12.47
C ASP A 153 -7.12 -11.40 11.18
N GLU A 154 -7.82 -10.49 10.50
CA GLU A 154 -7.30 -9.93 9.26
C GLU A 154 -6.32 -8.80 9.55
N PRO A 155 -5.25 -8.76 8.82
CA PRO A 155 -4.20 -7.72 8.99
C PRO A 155 -4.66 -6.34 8.54
N GLN A 156 -4.19 -5.32 9.24
CA GLN A 156 -4.55 -3.95 8.90
C GLN A 156 -3.30 -3.19 8.46
N TYR A 157 -3.46 -2.28 7.51
CA TYR A 157 -2.30 -1.53 7.02
C TYR A 157 -2.51 -0.03 7.17
N LEU A 158 -1.43 0.66 7.53
CA LEU A 158 -1.47 2.09 7.70
C LEU A 158 -0.34 2.72 6.88
N ASP A 159 -0.68 3.68 6.05
CA ASP A 159 0.31 4.32 5.20
C ASP A 159 0.74 5.67 5.75
N LEU A 160 2.05 5.87 5.83
CA LEU A 160 2.62 7.11 6.33
C LEU A 160 3.63 7.66 5.33
N PRO A 161 3.90 8.93 5.38
CA PRO A 161 4.87 9.58 4.44
C PRO A 161 6.31 9.16 4.72
N SER A 162 7.16 9.31 3.72
CA SER A 162 8.56 8.95 3.87
C SER A 162 9.21 9.75 4.98
N THR A 163 8.52 10.78 5.45
CA THR A 163 9.05 11.63 6.52
C THR A 163 8.57 11.12 7.88
N ALA A 164 7.65 10.17 7.87
CA ALA A 164 7.13 9.60 9.11
C ALA A 164 8.06 8.52 9.64
N THR A 165 8.33 8.55 10.94
CA THR A 165 9.22 7.57 11.55
C THR A 165 8.60 7.01 12.83
N SER A 166 7.29 7.22 12.99
CA SER A 166 6.58 6.74 14.17
C SER A 166 5.08 6.85 13.94
N VAL A 167 4.32 5.93 14.50
CA VAL A 167 2.87 5.95 14.34
C VAL A 167 2.16 5.30 15.52
N ASN A 168 0.94 5.78 15.78
CA ASN A 168 0.14 5.25 16.88
C ASN A 168 -0.98 4.39 16.33
N ILE A 169 -1.07 3.14 16.79
CA ILE A 169 -2.10 2.22 16.34
C ILE A 169 -3.24 2.16 17.33
N PRO A 170 -4.35 2.77 17.02
CA PRO A 170 -5.54 2.79 17.89
C PRO A 170 -6.49 1.63 17.57
N ASP A 171 -7.60 1.60 18.30
CA ASP A 171 -8.62 0.56 18.12
C ASP A 171 -8.05 -0.84 18.38
N LEU A 172 -7.11 -0.93 19.32
CA LEU A 172 -6.51 -2.21 19.66
C LEU A 172 -7.34 -2.92 20.72
N LEU A 173 -7.35 -4.26 20.67
CA LEU A 173 -8.12 -5.04 21.62
C LEU A 173 -7.28 -5.32 22.87
N PRO A 174 -7.69 -4.80 23.99
CA PRO A 174 -6.98 -5.01 25.28
C PRO A 174 -6.88 -6.48 25.66
N GLY A 175 -5.74 -6.88 26.20
CA GLY A 175 -5.54 -8.26 26.61
C GLY A 175 -5.25 -9.16 25.40
N ARG A 176 -4.81 -8.53 24.32
CA ARG A 176 -4.50 -9.28 23.09
C ARG A 176 -3.09 -8.97 22.63
N LYS A 177 -2.47 -9.95 21.97
CA LYS A 177 -1.12 -9.76 21.45
C LYS A 177 -1.18 -9.45 19.96
N TYR A 178 -0.47 -8.41 19.56
CA TYR A 178 -0.44 -8.02 18.15
C TYR A 178 0.98 -8.07 17.60
N ILE A 179 1.07 -8.37 16.31
CA ILE A 179 2.36 -8.40 15.64
C ILE A 179 2.47 -7.17 14.76
N VAL A 180 3.53 -6.40 14.96
CA VAL A 180 3.71 -5.18 14.18
C VAL A 180 4.93 -5.28 13.28
N ASN A 181 4.75 -4.90 12.02
CA ASN A 181 5.83 -4.92 11.06
C ASN A 181 5.80 -3.65 10.22
N VAL A 182 6.91 -2.91 10.24
CA VAL A 182 7.00 -1.67 9.50
C VAL A 182 7.75 -1.87 8.20
N TYR A 183 7.13 -1.50 7.09
CA TYR A 183 7.75 -1.64 5.78
C TYR A 183 7.93 -0.26 5.15
N GLN A 184 9.08 -0.03 4.53
CA GLN A 184 9.32 1.24 3.88
C GLN A 184 9.10 1.09 2.38
N ILE A 185 8.39 2.04 1.78
CA ILE A 185 8.10 1.96 0.37
C ILE A 185 9.06 2.83 -0.43
N SER A 186 9.75 2.21 -1.37
CA SER A 186 10.71 2.92 -2.19
C SER A 186 10.00 3.58 -3.38
N GLU A 187 10.73 4.43 -4.08
CA GLU A 187 10.16 5.14 -5.23
C GLU A 187 9.67 4.16 -6.29
N ASP A 188 10.09 2.91 -6.18
CA ASP A 188 9.67 1.89 -7.13
C ASP A 188 8.47 1.11 -6.63
N GLY A 189 8.05 1.40 -5.39
CA GLY A 189 6.91 0.72 -4.81
C GLY A 189 7.33 -0.56 -4.10
N GLU A 190 8.63 -0.72 -3.87
CA GLU A 190 9.14 -1.90 -3.20
C GLU A 190 9.07 -1.73 -1.69
N GLN A 191 8.68 -2.80 -0.99
CA GLN A 191 8.58 -2.74 0.47
C GLN A 191 9.72 -3.52 1.11
N SER A 192 10.25 -2.98 2.20
CA SER A 192 11.34 -3.63 2.91
C SER A 192 11.11 -3.58 4.41
N LEU A 193 11.17 -4.74 5.05
CA LEU A 193 10.96 -4.81 6.49
C LEU A 193 12.10 -4.13 7.24
N ILE A 194 11.78 -3.06 7.96
CA ILE A 194 12.79 -2.33 8.70
C ILE A 194 12.63 -2.56 10.20
N LEU A 195 11.43 -2.96 10.62
CA LEU A 195 11.18 -3.20 12.04
C LEU A 195 10.01 -4.14 12.25
N SER A 196 10.25 -5.21 13.00
CA SER A 196 9.22 -6.19 13.29
C SER A 196 9.23 -6.51 14.79
N THR A 197 8.11 -6.26 15.46
CA THR A 197 8.02 -6.51 16.89
C THR A 197 6.58 -6.77 17.32
N SER A 198 6.42 -7.55 18.38
CA SER A 198 5.08 -7.85 18.89
C SER A 198 4.86 -7.17 20.24
N GLN A 199 3.59 -6.99 20.60
CA GLN A 199 3.25 -6.36 21.86
C GLN A 199 1.99 -6.96 22.45
N THR A 200 1.83 -6.80 23.76
CA THR A 200 0.66 -7.32 24.44
C THR A 200 -0.08 -6.20 25.15
N THR A 201 -1.19 -5.76 24.58
CA THR A 201 -1.98 -4.68 25.16
C THR A 201 -2.19 -4.93 26.66
N SER A 1 -0.96 8.90 -30.79
CA SER A 1 -0.31 7.69 -31.39
C SER A 1 -1.09 6.44 -30.97
N GLY A 2 -0.37 5.38 -30.62
CA GLY A 2 -1.01 4.14 -30.20
C GLY A 2 -0.66 3.81 -28.76
N PRO A 3 -1.56 3.14 -28.09
CA PRO A 3 -1.40 2.75 -26.67
C PRO A 3 0.03 2.38 -26.29
N VAL A 4 0.38 2.77 -25.07
CA VAL A 4 1.70 2.49 -24.51
C VAL A 4 1.71 1.06 -23.99
N GLU A 5 2.88 0.58 -23.57
CA GLU A 5 2.97 -0.78 -23.07
C GLU A 5 3.09 -0.82 -21.54
N VAL A 6 2.20 -1.57 -20.91
CA VAL A 6 2.21 -1.70 -19.45
C VAL A 6 1.99 -3.16 -19.04
N PHE A 7 2.65 -3.58 -17.96
CA PHE A 7 2.52 -4.95 -17.49
C PHE A 7 2.75 -5.03 -15.98
N ILE A 8 2.43 -6.18 -15.40
CA ILE A 8 2.59 -6.40 -13.97
C ILE A 8 3.74 -7.36 -13.72
N THR A 9 4.65 -7.00 -12.81
CA THR A 9 5.79 -7.85 -12.50
C THR A 9 6.11 -7.82 -10.99
N GLU A 10 6.88 -8.81 -10.54
CA GLU A 10 7.25 -8.89 -9.12
C GLU A 10 6.10 -8.41 -8.26
N THR A 11 4.88 -8.63 -8.74
CA THR A 11 3.70 -8.18 -8.01
C THR A 11 2.77 -9.34 -7.69
N PRO A 12 3.17 -10.22 -6.81
CA PRO A 12 2.33 -11.39 -6.41
C PRO A 12 1.04 -10.95 -5.73
N SER A 13 1.08 -9.80 -5.07
CA SER A 13 -0.10 -9.28 -4.37
C SER A 13 0.33 -8.46 -3.16
N GLN A 14 -0.16 -7.22 -3.10
CA GLN A 14 0.17 -6.34 -1.99
C GLN A 14 -1.09 -5.83 -1.30
N PRO A 15 -0.99 -5.42 -0.07
CA PRO A 15 -2.15 -4.91 0.72
C PRO A 15 -2.50 -3.46 0.42
N ASN A 16 -1.58 -2.56 0.75
CA ASN A 16 -1.83 -1.13 0.55
C ASN A 16 -1.00 -0.56 -0.59
N SER A 17 0.07 -1.26 -0.96
CA SER A 17 0.93 -0.78 -2.04
C SER A 17 0.75 -1.61 -3.30
N HIS A 18 0.99 -0.98 -4.44
CA HIS A 18 0.87 -1.67 -5.72
C HIS A 18 1.74 -1.01 -6.78
N PRO A 19 2.86 -1.60 -7.10
CA PRO A 19 3.80 -1.06 -8.11
C PRO A 19 3.40 -1.43 -9.54
N ILE A 20 3.66 -0.51 -10.47
CA ILE A 20 3.35 -0.75 -11.87
C ILE A 20 4.56 -0.42 -12.75
N GLN A 21 4.50 -0.82 -14.02
CA GLN A 21 5.60 -0.52 -14.93
C GLN A 21 5.07 -0.35 -16.35
N TRP A 22 5.72 0.50 -17.14
CA TRP A 22 5.28 0.73 -18.51
C TRP A 22 6.46 0.91 -19.44
N ASN A 23 6.22 0.66 -20.72
CA ASN A 23 7.29 0.82 -21.72
C ASN A 23 6.80 1.70 -22.86
N ALA A 24 7.73 2.33 -23.55
CA ALA A 24 7.38 3.22 -24.66
C ALA A 24 8.26 2.92 -25.88
N PRO A 25 7.96 3.55 -26.98
CA PRO A 25 8.72 3.38 -28.25
C PRO A 25 10.22 3.55 -28.03
N GLN A 26 11.01 3.29 -29.06
CA GLN A 26 12.46 3.43 -28.94
C GLN A 26 12.86 4.89 -29.15
N PRO A 27 12.41 5.50 -30.22
CA PRO A 27 12.72 6.93 -30.53
C PRO A 27 12.12 7.86 -29.48
N SER A 28 12.75 9.02 -29.28
CA SER A 28 12.26 9.98 -28.31
C SER A 28 10.87 10.48 -28.70
N HIS A 29 10.05 9.56 -29.14
CA HIS A 29 8.68 9.88 -29.55
C HIS A 29 7.87 10.40 -28.37
N ILE A 30 8.05 9.76 -27.22
CA ILE A 30 7.33 10.15 -26.01
C ILE A 30 8.27 10.79 -24.99
N SER A 31 7.80 11.87 -24.37
CA SER A 31 8.60 12.58 -23.39
C SER A 31 8.12 12.33 -21.97
N LYS A 32 6.98 12.93 -21.63
CA LYS A 32 6.42 12.79 -20.28
C LYS A 32 5.50 11.58 -20.17
N TYR A 33 5.46 10.98 -18.98
CA TYR A 33 4.57 9.85 -18.72
C TYR A 33 3.64 10.20 -17.57
N ILE A 34 2.34 10.08 -17.79
CA ILE A 34 1.37 10.39 -16.74
C ILE A 34 0.55 9.15 -16.40
N LEU A 35 0.38 8.90 -15.09
CA LEU A 35 -0.39 7.75 -14.65
C LEU A 35 -1.58 8.17 -13.81
N ARG A 36 -2.75 7.67 -14.17
CA ARG A 36 -3.97 8.00 -13.43
C ARG A 36 -4.74 6.72 -13.12
N TRP A 37 -5.28 6.64 -11.90
CA TRP A 37 -6.00 5.43 -11.49
C TRP A 37 -7.18 5.76 -10.58
N ARG A 38 -8.09 4.79 -10.45
CA ARG A 38 -9.25 4.94 -9.58
C ARG A 38 -9.84 3.58 -9.23
N PRO A 39 -10.26 3.40 -8.02
CA PRO A 39 -10.85 2.11 -7.56
C PRO A 39 -12.16 1.80 -8.29
N LYS A 40 -12.15 0.72 -9.06
CA LYS A 40 -13.34 0.32 -9.81
C LYS A 40 -14.56 0.38 -8.91
N ASN A 41 -15.10 1.57 -8.72
CA ASN A 41 -16.26 1.75 -7.86
C ASN A 41 -17.01 3.05 -8.16
N SER A 42 -16.32 4.02 -8.79
CA SER A 42 -16.95 5.29 -9.11
C SER A 42 -16.21 5.97 -10.26
N VAL A 43 -16.90 6.88 -10.95
CA VAL A 43 -16.30 7.61 -12.07
C VAL A 43 -16.34 9.10 -11.79
N GLY A 44 -16.33 9.47 -10.51
CA GLY A 44 -16.37 10.88 -10.12
C GLY A 44 -14.98 11.45 -9.91
N ARG A 45 -14.35 11.11 -8.78
CA ARG A 45 -13.02 11.60 -8.46
C ARG A 45 -12.02 10.47 -8.35
N TRP A 46 -10.76 10.77 -8.64
CA TRP A 46 -9.71 9.76 -8.56
C TRP A 46 -8.32 10.38 -8.41
N LYS A 47 -7.28 9.56 -8.55
CA LYS A 47 -5.91 10.05 -8.39
C LYS A 47 -5.13 10.09 -9.71
N GLU A 48 -4.21 11.03 -9.78
CA GLU A 48 -3.37 11.19 -10.95
C GLU A 48 -1.95 11.55 -10.54
N ALA A 49 -1.00 11.26 -11.41
CA ALA A 49 0.41 11.55 -11.12
C ALA A 49 1.22 11.76 -12.38
N THR A 50 2.36 12.45 -12.23
CA THR A 50 3.25 12.72 -13.36
C THR A 50 4.57 12.01 -13.14
N ILE A 51 5.09 11.37 -14.19
CA ILE A 51 6.35 10.64 -14.08
C ILE A 51 7.35 11.09 -15.16
N PRO A 52 8.50 11.56 -14.76
CA PRO A 52 9.56 12.02 -15.69
C PRO A 52 9.79 11.02 -16.83
N GLY A 53 10.22 11.52 -17.98
CA GLY A 53 10.46 10.68 -19.15
C GLY A 53 11.54 9.62 -18.90
N HIS A 54 12.43 9.85 -17.95
CA HIS A 54 13.51 8.90 -17.68
C HIS A 54 13.04 7.75 -16.79
N LEU A 55 11.92 7.93 -16.12
CA LEU A 55 11.39 6.87 -15.25
C LEU A 55 10.43 5.98 -16.03
N ASN A 56 10.53 4.66 -15.81
CA ASN A 56 9.66 3.72 -16.51
C ASN A 56 8.84 2.88 -15.53
N SER A 57 8.80 3.30 -14.27
CA SER A 57 8.02 2.57 -13.27
C SER A 57 7.50 3.50 -12.19
N TYR A 58 6.29 3.21 -11.71
CA TYR A 58 5.67 4.05 -10.67
C TYR A 58 5.49 3.26 -9.39
N THR A 59 4.75 3.86 -8.46
CA THR A 59 4.47 3.22 -7.18
C THR A 59 3.12 3.71 -6.64
N ILE A 60 2.23 2.78 -6.32
CA ILE A 60 0.93 3.16 -5.80
C ILE A 60 0.75 2.70 -4.36
N LYS A 61 0.46 3.66 -3.48
CA LYS A 61 0.26 3.34 -2.06
C LYS A 61 -1.09 3.90 -1.59
N GLY A 62 -1.55 3.41 -0.44
CA GLY A 62 -2.82 3.86 0.12
C GLY A 62 -3.98 3.07 -0.48
N LEU A 63 -3.67 1.92 -1.06
CA LEU A 63 -4.68 1.07 -1.68
C LEU A 63 -5.46 0.28 -0.64
N LYS A 64 -6.66 -0.13 -1.00
CA LYS A 64 -7.50 -0.91 -0.11
C LYS A 64 -7.42 -2.40 -0.44
N PRO A 65 -7.26 -3.24 0.54
CA PRO A 65 -7.16 -4.71 0.34
C PRO A 65 -8.49 -5.30 -0.14
N GLY A 66 -8.41 -6.30 -1.02
CA GLY A 66 -9.59 -6.95 -1.54
C GLY A 66 -10.36 -6.02 -2.46
N VAL A 67 -9.64 -5.07 -3.06
CA VAL A 67 -10.26 -4.11 -3.97
C VAL A 67 -9.51 -4.07 -5.28
N VAL A 68 -10.17 -3.60 -6.34
CA VAL A 68 -9.56 -3.51 -7.65
C VAL A 68 -9.47 -2.06 -8.11
N TYR A 69 -8.35 -1.71 -8.73
CA TYR A 69 -8.13 -0.35 -9.22
C TYR A 69 -7.85 -0.36 -10.72
N GLU A 70 -8.47 0.57 -11.44
CA GLU A 70 -8.24 0.67 -12.87
C GLU A 70 -7.22 1.80 -13.11
N GLY A 71 -6.19 1.51 -13.90
CA GLY A 71 -5.17 2.52 -14.15
C GLY A 71 -5.02 2.83 -15.63
N GLN A 72 -4.56 4.03 -15.93
CA GLN A 72 -4.38 4.46 -17.30
C GLN A 72 -3.03 5.14 -17.44
N LEU A 73 -2.36 4.89 -18.55
CA LEU A 73 -1.06 5.51 -18.78
C LEU A 73 -1.11 6.43 -19.99
N ILE A 74 -0.84 7.71 -19.76
CA ILE A 74 -0.87 8.69 -20.84
C ILE A 74 0.53 9.22 -21.13
N SER A 75 0.92 9.18 -22.39
CA SER A 75 2.25 9.65 -22.78
C SER A 75 2.14 10.94 -23.59
N ILE A 76 2.77 12.00 -23.09
CA ILE A 76 2.72 13.29 -23.78
C ILE A 76 4.03 13.57 -24.51
N GLN A 77 3.92 14.24 -25.66
CA GLN A 77 5.09 14.58 -26.45
C GLN A 77 5.41 16.06 -26.31
N GLN A 78 6.67 16.41 -26.50
CA GLN A 78 7.07 17.81 -26.39
C GLN A 78 6.01 18.72 -26.98
N TYR A 79 5.04 19.11 -26.14
CA TYR A 79 3.96 19.99 -26.59
C TYR A 79 3.47 19.58 -27.98
N GLY A 80 3.52 18.29 -28.26
CA GLY A 80 3.09 17.77 -29.56
C GLY A 80 1.86 16.90 -29.42
N HIS A 81 2.01 15.63 -29.80
CA HIS A 81 0.91 14.68 -29.74
C HIS A 81 0.72 14.12 -28.33
N GLN A 82 -0.30 13.28 -28.19
CA GLN A 82 -0.61 12.65 -26.90
C GLN A 82 -1.20 11.25 -27.12
N GLU A 83 -0.96 10.35 -26.16
CA GLU A 83 -1.49 8.99 -26.26
C GLU A 83 -1.98 8.51 -24.90
N VAL A 84 -3.06 7.72 -24.89
CA VAL A 84 -3.60 7.22 -23.63
C VAL A 84 -3.78 5.70 -23.68
N THR A 85 -3.38 5.05 -22.58
CA THR A 85 -3.49 3.60 -22.47
C THR A 85 -4.30 3.23 -21.22
N ARG A 86 -5.13 2.20 -21.31
CA ARG A 86 -5.95 1.79 -20.17
C ARG A 86 -5.61 0.37 -19.72
N PHE A 87 -5.56 0.18 -18.42
CA PHE A 87 -5.26 -1.13 -17.83
C PHE A 87 -5.91 -1.22 -16.46
N ASP A 88 -6.01 -2.44 -15.92
CA ASP A 88 -6.63 -2.62 -14.61
C ASP A 88 -5.95 -3.75 -13.84
N PHE A 89 -5.97 -3.65 -12.52
CA PHE A 89 -5.36 -4.66 -11.67
C PHE A 89 -6.15 -4.82 -10.37
N THR A 90 -5.76 -5.83 -9.59
CA THR A 90 -6.41 -6.11 -8.32
C THR A 90 -5.40 -5.97 -7.19
N THR A 91 -5.89 -5.80 -5.96
CA THR A 91 -4.99 -5.67 -4.81
C THR A 91 -5.47 -6.55 -3.65
N THR A 92 -4.59 -7.45 -3.22
CA THR A 92 -4.91 -8.35 -2.11
C THR A 92 -3.90 -8.36 -0.98
N SER A 93 -4.41 -8.73 0.18
CA SER A 93 -3.63 -8.88 1.41
C SER A 93 -3.97 -10.22 2.06
N THR A 94 -4.73 -11.05 1.35
CA THR A 94 -5.15 -12.34 1.89
C THR A 94 -5.95 -12.12 3.17
N SER A 95 -6.07 -10.85 3.56
CA SER A 95 -6.78 -10.46 4.77
C SER A 95 -8.28 -10.73 4.69
N THR A 96 -8.82 -10.91 3.48
CA THR A 96 -10.26 -11.10 3.34
C THR A 96 -10.62 -12.47 2.77
N PRO A 97 -10.46 -13.51 3.55
CA PRO A 97 -10.85 -14.90 3.15
C PRO A 97 -12.36 -14.97 2.97
N VAL A 98 -12.86 -15.98 2.27
CA VAL A 98 -14.32 -16.08 2.06
C VAL A 98 -14.86 -17.39 2.62
N THR A 99 -15.99 -17.28 3.29
CA THR A 99 -16.68 -18.41 3.91
C THR A 99 -18.14 -18.43 3.50
N SER A 100 -18.74 -19.62 3.40
CA SER A 100 -20.15 -19.72 3.01
C SER A 100 -20.98 -18.83 3.93
N ASN A 101 -20.57 -18.74 5.18
CA ASN A 101 -21.24 -17.91 6.19
C ASN A 101 -22.73 -18.24 6.33
N THR A 102 -23.05 -19.53 6.38
CA THR A 102 -24.44 -19.95 6.53
C THR A 102 -24.63 -20.70 7.84
N VAL A 103 -25.70 -20.37 8.56
CA VAL A 103 -26.00 -21.01 9.84
C VAL A 103 -27.36 -21.69 9.82
N THR A 104 -27.42 -22.89 10.36
CA THR A 104 -28.68 -23.65 10.41
C THR A 104 -29.02 -24.00 11.85
N GLY A 105 -30.29 -24.31 12.09
CA GLY A 105 -30.75 -24.66 13.44
C GLY A 105 -31.07 -23.41 14.25
N GLU A 106 -31.19 -23.59 15.56
CA GLU A 106 -31.50 -22.47 16.46
C GLU A 106 -30.30 -22.16 17.36
N THR A 107 -30.24 -20.92 17.85
CA THR A 107 -29.15 -20.49 18.72
C THR A 107 -29.70 -20.04 20.07
N THR A 108 -28.83 -19.99 21.08
CA THR A 108 -29.23 -19.58 22.43
C THR A 108 -28.34 -18.45 22.95
N PRO A 109 -28.59 -17.24 22.54
CA PRO A 109 -27.78 -16.07 23.01
C PRO A 109 -27.74 -15.98 24.53
N PHE A 110 -26.62 -15.50 25.08
CA PHE A 110 -26.48 -15.39 26.53
C PHE A 110 -26.61 -13.96 27.01
N SER A 111 -27.42 -13.77 28.05
CA SER A 111 -27.65 -12.45 28.62
C SER A 111 -27.87 -11.39 27.54
N PRO A 112 -28.85 -11.56 26.70
CA PRO A 112 -29.17 -10.57 25.63
C PRO A 112 -29.59 -9.23 26.22
N LEU A 113 -29.21 -8.13 25.57
CA LEU A 113 -29.58 -6.81 26.05
C LEU A 113 -30.85 -6.33 25.34
N VAL A 114 -31.77 -5.76 26.11
CA VAL A 114 -33.03 -5.28 25.53
C VAL A 114 -32.82 -4.00 24.72
N ALA A 115 -31.89 -3.16 25.17
CA ALA A 115 -31.63 -1.89 24.48
C ALA A 115 -30.20 -1.41 24.73
N THR A 116 -29.69 -0.60 23.80
CA THR A 116 -28.35 -0.04 23.91
C THR A 116 -28.44 1.48 23.86
N SER A 117 -27.65 2.17 24.69
CA SER A 117 -27.68 3.64 24.72
C SER A 117 -26.31 4.23 24.41
N GLU A 118 -26.34 5.44 23.84
CA GLU A 118 -25.12 6.16 23.50
C GLU A 118 -24.32 6.53 24.75
N SER A 119 -25.03 6.71 25.85
CA SER A 119 -24.40 7.12 27.11
C SER A 119 -23.32 6.15 27.58
N VAL A 120 -23.41 4.89 27.17
CA VAL A 120 -22.41 3.91 27.60
C VAL A 120 -21.03 4.35 27.13
N THR A 121 -20.07 4.35 28.06
CA THR A 121 -18.71 4.78 27.76
C THR A 121 -17.97 3.78 26.87
N GLU A 122 -18.29 2.49 27.01
CA GLU A 122 -17.65 1.42 26.22
C GLU A 122 -16.36 1.88 25.53
N ILE A 123 -15.48 2.56 26.28
CA ILE A 123 -14.22 3.03 25.73
C ILE A 123 -13.05 2.50 26.56
N THR A 124 -12.01 2.02 25.88
CA THR A 124 -10.84 1.48 26.57
C THR A 124 -9.55 1.93 25.87
N ALA A 125 -8.45 1.91 26.62
CA ALA A 125 -7.14 2.30 26.09
C ALA A 125 -6.27 1.07 25.84
N SER A 126 -5.49 1.10 24.77
CA SER A 126 -4.61 -0.01 24.43
C SER A 126 -3.76 0.31 23.21
N SER A 127 -3.83 1.58 22.79
CA SER A 127 -3.07 2.02 21.63
C SER A 127 -1.58 1.69 21.79
N PHE A 128 -0.86 1.82 20.69
CA PHE A 128 0.58 1.54 20.69
C PHE A 128 1.34 2.65 19.99
N VAL A 129 2.53 2.95 20.46
CA VAL A 129 3.36 3.97 19.82
C VAL A 129 4.69 3.36 19.44
N VAL A 130 4.84 3.03 18.16
CA VAL A 130 6.08 2.42 17.69
C VAL A 130 6.83 3.36 16.75
N SER A 131 8.14 3.39 16.89
CA SER A 131 8.98 4.23 16.06
C SER A 131 10.11 3.40 15.45
N TRP A 132 10.60 3.82 14.29
CA TRP A 132 11.68 3.09 13.63
C TRP A 132 12.62 4.06 12.92
N VAL A 133 13.45 3.52 12.03
CA VAL A 133 14.39 4.33 11.28
C VAL A 133 14.21 4.15 9.79
N SER A 134 14.05 5.26 9.07
CA SER A 134 13.86 5.20 7.62
C SER A 134 15.05 4.50 6.96
N ALA A 135 15.29 3.26 7.38
CA ALA A 135 16.39 2.48 6.84
C ALA A 135 16.58 2.73 5.34
N SER A 136 16.14 3.88 4.87
CA SER A 136 16.27 4.21 3.45
C SER A 136 15.67 5.58 3.14
N ASP A 137 16.44 6.42 2.48
CA ASP A 137 15.98 7.76 2.12
C ASP A 137 15.22 7.71 0.79
N THR A 138 15.29 6.58 0.12
CA THR A 138 14.62 6.41 -1.16
C THR A 138 13.18 5.95 -0.94
N VAL A 139 12.81 5.78 0.33
CA VAL A 139 11.46 5.35 0.67
C VAL A 139 10.45 6.42 0.25
N SER A 140 9.35 5.99 -0.33
CA SER A 140 8.30 6.92 -0.78
C SER A 140 7.22 7.04 0.29
N GLY A 141 7.23 6.11 1.21
CA GLY A 141 6.26 6.09 2.30
C GLY A 141 6.49 4.87 3.17
N PHE A 142 5.74 4.77 4.26
CA PHE A 142 5.87 3.64 5.15
C PHE A 142 4.54 2.93 5.33
N ARG A 143 4.61 1.64 5.60
CA ARG A 143 3.40 0.85 5.79
C ARG A 143 3.51 0.01 7.05
N VAL A 144 2.58 0.22 7.97
CA VAL A 144 2.59 -0.51 9.21
C VAL A 144 1.49 -1.59 9.22
N GLU A 145 1.85 -2.77 9.69
CA GLU A 145 0.89 -3.86 9.74
C GLU A 145 0.87 -4.48 11.13
N TYR A 146 -0.32 -4.63 11.68
CA TYR A 146 -0.47 -5.20 13.02
C TYR A 146 -1.65 -6.16 13.07
N GLU A 147 -1.43 -7.32 13.69
CA GLU A 147 -2.48 -8.32 13.80
C GLU A 147 -2.34 -9.05 15.14
N LEU A 148 -3.41 -9.71 15.57
CA LEU A 148 -3.38 -10.42 16.84
C LEU A 148 -2.50 -11.67 16.74
N SER A 149 -1.53 -11.76 17.63
CA SER A 149 -0.61 -12.89 17.65
C SER A 149 -1.31 -14.15 18.14
N GLU A 150 -2.55 -14.00 18.61
CA GLU A 150 -3.30 -15.13 19.12
C GLU A 150 -4.46 -15.49 18.20
N GLU A 151 -5.46 -14.62 18.15
CA GLU A 151 -6.63 -14.85 17.31
C GLU A 151 -6.26 -14.97 15.84
N GLY A 152 -5.27 -14.19 15.43
CA GLY A 152 -4.84 -14.21 14.04
C GLY A 152 -5.78 -13.40 13.16
N ASP A 153 -6.72 -12.70 13.79
CA ASP A 153 -7.68 -11.88 13.06
C ASP A 153 -7.07 -11.40 11.75
N GLU A 154 -7.77 -10.51 11.07
CA GLU A 154 -7.29 -9.98 9.80
C GLU A 154 -6.29 -8.86 10.05
N PRO A 155 -5.23 -8.82 9.30
CA PRO A 155 -4.18 -7.79 9.44
C PRO A 155 -4.64 -6.42 8.96
N GLN A 156 -4.15 -5.37 9.63
CA GLN A 156 -4.51 -4.01 9.27
C GLN A 156 -3.27 -3.28 8.79
N TYR A 157 -3.44 -2.38 7.82
CA TYR A 157 -2.29 -1.65 7.29
C TYR A 157 -2.49 -0.15 7.41
N LEU A 158 -1.41 0.54 7.74
CA LEU A 158 -1.43 1.99 7.87
C LEU A 158 -0.32 2.58 7.02
N ASP A 159 -0.66 3.53 6.17
CA ASP A 159 0.33 4.15 5.30
C ASP A 159 0.77 5.51 5.81
N LEU A 160 2.08 5.70 5.87
CA LEU A 160 2.66 6.95 6.33
C LEU A 160 3.65 7.48 5.30
N PRO A 161 3.92 8.75 5.31
CA PRO A 161 4.88 9.36 4.35
C PRO A 161 6.32 8.95 4.62
N SER A 162 7.16 9.07 3.60
CA SER A 162 8.57 8.70 3.72
C SER A 162 9.25 9.53 4.81
N THR A 163 8.56 10.58 5.27
CA THR A 163 9.10 11.44 6.31
C THR A 163 8.65 10.97 7.69
N ALA A 164 7.72 10.01 7.72
CA ALA A 164 7.23 9.48 8.98
C ALA A 164 8.17 8.41 9.52
N THR A 165 8.45 8.47 10.81
CA THR A 165 9.35 7.50 11.43
C THR A 165 8.75 6.97 12.73
N SER A 166 7.45 7.19 12.91
CA SER A 166 6.75 6.74 14.11
C SER A 166 5.25 6.85 13.89
N VAL A 167 4.49 5.94 14.50
CA VAL A 167 3.04 5.96 14.35
C VAL A 167 2.35 5.35 15.56
N ASN A 168 1.14 5.84 15.84
CA ASN A 168 0.36 5.33 16.96
C ASN A 168 -0.79 4.46 16.44
N ILE A 169 -0.86 3.23 16.94
CA ILE A 169 -1.91 2.31 16.52
C ILE A 169 -3.03 2.26 17.54
N PRO A 170 -4.14 2.88 17.22
CA PRO A 170 -5.32 2.92 18.12
C PRO A 170 -6.28 1.76 17.85
N ASP A 171 -7.37 1.74 18.59
CA ASP A 171 -8.40 0.71 18.45
C ASP A 171 -7.84 -0.67 18.74
N LEU A 172 -6.87 -0.75 19.66
CA LEU A 172 -6.28 -2.03 20.00
C LEU A 172 -7.10 -2.72 21.09
N LEU A 173 -7.11 -4.05 21.08
CA LEU A 173 -7.86 -4.81 22.07
C LEU A 173 -7.01 -5.08 23.30
N PRO A 174 -7.40 -4.53 24.42
CA PRO A 174 -6.67 -4.70 25.71
C PRO A 174 -6.57 -6.17 26.12
N GLY A 175 -5.42 -6.56 26.64
CA GLY A 175 -5.21 -7.94 27.08
C GLY A 175 -4.95 -8.85 25.89
N ARG A 176 -4.52 -8.26 24.77
CA ARG A 176 -4.24 -9.04 23.58
C ARG A 176 -2.83 -8.74 23.07
N LYS A 177 -2.22 -9.73 22.42
CA LYS A 177 -0.89 -9.56 21.88
C LYS A 177 -0.97 -9.28 20.39
N TYR A 178 -0.26 -8.26 19.94
CA TYR A 178 -0.27 -7.89 18.54
C TYR A 178 1.14 -7.97 17.95
N ILE A 179 1.22 -8.30 16.67
CA ILE A 179 2.51 -8.35 15.98
C ILE A 179 2.60 -7.14 15.07
N VAL A 180 3.67 -6.37 15.23
CA VAL A 180 3.83 -5.17 14.43
C VAL A 180 5.04 -5.30 13.51
N ASN A 181 4.83 -4.93 12.24
CA ASN A 181 5.90 -4.99 11.26
C ASN A 181 5.86 -3.73 10.41
N VAL A 182 6.98 -3.00 10.39
CA VAL A 182 7.05 -1.78 9.61
C VAL A 182 7.79 -2.00 8.30
N TYR A 183 7.14 -1.66 7.20
CA TYR A 183 7.75 -1.82 5.88
C TYR A 183 7.91 -0.47 5.22
N GLN A 184 9.06 -0.25 4.58
CA GLN A 184 9.29 1.01 3.90
C GLN A 184 9.05 0.81 2.40
N ILE A 185 8.33 1.75 1.79
CA ILE A 185 8.02 1.64 0.38
C ILE A 185 8.97 2.49 -0.45
N SER A 186 9.64 1.84 -1.38
CA SER A 186 10.58 2.53 -2.24
C SER A 186 9.86 3.18 -3.43
N GLU A 187 10.58 4.01 -4.16
CA GLU A 187 9.99 4.69 -5.31
C GLU A 187 9.48 3.69 -6.34
N ASP A 188 9.89 2.43 -6.21
CA ASP A 188 9.46 1.40 -7.14
C ASP A 188 8.25 0.64 -6.59
N GLY A 189 7.86 0.96 -5.37
CA GLY A 189 6.72 0.30 -4.74
C GLY A 189 7.15 -0.97 -4.01
N GLU A 190 8.46 -1.13 -3.80
CA GLU A 190 8.98 -2.30 -3.12
C GLU A 190 8.93 -2.10 -1.60
N GLN A 191 8.55 -3.14 -0.88
CA GLN A 191 8.48 -3.05 0.58
C GLN A 191 9.62 -3.82 1.22
N SER A 192 10.18 -3.26 2.29
CA SER A 192 11.28 -3.91 3.00
C SER A 192 11.07 -3.82 4.50
N LEU A 193 11.14 -4.97 5.16
CA LEU A 193 10.95 -5.00 6.60
C LEU A 193 12.11 -4.31 7.31
N ILE A 194 11.80 -3.22 8.02
CA ILE A 194 12.83 -2.48 8.74
C ILE A 194 12.70 -2.67 10.24
N LEU A 195 11.50 -3.05 10.68
CA LEU A 195 11.28 -3.26 12.12
C LEU A 195 10.10 -4.20 12.36
N SER A 196 10.36 -5.26 13.13
CA SER A 196 9.32 -6.23 13.46
C SER A 196 9.36 -6.51 14.97
N THR A 197 8.24 -6.24 15.65
CA THR A 197 8.19 -6.46 17.09
C THR A 197 6.76 -6.70 17.55
N SER A 198 6.60 -7.45 18.63
CA SER A 198 5.28 -7.74 19.17
C SER A 198 5.08 -7.03 20.50
N GLN A 199 3.83 -6.84 20.88
CA GLN A 199 3.51 -6.17 22.14
C GLN A 199 2.25 -6.76 22.76
N THR A 200 2.12 -6.57 24.07
CA THR A 200 0.95 -7.07 24.78
C THR A 200 0.23 -5.92 25.48
N THR A 201 -0.89 -5.50 24.92
CA THR A 201 -1.66 -4.40 25.50
C THR A 201 -1.85 -4.62 26.99
N SER A 1 -1.83 7.77 -31.54
CA SER A 1 -1.14 6.57 -32.08
C SER A 1 -1.83 5.32 -31.53
N GLY A 2 -1.04 4.32 -31.15
CA GLY A 2 -1.60 3.09 -30.61
C GLY A 2 -1.17 2.88 -29.16
N PRO A 3 -2.00 2.22 -28.41
CA PRO A 3 -1.76 1.93 -26.97
C PRO A 3 -0.30 1.67 -26.63
N VAL A 4 0.07 2.17 -25.46
CA VAL A 4 1.43 1.99 -24.94
C VAL A 4 1.54 0.60 -24.33
N GLU A 5 2.74 0.21 -23.92
CA GLU A 5 2.93 -1.10 -23.33
C GLU A 5 3.13 -1.02 -21.82
N VAL A 6 2.30 -1.76 -21.09
CA VAL A 6 2.37 -1.79 -19.63
C VAL A 6 2.25 -3.22 -19.11
N PHE A 7 2.97 -3.51 -18.03
CA PHE A 7 2.93 -4.86 -17.45
C PHE A 7 3.23 -4.82 -15.96
N ILE A 8 2.99 -5.94 -15.29
CA ILE A 8 3.23 -6.04 -13.85
C ILE A 8 4.44 -6.93 -13.58
N THR A 9 5.36 -6.45 -12.75
CA THR A 9 6.56 -7.23 -12.42
C THR A 9 6.95 -7.07 -10.95
N GLU A 10 7.78 -7.99 -10.45
CA GLU A 10 8.21 -7.94 -9.06
C GLU A 10 7.08 -7.44 -8.18
N THR A 11 5.85 -7.77 -8.58
CA THR A 11 4.68 -7.32 -7.83
C THR A 11 3.82 -8.50 -7.38
N PRO A 12 4.31 -9.28 -6.47
CA PRO A 12 3.56 -10.47 -5.95
C PRO A 12 2.26 -10.04 -5.24
N SER A 13 2.28 -8.85 -4.66
CA SER A 13 1.11 -8.34 -3.96
C SER A 13 1.53 -7.41 -2.83
N GLN A 14 0.99 -6.19 -2.83
CA GLN A 14 1.33 -5.21 -1.80
C GLN A 14 0.06 -4.72 -1.11
N PRO A 15 0.20 -4.21 0.09
CA PRO A 15 -0.95 -3.72 0.89
C PRO A 15 -1.39 -2.29 0.52
N ASN A 16 -0.51 -1.34 0.74
CA ASN A 16 -0.85 0.06 0.44
C ASN A 16 -0.08 0.58 -0.77
N SER A 17 1.00 -0.08 -1.14
CA SER A 17 1.78 0.36 -2.29
C SER A 17 1.60 -0.58 -3.47
N HIS A 18 1.76 -0.02 -4.67
CA HIS A 18 1.62 -0.81 -5.89
C HIS A 18 2.41 -0.18 -7.03
N PRO A 19 3.54 -0.73 -7.36
CA PRO A 19 4.41 -0.23 -8.45
C PRO A 19 3.97 -0.72 -9.83
N ILE A 20 4.15 0.13 -10.84
CA ILE A 20 3.78 -0.22 -12.21
C ILE A 20 4.93 0.10 -13.15
N GLN A 21 4.85 -0.39 -14.39
CA GLN A 21 5.90 -0.11 -15.36
C GLN A 21 5.29 -0.08 -16.77
N TRP A 22 5.86 0.76 -17.64
CA TRP A 22 5.35 0.86 -19.00
C TRP A 22 6.48 1.03 -20.00
N ASN A 23 6.21 0.68 -21.25
CA ASN A 23 7.21 0.81 -22.30
C ASN A 23 6.63 1.58 -23.48
N ALA A 24 7.50 2.20 -24.26
CA ALA A 24 7.07 2.98 -25.42
C ALA A 24 7.90 2.64 -26.64
N PRO A 25 7.51 3.17 -27.77
CA PRO A 25 8.24 2.94 -29.06
C PRO A 25 9.74 3.20 -28.91
N GLN A 26 10.49 2.90 -29.97
CA GLN A 26 11.93 3.12 -29.93
C GLN A 26 12.26 4.58 -30.26
N PRO A 27 11.72 5.08 -31.34
CA PRO A 27 11.94 6.50 -31.76
C PRO A 27 11.34 7.48 -30.76
N SER A 28 11.91 8.68 -30.68
CA SER A 28 11.42 9.69 -29.76
C SER A 28 9.99 10.09 -30.12
N HIS A 29 9.20 9.09 -30.46
CA HIS A 29 7.80 9.32 -30.82
C HIS A 29 7.02 9.89 -29.64
N ILE A 30 7.28 9.35 -28.46
CA ILE A 30 6.59 9.78 -27.25
C ILE A 30 7.54 10.54 -26.32
N SER A 31 7.04 11.63 -25.76
CA SER A 31 7.85 12.45 -24.87
C SER A 31 7.44 12.30 -23.41
N LYS A 32 6.30 12.86 -23.07
CA LYS A 32 5.79 12.79 -21.69
C LYS A 32 4.94 11.55 -21.44
N TYR A 33 4.98 11.05 -20.22
CA TYR A 33 4.17 9.89 -19.85
C TYR A 33 3.27 10.27 -18.67
N ILE A 34 1.96 10.08 -18.83
CA ILE A 34 1.02 10.41 -17.75
C ILE A 34 0.29 9.17 -17.28
N LEU A 35 0.18 9.01 -15.97
CA LEU A 35 -0.51 7.86 -15.40
C LEU A 35 -1.69 8.28 -14.54
N ARG A 36 -2.84 7.70 -14.82
CA ARG A 36 -4.04 8.02 -14.04
C ARG A 36 -4.73 6.74 -13.60
N TRP A 37 -5.21 6.71 -12.36
CA TRP A 37 -5.85 5.51 -11.84
C TRP A 37 -7.01 5.84 -10.89
N ARG A 38 -7.85 4.84 -10.64
CA ARG A 38 -8.98 5.01 -9.75
C ARG A 38 -9.49 3.64 -9.28
N PRO A 39 -9.85 3.54 -8.02
CA PRO A 39 -10.36 2.25 -7.44
C PRO A 39 -11.67 1.82 -8.09
N LYS A 40 -11.64 0.69 -8.79
CA LYS A 40 -12.83 0.19 -9.45
C LYS A 40 -14.02 0.25 -8.50
N ASN A 41 -14.61 1.42 -8.37
CA ASN A 41 -15.75 1.60 -7.48
C ASN A 41 -16.56 2.86 -7.84
N SER A 42 -15.96 3.80 -8.56
CA SER A 42 -16.66 5.01 -8.95
C SER A 42 -16.01 5.64 -10.17
N VAL A 43 -16.78 6.46 -10.90
CA VAL A 43 -16.27 7.13 -12.08
C VAL A 43 -16.36 8.64 -11.91
N GLY A 44 -16.31 9.09 -10.66
CA GLY A 44 -16.42 10.52 -10.38
C GLY A 44 -15.05 11.18 -10.27
N ARG A 45 -14.37 10.96 -9.15
CA ARG A 45 -13.05 11.54 -8.93
C ARG A 45 -11.99 10.46 -8.78
N TRP A 46 -10.75 10.80 -9.15
CA TRP A 46 -9.65 9.85 -9.04
C TRP A 46 -8.29 10.55 -9.01
N LYS A 47 -7.21 9.77 -9.14
CA LYS A 47 -5.87 10.34 -9.07
C LYS A 47 -5.15 10.32 -10.42
N GLU A 48 -4.28 11.30 -10.61
CA GLU A 48 -3.50 11.41 -11.83
C GLU A 48 -2.08 11.87 -11.51
N ALA A 49 -1.15 11.56 -12.40
CA ALA A 49 0.25 11.94 -12.19
C ALA A 49 1.00 12.10 -13.50
N THR A 50 2.09 12.85 -13.45
CA THR A 50 2.92 13.08 -14.63
C THR A 50 4.29 12.45 -14.43
N ILE A 51 4.80 11.76 -15.45
CA ILE A 51 6.10 11.11 -15.36
C ILE A 51 7.01 11.53 -16.51
N PRO A 52 8.16 12.08 -16.18
CA PRO A 52 9.16 12.52 -17.22
C PRO A 52 9.38 11.43 -18.28
N GLY A 53 9.75 11.88 -19.48
CA GLY A 53 9.98 10.97 -20.59
C GLY A 53 11.12 9.99 -20.33
N HIS A 54 12.03 10.34 -19.42
CA HIS A 54 13.17 9.46 -19.14
C HIS A 54 12.81 8.35 -18.16
N LEU A 55 11.70 8.52 -17.45
CA LEU A 55 11.27 7.50 -16.49
C LEU A 55 10.33 6.51 -17.15
N ASN A 56 10.50 5.22 -16.84
CA ASN A 56 9.66 4.19 -17.43
C ASN A 56 8.92 3.39 -16.36
N SER A 57 8.91 3.89 -15.13
CA SER A 57 8.22 3.20 -14.04
C SER A 57 7.69 4.19 -13.01
N TYR A 58 6.51 3.89 -12.45
CA TYR A 58 5.90 4.76 -11.46
C TYR A 58 5.82 4.07 -10.11
N THR A 59 5.08 4.68 -9.20
CA THR A 59 4.89 4.13 -7.87
C THR A 59 3.55 4.59 -7.30
N ILE A 60 2.72 3.64 -6.86
CA ILE A 60 1.42 4.01 -6.32
C ILE A 60 1.32 3.64 -4.84
N LYS A 61 1.02 4.64 -4.01
CA LYS A 61 0.90 4.43 -2.57
C LYS A 61 -0.45 4.96 -2.08
N GLY A 62 -0.83 4.53 -0.88
CA GLY A 62 -2.10 4.95 -0.30
C GLY A 62 -3.25 4.07 -0.79
N LEU A 63 -2.89 2.90 -1.29
CA LEU A 63 -3.89 1.96 -1.80
C LEU A 63 -4.58 1.20 -0.67
N LYS A 64 -5.78 0.70 -0.96
CA LYS A 64 -6.54 -0.04 0.04
C LYS A 64 -6.39 -1.55 -0.20
N PRO A 65 -6.15 -2.30 0.84
CA PRO A 65 -5.98 -3.78 0.74
C PRO A 65 -7.28 -4.47 0.36
N GLY A 66 -7.19 -5.53 -0.45
CA GLY A 66 -8.36 -6.27 -0.86
C GLY A 66 -9.22 -5.44 -1.82
N VAL A 67 -8.58 -4.51 -2.50
CA VAL A 67 -9.29 -3.65 -3.45
C VAL A 67 -8.59 -3.66 -4.81
N VAL A 68 -9.33 -3.30 -5.86
CA VAL A 68 -8.77 -3.28 -7.19
C VAL A 68 -8.77 -1.87 -7.76
N TYR A 69 -7.70 -1.52 -8.46
CA TYR A 69 -7.59 -0.19 -9.06
C TYR A 69 -7.37 -0.30 -10.56
N GLU A 70 -8.06 0.54 -11.32
CA GLU A 70 -7.89 0.56 -12.77
C GLU A 70 -6.95 1.71 -13.13
N GLY A 71 -5.94 1.42 -13.93
CA GLY A 71 -4.97 2.45 -14.31
C GLY A 71 -4.92 2.66 -15.81
N GLN A 72 -4.54 3.86 -16.21
CA GLN A 72 -4.42 4.19 -17.63
C GLN A 72 -3.12 4.93 -17.87
N LEU A 73 -2.49 4.63 -18.99
CA LEU A 73 -1.23 5.29 -19.33
C LEU A 73 -1.39 6.12 -20.60
N ILE A 74 -1.17 7.42 -20.48
CA ILE A 74 -1.30 8.31 -21.62
C ILE A 74 0.06 8.88 -22.00
N SER A 75 0.40 8.77 -23.28
CA SER A 75 1.68 9.27 -23.76
C SER A 75 1.48 10.49 -24.65
N ILE A 76 2.06 11.62 -24.26
CA ILE A 76 1.93 12.84 -25.04
C ILE A 76 3.19 13.13 -25.85
N GLN A 77 2.99 13.72 -27.02
CA GLN A 77 4.11 14.05 -27.89
C GLN A 77 4.35 15.55 -27.88
N GLN A 78 5.58 15.96 -28.16
CA GLN A 78 5.92 17.38 -28.16
C GLN A 78 4.78 18.19 -28.77
N TYR A 79 3.84 18.59 -27.92
CA TYR A 79 2.69 19.38 -28.37
C TYR A 79 2.16 18.84 -29.71
N GLY A 80 2.29 17.53 -29.90
CA GLY A 80 1.81 16.92 -31.14
C GLY A 80 0.64 15.98 -30.88
N HIS A 81 0.84 14.70 -31.17
CA HIS A 81 -0.21 13.71 -30.99
C HIS A 81 -0.32 13.24 -29.54
N GLN A 82 -1.28 12.37 -29.28
CA GLN A 82 -1.49 11.82 -27.94
C GLN A 82 -2.03 10.39 -28.03
N GLU A 83 -1.70 9.57 -27.04
CA GLU A 83 -2.16 8.18 -27.01
C GLU A 83 -2.57 7.78 -25.60
N VAL A 84 -3.60 6.94 -25.49
CA VAL A 84 -4.07 6.51 -24.18
C VAL A 84 -4.17 4.98 -24.09
N THR A 85 -3.69 4.43 -22.98
CA THR A 85 -3.72 2.99 -22.75
C THR A 85 -4.45 2.68 -21.44
N ARG A 86 -5.24 1.61 -21.42
CA ARG A 86 -5.98 1.24 -20.22
C ARG A 86 -5.55 -0.12 -19.70
N PHE A 87 -5.43 -0.21 -18.37
CA PHE A 87 -5.04 -1.46 -17.71
C PHE A 87 -5.62 -1.48 -16.30
N ASP A 88 -5.65 -2.66 -15.68
CA ASP A 88 -6.19 -2.77 -14.33
C ASP A 88 -5.43 -3.81 -13.52
N PHE A 89 -5.40 -3.61 -12.20
CA PHE A 89 -4.71 -4.53 -11.31
C PHE A 89 -5.41 -4.64 -9.97
N THR A 90 -4.95 -5.56 -9.15
CA THR A 90 -5.53 -5.77 -7.82
C THR A 90 -4.48 -5.51 -6.75
N THR A 91 -4.92 -5.27 -5.52
CA THR A 91 -3.99 -5.01 -4.43
C THR A 91 -4.36 -5.83 -3.19
N THR A 92 -3.42 -6.65 -2.73
CA THR A 92 -3.65 -7.48 -1.55
C THR A 92 -2.55 -7.31 -0.52
N SER A 93 -2.85 -7.70 0.72
CA SER A 93 -1.88 -7.64 1.82
C SER A 93 -1.67 -9.03 2.42
N THR A 94 -0.40 -9.37 2.67
CA THR A 94 -0.07 -10.66 3.27
C THR A 94 0.88 -10.46 4.46
N SER A 95 0.60 -11.13 5.56
CA SER A 95 1.47 -11.01 6.74
C SER A 95 2.85 -11.57 6.43
N THR A 96 2.86 -12.56 5.53
CA THR A 96 4.07 -13.25 5.06
C THR A 96 4.11 -14.70 5.60
N PRO A 97 4.44 -14.95 6.85
CA PRO A 97 4.48 -16.36 7.38
C PRO A 97 3.08 -16.97 7.41
N VAL A 98 2.98 -18.27 7.14
CA VAL A 98 1.68 -18.95 7.17
C VAL A 98 1.76 -20.21 8.03
N THR A 99 0.64 -20.57 8.65
CA THR A 99 0.58 -21.75 9.49
C THR A 99 -0.74 -22.49 9.29
N SER A 100 -0.76 -23.78 9.63
CA SER A 100 -1.97 -24.57 9.51
C SER A 100 -3.02 -24.07 10.49
N ASN A 101 -4.29 -24.34 10.21
CA ASN A 101 -5.38 -23.90 11.09
C ASN A 101 -5.85 -25.05 11.98
N THR A 102 -5.89 -24.81 13.28
CA THR A 102 -6.32 -25.82 14.23
C THR A 102 -7.82 -26.07 14.13
N VAL A 103 -8.55 -25.09 13.57
CA VAL A 103 -10.01 -25.20 13.44
C VAL A 103 -10.44 -24.86 12.02
N THR A 104 -11.44 -25.59 11.52
CA THR A 104 -11.97 -25.37 10.18
C THR A 104 -13.47 -25.13 10.22
N GLY A 105 -13.95 -24.19 9.41
CA GLY A 105 -15.38 -23.88 9.37
C GLY A 105 -15.62 -22.37 9.46
N GLU A 106 -16.61 -21.89 8.70
CA GLU A 106 -16.93 -20.47 8.70
C GLU A 106 -17.39 -20.01 10.08
N THR A 107 -18.06 -20.91 10.81
CA THR A 107 -18.55 -20.58 12.14
C THR A 107 -17.39 -20.37 13.10
N THR A 108 -16.25 -20.98 12.80
CA THR A 108 -15.07 -20.84 13.64
C THR A 108 -15.39 -21.23 15.09
N PRO A 109 -15.69 -22.48 15.35
CA PRO A 109 -16.01 -22.94 16.73
C PRO A 109 -14.88 -22.63 17.70
N PHE A 110 -15.23 -22.39 18.96
CA PHE A 110 -14.24 -22.06 19.98
C PHE A 110 -13.95 -23.25 20.88
N SER A 111 -12.67 -23.49 21.12
CA SER A 111 -12.24 -24.60 21.97
C SER A 111 -12.60 -24.34 23.43
N PRO A 112 -12.70 -25.37 24.24
CA PRO A 112 -13.04 -25.22 25.69
C PRO A 112 -12.11 -24.25 26.40
N LEU A 113 -12.62 -23.59 27.44
CA LEU A 113 -11.84 -22.62 28.19
C LEU A 113 -11.35 -21.49 27.27
N VAL A 114 -11.19 -20.30 27.84
CA VAL A 114 -10.75 -19.14 27.05
C VAL A 114 -9.57 -18.45 27.74
N ALA A 115 -8.82 -17.67 26.95
CA ALA A 115 -7.66 -16.94 27.45
C ALA A 115 -7.05 -17.60 28.68
N THR A 116 -6.07 -18.46 28.45
CA THR A 116 -5.39 -19.15 29.55
C THR A 116 -4.78 -18.14 30.52
N SER A 117 -4.26 -17.06 29.97
CA SER A 117 -3.64 -16.01 30.78
C SER A 117 -4.69 -15.29 31.62
N GLU A 118 -4.23 -14.57 32.64
CA GLU A 118 -5.12 -13.83 33.52
C GLU A 118 -5.23 -12.38 33.08
N SER A 119 -6.44 -11.83 33.17
CA SER A 119 -6.70 -10.44 32.78
C SER A 119 -7.13 -9.60 33.98
N VAL A 120 -6.72 -8.34 34.00
CA VAL A 120 -7.05 -7.43 35.09
C VAL A 120 -8.05 -6.37 34.62
N THR A 121 -9.03 -6.09 35.46
CA THR A 121 -10.06 -5.11 35.12
C THR A 121 -9.48 -3.77 34.69
N GLU A 122 -8.44 -3.30 35.38
CA GLU A 122 -7.84 -2.02 35.02
C GLU A 122 -6.88 -2.19 33.85
N ILE A 123 -6.94 -1.26 32.90
CA ILE A 123 -6.09 -1.31 31.72
C ILE A 123 -5.15 -0.10 31.67
N THR A 124 -3.86 -0.36 31.48
CA THR A 124 -2.87 0.71 31.40
C THR A 124 -3.03 1.50 30.11
N ALA A 125 -3.52 0.82 29.06
CA ALA A 125 -3.72 1.42 27.75
C ALA A 125 -3.62 0.34 26.67
N SER A 126 -4.76 -0.01 26.06
CA SER A 126 -4.75 -1.04 25.03
C SER A 126 -3.87 -0.63 23.86
N SER A 127 -3.81 0.66 23.60
CA SER A 127 -2.99 1.19 22.51
C SER A 127 -1.56 0.70 22.62
N PHE A 128 -0.80 0.89 21.55
CA PHE A 128 0.61 0.47 21.52
C PHE A 128 1.48 1.59 20.96
N VAL A 129 2.69 1.71 21.47
CA VAL A 129 3.61 2.71 20.96
C VAL A 129 4.89 2.03 20.52
N VAL A 130 5.03 1.86 19.21
CA VAL A 130 6.21 1.19 18.66
C VAL A 130 7.06 2.16 17.85
N SER A 131 8.37 2.04 18.00
CA SER A 131 9.29 2.91 17.28
C SER A 131 10.35 2.06 16.58
N TRP A 132 10.88 2.56 15.48
CA TRP A 132 11.90 1.82 14.74
C TRP A 132 12.94 2.78 14.15
N VAL A 133 13.73 2.27 13.21
CA VAL A 133 14.76 3.09 12.57
C VAL A 133 14.58 3.11 11.06
N SER A 134 14.52 4.31 10.49
CA SER A 134 14.36 4.45 9.05
C SER A 134 15.49 3.73 8.31
N ALA A 135 15.61 2.43 8.56
CA ALA A 135 16.64 1.62 7.93
C ALA A 135 16.87 2.03 6.48
N SER A 136 16.53 3.28 6.15
CA SER A 136 16.72 3.77 4.79
C SER A 136 16.24 5.21 4.66
N ASP A 137 17.12 6.05 4.11
CA ASP A 137 16.79 7.46 3.91
C ASP A 137 16.05 7.66 2.59
N THR A 138 16.02 6.61 1.77
CA THR A 138 15.35 6.67 0.49
C THR A 138 13.87 6.33 0.63
N VAL A 139 13.47 6.05 1.87
CA VAL A 139 12.08 5.71 2.15
C VAL A 139 11.19 6.92 1.88
N SER A 140 10.04 6.66 1.24
CA SER A 140 9.11 7.74 0.91
C SER A 140 8.02 7.83 1.98
N GLY A 141 7.93 6.78 2.78
CA GLY A 141 6.95 6.72 3.85
C GLY A 141 7.05 5.39 4.57
N PHE A 142 6.27 5.23 5.64
CA PHE A 142 6.30 3.99 6.39
C PHE A 142 4.90 3.39 6.46
N ARG A 143 4.84 2.07 6.57
CA ARG A 143 3.56 1.39 6.66
C ARG A 143 3.58 0.39 7.80
N VAL A 144 2.65 0.57 8.74
CA VAL A 144 2.57 -0.32 9.88
C VAL A 144 1.38 -1.26 9.74
N GLU A 145 1.61 -2.53 10.07
CA GLU A 145 0.55 -3.52 9.97
C GLU A 145 0.46 -4.30 11.28
N TYR A 146 -0.75 -4.41 11.81
CA TYR A 146 -0.96 -5.12 13.06
C TYR A 146 -2.23 -5.96 12.98
N GLU A 147 -2.13 -7.20 13.45
CA GLU A 147 -3.28 -8.11 13.44
C GLU A 147 -3.23 -9.00 14.67
N LEU A 148 -4.36 -9.61 15.02
CA LEU A 148 -4.42 -10.47 16.18
C LEU A 148 -3.66 -11.77 15.93
N SER A 149 -2.71 -12.07 16.81
CA SER A 149 -1.90 -13.28 16.68
C SER A 149 -2.74 -14.52 17.01
N GLU A 150 -3.95 -14.30 17.49
CA GLU A 150 -4.82 -15.42 17.86
C GLU A 150 -6.00 -15.54 16.89
N GLU A 151 -6.91 -14.59 16.95
CA GLU A 151 -8.09 -14.60 16.10
C GLU A 151 -7.70 -14.56 14.62
N GLY A 152 -6.64 -13.83 14.31
CA GLY A 152 -6.19 -13.72 12.92
C GLY A 152 -7.04 -12.72 12.15
N ASP A 153 -7.91 -12.02 12.87
CA ASP A 153 -8.78 -11.02 12.25
C ASP A 153 -8.11 -10.45 11.01
N GLU A 154 -8.72 -9.41 10.44
CA GLU A 154 -8.16 -8.78 9.25
C GLU A 154 -7.07 -7.79 9.65
N PRO A 155 -6.01 -7.77 8.90
CA PRO A 155 -4.86 -6.87 9.17
C PRO A 155 -5.19 -5.41 8.87
N GLN A 156 -4.61 -4.52 9.67
CA GLN A 156 -4.83 -3.09 9.47
C GLN A 156 -3.51 -2.42 9.10
N TYR A 157 -3.57 -1.41 8.26
CA TYR A 157 -2.37 -0.72 7.82
C TYR A 157 -2.42 0.77 8.13
N LEU A 158 -1.29 1.30 8.54
CA LEU A 158 -1.17 2.72 8.85
C LEU A 158 0.01 3.30 8.10
N ASP A 159 -0.23 4.38 7.37
CA ASP A 159 0.82 5.00 6.58
C ASP A 159 1.38 6.24 7.27
N LEU A 160 2.71 6.30 7.34
CA LEU A 160 3.38 7.42 7.96
C LEU A 160 4.44 7.97 7.00
N PRO A 161 4.83 9.19 7.17
CA PRO A 161 5.86 9.84 6.30
C PRO A 161 7.25 9.26 6.52
N SER A 162 8.12 9.42 5.52
CA SER A 162 9.47 8.90 5.61
C SER A 162 10.21 9.52 6.80
N THR A 163 9.62 10.56 7.37
CA THR A 163 10.23 11.23 8.52
C THR A 163 9.72 10.63 9.82
N ALA A 164 8.71 9.77 9.73
CA ALA A 164 8.14 9.15 10.91
C ALA A 164 8.97 7.93 11.31
N THR A 165 9.25 7.80 12.61
CA THR A 165 10.03 6.68 13.10
C THR A 165 9.36 6.05 14.33
N SER A 166 8.09 6.37 14.52
CA SER A 166 7.34 5.84 15.65
C SER A 166 5.85 6.12 15.46
N VAL A 167 5.00 5.21 15.94
CA VAL A 167 3.57 5.40 15.79
C VAL A 167 2.80 4.71 16.92
N ASN A 168 1.64 5.27 17.25
CA ASN A 168 0.80 4.71 18.29
C ASN A 168 -0.41 4.02 17.67
N ILE A 169 -0.60 2.75 18.01
CA ILE A 169 -1.73 1.99 17.47
C ILE A 169 -2.87 1.93 18.48
N PRO A 170 -3.91 2.68 18.24
CA PRO A 170 -5.10 2.73 19.13
C PRO A 170 -6.16 1.71 18.71
N ASP A 171 -7.26 1.71 19.45
CA ASP A 171 -8.38 0.80 19.18
C ASP A 171 -7.96 -0.66 19.29
N LEU A 172 -7.02 -0.93 20.19
CA LEU A 172 -6.55 -2.31 20.39
C LEU A 172 -7.45 -3.04 21.37
N LEU A 173 -7.58 -4.36 21.19
CA LEU A 173 -8.42 -5.15 22.07
C LEU A 173 -7.61 -5.66 23.27
N PRO A 174 -7.97 -5.22 24.44
CA PRO A 174 -7.27 -5.61 25.69
C PRO A 174 -7.31 -7.13 25.92
N GLY A 175 -6.22 -7.69 26.40
CA GLY A 175 -6.15 -9.13 26.65
C GLY A 175 -5.96 -9.91 25.35
N ARG A 176 -5.46 -9.23 24.33
CA ARG A 176 -5.23 -9.86 23.03
C ARG A 176 -3.80 -9.65 22.57
N LYS A 177 -3.28 -10.60 21.81
CA LYS A 177 -1.93 -10.49 21.30
C LYS A 177 -1.96 -10.03 19.85
N TYR A 178 -1.15 -9.03 19.55
CA TYR A 178 -1.10 -8.49 18.19
C TYR A 178 0.30 -8.62 17.60
N ILE A 179 0.37 -8.80 16.29
CA ILE A 179 1.64 -8.89 15.61
C ILE A 179 1.87 -7.59 14.86
N VAL A 180 3.00 -6.96 15.11
CA VAL A 180 3.30 -5.68 14.48
C VAL A 180 4.49 -5.80 13.55
N ASN A 181 4.34 -5.28 12.34
CA ASN A 181 5.41 -5.30 11.35
C ASN A 181 5.51 -3.95 10.66
N VAL A 182 6.69 -3.33 10.74
CA VAL A 182 6.89 -2.03 10.13
C VAL A 182 7.62 -2.17 8.79
N TYR A 183 7.02 -1.62 7.74
CA TYR A 183 7.63 -1.68 6.42
C TYR A 183 7.94 -0.28 5.93
N GLN A 184 9.10 -0.10 5.33
CA GLN A 184 9.46 1.22 4.81
C GLN A 184 9.22 1.23 3.31
N ILE A 185 8.61 2.30 2.82
CA ILE A 185 8.31 2.41 1.40
C ILE A 185 9.34 3.26 0.68
N SER A 186 9.96 2.67 -0.32
CA SER A 186 10.98 3.36 -1.09
C SER A 186 10.34 4.22 -2.17
N GLU A 187 11.14 5.06 -2.81
CA GLU A 187 10.64 5.93 -3.86
C GLU A 187 10.05 5.13 -5.00
N ASP A 188 10.34 3.83 -5.02
CA ASP A 188 9.82 2.97 -6.09
C ASP A 188 8.54 2.26 -5.64
N GLY A 189 8.17 2.46 -4.38
CA GLY A 189 6.96 1.84 -3.85
C GLY A 189 7.26 0.45 -3.28
N GLU A 190 8.54 0.15 -3.10
CA GLU A 190 8.94 -1.14 -2.56
C GLU A 190 8.88 -1.13 -1.04
N GLN A 191 8.39 -2.21 -0.45
CA GLN A 191 8.31 -2.30 1.00
C GLN A 191 9.37 -3.24 1.55
N SER A 192 9.95 -2.89 2.68
CA SER A 192 10.99 -3.72 3.30
C SER A 192 10.77 -3.80 4.80
N LEU A 193 10.72 -5.02 5.32
CA LEU A 193 10.50 -5.21 6.75
C LEU A 193 11.72 -4.73 7.54
N ILE A 194 11.51 -3.72 8.37
CA ILE A 194 12.59 -3.17 9.18
C ILE A 194 12.41 -3.54 10.65
N LEU A 195 11.18 -3.86 11.04
CA LEU A 195 10.91 -4.22 12.43
C LEU A 195 9.65 -5.07 12.55
N SER A 196 9.80 -6.22 13.18
CA SER A 196 8.67 -7.13 13.39
C SER A 196 8.66 -7.60 14.85
N THR A 197 7.57 -7.32 15.56
CA THR A 197 7.47 -7.71 16.96
C THR A 197 6.01 -7.86 17.38
N SER A 198 5.78 -8.72 18.36
CA SER A 198 4.42 -8.95 18.85
C SER A 198 4.27 -8.40 20.27
N GLN A 199 3.04 -8.14 20.66
CA GLN A 199 2.77 -7.60 22.00
C GLN A 199 1.45 -8.13 22.54
N THR A 200 1.31 -8.10 23.85
CA THR A 200 0.09 -8.58 24.49
C THR A 200 -0.52 -7.46 25.33
N THR A 201 -1.59 -6.86 24.82
CA THR A 201 -2.25 -5.78 25.54
C THR A 201 -2.49 -6.16 26.99
N SER A 1 -1.12 8.71 -31.19
CA SER A 1 -0.43 7.52 -31.75
C SER A 1 -1.15 6.26 -31.30
N GLY A 2 -0.39 5.23 -30.93
CA GLY A 2 -0.99 3.98 -30.48
C GLY A 2 -0.63 3.71 -29.02
N PRO A 3 -1.49 3.02 -28.34
CA PRO A 3 -1.33 2.66 -26.91
C PRO A 3 0.11 2.37 -26.52
N VAL A 4 0.44 2.80 -25.31
CA VAL A 4 1.77 2.58 -24.75
C VAL A 4 1.84 1.16 -24.20
N GLU A 5 3.01 0.74 -23.76
CA GLU A 5 3.17 -0.61 -23.22
C GLU A 5 3.29 -0.60 -21.70
N VAL A 6 2.43 -1.37 -21.04
CA VAL A 6 2.43 -1.46 -19.58
C VAL A 6 2.27 -2.91 -19.13
N PHE A 7 2.94 -3.27 -18.05
CA PHE A 7 2.86 -4.64 -17.53
C PHE A 7 3.09 -4.67 -16.03
N ILE A 8 2.81 -5.82 -15.42
CA ILE A 8 2.99 -5.99 -13.98
C ILE A 8 4.18 -6.91 -13.70
N THR A 9 5.07 -6.48 -12.81
CA THR A 9 6.25 -7.29 -12.47
C THR A 9 6.55 -7.20 -10.97
N GLU A 10 7.35 -8.16 -10.48
CA GLU A 10 7.74 -8.19 -9.07
C GLU A 10 6.56 -7.72 -8.22
N THR A 11 5.35 -8.00 -8.69
CA THR A 11 4.16 -7.58 -7.97
C THR A 11 3.27 -8.76 -7.63
N PRO A 12 3.69 -9.61 -6.73
CA PRO A 12 2.91 -10.80 -6.30
C PRO A 12 1.60 -10.40 -5.63
N SER A 13 1.59 -9.23 -5.00
CA SER A 13 0.40 -8.74 -4.32
C SER A 13 0.78 -7.87 -3.13
N GLN A 14 0.25 -6.65 -3.09
CA GLN A 14 0.55 -5.73 -2.01
C GLN A 14 -0.74 -5.26 -1.34
N PRO A 15 -0.66 -4.80 -0.12
CA PRO A 15 -1.83 -4.32 0.65
C PRO A 15 -2.24 -2.89 0.33
N ASN A 16 -1.36 -1.95 0.63
CA ASN A 16 -1.66 -0.54 0.39
C ASN A 16 -0.85 0.03 -0.76
N SER A 17 0.25 -0.62 -1.11
CA SER A 17 1.09 -0.15 -2.20
C SER A 17 0.95 -1.01 -3.44
N HIS A 18 1.16 -0.41 -4.60
CA HIS A 18 1.07 -1.13 -5.86
C HIS A 18 1.91 -0.46 -6.94
N PRO A 19 3.06 -1.02 -7.23
CA PRO A 19 3.98 -0.46 -8.25
C PRO A 19 3.60 -0.89 -9.68
N ILE A 20 3.83 0.00 -10.64
CA ILE A 20 3.52 -0.27 -12.04
C ILE A 20 4.72 0.08 -12.91
N GLN A 21 4.69 -0.34 -14.17
CA GLN A 21 5.77 -0.04 -15.09
C GLN A 21 5.23 0.08 -16.51
N TRP A 22 5.85 0.94 -17.32
CA TRP A 22 5.41 1.12 -18.69
C TRP A 22 6.59 1.32 -19.63
N ASN A 23 6.37 1.03 -20.91
CA ASN A 23 7.41 1.20 -21.91
C ASN A 23 6.89 2.03 -23.07
N ALA A 24 7.80 2.68 -23.78
CA ALA A 24 7.43 3.52 -24.91
C ALA A 24 8.31 3.23 -26.11
N PRO A 25 7.98 3.82 -27.24
CA PRO A 25 8.77 3.65 -28.49
C PRO A 25 10.25 3.88 -28.27
N GLN A 26 11.06 3.63 -29.30
CA GLN A 26 12.50 3.83 -29.19
C GLN A 26 12.84 5.29 -29.44
N PRO A 27 12.37 5.86 -30.52
CA PRO A 27 12.62 7.29 -30.86
C PRO A 27 11.99 8.22 -29.84
N SER A 28 12.57 9.41 -29.67
CA SER A 28 12.04 10.38 -28.72
C SER A 28 10.63 10.82 -29.13
N HIS A 29 9.85 9.84 -29.55
CA HIS A 29 8.48 10.11 -29.97
C HIS A 29 7.65 10.62 -28.80
N ILE A 30 7.84 10.02 -27.63
CA ILE A 30 7.11 10.42 -26.44
C ILE A 30 8.02 11.12 -25.44
N SER A 31 7.50 12.19 -24.83
CA SER A 31 8.28 12.95 -23.87
C SER A 31 7.80 12.72 -22.45
N LYS A 32 6.65 13.29 -22.12
CA LYS A 32 6.08 13.16 -20.78
C LYS A 32 5.21 11.92 -20.63
N TYR A 33 5.19 11.35 -19.43
CA TYR A 33 4.35 10.19 -19.15
C TYR A 33 3.40 10.53 -18.00
N ILE A 34 2.10 10.36 -18.23
CA ILE A 34 1.12 10.66 -17.18
C ILE A 34 0.35 9.39 -16.80
N LEU A 35 0.19 9.17 -15.50
CA LEU A 35 -0.54 8.01 -15.02
C LEU A 35 -1.74 8.41 -14.19
N ARG A 36 -2.90 7.85 -14.55
CA ARG A 36 -4.12 8.14 -13.81
C ARG A 36 -4.85 6.84 -13.46
N TRP A 37 -5.39 6.77 -12.25
CA TRP A 37 -6.06 5.55 -11.81
C TRP A 37 -7.26 5.86 -10.91
N ARG A 38 -8.13 4.85 -10.75
CA ARG A 38 -9.29 4.98 -9.89
C ARG A 38 -9.83 3.61 -9.52
N PRO A 39 -10.24 3.45 -8.28
CA PRO A 39 -10.79 2.14 -7.80
C PRO A 39 -12.08 1.76 -8.52
N LYS A 40 -12.02 0.67 -9.27
CA LYS A 40 -13.20 0.21 -10.01
C LYS A 40 -14.43 0.23 -9.11
N ASN A 41 -15.01 1.42 -8.96
CA ASN A 41 -16.18 1.57 -8.10
C ASN A 41 -16.97 2.84 -8.44
N SER A 42 -16.33 3.80 -9.08
CA SER A 42 -17.00 5.05 -9.44
C SER A 42 -16.28 5.73 -10.60
N VAL A 43 -17.01 6.58 -11.31
CA VAL A 43 -16.44 7.31 -12.45
C VAL A 43 -16.52 8.81 -12.22
N GLY A 44 -16.53 9.21 -10.95
CA GLY A 44 -16.63 10.62 -10.59
C GLY A 44 -15.26 11.25 -10.39
N ARG A 45 -14.64 10.97 -9.26
CA ARG A 45 -13.32 11.53 -8.95
C ARG A 45 -12.28 10.43 -8.81
N TRP A 46 -11.02 10.76 -9.10
CA TRP A 46 -9.93 9.80 -8.99
C TRP A 46 -8.57 10.48 -8.86
N LYS A 47 -7.50 9.70 -8.98
CA LYS A 47 -6.15 10.24 -8.83
C LYS A 47 -5.38 10.28 -10.14
N GLU A 48 -4.49 11.26 -10.24
CA GLU A 48 -3.65 11.41 -11.42
C GLU A 48 -2.25 11.85 -11.01
N ALA A 49 -1.28 11.57 -11.87
CA ALA A 49 0.10 11.91 -11.58
C ALA A 49 0.91 12.13 -12.87
N THR A 50 2.02 12.86 -12.73
CA THR A 50 2.90 13.14 -13.85
C THR A 50 4.26 12.49 -13.61
N ILE A 51 4.80 11.85 -14.65
CA ILE A 51 6.09 11.18 -14.52
C ILE A 51 7.06 11.64 -15.60
N PRO A 52 8.20 12.16 -15.22
CA PRO A 52 9.24 12.62 -16.17
C PRO A 52 9.51 11.60 -17.28
N GLY A 53 9.93 12.09 -18.44
CA GLY A 53 10.20 11.24 -19.58
C GLY A 53 11.32 10.23 -19.31
N HIS A 54 12.20 10.52 -18.36
CA HIS A 54 13.31 9.62 -18.07
C HIS A 54 12.89 8.47 -17.15
N LEU A 55 11.76 8.62 -16.48
CA LEU A 55 11.27 7.56 -15.59
C LEU A 55 10.34 6.61 -16.34
N ASN A 56 10.49 5.31 -16.10
CA ASN A 56 9.67 4.32 -16.77
C ASN A 56 8.88 3.48 -15.78
N SER A 57 8.81 3.92 -14.53
CA SER A 57 8.07 3.18 -13.50
C SER A 57 7.50 4.13 -12.45
N TYR A 58 6.30 3.81 -11.96
CA TYR A 58 5.65 4.65 -10.96
C TYR A 58 5.50 3.89 -9.64
N THR A 59 4.73 4.47 -8.74
CA THR A 59 4.47 3.85 -7.44
C THR A 59 3.12 4.31 -6.92
N ILE A 60 2.27 3.35 -6.57
CA ILE A 60 0.93 3.70 -6.06
C ILE A 60 0.77 3.27 -4.60
N LYS A 61 0.45 4.23 -3.75
CA LYS A 61 0.25 3.95 -2.34
C LYS A 61 -1.11 4.47 -1.87
N GLY A 62 -1.56 3.98 -0.71
CA GLY A 62 -2.84 4.40 -0.17
C GLY A 62 -3.97 3.56 -0.74
N LEU A 63 -3.61 2.39 -1.29
CA LEU A 63 -4.59 1.50 -1.89
C LEU A 63 -5.33 0.71 -0.83
N LYS A 64 -6.52 0.23 -1.18
CA LYS A 64 -7.34 -0.56 -0.27
C LYS A 64 -7.20 -2.05 -0.57
N PRO A 65 -7.00 -2.85 0.43
CA PRO A 65 -6.85 -4.33 0.27
C PRO A 65 -8.15 -4.99 -0.20
N GLY A 66 -8.02 -6.00 -1.04
CA GLY A 66 -9.19 -6.71 -1.55
C GLY A 66 -9.99 -5.83 -2.50
N VAL A 67 -9.31 -4.87 -3.12
CA VAL A 67 -9.96 -3.95 -4.05
C VAL A 67 -9.21 -3.92 -5.38
N VAL A 68 -9.90 -3.49 -6.43
CA VAL A 68 -9.27 -3.42 -7.75
C VAL A 68 -9.24 -1.99 -8.24
N TYR A 69 -8.13 -1.61 -8.87
CA TYR A 69 -7.97 -0.26 -9.39
C TYR A 69 -7.69 -0.29 -10.90
N GLU A 70 -8.35 0.60 -11.64
CA GLU A 70 -8.11 0.67 -13.07
C GLU A 70 -7.14 1.82 -13.34
N GLY A 71 -6.10 1.57 -14.12
CA GLY A 71 -5.11 2.61 -14.39
C GLY A 71 -4.98 2.88 -15.88
N GLN A 72 -4.56 4.10 -16.20
CA GLN A 72 -4.39 4.50 -17.59
C GLN A 72 -3.06 5.24 -17.75
N LEU A 73 -2.38 4.97 -18.85
CA LEU A 73 -1.11 5.63 -19.10
C LEU A 73 -1.20 6.52 -20.33
N ILE A 74 -0.98 7.82 -20.14
CA ILE A 74 -1.04 8.76 -21.24
C ILE A 74 0.34 9.34 -21.54
N SER A 75 0.73 9.29 -22.80
CA SER A 75 2.04 9.80 -23.19
C SER A 75 1.89 11.06 -24.04
N ILE A 76 2.47 12.16 -23.56
CA ILE A 76 2.37 13.42 -24.29
C ILE A 76 3.67 13.73 -25.02
N GLN A 77 3.54 14.38 -26.18
CA GLN A 77 4.70 14.73 -26.99
C GLN A 77 4.96 16.23 -26.88
N GLN A 78 6.20 16.63 -27.08
CA GLN A 78 6.55 18.05 -27.01
C GLN A 78 5.45 18.90 -27.62
N TYR A 79 4.48 19.28 -26.80
CA TYR A 79 3.36 20.10 -27.26
C TYR A 79 2.89 19.63 -28.64
N GLY A 80 3.00 18.33 -28.89
CA GLY A 80 2.58 17.78 -30.18
C GLY A 80 1.39 16.85 -30.02
N HIS A 81 1.58 15.59 -30.37
CA HIS A 81 0.52 14.59 -30.28
C HIS A 81 0.35 14.05 -28.87
N GLN A 82 -0.64 13.18 -28.69
CA GLN A 82 -0.91 12.57 -27.40
C GLN A 82 -1.46 11.16 -27.57
N GLU A 83 -1.19 10.29 -26.61
CA GLU A 83 -1.66 8.90 -26.66
C GLU A 83 -2.13 8.44 -25.29
N VAL A 84 -3.18 7.61 -25.27
CA VAL A 84 -3.71 7.12 -24.00
C VAL A 84 -3.83 5.59 -23.99
N THR A 85 -3.40 4.99 -22.89
CA THR A 85 -3.46 3.53 -22.73
C THR A 85 -4.25 3.17 -21.48
N ARG A 86 -5.05 2.11 -21.55
CA ARG A 86 -5.84 1.70 -20.40
C ARG A 86 -5.46 0.30 -19.91
N PHE A 87 -5.40 0.15 -18.60
CA PHE A 87 -5.06 -1.13 -17.98
C PHE A 87 -5.70 -1.22 -16.60
N ASP A 88 -5.76 -2.43 -16.04
CA ASP A 88 -6.37 -2.59 -14.72
C ASP A 88 -5.66 -3.68 -13.93
N PHE A 89 -5.68 -3.55 -12.61
CA PHE A 89 -5.04 -4.51 -11.73
C PHE A 89 -5.81 -4.67 -10.43
N THR A 90 -5.39 -5.64 -9.63
CA THR A 90 -6.03 -5.90 -8.35
C THR A 90 -5.03 -5.71 -7.21
N THR A 91 -5.53 -5.52 -5.99
CA THR A 91 -4.64 -5.33 -4.86
C THR A 91 -5.08 -6.20 -3.68
N THR A 92 -4.17 -7.06 -3.22
CA THR A 92 -4.46 -7.94 -2.09
C THR A 92 -3.40 -7.87 -0.99
N SER A 93 -3.77 -8.38 0.18
CA SER A 93 -2.88 -8.44 1.33
C SER A 93 -2.68 -9.90 1.72
N THR A 94 -1.51 -10.22 2.28
CA THR A 94 -1.22 -11.59 2.69
C THR A 94 -2.45 -12.26 3.30
N SER A 95 -2.65 -13.53 2.96
CA SER A 95 -3.81 -14.27 3.45
C SER A 95 -3.81 -14.38 4.97
N THR A 96 -5.01 -14.52 5.53
CA THR A 96 -5.17 -14.64 6.97
C THR A 96 -4.71 -16.02 7.45
N PRO A 97 -4.29 -16.15 8.70
CA PRO A 97 -3.87 -17.47 9.25
C PRO A 97 -4.93 -18.54 9.03
N VAL A 98 -4.50 -19.78 8.91
CA VAL A 98 -5.45 -20.87 8.69
C VAL A 98 -6.45 -20.95 9.83
N THR A 99 -5.98 -20.76 11.06
CA THR A 99 -6.87 -20.80 12.22
C THR A 99 -7.82 -19.62 12.24
N SER A 100 -7.41 -18.51 11.63
CA SER A 100 -8.24 -17.32 11.58
C SER A 100 -9.49 -17.56 10.74
N ASN A 101 -10.54 -16.77 10.98
CA ASN A 101 -11.79 -16.90 10.24
C ASN A 101 -11.89 -15.81 9.18
N THR A 102 -12.39 -16.17 8.00
CA THR A 102 -12.55 -15.22 6.90
C THR A 102 -13.86 -14.46 7.02
N VAL A 103 -13.96 -13.35 6.29
CA VAL A 103 -15.17 -12.52 6.30
C VAL A 103 -15.65 -12.26 4.88
N THR A 104 -16.94 -11.95 4.74
CA THR A 104 -17.51 -11.70 3.42
C THR A 104 -16.92 -10.43 2.80
N GLY A 105 -16.48 -9.50 3.64
CA GLY A 105 -15.89 -8.27 3.14
C GLY A 105 -15.41 -7.38 4.28
N GLU A 106 -14.93 -6.19 3.93
CA GLU A 106 -14.43 -5.24 4.92
C GLU A 106 -15.53 -4.88 5.92
N THR A 107 -15.13 -4.70 7.17
CA THR A 107 -16.08 -4.35 8.23
C THR A 107 -16.73 -3.00 7.94
N THR A 108 -15.95 -2.08 7.38
CA THR A 108 -16.45 -0.74 7.05
C THR A 108 -16.24 -0.43 5.56
N PRO A 109 -17.12 -0.91 4.72
CA PRO A 109 -17.02 -0.68 3.24
C PRO A 109 -16.91 0.81 2.89
N PHE A 110 -16.19 1.10 1.81
CA PHE A 110 -16.01 2.48 1.37
C PHE A 110 -17.00 2.82 0.26
N SER A 111 -17.63 3.99 0.39
CA SER A 111 -18.62 4.42 -0.60
C SER A 111 -19.75 3.39 -0.72
N PRO A 112 -20.51 3.20 0.33
CA PRO A 112 -21.63 2.21 0.35
C PRO A 112 -22.65 2.49 -0.76
N LEU A 113 -23.22 1.41 -1.29
CA LEU A 113 -24.22 1.53 -2.35
C LEU A 113 -25.44 2.33 -1.89
N VAL A 114 -25.76 2.21 -0.61
CA VAL A 114 -26.91 2.92 -0.03
C VAL A 114 -26.50 3.75 1.18
N ALA A 115 -27.34 4.72 1.53
CA ALA A 115 -27.04 5.59 2.67
C ALA A 115 -26.92 4.78 3.95
N THR A 116 -26.02 5.24 4.83
CA THR A 116 -25.79 4.56 6.11
C THR A 116 -26.01 5.53 7.27
N SER A 117 -26.10 4.99 8.47
CA SER A 117 -26.31 5.79 9.67
C SER A 117 -25.19 6.82 9.82
N GLU A 118 -25.46 7.87 10.58
CA GLU A 118 -24.47 8.94 10.77
C GLU A 118 -23.15 8.35 11.28
N SER A 119 -22.06 8.95 10.82
CA SER A 119 -20.73 8.49 11.19
C SER A 119 -20.48 8.66 12.69
N VAL A 120 -19.55 7.86 13.21
CA VAL A 120 -19.18 7.91 14.62
C VAL A 120 -17.74 8.39 14.77
N THR A 121 -17.50 9.26 15.74
CA THR A 121 -16.14 9.79 15.93
C THR A 121 -15.21 8.69 16.43
N GLU A 122 -14.04 8.63 15.82
CA GLU A 122 -13.05 7.61 16.19
C GLU A 122 -12.61 7.76 17.64
N ILE A 123 -12.40 6.61 18.29
CA ILE A 123 -11.94 6.58 19.69
C ILE A 123 -10.69 5.72 19.78
N THR A 124 -9.89 5.91 20.83
CA THR A 124 -8.67 5.11 20.98
C THR A 124 -8.66 4.36 22.31
N ALA A 125 -7.92 3.25 22.34
CA ALA A 125 -7.81 2.44 23.55
C ALA A 125 -6.61 1.52 23.44
N SER A 126 -6.02 1.14 24.58
CA SER A 126 -4.87 0.23 24.58
C SER A 126 -3.96 0.49 23.36
N SER A 127 -4.00 1.74 22.90
CA SER A 127 -3.21 2.14 21.74
C SER A 127 -1.74 1.80 21.93
N PHE A 128 -0.98 1.88 20.84
CA PHE A 128 0.44 1.57 20.88
C PHE A 128 1.23 2.65 20.15
N VAL A 129 2.42 2.95 20.64
CA VAL A 129 3.26 3.93 19.96
C VAL A 129 4.60 3.30 19.63
N VAL A 130 4.77 2.93 18.37
CA VAL A 130 6.00 2.29 17.95
C VAL A 130 6.78 3.18 16.98
N SER A 131 8.10 3.20 17.15
CA SER A 131 8.96 4.00 16.31
C SER A 131 10.09 3.14 15.74
N TRP A 132 10.60 3.52 14.58
CA TRP A 132 11.68 2.75 13.97
C TRP A 132 12.64 3.68 13.23
N VAL A 133 13.49 3.10 12.38
CA VAL A 133 14.46 3.88 11.63
C VAL A 133 14.29 3.65 10.13
N SER A 134 14.16 4.74 9.37
CA SER A 134 14.00 4.63 7.93
C SER A 134 15.19 3.89 7.32
N ALA A 135 15.40 2.67 7.77
CA ALA A 135 16.51 1.86 7.27
C ALA A 135 16.72 2.05 5.78
N SER A 136 16.29 3.20 5.26
CA SER A 136 16.46 3.48 3.83
C SER A 136 15.88 4.83 3.47
N ASP A 137 16.67 5.65 2.79
CA ASP A 137 16.23 6.97 2.38
C ASP A 137 15.50 6.89 1.04
N THR A 138 15.57 5.74 0.40
CA THR A 138 14.91 5.54 -0.88
C THR A 138 13.47 5.11 -0.67
N VAL A 139 13.07 4.98 0.59
CA VAL A 139 11.71 4.59 0.93
C VAL A 139 10.73 5.66 0.46
N SER A 140 9.62 5.21 -0.13
CA SER A 140 8.60 6.15 -0.62
C SER A 140 7.50 6.32 0.42
N GLY A 141 7.48 5.40 1.37
CA GLY A 141 6.50 5.43 2.44
C GLY A 141 6.69 4.24 3.36
N PHE A 142 5.92 4.19 4.43
CA PHE A 142 6.03 3.09 5.38
C PHE A 142 4.69 2.39 5.54
N ARG A 143 4.73 1.11 5.87
CA ARG A 143 3.50 0.35 6.05
C ARG A 143 3.58 -0.45 7.34
N VAL A 144 2.64 -0.20 8.24
CA VAL A 144 2.62 -0.89 9.51
C VAL A 144 1.51 -1.94 9.53
N GLU A 145 1.84 -3.11 10.05
CA GLU A 145 0.87 -4.20 10.12
C GLU A 145 0.82 -4.76 11.53
N TYR A 146 -0.38 -4.89 12.06
CA TYR A 146 -0.56 -5.41 13.41
C TYR A 146 -1.75 -6.35 13.47
N GLU A 147 -1.56 -7.48 14.13
CA GLU A 147 -2.63 -8.47 14.27
C GLU A 147 -2.52 -9.15 15.63
N LEU A 148 -3.61 -9.78 16.06
CA LEU A 148 -3.61 -10.45 17.35
C LEU A 148 -2.74 -11.72 17.31
N SER A 149 -1.79 -11.79 18.23
CA SER A 149 -0.89 -12.93 18.29
C SER A 149 -1.61 -14.17 18.81
N GLU A 150 -2.85 -13.98 19.25
CA GLU A 150 -3.64 -15.09 19.79
C GLU A 150 -4.78 -15.45 18.86
N GLU A 151 -5.77 -14.58 18.77
CA GLU A 151 -6.93 -14.83 17.92
C GLU A 151 -6.54 -14.99 16.46
N GLY A 152 -5.53 -14.25 16.04
CA GLY A 152 -5.06 -14.32 14.66
C GLY A 152 -5.99 -13.52 13.73
N ASP A 153 -6.92 -12.79 14.33
CA ASP A 153 -7.86 -11.98 13.55
C ASP A 153 -7.23 -11.56 12.24
N GLU A 154 -7.90 -10.68 11.51
CA GLU A 154 -7.38 -10.20 10.24
C GLU A 154 -6.38 -9.07 10.47
N PRO A 155 -5.31 -9.08 9.73
CA PRO A 155 -4.24 -8.06 9.85
C PRO A 155 -4.68 -6.70 9.33
N GLN A 156 -4.19 -5.65 9.97
CA GLN A 156 -4.53 -4.29 9.55
C GLN A 156 -3.26 -3.59 9.07
N TYR A 157 -3.40 -2.73 8.07
CA TYR A 157 -2.24 -2.02 7.55
C TYR A 157 -2.42 -0.51 7.61
N LEU A 158 -1.33 0.18 7.93
CA LEU A 158 -1.34 1.62 8.01
C LEU A 158 -0.21 2.18 7.17
N ASP A 159 -0.53 3.10 6.28
CA ASP A 159 0.49 3.67 5.40
C ASP A 159 0.93 5.04 5.88
N LEU A 160 2.25 5.23 5.95
CA LEU A 160 2.84 6.48 6.38
C LEU A 160 3.85 6.96 5.35
N PRO A 161 4.14 8.22 5.32
CA PRO A 161 5.13 8.80 4.36
C PRO A 161 6.56 8.37 4.66
N SER A 162 7.42 8.45 3.65
CA SER A 162 8.81 8.06 3.82
C SER A 162 9.49 8.92 4.89
N THR A 163 8.80 9.99 5.30
CA THR A 163 9.34 10.88 6.32
C THR A 163 8.86 10.46 7.72
N ALA A 164 7.92 9.51 7.75
CA ALA A 164 7.40 9.04 9.02
C ALA A 164 8.31 7.97 9.61
N THR A 165 8.58 8.07 10.91
CA THR A 165 9.44 7.10 11.57
C THR A 165 8.82 6.63 12.88
N SER A 166 7.52 6.88 13.02
CA SER A 166 6.80 6.47 14.22
C SER A 166 5.30 6.59 13.99
N VAL A 167 4.52 5.71 14.61
CA VAL A 167 3.08 5.75 14.44
C VAL A 167 2.35 5.19 15.66
N ASN A 168 1.15 5.70 15.89
CA ASN A 168 0.34 5.25 17.01
C ASN A 168 -0.81 4.37 16.51
N ILE A 169 -0.90 3.16 17.04
CA ILE A 169 -1.95 2.24 16.64
C ILE A 169 -3.10 2.24 17.64
N PRO A 170 -4.20 2.86 17.29
CA PRO A 170 -5.39 2.95 18.15
C PRO A 170 -6.37 1.79 17.90
N ASP A 171 -7.47 1.82 18.63
CA ASP A 171 -8.50 0.79 18.51
C ASP A 171 -7.97 -0.60 18.85
N LEU A 172 -7.03 -0.65 19.78
CA LEU A 172 -6.45 -1.93 20.19
C LEU A 172 -7.30 -2.57 21.29
N LEU A 173 -7.32 -3.90 21.32
CA LEU A 173 -8.10 -4.61 22.32
C LEU A 173 -7.27 -4.86 23.57
N PRO A 174 -7.67 -4.26 24.66
CA PRO A 174 -6.97 -4.40 25.96
C PRO A 174 -6.90 -5.86 26.42
N GLY A 175 -5.76 -6.24 27.00
CA GLY A 175 -5.58 -7.61 27.47
C GLY A 175 -5.31 -8.57 26.31
N ARG A 176 -4.86 -8.01 25.20
CA ARG A 176 -4.56 -8.84 24.02
C ARG A 176 -3.15 -8.57 23.52
N LYS A 177 -2.55 -9.59 22.93
CA LYS A 177 -1.19 -9.46 22.40
C LYS A 177 -1.24 -9.23 20.90
N TYR A 178 -0.51 -8.23 20.44
CA TYR A 178 -0.49 -7.92 19.02
C TYR A 178 0.93 -8.02 18.46
N ILE A 179 1.02 -8.40 17.20
CA ILE A 179 2.31 -8.49 16.53
C ILE A 179 2.44 -7.31 15.58
N VAL A 180 3.51 -6.55 15.74
CA VAL A 180 3.72 -5.38 14.91
C VAL A 180 4.94 -5.55 14.01
N ASN A 181 4.75 -5.23 12.72
CA ASN A 181 5.83 -5.33 11.76
C ASN A 181 5.83 -4.11 10.86
N VAL A 182 6.95 -3.39 10.83
CA VAL A 182 7.05 -2.19 10.02
C VAL A 182 7.81 -2.48 8.73
N TYR A 183 7.19 -2.16 7.61
CA TYR A 183 7.82 -2.37 6.31
C TYR A 183 8.01 -1.04 5.60
N GLN A 184 9.17 -0.86 4.98
CA GLN A 184 9.43 0.37 4.26
C GLN A 184 9.21 0.13 2.77
N ILE A 185 8.52 1.06 2.12
CA ILE A 185 8.22 0.91 0.71
C ILE A 185 9.20 1.72 -0.14
N SER A 186 9.88 1.03 -1.03
CA SER A 186 10.85 1.68 -1.90
C SER A 186 10.15 2.29 -3.11
N GLU A 187 10.90 3.08 -3.87
CA GLU A 187 10.34 3.74 -5.04
C GLU A 187 9.83 2.71 -6.06
N ASP A 188 10.22 1.46 -5.87
CA ASP A 188 9.79 0.39 -6.77
C ASP A 188 8.57 -0.33 -6.22
N GLY A 189 8.16 0.03 -5.01
CA GLY A 189 7.01 -0.59 -4.39
C GLY A 189 7.40 -1.84 -3.61
N GLU A 190 8.70 -2.01 -3.38
CA GLU A 190 9.20 -3.16 -2.64
C GLU A 190 9.12 -2.91 -1.14
N GLN A 191 8.72 -3.92 -0.39
CA GLN A 191 8.62 -3.79 1.07
C GLN A 191 9.75 -4.55 1.75
N SER A 192 10.28 -3.96 2.82
CA SER A 192 11.37 -4.59 3.56
C SER A 192 11.14 -4.46 5.05
N LEU A 193 11.18 -5.58 5.76
CA LEU A 193 10.97 -5.56 7.20
C LEU A 193 12.12 -4.86 7.90
N ILE A 194 11.81 -3.75 8.57
CA ILE A 194 12.84 -3.00 9.27
C ILE A 194 12.68 -3.14 10.78
N LEU A 195 11.48 -3.49 11.23
CA LEU A 195 11.22 -3.64 12.65
C LEU A 195 10.03 -4.56 12.91
N SER A 196 10.26 -5.59 13.72
CA SER A 196 9.21 -6.54 14.07
C SER A 196 9.21 -6.77 15.58
N THR A 197 8.09 -6.47 16.24
CA THR A 197 8.00 -6.64 17.68
C THR A 197 6.55 -6.83 18.12
N SER A 198 6.38 -7.55 19.22
CA SER A 198 5.04 -7.81 19.75
C SER A 198 4.83 -7.06 21.05
N GLN A 199 3.57 -6.83 21.40
CA GLN A 199 3.24 -6.12 22.63
C GLN A 199 1.97 -6.66 23.25
N THR A 200 1.81 -6.44 24.54
CA THR A 200 0.63 -6.90 25.25
C THR A 200 -0.09 -5.72 25.90
N THR A 201 -1.20 -5.30 25.31
CA THR A 201 -1.96 -4.17 25.83
C THR A 201 -2.17 -4.34 27.34
N SER A 1 -1.38 8.68 -30.97
CA SER A 1 -0.75 7.45 -31.57
C SER A 1 -1.53 6.23 -31.09
N GLY A 2 -0.80 5.17 -30.76
CA GLY A 2 -1.43 3.94 -30.30
C GLY A 2 -1.03 3.63 -28.86
N PRO A 3 -1.91 2.98 -28.14
CA PRO A 3 -1.71 2.62 -26.73
C PRO A 3 -0.28 2.25 -26.38
N VAL A 4 0.12 2.66 -25.19
CA VAL A 4 1.46 2.38 -24.67
C VAL A 4 1.48 0.95 -24.13
N GLU A 5 2.65 0.48 -23.73
CA GLU A 5 2.75 -0.89 -23.21
C GLU A 5 2.94 -0.89 -21.69
N VAL A 6 2.07 -1.62 -21.01
CA VAL A 6 2.12 -1.73 -19.56
C VAL A 6 1.90 -3.17 -19.12
N PHE A 7 2.60 -3.57 -18.05
CA PHE A 7 2.47 -4.93 -17.54
C PHE A 7 2.76 -5.00 -16.05
N ILE A 8 2.44 -6.13 -15.44
CA ILE A 8 2.66 -6.32 -14.00
C ILE A 8 3.81 -7.30 -13.77
N THR A 9 4.76 -6.91 -12.91
CA THR A 9 5.90 -7.77 -12.61
C THR A 9 6.27 -7.72 -11.13
N GLU A 10 7.04 -8.71 -10.67
CA GLU A 10 7.46 -8.76 -9.28
C GLU A 10 6.35 -8.25 -8.38
N THR A 11 5.11 -8.47 -8.82
CA THR A 11 3.97 -8.00 -8.05
C THR A 11 3.04 -9.15 -7.68
N PRO A 12 3.46 -10.01 -6.80
CA PRO A 12 2.64 -11.17 -6.34
C PRO A 12 1.37 -10.71 -5.63
N SER A 13 1.44 -9.55 -4.99
CA SER A 13 0.29 -9.01 -4.27
C SER A 13 0.76 -8.16 -3.09
N GLN A 14 0.29 -6.92 -3.03
CA GLN A 14 0.66 -6.03 -1.94
C GLN A 14 -0.59 -5.50 -1.23
N PRO A 15 -0.43 -5.06 -0.01
CA PRO A 15 -1.56 -4.54 0.80
C PRO A 15 -1.92 -3.08 0.50
N ASN A 16 -0.98 -2.18 0.78
CA ASN A 16 -1.22 -0.76 0.56
C ASN A 16 -0.42 -0.22 -0.62
N SER A 17 0.63 -0.92 -1.01
CA SER A 17 1.45 -0.47 -2.13
C SER A 17 1.22 -1.33 -3.36
N HIS A 18 1.43 -0.72 -4.53
CA HIS A 18 1.25 -1.44 -5.79
C HIS A 18 2.09 -0.80 -6.89
N PRO A 19 3.20 -1.40 -7.23
CA PRO A 19 4.11 -0.89 -8.29
C PRO A 19 3.66 -1.28 -9.70
N ILE A 20 3.90 -0.39 -10.66
CA ILE A 20 3.52 -0.64 -12.05
C ILE A 20 4.70 -0.34 -12.96
N GLN A 21 4.61 -0.75 -14.22
CA GLN A 21 5.68 -0.49 -15.18
C GLN A 21 5.09 -0.34 -16.58
N TRP A 22 5.71 0.49 -17.40
CA TRP A 22 5.23 0.70 -18.76
C TRP A 22 6.39 0.87 -19.74
N ASN A 23 6.11 0.59 -21.00
CA ASN A 23 7.13 0.72 -22.05
C ASN A 23 6.60 1.58 -23.19
N ALA A 24 7.52 2.19 -23.92
CA ALA A 24 7.14 3.06 -25.03
C ALA A 24 7.96 2.74 -26.27
N PRO A 25 7.64 3.35 -27.38
CA PRO A 25 8.36 3.15 -28.66
C PRO A 25 9.87 3.31 -28.50
N GLN A 26 10.61 3.03 -29.56
CA GLN A 26 12.07 3.16 -29.49
C GLN A 26 12.47 4.61 -29.74
N PRO A 27 11.99 5.20 -30.79
CA PRO A 27 12.29 6.62 -31.14
C PRO A 27 11.74 7.58 -30.09
N SER A 28 12.37 8.74 -29.94
CA SER A 28 11.92 9.72 -28.97
C SER A 28 10.53 10.23 -29.32
N HIS A 29 9.69 9.29 -29.72
CA HIS A 29 8.31 9.62 -30.09
C HIS A 29 7.55 10.16 -28.88
N ILE A 30 7.77 9.55 -27.73
CA ILE A 30 7.09 9.97 -26.50
C ILE A 30 8.05 10.62 -25.53
N SER A 31 7.61 11.71 -24.91
CA SER A 31 8.47 12.43 -23.97
C SER A 31 8.02 12.21 -22.53
N LYS A 32 6.91 12.83 -22.16
CA LYS A 32 6.40 12.71 -20.80
C LYS A 32 5.46 11.52 -20.63
N TYR A 33 5.46 10.94 -19.43
CA TYR A 33 4.58 9.83 -19.13
C TYR A 33 3.69 10.20 -17.95
N ILE A 34 2.38 10.08 -18.12
CA ILE A 34 1.45 10.41 -17.04
C ILE A 34 0.63 9.19 -16.64
N LEU A 35 0.51 8.97 -15.34
CA LEU A 35 -0.25 7.83 -14.84
C LEU A 35 -1.41 8.27 -13.97
N ARG A 36 -2.60 7.78 -14.29
CA ARG A 36 -3.78 8.12 -13.50
C ARG A 36 -4.55 6.86 -13.14
N TRP A 37 -5.05 6.80 -11.90
CA TRP A 37 -5.77 5.61 -11.45
C TRP A 37 -6.91 5.97 -10.50
N ARG A 38 -7.82 5.00 -10.32
CA ARG A 38 -8.94 5.18 -9.42
C ARG A 38 -9.53 3.83 -9.03
N PRO A 39 -9.92 3.67 -7.79
CA PRO A 39 -10.50 2.40 -7.28
C PRO A 39 -11.82 2.08 -7.96
N LYS A 40 -11.85 0.98 -8.72
CA LYS A 40 -13.07 0.59 -9.42
C LYS A 40 -14.26 0.67 -8.47
N ASN A 41 -14.78 1.87 -8.29
CA ASN A 41 -15.92 2.07 -7.40
C ASN A 41 -16.67 3.38 -7.70
N SER A 42 -16.00 4.32 -8.36
CA SER A 42 -16.62 5.59 -8.69
C SER A 42 -15.92 6.25 -9.87
N VAL A 43 -16.63 7.15 -10.56
CA VAL A 43 -16.06 7.85 -11.70
C VAL A 43 -16.07 9.35 -11.45
N GLY A 44 -16.02 9.74 -10.19
CA GLY A 44 -16.04 11.15 -9.82
C GLY A 44 -14.64 11.72 -9.67
N ARG A 45 -13.99 11.39 -8.55
CA ARG A 45 -12.64 11.90 -8.30
C ARG A 45 -11.64 10.74 -8.20
N TRP A 46 -10.37 11.03 -8.53
CA TRP A 46 -9.33 10.01 -8.46
C TRP A 46 -7.94 10.63 -8.38
N LYS A 47 -6.91 9.80 -8.55
CA LYS A 47 -5.54 10.28 -8.44
C LYS A 47 -4.80 10.29 -9.78
N GLU A 48 -3.88 11.22 -9.91
CA GLU A 48 -3.07 11.36 -11.11
C GLU A 48 -1.64 11.72 -10.76
N ALA A 49 -0.72 11.40 -11.66
CA ALA A 49 0.69 11.69 -11.41
C ALA A 49 1.47 11.87 -12.71
N THR A 50 2.60 12.56 -12.61
CA THR A 50 3.46 12.79 -13.76
C THR A 50 4.80 12.08 -13.58
N ILE A 51 5.26 11.42 -14.64
CA ILE A 51 6.52 10.69 -14.56
C ILE A 51 7.48 11.11 -15.68
N PRO A 52 8.65 11.57 -15.33
CA PRO A 52 9.68 12.00 -16.32
C PRO A 52 9.86 10.98 -17.44
N GLY A 53 10.27 11.46 -18.61
CA GLY A 53 10.46 10.60 -19.77
C GLY A 53 11.54 9.53 -19.54
N HIS A 54 12.46 9.79 -18.62
CA HIS A 54 13.54 8.83 -18.37
C HIS A 54 13.10 7.70 -17.45
N LEU A 55 12.00 7.89 -16.74
CA LEU A 55 11.50 6.85 -15.84
C LEU A 55 10.50 5.95 -16.56
N ASN A 56 10.60 4.65 -16.32
CA ASN A 56 9.71 3.70 -16.98
C ASN A 56 8.91 2.88 -15.96
N SER A 57 8.91 3.32 -14.70
CA SER A 57 8.17 2.61 -13.66
C SER A 57 7.69 3.57 -12.58
N TYR A 58 6.49 3.30 -12.05
CA TYR A 58 5.91 4.16 -11.02
C TYR A 58 5.78 3.40 -9.70
N THR A 59 5.07 4.02 -8.76
CA THR A 59 4.83 3.40 -7.46
C THR A 59 3.51 3.91 -6.89
N ILE A 60 2.62 2.99 -6.51
CA ILE A 60 1.33 3.40 -5.96
C ILE A 60 1.20 2.96 -4.50
N LYS A 61 0.96 3.94 -3.63
CA LYS A 61 0.80 3.66 -2.21
C LYS A 61 -0.52 4.23 -1.70
N GLY A 62 -0.94 3.76 -0.53
CA GLY A 62 -2.19 4.23 0.07
C GLY A 62 -3.38 3.44 -0.48
N LEU A 63 -3.09 2.27 -1.04
CA LEU A 63 -4.14 1.43 -1.61
C LEU A 63 -4.87 0.66 -0.53
N LYS A 64 -6.09 0.24 -0.84
CA LYS A 64 -6.91 -0.51 0.10
C LYS A 64 -6.85 -2.01 -0.22
N PRO A 65 -6.66 -2.83 0.78
CA PRO A 65 -6.58 -4.31 0.60
C PRO A 65 -7.92 -4.90 0.17
N GLY A 66 -7.87 -5.91 -0.68
CA GLY A 66 -9.09 -6.56 -1.14
C GLY A 66 -9.88 -5.64 -2.07
N VAL A 67 -9.18 -4.71 -2.70
CA VAL A 67 -9.83 -3.76 -3.60
C VAL A 67 -9.12 -3.74 -4.95
N VAL A 68 -9.82 -3.28 -5.98
CA VAL A 68 -9.24 -3.23 -7.31
C VAL A 68 -9.16 -1.79 -7.81
N TYR A 69 -8.06 -1.47 -8.48
CA TYR A 69 -7.85 -0.12 -8.99
C TYR A 69 -7.63 -0.15 -10.51
N GLU A 70 -8.27 0.77 -11.23
CA GLU A 70 -8.08 0.85 -12.67
C GLU A 70 -7.06 1.95 -12.95
N GLY A 71 -6.07 1.65 -13.77
CA GLY A 71 -5.04 2.65 -14.08
C GLY A 71 -4.96 2.93 -15.57
N GLN A 72 -4.49 4.13 -15.90
CA GLN A 72 -4.35 4.52 -17.29
C GLN A 72 -3.00 5.20 -17.49
N LEU A 73 -2.37 4.92 -18.62
CA LEU A 73 -1.08 5.51 -18.91
C LEU A 73 -1.17 6.42 -20.13
N ILE A 74 -0.88 7.70 -19.94
CA ILE A 74 -0.94 8.66 -21.03
C ILE A 74 0.45 9.16 -21.37
N SER A 75 0.80 9.11 -22.65
CA SER A 75 2.12 9.56 -23.09
C SER A 75 1.99 10.83 -23.92
N ILE A 76 2.64 11.90 -23.46
CA ILE A 76 2.58 13.17 -24.18
C ILE A 76 3.86 13.42 -24.96
N GLN A 77 3.72 14.08 -26.11
CA GLN A 77 4.86 14.40 -26.95
C GLN A 77 5.19 15.88 -26.85
N GLN A 78 6.44 16.23 -27.09
CA GLN A 78 6.86 17.62 -27.01
C GLN A 78 5.78 18.53 -27.59
N TYR A 79 4.85 18.94 -26.73
CA TYR A 79 3.76 19.82 -27.16
C TYR A 79 3.22 19.38 -28.51
N GLY A 80 3.26 18.08 -28.76
CA GLY A 80 2.78 17.55 -30.05
C GLY A 80 1.54 16.68 -29.86
N HIS A 81 1.67 15.41 -30.21
CA HIS A 81 0.57 14.46 -30.09
C HIS A 81 0.43 13.94 -28.67
N GLN A 82 -0.60 13.10 -28.47
CA GLN A 82 -0.86 12.50 -27.16
C GLN A 82 -1.48 11.12 -27.33
N GLU A 83 -1.20 10.23 -26.38
CA GLU A 83 -1.74 8.86 -26.43
C GLU A 83 -2.19 8.40 -25.04
N VAL A 84 -3.28 7.63 -24.98
CA VAL A 84 -3.77 7.15 -23.70
C VAL A 84 -3.97 5.64 -23.70
N THR A 85 -3.53 5.00 -22.61
CA THR A 85 -3.65 3.56 -22.47
C THR A 85 -4.41 3.22 -21.18
N ARG A 86 -5.26 2.19 -21.24
CA ARG A 86 -6.04 1.82 -20.06
C ARG A 86 -5.70 0.40 -19.60
N PHE A 87 -5.59 0.23 -18.28
CA PHE A 87 -5.29 -1.06 -17.69
C PHE A 87 -5.89 -1.13 -16.29
N ASP A 88 -5.99 -2.34 -15.73
CA ASP A 88 -6.55 -2.49 -14.40
C ASP A 88 -5.86 -3.61 -13.63
N PHE A 89 -5.83 -3.49 -12.31
CA PHE A 89 -5.20 -4.49 -11.46
C PHE A 89 -5.94 -4.62 -10.13
N THR A 90 -5.54 -5.62 -9.35
CA THR A 90 -6.14 -5.86 -8.05
C THR A 90 -5.09 -5.72 -6.95
N THR A 91 -5.54 -5.52 -5.72
CA THR A 91 -4.60 -5.37 -4.60
C THR A 91 -5.03 -6.23 -3.42
N THR A 92 -4.16 -7.13 -2.99
CA THR A 92 -4.44 -8.01 -1.86
C THR A 92 -3.36 -7.96 -0.79
N SER A 93 -3.78 -8.29 0.43
CA SER A 93 -2.88 -8.32 1.57
C SER A 93 -1.79 -9.38 1.40
N THR A 94 -2.15 -10.53 0.83
CA THR A 94 -1.19 -11.62 0.64
C THR A 94 -1.37 -12.31 -0.70
N SER A 95 -0.31 -12.96 -1.16
CA SER A 95 -0.31 -13.68 -2.43
C SER A 95 -1.09 -15.00 -2.35
N THR A 96 -1.38 -15.47 -1.13
CA THR A 96 -2.07 -16.74 -0.97
C THR A 96 -3.47 -16.67 -1.59
N PRO A 97 -3.93 -17.73 -2.24
CA PRO A 97 -5.28 -17.77 -2.86
C PRO A 97 -6.39 -17.44 -1.86
N VAL A 98 -7.48 -16.86 -2.36
CA VAL A 98 -8.63 -16.50 -1.52
C VAL A 98 -9.90 -17.10 -2.11
N THR A 99 -10.91 -17.29 -1.26
CA THR A 99 -12.17 -17.87 -1.72
C THR A 99 -13.11 -16.78 -2.23
N SER A 100 -13.75 -17.05 -3.37
CA SER A 100 -14.69 -16.10 -3.97
C SER A 100 -15.92 -15.94 -3.08
N ASN A 101 -16.60 -14.82 -3.22
CA ASN A 101 -17.80 -14.56 -2.43
C ASN A 101 -19.02 -15.20 -3.09
N THR A 102 -18.76 -15.92 -4.19
CA THR A 102 -19.83 -16.61 -4.94
C THR A 102 -21.14 -15.82 -4.91
N VAL A 103 -22.24 -16.53 -5.14
CA VAL A 103 -23.56 -15.90 -5.14
C VAL A 103 -24.43 -16.49 -4.03
N THR A 104 -25.13 -15.63 -3.31
CA THR A 104 -25.99 -16.07 -2.21
C THR A 104 -25.20 -16.88 -1.19
N GLY A 105 -23.92 -17.10 -1.46
CA GLY A 105 -23.06 -17.85 -0.55
C GLY A 105 -23.08 -17.24 0.84
N GLU A 106 -23.19 -15.92 0.89
CA GLU A 106 -23.22 -15.22 2.17
C GLU A 106 -24.37 -15.73 3.05
N THR A 107 -24.12 -15.79 4.36
CA THR A 107 -25.13 -16.27 5.30
C THR A 107 -26.11 -15.15 5.63
N THR A 108 -27.26 -15.53 6.19
CA THR A 108 -28.30 -14.55 6.55
C THR A 108 -28.69 -14.72 8.03
N PRO A 109 -27.90 -14.19 8.93
CA PRO A 109 -28.18 -14.29 10.39
C PRO A 109 -29.52 -13.65 10.79
N PHE A 110 -30.05 -12.81 9.90
CA PHE A 110 -31.30 -12.10 10.19
C PHE A 110 -31.24 -11.44 11.56
N SER A 111 -32.32 -10.74 11.93
CA SER A 111 -32.37 -10.06 13.22
C SER A 111 -31.16 -9.13 13.38
N PRO A 112 -31.10 -8.09 12.59
CA PRO A 112 -29.97 -7.11 12.64
C PRO A 112 -29.74 -6.57 14.05
N LEU A 113 -28.47 -6.32 14.37
CA LEU A 113 -28.12 -5.79 15.70
C LEU A 113 -27.90 -4.29 15.62
N VAL A 114 -28.51 -3.55 16.56
CA VAL A 114 -28.39 -2.10 16.59
C VAL A 114 -27.62 -1.66 17.84
N ALA A 115 -26.69 -0.74 17.66
CA ALA A 115 -25.89 -0.25 18.78
C ALA A 115 -26.76 0.49 19.77
N THR A 116 -26.43 0.36 21.05
CA THR A 116 -27.19 1.01 22.11
C THR A 116 -26.73 2.46 22.28
N SER A 117 -27.57 3.28 22.92
CA SER A 117 -27.25 4.68 23.14
C SER A 117 -27.07 5.43 21.83
N GLU A 118 -26.88 4.69 20.74
CA GLU A 118 -26.71 5.30 19.42
C GLU A 118 -25.79 6.52 19.49
N SER A 119 -25.72 7.28 18.39
CA SER A 119 -24.88 8.48 18.32
C SER A 119 -23.81 8.49 19.41
N VAL A 120 -22.71 7.78 19.16
CA VAL A 120 -21.62 7.71 20.13
C VAL A 120 -20.27 7.96 19.44
N THR A 121 -19.38 8.65 20.15
CA THR A 121 -18.06 8.94 19.61
C THR A 121 -17.14 7.72 19.74
N GLU A 122 -16.36 7.46 18.70
CA GLU A 122 -15.46 6.31 18.72
C GLU A 122 -14.50 6.41 19.90
N ILE A 123 -14.21 5.27 20.52
CA ILE A 123 -13.30 5.21 21.67
C ILE A 123 -12.08 4.36 21.34
N THR A 124 -10.90 4.87 21.72
CA THR A 124 -9.66 4.14 21.48
C THR A 124 -9.42 3.12 22.57
N ALA A 125 -8.57 2.12 22.30
CA ALA A 125 -8.30 1.09 23.30
C ALA A 125 -6.84 0.63 23.21
N SER A 126 -6.33 0.14 24.36
CA SER A 126 -4.96 -0.36 24.48
C SER A 126 -4.09 -0.04 23.27
N SER A 127 -4.14 1.23 22.88
CA SER A 127 -3.37 1.70 21.74
C SER A 127 -1.90 1.38 21.91
N PHE A 128 -1.15 1.53 20.82
CA PHE A 128 0.29 1.25 20.84
C PHE A 128 1.05 2.38 20.17
N VAL A 129 2.25 2.67 20.66
CA VAL A 129 3.06 3.70 20.05
C VAL A 129 4.41 3.12 19.68
N VAL A 130 4.59 2.81 18.40
CA VAL A 130 5.83 2.22 17.94
C VAL A 130 6.59 3.17 17.03
N SER A 131 7.91 3.21 17.20
CA SER A 131 8.75 4.07 16.39
C SER A 131 9.89 3.27 15.78
N TRP A 132 10.40 3.70 14.64
CA TRP A 132 11.49 2.99 13.98
C TRP A 132 12.43 3.98 13.29
N VAL A 133 13.28 3.45 12.41
CA VAL A 133 14.23 4.29 11.70
C VAL A 133 14.07 4.13 10.19
N SER A 134 13.91 5.26 9.49
CA SER A 134 13.75 5.22 8.04
C SER A 134 14.95 4.54 7.39
N ALA A 135 15.19 3.29 7.78
CA ALA A 135 16.31 2.52 7.25
C ALA A 135 16.52 2.81 5.76
N SER A 136 16.07 3.97 5.30
CA SER A 136 16.22 4.32 3.89
C SER A 136 15.61 5.69 3.60
N ASP A 137 16.40 6.54 2.96
CA ASP A 137 15.93 7.88 2.62
C ASP A 137 15.20 7.87 1.28
N THR A 138 15.28 6.74 0.59
CA THR A 138 14.63 6.60 -0.70
C THR A 138 13.19 6.12 -0.52
N VAL A 139 12.80 5.93 0.73
CA VAL A 139 11.44 5.49 1.05
C VAL A 139 10.44 6.56 0.63
N SER A 140 9.34 6.14 0.03
CA SER A 140 8.31 7.07 -0.40
C SER A 140 7.21 7.17 0.64
N GLY A 141 7.20 6.20 1.55
CA GLY A 141 6.22 6.17 2.61
C GLY A 141 6.45 4.93 3.48
N PHE A 142 5.68 4.82 4.54
CA PHE A 142 5.81 3.67 5.43
C PHE A 142 4.47 2.94 5.56
N ARG A 143 4.54 1.64 5.81
CA ARG A 143 3.33 0.85 5.98
C ARG A 143 3.43 -0.02 7.22
N VAL A 144 2.48 0.18 8.13
CA VAL A 144 2.48 -0.58 9.37
C VAL A 144 1.40 -1.65 9.33
N GLU A 145 1.74 -2.85 9.78
CA GLU A 145 0.79 -3.95 9.80
C GLU A 145 0.76 -4.59 11.18
N TYR A 146 -0.44 -4.76 11.71
CA TYR A 146 -0.60 -5.35 13.03
C TYR A 146 -1.78 -6.32 13.05
N GLU A 147 -1.56 -7.48 13.65
CA GLU A 147 -2.61 -8.50 13.73
C GLU A 147 -2.49 -9.25 15.06
N LEU A 148 -3.56 -9.92 15.46
CA LEU A 148 -3.54 -10.66 16.71
C LEU A 148 -2.66 -11.89 16.60
N SER A 149 -1.69 -11.99 17.52
CA SER A 149 -0.78 -13.12 17.52
C SER A 149 -1.48 -14.40 17.98
N GLU A 150 -2.72 -14.26 18.43
CA GLU A 150 -3.48 -15.40 18.92
C GLU A 150 -4.62 -15.75 17.96
N GLU A 151 -5.63 -14.89 17.91
CA GLU A 151 -6.78 -15.11 17.06
C GLU A 151 -6.39 -15.19 15.60
N GLY A 152 -5.40 -14.41 15.21
CA GLY A 152 -4.94 -14.40 13.82
C GLY A 152 -5.88 -13.57 12.95
N ASP A 153 -6.83 -12.89 13.58
CA ASP A 153 -7.78 -12.06 12.85
C ASP A 153 -7.16 -11.56 11.55
N GLU A 154 -7.85 -10.65 10.88
CA GLU A 154 -7.35 -10.10 9.63
C GLU A 154 -6.36 -8.98 9.91
N PRO A 155 -5.29 -8.93 9.17
CA PRO A 155 -4.25 -7.89 9.34
C PRO A 155 -4.71 -6.51 8.90
N GLN A 156 -4.24 -5.49 9.59
CA GLN A 156 -4.59 -4.11 9.24
C GLN A 156 -3.35 -3.36 8.79
N TYR A 157 -3.51 -2.45 7.84
CA TYR A 157 -2.36 -1.70 7.34
C TYR A 157 -2.57 -0.21 7.49
N LEU A 158 -1.50 0.48 7.84
CA LEU A 158 -1.53 1.93 8.00
C LEU A 158 -0.40 2.54 7.19
N ASP A 159 -0.74 3.50 6.35
CA ASP A 159 0.25 4.14 5.50
C ASP A 159 0.68 5.50 6.04
N LEU A 160 1.99 5.69 6.12
CA LEU A 160 2.56 6.94 6.61
C LEU A 160 3.56 7.48 5.61
N PRO A 161 3.82 8.76 5.64
CA PRO A 161 4.80 9.40 4.70
C PRO A 161 6.24 8.99 4.99
N SER A 162 7.09 9.13 3.98
CA SER A 162 8.49 8.77 4.12
C SER A 162 9.15 9.58 5.24
N THR A 163 8.45 10.61 5.71
CA THR A 163 8.98 11.45 6.77
C THR A 163 8.50 10.96 8.13
N ALA A 164 7.59 10.00 8.13
CA ALA A 164 7.07 9.44 9.37
C ALA A 164 8.01 8.37 9.91
N THR A 165 8.28 8.41 11.21
CA THR A 165 9.17 7.42 11.82
C THR A 165 8.55 6.87 13.10
N SER A 166 7.25 7.08 13.26
CA SER A 166 6.53 6.61 14.44
C SER A 166 5.03 6.71 14.21
N VAL A 167 4.27 5.78 14.79
CA VAL A 167 2.83 5.80 14.62
C VAL A 167 2.12 5.17 15.81
N ASN A 168 0.91 5.64 16.07
CA ASN A 168 0.11 5.12 17.18
C ASN A 168 -1.03 4.24 16.62
N ILE A 169 -1.09 3.01 17.10
CA ILE A 169 -2.13 2.08 16.64
C ILE A 169 -3.27 2.01 17.65
N PRO A 170 -4.37 2.64 17.33
CA PRO A 170 -5.58 2.65 18.20
C PRO A 170 -6.53 1.50 17.89
N ASP A 171 -7.63 1.46 18.63
CA ASP A 171 -8.64 0.43 18.45
C ASP A 171 -8.09 -0.97 18.72
N LEU A 172 -7.13 -1.05 19.65
CA LEU A 172 -6.53 -2.34 19.99
C LEU A 172 -7.36 -3.04 21.06
N LEU A 173 -7.37 -4.37 21.01
CA LEU A 173 -8.13 -5.16 21.98
C LEU A 173 -7.29 -5.45 23.22
N PRO A 174 -7.70 -4.92 24.34
CA PRO A 174 -6.99 -5.12 25.63
C PRO A 174 -6.89 -6.59 26.01
N GLY A 175 -5.75 -6.98 26.56
CA GLY A 175 -5.54 -8.37 26.97
C GLY A 175 -5.26 -9.26 25.76
N ARG A 176 -4.81 -8.64 24.68
CA ARG A 176 -4.51 -9.39 23.46
C ARG A 176 -3.10 -9.08 22.98
N LYS A 177 -2.47 -10.06 22.32
CA LYS A 177 -1.13 -9.87 21.80
C LYS A 177 -1.19 -9.57 20.32
N TYR A 178 -0.48 -8.53 19.90
CA TYR A 178 -0.47 -8.15 18.50
C TYR A 178 0.94 -8.19 17.93
N ILE A 179 1.05 -8.51 16.66
CA ILE A 179 2.34 -8.54 15.98
C ILE A 179 2.44 -7.31 15.10
N VAL A 180 3.50 -6.54 15.29
CA VAL A 180 3.68 -5.32 14.51
C VAL A 180 4.90 -5.42 13.60
N ASN A 181 4.71 -5.05 12.34
CA ASN A 181 5.80 -5.07 11.37
C ASN A 181 5.76 -3.80 10.54
N VAL A 182 6.86 -3.07 10.54
CA VAL A 182 6.94 -1.83 9.79
C VAL A 182 7.70 -2.03 8.50
N TYR A 183 7.07 -1.66 7.39
CA TYR A 183 7.69 -1.81 6.08
C TYR A 183 7.86 -0.43 5.44
N GLN A 184 9.02 -0.21 4.83
CA GLN A 184 9.25 1.07 4.17
C GLN A 184 9.03 0.90 2.67
N ILE A 185 8.32 1.84 2.07
CA ILE A 185 8.03 1.77 0.65
C ILE A 185 8.99 2.63 -0.15
N SER A 186 9.68 2.01 -1.09
CA SER A 186 10.63 2.72 -1.92
C SER A 186 9.92 3.38 -3.10
N GLU A 187 10.64 4.22 -3.81
CA GLU A 187 10.08 4.93 -4.96
C GLU A 187 9.58 3.94 -6.02
N ASP A 188 9.99 2.68 -5.89
CA ASP A 188 9.58 1.67 -6.85
C ASP A 188 8.38 0.89 -6.34
N GLY A 189 7.97 1.18 -5.11
CA GLY A 189 6.82 0.50 -4.51
C GLY A 189 7.24 -0.77 -3.80
N GLU A 190 8.54 -0.92 -3.58
CA GLU A 190 9.06 -2.11 -2.91
C GLU A 190 8.99 -1.93 -1.39
N GLN A 191 8.61 -2.99 -0.69
CA GLN A 191 8.51 -2.93 0.77
C GLN A 191 9.65 -3.71 1.41
N SER A 192 10.18 -3.16 2.50
CA SER A 192 11.28 -3.82 3.21
C SER A 192 11.05 -3.76 4.71
N LEU A 193 11.12 -4.92 5.36
CA LEU A 193 10.91 -4.97 6.80
C LEU A 193 12.05 -4.29 7.53
N ILE A 194 11.73 -3.22 8.26
CA ILE A 194 12.75 -2.49 8.99
C ILE A 194 12.58 -2.71 10.49
N LEU A 195 11.39 -3.11 10.92
CA LEU A 195 11.14 -3.34 12.34
C LEU A 195 9.96 -4.29 12.56
N SER A 196 10.22 -5.35 13.30
CA SER A 196 9.18 -6.33 13.61
C SER A 196 9.20 -6.64 15.10
N THR A 197 8.08 -6.39 15.78
CA THR A 197 8.00 -6.64 17.22
C THR A 197 6.55 -6.89 17.64
N SER A 198 6.40 -7.67 18.71
CA SER A 198 5.06 -7.97 19.23
C SER A 198 4.84 -7.29 20.56
N GLN A 199 3.58 -7.11 20.93
CA GLN A 199 3.24 -6.47 22.20
C GLN A 199 1.97 -7.07 22.79
N THR A 200 1.82 -6.91 24.10
CA THR A 200 0.64 -7.43 24.78
C THR A 200 -0.09 -6.29 25.49
N THR A 201 -1.20 -5.87 24.92
CA THR A 201 -1.99 -4.78 25.50
C THR A 201 -2.19 -5.02 27.00
N SER A 1 -1.40 8.84 -31.08
CA SER A 1 -0.77 7.64 -31.68
C SER A 1 -1.54 6.40 -31.22
N GLY A 2 -0.80 5.33 -30.89
CA GLY A 2 -1.43 4.11 -30.45
C GLY A 2 -1.03 3.78 -29.01
N PRO A 3 -1.91 3.12 -28.30
CA PRO A 3 -1.70 2.73 -26.89
C PRO A 3 -0.26 2.38 -26.55
N VAL A 4 0.14 2.77 -25.36
CA VAL A 4 1.47 2.50 -24.84
C VAL A 4 1.50 1.06 -24.31
N GLU A 5 2.68 0.59 -23.93
CA GLU A 5 2.80 -0.78 -23.42
C GLU A 5 2.98 -0.80 -21.90
N VAL A 6 2.11 -1.54 -21.23
CA VAL A 6 2.16 -1.66 -19.77
C VAL A 6 1.95 -3.11 -19.34
N PHE A 7 2.65 -3.52 -18.28
CA PHE A 7 2.54 -4.88 -17.79
C PHE A 7 2.82 -4.96 -16.29
N ILE A 8 2.52 -6.10 -15.69
CA ILE A 8 2.74 -6.31 -14.26
C ILE A 8 3.89 -7.28 -14.04
N THR A 9 4.84 -6.90 -13.18
CA THR A 9 6.00 -7.75 -12.89
C THR A 9 6.36 -7.70 -11.41
N GLU A 10 7.13 -8.70 -10.96
CA GLU A 10 7.56 -8.77 -9.57
C GLU A 10 6.44 -8.27 -8.66
N THR A 11 5.21 -8.49 -9.10
CA THR A 11 4.06 -8.04 -8.33
C THR A 11 3.13 -9.20 -7.97
N PRO A 12 3.57 -10.06 -7.10
CA PRO A 12 2.75 -11.23 -6.65
C PRO A 12 1.47 -10.79 -5.93
N SER A 13 1.54 -9.63 -5.28
CA SER A 13 0.39 -9.11 -4.56
C SER A 13 0.86 -8.27 -3.36
N GLN A 14 0.38 -7.03 -3.29
CA GLN A 14 0.76 -6.14 -2.19
C GLN A 14 -0.50 -5.63 -1.48
N PRO A 15 -0.34 -5.20 -0.26
CA PRO A 15 -1.47 -4.69 0.57
C PRO A 15 -1.83 -3.23 0.27
N ASN A 16 -0.91 -2.33 0.56
CA ASN A 16 -1.15 -0.91 0.36
C ASN A 16 -0.37 -0.35 -0.82
N SER A 17 0.69 -1.05 -1.22
CA SER A 17 1.51 -0.58 -2.33
C SER A 17 1.29 -1.43 -3.58
N HIS A 18 1.49 -0.81 -4.73
CA HIS A 18 1.32 -1.51 -6.00
C HIS A 18 2.15 -0.85 -7.10
N PRO A 19 3.26 -1.45 -7.45
CA PRO A 19 4.17 -0.92 -8.50
C PRO A 19 3.72 -1.30 -9.91
N ILE A 20 3.94 -0.40 -10.86
CA ILE A 20 3.57 -0.64 -12.25
C ILE A 20 4.76 -0.32 -13.16
N GLN A 21 4.65 -0.72 -14.43
CA GLN A 21 5.72 -0.45 -15.38
C GLN A 21 5.13 -0.28 -16.79
N TRP A 22 5.76 0.57 -17.59
CA TRP A 22 5.27 0.79 -18.95
C TRP A 22 6.42 0.95 -19.93
N ASN A 23 6.13 0.69 -21.20
CA ASN A 23 7.16 0.84 -22.24
C ASN A 23 6.63 1.71 -23.37
N ALA A 24 7.53 2.34 -24.10
CA ALA A 24 7.16 3.22 -25.20
C ALA A 24 7.98 2.91 -26.45
N PRO A 25 7.64 3.52 -27.54
CA PRO A 25 8.36 3.34 -28.83
C PRO A 25 9.87 3.51 -28.67
N GLN A 26 10.62 3.24 -29.73
CA GLN A 26 12.07 3.38 -29.67
C GLN A 26 12.47 4.84 -29.90
N PRO A 27 11.98 5.43 -30.96
CA PRO A 27 12.28 6.86 -31.28
C PRO A 27 11.71 7.81 -30.22
N SER A 28 12.35 8.96 -30.07
CA SER A 28 11.89 9.93 -29.08
C SER A 28 10.50 10.44 -29.43
N HIS A 29 9.66 9.51 -29.83
CA HIS A 29 8.28 9.83 -30.19
C HIS A 29 7.52 10.37 -28.98
N ILE A 30 7.74 9.73 -27.84
CA ILE A 30 7.07 10.13 -26.61
C ILE A 30 8.03 10.78 -25.63
N SER A 31 7.59 11.86 -25.00
CA SER A 31 8.43 12.57 -24.06
C SER A 31 8.00 12.34 -22.62
N LYS A 32 6.88 12.95 -22.24
CA LYS A 32 6.36 12.82 -20.88
C LYS A 32 5.44 11.61 -20.71
N TYR A 33 5.44 11.03 -19.52
CA TYR A 33 4.56 9.90 -19.23
C TYR A 33 3.68 10.26 -18.04
N ILE A 34 2.36 10.14 -18.22
CA ILE A 34 1.44 10.45 -17.14
C ILE A 34 0.62 9.23 -16.74
N LEU A 35 0.50 8.98 -15.44
CA LEU A 35 -0.25 7.84 -14.96
C LEU A 35 -1.41 8.28 -14.08
N ARG A 36 -2.60 7.77 -14.40
CA ARG A 36 -3.78 8.11 -13.62
C ARG A 36 -4.54 6.82 -13.26
N TRP A 37 -5.04 6.76 -12.02
CA TRP A 37 -5.75 5.56 -11.58
C TRP A 37 -6.89 5.89 -10.63
N ARG A 38 -7.79 4.93 -10.45
CA ARG A 38 -8.93 5.10 -9.55
C ARG A 38 -9.51 3.73 -9.17
N PRO A 39 -9.88 3.56 -7.93
CA PRO A 39 -10.46 2.28 -7.44
C PRO A 39 -11.78 1.96 -8.13
N LYS A 40 -11.81 0.87 -8.90
CA LYS A 40 -13.02 0.48 -9.60
C LYS A 40 -14.21 0.54 -8.64
N ASN A 41 -14.75 1.74 -8.45
CA ASN A 41 -15.88 1.92 -7.56
C ASN A 41 -16.62 3.23 -7.84
N SER A 42 -15.96 4.18 -8.50
CA SER A 42 -16.61 5.45 -8.81
C SER A 42 -15.91 6.13 -9.99
N VAL A 43 -16.62 7.02 -10.65
CA VAL A 43 -16.06 7.74 -11.81
C VAL A 43 -16.08 9.25 -11.53
N GLY A 44 -16.02 9.62 -10.27
CA GLY A 44 -16.06 11.03 -9.88
C GLY A 44 -14.65 11.60 -9.73
N ARG A 45 -14.00 11.27 -8.63
CA ARG A 45 -12.65 11.77 -8.35
C ARG A 45 -11.64 10.63 -8.27
N TRP A 46 -10.38 10.93 -8.60
CA TRP A 46 -9.34 9.92 -8.55
C TRP A 46 -7.95 10.54 -8.46
N LYS A 47 -6.91 9.71 -8.63
CA LYS A 47 -5.54 10.20 -8.52
C LYS A 47 -4.81 10.22 -9.87
N GLU A 48 -3.89 11.17 -9.98
CA GLU A 48 -3.09 11.31 -11.20
C GLU A 48 -1.66 11.68 -10.83
N ALA A 49 -0.73 11.37 -11.74
CA ALA A 49 0.67 11.66 -11.48
C ALA A 49 1.45 11.87 -12.79
N THR A 50 2.58 12.56 -12.68
CA THR A 50 3.44 12.81 -13.83
C THR A 50 4.77 12.11 -13.65
N ILE A 51 5.25 11.46 -14.73
CA ILE A 51 6.50 10.73 -14.66
C ILE A 51 7.47 11.17 -15.77
N PRO A 52 8.64 11.64 -15.41
CA PRO A 52 9.66 12.08 -16.41
C PRO A 52 9.84 11.07 -17.54
N GLY A 53 10.24 11.57 -18.70
CA GLY A 53 10.43 10.71 -19.87
C GLY A 53 11.53 9.65 -19.66
N HIS A 54 12.44 9.90 -18.72
CA HIS A 54 13.53 8.94 -18.49
C HIS A 54 13.10 7.80 -17.59
N LEU A 55 12.00 7.98 -16.86
CA LEU A 55 11.50 6.93 -15.98
C LEU A 55 10.51 6.04 -16.71
N ASN A 56 10.61 4.73 -16.48
CA ASN A 56 9.73 3.77 -17.14
C ASN A 56 8.94 2.95 -16.13
N SER A 57 8.94 3.38 -14.87
CA SER A 57 8.20 2.65 -13.84
C SER A 57 7.71 3.60 -12.75
N TYR A 58 6.52 3.32 -12.22
CA TYR A 58 5.94 4.17 -11.17
C TYR A 58 5.81 3.39 -9.87
N THR A 59 5.10 3.99 -8.93
CA THR A 59 4.86 3.36 -7.63
C THR A 59 3.55 3.87 -7.05
N ILE A 60 2.66 2.94 -6.69
CA ILE A 60 1.37 3.32 -6.13
C ILE A 60 1.24 2.88 -4.66
N LYS A 61 0.99 3.84 -3.79
CA LYS A 61 0.84 3.55 -2.37
C LYS A 61 -0.49 4.11 -1.84
N GLY A 62 -0.90 3.62 -0.68
CA GLY A 62 -2.15 4.08 -0.08
C GLY A 62 -3.33 3.29 -0.63
N LEU A 63 -3.04 2.13 -1.21
CA LEU A 63 -4.08 1.29 -1.78
C LEU A 63 -4.81 0.50 -0.71
N LYS A 64 -6.04 0.08 -1.03
CA LYS A 64 -6.85 -0.68 -0.10
C LYS A 64 -6.78 -2.18 -0.43
N PRO A 65 -6.58 -3.00 0.57
CA PRO A 65 -6.50 -4.49 0.37
C PRO A 65 -7.84 -5.08 -0.05
N GLY A 66 -7.78 -6.09 -0.92
CA GLY A 66 -8.99 -6.73 -1.39
C GLY A 66 -9.79 -5.81 -2.30
N VAL A 67 -9.09 -4.87 -2.93
CA VAL A 67 -9.75 -3.91 -3.82
C VAL A 67 -9.04 -3.88 -5.17
N VAL A 68 -9.75 -3.42 -6.20
CA VAL A 68 -9.18 -3.35 -7.54
C VAL A 68 -9.10 -1.90 -8.01
N TYR A 69 -8.00 -1.56 -8.68
CA TYR A 69 -7.81 -0.21 -9.19
C TYR A 69 -7.58 -0.23 -10.69
N GLU A 70 -8.22 0.70 -11.40
CA GLU A 70 -8.03 0.79 -12.84
C GLU A 70 -7.03 1.90 -13.12
N GLY A 71 -6.03 1.62 -13.94
CA GLY A 71 -5.02 2.62 -14.24
C GLY A 71 -4.93 2.92 -15.73
N GLN A 72 -4.46 4.13 -16.05
CA GLN A 72 -4.33 4.53 -17.43
C GLN A 72 -2.99 5.21 -17.63
N LEU A 73 -2.35 4.96 -18.76
CA LEU A 73 -1.07 5.56 -19.05
C LEU A 73 -1.16 6.48 -20.26
N ILE A 74 -0.89 7.76 -20.05
CA ILE A 74 -0.95 8.73 -21.14
C ILE A 74 0.43 9.24 -21.47
N SER A 75 0.79 9.20 -22.75
CA SER A 75 2.10 9.66 -23.19
C SER A 75 1.97 10.94 -24.01
N ILE A 76 2.61 12.01 -23.54
CA ILE A 76 2.54 13.29 -24.24
C ILE A 76 3.82 13.56 -25.03
N GLN A 77 3.67 14.23 -26.16
CA GLN A 77 4.81 14.55 -27.01
C GLN A 77 5.13 16.04 -26.89
N GLN A 78 6.38 16.40 -27.13
CA GLN A 78 6.79 17.79 -27.04
C GLN A 78 5.70 18.70 -27.60
N TYR A 79 4.78 19.10 -26.74
CA TYR A 79 3.68 19.97 -27.15
C TYR A 79 3.14 19.55 -28.52
N GLY A 80 3.19 18.25 -28.79
CA GLY A 80 2.71 17.73 -30.06
C GLY A 80 1.47 16.86 -29.88
N HIS A 81 1.62 15.59 -30.25
CA HIS A 81 0.51 14.63 -30.15
C HIS A 81 0.37 14.09 -28.73
N GLN A 82 -0.65 13.25 -28.54
CA GLN A 82 -0.89 12.63 -27.23
C GLN A 82 -1.51 11.24 -27.40
N GLU A 83 -1.23 10.34 -26.46
CA GLU A 83 -1.76 8.98 -26.54
C GLU A 83 -2.21 8.51 -25.15
N VAL A 84 -3.29 7.73 -25.10
CA VAL A 84 -3.78 7.24 -23.82
C VAL A 84 -3.96 5.72 -23.84
N THR A 85 -3.53 5.07 -22.76
CA THR A 85 -3.64 3.63 -22.62
C THR A 85 -4.39 3.27 -21.35
N ARG A 86 -5.24 2.24 -21.40
CA ARG A 86 -6.01 1.84 -20.23
C ARG A 86 -5.66 0.43 -19.78
N PHE A 87 -5.56 0.25 -18.47
CA PHE A 87 -5.25 -1.05 -17.88
C PHE A 87 -5.84 -1.15 -16.49
N ASP A 88 -5.93 -2.36 -15.94
CA ASP A 88 -6.49 -2.52 -14.60
C ASP A 88 -5.79 -3.65 -13.85
N PHE A 89 -5.77 -3.53 -12.53
CA PHE A 89 -5.14 -4.54 -11.69
C PHE A 89 -5.87 -4.69 -10.36
N THR A 90 -5.45 -5.69 -9.60
CA THR A 90 -6.06 -5.95 -8.29
C THR A 90 -5.01 -5.81 -7.19
N THR A 91 -5.46 -5.63 -5.96
CA THR A 91 -4.52 -5.49 -4.84
C THR A 91 -4.94 -6.35 -3.67
N THR A 92 -4.05 -7.26 -3.26
CA THR A 92 -4.34 -8.15 -2.13
C THR A 92 -3.18 -8.17 -1.14
N SER A 93 -2.89 -9.41 -0.72
CA SER A 93 -1.84 -9.75 0.23
C SER A 93 -2.44 -10.80 1.15
N THR A 94 -1.66 -11.76 1.60
CA THR A 94 -2.21 -12.77 2.51
C THR A 94 -2.87 -12.03 3.66
N SER A 95 -2.62 -10.74 3.70
CA SER A 95 -3.15 -9.86 4.73
C SER A 95 -4.54 -9.31 4.38
N THR A 96 -5.10 -9.70 3.23
CA THR A 96 -6.42 -9.16 2.82
C THR A 96 -7.56 -10.15 2.99
N PRO A 97 -8.50 -9.85 3.86
CA PRO A 97 -9.70 -10.70 4.14
C PRO A 97 -10.94 -10.22 3.39
N VAL A 98 -11.87 -9.63 4.15
CA VAL A 98 -13.12 -9.10 3.62
C VAL A 98 -13.20 -7.60 3.93
N THR A 99 -13.76 -6.82 3.02
CA THR A 99 -13.85 -5.37 3.22
C THR A 99 -14.52 -5.05 4.56
N SER A 100 -15.10 -6.08 5.18
CA SER A 100 -15.75 -5.91 6.48
C SER A 100 -14.72 -5.49 7.52
N ASN A 101 -15.20 -5.01 8.67
CA ASN A 101 -14.29 -4.56 9.73
C ASN A 101 -13.47 -3.36 9.27
N THR A 102 -14.17 -2.33 8.79
CA THR A 102 -13.52 -1.11 8.31
C THR A 102 -14.21 0.12 8.89
N VAL A 103 -13.51 1.26 8.87
CA VAL A 103 -14.04 2.51 9.41
C VAL A 103 -14.32 2.39 10.91
N THR A 104 -14.53 3.52 11.57
CA THR A 104 -14.78 3.55 13.01
C THR A 104 -16.14 4.19 13.31
N GLY A 105 -16.83 3.66 14.32
CA GLY A 105 -18.14 4.18 14.71
C GLY A 105 -18.43 3.91 16.19
N GLU A 106 -19.65 4.26 16.61
CA GLU A 106 -20.06 4.08 18.01
C GLU A 106 -20.96 2.85 18.15
N THR A 107 -20.82 2.15 19.27
CA THR A 107 -21.62 0.94 19.52
C THR A 107 -22.52 1.12 20.75
N THR A 108 -23.73 0.58 20.65
CA THR A 108 -24.70 0.66 21.74
C THR A 108 -24.22 -0.15 22.95
N PRO A 109 -24.75 0.11 24.13
CA PRO A 109 -24.34 -0.63 25.36
C PRO A 109 -24.41 -2.15 25.18
N PHE A 110 -25.18 -2.60 24.20
CA PHE A 110 -25.31 -4.02 23.93
C PHE A 110 -23.98 -4.57 23.40
N SER A 111 -23.75 -5.86 23.60
CA SER A 111 -22.50 -6.48 23.16
C SER A 111 -22.75 -7.63 22.18
N PRO A 112 -23.00 -7.31 20.92
CA PRO A 112 -23.25 -8.31 19.86
C PRO A 112 -22.12 -9.35 19.77
N LEU A 113 -22.42 -10.49 19.16
CA LEU A 113 -21.42 -11.54 19.02
C LEU A 113 -20.34 -11.07 18.04
N VAL A 114 -19.13 -11.64 18.18
CA VAL A 114 -18.03 -11.21 17.31
C VAL A 114 -18.41 -11.34 15.85
N ALA A 115 -18.14 -10.26 15.11
CA ALA A 115 -18.43 -10.18 13.68
C ALA A 115 -18.72 -8.72 13.32
N THR A 116 -17.87 -8.12 12.50
CA THR A 116 -18.06 -6.72 12.13
C THR A 116 -19.09 -6.57 11.01
N SER A 117 -19.63 -5.37 10.88
CA SER A 117 -20.64 -5.10 9.86
C SER A 117 -20.50 -3.66 9.35
N GLU A 118 -21.19 -3.37 8.25
CA GLU A 118 -21.16 -2.04 7.66
C GLU A 118 -21.68 -0.99 8.65
N SER A 119 -22.59 -1.42 9.52
CA SER A 119 -23.19 -0.52 10.51
C SER A 119 -22.78 -0.91 11.92
N VAL A 120 -22.72 0.06 12.82
CA VAL A 120 -22.33 -0.19 14.20
C VAL A 120 -20.92 -0.77 14.27
N THR A 121 -19.98 0.04 14.76
CA THR A 121 -18.59 -0.39 14.90
C THR A 121 -18.13 -0.23 16.35
N GLU A 122 -17.30 -1.17 16.81
CA GLU A 122 -16.80 -1.15 18.19
C GLU A 122 -15.42 -0.50 18.28
N ILE A 123 -15.20 0.23 19.37
CA ILE A 123 -13.91 0.90 19.61
C ILE A 123 -13.30 0.35 20.90
N THR A 124 -12.00 0.07 20.87
CA THR A 124 -11.30 -0.50 22.03
C THR A 124 -10.13 0.37 22.49
N ALA A 125 -9.70 0.13 23.74
CA ALA A 125 -8.59 0.87 24.33
C ALA A 125 -7.38 -0.05 24.53
N SER A 126 -6.17 0.53 24.53
CA SER A 126 -4.90 -0.22 24.72
C SER A 126 -3.99 0.08 23.52
N SER A 127 -4.04 1.34 23.12
CA SER A 127 -3.28 1.80 21.98
C SER A 127 -1.80 1.46 22.13
N PHE A 128 -1.05 1.60 21.04
CA PHE A 128 0.37 1.30 21.05
C PHE A 128 1.15 2.42 20.37
N VAL A 129 2.34 2.70 20.86
CA VAL A 129 3.17 3.71 20.24
C VAL A 129 4.51 3.11 19.86
N VAL A 130 4.67 2.80 18.58
CA VAL A 130 5.90 2.19 18.11
C VAL A 130 6.66 3.14 17.18
N SER A 131 7.98 3.16 17.35
CA SER A 131 8.83 4.00 16.52
C SER A 131 9.95 3.18 15.91
N TRP A 132 10.45 3.61 14.76
CA TRP A 132 11.53 2.89 14.09
C TRP A 132 12.48 3.85 13.40
N VAL A 133 13.32 3.32 12.52
CA VAL A 133 14.27 4.14 11.79
C VAL A 133 14.10 3.99 10.28
N SER A 134 13.95 5.10 9.58
CA SER A 134 13.78 5.07 8.14
C SER A 134 14.96 4.38 7.47
N ALA A 135 15.19 3.13 7.87
CA ALA A 135 16.30 2.35 7.33
C ALA A 135 16.49 2.62 5.83
N SER A 136 16.06 3.78 5.37
CA SER A 136 16.20 4.13 3.96
C SER A 136 15.61 5.50 3.67
N ASP A 137 16.40 6.35 3.03
CA ASP A 137 15.95 7.70 2.69
C ASP A 137 15.20 7.69 1.36
N THR A 138 15.26 6.56 0.67
CA THR A 138 14.60 6.42 -0.62
C THR A 138 13.15 5.97 -0.42
N VAL A 139 12.77 5.79 0.84
CA VAL A 139 11.42 5.35 1.16
C VAL A 139 10.42 6.44 0.76
N SER A 140 9.31 6.03 0.16
CA SER A 140 8.29 6.97 -0.27
C SER A 140 7.20 7.08 0.78
N GLY A 141 7.19 6.13 1.69
CA GLY A 141 6.22 6.10 2.77
C GLY A 141 6.43 4.86 3.63
N PHE A 142 5.67 4.76 4.71
CA PHE A 142 5.79 3.61 5.60
C PHE A 142 4.45 2.91 5.74
N ARG A 143 4.51 1.61 6.00
CA ARG A 143 3.28 0.83 6.16
C ARG A 143 3.39 -0.04 7.41
N VAL A 144 2.46 0.18 8.32
CA VAL A 144 2.44 -0.59 9.57
C VAL A 144 1.35 -1.64 9.54
N GLU A 145 1.68 -2.84 9.99
CA GLU A 145 0.71 -3.93 10.02
C GLU A 145 0.68 -4.57 11.40
N TYR A 146 -0.51 -4.71 11.95
CA TYR A 146 -0.67 -5.31 13.27
C TYR A 146 -1.85 -6.26 13.29
N GLU A 147 -1.65 -7.43 13.89
CA GLU A 147 -2.71 -8.42 13.99
C GLU A 147 -2.58 -9.17 15.32
N LEU A 148 -3.65 -9.83 15.73
CA LEU A 148 -3.65 -10.57 16.98
C LEU A 148 -2.78 -11.81 16.87
N SER A 149 -1.81 -11.92 17.77
CA SER A 149 -0.90 -13.07 17.77
C SER A 149 -1.62 -14.33 18.23
N GLU A 150 -2.85 -14.16 18.70
CA GLU A 150 -3.62 -15.31 19.19
C GLU A 150 -4.77 -15.64 18.25
N GLU A 151 -5.77 -14.77 18.21
CA GLU A 151 -6.95 -14.98 17.37
C GLU A 151 -6.56 -15.07 15.90
N GLY A 152 -5.56 -14.29 15.50
CA GLY A 152 -5.11 -14.30 14.11
C GLY A 152 -6.05 -13.46 13.24
N ASP A 153 -6.98 -12.77 13.88
CA ASP A 153 -7.93 -11.93 13.16
C ASP A 153 -7.31 -11.43 11.86
N GLU A 154 -8.00 -10.52 11.18
CA GLU A 154 -7.49 -9.98 9.93
C GLU A 154 -6.50 -8.86 10.21
N PRO A 155 -5.44 -8.83 9.45
CA PRO A 155 -4.37 -7.80 9.61
C PRO A 155 -4.82 -6.42 9.17
N GLN A 156 -4.33 -5.39 9.85
CA GLN A 156 -4.67 -4.02 9.51
C GLN A 156 -3.42 -3.30 9.05
N TYR A 157 -3.58 -2.38 8.10
CA TYR A 157 -2.43 -1.65 7.59
C TYR A 157 -2.62 -0.14 7.73
N LEU A 158 -1.53 0.53 8.07
CA LEU A 158 -1.55 1.97 8.23
C LEU A 158 -0.41 2.57 7.40
N ASP A 159 -0.75 3.54 6.56
CA ASP A 159 0.25 4.16 5.71
C ASP A 159 0.69 5.51 6.24
N LEU A 160 2.01 5.69 6.31
CA LEU A 160 2.59 6.93 6.79
C LEU A 160 3.59 7.46 5.77
N PRO A 161 3.88 8.73 5.82
CA PRO A 161 4.85 9.36 4.86
C PRO A 161 6.28 8.93 5.14
N SER A 162 7.13 9.06 4.12
CA SER A 162 8.53 8.68 4.25
C SER A 162 9.21 9.48 5.37
N THR A 163 8.52 10.52 5.83
CA THR A 163 9.06 11.36 6.89
C THR A 163 8.61 10.88 8.26
N ALA A 164 7.68 9.92 8.26
CA ALA A 164 7.16 9.39 9.51
C ALA A 164 8.09 8.29 10.04
N THR A 165 8.37 8.34 11.34
CA THR A 165 9.25 7.34 11.95
C THR A 165 8.63 6.79 13.24
N SER A 166 7.33 7.02 13.41
CA SER A 166 6.63 6.56 14.59
C SER A 166 5.13 6.68 14.38
N VAL A 167 4.37 5.77 14.96
CA VAL A 167 2.92 5.81 14.81
C VAL A 167 2.21 5.18 16.00
N ASN A 168 1.00 5.67 16.28
CA ASN A 168 0.21 5.16 17.39
C ASN A 168 -0.93 4.30 16.84
N ILE A 169 -1.02 3.07 17.32
CA ILE A 169 -2.07 2.16 16.88
C ILE A 169 -3.21 2.10 17.89
N PRO A 170 -4.30 2.74 17.58
CA PRO A 170 -5.50 2.77 18.46
C PRO A 170 -6.46 1.63 18.17
N ASP A 171 -7.56 1.60 18.91
CA ASP A 171 -8.59 0.59 18.74
C ASP A 171 -8.04 -0.82 19.01
N LEU A 172 -7.10 -0.91 19.93
CA LEU A 172 -6.50 -2.21 20.27
C LEU A 172 -7.33 -2.90 21.34
N LEU A 173 -7.35 -4.23 21.31
CA LEU A 173 -8.12 -5.01 22.27
C LEU A 173 -7.28 -5.30 23.50
N PRO A 174 -7.67 -4.76 24.63
CA PRO A 174 -6.94 -4.96 25.92
C PRO A 174 -6.87 -6.44 26.30
N GLY A 175 -5.72 -6.85 26.84
CA GLY A 175 -5.53 -8.23 27.26
C GLY A 175 -5.27 -9.13 26.05
N ARG A 176 -4.83 -8.52 24.95
CA ARG A 176 -4.54 -9.28 23.73
C ARG A 176 -3.13 -8.99 23.24
N LYS A 177 -2.53 -9.97 22.58
CA LYS A 177 -1.19 -9.81 22.05
C LYS A 177 -1.25 -9.51 20.56
N TYR A 178 -0.53 -8.47 20.14
CA TYR A 178 -0.53 -8.09 18.74
C TYR A 178 0.88 -8.16 18.16
N ILE A 179 0.97 -8.48 16.88
CA ILE A 179 2.25 -8.53 16.21
C ILE A 179 2.37 -7.30 15.32
N VAL A 180 3.44 -6.55 15.49
CA VAL A 180 3.62 -5.33 14.71
C VAL A 180 4.84 -5.44 13.80
N ASN A 181 4.64 -5.07 12.53
CA ASN A 181 5.71 -5.12 11.55
C ASN A 181 5.69 -3.84 10.72
N VAL A 182 6.81 -3.12 10.72
CA VAL A 182 6.89 -1.88 9.96
C VAL A 182 7.64 -2.10 8.66
N TYR A 183 7.01 -1.73 7.55
CA TYR A 183 7.62 -1.87 6.24
C TYR A 183 7.80 -0.51 5.60
N GLN A 184 8.95 -0.30 4.96
CA GLN A 184 9.20 0.97 4.31
C GLN A 184 8.96 0.80 2.82
N ILE A 185 8.25 1.76 2.22
CA ILE A 185 7.94 1.68 0.80
C ILE A 185 8.91 2.53 -0.01
N SER A 186 9.59 1.90 -0.95
CA SER A 186 10.54 2.58 -1.80
C SER A 186 9.83 3.26 -2.97
N GLU A 187 10.56 4.09 -3.69
CA GLU A 187 9.99 4.80 -4.83
C GLU A 187 9.48 3.82 -5.88
N ASP A 188 9.88 2.56 -5.76
CA ASP A 188 9.44 1.54 -6.71
C ASP A 188 8.23 0.78 -6.19
N GLY A 189 7.84 1.08 -4.95
CA GLY A 189 6.68 0.42 -4.35
C GLY A 189 7.10 -0.87 -3.64
N GLU A 190 8.40 -1.03 -3.44
CA GLU A 190 8.90 -2.22 -2.75
C GLU A 190 8.85 -2.04 -1.24
N GLN A 191 8.45 -3.10 -0.53
CA GLN A 191 8.37 -3.02 0.92
C GLN A 191 9.51 -3.81 1.56
N SER A 192 10.06 -3.28 2.64
CA SER A 192 11.16 -3.94 3.34
C SER A 192 10.94 -3.88 4.85
N LEU A 193 10.99 -5.03 5.50
CA LEU A 193 10.79 -5.08 6.94
C LEU A 193 11.95 -4.42 7.66
N ILE A 194 11.65 -3.35 8.39
CA ILE A 194 12.68 -2.62 9.12
C ILE A 194 12.53 -2.83 10.62
N LEU A 195 11.33 -3.21 11.05
CA LEU A 195 11.10 -3.44 12.47
C LEU A 195 9.91 -4.38 12.70
N SER A 196 10.15 -5.45 13.45
CA SER A 196 9.11 -6.42 13.77
C SER A 196 9.14 -6.72 15.26
N THR A 197 8.02 -6.46 15.94
CA THR A 197 7.95 -6.70 17.38
C THR A 197 6.51 -6.93 17.82
N SER A 198 6.34 -7.70 18.89
CA SER A 198 5.02 -7.99 19.42
C SER A 198 4.82 -7.29 20.76
N GLN A 199 3.55 -7.11 21.13
CA GLN A 199 3.24 -6.45 22.41
C GLN A 199 1.97 -7.03 23.00
N THR A 200 1.82 -6.87 24.31
CA THR A 200 0.65 -7.38 25.01
C THR A 200 -0.07 -6.23 25.72
N THR A 201 -1.18 -5.79 25.15
CA THR A 201 -1.94 -4.70 25.75
C THR A 201 -2.14 -4.93 27.24
N SER A 1 -1.22 8.99 -30.59
CA SER A 1 -0.57 7.81 -31.22
C SER A 1 -1.34 6.55 -30.80
N GLY A 2 -0.61 5.49 -30.48
CA GLY A 2 -1.23 4.24 -30.07
C GLY A 2 -0.86 3.89 -28.64
N PRO A 3 -1.73 3.21 -27.96
CA PRO A 3 -1.55 2.80 -26.55
C PRO A 3 -0.12 2.44 -26.19
N VAL A 4 0.26 2.82 -24.98
CA VAL A 4 1.58 2.53 -24.45
C VAL A 4 1.61 1.09 -23.96
N GLU A 5 2.79 0.61 -23.56
CA GLU A 5 2.90 -0.77 -23.07
C GLU A 5 3.06 -0.82 -21.56
N VAL A 6 2.18 -1.58 -20.91
CA VAL A 6 2.20 -1.73 -19.46
C VAL A 6 2.00 -3.19 -19.06
N PHE A 7 2.68 -3.62 -18.00
CA PHE A 7 2.58 -5.00 -17.54
C PHE A 7 2.84 -5.10 -16.04
N ILE A 8 2.52 -6.26 -15.47
CA ILE A 8 2.72 -6.49 -14.04
C ILE A 8 3.88 -7.46 -13.83
N THR A 9 4.80 -7.10 -12.94
CA THR A 9 5.96 -7.95 -12.66
C THR A 9 6.30 -7.93 -11.16
N GLU A 10 7.08 -8.93 -10.72
CA GLU A 10 7.48 -9.02 -9.32
C GLU A 10 6.35 -8.55 -8.43
N THR A 11 5.11 -8.78 -8.89
CA THR A 11 3.95 -8.34 -8.13
C THR A 11 3.03 -9.51 -7.81
N PRO A 12 3.45 -10.40 -6.94
CA PRO A 12 2.63 -11.58 -6.55
C PRO A 12 1.34 -11.16 -5.84
N SER A 13 1.39 -10.02 -5.16
CA SER A 13 0.23 -9.51 -4.44
C SER A 13 0.67 -8.70 -3.22
N GLN A 14 0.18 -7.46 -3.13
CA GLN A 14 0.53 -6.60 -2.01
C GLN A 14 -0.73 -6.11 -1.31
N PRO A 15 -0.60 -5.70 -0.07
CA PRO A 15 -1.75 -5.22 0.74
C PRO A 15 -2.11 -3.76 0.48
N ASN A 16 -1.20 -2.85 0.80
CA ASN A 16 -1.45 -1.43 0.62
C ASN A 16 -0.65 -0.84 -0.53
N SER A 17 0.43 -1.54 -0.93
CA SER A 17 1.26 -1.03 -2.02
C SER A 17 1.07 -1.85 -3.28
N HIS A 18 1.28 -1.21 -4.42
CA HIS A 18 1.14 -1.88 -5.71
C HIS A 18 1.99 -1.20 -6.77
N PRO A 19 3.11 -1.78 -7.12
CA PRO A 19 4.02 -1.22 -8.14
C PRO A 19 3.59 -1.58 -9.57
N ILE A 20 3.83 -0.65 -10.49
CA ILE A 20 3.49 -0.86 -11.90
C ILE A 20 4.68 -0.52 -12.79
N GLN A 21 4.61 -0.90 -14.06
CA GLN A 21 5.69 -0.60 -14.98
C GLN A 21 5.13 -0.40 -16.39
N TRP A 22 5.75 0.46 -17.18
CA TRP A 22 5.29 0.71 -18.53
C TRP A 22 6.45 0.91 -19.49
N ASN A 23 6.20 0.68 -20.78
CA ASN A 23 7.23 0.85 -21.79
C ASN A 23 6.72 1.74 -22.91
N ALA A 24 7.64 2.39 -23.61
CA ALA A 24 7.27 3.29 -24.70
C ALA A 24 8.12 3.01 -25.93
N PRO A 25 7.79 3.65 -27.02
CA PRO A 25 8.54 3.49 -28.31
C PRO A 25 10.04 3.67 -28.11
N GLN A 26 10.81 3.43 -29.17
CA GLN A 26 12.25 3.58 -29.08
C GLN A 26 12.66 5.04 -29.27
N PRO A 27 12.18 5.66 -30.32
CA PRO A 27 12.47 7.08 -30.61
C PRO A 27 11.89 8.01 -29.54
N SER A 28 12.51 9.16 -29.35
CA SER A 28 12.03 10.12 -28.35
C SER A 28 10.65 10.61 -28.71
N HIS A 29 9.82 9.69 -29.15
CA HIS A 29 8.44 10.02 -29.53
C HIS A 29 7.66 10.52 -28.32
N ILE A 30 7.86 9.86 -27.19
CA ILE A 30 7.16 10.24 -25.96
C ILE A 30 8.11 10.86 -24.95
N SER A 31 7.65 11.93 -24.30
CA SER A 31 8.47 12.63 -23.33
C SER A 31 8.02 12.37 -21.90
N LYS A 32 6.88 12.96 -21.54
CA LYS A 32 6.34 12.79 -20.18
C LYS A 32 5.43 11.58 -20.07
N TYR A 33 5.42 10.97 -18.89
CA TYR A 33 4.54 9.83 -18.63
C TYR A 33 3.62 10.15 -17.45
N ILE A 34 2.32 10.03 -17.65
CA ILE A 34 1.37 10.31 -16.58
C ILE A 34 0.56 9.07 -16.23
N LEU A 35 0.42 8.81 -14.93
CA LEU A 35 -0.33 7.65 -14.49
C LEU A 35 -1.51 8.05 -13.62
N ARG A 36 -2.69 7.56 -13.97
CA ARG A 36 -3.89 7.86 -13.20
C ARG A 36 -4.65 6.58 -12.88
N TRP A 37 -5.17 6.47 -11.66
CA TRP A 37 -5.88 5.26 -11.26
C TRP A 37 -7.03 5.57 -10.31
N ARG A 38 -7.94 4.60 -10.18
CA ARG A 38 -9.08 4.74 -9.29
C ARG A 38 -9.66 3.36 -8.95
N PRO A 39 -10.06 3.17 -7.72
CA PRO A 39 -10.64 1.87 -7.27
C PRO A 39 -11.95 1.55 -7.98
N LYS A 40 -11.95 0.49 -8.77
CA LYS A 40 -13.16 0.10 -9.50
C LYS A 40 -14.36 0.13 -8.57
N ASN A 41 -14.90 1.32 -8.37
CA ASN A 41 -16.06 1.49 -7.48
C ASN A 41 -16.80 2.80 -7.75
N SER A 42 -16.14 3.76 -8.37
CA SER A 42 -16.78 5.04 -8.67
C SER A 42 -16.06 5.74 -9.82
N VAL A 43 -16.77 6.65 -10.49
CA VAL A 43 -16.20 7.40 -11.60
C VAL A 43 -16.23 8.90 -11.31
N GLY A 44 -16.19 9.24 -10.03
CA GLY A 44 -16.24 10.64 -9.62
C GLY A 44 -14.84 11.22 -9.43
N ARG A 45 -14.20 10.87 -8.31
CA ARG A 45 -12.86 11.37 -8.01
C ARG A 45 -11.86 10.23 -7.94
N TRP A 46 -10.59 10.54 -8.24
CA TRP A 46 -9.54 9.53 -8.19
C TRP A 46 -8.16 10.16 -8.07
N LYS A 47 -7.11 9.35 -8.23
CA LYS A 47 -5.74 9.84 -8.09
C LYS A 47 -5.00 9.90 -9.43
N GLU A 48 -4.08 10.85 -9.50
CA GLU A 48 -3.26 11.03 -10.70
C GLU A 48 -1.83 11.39 -10.30
N ALA A 49 -0.89 11.11 -11.20
CA ALA A 49 0.51 11.41 -10.92
C ALA A 49 1.30 11.64 -12.20
N THR A 50 2.43 12.33 -12.06
CA THR A 50 3.30 12.62 -13.20
C THR A 50 4.64 11.91 -13.01
N ILE A 51 5.14 11.29 -14.08
CA ILE A 51 6.40 10.57 -14.01
C ILE A 51 7.37 11.04 -15.10
N PRO A 52 8.53 11.50 -14.71
CA PRO A 52 9.57 11.98 -15.67
C PRO A 52 9.78 10.99 -16.82
N GLY A 53 10.19 11.51 -17.97
CA GLY A 53 10.42 10.69 -19.15
C GLY A 53 11.51 9.63 -18.94
N HIS A 54 12.41 9.86 -17.99
CA HIS A 54 13.49 8.91 -17.76
C HIS A 54 13.05 7.74 -16.89
N LEU A 55 11.94 7.90 -16.19
CA LEU A 55 11.44 6.83 -15.32
C LEU A 55 10.46 5.94 -16.09
N ASN A 56 10.57 4.63 -15.89
CA ASN A 56 9.70 3.69 -16.59
C ASN A 56 8.90 2.83 -15.61
N SER A 57 8.88 3.23 -14.34
CA SER A 57 8.13 2.49 -13.33
C SER A 57 7.61 3.40 -12.23
N TYR A 58 6.42 3.11 -11.73
CA TYR A 58 5.81 3.92 -10.68
C TYR A 58 5.66 3.13 -9.40
N THR A 59 4.93 3.70 -8.45
CA THR A 59 4.69 3.05 -7.17
C THR A 59 3.35 3.52 -6.60
N ILE A 60 2.47 2.59 -6.27
CA ILE A 60 1.17 2.96 -5.73
C ILE A 60 1.01 2.47 -4.28
N LYS A 61 0.74 3.41 -3.39
CA LYS A 61 0.57 3.09 -1.97
C LYS A 61 -0.77 3.63 -1.45
N GLY A 62 -1.20 3.12 -0.31
CA GLY A 62 -2.46 3.55 0.27
C GLY A 62 -3.64 2.77 -0.32
N LEU A 63 -3.33 1.64 -0.91
CA LEU A 63 -4.35 0.79 -1.53
C LEU A 63 -5.10 -0.02 -0.48
N LYS A 64 -6.31 -0.44 -0.83
CA LYS A 64 -7.14 -1.23 0.08
C LYS A 64 -7.05 -2.71 -0.29
N PRO A 65 -6.86 -3.56 0.69
CA PRO A 65 -6.77 -5.04 0.46
C PRO A 65 -8.09 -5.63 0.00
N GLY A 66 -8.02 -6.62 -0.89
CA GLY A 66 -9.22 -7.26 -1.39
C GLY A 66 -10.01 -6.32 -2.29
N VAL A 67 -9.30 -5.37 -2.89
CA VAL A 67 -9.95 -4.39 -3.77
C VAL A 67 -9.23 -4.33 -5.10
N VAL A 68 -9.91 -3.84 -6.13
CA VAL A 68 -9.32 -3.74 -7.46
C VAL A 68 -9.25 -2.29 -7.90
N TYR A 69 -8.13 -1.93 -8.54
CA TYR A 69 -7.94 -0.56 -9.02
C TYR A 69 -7.70 -0.54 -10.52
N GLU A 70 -8.32 0.39 -11.22
CA GLU A 70 -8.12 0.51 -12.65
C GLU A 70 -7.11 1.64 -12.89
N GLY A 71 -6.10 1.38 -13.71
CA GLY A 71 -5.08 2.39 -13.97
C GLY A 71 -4.97 2.72 -15.45
N GLN A 72 -4.52 3.93 -15.73
CA GLN A 72 -4.35 4.38 -17.10
C GLN A 72 -3.01 5.07 -17.26
N LEU A 73 -2.36 4.83 -18.38
CA LEU A 73 -1.07 5.45 -18.64
C LEU A 73 -1.15 6.39 -19.84
N ILE A 74 -0.89 7.68 -19.59
CA ILE A 74 -0.93 8.67 -20.66
C ILE A 74 0.45 9.19 -20.96
N SER A 75 0.82 9.19 -22.24
CA SER A 75 2.14 9.66 -22.64
C SER A 75 2.02 10.96 -23.43
N ILE A 76 2.65 12.02 -22.93
CA ILE A 76 2.58 13.32 -23.61
C ILE A 76 3.88 13.61 -24.35
N GLN A 77 3.74 14.30 -25.48
CA GLN A 77 4.89 14.65 -26.30
C GLN A 77 5.19 16.13 -26.14
N GLN A 78 6.45 16.50 -26.35
CA GLN A 78 6.85 17.89 -26.23
C GLN A 78 5.77 18.82 -26.79
N TYR A 79 4.83 19.18 -25.93
CA TYR A 79 3.73 20.07 -26.34
C TYR A 79 3.22 19.67 -27.73
N GLY A 80 3.27 18.37 -28.03
CA GLY A 80 2.81 17.88 -29.33
C GLY A 80 1.59 17.00 -29.18
N HIS A 81 1.75 15.74 -29.57
CA HIS A 81 0.64 14.77 -29.51
C HIS A 81 0.48 14.20 -28.10
N GLN A 82 -0.53 13.35 -27.95
CA GLN A 82 -0.80 12.70 -26.66
C GLN A 82 -1.41 11.31 -26.88
N GLU A 83 -1.13 10.40 -25.96
CA GLU A 83 -1.66 9.04 -26.06
C GLU A 83 -2.13 8.53 -24.70
N VAL A 84 -3.19 7.74 -24.67
CA VAL A 84 -3.71 7.21 -23.42
C VAL A 84 -3.89 5.70 -23.47
N THR A 85 -3.47 5.03 -22.39
CA THR A 85 -3.57 3.58 -22.30
C THR A 85 -4.34 3.19 -21.04
N ARG A 86 -5.19 2.17 -21.14
CA ARG A 86 -5.97 1.74 -19.98
C ARG A 86 -5.62 0.31 -19.56
N PHE A 87 -5.54 0.10 -18.25
CA PHE A 87 -5.23 -1.21 -17.69
C PHE A 87 -5.85 -1.33 -16.31
N ASP A 88 -5.95 -2.55 -15.78
CA ASP A 88 -6.52 -2.74 -14.46
C ASP A 88 -5.83 -3.89 -13.72
N PHE A 89 -5.83 -3.80 -12.40
CA PHE A 89 -5.21 -4.83 -11.57
C PHE A 89 -5.96 -5.00 -10.26
N THR A 90 -5.55 -6.02 -9.50
CA THR A 90 -6.18 -6.31 -8.22
C THR A 90 -5.15 -6.20 -7.11
N THR A 91 -5.61 -6.03 -5.87
CA THR A 91 -4.70 -5.92 -4.74
C THR A 91 -5.14 -6.81 -3.59
N THR A 92 -4.25 -7.72 -3.18
CA THR A 92 -4.55 -8.63 -2.07
C THR A 92 -3.47 -8.60 -1.00
N SER A 93 -3.82 -9.09 0.19
CA SER A 93 -2.89 -9.14 1.32
C SER A 93 -2.61 -10.59 1.71
N THR A 94 -1.40 -10.83 2.22
CA THR A 94 -1.00 -12.17 2.63
C THR A 94 -0.85 -12.23 4.15
N SER A 95 -0.79 -13.45 4.69
CA SER A 95 -0.68 -13.64 6.14
C SER A 95 0.70 -14.19 6.53
N THR A 96 1.09 -13.92 7.77
CA THR A 96 2.37 -14.38 8.28
C THR A 96 3.53 -13.87 7.41
N PRO A 97 3.71 -12.57 7.36
CA PRO A 97 4.81 -11.96 6.55
C PRO A 97 6.18 -12.49 6.98
N VAL A 98 7.11 -12.59 6.03
CA VAL A 98 8.44 -13.09 6.35
C VAL A 98 9.14 -12.11 7.31
N THR A 99 9.81 -12.67 8.33
CA THR A 99 10.49 -11.85 9.33
C THR A 99 11.99 -12.13 9.33
N SER A 100 12.78 -11.07 9.45
CA SER A 100 14.24 -11.19 9.48
C SER A 100 14.78 -10.61 10.79
N ASN A 101 15.84 -11.21 11.32
CA ASN A 101 16.44 -10.75 12.58
C ASN A 101 17.67 -9.90 12.30
N THR A 102 17.77 -8.78 13.02
CA THR A 102 18.90 -7.87 12.87
C THR A 102 19.61 -7.66 14.22
N VAL A 103 20.92 -7.54 14.18
CA VAL A 103 21.70 -7.35 15.41
C VAL A 103 21.31 -6.03 16.08
N THR A 104 21.15 -6.07 17.40
CA THR A 104 20.79 -4.89 18.16
C THR A 104 22.00 -3.98 18.37
N GLY A 105 21.78 -2.68 18.25
CA GLY A 105 22.86 -1.71 18.42
C GLY A 105 22.29 -0.30 18.61
N GLU A 106 23.19 0.69 18.68
CA GLU A 106 22.76 2.08 18.86
C GLU A 106 21.50 2.17 19.72
N THR A 107 21.47 1.37 20.78
CA THR A 107 20.32 1.35 21.68
C THR A 107 20.20 2.67 22.45
N THR A 108 21.28 3.45 22.45
CA THR A 108 21.28 4.74 23.15
C THR A 108 21.70 5.88 22.21
N PRO A 109 20.80 6.32 21.37
CA PRO A 109 21.08 7.43 20.41
C PRO A 109 21.56 8.70 21.11
N PHE A 110 22.39 9.48 20.43
CA PHE A 110 22.92 10.71 21.00
C PHE A 110 21.77 11.61 21.47
N SER A 111 20.71 11.66 20.67
CA SER A 111 19.54 12.47 21.01
C SER A 111 18.93 11.99 22.32
N PRO A 112 18.16 12.83 22.98
CA PRO A 112 17.51 12.47 24.27
C PRO A 112 16.66 11.20 24.16
N LEU A 113 16.60 10.44 25.24
CA LEU A 113 15.84 9.19 25.24
C LEU A 113 14.38 9.45 24.89
N VAL A 114 13.84 10.59 25.32
CA VAL A 114 12.47 10.94 25.03
C VAL A 114 12.38 12.37 24.47
N ALA A 115 11.37 12.61 23.64
CA ALA A 115 11.17 13.93 23.05
C ALA A 115 9.85 14.55 23.51
N THR A 116 9.34 14.05 24.64
CA THR A 116 8.07 14.53 25.18
C THR A 116 8.15 14.74 26.69
N SER A 117 7.23 15.54 27.21
CA SER A 117 7.18 15.81 28.65
C SER A 117 6.89 14.53 29.42
N GLU A 118 7.24 14.51 30.70
CA GLU A 118 7.02 13.34 31.53
C GLU A 118 5.54 12.95 31.51
N SER A 119 4.66 13.95 31.41
CA SER A 119 3.22 13.69 31.36
C SER A 119 2.64 14.24 30.06
N VAL A 120 1.56 13.62 29.59
CA VAL A 120 0.91 14.08 28.35
C VAL A 120 -0.61 14.18 28.55
N THR A 121 -1.22 15.19 27.94
CA THR A 121 -2.67 15.40 28.06
C THR A 121 -3.44 14.33 27.29
N GLU A 122 -2.78 13.75 26.28
CA GLU A 122 -3.42 12.71 25.47
C GLU A 122 -3.84 11.53 26.33
N ILE A 123 -4.96 10.91 25.98
CA ILE A 123 -5.48 9.76 26.73
C ILE A 123 -5.36 8.50 25.89
N THR A 124 -4.88 7.43 26.51
CA THR A 124 -4.70 6.15 25.83
C THR A 124 -5.46 5.04 26.56
N ALA A 125 -5.70 3.93 25.85
CA ALA A 125 -6.41 2.80 26.44
C ALA A 125 -5.73 1.49 26.06
N SER A 126 -5.36 1.36 24.80
CA SER A 126 -4.68 0.16 24.31
C SER A 126 -3.83 0.49 23.09
N SER A 127 -3.86 1.76 22.67
CA SER A 127 -3.09 2.20 21.53
C SER A 127 -1.62 1.83 21.68
N PHE A 128 -0.88 1.95 20.58
CA PHE A 128 0.55 1.64 20.58
C PHE A 128 1.33 2.74 19.89
N VAL A 129 2.54 3.00 20.37
CA VAL A 129 3.37 4.01 19.74
C VAL A 129 4.70 3.38 19.35
N VAL A 130 4.85 3.05 18.08
CA VAL A 130 6.06 2.43 17.59
C VAL A 130 6.84 3.35 16.66
N SER A 131 8.15 3.35 16.81
CA SER A 131 9.02 4.18 15.99
C SER A 131 10.13 3.34 15.37
N TRP A 132 10.63 3.75 14.22
CA TRP A 132 11.68 3.00 13.55
C TRP A 132 12.65 3.95 12.85
N VAL A 133 13.46 3.40 11.95
CA VAL A 133 14.44 4.21 11.22
C VAL A 133 14.24 4.04 9.71
N SER A 134 14.11 5.16 9.01
CA SER A 134 13.92 5.12 7.57
C SER A 134 15.10 4.40 6.90
N ALA A 135 15.31 3.16 7.30
CA ALA A 135 16.41 2.36 6.75
C ALA A 135 16.59 2.61 5.27
N SER A 136 16.17 3.78 4.80
CA SER A 136 16.31 4.12 3.38
C SER A 136 15.74 5.50 3.09
N ASP A 137 16.54 6.33 2.43
CA ASP A 137 16.10 7.68 2.09
C ASP A 137 15.35 7.67 0.76
N THR A 138 15.40 6.54 0.07
CA THR A 138 14.72 6.40 -1.20
C THR A 138 13.27 5.97 -0.99
N VAL A 139 12.89 5.81 0.27
CA VAL A 139 11.54 5.40 0.60
C VAL A 139 10.54 6.50 0.20
N SER A 140 9.43 6.10 -0.39
CA SER A 140 8.42 7.06 -0.83
C SER A 140 7.34 7.19 0.24
N GLY A 141 7.32 6.23 1.15
CA GLY A 141 6.35 6.23 2.24
C GLY A 141 6.55 5.01 3.10
N PHE A 142 5.79 4.92 4.18
CA PHE A 142 5.90 3.77 5.08
C PHE A 142 4.56 3.09 5.24
N ARG A 143 4.59 1.79 5.50
CA ARG A 143 3.36 1.03 5.67
C ARG A 143 3.46 0.18 6.93
N VAL A 144 2.53 0.40 7.84
CA VAL A 144 2.52 -0.36 9.09
C VAL A 144 1.40 -1.39 9.08
N GLU A 145 1.72 -2.59 9.54
CA GLU A 145 0.75 -3.66 9.58
C GLU A 145 0.71 -4.29 10.96
N TYR A 146 -0.49 -4.43 11.52
CA TYR A 146 -0.64 -5.00 12.84
C TYR A 146 -1.86 -5.94 12.88
N GLU A 147 -1.66 -7.10 13.49
CA GLU A 147 -2.73 -8.09 13.60
C GLU A 147 -2.61 -8.82 14.92
N LEU A 148 -3.70 -9.46 15.35
CA LEU A 148 -3.69 -10.19 16.61
C LEU A 148 -2.83 -11.45 16.50
N SER A 149 -1.87 -11.58 17.39
CA SER A 149 -0.98 -12.73 17.39
C SER A 149 -1.70 -13.98 17.87
N GLU A 150 -2.94 -13.79 18.35
CA GLU A 150 -3.72 -14.92 18.84
C GLU A 150 -4.88 -15.24 17.91
N GLU A 151 -5.86 -14.35 17.87
CA GLU A 151 -7.04 -14.55 17.04
C GLU A 151 -6.67 -14.66 15.57
N GLY A 152 -5.67 -13.89 15.15
CA GLY A 152 -5.23 -13.91 13.76
C GLY A 152 -6.15 -13.07 12.90
N ASP A 153 -7.07 -12.35 13.53
CA ASP A 153 -8.01 -11.50 12.81
C ASP A 153 -7.39 -11.03 11.50
N GLU A 154 -8.07 -10.12 10.82
CA GLU A 154 -7.57 -9.58 9.57
C GLU A 154 -6.56 -8.49 9.83
N PRO A 155 -5.50 -8.47 9.08
CA PRO A 155 -4.41 -7.46 9.23
C PRO A 155 -4.85 -6.07 8.77
N GLN A 156 -4.33 -5.05 9.45
CA GLN A 156 -4.66 -3.68 9.10
C GLN A 156 -3.39 -2.97 8.63
N TYR A 157 -3.54 -2.06 7.67
CA TYR A 157 -2.39 -1.36 7.15
C TYR A 157 -2.54 0.16 7.28
N LEU A 158 -1.45 0.82 7.62
CA LEU A 158 -1.43 2.26 7.76
C LEU A 158 -0.31 2.84 6.93
N ASP A 159 -0.64 3.81 6.09
CA ASP A 159 0.38 4.41 5.22
C ASP A 159 0.84 5.76 5.75
N LEU A 160 2.16 5.91 5.81
CA LEU A 160 2.76 7.15 6.28
C LEU A 160 3.78 7.65 5.25
N PRO A 161 4.07 8.92 5.27
CA PRO A 161 5.04 9.52 4.32
C PRO A 161 6.48 9.08 4.59
N SER A 162 7.31 9.18 3.56
CA SER A 162 8.72 8.79 3.69
C SER A 162 9.41 9.58 4.80
N THR A 163 8.74 10.64 5.26
CA THR A 163 9.31 11.48 6.30
C THR A 163 8.85 11.01 7.68
N ALA A 164 7.90 10.07 7.70
CA ALA A 164 7.39 9.54 8.96
C ALA A 164 8.31 8.44 9.48
N THR A 165 8.60 8.48 10.78
CA THR A 165 9.46 7.48 11.39
C THR A 165 8.84 6.96 12.68
N SER A 166 7.55 7.21 12.86
CA SER A 166 6.85 6.76 14.05
C SER A 166 5.34 6.90 13.85
N VAL A 167 4.56 6.00 14.44
CA VAL A 167 3.12 6.06 14.28
C VAL A 167 2.41 5.46 15.49
N ASN A 168 1.22 5.97 15.77
CA ASN A 168 0.42 5.47 16.88
C ASN A 168 -0.74 4.64 16.36
N ILE A 169 -0.85 3.40 16.84
CA ILE A 169 -1.91 2.51 16.42
C ILE A 169 -3.04 2.48 17.44
N PRO A 170 -4.13 3.12 17.13
CA PRO A 170 -5.32 3.18 18.01
C PRO A 170 -6.31 2.05 17.73
N ASP A 171 -7.40 2.05 18.48
CA ASP A 171 -8.45 1.05 18.32
C ASP A 171 -7.92 -0.36 18.60
N LEU A 172 -6.96 -0.47 19.52
CA LEU A 172 -6.39 -1.76 19.86
C LEU A 172 -7.23 -2.44 20.94
N LEU A 173 -7.27 -3.77 20.91
CA LEU A 173 -8.04 -4.53 21.89
C LEU A 173 -7.20 -4.83 23.12
N PRO A 174 -7.57 -4.27 24.24
CA PRO A 174 -6.85 -4.48 25.53
C PRO A 174 -6.78 -5.96 25.92
N GLY A 175 -5.64 -6.38 26.46
CA GLY A 175 -5.47 -7.77 26.87
C GLY A 175 -5.23 -8.67 25.67
N ARG A 176 -4.79 -8.08 24.57
CA ARG A 176 -4.52 -8.85 23.35
C ARG A 176 -3.11 -8.58 22.85
N LYS A 177 -2.52 -9.58 22.20
CA LYS A 177 -1.18 -9.44 21.66
C LYS A 177 -1.26 -9.14 20.17
N TYR A 178 -0.52 -8.14 19.73
CA TYR A 178 -0.51 -7.76 18.33
C TYR A 178 0.89 -7.85 17.74
N ILE A 179 0.96 -8.18 16.46
CA ILE A 179 2.24 -8.26 15.78
C ILE A 179 2.36 -7.03 14.88
N VAL A 180 3.45 -6.29 15.04
CA VAL A 180 3.66 -5.09 14.26
C VAL A 180 4.86 -5.23 13.34
N ASN A 181 4.66 -4.85 12.07
CA ASN A 181 5.72 -4.92 11.08
C ASN A 181 5.72 -3.65 10.25
N VAL A 182 6.84 -2.95 10.24
CA VAL A 182 6.94 -1.72 9.47
C VAL A 182 7.68 -1.95 8.17
N TYR A 183 7.05 -1.58 7.06
CA TYR A 183 7.65 -1.75 5.74
C TYR A 183 7.85 -0.39 5.10
N GLN A 184 9.00 -0.20 4.45
CA GLN A 184 9.26 1.07 3.78
C GLN A 184 9.01 0.89 2.29
N ILE A 185 8.33 1.86 1.70
CA ILE A 185 8.00 1.77 0.29
C ILE A 185 8.97 2.61 -0.53
N SER A 186 9.64 1.95 -1.48
CA SER A 186 10.59 2.63 -2.34
C SER A 186 9.89 3.30 -3.51
N GLU A 187 10.62 4.12 -4.23
CA GLU A 187 10.06 4.83 -5.38
C GLU A 187 9.53 3.85 -6.42
N ASP A 188 9.90 2.59 -6.30
CA ASP A 188 9.45 1.57 -7.24
C ASP A 188 8.23 0.84 -6.70
N GLY A 189 7.84 1.15 -5.47
CA GLY A 189 6.69 0.51 -4.85
C GLY A 189 7.08 -0.78 -4.13
N GLU A 190 8.38 -0.97 -3.93
CA GLU A 190 8.88 -2.16 -3.26
C GLU A 190 8.84 -1.97 -1.75
N GLN A 191 8.43 -3.01 -1.03
CA GLN A 191 8.35 -2.93 0.42
C GLN A 191 9.48 -3.74 1.06
N SER A 192 10.05 -3.20 2.14
CA SER A 192 11.14 -3.88 2.84
C SER A 192 10.93 -3.80 4.34
N LEU A 193 10.97 -4.96 5.00
CA LEU A 193 10.77 -5.00 6.45
C LEU A 193 11.95 -4.34 7.16
N ILE A 194 11.67 -3.26 7.88
CA ILE A 194 12.71 -2.54 8.60
C ILE A 194 12.57 -2.75 10.11
N LEU A 195 11.37 -3.11 10.54
CA LEU A 195 11.13 -3.33 11.96
C LEU A 195 9.94 -4.24 12.20
N SER A 196 10.17 -5.31 12.97
CA SER A 196 9.12 -6.25 13.29
C SER A 196 9.14 -6.56 14.79
N THR A 197 8.04 -6.27 15.47
CA THR A 197 7.97 -6.51 16.91
C THR A 197 6.53 -6.71 17.36
N SER A 198 6.36 -7.47 18.44
CA SER A 198 5.03 -7.73 18.97
C SER A 198 4.85 -7.03 20.32
N GLN A 199 3.59 -6.82 20.70
CA GLN A 199 3.29 -6.15 21.95
C GLN A 199 2.02 -6.71 22.57
N THR A 200 1.88 -6.54 23.88
CA THR A 200 0.71 -7.02 24.58
C THR A 200 0.02 -5.86 25.30
N THR A 201 -1.10 -5.41 24.74
CA THR A 201 -1.84 -4.30 25.32
C THR A 201 -2.03 -4.52 26.82
N SER A 1 -1.35 9.03 -30.95
CA SER A 1 -0.74 7.83 -31.58
C SER A 1 -1.51 6.59 -31.14
N GLY A 2 -0.80 5.51 -30.83
CA GLY A 2 -1.44 4.28 -30.39
C GLY A 2 -1.04 3.93 -28.96
N PRO A 3 -1.91 3.28 -28.26
CA PRO A 3 -1.71 2.88 -26.86
C PRO A 3 -0.27 2.49 -26.53
N VAL A 4 0.13 2.87 -25.33
CA VAL A 4 1.46 2.57 -24.81
C VAL A 4 1.48 1.13 -24.31
N GLU A 5 2.65 0.63 -23.92
CA GLU A 5 2.75 -0.74 -23.44
C GLU A 5 2.93 -0.78 -21.92
N VAL A 6 2.05 -1.52 -21.26
CA VAL A 6 2.10 -1.66 -19.81
C VAL A 6 1.89 -3.12 -19.39
N PHE A 7 2.58 -3.54 -18.34
CA PHE A 7 2.46 -4.93 -17.86
C PHE A 7 2.74 -5.02 -16.38
N ILE A 8 2.41 -6.18 -15.79
CA ILE A 8 2.64 -6.39 -14.37
C ILE A 8 3.79 -7.39 -14.16
N THR A 9 4.73 -7.03 -13.30
CA THR A 9 5.88 -7.89 -13.01
C THR A 9 6.26 -7.87 -11.53
N GLU A 10 7.02 -8.88 -11.10
CA GLU A 10 7.44 -8.97 -9.71
C GLU A 10 6.33 -8.48 -8.80
N THR A 11 5.09 -8.68 -9.23
CA THR A 11 3.96 -8.23 -8.46
C THR A 11 3.02 -9.37 -8.11
N PRO A 12 3.44 -10.27 -7.25
CA PRO A 12 2.61 -11.43 -6.82
C PRO A 12 1.34 -10.98 -6.09
N SER A 13 1.42 -9.84 -5.43
CA SER A 13 0.28 -9.31 -4.70
C SER A 13 0.75 -8.50 -3.49
N GLN A 14 0.29 -7.25 -3.41
CA GLN A 14 0.67 -6.39 -2.30
C GLN A 14 -0.57 -5.87 -1.57
N PRO A 15 -0.41 -5.46 -0.35
CA PRO A 15 -1.54 -4.95 0.50
C PRO A 15 -1.89 -3.49 0.22
N ASN A 16 -0.95 -2.60 0.52
CA ASN A 16 -1.18 -1.17 0.34
C ASN A 16 -0.39 -0.60 -0.83
N SER A 17 0.66 -1.31 -1.24
CA SER A 17 1.48 -0.83 -2.35
C SER A 17 1.25 -1.65 -3.60
N HIS A 18 1.46 -1.02 -4.75
CA HIS A 18 1.27 -1.70 -6.03
C HIS A 18 2.11 -1.04 -7.12
N PRO A 19 3.22 -1.64 -7.48
CA PRO A 19 4.12 -1.10 -8.53
C PRO A 19 3.67 -1.46 -9.93
N ILE A 20 3.91 -0.55 -10.87
CA ILE A 20 3.54 -0.76 -12.27
C ILE A 20 4.72 -0.45 -13.18
N GLN A 21 4.62 -0.83 -14.45
CA GLN A 21 5.69 -0.56 -15.40
C GLN A 21 5.10 -0.36 -16.80
N TRP A 22 5.72 0.49 -17.60
CA TRP A 22 5.24 0.74 -18.95
C TRP A 22 6.39 0.90 -19.93
N ASN A 23 6.11 0.66 -21.20
CA ASN A 23 7.13 0.82 -22.24
C ASN A 23 6.61 1.71 -23.36
N ALA A 24 7.52 2.34 -24.08
CA ALA A 24 7.15 3.24 -25.17
C ALA A 24 7.97 2.93 -26.42
N PRO A 25 7.63 3.57 -27.50
CA PRO A 25 8.35 3.40 -28.80
C PRO A 25 9.86 3.55 -28.64
N GLN A 26 10.61 3.29 -29.70
CA GLN A 26 12.06 3.41 -29.64
C GLN A 26 12.48 4.86 -29.85
N PRO A 27 11.99 5.49 -30.89
CA PRO A 27 12.31 6.91 -31.20
C PRO A 27 11.75 7.85 -30.13
N SER A 28 12.39 9.00 -29.96
CA SER A 28 11.95 9.96 -28.96
C SER A 28 10.56 10.48 -29.30
N HIS A 29 9.72 9.56 -29.71
CA HIS A 29 8.34 9.91 -30.07
C HIS A 29 7.58 10.43 -28.86
N ILE A 30 7.80 9.78 -27.71
CA ILE A 30 7.12 10.17 -26.48
C ILE A 30 8.10 10.80 -25.49
N SER A 31 7.67 11.87 -24.85
CA SER A 31 8.52 12.57 -23.90
C SER A 31 8.08 12.32 -22.45
N LYS A 32 6.97 12.93 -22.06
CA LYS A 32 6.46 12.78 -20.71
C LYS A 32 5.52 11.58 -20.57
N TYR A 33 5.52 10.99 -19.38
CA TYR A 33 4.63 9.86 -19.10
C TYR A 33 3.74 10.20 -17.90
N ILE A 34 2.43 10.11 -18.08
CA ILE A 34 1.51 10.41 -16.99
C ILE A 34 0.69 9.19 -16.63
N LEU A 35 0.56 8.93 -15.32
CA LEU A 35 -0.20 7.78 -14.86
C LEU A 35 -1.36 8.22 -13.97
N ARG A 36 -2.54 7.74 -14.30
CA ARG A 36 -3.73 8.07 -13.50
C ARG A 36 -4.50 6.80 -13.17
N TRP A 37 -4.99 6.71 -11.93
CA TRP A 37 -5.72 5.51 -11.51
C TRP A 37 -6.86 5.85 -10.55
N ARG A 38 -7.76 4.88 -10.39
CA ARG A 38 -8.90 5.06 -9.48
C ARG A 38 -9.50 3.69 -9.11
N PRO A 39 -9.87 3.51 -7.88
CA PRO A 39 -10.46 2.22 -7.40
C PRO A 39 -11.79 1.93 -8.09
N LYS A 40 -11.83 0.85 -8.87
CA LYS A 40 -13.04 0.48 -9.58
C LYS A 40 -14.24 0.54 -8.63
N ASN A 41 -14.76 1.75 -8.42
CA ASN A 41 -15.89 1.92 -7.52
C ASN A 41 -16.61 3.24 -7.78
N SER A 42 -15.95 4.19 -8.43
CA SER A 42 -16.57 5.49 -8.72
C SER A 42 -15.86 6.17 -9.89
N VAL A 43 -16.57 7.08 -10.55
CA VAL A 43 -16.01 7.81 -11.68
C VAL A 43 -16.02 9.30 -11.39
N GLY A 44 -15.95 9.66 -10.11
CA GLY A 44 -15.97 11.07 -9.72
C GLY A 44 -14.55 11.62 -9.56
N ARG A 45 -13.91 11.27 -8.45
CA ARG A 45 -12.55 11.75 -8.18
C ARG A 45 -11.56 10.60 -8.12
N TRP A 46 -10.30 10.88 -8.44
CA TRP A 46 -9.26 9.86 -8.41
C TRP A 46 -7.86 10.47 -8.31
N LYS A 47 -6.83 9.63 -8.49
CA LYS A 47 -5.45 10.11 -8.38
C LYS A 47 -4.74 10.15 -9.72
N GLU A 48 -3.81 11.09 -9.83
CA GLU A 48 -3.00 11.24 -11.03
C GLU A 48 -1.56 11.58 -10.67
N ALA A 49 -0.65 11.28 -11.58
CA ALA A 49 0.77 11.55 -11.33
C ALA A 49 1.54 11.76 -12.63
N THR A 50 2.68 12.44 -12.51
CA THR A 50 3.54 12.71 -13.67
C THR A 50 4.87 11.99 -13.50
N ILE A 51 5.33 11.35 -14.57
CA ILE A 51 6.59 10.61 -14.52
C ILE A 51 7.55 11.05 -15.62
N PRO A 52 8.72 11.50 -15.27
CA PRO A 52 9.75 11.95 -16.25
C PRO A 52 9.92 10.95 -17.39
N GLY A 53 10.33 11.46 -18.55
CA GLY A 53 10.51 10.62 -19.74
C GLY A 53 11.58 9.55 -19.53
N HIS A 54 12.51 9.77 -18.60
CA HIS A 54 13.58 8.80 -18.39
C HIS A 54 13.15 7.65 -17.49
N LEU A 55 12.04 7.83 -16.78
CA LEU A 55 11.54 6.77 -15.90
C LEU A 55 10.54 5.90 -16.65
N ASN A 56 10.63 4.59 -16.43
CA ASN A 56 9.73 3.66 -17.11
C ASN A 56 8.94 2.82 -16.10
N SER A 57 8.94 3.23 -14.84
CA SER A 57 8.20 2.50 -13.81
C SER A 57 7.72 3.44 -12.71
N TYR A 58 6.53 3.16 -12.19
CA TYR A 58 5.95 3.99 -11.13
C TYR A 58 5.82 3.21 -9.83
N THR A 59 5.11 3.80 -8.88
CA THR A 59 4.88 3.16 -7.60
C THR A 59 3.56 3.65 -7.00
N ILE A 60 2.67 2.74 -6.65
CA ILE A 60 1.38 3.13 -6.08
C ILE A 60 1.25 2.67 -4.64
N LYS A 61 1.01 3.62 -3.74
CA LYS A 61 0.86 3.30 -2.33
C LYS A 61 -0.46 3.86 -1.80
N GLY A 62 -0.88 3.38 -0.63
CA GLY A 62 -2.13 3.83 -0.02
C GLY A 62 -3.31 3.07 -0.59
N LEU A 63 -3.04 1.91 -1.18
CA LEU A 63 -4.09 1.09 -1.77
C LEU A 63 -4.83 0.29 -0.70
N LYS A 64 -6.05 -0.11 -1.03
CA LYS A 64 -6.87 -0.88 -0.11
C LYS A 64 -6.81 -2.37 -0.46
N PRO A 65 -6.63 -3.21 0.52
CA PRO A 65 -6.56 -4.69 0.30
C PRO A 65 -7.90 -5.27 -0.13
N GLY A 66 -7.87 -6.26 -1.01
CA GLY A 66 -9.08 -6.89 -1.50
C GLY A 66 -9.87 -5.94 -2.38
N VAL A 67 -9.16 -4.99 -3.00
CA VAL A 67 -9.80 -4.02 -3.88
C VAL A 67 -9.11 -3.98 -5.23
N VAL A 68 -9.81 -3.49 -6.24
CA VAL A 68 -9.23 -3.41 -7.58
C VAL A 68 -9.14 -1.96 -8.04
N TYR A 69 -8.04 -1.62 -8.70
CA TYR A 69 -7.83 -0.27 -9.19
C TYR A 69 -7.61 -0.26 -10.70
N GLU A 70 -8.24 0.68 -11.39
CA GLU A 70 -8.05 0.79 -12.83
C GLU A 70 -7.04 1.90 -13.09
N GLY A 71 -6.04 1.61 -13.92
CA GLY A 71 -5.01 2.61 -14.21
C GLY A 71 -4.93 2.92 -15.69
N GLN A 72 -4.47 4.13 -15.99
CA GLN A 72 -4.32 4.55 -17.37
C GLN A 72 -2.97 5.24 -17.56
N LEU A 73 -2.34 4.97 -18.69
CA LEU A 73 -1.04 5.57 -18.97
C LEU A 73 -1.14 6.51 -20.17
N ILE A 74 -0.84 7.78 -19.95
CA ILE A 74 -0.90 8.77 -21.01
C ILE A 74 0.50 9.28 -21.35
N SER A 75 0.84 9.25 -22.64
CA SER A 75 2.15 9.70 -23.06
C SER A 75 2.04 11.00 -23.86
N ILE A 76 2.70 12.05 -23.38
CA ILE A 76 2.63 13.34 -24.07
C ILE A 76 3.92 13.61 -24.84
N GLN A 77 3.77 14.29 -25.97
CA GLN A 77 4.91 14.63 -26.80
C GLN A 77 5.25 16.11 -26.67
N GLN A 78 6.51 16.45 -26.90
CA GLN A 78 6.93 17.83 -26.80
C GLN A 78 5.85 18.76 -27.35
N TYR A 79 4.93 19.16 -26.48
CA TYR A 79 3.85 20.05 -26.88
C TYR A 79 3.30 19.65 -28.25
N GLY A 80 3.33 18.36 -28.54
CA GLY A 80 2.84 17.87 -29.81
C GLY A 80 1.61 17.00 -29.65
N HIS A 81 1.73 15.73 -30.03
CA HIS A 81 0.62 14.79 -29.94
C HIS A 81 0.48 14.22 -28.53
N GLN A 82 -0.56 13.39 -28.35
CA GLN A 82 -0.81 12.75 -27.06
C GLN A 82 -1.44 11.39 -27.26
N GLU A 83 -1.16 10.46 -26.33
CA GLU A 83 -1.72 9.11 -26.41
C GLU A 83 -2.16 8.63 -25.04
N VAL A 84 -3.24 7.86 -24.99
CA VAL A 84 -3.75 7.35 -23.72
C VAL A 84 -3.94 5.83 -23.75
N THR A 85 -3.51 5.17 -22.68
CA THR A 85 -3.64 3.71 -22.57
C THR A 85 -4.40 3.35 -21.30
N ARG A 86 -5.25 2.34 -21.37
CA ARG A 86 -6.03 1.93 -20.20
C ARG A 86 -5.70 0.50 -19.78
N PHE A 87 -5.59 0.30 -18.46
CA PHE A 87 -5.29 -1.02 -17.90
C PHE A 87 -5.88 -1.11 -16.50
N ASP A 88 -5.99 -2.33 -15.97
CA ASP A 88 -6.55 -2.51 -14.64
C ASP A 88 -5.86 -3.65 -13.90
N PHE A 89 -5.83 -3.55 -12.58
CA PHE A 89 -5.21 -4.59 -11.75
C PHE A 89 -5.94 -4.75 -10.43
N THR A 90 -5.54 -5.76 -9.68
CA THR A 90 -6.15 -6.04 -8.38
C THR A 90 -5.09 -5.92 -7.28
N THR A 91 -5.53 -5.75 -6.04
CA THR A 91 -4.59 -5.64 -4.93
C THR A 91 -5.03 -6.52 -3.76
N THR A 92 -4.15 -7.43 -3.36
CA THR A 92 -4.45 -8.34 -2.25
C THR A 92 -3.36 -8.36 -1.17
N SER A 93 -3.77 -8.90 -0.02
CA SER A 93 -2.91 -9.08 1.14
C SER A 93 -2.85 -10.57 1.49
N THR A 94 -1.78 -11.00 2.13
CA THR A 94 -1.64 -12.41 2.50
C THR A 94 -2.97 -12.94 3.05
N SER A 95 -3.63 -12.12 3.87
CA SER A 95 -4.92 -12.48 4.46
C SER A 95 -6.00 -11.52 3.94
N THR A 96 -7.20 -12.04 3.72
CA THR A 96 -8.30 -11.22 3.21
C THR A 96 -9.19 -10.70 4.35
N PRO A 97 -9.21 -9.41 4.61
CA PRO A 97 -10.07 -8.83 5.69
C PRO A 97 -11.54 -9.17 5.53
N VAL A 98 -12.23 -9.31 6.66
CA VAL A 98 -13.66 -9.62 6.65
C VAL A 98 -14.45 -8.46 7.25
N THR A 99 -15.55 -8.09 6.59
CA THR A 99 -16.37 -6.98 7.06
C THR A 99 -17.38 -7.45 8.12
N SER A 100 -17.90 -6.50 8.88
CA SER A 100 -18.88 -6.80 9.93
C SER A 100 -20.20 -6.09 9.64
N ASN A 101 -21.31 -6.76 9.96
CA ASN A 101 -22.63 -6.18 9.71
C ASN A 101 -23.08 -5.32 10.89
N THR A 102 -22.19 -5.13 11.87
CA THR A 102 -22.51 -4.32 13.04
C THR A 102 -22.29 -2.84 12.75
N VAL A 103 -22.92 -1.98 13.56
CA VAL A 103 -22.79 -0.53 13.40
C VAL A 103 -22.05 0.08 14.58
N THR A 104 -21.49 -0.78 15.44
CA THR A 104 -20.76 -0.32 16.61
C THR A 104 -19.32 0.04 16.26
N GLY A 105 -18.67 0.79 17.13
CA GLY A 105 -17.28 1.20 16.92
C GLY A 105 -17.21 2.55 16.20
N GLU A 106 -18.37 3.18 16.00
CA GLU A 106 -18.44 4.47 15.33
C GLU A 106 -18.74 5.59 16.32
N THR A 107 -18.16 6.77 16.06
CA THR A 107 -18.34 7.96 16.91
C THR A 107 -18.57 7.62 18.38
N THR A 108 -17.94 8.40 19.26
CA THR A 108 -18.07 8.20 20.71
C THR A 108 -18.50 9.51 21.39
N PRO A 109 -19.77 9.84 21.31
CA PRO A 109 -20.31 11.10 21.92
C PRO A 109 -19.98 11.21 23.42
N PHE A 110 -19.71 12.43 23.86
CA PHE A 110 -19.39 12.69 25.26
C PHE A 110 -20.52 12.21 26.17
N SER A 111 -21.75 12.44 25.71
CA SER A 111 -22.93 12.04 26.48
C SER A 111 -22.98 12.77 27.83
N PRO A 112 -23.16 14.07 27.80
CA PRO A 112 -23.23 14.91 29.03
C PRO A 112 -24.32 14.42 29.99
N LEU A 113 -25.27 13.66 29.46
CA LEU A 113 -26.38 13.15 30.26
C LEU A 113 -25.85 12.32 31.44
N VAL A 114 -24.74 11.63 31.22
CA VAL A 114 -24.17 10.80 32.28
C VAL A 114 -23.65 11.68 33.42
N ALA A 115 -23.96 11.31 34.65
CA ALA A 115 -23.53 12.07 35.83
C ALA A 115 -22.67 11.20 36.74
N THR A 116 -23.19 10.92 37.93
CA THR A 116 -22.47 10.09 38.90
C THR A 116 -22.53 8.62 38.50
N SER A 117 -21.38 7.95 38.61
CA SER A 117 -21.29 6.53 38.25
C SER A 117 -20.41 5.77 39.25
N GLU A 118 -20.51 4.45 39.23
CA GLU A 118 -19.71 3.63 40.12
C GLU A 118 -18.23 3.92 39.94
N SER A 119 -17.46 3.83 41.01
CA SER A 119 -16.03 4.11 40.94
C SER A 119 -15.34 3.15 39.99
N VAL A 120 -14.34 3.67 39.28
CA VAL A 120 -13.59 2.88 38.31
C VAL A 120 -12.12 2.80 38.69
N THR A 121 -11.52 1.62 38.54
CA THR A 121 -10.12 1.42 38.87
C THR A 121 -9.24 2.01 37.77
N GLU A 122 -7.96 2.23 38.06
CA GLU A 122 -7.05 2.79 37.07
C GLU A 122 -7.02 1.94 35.80
N ILE A 123 -6.96 2.61 34.65
CA ILE A 123 -6.92 1.92 33.35
C ILE A 123 -5.72 2.38 32.53
N THR A 124 -5.38 1.58 31.52
CA THR A 124 -4.26 1.91 30.63
C THR A 124 -4.76 2.02 29.20
N ALA A 125 -4.00 2.68 28.33
CA ALA A 125 -4.42 2.84 26.94
C ALA A 125 -4.06 1.60 26.13
N SER A 126 -5.07 1.01 25.50
CA SER A 126 -4.87 -0.17 24.67
C SER A 126 -3.99 0.17 23.46
N SER A 127 -4.06 1.43 23.06
CA SER A 127 -3.30 1.89 21.90
C SER A 127 -1.82 1.56 22.07
N PHE A 128 -1.08 1.70 20.97
CA PHE A 128 0.36 1.42 20.98
C PHE A 128 1.12 2.54 20.29
N VAL A 129 2.31 2.83 20.77
CA VAL A 129 3.13 3.86 20.14
C VAL A 129 4.48 3.26 19.76
N VAL A 130 4.63 2.94 18.49
CA VAL A 130 5.87 2.34 18.01
C VAL A 130 6.62 3.28 17.08
N SER A 131 7.95 3.31 17.23
CA SER A 131 8.79 4.16 16.41
C SER A 131 9.91 3.34 15.81
N TRP A 132 10.41 3.76 14.65
CA TRP A 132 11.49 3.04 13.99
C TRP A 132 12.43 4.02 13.28
N VAL A 133 13.26 3.48 12.40
CA VAL A 133 14.22 4.31 11.66
C VAL A 133 14.04 4.14 10.16
N SER A 134 13.87 5.24 9.45
CA SER A 134 13.70 5.20 8.01
C SER A 134 14.90 4.51 7.36
N ALA A 135 15.13 3.27 7.75
CA ALA A 135 16.25 2.49 7.22
C ALA A 135 16.44 2.75 5.72
N SER A 136 15.99 3.91 5.26
CA SER A 136 16.13 4.24 3.83
C SER A 136 15.53 5.61 3.54
N ASP A 137 16.31 6.46 2.88
CA ASP A 137 15.84 7.80 2.53
C ASP A 137 15.10 7.77 1.20
N THR A 138 15.16 6.63 0.51
CA THR A 138 14.50 6.47 -0.76
C THR A 138 13.06 6.01 -0.56
N VAL A 139 12.68 5.84 0.70
CA VAL A 139 11.34 5.40 1.03
C VAL A 139 10.32 6.47 0.63
N SER A 140 9.22 6.04 0.03
CA SER A 140 8.19 6.97 -0.41
C SER A 140 7.09 7.09 0.64
N GLY A 141 7.10 6.13 1.56
CA GLY A 141 6.12 6.11 2.64
C GLY A 141 6.35 4.89 3.51
N PHE A 142 5.59 4.78 4.60
CA PHE A 142 5.73 3.65 5.49
C PHE A 142 4.39 2.92 5.64
N ARG A 143 4.46 1.63 5.92
CA ARG A 143 3.25 0.84 6.08
C ARG A 143 3.37 -0.01 7.34
N VAL A 144 2.42 0.20 8.26
CA VAL A 144 2.43 -0.55 9.50
C VAL A 144 1.34 -1.62 9.48
N GLU A 145 1.69 -2.81 9.96
CA GLU A 145 0.74 -3.91 9.99
C GLU A 145 0.71 -4.53 11.38
N TYR A 146 -0.48 -4.69 11.93
CA TYR A 146 -0.64 -5.27 13.25
C TYR A 146 -1.82 -6.23 13.29
N GLU A 147 -1.60 -7.39 13.89
CA GLU A 147 -2.64 -8.40 14.00
C GLU A 147 -2.52 -9.13 15.34
N LEU A 148 -3.58 -9.80 15.75
CA LEU A 148 -3.56 -10.52 17.01
C LEU A 148 -2.68 -11.76 16.92
N SER A 149 -1.71 -11.86 17.82
CA SER A 149 -0.79 -12.98 17.82
C SER A 149 -1.50 -14.26 18.30
N GLU A 150 -2.73 -14.11 18.77
CA GLU A 150 -3.49 -15.25 19.27
C GLU A 150 -4.64 -15.60 18.33
N GLU A 151 -5.64 -14.73 18.29
CA GLU A 151 -6.81 -14.96 17.45
C GLU A 151 -6.43 -15.06 15.98
N GLY A 152 -5.44 -14.28 15.57
CA GLY A 152 -4.99 -14.29 14.18
C GLY A 152 -5.94 -13.47 13.31
N ASP A 153 -6.88 -12.78 13.95
CA ASP A 153 -7.83 -11.95 13.21
C ASP A 153 -7.22 -11.47 11.91
N GLU A 154 -7.92 -10.57 11.22
CA GLU A 154 -7.43 -10.03 9.97
C GLU A 154 -6.44 -8.91 10.23
N PRO A 155 -5.38 -8.87 9.48
CA PRO A 155 -4.32 -7.83 9.63
C PRO A 155 -4.79 -6.45 9.17
N GLN A 156 -4.31 -5.42 9.84
CA GLN A 156 -4.66 -4.05 9.48
C GLN A 156 -3.42 -3.32 9.02
N TYR A 157 -3.58 -2.41 8.07
CA TYR A 157 -2.44 -1.68 7.55
C TYR A 157 -2.64 -0.17 7.68
N LEU A 158 -1.55 0.52 8.01
CA LEU A 158 -1.59 1.96 8.16
C LEU A 158 -0.47 2.56 7.32
N ASP A 159 -0.81 3.52 6.47
CA ASP A 159 0.18 4.14 5.61
C ASP A 159 0.61 5.49 6.14
N LEU A 160 1.92 5.70 6.20
CA LEU A 160 2.50 6.94 6.67
C LEU A 160 3.50 7.47 5.64
N PRO A 161 3.77 8.74 5.66
CA PRO A 161 4.73 9.37 4.71
C PRO A 161 6.17 8.96 4.98
N SER A 162 7.02 9.09 3.97
CA SER A 162 8.42 8.72 4.10
C SER A 162 9.09 9.54 5.20
N THR A 163 8.40 10.58 5.66
CA THR A 163 8.94 11.44 6.71
C THR A 163 8.48 10.95 8.08
N ALA A 164 7.55 10.00 8.10
CA ALA A 164 7.05 9.46 9.35
C ALA A 164 7.99 8.38 9.89
N THR A 165 8.27 8.43 11.19
CA THR A 165 9.16 7.45 11.81
C THR A 165 8.56 6.92 13.10
N SER A 166 7.26 7.14 13.27
CA SER A 166 6.56 6.67 14.46
C SER A 166 5.05 6.79 14.25
N VAL A 167 4.30 5.86 14.85
CA VAL A 167 2.85 5.89 14.68
C VAL A 167 2.14 5.27 15.89
N ASN A 168 0.93 5.75 16.15
CA ASN A 168 0.15 5.25 17.27
C ASN A 168 -0.99 4.37 16.74
N ILE A 169 -1.07 3.14 17.23
CA ILE A 169 -2.10 2.22 16.80
C ILE A 169 -3.24 2.16 17.81
N PRO A 170 -4.34 2.77 17.50
CA PRO A 170 -5.53 2.81 18.38
C PRO A 170 -6.49 1.65 18.10
N ASP A 171 -7.58 1.63 18.84
CA ASP A 171 -8.60 0.60 18.68
C ASP A 171 -8.04 -0.79 18.96
N LEU A 172 -7.08 -0.87 19.89
CA LEU A 172 -6.49 -2.16 20.23
C LEU A 172 -7.31 -2.85 21.31
N LEU A 173 -7.32 -4.18 21.29
CA LEU A 173 -8.08 -4.96 22.26
C LEU A 173 -7.23 -5.23 23.50
N PRO A 174 -7.63 -4.69 24.62
CA PRO A 174 -6.90 -4.87 25.91
C PRO A 174 -6.80 -6.34 26.31
N GLY A 175 -5.65 -6.73 26.85
CA GLY A 175 -5.45 -8.12 27.27
C GLY A 175 -5.18 -9.02 26.08
N ARG A 176 -4.75 -8.42 24.96
CA ARG A 176 -4.46 -9.18 23.76
C ARG A 176 -3.05 -8.89 23.26
N LYS A 177 -2.44 -9.87 22.61
CA LYS A 177 -1.10 -9.69 22.08
C LYS A 177 -1.17 -9.40 20.58
N TYR A 178 -0.47 -8.37 20.15
CA TYR A 178 -0.46 -8.00 18.75
C TYR A 178 0.95 -8.06 18.17
N ILE A 179 1.03 -8.39 16.89
CA ILE A 179 2.32 -8.43 16.21
C ILE A 179 2.42 -7.22 15.31
N VAL A 180 3.48 -6.45 15.48
CA VAL A 180 3.66 -5.24 14.69
C VAL A 180 4.87 -5.35 13.77
N ASN A 181 4.66 -4.99 12.52
CA ASN A 181 5.74 -5.03 11.53
C ASN A 181 5.71 -3.77 10.67
N VAL A 182 6.81 -3.04 10.67
CA VAL A 182 6.89 -1.81 9.90
C VAL A 182 7.63 -2.03 8.60
N TYR A 183 6.99 -1.67 7.49
CA TYR A 183 7.60 -1.82 6.19
C TYR A 183 7.78 -0.46 5.53
N GLN A 184 8.92 -0.25 4.89
CA GLN A 184 9.15 1.03 4.22
C GLN A 184 8.92 0.84 2.73
N ILE A 185 8.21 1.78 2.13
CA ILE A 185 7.90 1.68 0.72
C ILE A 185 8.84 2.54 -0.11
N SER A 186 9.53 1.90 -1.04
CA SER A 186 10.48 2.59 -1.90
C SER A 186 9.76 3.25 -3.08
N GLU A 187 10.48 4.08 -3.80
CA GLU A 187 9.90 4.78 -4.95
C GLU A 187 9.39 3.78 -5.99
N ASP A 188 9.80 2.52 -5.87
CA ASP A 188 9.38 1.50 -6.81
C ASP A 188 8.18 0.73 -6.27
N GLY A 189 7.78 1.03 -5.04
CA GLY A 189 6.63 0.37 -4.42
C GLY A 189 7.06 -0.90 -3.71
N GLU A 190 8.36 -1.06 -3.49
CA GLU A 190 8.88 -2.23 -2.81
C GLU A 190 8.83 -2.04 -1.30
N GLN A 191 8.45 -3.09 -0.58
CA GLN A 191 8.37 -3.01 0.87
C GLN A 191 9.51 -3.78 1.51
N SER A 192 10.05 -3.23 2.60
CA SER A 192 11.16 -3.88 3.29
C SER A 192 10.95 -3.81 4.80
N LEU A 193 11.01 -4.95 5.46
CA LEU A 193 10.81 -5.00 6.90
C LEU A 193 11.96 -4.31 7.61
N ILE A 194 11.65 -3.23 8.33
CA ILE A 194 12.68 -2.49 9.06
C ILE A 194 12.54 -2.70 10.56
N LEU A 195 11.34 -3.09 11.00
CA LEU A 195 11.11 -3.30 12.42
C LEU A 195 9.93 -4.25 12.66
N SER A 196 10.18 -5.31 13.42
CA SER A 196 9.15 -6.27 13.75
C SER A 196 9.18 -6.57 15.24
N THR A 197 8.06 -6.31 15.92
CA THR A 197 8.00 -6.54 17.36
C THR A 197 6.56 -6.79 17.82
N SER A 198 6.41 -7.54 18.89
CA SER A 198 5.08 -7.84 19.42
C SER A 198 4.88 -7.15 20.76
N GLN A 199 3.61 -6.96 21.12
CA GLN A 199 3.30 -6.29 22.39
C GLN A 199 2.03 -6.88 23.00
N THR A 200 1.89 -6.71 24.30
CA THR A 200 0.72 -7.22 25.00
C THR A 200 0.00 -6.08 25.72
N THR A 201 -1.12 -5.65 25.15
CA THR A 201 -1.90 -4.56 25.73
C THR A 201 -2.09 -4.78 27.23
N SER A 1 -1.27 8.98 -30.71
CA SER A 1 -0.63 7.79 -31.32
C SER A 1 -1.39 6.53 -30.90
N GLY A 2 -0.65 5.47 -30.58
CA GLY A 2 -1.28 4.22 -30.16
C GLY A 2 -0.90 3.88 -28.72
N PRO A 3 -1.78 3.21 -28.04
CA PRO A 3 -1.58 2.80 -26.63
C PRO A 3 -0.15 2.44 -26.28
N VAL A 4 0.22 2.82 -25.07
CA VAL A 4 1.55 2.54 -24.54
C VAL A 4 1.59 1.10 -24.05
N GLU A 5 2.76 0.62 -23.65
CA GLU A 5 2.87 -0.75 -23.17
C GLU A 5 3.04 -0.79 -21.65
N VAL A 6 2.17 -1.56 -21.00
CA VAL A 6 2.19 -1.70 -19.54
C VAL A 6 1.99 -3.16 -19.14
N PHE A 7 2.68 -3.58 -18.08
CA PHE A 7 2.56 -4.97 -17.61
C PHE A 7 2.83 -5.06 -16.11
N ILE A 8 2.52 -6.22 -15.54
CA ILE A 8 2.73 -6.44 -14.11
C ILE A 8 3.88 -7.42 -13.89
N THR A 9 4.81 -7.04 -13.00
CA THR A 9 5.97 -7.90 -12.72
C THR A 9 6.31 -7.87 -11.23
N GLU A 10 7.09 -8.87 -10.79
CA GLU A 10 7.49 -8.96 -9.39
C GLU A 10 6.36 -8.48 -8.49
N THR A 11 5.14 -8.71 -8.94
CA THR A 11 3.97 -8.28 -8.19
C THR A 11 3.04 -9.44 -7.86
N PRO A 12 3.47 -10.33 -7.00
CA PRO A 12 2.66 -11.51 -6.59
C PRO A 12 1.37 -11.08 -5.87
N SER A 13 1.42 -9.94 -5.20
CA SER A 13 0.26 -9.43 -4.49
C SER A 13 0.70 -8.62 -3.28
N GLN A 14 0.22 -7.38 -3.19
CA GLN A 14 0.57 -6.51 -2.07
C GLN A 14 -0.69 -6.02 -1.36
N PRO A 15 -0.57 -5.61 -0.13
CA PRO A 15 -1.71 -5.13 0.69
C PRO A 15 -2.07 -3.67 0.42
N ASN A 16 -1.15 -2.76 0.74
CA ASN A 16 -1.41 -1.33 0.55
C ASN A 16 -0.60 -0.75 -0.61
N SER A 17 0.45 -1.44 -1.00
CA SER A 17 1.29 -0.95 -2.10
C SER A 17 1.09 -1.77 -3.36
N HIS A 18 1.31 -1.13 -4.50
CA HIS A 18 1.16 -1.81 -5.78
C HIS A 18 2.00 -1.13 -6.86
N PRO A 19 3.12 -1.71 -7.20
CA PRO A 19 4.03 -1.15 -8.23
C PRO A 19 3.60 -1.51 -9.66
N ILE A 20 3.84 -0.59 -10.58
CA ILE A 20 3.50 -0.81 -11.99
C ILE A 20 4.68 -0.47 -12.87
N GLN A 21 4.61 -0.85 -14.15
CA GLN A 21 5.69 -0.55 -15.08
C GLN A 21 5.12 -0.36 -16.49
N TRP A 22 5.74 0.50 -17.27
CA TRP A 22 5.28 0.74 -18.63
C TRP A 22 6.44 0.93 -19.59
N ASN A 23 6.19 0.70 -20.87
CA ASN A 23 7.20 0.87 -21.89
C ASN A 23 6.69 1.75 -23.02
N ALA A 24 7.61 2.40 -23.72
CA ALA A 24 7.24 3.30 -24.81
C ALA A 24 8.08 3.01 -26.05
N PRO A 25 7.75 3.65 -27.14
CA PRO A 25 8.49 3.50 -28.42
C PRO A 25 9.99 3.67 -28.23
N GLN A 26 10.77 3.43 -29.28
CA GLN A 26 12.21 3.57 -29.21
C GLN A 26 12.61 5.04 -29.41
N PRO A 27 12.13 5.65 -30.46
CA PRO A 27 12.42 7.08 -30.75
C PRO A 27 11.84 8.01 -29.68
N SER A 28 12.46 9.16 -29.49
CA SER A 28 11.99 10.11 -28.50
C SER A 28 10.60 10.62 -28.86
N HIS A 29 9.77 9.68 -29.29
CA HIS A 29 8.39 10.01 -29.67
C HIS A 29 7.61 10.52 -28.46
N ILE A 30 7.82 9.86 -27.32
CA ILE A 30 7.12 10.23 -26.10
C ILE A 30 8.07 10.87 -25.09
N SER A 31 7.61 11.94 -24.45
CA SER A 31 8.43 12.64 -23.48
C SER A 31 7.99 12.39 -22.05
N LYS A 32 6.86 12.98 -21.67
CA LYS A 32 6.32 12.82 -20.33
C LYS A 32 5.40 11.60 -20.20
N TYR A 33 5.39 11.00 -19.02
CA TYR A 33 4.53 9.86 -18.76
C TYR A 33 3.61 10.18 -17.57
N ILE A 34 2.30 10.07 -17.77
CA ILE A 34 1.36 10.35 -16.70
C ILE A 34 0.55 9.11 -16.34
N LEU A 35 0.41 8.86 -15.05
CA LEU A 35 -0.35 7.69 -14.59
C LEU A 35 -1.52 8.10 -13.72
N ARG A 36 -2.70 7.61 -14.06
CA ARG A 36 -3.89 7.90 -13.29
C ARG A 36 -4.66 6.63 -12.97
N TRP A 37 -5.17 6.53 -11.74
CA TRP A 37 -5.87 5.32 -11.34
C TRP A 37 -7.03 5.63 -10.40
N ARG A 38 -7.93 4.65 -10.26
CA ARG A 38 -9.08 4.79 -9.37
C ARG A 38 -9.66 3.42 -9.02
N PRO A 39 -10.04 3.23 -7.78
CA PRO A 39 -10.63 1.93 -7.32
C PRO A 39 -11.94 1.62 -8.03
N LYS A 40 -11.94 0.55 -8.82
CA LYS A 40 -13.14 0.16 -9.55
C LYS A 40 -14.35 0.20 -8.61
N ASN A 41 -14.89 1.39 -8.40
CA ASN A 41 -16.05 1.55 -7.52
C ASN A 41 -16.79 2.86 -7.79
N SER A 42 -16.12 3.82 -8.42
CA SER A 42 -16.77 5.10 -8.72
C SER A 42 -16.05 5.80 -9.88
N VAL A 43 -16.76 6.70 -10.54
CA VAL A 43 -16.19 7.45 -11.66
C VAL A 43 -16.22 8.94 -11.37
N GLY A 44 -16.19 9.29 -10.09
CA GLY A 44 -16.23 10.69 -9.69
C GLY A 44 -14.84 11.28 -9.50
N ARG A 45 -14.20 10.92 -8.39
CA ARG A 45 -12.86 11.43 -8.09
C ARG A 45 -11.85 10.29 -8.03
N TRP A 46 -10.58 10.60 -8.33
CA TRP A 46 -9.54 9.60 -8.28
C TRP A 46 -8.15 10.22 -8.16
N LYS A 47 -7.10 9.41 -8.32
CA LYS A 47 -5.73 9.90 -8.19
C LYS A 47 -5.00 9.95 -9.52
N GLU A 48 -4.07 10.91 -9.61
CA GLU A 48 -3.25 11.08 -10.81
C GLU A 48 -1.83 11.45 -10.42
N ALA A 49 -0.90 11.16 -11.31
CA ALA A 49 0.51 11.46 -11.04
C ALA A 49 1.30 11.68 -12.32
N THR A 50 2.43 12.38 -12.19
CA THR A 50 3.29 12.67 -13.33
C THR A 50 4.64 11.97 -13.14
N ILE A 51 5.13 11.34 -14.21
CA ILE A 51 6.39 10.62 -14.15
C ILE A 51 7.36 11.08 -15.23
N PRO A 52 8.52 11.55 -14.86
CA PRO A 52 9.56 12.01 -15.81
C PRO A 52 9.76 11.03 -16.97
N GLY A 53 10.18 11.55 -18.12
CA GLY A 53 10.39 10.72 -19.30
C GLY A 53 11.48 9.66 -19.09
N HIS A 54 12.38 9.89 -18.14
CA HIS A 54 13.48 8.95 -17.91
C HIS A 54 13.05 7.78 -17.02
N LEU A 55 11.93 7.94 -16.32
CA LEU A 55 11.43 6.88 -15.46
C LEU A 55 10.45 5.98 -16.23
N ASN A 56 10.56 4.67 -16.02
CA ASN A 56 9.69 3.73 -16.70
C ASN A 56 8.89 2.87 -15.72
N SER A 57 8.87 3.29 -14.46
CA SER A 57 8.13 2.54 -13.44
C SER A 57 7.62 3.46 -12.34
N TYR A 58 6.42 3.16 -11.84
CA TYR A 58 5.82 3.98 -10.79
C TYR A 58 5.67 3.19 -9.50
N THR A 59 4.95 3.76 -8.56
CA THR A 59 4.70 3.12 -7.27
C THR A 59 3.36 3.59 -6.70
N ILE A 60 2.48 2.66 -6.37
CA ILE A 60 1.18 3.03 -5.82
C ILE A 60 1.04 2.55 -4.38
N LYS A 61 0.77 3.50 -3.48
CA LYS A 61 0.60 3.18 -2.07
C LYS A 61 -0.73 3.72 -1.55
N GLY A 62 -1.17 3.21 -0.41
CA GLY A 62 -2.43 3.65 0.19
C GLY A 62 -3.60 2.87 -0.40
N LEU A 63 -3.29 1.72 -0.99
CA LEU A 63 -4.32 0.88 -1.59
C LEU A 63 -5.06 0.06 -0.54
N LYS A 64 -6.28 -0.35 -0.89
CA LYS A 64 -7.09 -1.14 0.02
C LYS A 64 -7.01 -2.63 -0.34
N PRO A 65 -6.83 -3.47 0.64
CA PRO A 65 -6.73 -4.95 0.42
C PRO A 65 -8.06 -5.54 -0.03
N GLY A 66 -7.99 -6.53 -0.92
CA GLY A 66 -9.18 -7.17 -1.42
C GLY A 66 -9.97 -6.24 -2.32
N VAL A 67 -9.28 -5.29 -2.93
CA VAL A 67 -9.92 -4.32 -3.81
C VAL A 67 -9.19 -4.26 -5.15
N VAL A 68 -9.89 -3.78 -6.17
CA VAL A 68 -9.31 -3.68 -7.50
C VAL A 68 -9.23 -2.22 -7.95
N TYR A 69 -8.12 -1.86 -8.60
CA TYR A 69 -7.93 -0.50 -9.07
C TYR A 69 -7.68 -0.49 -10.58
N GLU A 70 -8.32 0.44 -11.28
CA GLU A 70 -8.11 0.57 -12.71
C GLU A 70 -7.11 1.69 -12.96
N GLY A 71 -6.09 1.42 -13.78
CA GLY A 71 -5.09 2.43 -14.04
C GLY A 71 -4.98 2.76 -15.52
N GLN A 72 -4.53 3.97 -15.81
CA GLN A 72 -4.37 4.41 -17.19
C GLN A 72 -3.03 5.11 -17.35
N LEU A 73 -2.38 4.86 -18.47
CA LEU A 73 -1.08 5.48 -18.73
C LEU A 73 -1.17 6.42 -19.93
N ILE A 74 -0.91 7.70 -19.70
CA ILE A 74 -0.96 8.69 -20.76
C ILE A 74 0.43 9.22 -21.08
N SER A 75 0.79 9.20 -22.35
CA SER A 75 2.10 9.68 -22.75
C SER A 75 1.98 10.98 -23.55
N ILE A 76 2.61 12.03 -23.06
CA ILE A 76 2.55 13.33 -23.74
C ILE A 76 3.83 13.62 -24.49
N GLN A 77 3.70 14.30 -25.63
CA GLN A 77 4.85 14.65 -26.44
C GLN A 77 5.16 16.14 -26.29
N GLN A 78 6.41 16.51 -26.51
CA GLN A 78 6.81 17.90 -26.39
C GLN A 78 5.72 18.82 -26.95
N TYR A 79 4.79 19.20 -26.10
CA TYR A 79 3.69 20.07 -26.51
C TYR A 79 3.17 19.67 -27.89
N GLY A 80 3.23 18.37 -28.19
CA GLY A 80 2.77 17.87 -29.47
C GLY A 80 1.54 16.99 -29.33
N HIS A 81 1.69 15.72 -29.71
CA HIS A 81 0.59 14.77 -29.64
C HIS A 81 0.43 14.18 -28.23
N GLN A 82 -0.58 13.35 -28.07
CA GLN A 82 -0.84 12.70 -26.79
C GLN A 82 -1.45 11.32 -27.00
N GLU A 83 -1.18 10.40 -26.06
CA GLU A 83 -1.69 9.03 -26.17
C GLU A 83 -2.16 8.53 -24.80
N VAL A 84 -3.23 7.75 -24.78
CA VAL A 84 -3.74 7.23 -23.51
C VAL A 84 -3.91 5.71 -23.55
N THR A 85 -3.49 5.04 -22.48
CA THR A 85 -3.60 3.59 -22.37
C THR A 85 -4.37 3.21 -21.12
N ARG A 86 -5.21 2.18 -21.21
CA ARG A 86 -5.99 1.76 -20.06
C ARG A 86 -5.64 0.33 -19.62
N PHE A 87 -5.55 0.13 -18.31
CA PHE A 87 -5.23 -1.18 -17.75
C PHE A 87 -5.85 -1.30 -16.36
N ASP A 88 -5.95 -2.52 -15.84
CA ASP A 88 -6.52 -2.71 -14.52
C ASP A 88 -5.84 -3.84 -13.77
N PHE A 89 -5.83 -3.75 -12.45
CA PHE A 89 -5.19 -4.78 -11.62
C PHE A 89 -5.95 -4.95 -10.30
N THR A 90 -5.54 -5.97 -9.55
CA THR A 90 -6.16 -6.25 -8.26
C THR A 90 -5.12 -6.12 -7.15
N THR A 91 -5.59 -5.96 -5.91
CA THR A 91 -4.67 -5.84 -4.79
C THR A 91 -5.10 -6.73 -3.63
N THR A 92 -4.21 -7.64 -3.22
CA THR A 92 -4.51 -8.55 -2.12
C THR A 92 -3.42 -8.51 -1.06
N SER A 93 -3.72 -9.06 0.13
CA SER A 93 -2.73 -9.11 1.21
C SER A 93 -2.08 -10.48 1.24
N THR A 94 -0.78 -10.50 1.54
CA THR A 94 -0.03 -11.76 1.58
C THR A 94 -0.17 -12.46 2.93
N SER A 95 -0.34 -13.78 2.88
CA SER A 95 -0.48 -14.59 4.08
C SER A 95 0.62 -15.67 4.10
N THR A 96 1.13 -15.98 5.28
CA THR A 96 2.19 -16.98 5.40
C THR A 96 2.84 -16.96 6.80
N PRO A 97 2.98 -15.81 7.41
CA PRO A 97 3.62 -15.70 8.77
C PRO A 97 2.97 -16.64 9.78
N VAL A 98 3.79 -17.17 10.69
CA VAL A 98 3.32 -18.08 11.73
C VAL A 98 3.47 -17.45 13.11
N THR A 99 2.45 -17.61 13.95
CA THR A 99 2.48 -17.06 15.30
C THR A 99 2.04 -18.09 16.33
N SER A 100 2.42 -17.87 17.58
CA SER A 100 2.08 -18.78 18.68
C SER A 100 1.34 -18.02 19.78
N ASN A 101 0.59 -18.77 20.59
CA ASN A 101 -0.18 -18.16 21.68
C ASN A 101 0.08 -18.91 22.99
N THR A 102 -0.52 -18.40 24.07
CA THR A 102 -0.36 -19.00 25.39
C THR A 102 -1.69 -19.06 26.12
N VAL A 103 -1.77 -19.92 27.14
CA VAL A 103 -3.00 -20.07 27.92
C VAL A 103 -2.81 -19.54 29.33
N THR A 104 -3.79 -18.77 29.81
CA THR A 104 -3.72 -18.19 31.15
C THR A 104 -4.91 -18.64 31.99
N GLY A 105 -4.65 -18.88 33.28
CA GLY A 105 -5.70 -19.32 34.20
C GLY A 105 -5.63 -18.54 35.51
N GLU A 106 -6.65 -18.71 36.35
CA GLU A 106 -6.68 -18.00 37.63
C GLU A 106 -5.46 -18.36 38.47
N THR A 107 -4.91 -17.37 39.17
CA THR A 107 -3.75 -17.59 40.01
C THR A 107 -4.13 -18.41 41.26
N THR A 108 -5.41 -18.38 41.60
CA THR A 108 -5.92 -19.10 42.77
C THR A 108 -7.34 -18.65 43.12
N PRO A 109 -7.59 -17.36 43.21
CA PRO A 109 -8.94 -16.83 43.55
C PRO A 109 -10.01 -17.30 42.55
N PHE A 110 -11.23 -17.43 43.04
CA PHE A 110 -12.34 -17.88 42.21
C PHE A 110 -13.24 -16.70 41.82
N SER A 111 -13.61 -16.64 40.55
CA SER A 111 -14.45 -15.55 40.05
C SER A 111 -13.80 -14.20 40.35
N PRO A 112 -12.67 -13.93 39.75
CA PRO A 112 -11.94 -12.64 39.95
C PRO A 112 -12.81 -11.43 39.60
N LEU A 113 -12.58 -10.32 40.33
CA LEU A 113 -13.34 -9.10 40.09
C LEU A 113 -13.11 -8.58 38.68
N VAL A 114 -11.91 -8.79 38.16
CA VAL A 114 -11.56 -8.33 36.82
C VAL A 114 -11.79 -6.83 36.69
N ALA A 115 -11.15 -6.22 35.70
CA ALA A 115 -11.29 -4.79 35.47
C ALA A 115 -12.72 -4.43 35.08
N THR A 116 -13.17 -3.25 35.51
CA THR A 116 -14.52 -2.79 35.20
C THR A 116 -14.57 -2.21 33.80
N SER A 117 -15.78 -2.05 33.26
CA SER A 117 -15.95 -1.52 31.91
C SER A 117 -15.39 -0.10 31.82
N GLU A 118 -15.35 0.61 32.93
CA GLU A 118 -14.84 1.99 32.95
C GLU A 118 -15.36 2.80 31.78
N SER A 119 -14.72 2.64 30.61
CA SER A 119 -15.13 3.37 29.42
C SER A 119 -14.90 4.86 29.58
N VAL A 120 -15.34 5.41 30.72
CA VAL A 120 -15.17 6.84 30.98
C VAL A 120 -13.70 7.17 31.21
N THR A 121 -12.94 6.19 31.70
CA THR A 121 -11.52 6.39 31.97
C THR A 121 -10.68 5.39 31.17
N GLU A 122 -9.55 5.85 30.64
CA GLU A 122 -8.68 5.00 29.84
C GLU A 122 -7.44 4.61 30.67
N ILE A 123 -7.10 3.32 30.63
CA ILE A 123 -5.94 2.80 31.38
C ILE A 123 -4.87 2.26 30.45
N THR A 124 -3.62 2.64 30.70
CA THR A 124 -2.49 2.18 29.90
C THR A 124 -2.72 2.38 28.39
N ALA A 125 -3.89 2.89 28.03
CA ALA A 125 -4.22 3.13 26.63
C ALA A 125 -3.89 1.90 25.77
N SER A 126 -4.94 1.29 25.20
CA SER A 126 -4.76 0.11 24.36
C SER A 126 -3.90 0.45 23.15
N SER A 127 -3.93 1.71 22.74
CA SER A 127 -3.15 2.15 21.59
C SER A 127 -1.68 1.79 21.75
N PHE A 128 -0.94 1.92 20.66
CA PHE A 128 0.48 1.60 20.67
C PHE A 128 1.28 2.71 19.98
N VAL A 129 2.48 2.97 20.46
CA VAL A 129 3.31 3.97 19.83
C VAL A 129 4.64 3.34 19.46
N VAL A 130 4.80 3.02 18.18
CA VAL A 130 6.03 2.39 17.71
C VAL A 130 6.80 3.32 16.79
N SER A 131 8.12 3.32 16.94
CA SER A 131 8.98 4.15 16.12
C SER A 131 10.10 3.30 15.51
N TRP A 132 10.59 3.72 14.36
CA TRP A 132 11.67 2.99 13.70
C TRP A 132 12.63 3.92 13.00
N VAL A 133 13.45 3.38 12.12
CA VAL A 133 14.42 4.18 11.38
C VAL A 133 14.24 4.02 9.87
N SER A 134 14.11 5.13 9.17
CA SER A 134 13.94 5.09 7.73
C SER A 134 15.12 4.37 7.07
N ALA A 135 15.33 3.12 7.47
CA ALA A 135 16.42 2.33 6.94
C ALA A 135 16.62 2.58 5.44
N SER A 136 16.20 3.75 4.97
CA SER A 136 16.35 4.08 3.56
C SER A 136 15.77 5.46 3.26
N ASP A 137 16.58 6.30 2.60
CA ASP A 137 16.14 7.64 2.26
C ASP A 137 15.39 7.63 0.93
N THR A 138 15.44 6.49 0.24
CA THR A 138 14.77 6.36 -1.04
C THR A 138 13.32 5.92 -0.84
N VAL A 139 12.94 5.75 0.42
CA VAL A 139 11.58 5.35 0.74
C VAL A 139 10.61 6.44 0.33
N SER A 140 9.48 6.03 -0.26
CA SER A 140 8.48 6.99 -0.70
C SER A 140 7.39 7.13 0.35
N GLY A 141 7.37 6.17 1.27
CA GLY A 141 6.39 6.17 2.35
C GLY A 141 6.59 4.94 3.22
N PHE A 142 5.83 4.85 4.29
CA PHE A 142 5.93 3.71 5.20
C PHE A 142 4.59 3.02 5.34
N ARG A 143 4.62 1.73 5.61
CA ARG A 143 3.40 0.97 5.78
C ARG A 143 3.48 0.12 7.03
N VAL A 144 2.55 0.34 7.95
CA VAL A 144 2.54 -0.41 9.20
C VAL A 144 1.43 -1.45 9.18
N GLU A 145 1.74 -2.65 9.65
CA GLU A 145 0.77 -3.73 9.68
C GLU A 145 0.73 -4.36 11.07
N TYR A 146 -0.48 -4.49 11.62
CA TYR A 146 -0.65 -5.07 12.94
C TYR A 146 -1.84 -6.00 12.97
N GLU A 147 -1.65 -7.16 13.58
CA GLU A 147 -2.72 -8.14 13.69
C GLU A 147 -2.60 -8.88 15.01
N LEU A 148 -3.69 -9.53 15.44
CA LEU A 148 -3.69 -10.26 16.69
C LEU A 148 -2.84 -11.52 16.59
N SER A 149 -1.87 -11.63 17.49
CA SER A 149 -0.98 -12.78 17.50
C SER A 149 -1.71 -14.03 17.98
N GLU A 150 -2.94 -13.85 18.44
CA GLU A 150 -3.72 -14.97 18.94
C GLU A 150 -4.88 -15.31 18.01
N GLU A 151 -5.86 -14.41 17.96
CA GLU A 151 -7.04 -14.62 17.12
C GLU A 151 -6.65 -14.72 15.65
N GLY A 152 -5.65 -13.97 15.24
CA GLY A 152 -5.20 -13.99 13.85
C GLY A 152 -6.12 -13.14 12.98
N ASP A 153 -7.05 -12.43 13.61
CA ASP A 153 -7.98 -11.58 12.88
C ASP A 153 -7.35 -11.11 11.58
N GLU A 154 -8.04 -10.20 10.90
CA GLU A 154 -7.54 -9.67 9.64
C GLU A 154 -6.52 -8.57 9.91
N PRO A 155 -5.46 -8.55 9.15
CA PRO A 155 -4.38 -7.54 9.31
C PRO A 155 -4.81 -6.15 8.85
N GLN A 156 -4.30 -5.13 9.52
CA GLN A 156 -4.63 -3.76 9.17
C GLN A 156 -3.37 -3.05 8.70
N TYR A 157 -3.51 -2.15 7.74
CA TYR A 157 -2.36 -1.43 7.22
C TYR A 157 -2.52 0.08 7.36
N LEU A 158 -1.43 0.74 7.70
CA LEU A 158 -1.43 2.19 7.84
C LEU A 158 -0.29 2.76 7.01
N ASP A 159 -0.61 3.73 6.16
CA ASP A 159 0.40 4.33 5.30
C ASP A 159 0.86 5.68 5.83
N LEU A 160 2.18 5.84 5.89
CA LEU A 160 2.78 7.08 6.37
C LEU A 160 3.79 7.59 5.35
N PRO A 161 4.08 8.85 5.37
CA PRO A 161 5.06 9.46 4.41
C PRO A 161 6.50 9.02 4.70
N SER A 162 7.34 9.12 3.68
CA SER A 162 8.74 8.73 3.81
C SER A 162 9.42 9.54 4.92
N THR A 163 8.75 10.59 5.37
CA THR A 163 9.32 11.43 6.43
C THR A 163 8.84 10.96 7.79
N ALA A 164 7.90 10.02 7.81
CA ALA A 164 7.38 9.50 9.06
C ALA A 164 8.29 8.39 9.60
N THR A 165 8.58 8.45 10.90
CA THR A 165 9.44 7.44 11.51
C THR A 165 8.82 6.93 12.81
N SER A 166 7.53 7.17 12.98
CA SER A 166 6.81 6.72 14.17
C SER A 166 5.31 6.86 13.95
N VAL A 167 4.54 5.97 14.54
CA VAL A 167 3.09 6.02 14.38
C VAL A 167 2.37 5.41 15.59
N ASN A 168 1.17 5.92 15.85
CA ASN A 168 0.37 5.43 16.97
C ASN A 168 -0.79 4.58 16.43
N ILE A 169 -0.89 3.35 16.91
CA ILE A 169 -1.95 2.45 16.49
C ILE A 169 -3.09 2.43 17.50
N PRO A 170 -4.18 3.06 17.18
CA PRO A 170 -5.37 3.12 18.06
C PRO A 170 -6.35 1.98 17.78
N ASP A 171 -7.45 1.98 18.52
CA ASP A 171 -8.49 0.97 18.36
C ASP A 171 -7.95 -0.43 18.64
N LEU A 172 -7.00 -0.54 19.56
CA LEU A 172 -6.43 -1.83 19.91
C LEU A 172 -7.27 -2.51 20.99
N LEU A 173 -7.31 -3.83 20.97
CA LEU A 173 -8.09 -4.59 21.94
C LEU A 173 -7.24 -4.89 23.18
N PRO A 174 -7.63 -4.33 24.30
CA PRO A 174 -6.92 -4.54 25.58
C PRO A 174 -6.86 -6.01 25.98
N GLY A 175 -5.71 -6.42 26.52
CA GLY A 175 -5.54 -7.81 26.94
C GLY A 175 -5.29 -8.72 25.75
N ARG A 176 -4.84 -8.13 24.64
CA ARG A 176 -4.56 -8.89 23.44
C ARG A 176 -3.15 -8.62 22.93
N LYS A 177 -2.55 -9.63 22.29
CA LYS A 177 -1.22 -9.47 21.76
C LYS A 177 -1.28 -9.18 20.27
N TYR A 178 -0.55 -8.18 19.84
CA TYR A 178 -0.53 -7.80 18.43
C TYR A 178 0.88 -7.90 17.86
N ILE A 179 0.96 -8.22 16.58
CA ILE A 179 2.24 -8.30 15.90
C ILE A 179 2.37 -7.08 15.00
N VAL A 180 3.45 -6.34 15.17
CA VAL A 180 3.65 -5.13 14.38
C VAL A 180 4.86 -5.27 13.47
N ASN A 181 4.67 -4.90 12.20
CA ASN A 181 5.74 -4.97 11.22
C ASN A 181 5.74 -3.70 10.37
N VAL A 182 6.86 -3.00 10.37
CA VAL A 182 6.96 -1.77 9.61
C VAL A 182 7.71 -2.00 8.30
N TYR A 183 7.08 -1.63 7.20
CA TYR A 183 7.70 -1.80 5.89
C TYR A 183 7.89 -0.44 5.23
N GLN A 184 9.04 -0.25 4.60
CA GLN A 184 9.30 1.02 3.93
C GLN A 184 9.07 0.84 2.44
N ILE A 185 8.38 1.79 1.84
CA ILE A 185 8.07 1.70 0.41
C ILE A 185 9.04 2.55 -0.40
N SER A 186 9.71 1.89 -1.34
CA SER A 186 10.67 2.56 -2.18
C SER A 186 9.96 3.23 -3.36
N GLU A 187 10.71 4.05 -4.09
CA GLU A 187 10.14 4.76 -5.24
C GLU A 187 9.62 3.78 -6.28
N ASP A 188 10.01 2.50 -6.16
CA ASP A 188 9.56 1.49 -7.10
C ASP A 188 8.34 0.75 -6.56
N GLY A 189 7.94 1.07 -5.34
CA GLY A 189 6.79 0.43 -4.73
C GLY A 189 7.18 -0.86 -4.01
N GLU A 190 8.48 -1.04 -3.80
CA GLU A 190 8.98 -2.23 -3.11
C GLU A 190 8.93 -2.04 -1.60
N GLN A 191 8.51 -3.08 -0.87
CA GLN A 191 8.43 -3.00 0.58
C GLN A 191 9.56 -3.79 1.22
N SER A 192 10.12 -3.26 2.30
CA SER A 192 11.19 -3.93 3.00
C SER A 192 10.99 -3.85 4.51
N LEU A 193 11.03 -5.00 5.17
CA LEU A 193 10.82 -5.04 6.62
C LEU A 193 11.99 -4.38 7.33
N ILE A 194 11.70 -3.29 8.04
CA ILE A 194 12.75 -2.58 8.77
C ILE A 194 12.59 -2.78 10.27
N LEU A 195 11.38 -3.15 10.71
CA LEU A 195 11.15 -3.35 12.13
C LEU A 195 9.95 -4.28 12.36
N SER A 196 10.18 -5.33 13.13
CA SER A 196 9.13 -6.29 13.45
C SER A 196 9.13 -6.59 14.95
N THR A 197 8.03 -6.30 15.62
CA THR A 197 7.96 -6.53 17.06
C THR A 197 6.51 -6.74 17.51
N SER A 198 6.34 -7.50 18.59
CA SER A 198 5.01 -7.77 19.11
C SER A 198 4.81 -7.05 20.45
N GLN A 199 3.56 -6.85 20.82
CA GLN A 199 3.25 -6.19 22.08
C GLN A 199 1.98 -6.75 22.68
N THR A 200 1.82 -6.57 23.99
CA THR A 200 0.65 -7.05 24.69
C THR A 200 -0.04 -5.89 25.40
N THR A 201 -1.16 -5.45 24.83
CA THR A 201 -1.90 -4.34 25.41
C THR A 201 -2.11 -4.55 26.91
N SER A 1 -1.94 8.70 -31.30
CA SER A 1 -1.31 7.48 -31.90
C SER A 1 -2.03 6.24 -31.39
N GLY A 2 -1.27 5.20 -31.06
CA GLY A 2 -1.86 3.97 -30.56
C GLY A 2 -1.40 3.70 -29.13
N PRO A 3 -2.23 3.04 -28.38
CA PRO A 3 -1.97 2.69 -26.97
C PRO A 3 -0.52 2.36 -26.67
N VAL A 4 -0.09 2.81 -25.50
CA VAL A 4 1.27 2.55 -25.03
C VAL A 4 1.35 1.14 -24.46
N GLU A 5 2.55 0.68 -24.11
CA GLU A 5 2.70 -0.66 -23.57
C GLU A 5 2.94 -0.64 -22.07
N VAL A 6 2.11 -1.38 -21.34
CA VAL A 6 2.21 -1.46 -19.89
C VAL A 6 2.05 -2.90 -19.41
N PHE A 7 2.78 -3.27 -18.37
CA PHE A 7 2.72 -4.63 -17.84
C PHE A 7 3.06 -4.66 -16.36
N ILE A 8 2.79 -5.80 -15.72
CA ILE A 8 3.08 -5.95 -14.30
C ILE A 8 4.25 -6.91 -14.10
N THR A 9 5.22 -6.49 -13.28
CA THR A 9 6.40 -7.33 -13.01
C THR A 9 6.82 -7.24 -11.54
N GLU A 10 7.63 -8.20 -11.10
CA GLU A 10 8.11 -8.23 -9.73
C GLU A 10 7.01 -7.73 -8.80
N THR A 11 5.77 -7.98 -9.18
CA THR A 11 4.64 -7.52 -8.38
C THR A 11 3.75 -8.69 -7.95
N PRO A 12 4.23 -9.53 -7.08
CA PRO A 12 3.44 -10.70 -6.58
C PRO A 12 2.19 -10.26 -5.81
N SER A 13 2.26 -9.08 -5.20
CA SER A 13 1.14 -8.56 -4.44
C SER A 13 1.62 -7.69 -3.29
N GLN A 14 1.13 -6.45 -3.24
CA GLN A 14 1.53 -5.54 -2.17
C GLN A 14 0.30 -5.02 -1.42
N PRO A 15 0.50 -4.56 -0.21
CA PRO A 15 -0.62 -4.05 0.64
C PRO A 15 -1.02 -2.61 0.33
N ASN A 16 -0.09 -1.69 0.56
CA ASN A 16 -0.38 -0.27 0.32
C ASN A 16 0.36 0.27 -0.89
N SER A 17 1.41 -0.42 -1.31
CA SER A 17 2.19 0.04 -2.47
C SER A 17 1.93 -0.85 -3.68
N HIS A 18 2.09 -0.25 -4.86
CA HIS A 18 1.87 -0.99 -6.10
C HIS A 18 2.66 -0.35 -7.25
N PRO A 19 3.76 -0.93 -7.63
CA PRO A 19 4.62 -0.42 -8.72
C PRO A 19 4.12 -0.83 -10.10
N ILE A 20 4.30 0.04 -11.09
CA ILE A 20 3.89 -0.23 -12.45
C ILE A 20 5.02 0.07 -13.42
N GLN A 21 4.89 -0.35 -14.67
CA GLN A 21 5.91 -0.08 -15.66
C GLN A 21 5.27 0.04 -17.05
N TRP A 22 5.85 0.87 -17.90
CA TRP A 22 5.31 1.04 -19.25
C TRP A 22 6.42 1.21 -20.26
N ASN A 23 6.09 0.91 -21.52
CA ASN A 23 7.07 1.06 -22.60
C ASN A 23 6.49 1.89 -23.74
N ALA A 24 7.36 2.51 -24.51
CA ALA A 24 6.92 3.36 -25.62
C ALA A 24 7.71 3.03 -26.88
N PRO A 25 7.32 3.62 -27.98
CA PRO A 25 7.99 3.40 -29.30
C PRO A 25 9.51 3.61 -29.18
N GLN A 26 10.22 3.32 -30.26
CA GLN A 26 11.67 3.48 -30.27
C GLN A 26 12.04 4.94 -30.54
N PRO A 27 11.50 5.51 -31.60
CA PRO A 27 11.76 6.93 -31.97
C PRO A 27 11.22 7.89 -30.91
N SER A 28 11.84 9.07 -30.80
CA SER A 28 11.40 10.05 -29.83
C SER A 28 9.99 10.52 -30.13
N HIS A 29 9.15 9.57 -30.48
CA HIS A 29 7.76 9.87 -30.81
C HIS A 29 7.03 10.41 -29.58
N ILE A 30 7.30 9.81 -28.43
CA ILE A 30 6.66 10.23 -27.19
C ILE A 30 7.66 10.92 -26.26
N SER A 31 7.21 12.01 -25.64
CA SER A 31 8.08 12.76 -24.74
C SER A 31 7.71 12.56 -23.28
N LYS A 32 6.59 13.16 -22.87
CA LYS A 32 6.13 13.05 -21.50
C LYS A 32 5.23 11.84 -21.27
N TYR A 33 5.29 11.28 -20.07
CA TYR A 33 4.44 10.15 -19.71
C TYR A 33 3.59 10.51 -18.50
N ILE A 34 2.28 10.37 -18.63
CA ILE A 34 1.38 10.70 -17.52
C ILE A 34 0.61 9.47 -17.07
N LEU A 35 0.54 9.26 -15.76
CA LEU A 35 -0.17 8.11 -15.22
C LEU A 35 -1.31 8.55 -14.30
N ARG A 36 -2.50 8.02 -14.57
CA ARG A 36 -3.66 8.34 -13.75
C ARG A 36 -4.39 7.08 -13.34
N TRP A 37 -4.84 7.02 -12.08
CA TRP A 37 -5.51 5.83 -11.59
C TRP A 37 -6.62 6.17 -10.60
N ARG A 38 -7.51 5.19 -10.37
CA ARG A 38 -8.60 5.35 -9.43
C ARG A 38 -9.15 3.99 -9.00
N PRO A 39 -9.47 3.85 -7.74
CA PRO A 39 -10.01 2.57 -7.19
C PRO A 39 -11.36 2.22 -7.82
N LYS A 40 -11.39 1.11 -8.56
CA LYS A 40 -12.62 0.68 -9.21
C LYS A 40 -13.78 0.74 -8.22
N ASN A 41 -14.33 1.93 -8.04
CA ASN A 41 -15.42 2.13 -7.10
C ASN A 41 -16.21 3.41 -7.39
N SER A 42 -15.58 4.36 -8.09
CA SER A 42 -16.25 5.61 -8.41
C SER A 42 -15.61 6.28 -9.63
N VAL A 43 -16.36 7.13 -10.29
CA VAL A 43 -15.86 7.83 -11.48
C VAL A 43 -15.90 9.34 -11.25
N GLY A 44 -15.80 9.75 -9.99
CA GLY A 44 -15.83 11.17 -9.65
C GLY A 44 -14.44 11.77 -9.55
N ARG A 45 -13.74 11.48 -8.46
CA ARG A 45 -12.39 12.00 -8.26
C ARG A 45 -11.36 10.88 -8.19
N TRP A 46 -10.13 11.19 -8.57
CA TRP A 46 -9.06 10.19 -8.53
C TRP A 46 -7.68 10.84 -8.51
N LYS A 47 -6.63 10.02 -8.70
CA LYS A 47 -5.26 10.54 -8.65
C LYS A 47 -4.59 10.54 -10.02
N GLU A 48 -3.69 11.51 -10.19
CA GLU A 48 -2.94 11.63 -11.44
C GLU A 48 -1.50 12.03 -11.13
N ALA A 49 -0.61 11.72 -12.06
CA ALA A 49 0.81 12.03 -11.88
C ALA A 49 1.53 12.22 -13.21
N THR A 50 2.66 12.93 -13.16
CA THR A 50 3.46 13.16 -14.36
C THR A 50 4.81 12.49 -14.21
N ILE A 51 5.25 11.82 -15.27
CA ILE A 51 6.53 11.12 -15.24
C ILE A 51 7.44 11.54 -16.40
N PRO A 52 8.62 12.04 -16.09
CA PRO A 52 9.60 12.47 -17.14
C PRO A 52 9.76 11.44 -18.24
N GLY A 53 10.10 11.91 -19.43
CA GLY A 53 10.27 11.04 -20.59
C GLY A 53 11.38 10.00 -20.40
N HIS A 54 12.33 10.28 -19.50
CA HIS A 54 13.44 9.36 -19.29
C HIS A 54 13.06 8.22 -18.33
N LEU A 55 11.98 8.41 -17.58
CA LEU A 55 11.54 7.37 -16.65
C LEU A 55 10.54 6.44 -17.33
N ASN A 56 10.67 5.14 -17.07
CA ASN A 56 9.78 4.15 -17.67
C ASN A 56 9.04 3.35 -16.61
N SER A 57 9.08 3.80 -15.37
CA SER A 57 8.39 3.09 -14.29
C SER A 57 7.94 4.06 -13.20
N TYR A 58 6.76 3.77 -12.63
CA TYR A 58 6.21 4.63 -11.58
C TYR A 58 6.14 3.89 -10.26
N THR A 59 5.45 4.50 -9.30
CA THR A 59 5.27 3.91 -7.98
C THR A 59 3.97 4.39 -7.36
N ILE A 60 3.12 3.46 -6.94
CA ILE A 60 1.84 3.85 -6.34
C ILE A 60 1.78 3.43 -4.88
N LYS A 61 1.53 4.41 -4.01
CA LYS A 61 1.45 4.15 -2.58
C LYS A 61 0.13 4.70 -2.02
N GLY A 62 -0.24 4.24 -0.83
CA GLY A 62 -1.47 4.69 -0.19
C GLY A 62 -2.66 3.87 -0.68
N LEU A 63 -2.37 2.69 -1.24
CA LEU A 63 -3.42 1.82 -1.76
C LEU A 63 -4.09 1.05 -0.64
N LYS A 64 -5.31 0.60 -0.90
CA LYS A 64 -6.08 -0.16 0.08
C LYS A 64 -5.99 -1.65 -0.22
N PRO A 65 -5.75 -2.45 0.79
CA PRO A 65 -5.65 -3.94 0.62
C PRO A 65 -6.99 -4.56 0.26
N GLY A 66 -6.96 -5.59 -0.59
CA GLY A 66 -8.17 -6.26 -1.00
C GLY A 66 -9.01 -5.38 -1.90
N VAL A 67 -8.36 -4.43 -2.57
CA VAL A 67 -9.06 -3.52 -3.46
C VAL A 67 -8.40 -3.51 -4.83
N VAL A 68 -9.16 -3.08 -5.85
CA VAL A 68 -8.63 -3.03 -7.20
C VAL A 68 -8.61 -1.60 -7.72
N TYR A 69 -7.54 -1.26 -8.43
CA TYR A 69 -7.38 0.08 -8.98
C TYR A 69 -7.21 0.04 -10.49
N GLU A 70 -7.90 0.93 -11.20
CA GLU A 70 -7.75 0.99 -12.65
C GLU A 70 -6.78 2.12 -12.99
N GLY A 71 -5.81 1.82 -13.84
CA GLY A 71 -4.82 2.83 -14.20
C GLY A 71 -4.79 3.09 -15.70
N GLN A 72 -4.37 4.30 -16.06
CA GLN A 72 -4.29 4.68 -17.46
C GLN A 72 -2.97 5.38 -17.72
N LEU A 73 -2.37 5.10 -18.87
CA LEU A 73 -1.10 5.72 -19.22
C LEU A 73 -1.26 6.60 -20.45
N ILE A 74 -1.00 7.90 -20.28
CA ILE A 74 -1.12 8.84 -21.39
C ILE A 74 0.24 9.37 -21.79
N SER A 75 0.55 9.30 -23.08
CA SER A 75 1.83 9.77 -23.57
C SER A 75 1.65 11.03 -24.42
N ILE A 76 2.29 12.12 -24.00
CA ILE A 76 2.17 13.37 -24.73
C ILE A 76 3.42 13.65 -25.56
N GLN A 77 3.21 14.28 -26.71
CA GLN A 77 4.32 14.60 -27.60
C GLN A 77 4.63 16.10 -27.53
N GLN A 78 5.86 16.47 -27.83
CA GLN A 78 6.25 17.87 -27.79
C GLN A 78 5.12 18.75 -28.34
N TYR A 79 4.22 19.16 -27.44
CA TYR A 79 3.10 20.00 -27.84
C TYR A 79 2.52 19.54 -29.16
N GLY A 80 2.58 18.23 -29.41
CA GLY A 80 2.06 17.68 -30.65
C GLY A 80 0.84 16.78 -30.41
N HIS A 81 1.00 15.51 -30.75
CA HIS A 81 -0.09 14.54 -30.58
C HIS A 81 -0.17 14.02 -29.15
N GLN A 82 -1.16 13.18 -28.90
CA GLN A 82 -1.35 12.59 -27.58
C GLN A 82 -1.95 11.19 -27.70
N GLU A 83 -1.62 10.32 -26.74
CA GLU A 83 -2.13 8.94 -26.75
C GLU A 83 -2.52 8.49 -25.34
N VAL A 84 -3.58 7.70 -25.24
CA VAL A 84 -4.02 7.23 -23.92
C VAL A 84 -4.18 5.71 -23.90
N THR A 85 -3.69 5.10 -22.82
CA THR A 85 -3.78 3.66 -22.64
C THR A 85 -4.48 3.31 -21.33
N ARG A 86 -5.31 2.28 -21.34
CA ARG A 86 -6.03 1.90 -20.12
C ARG A 86 -5.64 0.49 -19.66
N PHE A 87 -5.49 0.35 -18.34
CA PHE A 87 -5.13 -0.94 -17.74
C PHE A 87 -5.67 -0.99 -16.32
N ASP A 88 -5.72 -2.20 -15.74
CA ASP A 88 -6.22 -2.33 -14.38
C ASP A 88 -5.48 -3.43 -13.63
N PHE A 89 -5.41 -3.28 -12.32
CA PHE A 89 -4.73 -4.26 -11.47
C PHE A 89 -5.41 -4.39 -10.12
N THR A 90 -4.95 -5.37 -9.34
CA THR A 90 -5.51 -5.61 -8.01
C THR A 90 -4.41 -5.42 -6.96
N THR A 91 -4.82 -5.21 -5.71
CA THR A 91 -3.84 -5.03 -4.64
C THR A 91 -4.21 -5.87 -3.42
N THR A 92 -3.29 -6.75 -3.02
CA THR A 92 -3.52 -7.62 -1.86
C THR A 92 -2.34 -7.59 -0.91
N SER A 93 -2.09 -8.75 -0.30
CA SER A 93 -0.98 -8.97 0.62
C SER A 93 -0.15 -10.14 0.09
N THR A 94 1.08 -10.28 0.57
CA THR A 94 1.98 -11.34 0.08
C THR A 94 1.60 -12.73 0.60
N SER A 95 2.24 -13.74 0.00
CA SER A 95 2.03 -15.17 0.31
C SER A 95 1.05 -15.47 1.47
N THR A 96 1.43 -16.49 2.27
CA THR A 96 0.60 -16.96 3.39
C THR A 96 0.64 -16.02 4.61
N PRO A 97 -0.33 -16.15 5.50
CA PRO A 97 -0.43 -15.30 6.74
C PRO A 97 0.74 -15.51 7.71
N VAL A 98 1.42 -16.65 7.58
CA VAL A 98 2.53 -17.01 8.46
C VAL A 98 3.44 -15.81 8.77
N THR A 99 4.75 -16.04 8.70
CA THR A 99 5.72 -14.98 9.00
C THR A 99 5.45 -13.77 8.12
N SER A 100 5.06 -14.02 6.88
CA SER A 100 4.77 -12.94 5.95
C SER A 100 3.72 -11.99 6.51
N ASN A 101 2.80 -12.51 7.34
CA ASN A 101 1.77 -11.65 7.92
C ASN A 101 0.84 -11.07 6.86
N THR A 102 0.23 -11.93 6.06
CA THR A 102 -0.64 -11.48 4.96
C THR A 102 -2.10 -11.94 5.14
N VAL A 103 -3.02 -11.26 4.44
CA VAL A 103 -4.46 -11.57 4.54
C VAL A 103 -4.79 -12.87 3.82
N THR A 104 -4.05 -13.18 2.76
CA THR A 104 -4.32 -14.39 2.00
C THR A 104 -3.92 -15.63 2.78
N GLY A 105 -4.77 -16.64 2.75
CA GLY A 105 -4.50 -17.88 3.48
C GLY A 105 -5.50 -18.97 3.10
N GLU A 106 -5.41 -20.10 3.80
CA GLU A 106 -6.30 -21.23 3.54
C GLU A 106 -7.75 -20.90 3.90
N THR A 107 -7.95 -19.90 4.76
CA THR A 107 -9.30 -19.54 5.18
C THR A 107 -10.03 -18.76 4.10
N THR A 108 -11.36 -18.80 4.13
CA THR A 108 -12.19 -18.11 3.15
C THR A 108 -12.31 -16.61 3.43
N PRO A 109 -12.62 -16.20 4.64
CA PRO A 109 -12.78 -14.74 4.98
C PRO A 109 -11.59 -13.90 4.54
N PHE A 110 -11.89 -12.68 4.11
CA PHE A 110 -10.87 -11.73 3.64
C PHE A 110 -11.16 -10.33 4.19
N SER A 111 -10.18 -9.43 4.04
CA SER A 111 -10.30 -8.06 4.53
C SER A 111 -11.77 -7.62 4.66
N PRO A 112 -12.36 -7.81 5.82
CA PRO A 112 -13.79 -7.42 6.08
C PRO A 112 -14.07 -5.95 5.76
N LEU A 113 -15.30 -5.68 5.34
CA LEU A 113 -15.71 -4.32 5.00
C LEU A 113 -16.30 -3.62 6.22
N VAL A 114 -16.01 -2.32 6.36
CA VAL A 114 -16.50 -1.54 7.50
C VAL A 114 -17.42 -0.42 7.00
N ALA A 115 -18.55 -0.24 7.67
CA ALA A 115 -19.51 0.79 7.29
C ALA A 115 -18.89 2.18 7.48
N THR A 116 -19.20 3.09 6.57
CA THR A 116 -18.68 4.45 6.63
C THR A 116 -19.30 5.23 7.79
N SER A 117 -20.49 4.81 8.21
CA SER A 117 -21.19 5.49 9.31
C SER A 117 -20.40 5.37 10.60
N GLU A 118 -20.58 6.34 11.50
CA GLU A 118 -19.90 6.31 12.79
C GLU A 118 -20.29 5.08 13.59
N SER A 119 -19.32 4.49 14.29
CA SER A 119 -19.58 3.29 15.08
C SER A 119 -18.91 3.38 16.45
N VAL A 120 -19.57 2.82 17.47
CA VAL A 120 -19.02 2.82 18.83
C VAL A 120 -19.10 1.41 19.41
N THR A 121 -18.07 1.00 20.14
CA THR A 121 -18.04 -0.34 20.72
C THR A 121 -17.80 -0.31 22.22
N GLU A 122 -18.13 -1.43 22.87
CA GLU A 122 -17.94 -1.60 24.30
C GLU A 122 -16.45 -1.56 24.64
N ILE A 123 -15.64 -1.89 23.65
CA ILE A 123 -14.19 -1.94 23.83
C ILE A 123 -13.66 -0.67 24.51
N THR A 124 -12.53 -0.83 25.21
CA THR A 124 -11.89 0.27 25.93
C THR A 124 -10.51 0.55 25.34
N ALA A 125 -9.94 1.69 25.72
CA ALA A 125 -8.63 2.08 25.20
C ALA A 125 -7.57 1.00 25.45
N SER A 126 -6.69 0.84 24.48
CA SER A 126 -5.60 -0.13 24.52
C SER A 126 -4.67 0.13 23.35
N SER A 127 -4.73 1.37 22.89
CA SER A 127 -3.92 1.80 21.75
C SER A 127 -2.44 1.50 21.98
N PHE A 128 -1.66 1.61 20.92
CA PHE A 128 -0.23 1.33 21.00
C PHE A 128 0.55 2.44 20.29
N VAL A 129 1.73 2.76 20.81
CA VAL A 129 2.56 3.78 20.18
C VAL A 129 3.92 3.18 19.88
N VAL A 130 4.14 2.81 18.62
CA VAL A 130 5.40 2.21 18.24
C VAL A 130 6.18 3.12 17.30
N SER A 131 7.49 3.18 17.51
CA SER A 131 8.36 4.00 16.69
C SER A 131 9.52 3.17 16.16
N TRP A 132 10.06 3.57 15.01
CA TRP A 132 11.18 2.83 14.43
C TRP A 132 12.13 3.78 13.73
N VAL A 133 13.02 3.23 12.90
CA VAL A 133 13.98 4.03 12.17
C VAL A 133 13.87 3.80 10.67
N SER A 134 13.74 4.89 9.92
CA SER A 134 13.62 4.79 8.47
C SER A 134 14.84 4.08 7.89
N ALA A 135 15.08 2.86 8.34
CA ALA A 135 16.22 2.08 7.88
C ALA A 135 16.47 2.28 6.40
N SER A 136 16.03 3.42 5.86
CA SER A 136 16.24 3.70 4.44
C SER A 136 15.62 5.04 4.06
N ASP A 137 16.43 5.88 3.41
CA ASP A 137 15.97 7.20 2.99
C ASP A 137 15.27 7.11 1.63
N THR A 138 15.38 5.95 0.99
CA THR A 138 14.77 5.74 -0.31
C THR A 138 13.34 5.27 -0.15
N VAL A 139 12.90 5.13 1.11
CA VAL A 139 11.55 4.70 1.40
C VAL A 139 10.55 5.74 0.90
N SER A 140 9.46 5.27 0.28
CA SER A 140 8.44 6.18 -0.24
C SER A 140 7.31 6.32 0.76
N GLY A 141 7.29 5.39 1.72
CA GLY A 141 6.27 5.40 2.76
C GLY A 141 6.47 4.22 3.68
N PHE A 142 5.67 4.14 4.73
CA PHE A 142 5.78 3.04 5.67
C PHE A 142 4.45 2.32 5.80
N ARG A 143 4.51 1.03 6.12
CA ARG A 143 3.31 0.24 6.27
C ARG A 143 3.37 -0.56 7.56
N VAL A 144 2.40 -0.33 8.43
CA VAL A 144 2.35 -1.04 9.70
C VAL A 144 1.28 -2.12 9.68
N GLU A 145 1.62 -3.29 10.21
CA GLU A 145 0.67 -4.39 10.24
C GLU A 145 0.59 -4.97 11.66
N TYR A 146 -0.62 -5.11 12.15
CA TYR A 146 -0.82 -5.64 13.50
C TYR A 146 -2.00 -6.63 13.52
N GLU A 147 -1.79 -7.75 14.19
CA GLU A 147 -2.83 -8.77 14.29
C GLU A 147 -2.75 -9.45 15.65
N LEU A 148 -3.83 -10.11 16.04
CA LEU A 148 -3.85 -10.78 17.33
C LEU A 148 -2.96 -12.02 17.31
N SER A 149 -2.02 -12.07 18.25
CA SER A 149 -1.09 -13.19 18.35
C SER A 149 -1.81 -14.45 18.84
N GLU A 150 -3.06 -14.29 19.25
CA GLU A 150 -3.83 -15.42 19.76
C GLU A 150 -4.94 -15.82 18.80
N GLU A 151 -5.95 -14.97 18.68
CA GLU A 151 -7.08 -15.24 17.79
C GLU A 151 -6.63 -15.39 16.34
N GLY A 152 -5.63 -14.62 15.95
CA GLY A 152 -5.13 -14.68 14.58
C GLY A 152 -6.04 -13.90 13.64
N ASP A 153 -7.01 -13.20 14.21
CA ASP A 153 -7.95 -12.41 13.41
C ASP A 153 -7.29 -11.96 12.11
N GLU A 154 -7.97 -11.10 11.37
CA GLU A 154 -7.42 -10.61 10.11
C GLU A 154 -6.46 -9.46 10.38
N PRO A 155 -5.37 -9.44 9.67
CA PRO A 155 -4.33 -8.38 9.82
C PRO A 155 -4.78 -7.04 9.29
N GLN A 156 -4.34 -5.97 9.94
CA GLN A 156 -4.70 -4.62 9.52
C GLN A 156 -3.44 -3.89 9.08
N TYR A 157 -3.57 -3.02 8.08
CA TYR A 157 -2.41 -2.29 7.58
C TYR A 157 -2.64 -0.79 7.65
N LEU A 158 -1.58 -0.08 8.01
CA LEU A 158 -1.63 1.37 8.09
C LEU A 158 -0.48 1.95 7.28
N ASP A 159 -0.80 2.87 6.38
CA ASP A 159 0.22 3.47 5.54
C ASP A 159 0.62 4.86 6.03
N LEU A 160 1.93 5.07 6.14
CA LEU A 160 2.47 6.34 6.59
C LEU A 160 3.50 6.84 5.59
N PRO A 161 3.76 8.13 5.57
CA PRO A 161 4.75 8.73 4.64
C PRO A 161 6.19 8.34 4.99
N SER A 162 7.07 8.44 4.01
CA SER A 162 8.48 8.09 4.21
C SER A 162 9.08 8.96 5.30
N THR A 163 8.36 10.00 5.70
CA THR A 163 8.85 10.91 6.74
C THR A 163 8.34 10.48 8.10
N ALA A 164 7.43 9.51 8.12
CA ALA A 164 6.88 9.02 9.37
C ALA A 164 7.80 7.97 9.98
N THR A 165 8.02 8.07 11.28
CA THR A 165 8.90 7.13 11.98
C THR A 165 8.24 6.64 13.26
N SER A 166 6.93 6.85 13.37
CA SER A 166 6.19 6.42 14.55
C SER A 166 4.70 6.50 14.27
N VAL A 167 3.93 5.61 14.86
CA VAL A 167 2.49 5.60 14.65
C VAL A 167 1.74 5.02 15.84
N ASN A 168 0.51 5.49 16.04
CA ASN A 168 -0.31 5.02 17.14
C ASN A 168 -1.42 4.11 16.60
N ILE A 169 -1.50 2.90 17.13
CA ILE A 169 -2.51 1.95 16.69
C ILE A 169 -3.69 1.92 17.66
N PRO A 170 -4.79 2.51 17.27
CA PRO A 170 -6.01 2.56 18.11
C PRO A 170 -6.95 1.39 17.83
N ASP A 171 -8.07 1.38 18.53
CA ASP A 171 -9.07 0.33 18.36
C ASP A 171 -8.51 -1.04 18.72
N LEU A 172 -7.59 -1.08 19.67
CA LEU A 172 -6.99 -2.34 20.11
C LEU A 172 -7.86 -3.00 21.17
N LEU A 173 -7.85 -4.33 21.20
CA LEU A 173 -8.64 -5.08 22.18
C LEU A 173 -7.85 -5.30 23.46
N PRO A 174 -8.29 -4.72 24.53
CA PRO A 174 -7.62 -4.85 25.86
C PRO A 174 -7.53 -6.30 26.31
N GLY A 175 -6.39 -6.65 26.92
CA GLY A 175 -6.20 -8.02 27.39
C GLY A 175 -5.87 -8.96 26.24
N ARG A 176 -5.39 -8.40 25.15
CA ARG A 176 -5.05 -9.20 23.97
C ARG A 176 -3.62 -8.90 23.53
N LYS A 177 -2.98 -9.91 22.94
CA LYS A 177 -1.62 -9.74 22.46
C LYS A 177 -1.63 -9.51 20.95
N TYR A 178 -0.92 -8.49 20.51
CA TYR A 178 -0.85 -8.17 19.09
C TYR A 178 0.58 -8.23 18.58
N ILE A 179 0.72 -8.61 17.31
CA ILE A 179 2.03 -8.66 16.69
C ILE A 179 2.17 -7.47 15.75
N VAL A 180 3.21 -6.69 15.94
CA VAL A 180 3.41 -5.51 15.11
C VAL A 180 4.66 -5.64 14.25
N ASN A 181 4.50 -5.33 12.97
CA ASN A 181 5.61 -5.40 12.03
C ASN A 181 5.61 -4.17 11.14
N VAL A 182 6.70 -3.43 11.15
CA VAL A 182 6.80 -2.22 10.34
C VAL A 182 7.61 -2.49 9.08
N TYR A 183 7.00 -2.18 7.93
CA TYR A 183 7.68 -2.37 6.65
C TYR A 183 7.86 -1.04 5.95
N GLN A 184 9.03 -0.83 5.36
CA GLN A 184 9.28 0.42 4.66
C GLN A 184 9.11 0.17 3.16
N ILE A 185 8.41 1.08 2.49
CA ILE A 185 8.16 0.93 1.07
C ILE A 185 9.14 1.77 0.26
N SER A 186 9.86 1.10 -0.62
CA SER A 186 10.84 1.77 -1.46
C SER A 186 10.16 2.37 -2.69
N GLU A 187 10.90 3.19 -3.42
CA GLU A 187 10.37 3.83 -4.62
C GLU A 187 9.92 2.79 -5.64
N ASP A 188 10.34 1.54 -5.44
CA ASP A 188 9.97 0.48 -6.37
C ASP A 188 8.75 -0.28 -5.85
N GLY A 189 8.29 0.07 -4.65
CA GLY A 189 7.13 -0.59 -4.07
C GLY A 189 7.55 -1.83 -3.28
N GLU A 190 8.84 -1.97 -3.01
CA GLU A 190 9.34 -3.11 -2.26
C GLU A 190 9.22 -2.86 -0.76
N GLN A 191 8.81 -3.88 -0.01
CA GLN A 191 8.67 -3.75 1.43
C GLN A 191 9.79 -4.48 2.15
N SER A 192 10.29 -3.89 3.23
CA SER A 192 11.37 -4.49 4.00
C SER A 192 11.08 -4.37 5.49
N LEU A 193 11.13 -5.49 6.20
CA LEU A 193 10.88 -5.48 7.63
C LEU A 193 12.00 -4.75 8.37
N ILE A 194 11.64 -3.66 9.03
CA ILE A 194 12.63 -2.88 9.76
C ILE A 194 12.42 -3.03 11.27
N LEU A 195 11.21 -3.41 11.67
CA LEU A 195 10.92 -3.57 13.09
C LEU A 195 9.74 -4.52 13.31
N SER A 196 9.98 -5.54 14.12
CA SER A 196 8.94 -6.52 14.43
C SER A 196 8.91 -6.75 15.95
N THR A 197 7.76 -6.48 16.56
CA THR A 197 7.64 -6.67 18.01
C THR A 197 6.19 -6.90 18.40
N SER A 198 6.00 -7.63 19.50
CA SER A 198 4.65 -7.92 19.99
C SER A 198 4.38 -7.17 21.29
N GLN A 199 3.10 -6.99 21.61
CA GLN A 199 2.72 -6.28 22.82
C GLN A 199 1.44 -6.86 23.40
N THR A 200 1.24 -6.64 24.69
CA THR A 200 0.05 -7.14 25.36
C THR A 200 -0.71 -5.98 25.99
N THR A 201 -1.81 -5.59 25.37
CA THR A 201 -2.62 -4.49 25.87
C THR A 201 -2.88 -4.65 27.36
N SER A 1 -1.12 9.07 -30.70
CA SER A 1 -0.53 7.85 -31.33
C SER A 1 -1.32 6.63 -30.90
N GLY A 2 -0.62 5.54 -30.59
CA GLY A 2 -1.28 4.32 -30.15
C GLY A 2 -0.90 3.97 -28.72
N PRO A 3 -1.80 3.31 -28.04
CA PRO A 3 -1.62 2.91 -26.63
C PRO A 3 -0.20 2.51 -26.29
N VAL A 4 0.19 2.87 -25.08
CA VAL A 4 1.52 2.55 -24.55
C VAL A 4 1.51 1.12 -24.05
N GLU A 5 2.67 0.60 -23.65
CA GLU A 5 2.74 -0.77 -23.17
C GLU A 5 2.90 -0.83 -21.65
N VAL A 6 2.01 -1.56 -20.99
CA VAL A 6 2.05 -1.70 -19.54
C VAL A 6 1.81 -3.15 -19.13
N PHE A 7 2.47 -3.59 -18.07
CA PHE A 7 2.32 -4.96 -17.60
C PHE A 7 2.59 -5.07 -16.11
N ILE A 8 2.25 -6.22 -15.53
CA ILE A 8 2.45 -6.44 -14.10
C ILE A 8 3.58 -7.45 -13.89
N THR A 9 4.52 -7.11 -13.00
CA THR A 9 5.64 -8.00 -12.72
C THR A 9 6.00 -7.99 -11.23
N GLU A 10 6.75 -9.01 -10.80
CA GLU A 10 7.15 -9.11 -9.40
C GLU A 10 6.04 -8.59 -8.50
N THR A 11 4.81 -8.77 -8.95
CA THR A 11 3.66 -8.31 -8.18
C THR A 11 2.69 -9.44 -7.85
N PRO A 12 3.10 -10.33 -6.99
CA PRO A 12 2.25 -11.48 -6.57
C PRO A 12 0.97 -11.03 -5.86
N SER A 13 1.07 -9.88 -5.19
CA SER A 13 -0.07 -9.33 -4.46
C SER A 13 0.40 -8.53 -3.25
N GLN A 14 -0.05 -7.28 -3.17
CA GLN A 14 0.34 -6.42 -2.06
C GLN A 14 -0.89 -5.89 -1.34
N PRO A 15 -0.75 -5.48 -0.11
CA PRO A 15 -1.87 -4.95 0.71
C PRO A 15 -2.19 -3.48 0.44
N ASN A 16 -1.24 -2.61 0.75
CA ASN A 16 -1.46 -1.18 0.56
C ASN A 16 -0.64 -0.62 -0.60
N SER A 17 0.40 -1.34 -0.99
CA SER A 17 1.25 -0.88 -2.09
C SER A 17 1.01 -1.70 -3.35
N HIS A 18 1.25 -1.07 -4.50
CA HIS A 18 1.06 -1.75 -5.78
C HIS A 18 1.93 -1.09 -6.86
N PRO A 19 3.02 -1.71 -7.20
CA PRO A 19 3.94 -1.18 -8.24
C PRO A 19 3.51 -1.53 -9.66
N ILE A 20 3.77 -0.63 -10.60
CA ILE A 20 3.40 -0.83 -11.99
C ILE A 20 4.60 -0.54 -12.89
N GLN A 21 4.51 -0.92 -14.16
CA GLN A 21 5.60 -0.65 -15.09
C GLN A 21 5.03 -0.45 -16.50
N TRP A 22 5.67 0.39 -17.29
CA TRP A 22 5.21 0.65 -18.65
C TRP A 22 6.37 0.80 -19.62
N ASN A 23 6.10 0.57 -20.89
CA ASN A 23 7.13 0.71 -21.92
C ASN A 23 6.63 1.61 -23.04
N ALA A 24 7.57 2.22 -23.75
CA ALA A 24 7.22 3.13 -24.84
C ALA A 24 8.05 2.82 -26.08
N PRO A 25 7.74 3.46 -27.17
CA PRO A 25 8.47 3.27 -28.46
C PRO A 25 9.98 3.40 -28.28
N GLN A 26 10.73 3.13 -29.34
CA GLN A 26 12.19 3.23 -29.26
C GLN A 26 12.62 4.68 -29.47
N PRO A 27 12.16 5.31 -30.51
CA PRO A 27 12.50 6.73 -30.82
C PRO A 27 11.95 7.68 -29.75
N SER A 28 12.61 8.82 -29.56
CA SER A 28 12.17 9.78 -28.57
C SER A 28 10.79 10.33 -28.92
N HIS A 29 9.94 9.43 -29.34
CA HIS A 29 8.57 9.79 -29.72
C HIS A 29 7.81 10.32 -28.51
N ILE A 30 7.99 9.67 -27.37
CA ILE A 30 7.32 10.06 -26.14
C ILE A 30 8.30 10.67 -25.14
N SER A 31 7.87 11.75 -24.50
CA SER A 31 8.73 12.43 -23.54
C SER A 31 8.27 12.19 -22.10
N LYS A 32 7.16 12.82 -21.72
CA LYS A 32 6.63 12.68 -20.37
C LYS A 32 5.67 11.49 -20.24
N TYR A 33 5.65 10.89 -19.06
CA TYR A 33 4.75 9.79 -18.79
C TYR A 33 3.85 10.14 -17.61
N ILE A 34 2.54 10.07 -17.80
CA ILE A 34 1.60 10.38 -16.72
C ILE A 34 0.77 9.17 -16.36
N LEU A 35 0.62 8.92 -15.06
CA LEU A 35 -0.17 7.78 -14.60
C LEU A 35 -1.32 8.23 -13.72
N ARG A 36 -2.52 7.77 -14.07
CA ARG A 36 -3.71 8.12 -13.29
C ARG A 36 -4.50 6.86 -12.96
N TRP A 37 -5.01 6.78 -11.73
CA TRP A 37 -5.76 5.59 -11.31
C TRP A 37 -6.90 5.94 -10.37
N ARG A 38 -7.83 4.99 -10.22
CA ARG A 38 -8.96 5.17 -9.32
C ARG A 38 -9.59 3.82 -8.98
N PRO A 39 -9.98 3.64 -7.74
CA PRO A 39 -10.60 2.37 -7.28
C PRO A 39 -11.92 2.10 -7.98
N LYS A 40 -11.96 1.02 -8.76
CA LYS A 40 -13.18 0.67 -9.48
C LYS A 40 -14.39 0.74 -8.54
N ASN A 41 -14.88 1.95 -8.33
CA ASN A 41 -16.02 2.16 -7.44
C ASN A 41 -16.73 3.49 -7.72
N SER A 42 -16.04 4.43 -8.35
CA SER A 42 -16.64 5.73 -8.66
C SER A 42 -15.91 6.40 -9.82
N VAL A 43 -16.59 7.33 -10.48
CA VAL A 43 -16.01 8.05 -11.60
C VAL A 43 -15.99 9.55 -11.32
N GLY A 44 -15.94 9.89 -10.04
CA GLY A 44 -15.93 11.30 -9.63
C GLY A 44 -14.52 11.84 -9.46
N ARG A 45 -13.88 11.47 -8.35
CA ARG A 45 -12.53 11.94 -8.06
C ARG A 45 -11.56 10.76 -7.98
N TRP A 46 -10.29 11.03 -8.30
CA TRP A 46 -9.26 9.99 -8.25
C TRP A 46 -7.86 10.58 -8.14
N LYS A 47 -6.84 9.73 -8.31
CA LYS A 47 -5.46 10.18 -8.18
C LYS A 47 -4.72 10.20 -9.51
N GLU A 48 -3.77 11.13 -9.62
CA GLU A 48 -2.95 11.27 -10.81
C GLU A 48 -1.52 11.59 -10.43
N ALA A 49 -0.60 11.27 -11.32
CA ALA A 49 0.82 11.53 -11.06
C ALA A 49 1.61 11.73 -12.36
N THR A 50 2.77 12.39 -12.22
CA THR A 50 3.63 12.65 -13.36
C THR A 50 4.95 11.89 -13.18
N ILE A 51 5.42 11.26 -14.25
CA ILE A 51 6.65 10.49 -14.19
C ILE A 51 7.63 10.92 -15.28
N PRO A 52 8.81 11.36 -14.90
CA PRO A 52 9.87 11.79 -15.88
C PRO A 52 10.03 10.79 -17.02
N GLY A 53 10.45 11.28 -18.18
CA GLY A 53 10.64 10.45 -19.36
C GLY A 53 11.70 9.36 -19.15
N HIS A 54 12.61 9.57 -18.21
CA HIS A 54 13.67 8.58 -17.98
C HIS A 54 13.20 7.44 -17.10
N LEU A 55 12.10 7.64 -16.39
CA LEU A 55 11.56 6.58 -15.51
C LEU A 55 10.56 5.73 -16.28
N ASN A 56 10.63 4.41 -16.06
CA ASN A 56 9.72 3.50 -16.76
C ASN A 56 8.91 2.67 -15.76
N SER A 57 8.90 3.08 -14.49
CA SER A 57 8.13 2.36 -13.48
C SER A 57 7.67 3.30 -12.38
N TYR A 58 6.46 3.05 -11.87
CA TYR A 58 5.89 3.88 -10.81
C TYR A 58 5.72 3.10 -9.53
N THR A 59 5.01 3.70 -8.58
CA THR A 59 4.75 3.06 -7.30
C THR A 59 3.44 3.58 -6.72
N ILE A 60 2.53 2.67 -6.38
CA ILE A 60 1.25 3.09 -5.83
C ILE A 60 1.09 2.62 -4.38
N LYS A 61 0.85 3.58 -3.48
CA LYS A 61 0.68 3.27 -2.07
C LYS A 61 -0.63 3.85 -1.55
N GLY A 62 -1.08 3.36 -0.40
CA GLY A 62 -2.32 3.84 0.20
C GLY A 62 -3.52 3.09 -0.38
N LEU A 63 -3.25 1.93 -0.98
CA LEU A 63 -4.30 1.12 -1.57
C LEU A 63 -5.07 0.34 -0.51
N LYS A 64 -6.29 -0.04 -0.85
CA LYS A 64 -7.14 -0.81 0.06
C LYS A 64 -7.10 -2.29 -0.30
N PRO A 65 -6.94 -3.14 0.68
CA PRO A 65 -6.89 -4.61 0.47
C PRO A 65 -8.25 -5.17 0.02
N GLY A 66 -8.21 -6.16 -0.86
CA GLY A 66 -9.42 -6.76 -1.36
C GLY A 66 -10.18 -5.81 -2.27
N VAL A 67 -9.46 -4.87 -2.87
CA VAL A 67 -10.08 -3.89 -3.75
C VAL A 67 -9.36 -3.85 -5.09
N VAL A 68 -10.05 -3.36 -6.12
CA VAL A 68 -9.45 -3.28 -7.45
C VAL A 68 -9.34 -1.83 -7.89
N TYR A 69 -8.22 -1.51 -8.55
CA TYR A 69 -7.98 -0.15 -9.03
C TYR A 69 -7.75 -0.15 -10.54
N GLU A 70 -8.36 0.80 -11.24
CA GLU A 70 -8.15 0.91 -12.67
C GLU A 70 -7.12 2.00 -12.93
N GLY A 71 -6.11 1.70 -13.74
CA GLY A 71 -5.07 2.68 -14.02
C GLY A 71 -4.97 3.00 -15.50
N GLN A 72 -4.47 4.19 -15.79
CA GLN A 72 -4.30 4.63 -17.17
C GLN A 72 -2.94 5.27 -17.34
N LEU A 73 -2.31 5.00 -18.47
CA LEU A 73 -1.00 5.59 -18.73
C LEU A 73 -1.07 6.53 -19.93
N ILE A 74 -0.75 7.80 -19.70
CA ILE A 74 -0.78 8.79 -20.78
C ILE A 74 0.62 9.27 -21.09
N SER A 75 0.98 9.23 -22.37
CA SER A 75 2.31 9.68 -22.78
C SER A 75 2.22 10.96 -23.58
N ILE A 76 2.89 12.02 -23.09
CA ILE A 76 2.86 13.31 -23.78
C ILE A 76 4.16 13.55 -24.53
N GLN A 77 4.03 14.24 -25.66
CA GLN A 77 5.19 14.55 -26.49
C GLN A 77 5.54 16.03 -26.34
N GLN A 78 6.81 16.35 -26.57
CA GLN A 78 7.25 17.73 -26.45
C GLN A 78 6.20 18.68 -27.01
N TYR A 79 5.27 19.09 -26.15
CA TYR A 79 4.20 20.00 -26.56
C TYR A 79 3.67 19.61 -27.93
N GLY A 80 3.68 18.31 -28.23
CA GLY A 80 3.20 17.83 -29.52
C GLY A 80 1.94 16.99 -29.36
N HIS A 81 2.06 15.72 -29.75
CA HIS A 81 0.93 14.79 -29.67
C HIS A 81 0.75 14.22 -28.26
N GLN A 82 -0.28 13.40 -28.09
CA GLN A 82 -0.56 12.78 -26.80
C GLN A 82 -1.21 11.41 -27.01
N GLU A 83 -0.96 10.49 -26.08
CA GLU A 83 -1.53 9.15 -26.17
C GLU A 83 -2.00 8.67 -24.80
N VAL A 84 -3.10 7.91 -24.78
CA VAL A 84 -3.62 7.41 -23.51
C VAL A 84 -3.84 5.90 -23.55
N THR A 85 -3.43 5.22 -22.47
CA THR A 85 -3.58 3.78 -22.36
C THR A 85 -4.36 3.42 -21.10
N ARG A 86 -5.23 2.41 -21.18
CA ARG A 86 -6.03 2.02 -20.02
C ARG A 86 -5.72 0.58 -19.59
N PHE A 87 -5.64 0.39 -18.28
CA PHE A 87 -5.36 -0.94 -17.72
C PHE A 87 -5.98 -1.03 -16.32
N ASP A 88 -6.10 -2.24 -15.80
CA ASP A 88 -6.68 -2.41 -14.47
C ASP A 88 -6.02 -3.57 -13.74
N PHE A 89 -6.00 -3.48 -12.41
CA PHE A 89 -5.40 -4.52 -11.58
C PHE A 89 -6.15 -4.67 -10.27
N THR A 90 -5.78 -5.69 -9.51
CA THR A 90 -6.41 -5.96 -8.22
C THR A 90 -5.36 -5.86 -7.11
N THR A 91 -5.81 -5.68 -5.86
CA THR A 91 -4.88 -5.59 -4.74
C THR A 91 -5.34 -6.46 -3.59
N THR A 92 -4.49 -7.40 -3.18
CA THR A 92 -4.80 -8.29 -2.08
C THR A 92 -3.71 -8.35 -1.00
N SER A 93 -3.10 -9.54 -0.88
CA SER A 93 -2.05 -9.80 0.12
C SER A 93 -2.64 -9.90 1.51
N THR A 94 -3.50 -10.90 1.71
CA THR A 94 -4.15 -11.14 2.99
C THR A 94 -3.78 -12.53 3.51
N SER A 95 -4.05 -12.78 4.79
CA SER A 95 -3.73 -14.07 5.39
C SER A 95 -4.39 -15.21 4.62
N THR A 96 -5.57 -14.97 4.08
CA THR A 96 -6.30 -15.99 3.32
C THR A 96 -6.64 -15.49 1.91
N PRO A 97 -5.67 -15.48 1.03
CA PRO A 97 -5.89 -15.00 -0.38
C PRO A 97 -6.96 -15.81 -1.10
N VAL A 98 -7.70 -15.16 -1.99
CA VAL A 98 -8.74 -15.84 -2.76
C VAL A 98 -8.11 -16.85 -3.72
N THR A 99 -6.88 -16.55 -4.13
CA THR A 99 -6.15 -17.42 -5.04
C THR A 99 -6.02 -18.82 -4.43
N SER A 100 -5.83 -18.87 -3.12
CA SER A 100 -5.71 -20.13 -2.40
C SER A 100 -4.48 -20.91 -2.86
N ASN A 101 -3.60 -20.25 -3.61
CA ASN A 101 -2.36 -20.90 -4.09
C ASN A 101 -1.16 -20.44 -3.27
N THR A 102 -0.23 -21.35 -3.04
CA THR A 102 0.97 -21.04 -2.26
C THR A 102 2.22 -21.58 -2.96
N VAL A 103 3.39 -21.04 -2.61
CA VAL A 103 4.64 -21.46 -3.22
C VAL A 103 5.68 -21.77 -2.14
N THR A 104 6.50 -22.79 -2.40
CA THR A 104 7.53 -23.21 -1.45
C THR A 104 8.63 -22.15 -1.32
N GLY A 105 8.59 -21.16 -2.19
CA GLY A 105 9.59 -20.10 -2.17
C GLY A 105 9.75 -19.49 -0.78
N GLU A 106 8.65 -19.46 -0.02
CA GLU A 106 8.70 -18.90 1.33
C GLU A 106 9.73 -19.67 2.16
N THR A 107 10.44 -18.94 3.04
CA THR A 107 11.46 -19.57 3.88
C THR A 107 11.18 -19.31 5.36
N THR A 108 11.80 -20.14 6.21
CA THR A 108 11.65 -20.02 7.65
C THR A 108 13.03 -19.94 8.32
N PRO A 109 13.67 -18.80 8.29
CA PRO A 109 15.04 -18.63 8.89
C PRO A 109 15.08 -18.94 10.39
N PHE A 110 13.93 -18.85 11.06
CA PHE A 110 13.87 -19.11 12.51
C PHE A 110 14.72 -18.10 13.26
N SER A 111 14.84 -16.89 12.74
CA SER A 111 15.64 -15.85 13.37
C SER A 111 14.81 -14.59 13.66
N PRO A 112 13.98 -14.63 14.67
CA PRO A 112 13.13 -13.47 15.05
C PRO A 112 13.94 -12.39 15.76
N LEU A 113 14.59 -12.76 16.87
CA LEU A 113 15.41 -11.84 17.64
C LEU A 113 14.76 -10.45 17.70
N VAL A 114 13.45 -10.40 17.58
CA VAL A 114 12.74 -9.13 17.62
C VAL A 114 12.82 -8.50 19.01
N ALA A 115 13.12 -7.20 19.05
CA ALA A 115 13.23 -6.48 20.33
C ALA A 115 12.02 -5.59 20.56
N THR A 116 11.60 -5.48 21.81
CA THR A 116 10.45 -4.65 22.17
C THR A 116 10.85 -3.60 23.21
N SER A 117 10.34 -2.38 23.03
CA SER A 117 10.67 -1.28 23.94
C SER A 117 10.29 -1.58 25.38
N GLU A 118 9.17 -2.27 25.59
CA GLU A 118 8.69 -2.61 26.94
C GLU A 118 9.10 -1.56 27.97
N SER A 119 9.13 -0.30 27.56
CA SER A 119 9.51 0.77 28.47
C SER A 119 8.61 0.78 29.70
N VAL A 120 7.33 0.49 29.50
CA VAL A 120 6.37 0.44 30.60
C VAL A 120 5.70 -0.94 30.63
N THR A 121 5.61 -1.53 31.82
CA THR A 121 4.99 -2.84 31.94
C THR A 121 3.55 -2.82 31.44
N GLU A 122 2.81 -1.76 31.77
CA GLU A 122 1.42 -1.63 31.35
C GLU A 122 1.18 -0.30 30.64
N ILE A 123 0.22 -0.27 29.71
CA ILE A 123 -0.12 0.95 28.98
C ILE A 123 -1.56 1.36 29.31
N THR A 124 -1.74 2.64 29.64
CA THR A 124 -3.07 3.14 29.98
C THR A 124 -4.06 2.93 28.84
N ALA A 125 -3.61 3.15 27.61
CA ALA A 125 -4.48 2.99 26.44
C ALA A 125 -4.14 1.73 25.65
N SER A 126 -5.16 1.10 25.09
CA SER A 126 -4.94 -0.11 24.29
C SER A 126 -4.10 0.22 23.08
N SER A 127 -4.21 1.47 22.62
CA SER A 127 -3.45 1.92 21.47
C SER A 127 -1.97 1.66 21.64
N PHE A 128 -1.22 1.80 20.55
CA PHE A 128 0.22 1.57 20.57
C PHE A 128 0.94 2.70 19.85
N VAL A 129 2.13 3.05 20.33
CA VAL A 129 2.90 4.09 19.68
C VAL A 129 4.27 3.55 19.32
N VAL A 130 4.45 3.19 18.06
CA VAL A 130 5.71 2.62 17.62
C VAL A 130 6.44 3.57 16.66
N SER A 131 7.76 3.66 16.82
CA SER A 131 8.56 4.53 15.97
C SER A 131 9.73 3.73 15.40
N TRP A 132 10.21 4.14 14.24
CA TRP A 132 11.33 3.45 13.60
C TRP A 132 12.23 4.43 12.88
N VAL A 133 13.10 3.90 12.02
CA VAL A 133 14.02 4.76 11.26
C VAL A 133 13.86 4.52 9.76
N SER A 134 13.66 5.61 9.02
CA SER A 134 13.50 5.51 7.58
C SER A 134 14.72 4.85 6.94
N ALA A 135 15.00 3.63 7.39
CA ALA A 135 16.16 2.89 6.88
C ALA A 135 16.35 3.11 5.38
N SER A 136 15.85 4.23 4.87
CA SER A 136 15.99 4.54 3.45
C SER A 136 15.33 5.86 3.10
N ASP A 137 16.08 6.73 2.43
CA ASP A 137 15.56 8.03 2.04
C ASP A 137 14.82 7.93 0.70
N THR A 138 14.96 6.78 0.06
CA THR A 138 14.30 6.56 -1.23
C THR A 138 12.88 6.05 -1.01
N VAL A 139 12.50 5.89 0.25
CA VAL A 139 11.17 5.41 0.59
C VAL A 139 10.12 6.42 0.14
N SER A 140 9.03 5.93 -0.45
CA SER A 140 7.97 6.81 -0.93
C SER A 140 6.86 6.91 0.12
N GLY A 141 6.90 5.98 1.07
CA GLY A 141 5.92 5.95 2.14
C GLY A 141 6.19 4.76 3.06
N PHE A 142 5.43 4.66 4.13
CA PHE A 142 5.61 3.55 5.06
C PHE A 142 4.30 2.79 5.23
N ARG A 143 4.42 1.51 5.54
CA ARG A 143 3.25 0.67 5.72
C ARG A 143 3.38 -0.13 7.01
N VAL A 144 2.44 0.06 7.90
CA VAL A 144 2.45 -0.65 9.18
C VAL A 144 1.41 -1.76 9.19
N GLU A 145 1.80 -2.92 9.69
CA GLU A 145 0.90 -4.05 9.76
C GLU A 145 0.89 -4.64 11.17
N TYR A 146 -0.31 -4.83 11.70
CA TYR A 146 -0.44 -5.38 13.05
C TYR A 146 -1.58 -6.39 13.10
N GLU A 147 -1.32 -7.51 13.75
CA GLU A 147 -2.33 -8.56 13.88
C GLU A 147 -2.18 -9.25 15.23
N LEU A 148 -3.23 -9.94 15.66
CA LEU A 148 -3.17 -10.63 16.95
C LEU A 148 -2.24 -11.84 16.88
N SER A 149 -1.27 -11.87 17.80
CA SER A 149 -0.31 -12.96 17.84
C SER A 149 -0.97 -14.24 18.36
N GLU A 150 -2.21 -14.12 18.81
CA GLU A 150 -2.93 -15.27 19.34
C GLU A 150 -4.06 -15.71 18.41
N GLU A 151 -5.09 -14.88 18.34
CA GLU A 151 -6.25 -15.19 17.49
C GLU A 151 -5.85 -15.32 16.03
N GLY A 152 -4.89 -14.50 15.60
CA GLY A 152 -4.44 -14.54 14.22
C GLY A 152 -5.41 -13.78 13.31
N ASP A 153 -6.38 -13.11 13.93
CA ASP A 153 -7.36 -12.35 13.16
C ASP A 153 -6.76 -11.88 11.84
N GLU A 154 -7.50 -11.02 11.14
CA GLU A 154 -7.01 -10.51 9.86
C GLU A 154 -6.07 -9.33 10.10
N PRO A 155 -5.01 -9.28 9.36
CA PRO A 155 -4.00 -8.20 9.48
C PRO A 155 -4.51 -6.85 8.97
N GLN A 156 -4.08 -5.78 9.62
CA GLN A 156 -4.49 -4.45 9.22
C GLN A 156 -3.27 -3.67 8.75
N TYR A 157 -3.46 -2.80 7.75
CA TYR A 157 -2.35 -2.03 7.22
C TYR A 157 -2.61 -0.53 7.31
N LEU A 158 -1.56 0.21 7.63
CA LEU A 158 -1.65 1.65 7.72
C LEU A 158 -0.55 2.28 6.88
N ASP A 159 -0.93 3.20 6.01
CA ASP A 159 0.04 3.82 5.13
C ASP A 159 0.41 5.22 5.62
N LEU A 160 1.72 5.46 5.68
CA LEU A 160 2.24 6.76 6.12
C LEU A 160 3.23 7.29 5.08
N PRO A 161 3.44 8.57 5.07
CA PRO A 161 4.39 9.22 4.10
C PRO A 161 5.84 8.87 4.40
N SER A 162 6.69 9.00 3.39
CA SER A 162 8.10 8.70 3.54
C SER A 162 8.73 9.57 4.61
N THR A 163 7.99 10.60 5.04
CA THR A 163 8.48 11.51 6.07
C THR A 163 8.04 11.05 7.46
N ALA A 164 7.16 10.05 7.49
CA ALA A 164 6.67 9.53 8.76
C ALA A 164 7.65 8.51 9.34
N THR A 165 7.92 8.61 10.63
CA THR A 165 8.84 7.69 11.28
C THR A 165 8.24 7.17 12.58
N SER A 166 6.94 7.34 12.74
CA SER A 166 6.25 6.88 13.93
C SER A 166 4.74 6.93 13.72
N VAL A 167 4.02 6.00 14.33
CA VAL A 167 2.57 5.95 14.16
C VAL A 167 1.89 5.34 15.39
N ASN A 168 0.66 5.78 15.63
CA ASN A 168 -0.11 5.28 16.75
C ASN A 168 -1.22 4.34 16.24
N ILE A 169 -1.23 3.12 16.77
CA ILE A 169 -2.24 2.14 16.36
C ILE A 169 -3.38 2.07 17.37
N PRO A 170 -4.51 2.63 17.03
CA PRO A 170 -5.69 2.64 17.90
C PRO A 170 -6.61 1.44 17.65
N ASP A 171 -7.71 1.39 18.39
CA ASP A 171 -8.68 0.32 18.25
C ASP A 171 -8.07 -1.04 18.58
N LEU A 172 -7.12 -1.05 19.51
CA LEU A 172 -6.47 -2.30 19.90
C LEU A 172 -7.27 -3.00 21.00
N LEU A 173 -7.22 -4.32 21.00
CA LEU A 173 -7.95 -5.10 22.00
C LEU A 173 -7.10 -5.31 23.25
N PRO A 174 -7.53 -4.74 24.35
CA PRO A 174 -6.81 -4.86 25.65
C PRO A 174 -6.66 -6.31 26.09
N GLY A 175 -5.50 -6.64 26.65
CA GLY A 175 -5.23 -8.00 27.11
C GLY A 175 -4.92 -8.93 25.94
N ARG A 176 -4.50 -8.34 24.82
CA ARG A 176 -4.18 -9.13 23.64
C ARG A 176 -2.78 -8.79 23.14
N LYS A 177 -2.12 -9.77 22.52
CA LYS A 177 -0.79 -9.55 21.99
C LYS A 177 -0.86 -9.31 20.49
N TYR A 178 -0.19 -8.27 20.04
CA TYR A 178 -0.19 -7.94 18.63
C TYR A 178 1.22 -7.96 18.05
N ILE A 179 1.33 -8.32 16.78
CA ILE A 179 2.62 -8.33 16.12
C ILE A 179 2.68 -7.14 15.18
N VAL A 180 3.70 -6.32 15.33
CA VAL A 180 3.84 -5.12 14.50
C VAL A 180 5.06 -5.22 13.60
N ASN A 181 4.85 -4.90 12.33
CA ASN A 181 5.93 -4.93 11.35
C ASN A 181 5.85 -3.70 10.47
N VAL A 182 6.93 -2.92 10.45
CA VAL A 182 6.95 -1.71 9.64
C VAL A 182 7.72 -1.93 8.35
N TYR A 183 7.07 -1.64 7.23
CA TYR A 183 7.70 -1.81 5.92
C TYR A 183 7.82 -0.45 5.23
N GLN A 184 8.97 -0.22 4.60
CA GLN A 184 9.16 1.04 3.89
C GLN A 184 8.93 0.80 2.40
N ILE A 185 8.18 1.69 1.77
CA ILE A 185 7.89 1.55 0.36
C ILE A 185 8.81 2.42 -0.49
N SER A 186 9.53 1.78 -1.40
CA SER A 186 10.44 2.49 -2.27
C SER A 186 9.71 3.07 -3.47
N GLU A 187 10.40 3.92 -4.22
CA GLU A 187 9.81 4.55 -5.39
C GLU A 187 9.35 3.51 -6.40
N ASP A 188 9.81 2.27 -6.23
CA ASP A 188 9.43 1.20 -7.15
C ASP A 188 8.25 0.40 -6.59
N GLY A 189 7.84 0.73 -5.37
CA GLY A 189 6.72 0.04 -4.75
C GLY A 189 7.19 -1.20 -3.99
N GLU A 190 8.50 -1.30 -3.77
CA GLU A 190 9.06 -2.43 -3.04
C GLU A 190 8.98 -2.19 -1.54
N GLN A 191 8.64 -3.23 -0.79
CA GLN A 191 8.54 -3.11 0.66
C GLN A 191 9.72 -3.82 1.33
N SER A 192 10.23 -3.22 2.39
CA SER A 192 11.35 -3.80 3.13
C SER A 192 11.13 -3.69 4.63
N LEU A 193 11.23 -4.82 5.32
CA LEU A 193 11.03 -4.83 6.76
C LEU A 193 12.15 -4.06 7.46
N ILE A 194 11.79 -2.98 8.14
CA ILE A 194 12.78 -2.19 8.85
C ILE A 194 12.64 -2.35 10.36
N LEU A 195 11.45 -2.77 10.79
CA LEU A 195 11.22 -2.95 12.23
C LEU A 195 10.08 -3.94 12.48
N SER A 196 10.37 -4.96 13.29
CA SER A 196 9.37 -5.97 13.63
C SER A 196 9.40 -6.21 15.13
N THR A 197 8.28 -5.98 15.80
CA THR A 197 8.21 -6.17 17.25
C THR A 197 6.78 -6.46 17.69
N SER A 198 6.65 -7.20 18.78
CA SER A 198 5.33 -7.53 19.32
C SER A 198 5.09 -6.80 20.63
N GLN A 199 3.82 -6.65 20.99
CA GLN A 199 3.46 -5.97 22.24
C GLN A 199 2.23 -6.60 22.85
N THR A 200 2.06 -6.39 24.15
CA THR A 200 0.91 -6.92 24.86
C THR A 200 0.13 -5.79 25.53
N THR A 201 -1.00 -5.43 24.94
CA THR A 201 -1.82 -4.36 25.49
C THR A 201 -2.02 -4.54 26.99
N SER A 1 -1.71 8.25 -31.32
CA SER A 1 -1.06 7.03 -31.90
C SER A 1 -1.79 5.79 -31.38
N GLY A 2 -1.03 4.76 -31.03
CA GLY A 2 -1.61 3.53 -30.52
C GLY A 2 -1.19 3.27 -29.08
N PRO A 3 -2.04 2.62 -28.34
CA PRO A 3 -1.80 2.29 -26.92
C PRO A 3 -0.35 1.98 -26.58
N VAL A 4 0.05 2.43 -25.41
CA VAL A 4 1.40 2.21 -24.90
C VAL A 4 1.47 0.80 -24.32
N GLU A 5 2.66 0.37 -23.93
CA GLU A 5 2.82 -0.98 -23.38
C GLU A 5 3.02 -0.92 -21.86
N VAL A 6 2.17 -1.67 -21.14
CA VAL A 6 2.24 -1.73 -19.69
C VAL A 6 2.09 -3.17 -19.20
N PHE A 7 2.81 -3.52 -18.14
CA PHE A 7 2.73 -4.86 -17.59
C PHE A 7 3.04 -4.87 -16.09
N ILE A 8 2.76 -6.01 -15.45
CA ILE A 8 3.01 -6.14 -14.02
C ILE A 8 4.19 -7.08 -13.78
N THR A 9 5.13 -6.64 -12.93
CA THR A 9 6.31 -7.46 -12.63
C THR A 9 6.70 -7.35 -11.16
N GLU A 10 7.50 -8.30 -10.69
CA GLU A 10 7.95 -8.31 -9.30
C GLU A 10 6.83 -7.81 -8.40
N THR A 11 5.60 -8.08 -8.81
CA THR A 11 4.44 -7.62 -8.04
C THR A 11 3.55 -8.78 -7.62
N PRO A 12 4.01 -9.61 -6.73
CA PRO A 12 3.23 -10.77 -6.22
C PRO A 12 1.95 -10.34 -5.50
N SER A 13 2.01 -9.15 -4.90
CA SER A 13 0.86 -8.63 -4.18
C SER A 13 1.31 -7.74 -3.02
N GLN A 14 0.80 -6.51 -2.99
CA GLN A 14 1.17 -5.57 -1.94
C GLN A 14 -0.08 -5.07 -1.22
N PRO A 15 0.08 -4.58 -0.02
CA PRO A 15 -1.06 -4.07 0.80
C PRO A 15 -1.46 -2.64 0.46
N ASN A 16 -0.55 -1.70 0.70
CA ASN A 16 -0.84 -0.29 0.44
C ASN A 16 -0.07 0.23 -0.76
N SER A 17 1.00 -0.45 -1.15
CA SER A 17 1.79 -0.01 -2.29
C SER A 17 1.58 -0.90 -3.50
N HIS A 18 1.75 -0.32 -4.68
CA HIS A 18 1.57 -1.07 -5.92
C HIS A 18 2.37 -0.44 -7.05
N PRO A 19 3.49 -1.02 -7.39
CA PRO A 19 4.37 -0.51 -8.48
C PRO A 19 3.91 -0.96 -9.87
N ILE A 20 4.11 -0.09 -10.85
CA ILE A 20 3.73 -0.39 -12.23
C ILE A 20 4.89 -0.08 -13.17
N GLN A 21 4.79 -0.53 -14.42
CA GLN A 21 5.83 -0.27 -15.39
C GLN A 21 5.22 -0.17 -16.79
N TRP A 22 5.81 0.66 -17.64
CA TRP A 22 5.30 0.81 -19.00
C TRP A 22 6.44 0.98 -20.00
N ASN A 23 6.15 0.66 -21.26
CA ASN A 23 7.15 0.79 -22.32
C ASN A 23 6.58 1.61 -23.47
N ALA A 24 7.47 2.23 -24.24
CA ALA A 24 7.05 3.05 -25.36
C ALA A 24 7.87 2.71 -26.61
N PRO A 25 7.51 3.28 -27.71
CA PRO A 25 8.21 3.06 -29.01
C PRO A 25 9.71 3.28 -28.87
N GLN A 26 10.46 2.99 -29.94
CA GLN A 26 11.91 3.16 -29.91
C GLN A 26 12.27 4.62 -30.19
N PRO A 27 11.75 5.16 -31.25
CA PRO A 27 12.01 6.58 -31.64
C PRO A 27 11.44 7.56 -30.61
N SER A 28 12.05 8.74 -30.51
CA SER A 28 11.58 9.73 -29.55
C SER A 28 10.17 10.19 -29.90
N HIS A 29 9.35 9.22 -30.27
CA HIS A 29 7.96 9.50 -30.61
C HIS A 29 7.20 10.06 -29.42
N ILE A 30 7.44 9.47 -28.25
CA ILE A 30 6.78 9.90 -27.03
C ILE A 30 7.74 10.61 -26.09
N SER A 31 7.28 11.71 -25.49
CA SER A 31 8.11 12.48 -24.60
C SER A 31 7.70 12.29 -23.14
N LYS A 32 6.58 12.88 -22.76
CA LYS A 32 6.08 12.80 -21.40
C LYS A 32 5.19 11.57 -21.18
N TYR A 33 5.22 11.04 -19.97
CA TYR A 33 4.37 9.90 -19.61
C TYR A 33 3.49 10.27 -18.42
N ILE A 34 2.17 10.12 -18.58
CA ILE A 34 1.26 10.46 -17.50
C ILE A 34 0.48 9.22 -17.05
N LEU A 35 0.38 9.03 -15.74
CA LEU A 35 -0.34 7.89 -15.20
C LEU A 35 -1.50 8.33 -14.32
N ARG A 36 -2.67 7.78 -14.61
CA ARG A 36 -3.86 8.12 -13.82
C ARG A 36 -4.58 6.84 -13.41
N TRP A 37 -5.06 6.80 -12.16
CA TRP A 37 -5.73 5.60 -11.67
C TRP A 37 -6.87 5.94 -10.72
N ARG A 38 -7.75 4.96 -10.50
CA ARG A 38 -8.88 5.13 -9.58
C ARG A 38 -9.41 3.78 -9.14
N PRO A 39 -9.77 3.65 -7.89
CA PRO A 39 -10.31 2.36 -7.35
C PRO A 39 -11.63 1.99 -8.00
N LYS A 40 -11.64 0.88 -8.72
CA LYS A 40 -12.85 0.42 -9.40
C LYS A 40 -14.04 0.49 -8.44
N ASN A 41 -14.60 1.69 -8.27
CA ASN A 41 -15.73 1.88 -7.38
C ASN A 41 -16.50 3.16 -7.70
N SER A 42 -15.88 4.09 -8.40
CA SER A 42 -16.55 5.34 -8.76
C SER A 42 -15.88 5.98 -9.96
N VAL A 43 -16.62 6.83 -10.66
CA VAL A 43 -16.10 7.52 -11.84
C VAL A 43 -16.15 9.03 -11.63
N GLY A 44 -16.08 9.46 -10.37
CA GLY A 44 -16.14 10.89 -10.05
C GLY A 44 -14.76 11.50 -9.93
N ARG A 45 -14.08 11.22 -8.82
CA ARG A 45 -12.75 11.76 -8.59
C ARG A 45 -11.71 10.65 -8.48
N TRP A 46 -10.46 10.96 -8.84
CA TRP A 46 -9.40 9.98 -8.75
C TRP A 46 -8.01 10.64 -8.71
N LYS A 47 -6.96 9.83 -8.86
CA LYS A 47 -5.60 10.36 -8.80
C LYS A 47 -4.89 10.35 -10.14
N GLU A 48 -3.99 11.31 -10.31
CA GLU A 48 -3.21 11.43 -11.53
C GLU A 48 -1.78 11.84 -11.21
N ALA A 49 -0.87 11.53 -12.11
CA ALA A 49 0.54 11.86 -11.90
C ALA A 49 1.29 12.03 -13.21
N THR A 50 2.42 12.75 -13.14
CA THR A 50 3.24 12.99 -14.32
C THR A 50 4.60 12.31 -14.14
N ILE A 51 5.07 11.64 -15.17
CA ILE A 51 6.35 10.95 -15.10
C ILE A 51 7.28 11.37 -16.24
N PRO A 52 8.44 11.88 -15.91
CA PRO A 52 9.45 12.31 -16.94
C PRO A 52 9.64 11.26 -18.03
N GLY A 53 10.02 11.72 -19.22
CA GLY A 53 10.21 10.82 -20.37
C GLY A 53 11.33 9.80 -20.12
N HIS A 54 12.25 10.11 -19.22
CA HIS A 54 13.36 9.19 -18.96
C HIS A 54 12.98 8.08 -18.00
N LEU A 55 11.88 8.25 -17.28
CA LEU A 55 11.42 7.23 -16.34
C LEU A 55 10.44 6.27 -17.04
N ASN A 56 10.58 4.98 -16.75
CA ASN A 56 9.71 3.98 -17.37
C ASN A 56 8.95 3.17 -16.31
N SER A 57 8.96 3.65 -15.07
CA SER A 57 8.26 2.95 -14.00
C SER A 57 7.76 3.93 -12.94
N TYR A 58 6.58 3.64 -12.38
CA TYR A 58 5.99 4.51 -11.36
C TYR A 58 5.89 3.78 -10.03
N THR A 59 5.18 4.40 -9.10
CA THR A 59 4.98 3.82 -7.78
C THR A 59 3.65 4.30 -7.20
N ILE A 60 2.80 3.37 -6.79
CA ILE A 60 1.51 3.75 -6.23
C ILE A 60 1.41 3.35 -4.76
N LYS A 61 1.15 4.34 -3.91
CA LYS A 61 1.02 4.10 -2.48
C LYS A 61 -0.31 4.65 -1.95
N GLY A 62 -0.70 4.20 -0.77
CA GLY A 62 -1.95 4.65 -0.17
C GLY A 62 -3.13 3.81 -0.68
N LEU A 63 -2.82 2.64 -1.21
CA LEU A 63 -3.84 1.75 -1.75
C LEU A 63 -4.54 0.98 -0.63
N LYS A 64 -5.75 0.53 -0.92
CA LYS A 64 -6.54 -0.23 0.06
C LYS A 64 -6.43 -1.73 -0.22
N PRO A 65 -6.21 -2.52 0.80
CA PRO A 65 -6.09 -4.00 0.66
C PRO A 65 -7.42 -4.64 0.28
N GLY A 66 -7.35 -5.67 -0.55
CA GLY A 66 -8.55 -6.36 -0.99
C GLY A 66 -9.38 -5.49 -1.92
N VAL A 67 -8.72 -4.56 -2.59
CA VAL A 67 -9.40 -3.66 -3.51
C VAL A 67 -8.71 -3.67 -4.87
N VAL A 68 -9.44 -3.26 -5.90
CA VAL A 68 -8.89 -3.22 -7.24
C VAL A 68 -8.85 -1.79 -7.78
N TYR A 69 -7.77 -1.45 -8.47
CA TYR A 69 -7.61 -0.12 -9.03
C TYR A 69 -7.41 -0.19 -10.54
N GLU A 70 -8.08 0.70 -11.27
CA GLU A 70 -7.91 0.74 -12.71
C GLU A 70 -6.94 1.87 -13.05
N GLY A 71 -5.95 1.57 -13.88
CA GLY A 71 -4.96 2.59 -14.23
C GLY A 71 -4.90 2.82 -15.73
N GLN A 72 -4.48 4.02 -16.10
CA GLN A 72 -4.36 4.39 -17.50
C GLN A 72 -3.04 5.10 -17.74
N LEU A 73 -2.41 4.80 -18.87
CA LEU A 73 -1.15 5.43 -19.19
C LEU A 73 -1.29 6.30 -20.44
N ILE A 74 -1.03 7.59 -20.28
CA ILE A 74 -1.14 8.52 -21.41
C ILE A 74 0.24 9.05 -21.78
N SER A 75 0.57 8.97 -23.06
CA SER A 75 1.86 9.45 -23.53
C SER A 75 1.70 10.70 -24.40
N ILE A 76 2.31 11.79 -23.97
CA ILE A 76 2.21 13.04 -24.73
C ILE A 76 3.48 13.31 -25.53
N GLN A 77 3.28 13.93 -26.69
CA GLN A 77 4.41 14.25 -27.56
C GLN A 77 4.69 15.75 -27.50
N GLN A 78 5.93 16.12 -27.78
CA GLN A 78 6.30 17.53 -27.75
C GLN A 78 5.19 18.39 -28.32
N TYR A 79 4.27 18.80 -27.47
CA TYR A 79 3.15 19.63 -27.90
C TYR A 79 2.60 19.15 -29.24
N GLY A 80 2.67 17.84 -29.46
CA GLY A 80 2.18 17.26 -30.72
C GLY A 80 0.99 16.36 -30.48
N HIS A 81 1.15 15.09 -30.80
CA HIS A 81 0.07 14.12 -30.64
C HIS A 81 -0.04 13.62 -29.21
N GLN A 82 -1.04 12.76 -28.97
CA GLN A 82 -1.26 12.19 -27.64
C GLN A 82 -1.83 10.78 -27.76
N GLU A 83 -1.52 9.93 -26.79
CA GLU A 83 -2.02 8.55 -26.80
C GLU A 83 -2.44 8.12 -25.39
N VAL A 84 -3.49 7.31 -25.30
CA VAL A 84 -3.96 6.85 -23.98
C VAL A 84 -4.10 5.33 -23.94
N THR A 85 -3.64 4.74 -22.85
CA THR A 85 -3.71 3.30 -22.65
C THR A 85 -4.44 2.97 -21.35
N ARG A 86 -5.27 1.93 -21.37
CA ARG A 86 -6.01 1.55 -20.17
C ARG A 86 -5.62 0.16 -19.67
N PHE A 87 -5.50 0.04 -18.35
CA PHE A 87 -5.14 -1.23 -17.72
C PHE A 87 -5.72 -1.28 -16.31
N ASP A 88 -5.78 -2.48 -15.73
CA ASP A 88 -6.32 -2.60 -14.38
C ASP A 88 -5.58 -3.68 -13.58
N PHE A 89 -5.54 -3.51 -12.27
CA PHE A 89 -4.87 -4.48 -11.40
C PHE A 89 -5.58 -4.59 -10.07
N THR A 90 -5.14 -5.55 -9.26
CA THR A 90 -5.72 -5.78 -7.95
C THR A 90 -4.66 -5.57 -6.87
N THR A 91 -5.09 -5.35 -5.63
CA THR A 91 -4.15 -5.15 -4.55
C THR A 91 -4.54 -5.97 -3.32
N THR A 92 -3.63 -6.85 -2.88
CA THR A 92 -3.87 -7.69 -1.73
C THR A 92 -2.74 -7.59 -0.71
N SER A 93 -3.06 -7.80 0.57
CA SER A 93 -2.03 -7.77 1.60
C SER A 93 -1.05 -8.91 1.40
N THR A 94 -1.60 -10.09 1.09
CA THR A 94 -0.81 -11.29 0.86
C THR A 94 -1.25 -11.97 -0.43
N SER A 95 -0.43 -12.89 -0.93
CA SER A 95 -0.78 -13.60 -2.16
C SER A 95 -2.12 -14.33 -1.98
N THR A 96 -2.33 -14.86 -0.77
CA THR A 96 -3.56 -15.58 -0.45
C THR A 96 -4.16 -15.05 0.86
N PRO A 97 -4.80 -13.90 0.82
CA PRO A 97 -5.41 -13.27 2.04
C PRO A 97 -6.44 -14.16 2.74
N VAL A 98 -6.45 -14.07 4.07
CA VAL A 98 -7.39 -14.84 4.89
C VAL A 98 -8.36 -13.88 5.57
N THR A 99 -8.38 -12.64 5.09
CA THR A 99 -9.25 -11.61 5.66
C THR A 99 -10.72 -12.04 5.64
N SER A 100 -11.13 -12.71 4.58
CA SER A 100 -12.52 -13.15 4.48
C SER A 100 -12.87 -14.06 5.66
N ASN A 101 -11.89 -14.78 6.16
CA ASN A 101 -12.10 -15.68 7.30
C ASN A 101 -13.21 -16.68 6.99
N THR A 102 -13.18 -17.25 5.79
CA THR A 102 -14.19 -18.22 5.40
C THR A 102 -14.19 -19.41 6.35
N VAL A 103 -13.02 -19.84 6.76
CA VAL A 103 -12.88 -20.97 7.68
C VAL A 103 -13.61 -20.69 8.99
N THR A 104 -13.51 -19.46 9.46
CA THR A 104 -14.16 -19.08 10.73
C THR A 104 -15.67 -19.00 10.57
N GLY A 105 -16.38 -19.52 11.58
CA GLY A 105 -17.84 -19.51 11.56
C GLY A 105 -18.39 -20.84 11.07
N GLU A 106 -17.48 -21.73 10.68
CA GLU A 106 -17.88 -23.05 10.19
C GLU A 106 -18.46 -23.89 11.33
N THR A 107 -18.08 -23.53 12.56
CA THR A 107 -18.56 -24.26 13.73
C THR A 107 -19.96 -23.81 14.12
N THR A 108 -20.65 -24.66 14.90
CA THR A 108 -22.03 -24.38 15.32
C THR A 108 -22.20 -22.99 15.96
N PRO A 109 -21.34 -22.57 16.86
CA PRO A 109 -21.48 -21.24 17.52
C PRO A 109 -21.68 -20.11 16.52
N PHE A 110 -22.52 -19.14 16.90
CA PHE A 110 -22.80 -17.98 16.06
C PHE A 110 -22.01 -16.77 16.52
N SER A 111 -21.41 -16.04 15.59
CA SER A 111 -20.62 -14.87 15.95
C SER A 111 -21.48 -13.84 16.69
N PRO A 112 -20.90 -13.09 17.61
CA PRO A 112 -21.67 -12.07 18.39
C PRO A 112 -22.45 -11.09 17.51
N LEU A 113 -23.61 -10.66 18.02
CA LEU A 113 -24.45 -9.72 17.29
C LEU A 113 -23.71 -8.41 17.03
N VAL A 114 -22.84 -8.03 17.96
CA VAL A 114 -22.07 -6.78 17.83
C VAL A 114 -20.61 -7.07 17.50
N ALA A 115 -20.08 -6.31 16.54
CA ALA A 115 -18.69 -6.42 16.07
C ALA A 115 -18.67 -6.91 14.62
N THR A 116 -19.69 -7.68 14.26
CA THR A 116 -19.80 -8.21 12.91
C THR A 116 -20.22 -7.11 11.93
N SER A 117 -20.70 -6.00 12.48
CA SER A 117 -21.15 -4.89 11.65
C SER A 117 -20.01 -4.34 10.81
N GLU A 118 -20.37 -3.71 9.69
CA GLU A 118 -19.39 -3.15 8.77
C GLU A 118 -18.57 -2.05 9.44
N SER A 119 -19.19 -1.33 10.39
CA SER A 119 -18.48 -0.25 11.08
C SER A 119 -18.28 -0.59 12.55
N VAL A 120 -17.11 -0.25 13.07
CA VAL A 120 -16.76 -0.51 14.47
C VAL A 120 -16.37 0.79 15.17
N THR A 121 -16.83 0.95 16.41
CA THR A 121 -16.50 2.16 17.17
C THR A 121 -15.08 2.07 17.70
N GLU A 122 -14.49 3.19 18.08
CA GLU A 122 -13.12 3.19 18.57
C GLU A 122 -13.06 2.88 20.06
N ILE A 123 -12.30 1.84 20.40
CA ILE A 123 -12.13 1.44 21.79
C ILE A 123 -11.32 2.50 22.55
N THR A 124 -10.42 3.17 21.83
CA THR A 124 -9.57 4.19 22.42
C THR A 124 -8.89 3.65 23.68
N ALA A 125 -8.43 2.40 23.61
CA ALA A 125 -7.77 1.76 24.76
C ALA A 125 -6.76 0.72 24.27
N SER A 126 -5.90 0.28 25.19
CA SER A 126 -4.89 -0.73 24.88
C SER A 126 -4.02 -0.34 23.66
N SER A 127 -4.02 0.94 23.34
CA SER A 127 -3.22 1.43 22.22
C SER A 127 -1.77 1.02 22.37
N PHE A 128 -1.01 1.20 21.29
CA PHE A 128 0.40 0.85 21.28
C PHE A 128 1.23 1.97 20.67
N VAL A 129 2.43 2.17 21.18
CA VAL A 129 3.30 3.18 20.62
C VAL A 129 4.62 2.55 20.21
N VAL A 130 4.77 2.31 18.91
CA VAL A 130 5.99 1.67 18.40
C VAL A 130 6.79 2.63 17.54
N SER A 131 8.10 2.59 17.71
CA SER A 131 8.99 3.45 16.94
C SER A 131 10.08 2.62 16.29
N TRP A 132 10.61 3.09 15.17
CA TRP A 132 11.66 2.36 14.47
C TRP A 132 12.65 3.32 13.83
N VAL A 133 13.47 2.80 12.91
CA VAL A 133 14.46 3.63 12.24
C VAL A 133 14.29 3.55 10.72
N SER A 134 14.19 4.73 10.09
CA SER A 134 14.02 4.78 8.64
C SER A 134 15.18 4.07 7.95
N ALA A 135 15.36 2.80 8.27
CA ALA A 135 16.44 2.00 7.70
C ALA A 135 16.65 2.35 6.21
N SER A 136 16.26 3.55 5.82
CA SER A 136 16.43 3.97 4.43
C SER A 136 15.89 5.38 4.22
N ASP A 137 16.72 6.23 3.62
CA ASP A 137 16.32 7.60 3.36
C ASP A 137 15.59 7.70 2.02
N THR A 138 15.61 6.60 1.26
CA THR A 138 14.95 6.57 -0.02
C THR A 138 13.48 6.16 0.14
N VAL A 139 13.09 5.93 1.39
CA VAL A 139 11.72 5.54 1.69
C VAL A 139 10.77 6.68 1.34
N SER A 140 9.65 6.34 0.72
CA SER A 140 8.67 7.35 0.33
C SER A 140 7.57 7.45 1.39
N GLY A 141 7.52 6.44 2.24
CA GLY A 141 6.54 6.40 3.31
C GLY A 141 6.70 5.11 4.11
N PHE A 142 5.93 4.98 5.17
CA PHE A 142 6.00 3.78 6.00
C PHE A 142 4.64 3.12 6.09
N ARG A 143 4.64 1.81 6.28
CA ARG A 143 3.38 1.08 6.40
C ARG A 143 3.44 0.14 7.60
N VAL A 144 2.51 0.34 8.52
CA VAL A 144 2.47 -0.50 9.71
C VAL A 144 1.33 -1.50 9.62
N GLU A 145 1.62 -2.73 10.02
CA GLU A 145 0.61 -3.78 9.98
C GLU A 145 0.54 -4.49 11.33
N TYR A 146 -0.66 -4.63 11.86
CA TYR A 146 -0.85 -5.28 13.14
C TYR A 146 -2.08 -6.19 13.11
N GLU A 147 -1.93 -7.39 13.64
CA GLU A 147 -3.02 -8.35 13.69
C GLU A 147 -2.93 -9.17 14.96
N LEU A 148 -4.04 -9.81 15.34
CA LEU A 148 -4.06 -10.62 16.56
C LEU A 148 -3.24 -11.89 16.37
N SER A 149 -2.29 -12.09 17.27
CA SER A 149 -1.42 -13.27 17.21
C SER A 149 -2.19 -14.52 17.61
N GLU A 150 -3.42 -14.33 18.08
CA GLU A 150 -4.24 -15.47 18.50
C GLU A 150 -5.40 -15.70 17.53
N GLU A 151 -6.36 -14.78 17.54
CA GLU A 151 -7.53 -14.91 16.69
C GLU A 151 -7.14 -14.93 15.21
N GLY A 152 -6.11 -14.17 14.85
CA GLY A 152 -5.65 -14.12 13.47
C GLY A 152 -6.55 -13.20 12.64
N ASP A 153 -7.47 -12.51 13.32
CA ASP A 153 -8.37 -11.59 12.64
C ASP A 153 -7.73 -11.05 11.38
N GLU A 154 -8.37 -10.08 10.75
CA GLU A 154 -7.85 -9.49 9.52
C GLU A 154 -6.80 -8.43 9.86
N PRO A 155 -5.74 -8.39 9.12
CA PRO A 155 -4.63 -7.43 9.35
C PRO A 155 -5.03 -6.00 8.97
N GLN A 156 -4.49 -5.03 9.71
CA GLN A 156 -4.79 -3.63 9.45
C GLN A 156 -3.50 -2.93 9.03
N TYR A 157 -3.62 -1.96 8.13
CA TYR A 157 -2.44 -1.26 7.67
C TYR A 157 -2.56 0.24 7.89
N LEU A 158 -1.46 0.86 8.28
CA LEU A 158 -1.40 2.29 8.51
C LEU A 158 -0.25 2.89 7.72
N ASP A 159 -0.54 3.92 6.93
CA ASP A 159 0.48 4.53 6.12
C ASP A 159 0.98 5.84 6.73
N LEU A 160 2.30 5.97 6.81
CA LEU A 160 2.93 7.16 7.36
C LEU A 160 3.96 7.69 6.38
N PRO A 161 4.29 8.95 6.48
CA PRO A 161 5.29 9.59 5.58
C PRO A 161 6.71 9.09 5.84
N SER A 162 7.56 9.24 4.84
CA SER A 162 8.95 8.79 4.95
C SER A 162 9.65 9.50 6.10
N THR A 163 9.00 10.55 6.62
CA THR A 163 9.58 11.31 7.73
C THR A 163 9.09 10.77 9.07
N ALA A 164 8.12 9.86 9.02
CA ALA A 164 7.58 9.27 10.23
C ALA A 164 8.46 8.11 10.70
N THR A 165 8.74 8.07 12.00
CA THR A 165 9.57 7.00 12.56
C THR A 165 8.93 6.43 13.81
N SER A 166 7.64 6.70 13.98
CA SER A 166 6.90 6.19 15.14
C SER A 166 5.41 6.39 14.93
N VAL A 167 4.61 5.48 15.46
CA VAL A 167 3.16 5.58 15.30
C VAL A 167 2.42 4.92 16.46
N ASN A 168 1.23 5.44 16.75
CA ASN A 168 0.41 4.90 17.82
C ASN A 168 -0.76 4.12 17.24
N ILE A 169 -0.89 2.86 17.65
CA ILE A 169 -1.98 2.02 17.15
C ILE A 169 -3.13 1.96 18.15
N PRO A 170 -4.19 2.65 17.87
CA PRO A 170 -5.38 2.68 18.76
C PRO A 170 -6.40 1.60 18.39
N ASP A 171 -7.49 1.58 19.13
CA ASP A 171 -8.57 0.61 18.90
C ASP A 171 -8.08 -0.82 19.10
N LEU A 172 -7.13 -1.01 20.01
CA LEU A 172 -6.60 -2.33 20.28
C LEU A 172 -7.46 -3.05 21.31
N LEU A 173 -7.54 -4.38 21.20
CA LEU A 173 -8.34 -5.18 22.12
C LEU A 173 -7.51 -5.57 23.34
N PRO A 174 -7.89 -5.08 24.49
CA PRO A 174 -7.19 -5.38 25.77
C PRO A 174 -7.16 -6.88 26.08
N GLY A 175 -6.04 -7.36 26.60
CA GLY A 175 -5.91 -8.77 26.92
C GLY A 175 -5.68 -9.61 25.68
N ARG A 176 -5.21 -8.96 24.61
CA ARG A 176 -4.94 -9.66 23.36
C ARG A 176 -3.52 -9.40 22.88
N LYS A 177 -2.95 -10.37 22.18
CA LYS A 177 -1.60 -10.23 21.67
C LYS A 177 -1.65 -9.85 20.19
N TYR A 178 -0.88 -8.83 19.83
CA TYR A 178 -0.85 -8.36 18.46
C TYR A 178 0.55 -8.46 17.88
N ILE A 179 0.64 -8.70 16.58
CA ILE A 179 1.92 -8.77 15.90
C ILE A 179 2.09 -7.50 15.08
N VAL A 180 3.19 -6.80 15.31
CA VAL A 180 3.43 -5.56 14.60
C VAL A 180 4.64 -5.67 13.68
N ASN A 181 4.47 -5.22 12.44
CA ASN A 181 5.53 -5.25 11.46
C ASN A 181 5.57 -3.94 10.70
N VAL A 182 6.71 -3.26 10.75
CA VAL A 182 6.86 -1.99 10.05
C VAL A 182 7.60 -2.16 8.75
N TYR A 183 6.99 -1.71 7.66
CA TYR A 183 7.60 -1.80 6.34
C TYR A 183 7.85 -0.42 5.78
N GLN A 184 9.01 -0.22 5.17
CA GLN A 184 9.30 1.08 4.58
C GLN A 184 9.07 0.99 3.08
N ILE A 185 8.41 2.00 2.53
CA ILE A 185 8.11 2.02 1.11
C ILE A 185 9.11 2.88 0.35
N SER A 186 9.77 2.27 -0.62
CA SER A 186 10.75 2.97 -1.43
C SER A 186 10.07 3.73 -2.56
N GLU A 187 10.84 4.57 -3.23
CA GLU A 187 10.31 5.36 -4.34
C GLU A 187 9.76 4.47 -5.44
N ASP A 188 10.10 3.18 -5.39
CA ASP A 188 9.64 2.24 -6.39
C ASP A 188 8.40 1.50 -5.91
N GLY A 189 8.01 1.75 -4.67
CA GLY A 189 6.82 1.10 -4.11
C GLY A 189 7.18 -0.24 -3.47
N GLU A 190 8.47 -0.46 -3.26
CA GLU A 190 8.93 -1.71 -2.65
C GLU A 190 8.87 -1.60 -1.13
N GLN A 191 8.43 -2.68 -0.48
CA GLN A 191 8.34 -2.69 0.97
C GLN A 191 9.44 -3.55 1.57
N SER A 192 10.01 -3.10 2.68
CA SER A 192 11.07 -3.85 3.35
C SER A 192 10.85 -3.86 4.85
N LEU A 193 10.86 -5.05 5.44
CA LEU A 193 10.64 -5.17 6.88
C LEU A 193 11.82 -4.59 7.64
N ILE A 194 11.56 -3.55 8.42
CA ILE A 194 12.62 -2.90 9.20
C ILE A 194 12.45 -3.20 10.68
N LEU A 195 11.23 -3.56 11.09
CA LEU A 195 10.98 -3.85 12.49
C LEU A 195 9.75 -4.75 12.67
N SER A 196 9.95 -5.86 13.36
CA SER A 196 8.87 -6.80 13.61
C SER A 196 8.87 -7.20 15.09
N THR A 197 7.77 -6.93 15.78
CA THR A 197 7.68 -7.24 17.20
C THR A 197 6.23 -7.44 17.63
N SER A 198 6.03 -8.26 18.65
CA SER A 198 4.68 -8.52 19.15
C SER A 198 4.50 -7.90 20.54
N GLN A 199 3.24 -7.68 20.91
CA GLN A 199 2.95 -7.08 22.21
C GLN A 199 1.66 -7.65 22.78
N THR A 200 1.51 -7.55 24.09
CA THR A 200 0.31 -8.04 24.75
C THR A 200 -0.35 -6.91 25.53
N THR A 201 -1.45 -6.39 24.98
CA THR A 201 -2.17 -5.31 25.63
C THR A 201 -2.39 -5.62 27.11
N SER A 1 -1.57 8.00 -30.95
CA SER A 1 -0.85 6.82 -31.50
C SER A 1 -1.51 5.54 -31.01
N GLY A 2 -0.71 4.56 -30.64
CA GLY A 2 -1.24 3.29 -30.15
C GLY A 2 -0.86 3.06 -28.69
N PRO A 3 -1.68 2.35 -27.98
CA PRO A 3 -1.49 2.04 -26.55
C PRO A 3 -0.03 1.80 -26.16
N VAL A 4 0.30 2.28 -24.98
CA VAL A 4 1.64 2.13 -24.42
C VAL A 4 1.78 0.72 -23.84
N GLU A 5 2.97 0.37 -23.41
CA GLU A 5 3.19 -0.97 -22.85
C GLU A 5 3.33 -0.92 -21.32
N VAL A 6 2.50 -1.72 -20.65
CA VAL A 6 2.53 -1.77 -19.18
C VAL A 6 2.43 -3.22 -18.70
N PHE A 7 3.13 -3.53 -17.62
CA PHE A 7 3.12 -4.89 -17.08
C PHE A 7 3.37 -4.88 -15.57
N ILE A 8 3.14 -6.03 -14.93
CA ILE A 8 3.34 -6.16 -13.50
C ILE A 8 4.57 -7.03 -13.22
N THR A 9 5.46 -6.54 -12.35
CA THR A 9 6.67 -7.29 -12.00
C THR A 9 6.99 -7.16 -10.52
N GLU A 10 7.84 -8.07 -10.02
CA GLU A 10 8.23 -8.06 -8.61
C GLU A 10 7.05 -7.62 -7.75
N THR A 11 5.85 -7.96 -8.20
CA THR A 11 4.65 -7.57 -7.48
C THR A 11 3.80 -8.79 -7.10
N PRO A 12 4.29 -9.59 -6.18
CA PRO A 12 3.55 -10.80 -5.71
C PRO A 12 2.23 -10.44 -5.03
N SER A 13 2.20 -9.26 -4.43
CA SER A 13 0.99 -8.80 -3.75
C SER A 13 1.35 -7.90 -2.58
N GLN A 14 0.78 -6.69 -2.56
CA GLN A 14 1.05 -5.74 -1.49
C GLN A 14 -0.26 -5.30 -0.83
N PRO A 15 -0.16 -4.82 0.39
CA PRO A 15 -1.36 -4.38 1.17
C PRO A 15 -1.83 -2.97 0.81
N ASN A 16 -0.98 -1.99 1.09
CA ASN A 16 -1.35 -0.59 0.82
C ASN A 16 -0.57 -0.01 -0.36
N SER A 17 0.54 -0.64 -0.70
CA SER A 17 1.35 -0.14 -1.81
C SER A 17 1.23 -1.05 -3.03
N HIS A 18 1.41 -0.46 -4.21
CA HIS A 18 1.33 -1.21 -5.45
C HIS A 18 2.13 -0.53 -6.56
N PRO A 19 3.30 -1.04 -6.86
CA PRO A 19 4.18 -0.48 -7.91
C PRO A 19 3.80 -0.94 -9.31
N ILE A 20 3.98 -0.06 -10.29
CA ILE A 20 3.66 -0.38 -11.68
C ILE A 20 4.83 0.00 -12.58
N GLN A 21 4.80 -0.45 -13.83
CA GLN A 21 5.87 -0.12 -14.77
C GLN A 21 5.31 -0.05 -16.18
N TRP A 22 5.88 0.81 -17.02
CA TRP A 22 5.41 0.95 -18.40
C TRP A 22 6.57 1.17 -19.34
N ASN A 23 6.34 0.85 -20.61
CA ASN A 23 7.37 1.03 -21.64
C ASN A 23 6.80 1.82 -22.81
N ALA A 24 7.67 2.50 -23.54
CA ALA A 24 7.25 3.29 -24.68
C ALA A 24 8.13 3.01 -25.89
N PRO A 25 7.78 3.56 -27.02
CA PRO A 25 8.54 3.39 -28.29
C PRO A 25 10.01 3.69 -28.09
N GLN A 26 10.82 3.45 -29.13
CA GLN A 26 12.25 3.70 -29.04
C GLN A 26 12.54 5.18 -29.31
N PRO A 27 12.02 5.70 -30.40
CA PRO A 27 12.22 7.13 -30.78
C PRO A 27 11.55 8.07 -29.76
N SER A 28 12.08 9.28 -29.63
CA SER A 28 11.53 10.24 -28.69
C SER A 28 10.10 10.62 -29.10
N HIS A 29 9.35 9.61 -29.48
CA HIS A 29 7.97 9.80 -29.89
C HIS A 29 7.13 10.31 -28.72
N ILE A 30 7.37 9.74 -27.55
CA ILE A 30 6.63 10.13 -26.35
C ILE A 30 7.53 10.89 -25.37
N SER A 31 6.97 11.96 -24.79
CA SER A 31 7.73 12.76 -23.86
C SER A 31 7.28 12.55 -22.42
N LYS A 32 6.11 13.08 -22.08
CA LYS A 32 5.57 12.96 -20.74
C LYS A 32 4.75 11.67 -20.55
N TYR A 33 4.76 11.15 -19.34
CA TYR A 33 3.98 9.96 -19.02
C TYR A 33 3.03 10.27 -17.86
N ILE A 34 1.73 10.05 -18.07
CA ILE A 34 0.76 10.32 -17.01
C ILE A 34 0.04 9.05 -16.61
N LEU A 35 -0.09 8.84 -15.30
CA LEU A 35 -0.77 7.66 -14.79
C LEU A 35 -1.98 8.02 -13.95
N ARG A 36 -3.11 7.41 -14.28
CA ARG A 36 -4.33 7.67 -13.53
C ARG A 36 -5.01 6.36 -13.15
N TRP A 37 -5.52 6.28 -11.92
CA TRP A 37 -6.14 5.05 -11.45
C TRP A 37 -7.33 5.32 -10.54
N ARG A 38 -8.16 4.30 -10.35
CA ARG A 38 -9.33 4.40 -9.48
C ARG A 38 -9.80 3.01 -9.07
N PRO A 39 -10.19 2.85 -7.83
CA PRO A 39 -10.68 1.54 -7.30
C PRO A 39 -11.95 1.09 -8.00
N LYS A 40 -11.87 -0.02 -8.73
CA LYS A 40 -13.03 -0.54 -9.44
C LYS A 40 -14.25 -0.54 -8.53
N ASN A 41 -14.88 0.61 -8.39
CA ASN A 41 -16.05 0.74 -7.53
C ASN A 41 -16.89 1.97 -7.87
N SER A 42 -16.29 2.95 -8.55
CA SER A 42 -17.02 4.16 -8.92
C SER A 42 -16.35 4.84 -10.10
N VAL A 43 -17.12 5.65 -10.83
CA VAL A 43 -16.59 6.37 -11.98
C VAL A 43 -16.74 7.88 -11.78
N GLY A 44 -16.74 8.30 -10.51
CA GLY A 44 -16.89 9.71 -10.19
C GLY A 44 -15.55 10.40 -10.02
N ARG A 45 -14.90 10.17 -8.89
CA ARG A 45 -13.60 10.78 -8.61
C ARG A 45 -12.52 9.73 -8.47
N TRP A 46 -11.28 10.13 -8.78
CA TRP A 46 -10.15 9.20 -8.65
C TRP A 46 -8.82 9.94 -8.57
N LYS A 47 -7.71 9.19 -8.68
CA LYS A 47 -6.38 9.79 -8.57
C LYS A 47 -5.64 9.83 -9.89
N GLU A 48 -4.79 10.85 -10.02
CA GLU A 48 -3.97 11.02 -11.21
C GLU A 48 -2.58 11.51 -10.84
N ALA A 49 -1.61 11.25 -11.71
CA ALA A 49 -0.24 11.66 -11.44
C ALA A 49 0.54 11.89 -12.73
N THR A 50 1.62 12.66 -12.62
CA THR A 50 2.47 12.95 -13.76
C THR A 50 3.86 12.36 -13.53
N ILE A 51 4.41 11.72 -14.56
CA ILE A 51 5.73 11.10 -14.44
C ILE A 51 6.68 11.58 -15.54
N PRO A 52 7.78 12.15 -15.18
CA PRO A 52 8.81 12.65 -16.16
C PRO A 52 9.10 11.61 -17.25
N GLY A 53 9.48 12.10 -18.43
CA GLY A 53 9.78 11.22 -19.56
C GLY A 53 10.94 10.26 -19.29
N HIS A 54 11.81 10.62 -18.34
CA HIS A 54 12.96 9.77 -18.05
C HIS A 54 12.61 8.62 -17.10
N LEU A 55 11.47 8.73 -16.42
CA LEU A 55 11.04 7.68 -15.50
C LEU A 55 10.15 6.68 -16.22
N ASN A 56 10.35 5.40 -15.94
CA ASN A 56 9.57 4.35 -16.59
C ASN A 56 8.82 3.49 -15.57
N SER A 57 8.74 3.97 -14.33
CA SER A 57 8.05 3.22 -13.29
C SER A 57 7.46 4.17 -12.24
N TYR A 58 6.28 3.81 -11.73
CA TYR A 58 5.60 4.64 -10.73
C TYR A 58 5.50 3.91 -9.40
N THR A 59 4.72 4.47 -8.50
CA THR A 59 4.51 3.88 -7.18
C THR A 59 3.14 4.28 -6.65
N ILE A 60 2.32 3.30 -6.28
CA ILE A 60 1.00 3.61 -5.75
C ILE A 60 0.87 3.20 -4.29
N LYS A 61 0.51 4.17 -3.45
CA LYS A 61 0.35 3.92 -2.02
C LYS A 61 -1.02 4.38 -1.55
N GLY A 62 -1.43 3.90 -0.38
CA GLY A 62 -2.73 4.28 0.17
C GLY A 62 -3.83 3.38 -0.38
N LEU A 63 -3.43 2.22 -0.90
CA LEU A 63 -4.39 1.28 -1.47
C LEU A 63 -5.08 0.46 -0.38
N LYS A 64 -6.25 -0.05 -0.71
CA LYS A 64 -7.02 -0.85 0.23
C LYS A 64 -6.83 -2.35 -0.04
N PRO A 65 -6.59 -3.12 0.99
CA PRO A 65 -6.38 -4.60 0.84
C PRO A 65 -7.65 -5.32 0.41
N GLY A 66 -7.50 -6.33 -0.42
CA GLY A 66 -8.63 -7.10 -0.90
C GLY A 66 -9.49 -6.28 -1.86
N VAL A 67 -8.86 -5.30 -2.50
CA VAL A 67 -9.56 -4.44 -3.44
C VAL A 67 -8.82 -4.39 -4.78
N VAL A 68 -9.54 -4.02 -5.83
CA VAL A 68 -8.93 -3.96 -7.15
C VAL A 68 -8.97 -2.53 -7.68
N TYR A 69 -7.88 -2.13 -8.33
CA TYR A 69 -7.78 -0.77 -8.88
C TYR A 69 -7.52 -0.83 -10.39
N GLU A 70 -8.22 0.01 -11.15
CA GLU A 70 -8.00 0.07 -12.58
C GLU A 70 -7.08 1.25 -12.88
N GLY A 71 -6.05 1.03 -13.67
CA GLY A 71 -5.10 2.10 -13.99
C GLY A 71 -5.01 2.35 -15.48
N GLN A 72 -4.63 3.57 -15.83
CA GLN A 72 -4.49 3.95 -17.23
C GLN A 72 -3.21 4.72 -17.41
N LEU A 73 -2.52 4.47 -18.52
CA LEU A 73 -1.29 5.18 -18.80
C LEU A 73 -1.43 6.04 -20.05
N ILE A 74 -1.26 7.35 -19.88
CA ILE A 74 -1.38 8.26 -21.01
C ILE A 74 -0.03 8.89 -21.33
N SER A 75 0.35 8.82 -22.61
CA SER A 75 1.64 9.38 -23.02
C SER A 75 1.42 10.61 -23.90
N ILE A 76 1.96 11.74 -23.45
CA ILE A 76 1.81 12.99 -24.20
C ILE A 76 3.08 13.33 -24.96
N GLN A 77 2.91 13.95 -26.13
CA GLN A 77 4.04 14.33 -26.95
C GLN A 77 4.23 15.85 -26.89
N GLN A 78 5.46 16.29 -27.11
CA GLN A 78 5.75 17.72 -27.07
C GLN A 78 4.61 18.52 -27.69
N TYR A 79 3.63 18.87 -26.86
CA TYR A 79 2.48 19.64 -27.33
C TYR A 79 2.02 19.12 -28.68
N GLY A 80 2.17 17.82 -28.91
CA GLY A 80 1.77 17.23 -30.18
C GLY A 80 0.61 16.25 -29.98
N HIS A 81 0.85 14.99 -30.30
CA HIS A 81 -0.17 13.95 -30.19
C HIS A 81 -0.30 13.44 -28.75
N GLN A 82 -1.25 12.54 -28.56
CA GLN A 82 -1.49 11.94 -27.24
C GLN A 82 -1.98 10.50 -27.38
N GLU A 83 -1.65 9.67 -26.40
CA GLU A 83 -2.07 8.26 -26.43
C GLU A 83 -2.51 7.81 -25.04
N VAL A 84 -3.51 6.94 -24.98
CA VAL A 84 -4.01 6.45 -23.69
C VAL A 84 -4.06 4.93 -23.66
N THR A 85 -3.60 4.36 -22.55
CA THR A 85 -3.60 2.91 -22.37
C THR A 85 -4.36 2.54 -21.09
N ARG A 86 -5.12 1.44 -21.13
CA ARG A 86 -5.88 1.03 -19.95
C ARG A 86 -5.43 -0.35 -19.45
N PHE A 87 -5.35 -0.46 -18.13
CA PHE A 87 -4.94 -1.72 -17.49
C PHE A 87 -5.57 -1.81 -16.10
N ASP A 88 -5.58 -3.00 -15.52
CA ASP A 88 -6.15 -3.16 -14.19
C ASP A 88 -5.38 -4.20 -13.39
N PHE A 89 -5.40 -4.04 -12.06
CA PHE A 89 -4.71 -4.96 -11.18
C PHE A 89 -5.46 -5.12 -9.86
N THR A 90 -4.99 -6.06 -9.05
CA THR A 90 -5.60 -6.32 -7.75
C THR A 90 -4.59 -6.06 -6.63
N THR A 91 -5.08 -5.86 -5.41
CA THR A 91 -4.18 -5.61 -4.29
C THR A 91 -4.57 -6.47 -3.08
N THR A 92 -3.63 -7.29 -2.62
CA THR A 92 -3.87 -8.16 -1.47
C THR A 92 -2.80 -7.99 -0.39
N SER A 93 -3.18 -8.29 0.85
CA SER A 93 -2.25 -8.21 1.98
C SER A 93 -1.15 -9.26 1.87
N THR A 94 -1.49 -10.42 1.30
CA THR A 94 -0.55 -11.54 1.13
C THR A 94 0.52 -11.59 2.24
N SER A 95 1.39 -12.58 2.17
CA SER A 95 2.44 -12.76 3.18
C SER A 95 3.43 -11.59 3.16
N THR A 96 3.51 -10.89 2.04
CA THR A 96 4.44 -9.77 1.89
C THR A 96 5.88 -10.23 2.02
N PRO A 97 6.35 -11.05 1.11
CA PRO A 97 7.76 -11.56 1.13
C PRO A 97 8.77 -10.43 1.09
N VAL A 98 9.96 -10.67 1.66
CA VAL A 98 11.01 -9.65 1.70
C VAL A 98 12.09 -9.97 0.67
N THR A 99 12.47 -8.96 -0.10
CA THR A 99 13.49 -9.15 -1.14
C THR A 99 14.80 -9.67 -0.56
N SER A 100 15.19 -9.16 0.60
CA SER A 100 16.44 -9.59 1.22
C SER A 100 16.44 -11.09 1.45
N ASN A 101 15.29 -11.62 1.86
CA ASN A 101 15.17 -13.05 2.11
C ASN A 101 16.26 -13.54 3.06
N THR A 102 16.49 -12.78 4.14
CA THR A 102 17.52 -13.15 5.12
C THR A 102 16.92 -13.31 6.51
N VAL A 103 17.33 -14.38 7.20
CA VAL A 103 16.87 -14.66 8.56
C VAL A 103 18.02 -14.62 9.55
N THR A 104 19.15 -14.07 9.12
CA THR A 104 20.35 -13.99 9.95
C THR A 104 20.81 -12.55 10.15
N GLY A 105 21.66 -12.34 11.15
CA GLY A 105 22.19 -11.02 11.46
C GLY A 105 21.30 -10.27 12.44
N GLU A 106 21.65 -9.03 12.72
CA GLU A 106 20.89 -8.19 13.66
C GLU A 106 20.27 -6.99 12.93
N THR A 107 19.20 -6.45 13.48
CA THR A 107 18.54 -5.30 12.87
C THR A 107 19.28 -4.01 13.26
N THR A 108 19.09 -2.97 12.47
CA THR A 108 19.76 -1.69 12.73
C THR A 108 19.49 -1.20 14.16
N PRO A 109 18.25 -1.13 14.59
CA PRO A 109 17.90 -0.65 15.97
C PRO A 109 18.56 -1.50 17.06
N PHE A 110 18.95 -0.85 18.15
CA PHE A 110 19.59 -1.56 19.26
C PHE A 110 19.21 -0.92 20.60
N SER A 111 20.08 -0.06 21.12
CA SER A 111 19.82 0.61 22.40
C SER A 111 19.99 2.13 22.26
N PRO A 112 19.01 2.81 21.72
CA PRO A 112 19.06 4.29 21.55
C PRO A 112 19.42 5.02 22.85
N LEU A 113 20.25 6.06 22.72
CA LEU A 113 20.68 6.83 23.88
C LEU A 113 19.50 7.45 24.63
N VAL A 114 18.47 7.88 23.88
CA VAL A 114 17.30 8.51 24.48
C VAL A 114 16.01 7.87 23.98
N ALA A 115 15.02 7.78 24.87
CA ALA A 115 13.73 7.20 24.52
C ALA A 115 13.06 7.99 23.40
N THR A 116 12.31 7.29 22.56
CA THR A 116 11.63 7.92 21.44
C THR A 116 10.53 8.88 21.92
N SER A 117 9.47 8.98 21.13
CA SER A 117 8.36 9.89 21.45
C SER A 117 7.70 9.56 22.78
N GLU A 118 7.83 8.30 23.23
CA GLU A 118 7.21 7.90 24.49
C GLU A 118 7.74 8.75 25.64
N SER A 119 9.01 9.14 25.56
CA SER A 119 9.63 9.96 26.59
C SER A 119 9.17 9.53 27.98
N VAL A 120 8.63 10.47 28.75
CA VAL A 120 8.13 10.19 30.10
C VAL A 120 6.75 10.80 30.30
N THR A 121 6.38 11.74 29.44
CA THR A 121 5.09 12.40 29.53
C THR A 121 4.05 11.70 28.66
N GLU A 122 2.77 11.98 28.94
CA GLU A 122 1.68 11.38 28.18
C GLU A 122 1.81 9.86 28.12
N ILE A 123 0.75 9.16 28.54
CA ILE A 123 0.74 7.70 28.53
C ILE A 123 -0.43 7.17 27.71
N THR A 124 -0.30 5.94 27.23
CA THR A 124 -1.34 5.30 26.42
C THR A 124 -1.74 3.96 27.03
N ALA A 125 -2.88 3.42 26.61
CA ALA A 125 -3.35 2.13 27.13
C ALA A 125 -3.37 1.07 26.02
N SER A 126 -4.52 0.88 25.39
CA SER A 126 -4.63 -0.13 24.34
C SER A 126 -3.72 0.21 23.15
N SER A 127 -3.61 1.50 22.86
CA SER A 127 -2.78 1.96 21.76
C SER A 127 -1.36 1.42 21.90
N PHE A 128 -0.58 1.57 20.82
CA PHE A 128 0.79 1.10 20.81
C PHE A 128 1.71 2.17 20.23
N VAL A 129 2.92 2.25 20.74
CA VAL A 129 3.87 3.21 20.21
C VAL A 129 5.14 2.48 19.79
N VAL A 130 5.28 2.25 18.49
CA VAL A 130 6.43 1.54 17.97
C VAL A 130 7.32 2.45 17.13
N SER A 131 8.63 2.30 17.29
CA SER A 131 9.58 3.10 16.55
C SER A 131 10.61 2.19 15.88
N TRP A 132 11.17 2.66 14.78
CA TRP A 132 12.16 1.86 14.06
C TRP A 132 13.24 2.76 13.44
N VAL A 133 14.01 2.20 12.52
CA VAL A 133 15.07 2.95 11.87
C VAL A 133 14.89 2.94 10.35
N SER A 134 14.89 4.13 9.76
CA SER A 134 14.74 4.23 8.31
C SER A 134 15.84 3.45 7.60
N ALA A 135 15.91 2.16 7.88
CA ALA A 135 16.92 1.29 7.28
C ALA A 135 17.17 1.66 5.83
N SER A 136 16.88 2.90 5.46
CA SER A 136 17.09 3.34 4.08
C SER A 136 16.67 4.80 3.90
N ASP A 137 17.57 5.59 3.32
CA ASP A 137 17.29 7.01 3.09
C ASP A 137 16.57 7.19 1.77
N THR A 138 16.50 6.12 0.98
CA THR A 138 15.84 6.16 -0.31
C THR A 138 14.35 5.88 -0.16
N VAL A 139 13.93 5.65 1.08
CA VAL A 139 12.53 5.36 1.37
C VAL A 139 11.67 6.59 1.05
N SER A 140 10.54 6.36 0.41
CA SER A 140 9.63 7.45 0.05
C SER A 140 8.55 7.62 1.11
N GLY A 141 8.42 6.59 1.94
CA GLY A 141 7.43 6.60 3.01
C GLY A 141 7.48 5.28 3.77
N PHE A 142 6.70 5.18 4.83
CA PHE A 142 6.67 3.97 5.62
C PHE A 142 5.26 3.42 5.70
N ARG A 143 5.15 2.11 5.85
CA ARG A 143 3.84 1.47 5.94
C ARG A 143 3.82 0.51 7.12
N VAL A 144 2.90 0.75 8.04
CA VAL A 144 2.78 -0.10 9.21
C VAL A 144 1.57 -1.01 9.10
N GLU A 145 1.75 -2.27 9.46
CA GLU A 145 0.66 -3.23 9.39
C GLU A 145 0.53 -3.98 10.72
N TYR A 146 -0.68 -4.02 11.25
CA TYR A 146 -0.93 -4.69 12.51
C TYR A 146 -2.23 -5.49 12.45
N GLU A 147 -2.17 -6.71 12.96
CA GLU A 147 -3.34 -7.58 12.97
C GLU A 147 -3.33 -8.45 14.22
N LEU A 148 -4.48 -9.00 14.58
CA LEU A 148 -4.58 -9.83 15.77
C LEU A 148 -3.86 -11.15 15.56
N SER A 149 -2.93 -11.46 16.45
CA SER A 149 -2.17 -12.70 16.37
C SER A 149 -3.04 -13.90 16.72
N GLU A 150 -4.25 -13.63 17.19
CA GLU A 150 -5.15 -14.70 17.58
C GLU A 150 -6.33 -14.82 16.62
N GLU A 151 -7.22 -13.82 16.64
CA GLU A 151 -8.38 -13.82 15.78
C GLU A 151 -7.99 -13.84 14.31
N GLY A 152 -6.90 -13.16 13.98
CA GLY A 152 -6.44 -13.11 12.60
C GLY A 152 -7.26 -12.09 11.79
N ASP A 153 -8.11 -11.35 12.48
CA ASP A 153 -8.94 -10.34 11.83
C ASP A 153 -8.25 -9.82 10.57
N GLU A 154 -8.81 -8.78 9.98
CA GLU A 154 -8.23 -8.21 8.77
C GLU A 154 -7.10 -7.25 9.14
N PRO A 155 -6.04 -7.29 8.40
CA PRO A 155 -4.86 -6.41 8.65
C PRO A 155 -5.13 -4.95 8.31
N GLN A 156 -4.53 -4.05 9.08
CA GLN A 156 -4.70 -2.62 8.85
C GLN A 156 -3.36 -2.03 8.46
N TYR A 157 -3.39 -1.02 7.59
CA TYR A 157 -2.15 -0.39 7.14
C TYR A 157 -2.16 1.10 7.41
N LEU A 158 -1.01 1.61 7.81
CA LEU A 158 -0.85 3.03 8.08
C LEU A 158 0.36 3.54 7.31
N ASP A 159 0.16 4.61 6.55
CA ASP A 159 1.24 5.17 5.75
C ASP A 159 1.84 6.41 6.40
N LEU A 160 3.15 6.42 6.49
CA LEU A 160 3.88 7.54 7.07
C LEU A 160 4.96 8.02 6.11
N PRO A 161 5.39 9.24 6.24
CA PRO A 161 6.44 9.82 5.35
C PRO A 161 7.81 9.20 5.60
N SER A 162 8.68 9.31 4.61
CA SER A 162 10.02 8.75 4.71
C SER A 162 10.77 9.38 5.88
N THR A 163 10.22 10.44 6.43
CA THR A 163 10.85 11.13 7.55
C THR A 163 10.31 10.59 8.88
N ALA A 164 9.27 9.76 8.80
CA ALA A 164 8.67 9.19 10.00
C ALA A 164 9.46 7.96 10.44
N THR A 165 9.72 7.86 11.74
CA THR A 165 10.47 6.71 12.27
C THR A 165 9.77 6.16 13.50
N SER A 166 8.51 6.52 13.69
CA SER A 166 7.74 6.05 14.82
C SER A 166 6.26 6.38 14.63
N VAL A 167 5.39 5.52 15.13
CA VAL A 167 3.96 5.74 14.96
C VAL A 167 3.16 5.12 16.10
N ASN A 168 2.02 5.73 16.41
CA ASN A 168 1.15 5.23 17.46
C ASN A 168 -0.08 4.56 16.86
N ILE A 169 -0.32 3.31 17.23
CA ILE A 169 -1.47 2.58 16.71
C ILE A 169 -2.62 2.58 17.70
N PRO A 170 -3.62 3.36 17.45
CA PRO A 170 -4.81 3.47 18.33
C PRO A 170 -5.91 2.48 17.94
N ASP A 171 -7.01 2.53 18.67
CA ASP A 171 -8.16 1.66 18.41
C ASP A 171 -7.78 0.19 18.57
N LEU A 172 -6.87 -0.09 19.48
CA LEU A 172 -6.44 -1.47 19.72
C LEU A 172 -7.37 -2.15 20.73
N LEU A 173 -7.55 -3.45 20.58
CA LEU A 173 -8.42 -4.21 21.47
C LEU A 173 -7.63 -4.70 22.69
N PRO A 174 -7.98 -4.21 23.85
CA PRO A 174 -7.30 -4.60 25.12
C PRO A 174 -7.40 -6.10 25.38
N GLY A 175 -6.32 -6.68 25.89
CA GLY A 175 -6.30 -8.12 26.18
C GLY A 175 -6.13 -8.94 24.91
N ARG A 176 -5.61 -8.30 23.87
CA ARG A 176 -5.40 -8.98 22.60
C ARG A 176 -3.96 -8.83 22.14
N LYS A 177 -3.48 -9.82 21.40
CA LYS A 177 -2.11 -9.78 20.90
C LYS A 177 -2.13 -9.35 19.43
N TYR A 178 -1.27 -8.40 19.10
CA TYR A 178 -1.20 -7.91 17.74
C TYR A 178 0.19 -8.09 17.16
N ILE A 179 0.26 -8.32 15.86
CA ILE A 179 1.55 -8.46 15.19
C ILE A 179 1.81 -7.20 14.40
N VAL A 180 2.96 -6.59 14.65
CA VAL A 180 3.31 -5.35 13.96
C VAL A 180 4.51 -5.54 13.05
N ASN A 181 4.38 -5.04 11.82
CA ASN A 181 5.45 -5.14 10.85
C ASN A 181 5.59 -3.81 10.12
N VAL A 182 6.79 -3.24 10.18
CA VAL A 182 7.03 -1.95 9.53
C VAL A 182 7.77 -2.16 8.21
N TYR A 183 7.20 -1.63 7.14
CA TYR A 183 7.81 -1.74 5.82
C TYR A 183 8.17 -0.36 5.30
N GLN A 184 9.34 -0.24 4.68
CA GLN A 184 9.75 1.04 4.14
C GLN A 184 9.51 1.02 2.63
N ILE A 185 8.94 2.10 2.11
CA ILE A 185 8.65 2.17 0.69
C ILE A 185 9.71 2.97 -0.04
N SER A 186 10.32 2.33 -1.03
CA SER A 186 11.36 2.97 -1.81
C SER A 186 10.76 3.81 -2.93
N GLU A 187 11.59 4.61 -3.57
CA GLU A 187 11.13 5.46 -4.66
C GLU A 187 10.52 4.64 -5.79
N ASP A 188 10.76 3.34 -5.77
CA ASP A 188 10.21 2.47 -6.81
C ASP A 188 8.91 1.82 -6.35
N GLY A 189 8.54 2.06 -5.10
CA GLY A 189 7.31 1.51 -4.55
C GLY A 189 7.55 0.12 -3.95
N GLU A 190 8.82 -0.22 -3.74
CA GLU A 190 9.18 -1.51 -3.17
C GLU A 190 9.12 -1.45 -1.64
N GLN A 191 8.59 -2.49 -1.02
CA GLN A 191 8.50 -2.54 0.43
C GLN A 191 9.52 -3.51 1.00
N SER A 192 10.11 -3.13 2.13
CA SER A 192 11.11 -3.98 2.78
C SER A 192 10.87 -4.02 4.28
N LEU A 193 10.78 -5.22 4.84
CA LEU A 193 10.56 -5.36 6.26
C LEU A 193 11.79 -4.89 7.05
N ILE A 194 11.60 -3.85 7.86
CA ILE A 194 12.71 -3.32 8.65
C ILE A 194 12.51 -3.63 10.13
N LEU A 195 11.26 -3.90 10.52
CA LEU A 195 10.98 -4.21 11.92
C LEU A 195 9.69 -5.01 12.06
N SER A 196 9.79 -6.16 12.73
CA SER A 196 8.64 -7.01 12.96
C SER A 196 8.60 -7.44 14.42
N THR A 197 7.52 -7.10 15.12
CA THR A 197 7.39 -7.45 16.53
C THR A 197 5.93 -7.53 16.95
N SER A 198 5.66 -8.36 17.95
CA SER A 198 4.30 -8.53 18.45
C SER A 198 4.16 -7.93 19.84
N GLN A 199 2.93 -7.62 20.22
CA GLN A 199 2.68 -7.02 21.53
C GLN A 199 1.33 -7.50 22.08
N THR A 200 1.20 -7.44 23.40
CA THR A 200 -0.04 -7.84 24.05
C THR A 200 -0.62 -6.68 24.85
N THR A 201 -1.66 -6.07 24.32
CA THR A 201 -2.29 -4.94 25.00
C THR A 201 -2.54 -5.26 26.46
N SER A 1 -1.84 7.79 -31.58
CA SER A 1 -1.15 6.58 -32.12
C SER A 1 -1.84 5.32 -31.57
N GLY A 2 -1.04 4.33 -31.19
CA GLY A 2 -1.59 3.10 -30.64
C GLY A 2 -1.16 2.89 -29.19
N PRO A 3 -1.98 2.23 -28.44
CA PRO A 3 -1.74 1.95 -27.00
C PRO A 3 -0.28 1.70 -26.66
N VAL A 4 0.10 2.20 -25.51
CA VAL A 4 1.46 2.03 -24.98
C VAL A 4 1.57 0.65 -24.37
N GLU A 5 2.78 0.26 -23.97
CA GLU A 5 2.98 -1.06 -23.38
C GLU A 5 3.17 -0.97 -21.87
N VAL A 6 2.35 -1.71 -21.12
CA VAL A 6 2.42 -1.73 -19.67
C VAL A 6 2.31 -3.16 -19.14
N PHE A 7 3.04 -3.46 -18.06
CA PHE A 7 3.02 -4.80 -17.48
C PHE A 7 3.32 -4.75 -15.98
N ILE A 8 3.08 -5.87 -15.32
CA ILE A 8 3.33 -5.96 -13.88
C ILE A 8 4.54 -6.86 -13.61
N THR A 9 5.47 -6.36 -12.78
CA THR A 9 6.67 -7.14 -12.46
C THR A 9 7.05 -6.97 -10.98
N GLU A 10 7.89 -7.89 -10.49
CA GLU A 10 8.34 -7.84 -9.10
C GLU A 10 7.20 -7.35 -8.22
N THR A 11 5.98 -7.67 -8.61
CA THR A 11 4.81 -7.22 -7.86
C THR A 11 3.95 -8.41 -7.41
N PRO A 12 4.44 -9.19 -6.49
CA PRO A 12 3.69 -10.37 -5.97
C PRO A 12 2.41 -9.96 -5.25
N SER A 13 2.41 -8.76 -4.68
CA SER A 13 1.25 -8.25 -3.97
C SER A 13 1.68 -7.31 -2.84
N GLN A 14 1.14 -6.10 -2.85
CA GLN A 14 1.46 -5.12 -1.82
C GLN A 14 0.20 -4.63 -1.12
N PRO A 15 0.33 -4.11 0.07
CA PRO A 15 -0.81 -3.62 0.88
C PRO A 15 -1.26 -2.20 0.50
N ASN A 16 -0.39 -1.24 0.71
CA ASN A 16 -0.72 0.16 0.42
C ASN A 16 0.04 0.68 -0.81
N SER A 17 1.12 0.01 -1.17
CA SER A 17 1.90 0.45 -2.32
C SER A 17 1.72 -0.48 -3.51
N HIS A 18 1.87 0.07 -4.70
CA HIS A 18 1.73 -0.72 -5.93
C HIS A 18 2.51 -0.09 -7.08
N PRO A 19 3.64 -0.65 -7.40
CA PRO A 19 4.50 -0.14 -8.50
C PRO A 19 4.06 -0.64 -9.87
N ILE A 20 4.23 0.21 -10.88
CA ILE A 20 3.85 -0.14 -12.25
C ILE A 20 5.01 0.17 -13.20
N GLN A 21 4.92 -0.31 -14.43
CA GLN A 21 5.96 -0.04 -15.41
C GLN A 21 5.35 0.00 -16.82
N TRP A 22 5.91 0.83 -17.69
CA TRP A 22 5.40 0.93 -19.06
C TRP A 22 6.53 1.10 -20.06
N ASN A 23 6.25 0.74 -21.31
CA ASN A 23 7.25 0.87 -22.36
C ASN A 23 6.66 1.63 -23.54
N ALA A 24 7.53 2.26 -24.32
CA ALA A 24 7.09 3.04 -25.47
C ALA A 24 7.92 2.70 -26.71
N PRO A 25 7.52 3.23 -27.84
CA PRO A 25 8.24 2.99 -29.12
C PRO A 25 9.74 3.25 -28.99
N GLN A 26 10.49 2.96 -30.05
CA GLN A 26 11.93 3.19 -30.01
C GLN A 26 12.25 4.64 -30.35
N PRO A 27 11.72 5.14 -31.43
CA PRO A 27 11.93 6.55 -31.85
C PRO A 27 11.32 7.54 -30.85
N SER A 28 11.89 8.74 -30.77
CA SER A 28 11.40 9.75 -29.85
C SER A 28 9.97 10.15 -30.21
N HIS A 29 9.18 9.15 -30.54
CA HIS A 29 7.79 9.36 -30.90
C HIS A 29 7.00 9.93 -29.72
N ILE A 30 7.27 9.39 -28.54
CA ILE A 30 6.58 9.83 -27.34
C ILE A 30 7.53 10.60 -26.41
N SER A 31 7.02 11.69 -25.84
CA SER A 31 7.84 12.52 -24.96
C SER A 31 7.43 12.36 -23.50
N LYS A 32 6.28 12.92 -23.15
CA LYS A 32 5.79 12.85 -21.77
C LYS A 32 4.94 11.61 -21.53
N TYR A 33 4.99 11.11 -20.30
CA TYR A 33 4.18 9.95 -19.91
C TYR A 33 3.28 10.33 -18.74
N ILE A 34 1.98 10.13 -18.89
CA ILE A 34 1.05 10.46 -17.81
C ILE A 34 0.31 9.22 -17.34
N LEU A 35 0.22 9.06 -16.02
CA LEU A 35 -0.46 7.90 -15.45
C LEU A 35 -1.64 8.33 -14.58
N ARG A 36 -2.79 7.75 -14.85
CA ARG A 36 -3.99 8.07 -14.07
C ARG A 36 -4.68 6.78 -13.62
N TRP A 37 -5.16 6.76 -12.38
CA TRP A 37 -5.79 5.56 -11.85
C TRP A 37 -6.94 5.88 -10.91
N ARG A 38 -7.78 4.89 -10.66
CA ARG A 38 -8.91 5.05 -9.75
C ARG A 38 -9.42 3.69 -9.28
N PRO A 39 -9.76 3.58 -8.02
CA PRO A 39 -10.27 2.29 -7.45
C PRO A 39 -11.57 1.86 -8.09
N LYS A 40 -11.54 0.72 -8.78
CA LYS A 40 -12.75 0.21 -9.44
C LYS A 40 -13.92 0.27 -8.47
N ASN A 41 -14.52 1.45 -8.36
CA ASN A 41 -15.66 1.63 -7.45
C ASN A 41 -16.48 2.87 -7.81
N SER A 42 -15.88 3.82 -8.54
CA SER A 42 -16.60 5.03 -8.93
C SER A 42 -15.94 5.66 -10.15
N VAL A 43 -16.72 6.47 -10.87
CA VAL A 43 -16.20 7.14 -12.07
C VAL A 43 -16.32 8.65 -11.91
N GLY A 44 -16.26 9.11 -10.66
CA GLY A 44 -16.37 10.54 -10.38
C GLY A 44 -15.00 11.20 -10.28
N ARG A 45 -14.32 10.97 -9.15
CA ARG A 45 -13.00 11.58 -8.94
C ARG A 45 -11.93 10.50 -8.80
N TRP A 46 -10.70 10.84 -9.17
CA TRP A 46 -9.59 9.89 -9.06
C TRP A 46 -8.24 10.60 -9.04
N LYS A 47 -7.16 9.82 -9.16
CA LYS A 47 -5.81 10.39 -9.11
C LYS A 47 -5.10 10.37 -10.46
N GLU A 48 -4.24 11.35 -10.66
CA GLU A 48 -3.45 11.46 -11.88
C GLU A 48 -2.04 11.93 -11.56
N ALA A 49 -1.12 11.62 -12.46
CA ALA A 49 0.28 12.01 -12.25
C ALA A 49 1.02 12.16 -13.57
N THR A 50 2.12 12.91 -13.53
CA THR A 50 2.94 13.15 -14.70
C THR A 50 4.32 12.53 -14.50
N ILE A 51 4.81 11.85 -15.53
CA ILE A 51 6.12 11.19 -15.44
C ILE A 51 7.04 11.61 -16.59
N PRO A 52 8.18 12.17 -16.28
CA PRO A 52 9.18 12.60 -17.31
C PRO A 52 9.39 11.52 -18.38
N GLY A 53 9.76 11.97 -19.57
CA GLY A 53 9.99 11.04 -20.69
C GLY A 53 11.14 10.07 -20.42
N HIS A 54 12.05 10.42 -19.53
CA HIS A 54 13.19 9.55 -19.25
C HIS A 54 12.83 8.45 -18.25
N LEU A 55 11.73 8.61 -17.53
CA LEU A 55 11.31 7.60 -16.57
C LEU A 55 10.36 6.60 -17.24
N ASN A 56 10.54 5.32 -16.92
CA ASN A 56 9.70 4.28 -17.51
C ASN A 56 8.97 3.48 -16.43
N SER A 57 8.96 3.98 -15.20
CA SER A 57 8.28 3.29 -14.12
C SER A 57 7.75 4.28 -13.08
N TYR A 58 6.58 3.97 -12.52
CA TYR A 58 5.96 4.84 -11.52
C TYR A 58 5.89 4.16 -10.16
N THR A 59 5.16 4.77 -9.26
CA THR A 59 4.97 4.23 -7.92
C THR A 59 3.64 4.68 -7.35
N ILE A 60 2.81 3.73 -6.92
CA ILE A 60 1.50 4.09 -6.36
C ILE A 60 1.42 3.74 -4.88
N LYS A 61 1.12 4.73 -4.06
CA LYS A 61 1.00 4.53 -2.62
C LYS A 61 -0.34 5.05 -2.12
N GLY A 62 -0.72 4.62 -0.92
CA GLY A 62 -2.00 5.04 -0.34
C GLY A 62 -3.14 4.15 -0.82
N LEU A 63 -2.78 2.98 -1.32
CA LEU A 63 -3.79 2.04 -1.83
C LEU A 63 -4.45 1.28 -0.69
N LYS A 64 -5.65 0.78 -0.96
CA LYS A 64 -6.41 0.03 0.02
C LYS A 64 -6.26 -1.47 -0.21
N PRO A 65 -6.01 -2.23 0.84
CA PRO A 65 -5.84 -3.70 0.74
C PRO A 65 -7.15 -4.41 0.37
N GLY A 66 -7.05 -5.46 -0.43
CA GLY A 66 -8.22 -6.19 -0.84
C GLY A 66 -9.09 -5.38 -1.80
N VAL A 67 -8.45 -4.45 -2.50
CA VAL A 67 -9.16 -3.59 -3.44
C VAL A 67 -8.47 -3.61 -4.79
N VAL A 68 -9.22 -3.25 -5.84
CA VAL A 68 -8.66 -3.25 -7.19
C VAL A 68 -8.68 -1.83 -7.75
N TYR A 69 -7.60 -1.48 -8.46
CA TYR A 69 -7.49 -0.15 -9.06
C TYR A 69 -7.28 -0.24 -10.56
N GLU A 70 -7.98 0.59 -11.32
CA GLU A 70 -7.81 0.59 -12.77
C GLU A 70 -6.88 1.74 -13.13
N GLY A 71 -5.87 1.46 -13.95
CA GLY A 71 -4.91 2.49 -14.33
C GLY A 71 -4.86 2.70 -15.83
N GLN A 72 -4.48 3.90 -16.23
CA GLN A 72 -4.37 4.22 -17.65
C GLN A 72 -3.07 4.97 -17.91
N LEU A 73 -2.44 4.67 -19.03
CA LEU A 73 -1.19 5.32 -19.37
C LEU A 73 -1.36 6.15 -20.64
N ILE A 74 -1.15 7.46 -20.52
CA ILE A 74 -1.28 8.35 -21.67
C ILE A 74 0.07 8.92 -22.05
N SER A 75 0.41 8.81 -23.33
CA SER A 75 1.69 9.32 -23.82
C SER A 75 1.48 10.53 -24.71
N ILE A 76 2.07 11.67 -24.33
CA ILE A 76 1.92 12.88 -25.11
C ILE A 76 3.17 13.17 -25.92
N GLN A 77 2.97 13.76 -27.10
CA GLN A 77 4.08 14.09 -27.98
C GLN A 77 4.32 15.60 -27.96
N GLN A 78 5.55 16.01 -28.25
CA GLN A 78 5.88 17.42 -28.26
C GLN A 78 4.74 18.23 -28.86
N TYR A 79 3.80 18.64 -28.01
CA TYR A 79 2.65 19.41 -28.46
C TYR A 79 2.12 18.87 -29.79
N GLY A 80 2.24 17.56 -29.98
CA GLY A 80 1.77 16.94 -31.21
C GLY A 80 0.59 16.01 -30.95
N HIS A 81 0.80 14.72 -31.24
CA HIS A 81 -0.25 13.72 -31.06
C HIS A 81 -0.34 13.26 -29.60
N GLN A 82 -1.31 12.39 -29.34
CA GLN A 82 -1.51 11.84 -28.00
C GLN A 82 -2.05 10.41 -28.08
N GLU A 83 -1.71 9.59 -27.09
CA GLU A 83 -2.16 8.20 -27.05
C GLU A 83 -2.56 7.80 -25.64
N VAL A 84 -3.59 6.97 -25.52
CA VAL A 84 -4.05 6.53 -24.20
C VAL A 84 -4.14 5.00 -24.12
N THR A 85 -3.66 4.46 -23.00
CA THR A 85 -3.69 3.02 -22.77
C THR A 85 -4.42 2.70 -21.47
N ARG A 86 -5.20 1.63 -21.45
CA ARG A 86 -5.93 1.27 -20.23
C ARG A 86 -5.50 -0.09 -19.70
N PHE A 87 -5.37 -0.18 -18.38
CA PHE A 87 -4.98 -1.42 -17.72
C PHE A 87 -5.55 -1.45 -16.31
N ASP A 88 -5.57 -2.63 -15.69
CA ASP A 88 -6.10 -2.73 -14.33
C ASP A 88 -5.34 -3.77 -13.52
N PHE A 89 -5.30 -3.57 -12.21
CA PHE A 89 -4.60 -4.48 -11.31
C PHE A 89 -5.31 -4.58 -9.97
N THR A 90 -4.84 -5.51 -9.14
CA THR A 90 -5.41 -5.72 -7.82
C THR A 90 -4.35 -5.44 -6.75
N THR A 91 -4.79 -5.20 -5.51
CA THR A 91 -3.86 -4.94 -4.43
C THR A 91 -4.23 -5.74 -3.19
N THR A 92 -3.29 -6.57 -2.73
CA THR A 92 -3.51 -7.40 -1.55
C THR A 92 -2.41 -7.27 -0.50
N SER A 93 -2.74 -7.73 0.70
CA SER A 93 -1.81 -7.76 1.82
C SER A 93 -1.64 -9.23 2.22
N THR A 94 -0.45 -9.63 2.64
CA THR A 94 -0.23 -11.03 3.00
C THR A 94 -0.80 -11.35 4.37
N SER A 95 -1.20 -12.61 4.56
CA SER A 95 -1.75 -13.08 5.82
C SER A 95 -0.63 -13.38 6.82
N THR A 96 0.59 -13.46 6.30
CA THR A 96 1.75 -13.77 7.13
C THR A 96 2.82 -12.69 6.99
N PRO A 97 2.69 -11.59 7.67
CA PRO A 97 3.69 -10.48 7.59
C PRO A 97 5.09 -10.99 7.95
N VAL A 98 5.14 -12.10 8.68
CA VAL A 98 6.41 -12.72 9.07
C VAL A 98 6.52 -14.11 8.47
N THR A 99 7.68 -14.43 7.90
CA THR A 99 7.90 -15.73 7.30
C THR A 99 7.79 -16.84 8.34
N SER A 100 8.32 -16.58 9.53
CA SER A 100 8.30 -17.57 10.61
C SER A 100 6.87 -17.90 11.01
N ASN A 101 5.94 -16.97 10.76
CA ASN A 101 4.54 -17.18 11.11
C ASN A 101 3.80 -17.97 10.02
N THR A 102 3.08 -19.00 10.44
CA THR A 102 2.33 -19.83 9.51
C THR A 102 1.02 -19.16 9.11
N VAL A 103 0.42 -19.65 8.04
CA VAL A 103 -0.83 -19.08 7.55
C VAL A 103 -1.93 -19.18 8.60
N THR A 104 -2.63 -18.07 8.81
CA THR A 104 -3.72 -18.00 9.78
C THR A 104 -5.02 -17.56 9.11
N GLY A 105 -6.14 -18.14 9.54
CA GLY A 105 -7.44 -17.80 8.97
C GLY A 105 -7.77 -18.71 7.79
N GLU A 106 -7.00 -19.79 7.65
CA GLU A 106 -7.23 -20.74 6.56
C GLU A 106 -7.51 -20.01 5.25
N THR A 107 -8.74 -20.13 4.75
CA THR A 107 -9.12 -19.49 3.50
C THR A 107 -9.43 -18.01 3.73
N THR A 108 -9.39 -17.23 2.65
CA THR A 108 -9.66 -15.80 2.71
C THR A 108 -10.75 -15.41 1.71
N PRO A 109 -12.00 -15.63 2.03
CA PRO A 109 -13.14 -15.28 1.12
C PRO A 109 -13.15 -13.80 0.73
N PHE A 110 -12.49 -12.99 1.54
CA PHE A 110 -12.42 -11.54 1.30
C PHE A 110 -13.78 -10.89 1.54
N SER A 111 -14.61 -11.54 2.35
CA SER A 111 -15.95 -11.02 2.65
C SER A 111 -16.19 -10.97 4.15
N PRO A 112 -15.60 -10.02 4.84
CA PRO A 112 -15.79 -9.87 6.32
C PRO A 112 -17.26 -9.75 6.71
N LEU A 113 -17.63 -10.32 7.84
CA LEU A 113 -19.02 -10.25 8.30
C LEU A 113 -19.18 -9.10 9.30
N VAL A 114 -20.31 -8.39 9.19
CA VAL A 114 -20.59 -7.27 10.08
C VAL A 114 -21.88 -7.52 10.86
N ALA A 115 -21.85 -7.26 12.16
CA ALA A 115 -23.03 -7.45 13.01
C ALA A 115 -22.65 -7.34 14.49
N THR A 116 -21.35 -7.40 14.76
CA THR A 116 -20.86 -7.31 16.14
C THR A 116 -21.68 -8.19 17.08
N SER A 117 -21.25 -8.26 18.34
CA SER A 117 -21.96 -9.08 19.32
C SER A 117 -23.29 -8.44 19.70
N GLU A 118 -24.19 -9.24 20.25
CA GLU A 118 -25.51 -8.76 20.64
C GLU A 118 -25.40 -7.69 21.75
N SER A 119 -24.39 -7.84 22.61
CA SER A 119 -24.19 -6.89 23.71
C SER A 119 -22.83 -6.21 23.58
N VAL A 120 -22.79 -4.94 23.97
CA VAL A 120 -21.55 -4.16 23.90
C VAL A 120 -21.05 -3.82 25.30
N THR A 121 -19.74 -4.01 25.51
CA THR A 121 -19.12 -3.73 26.81
C THR A 121 -18.01 -2.70 26.65
N GLU A 122 -17.89 -1.82 27.64
CA GLU A 122 -16.85 -0.79 27.58
C GLU A 122 -15.48 -1.42 27.46
N ILE A 123 -14.59 -0.78 26.70
CA ILE A 123 -13.24 -1.30 26.49
C ILE A 123 -12.20 -0.36 27.10
N THR A 124 -11.24 -0.95 27.80
CA THR A 124 -10.17 -0.17 28.45
C THR A 124 -9.07 0.12 27.43
N ALA A 125 -8.21 1.09 27.75
CA ALA A 125 -7.12 1.45 26.84
C ALA A 125 -6.18 0.26 26.66
N SER A 126 -5.68 0.10 25.44
CA SER A 126 -4.77 -0.99 25.13
C SER A 126 -3.88 -0.61 23.95
N SER A 127 -3.81 0.70 23.68
CA SER A 127 -3.01 1.20 22.57
C SER A 127 -1.56 0.72 22.68
N PHE A 128 -0.81 0.91 21.60
CA PHE A 128 0.59 0.49 21.57
C PHE A 128 1.45 1.60 21.00
N VAL A 129 2.67 1.72 21.50
CA VAL A 129 3.58 2.73 20.98
C VAL A 129 4.87 2.04 20.52
N VAL A 130 5.00 1.85 19.22
CA VAL A 130 6.17 1.19 18.68
C VAL A 130 7.01 2.16 17.84
N SER A 131 8.33 2.05 17.99
CA SER A 131 9.25 2.90 17.26
C SER A 131 10.29 2.04 16.57
N TRP A 132 10.83 2.55 15.46
CA TRP A 132 11.84 1.80 14.71
C TRP A 132 12.87 2.75 14.11
N VAL A 133 13.65 2.24 13.16
CA VAL A 133 14.69 3.05 12.51
C VAL A 133 14.49 3.05 11.01
N SER A 134 14.44 4.25 10.43
CA SER A 134 14.26 4.38 8.99
C SER A 134 15.39 3.65 8.25
N ALA A 135 15.50 2.36 8.51
CA ALA A 135 16.55 1.54 7.88
C ALA A 135 16.76 1.94 6.42
N SER A 136 16.43 3.19 6.09
CA SER A 136 16.60 3.66 4.71
C SER A 136 16.13 5.09 4.57
N ASP A 137 16.99 5.94 4.01
CA ASP A 137 16.66 7.34 3.80
C ASP A 137 15.91 7.53 2.49
N THR A 138 15.88 6.47 1.69
CA THR A 138 15.20 6.53 0.39
C THR A 138 13.73 6.17 0.56
N VAL A 139 13.33 5.90 1.80
CA VAL A 139 11.94 5.56 2.09
C VAL A 139 11.04 6.77 1.81
N SER A 140 9.90 6.50 1.18
CA SER A 140 8.97 7.57 0.85
C SER A 140 7.89 7.68 1.92
N GLY A 141 7.79 6.64 2.73
CA GLY A 141 6.82 6.59 3.81
C GLY A 141 6.93 5.26 4.55
N PHE A 142 6.16 5.10 5.61
CA PHE A 142 6.19 3.87 6.37
C PHE A 142 4.79 3.27 6.46
N ARG A 143 4.73 1.96 6.59
CA ARG A 143 3.45 1.27 6.68
C ARG A 143 3.47 0.28 7.83
N VAL A 144 2.56 0.48 8.77
CA VAL A 144 2.49 -0.41 9.93
C VAL A 144 1.30 -1.35 9.81
N GLU A 145 1.54 -2.62 10.15
CA GLU A 145 0.48 -3.61 10.06
C GLU A 145 0.40 -4.38 11.38
N TYR A 146 -0.81 -4.49 11.92
CA TYR A 146 -1.01 -5.19 13.17
C TYR A 146 -2.28 -6.04 13.11
N GLU A 147 -2.18 -7.27 13.59
CA GLU A 147 -3.32 -8.17 13.60
C GLU A 147 -3.26 -9.06 14.84
N LEU A 148 -4.39 -9.66 15.19
CA LEU A 148 -4.44 -10.52 16.36
C LEU A 148 -3.69 -11.82 16.12
N SER A 149 -2.73 -12.11 16.99
CA SER A 149 -1.92 -13.32 16.86
C SER A 149 -2.74 -14.55 17.22
N GLU A 150 -3.96 -14.34 17.71
CA GLU A 150 -4.83 -15.44 18.08
C GLU A 150 -6.00 -15.59 17.12
N GLU A 151 -6.92 -14.63 17.18
CA GLU A 151 -8.10 -14.65 16.33
C GLU A 151 -7.73 -14.63 14.86
N GLY A 152 -6.67 -13.90 14.53
CA GLY A 152 -6.23 -13.80 13.14
C GLY A 152 -7.08 -12.80 12.37
N ASP A 153 -7.95 -12.10 13.09
CA ASP A 153 -8.82 -11.11 12.46
C ASP A 153 -8.16 -10.56 11.21
N GLU A 154 -8.78 -9.52 10.63
CA GLU A 154 -8.22 -8.90 9.44
C GLU A 154 -7.13 -7.91 9.82
N PRO A 155 -6.08 -7.89 9.06
CA PRO A 155 -4.92 -6.97 9.31
C PRO A 155 -5.25 -5.52 9.01
N GLN A 156 -4.67 -4.62 9.79
CA GLN A 156 -4.90 -3.19 9.59
C GLN A 156 -3.59 -2.53 9.19
N TYR A 157 -3.67 -1.52 8.35
CA TYR A 157 -2.46 -0.84 7.90
C TYR A 157 -2.52 0.65 8.20
N LEU A 158 -1.37 1.19 8.60
CA LEU A 158 -1.27 2.61 8.90
C LEU A 158 -0.09 3.19 8.12
N ASP A 159 -0.35 4.26 7.39
CA ASP A 159 0.71 4.87 6.59
C ASP A 159 1.27 6.12 7.25
N LEU A 160 2.60 6.18 7.33
CA LEU A 160 3.29 7.32 7.93
C LEU A 160 4.33 7.85 6.96
N PRO A 161 4.72 9.09 7.12
CA PRO A 161 5.74 9.72 6.23
C PRO A 161 7.14 9.15 6.45
N SER A 162 7.98 9.30 5.44
CA SER A 162 9.35 8.79 5.53
C SER A 162 10.09 9.42 6.70
N THR A 163 9.50 10.46 7.28
CA THR A 163 10.12 11.14 8.41
C THR A 163 9.61 10.57 9.73
N ALA A 164 8.61 9.70 9.65
CA ALA A 164 8.05 9.08 10.84
C ALA A 164 8.88 7.86 11.25
N THR A 165 9.16 7.75 12.54
CA THR A 165 9.95 6.62 13.04
C THR A 165 9.29 6.01 14.27
N SER A 166 8.02 6.34 14.47
CA SER A 166 7.28 5.81 15.62
C SER A 166 5.79 6.09 15.43
N VAL A 167 4.95 5.19 15.92
CA VAL A 167 3.51 5.36 15.78
C VAL A 167 2.75 4.68 16.91
N ASN A 168 1.59 5.24 17.25
CA ASN A 168 0.75 4.69 18.31
C ASN A 168 -0.46 4.00 17.70
N ILE A 169 -0.65 2.73 18.05
CA ILE A 169 -1.78 1.96 17.52
C ILE A 169 -2.92 1.90 18.53
N PRO A 170 -3.96 2.66 18.29
CA PRO A 170 -5.13 2.71 19.18
C PRO A 170 -6.21 1.69 18.78
N ASP A 171 -7.29 1.68 19.54
CA ASP A 171 -8.41 0.78 19.28
C ASP A 171 -7.98 -0.68 19.39
N LEU A 172 -7.04 -0.95 20.29
CA LEU A 172 -6.57 -2.32 20.50
C LEU A 172 -7.46 -3.04 21.50
N LEU A 173 -7.59 -4.35 21.32
CA LEU A 173 -8.42 -5.15 22.22
C LEU A 173 -7.60 -5.64 23.41
N PRO A 174 -7.94 -5.19 24.59
CA PRO A 174 -7.25 -5.58 25.84
C PRO A 174 -7.30 -7.09 26.07
N GLY A 175 -6.19 -7.65 26.56
CA GLY A 175 -6.11 -9.08 26.83
C GLY A 175 -5.93 -9.87 25.54
N ARG A 176 -5.44 -9.20 24.50
CA ARG A 176 -5.22 -9.85 23.22
C ARG A 176 -3.79 -9.63 22.74
N LYS A 177 -3.27 -10.60 21.98
CA LYS A 177 -1.93 -10.49 21.46
C LYS A 177 -1.97 -10.03 20.01
N TYR A 178 -1.16 -9.03 19.69
CA TYR A 178 -1.12 -8.52 18.33
C TYR A 178 0.28 -8.65 17.74
N ILE A 179 0.34 -8.83 16.43
CA ILE A 179 1.61 -8.92 15.74
C ILE A 179 1.83 -7.63 14.97
N VAL A 180 2.96 -6.99 15.23
CA VAL A 180 3.26 -5.72 14.57
C VAL A 180 4.45 -5.85 13.63
N ASN A 181 4.29 -5.34 12.42
CA ASN A 181 5.36 -5.37 11.43
C ASN A 181 5.45 -4.03 10.72
N VAL A 182 6.62 -3.41 10.79
CA VAL A 182 6.81 -2.11 10.16
C VAL A 182 7.53 -2.26 8.84
N TYR A 183 6.94 -1.72 7.78
CA TYR A 183 7.53 -1.79 6.46
C TYR A 183 7.83 -0.39 5.94
N GLN A 184 9.00 -0.21 5.33
CA GLN A 184 9.35 1.10 4.80
C GLN A 184 9.10 1.10 3.30
N ILE A 185 8.48 2.16 2.81
CA ILE A 185 8.17 2.25 1.39
C ILE A 185 9.19 3.10 0.66
N SER A 186 9.82 2.50 -0.35
CA SER A 186 10.83 3.19 -1.12
C SER A 186 10.18 4.03 -2.22
N GLU A 187 10.98 4.87 -2.85
CA GLU A 187 10.48 5.74 -3.91
C GLU A 187 9.88 4.92 -5.05
N ASP A 188 10.16 3.62 -5.07
CA ASP A 188 9.64 2.75 -6.11
C ASP A 188 8.38 2.04 -5.65
N GLY A 189 8.00 2.25 -4.39
CA GLY A 189 6.80 1.63 -3.85
C GLY A 189 7.10 0.25 -3.27
N GLU A 190 8.38 -0.05 -3.09
CA GLU A 190 8.78 -1.34 -2.54
C GLU A 190 8.74 -1.30 -1.02
N GLN A 191 8.27 -2.38 -0.42
CA GLN A 191 8.18 -2.46 1.04
C GLN A 191 9.26 -3.40 1.58
N SER A 192 9.84 -3.03 2.71
CA SER A 192 10.88 -3.85 3.33
C SER A 192 10.67 -3.92 4.83
N LEU A 193 10.62 -5.14 5.36
CA LEU A 193 10.42 -5.32 6.80
C LEU A 193 11.63 -4.83 7.57
N ILE A 194 11.42 -3.81 8.41
CA ILE A 194 12.51 -3.25 9.20
C ILE A 194 12.34 -3.60 10.67
N LEU A 195 11.12 -3.92 11.08
CA LEU A 195 10.86 -4.27 12.46
C LEU A 195 9.60 -5.12 12.61
N SER A 196 9.74 -6.27 13.25
CA SER A 196 8.62 -7.17 13.47
C SER A 196 8.62 -7.63 14.93
N THR A 197 7.53 -7.34 15.64
CA THR A 197 7.45 -7.72 17.05
C THR A 197 5.99 -7.87 17.48
N SER A 198 5.76 -8.72 18.46
CA SER A 198 4.41 -8.96 18.97
C SER A 198 4.27 -8.38 20.37
N GLN A 199 3.03 -8.13 20.78
CA GLN A 199 2.77 -7.58 22.10
C GLN A 199 1.46 -8.11 22.66
N THR A 200 1.32 -8.06 23.98
CA THR A 200 0.12 -8.53 24.63
C THR A 200 -0.50 -7.42 25.47
N THR A 201 -1.57 -6.83 24.95
CA THR A 201 -2.24 -5.73 25.66
C THR A 201 -2.46 -6.10 27.13
N SER A 1 -1.38 8.47 -30.95
CA SER A 1 -0.68 7.28 -31.53
C SER A 1 -1.38 6.01 -31.06
N GLY A 2 -0.61 5.00 -30.71
CA GLY A 2 -1.18 3.74 -30.24
C GLY A 2 -0.81 3.46 -28.81
N PRO A 3 -1.66 2.76 -28.10
CA PRO A 3 -1.47 2.41 -26.68
C PRO A 3 -0.03 2.13 -26.30
N VAL A 4 0.32 2.57 -25.10
CA VAL A 4 1.65 2.37 -24.55
C VAL A 4 1.74 0.94 -24.00
N GLU A 5 2.93 0.53 -23.57
CA GLU A 5 3.10 -0.81 -23.05
C GLU A 5 3.24 -0.80 -21.52
N VAL A 6 2.40 -1.58 -20.86
CA VAL A 6 2.41 -1.68 -19.40
C VAL A 6 2.28 -3.13 -18.96
N PHE A 7 2.97 -3.48 -17.87
CA PHE A 7 2.91 -4.85 -17.36
C PHE A 7 3.16 -4.88 -15.86
N ILE A 8 2.90 -6.04 -15.24
CA ILE A 8 3.10 -6.20 -13.81
C ILE A 8 4.30 -7.12 -13.54
N THR A 9 5.20 -6.68 -12.66
CA THR A 9 6.38 -7.47 -12.33
C THR A 9 6.72 -7.38 -10.84
N GLU A 10 7.52 -8.32 -10.36
CA GLU A 10 7.92 -8.36 -8.96
C GLU A 10 6.75 -7.90 -8.09
N THR A 11 5.55 -8.19 -8.54
CA THR A 11 4.35 -7.79 -7.81
C THR A 11 3.47 -8.98 -7.47
N PRO A 12 3.93 -9.82 -6.57
CA PRO A 12 3.16 -11.02 -6.12
C PRO A 12 1.85 -10.64 -5.44
N SER A 13 1.84 -9.47 -4.81
CA SER A 13 0.64 -8.99 -4.12
C SER A 13 1.04 -8.11 -2.93
N GLN A 14 0.50 -6.90 -2.89
CA GLN A 14 0.80 -5.98 -1.80
C GLN A 14 -0.49 -5.52 -1.13
N PRO A 15 -0.39 -5.07 0.10
CA PRO A 15 -1.57 -4.60 0.89
C PRO A 15 -1.99 -3.17 0.57
N ASN A 16 -1.12 -2.22 0.87
CA ASN A 16 -1.44 -0.81 0.63
C ASN A 16 -0.64 -0.24 -0.53
N SER A 17 0.45 -0.88 -0.90
CA SER A 17 1.28 -0.39 -2.00
C SER A 17 1.13 -1.26 -3.23
N HIS A 18 1.33 -0.65 -4.39
CA HIS A 18 1.22 -1.38 -5.66
C HIS A 18 2.04 -0.69 -6.74
N PRO A 19 3.20 -1.24 -7.05
CA PRO A 19 4.09 -0.67 -8.09
C PRO A 19 3.71 -1.10 -9.51
N ILE A 20 3.91 -0.20 -10.47
CA ILE A 20 3.59 -0.48 -11.87
C ILE A 20 4.77 -0.12 -12.75
N GLN A 21 4.73 -0.54 -14.01
CA GLN A 21 5.80 -0.22 -14.94
C GLN A 21 5.24 -0.11 -16.36
N TRP A 22 5.84 0.75 -17.17
CA TRP A 22 5.37 0.94 -18.54
C TRP A 22 6.54 1.14 -19.50
N ASN A 23 6.31 0.85 -20.77
CA ASN A 23 7.35 1.03 -21.78
C ASN A 23 6.80 1.86 -22.94
N ALA A 24 7.70 2.52 -23.66
CA ALA A 24 7.30 3.37 -24.78
C ALA A 24 8.17 3.08 -26.00
N PRO A 25 7.83 3.67 -27.11
CA PRO A 25 8.59 3.50 -28.39
C PRO A 25 10.07 3.75 -28.19
N GLN A 26 10.87 3.50 -29.23
CA GLN A 26 12.32 3.72 -29.13
C GLN A 26 12.64 5.19 -29.38
N PRO A 27 12.15 5.75 -30.45
CA PRO A 27 12.39 7.18 -30.79
C PRO A 27 11.75 8.11 -29.76
N SER A 28 12.32 9.30 -29.61
CA SER A 28 11.79 10.26 -28.65
C SER A 28 10.38 10.69 -29.03
N HIS A 29 9.60 9.71 -29.44
CA HIS A 29 8.22 9.96 -29.85
C HIS A 29 7.39 10.46 -28.67
N ILE A 30 7.62 9.86 -27.51
CA ILE A 30 6.89 10.24 -26.30
C ILE A 30 7.80 10.95 -25.31
N SER A 31 7.29 12.03 -24.70
CA SER A 31 8.07 12.80 -23.76
C SER A 31 7.61 12.56 -22.31
N LYS A 32 6.45 13.12 -21.98
CA LYS A 32 5.91 12.98 -20.63
C LYS A 32 5.05 11.73 -20.46
N TYR A 33 5.05 11.17 -19.26
CA TYR A 33 4.23 9.99 -18.98
C TYR A 33 3.28 10.31 -17.82
N ILE A 34 1.98 10.13 -18.02
CA ILE A 34 1.02 10.42 -16.97
C ILE A 34 0.26 9.16 -16.58
N LEU A 35 0.12 8.93 -15.28
CA LEU A 35 -0.59 7.75 -14.79
C LEU A 35 -1.79 8.13 -13.96
N ARG A 36 -2.94 7.58 -14.30
CA ARG A 36 -4.17 7.85 -13.54
C ARG A 36 -4.86 6.54 -13.19
N TRP A 37 -5.39 6.46 -11.96
CA TRP A 37 -6.05 5.24 -11.52
C TRP A 37 -7.23 5.53 -10.60
N ARG A 38 -8.08 4.52 -10.43
CA ARG A 38 -9.25 4.64 -9.56
C ARG A 38 -9.77 3.26 -9.18
N PRO A 39 -10.17 3.09 -7.94
CA PRO A 39 -10.69 1.78 -7.45
C PRO A 39 -11.98 1.39 -8.16
N LYS A 40 -11.93 0.29 -8.91
CA LYS A 40 -13.11 -0.18 -9.63
C LYS A 40 -14.32 -0.17 -8.71
N ASN A 41 -14.92 1.01 -8.55
CA ASN A 41 -16.08 1.14 -7.68
C ASN A 41 -16.89 2.41 -8.01
N SER A 42 -16.26 3.38 -8.67
CA SER A 42 -16.95 4.62 -9.01
C SER A 42 -16.26 5.31 -10.19
N VAL A 43 -17.00 6.16 -10.89
CA VAL A 43 -16.45 6.89 -12.03
C VAL A 43 -16.55 8.39 -11.79
N GLY A 44 -16.55 8.79 -10.52
CA GLY A 44 -16.65 10.20 -10.16
C GLY A 44 -15.29 10.85 -9.98
N ARG A 45 -14.65 10.56 -8.86
CA ARG A 45 -13.33 11.14 -8.56
C ARG A 45 -12.28 10.05 -8.44
N TRP A 46 -11.03 10.40 -8.74
CA TRP A 46 -9.93 9.45 -8.64
C TRP A 46 -8.58 10.14 -8.53
N LYS A 47 -7.49 9.37 -8.67
CA LYS A 47 -6.15 9.92 -8.53
C LYS A 47 -5.40 9.96 -9.85
N GLU A 48 -4.52 10.96 -9.97
CA GLU A 48 -3.70 11.13 -11.15
C GLU A 48 -2.29 11.57 -10.76
N ALA A 49 -1.34 11.30 -11.64
CA ALA A 49 0.06 11.66 -11.36
C ALA A 49 0.85 11.89 -12.65
N THR A 50 1.95 12.64 -12.52
CA THR A 50 2.81 12.92 -13.66
C THR A 50 4.17 12.29 -13.44
N ILE A 51 4.70 11.65 -14.48
CA ILE A 51 6.00 10.99 -14.37
C ILE A 51 6.96 11.45 -15.47
N PRO A 52 8.10 11.99 -15.09
CA PRO A 52 9.13 12.47 -16.06
C PRO A 52 9.39 11.46 -17.17
N GLY A 53 9.79 11.95 -18.33
CA GLY A 53 10.06 11.10 -19.49
C GLY A 53 11.20 10.09 -19.23
N HIS A 54 12.07 10.40 -18.29
CA HIS A 54 13.20 9.51 -18.01
C HIS A 54 12.80 8.36 -17.09
N LEU A 55 11.68 8.49 -16.40
CA LEU A 55 11.21 7.43 -15.51
C LEU A 55 10.29 6.47 -16.26
N ASN A 56 10.45 5.18 -16.01
CA ASN A 56 9.64 4.17 -16.68
C ASN A 56 8.86 3.31 -15.67
N SER A 57 8.81 3.76 -14.42
CA SER A 57 8.09 3.02 -13.38
C SER A 57 7.52 3.95 -12.32
N TYR A 58 6.33 3.62 -11.83
CA TYR A 58 5.68 4.45 -10.80
C TYR A 58 5.56 3.70 -9.49
N THR A 59 4.79 4.27 -8.57
CA THR A 59 4.56 3.65 -7.28
C THR A 59 3.21 4.09 -6.74
N ILE A 60 2.36 3.13 -6.38
CA ILE A 60 1.04 3.45 -5.85
C ILE A 60 0.89 3.02 -4.40
N LYS A 61 0.56 3.98 -3.54
CA LYS A 61 0.40 3.69 -2.11
C LYS A 61 -0.96 4.19 -1.63
N GLY A 62 -1.38 3.71 -0.47
CA GLY A 62 -2.68 4.11 0.09
C GLY A 62 -3.80 3.26 -0.48
N LEU A 63 -3.43 2.10 -1.03
CA LEU A 63 -4.42 1.19 -1.62
C LEU A 63 -5.14 0.39 -0.55
N LYS A 64 -6.32 -0.09 -0.89
CA LYS A 64 -7.12 -0.89 0.03
C LYS A 64 -6.96 -2.38 -0.28
N PRO A 65 -6.75 -3.18 0.74
CA PRO A 65 -6.59 -4.66 0.57
C PRO A 65 -7.88 -5.33 0.12
N GLY A 66 -7.77 -6.34 -0.74
CA GLY A 66 -8.92 -7.06 -1.23
C GLY A 66 -9.75 -6.18 -2.17
N VAL A 67 -9.07 -5.22 -2.79
CA VAL A 67 -9.76 -4.31 -3.72
C VAL A 67 -9.02 -4.26 -5.05
N VAL A 68 -9.72 -3.85 -6.10
CA VAL A 68 -9.12 -3.77 -7.42
C VAL A 68 -9.11 -2.32 -7.91
N TYR A 69 -8.01 -1.94 -8.56
CA TYR A 69 -7.87 -0.59 -9.08
C TYR A 69 -7.61 -0.61 -10.58
N GLU A 70 -8.28 0.26 -11.32
CA GLU A 70 -8.05 0.34 -12.76
C GLU A 70 -7.10 1.50 -13.03
N GLY A 71 -6.07 1.26 -13.83
CA GLY A 71 -5.10 2.31 -14.11
C GLY A 71 -4.99 2.59 -15.61
N GLN A 72 -4.59 3.80 -15.93
CA GLN A 72 -4.43 4.20 -17.32
C GLN A 72 -3.12 4.95 -17.49
N LEU A 73 -2.45 4.71 -18.60
CA LEU A 73 -1.19 5.37 -18.86
C LEU A 73 -1.30 6.27 -20.10
N ILE A 74 -1.10 7.57 -19.90
CA ILE A 74 -1.18 8.51 -21.00
C ILE A 74 0.19 9.10 -21.32
N SER A 75 0.57 9.06 -22.59
CA SER A 75 1.87 9.58 -22.99
C SER A 75 1.69 10.84 -23.83
N ILE A 76 2.28 11.94 -23.37
CA ILE A 76 2.16 13.21 -24.09
C ILE A 76 3.44 13.53 -24.84
N GLN A 77 3.28 14.16 -25.99
CA GLN A 77 4.43 14.54 -26.82
C GLN A 77 4.66 16.04 -26.71
N GLN A 78 5.91 16.46 -26.92
CA GLN A 78 6.25 17.87 -26.86
C GLN A 78 5.13 18.72 -27.46
N TYR A 79 4.16 19.08 -26.62
CA TYR A 79 3.03 19.89 -27.08
C TYR A 79 2.55 19.42 -28.45
N GLY A 80 2.67 18.13 -28.70
CA GLY A 80 2.24 17.57 -29.97
C GLY A 80 1.05 16.63 -29.81
N HIS A 81 1.26 15.37 -30.15
CA HIS A 81 0.22 14.36 -30.06
C HIS A 81 0.07 13.82 -28.64
N GLN A 82 -0.92 12.94 -28.46
CA GLN A 82 -1.17 12.33 -27.16
C GLN A 82 -1.71 10.91 -27.32
N GLU A 83 -1.40 10.04 -26.37
CA GLU A 83 -1.86 8.65 -26.43
C GLU A 83 -2.32 8.18 -25.04
N VAL A 84 -3.35 7.33 -25.00
CA VAL A 84 -3.86 6.84 -23.73
C VAL A 84 -3.96 5.31 -23.72
N THR A 85 -3.53 4.71 -22.63
CA THR A 85 -3.56 3.26 -22.47
C THR A 85 -4.33 2.88 -21.21
N ARG A 86 -5.13 1.82 -21.27
CA ARG A 86 -5.90 1.40 -20.11
C ARG A 86 -5.50 0.00 -19.63
N PHE A 87 -5.41 -0.15 -18.31
CA PHE A 87 -5.05 -1.42 -17.71
C PHE A 87 -5.67 -1.53 -16.32
N ASP A 88 -5.72 -2.73 -15.76
CA ASP A 88 -6.31 -2.90 -14.43
C ASP A 88 -5.57 -3.99 -13.65
N PHE A 89 -5.59 -3.85 -12.32
CA PHE A 89 -4.92 -4.82 -11.46
C PHE A 89 -5.67 -4.98 -10.15
N THR A 90 -5.24 -5.95 -9.35
CA THR A 90 -5.86 -6.22 -8.06
C THR A 90 -4.84 -6.02 -6.94
N THR A 91 -5.33 -5.83 -5.72
CA THR A 91 -4.43 -5.63 -4.58
C THR A 91 -4.84 -6.50 -3.41
N THR A 92 -3.92 -7.35 -2.95
CA THR A 92 -4.19 -8.24 -1.83
C THR A 92 -3.16 -8.11 -0.71
N SER A 93 -3.63 -8.46 0.50
CA SER A 93 -2.86 -8.39 1.75
C SER A 93 -3.44 -7.27 2.61
N THR A 94 -3.49 -7.46 3.92
CA THR A 94 -4.04 -6.45 4.85
C THR A 94 -5.56 -6.29 4.74
N SER A 95 -6.28 -7.38 4.51
CA SER A 95 -7.74 -7.32 4.41
C SER A 95 -8.31 -6.44 5.54
N THR A 96 -9.45 -5.80 5.27
CA THR A 96 -10.08 -4.91 6.25
C THR A 96 -11.35 -5.55 6.83
N PRO A 97 -11.71 -5.21 8.04
CA PRO A 97 -12.93 -5.77 8.72
C PRO A 97 -14.24 -5.39 8.05
N VAL A 98 -15.19 -6.32 8.06
CA VAL A 98 -16.52 -6.08 7.50
C VAL A 98 -17.57 -6.48 8.53
N THR A 99 -18.76 -5.90 8.45
CA THR A 99 -19.82 -6.23 9.40
C THR A 99 -21.09 -6.68 8.69
N SER A 100 -21.91 -7.44 9.42
CA SER A 100 -23.18 -7.94 8.90
C SER A 100 -23.83 -8.86 9.93
N ASN A 101 -24.90 -8.39 10.57
CA ASN A 101 -25.59 -9.21 11.58
C ASN A 101 -26.97 -9.62 11.09
N THR A 102 -27.21 -10.92 11.01
CA THR A 102 -28.51 -11.43 10.58
C THR A 102 -29.54 -11.25 11.68
N VAL A 103 -29.05 -11.15 12.92
CA VAL A 103 -29.92 -10.99 14.09
C VAL A 103 -29.46 -9.82 14.95
N THR A 104 -30.35 -9.33 15.80
CA THR A 104 -30.02 -8.21 16.68
C THR A 104 -29.21 -8.70 17.88
N GLY A 105 -28.55 -7.79 18.57
CA GLY A 105 -27.72 -8.15 19.71
C GLY A 105 -28.55 -8.28 20.98
N GLU A 106 -27.88 -8.58 22.10
CA GLU A 106 -28.54 -8.74 23.39
C GLU A 106 -28.15 -7.64 24.35
N THR A 107 -28.99 -7.38 25.35
CA THR A 107 -28.72 -6.35 26.33
C THR A 107 -27.66 -6.82 27.33
N THR A 108 -26.74 -5.93 27.67
CA THR A 108 -25.66 -6.27 28.61
C THR A 108 -25.87 -5.57 29.95
N PRO A 109 -25.26 -6.04 31.01
CA PRO A 109 -25.40 -5.42 32.36
C PRO A 109 -25.12 -3.91 32.34
N PHE A 110 -25.86 -3.18 33.17
CA PHE A 110 -25.72 -1.73 33.23
C PHE A 110 -24.31 -1.29 33.59
N SER A 111 -23.63 -2.03 34.48
CA SER A 111 -22.28 -1.64 34.88
C SER A 111 -21.51 -2.78 35.57
N PRO A 112 -22.15 -3.58 36.39
CA PRO A 112 -21.46 -4.69 37.13
C PRO A 112 -20.53 -5.53 36.26
N LEU A 113 -20.54 -6.85 36.48
CA LEU A 113 -19.67 -7.74 35.72
C LEU A 113 -20.34 -8.14 34.42
N VAL A 114 -19.53 -8.28 33.36
CA VAL A 114 -20.06 -8.64 32.04
C VAL A 114 -19.33 -9.86 31.48
N ALA A 115 -19.97 -10.54 30.54
CA ALA A 115 -19.40 -11.72 29.90
C ALA A 115 -18.85 -11.36 28.53
N THR A 116 -17.78 -12.04 28.11
CA THR A 116 -17.18 -11.74 26.82
C THR A 116 -18.06 -12.22 25.68
N SER A 117 -18.22 -11.36 24.68
CA SER A 117 -19.04 -11.66 23.51
C SER A 117 -19.05 -10.45 22.57
N GLU A 118 -20.23 -9.94 22.29
CA GLU A 118 -20.35 -8.76 21.42
C GLU A 118 -19.53 -7.61 22.03
N SER A 119 -19.48 -7.59 23.36
CA SER A 119 -18.75 -6.55 24.07
C SER A 119 -19.16 -5.16 23.62
N VAL A 120 -18.72 -4.16 24.39
CA VAL A 120 -19.03 -2.76 24.09
C VAL A 120 -17.74 -1.99 23.79
N THR A 121 -17.79 -1.14 22.76
CA THR A 121 -16.61 -0.36 22.39
C THR A 121 -16.42 0.80 23.36
N GLU A 122 -15.16 1.04 23.75
CA GLU A 122 -14.84 2.11 24.69
C GLU A 122 -14.19 3.28 23.96
N ILE A 123 -14.34 4.48 24.52
CA ILE A 123 -13.77 5.68 23.90
C ILE A 123 -12.24 5.65 23.99
N THR A 124 -11.70 4.70 24.76
CA THR A 124 -10.24 4.57 24.90
C THR A 124 -9.80 3.19 24.41
N ALA A 125 -8.51 3.07 24.08
CA ALA A 125 -7.98 1.80 23.60
C ALA A 125 -6.52 1.63 24.00
N SER A 126 -6.07 0.37 24.08
CA SER A 126 -4.69 0.08 24.44
C SER A 126 -3.79 0.36 23.25
N SER A 127 -3.74 1.64 22.89
CA SER A 127 -2.95 2.07 21.75
C SER A 127 -1.50 1.63 21.91
N PHE A 128 -0.73 1.75 20.82
CA PHE A 128 0.67 1.36 20.82
C PHE A 128 1.52 2.44 20.17
N VAL A 129 2.73 2.62 20.67
CA VAL A 129 3.63 3.60 20.08
C VAL A 129 4.92 2.92 19.69
N VAL A 130 5.07 2.63 18.40
CA VAL A 130 6.26 1.95 17.92
C VAL A 130 7.09 2.86 17.02
N SER A 131 8.40 2.78 17.18
CA SER A 131 9.31 3.60 16.39
C SER A 131 10.38 2.72 15.76
N TRP A 132 10.92 3.14 14.63
CA TRP A 132 11.94 2.37 13.94
C TRP A 132 12.96 3.28 13.28
N VAL A 133 13.76 2.72 12.38
CA VAL A 133 14.77 3.49 11.67
C VAL A 133 14.60 3.39 10.17
N SER A 134 14.52 4.54 9.50
CA SER A 134 14.35 4.55 8.05
C SER A 134 15.50 3.79 7.38
N ALA A 135 15.64 2.53 7.73
CA ALA A 135 16.69 1.69 7.17
C ALA A 135 16.91 1.98 5.69
N SER A 136 16.56 3.18 5.26
CA SER A 136 16.73 3.55 3.86
C SER A 136 16.23 4.97 3.61
N ASP A 137 17.08 5.78 2.98
CA ASP A 137 16.72 7.17 2.68
C ASP A 137 15.98 7.24 1.35
N THR A 138 15.97 6.13 0.62
CA THR A 138 15.30 6.06 -0.67
C THR A 138 13.83 5.71 -0.48
N VAL A 139 13.44 5.52 0.77
CA VAL A 139 12.05 5.17 1.07
C VAL A 139 11.13 6.34 0.70
N SER A 140 10.00 6.01 0.09
CA SER A 140 9.04 7.03 -0.32
C SER A 140 7.96 7.20 0.73
N GLY A 141 7.88 6.22 1.62
CA GLY A 141 6.90 6.23 2.68
C GLY A 141 7.03 4.96 3.52
N PHE A 142 6.26 4.88 4.59
CA PHE A 142 6.30 3.70 5.45
C PHE A 142 4.92 3.08 5.57
N ARG A 143 4.88 1.78 5.79
CA ARG A 143 3.61 1.08 5.93
C ARG A 143 3.65 0.19 7.16
N VAL A 144 2.73 0.43 8.08
CA VAL A 144 2.66 -0.37 9.30
C VAL A 144 1.49 -1.34 9.24
N GLU A 145 1.75 -2.57 9.67
CA GLU A 145 0.72 -3.59 9.66
C GLU A 145 0.64 -4.26 11.03
N TYR A 146 -0.58 -4.35 11.56
CA TYR A 146 -0.78 -4.96 12.86
C TYR A 146 -2.03 -5.83 12.86
N GLU A 147 -1.91 -7.02 13.43
CA GLU A 147 -3.03 -7.95 13.50
C GLU A 147 -2.96 -8.74 14.81
N LEU A 148 -4.08 -9.33 15.19
CA LEU A 148 -4.12 -10.10 16.43
C LEU A 148 -3.34 -11.40 16.28
N SER A 149 -2.39 -11.60 17.19
CA SER A 149 -1.56 -12.80 17.16
C SER A 149 -2.36 -14.03 17.59
N GLU A 150 -3.58 -13.80 18.06
CA GLU A 150 -4.43 -14.89 18.52
C GLU A 150 -5.60 -15.13 17.57
N GLU A 151 -6.53 -14.18 17.55
CA GLU A 151 -7.71 -14.29 16.69
C GLU A 151 -7.33 -14.36 15.22
N GLY A 152 -6.28 -13.65 14.85
CA GLY A 152 -5.83 -13.64 13.46
C GLY A 152 -6.69 -12.72 12.61
N ASP A 153 -7.59 -11.99 13.27
CA ASP A 153 -8.47 -11.07 12.56
C ASP A 153 -7.81 -10.58 11.28
N GLU A 154 -8.44 -9.61 10.63
CA GLU A 154 -7.89 -9.07 9.39
C GLU A 154 -6.83 -8.04 9.70
N PRO A 155 -5.76 -8.05 8.94
CA PRO A 155 -4.63 -7.11 9.14
C PRO A 155 -4.98 -5.68 8.72
N GLN A 156 -4.42 -4.71 9.44
CA GLN A 156 -4.68 -3.31 9.13
C GLN A 156 -3.37 -2.65 8.69
N TYR A 157 -3.46 -1.71 7.77
CA TYR A 157 -2.27 -1.05 7.28
C TYR A 157 -2.35 0.46 7.47
N LEU A 158 -1.22 1.06 7.82
CA LEU A 158 -1.14 2.50 8.02
C LEU A 158 0.02 3.03 7.21
N ASP A 159 -0.24 4.05 6.40
CA ASP A 159 0.81 4.62 5.56
C ASP A 159 1.34 5.92 6.14
N LEU A 160 2.66 6.02 6.21
CA LEU A 160 3.33 7.20 6.73
C LEU A 160 4.38 7.68 5.72
N PRO A 161 4.73 8.92 5.79
CA PRO A 161 5.75 9.51 4.87
C PRO A 161 7.16 8.98 5.13
N SER A 162 8.01 9.08 4.13
CA SER A 162 9.39 8.60 4.25
C SER A 162 10.11 9.33 5.38
N THR A 163 9.49 10.41 5.88
CA THR A 163 10.09 11.17 6.96
C THR A 163 9.58 10.68 8.31
N ALA A 164 8.60 9.80 8.29
CA ALA A 164 8.04 9.26 9.52
C ALA A 164 8.89 8.10 10.02
N THR A 165 9.17 8.08 11.32
CA THR A 165 9.97 7.01 11.91
C THR A 165 9.33 6.49 13.18
N SER A 166 8.05 6.80 13.35
CA SER A 166 7.30 6.35 14.52
C SER A 166 5.81 6.58 14.30
N VAL A 167 4.98 5.70 14.86
CA VAL A 167 3.54 5.84 14.71
C VAL A 167 2.78 5.24 15.88
N ASN A 168 1.62 5.80 16.16
CA ASN A 168 0.78 5.32 17.25
C ASN A 168 -0.41 4.55 16.69
N ILE A 169 -0.58 3.31 17.14
CA ILE A 169 -1.69 2.48 16.67
C ILE A 169 -2.83 2.48 17.67
N PRO A 170 -3.89 3.19 17.38
CA PRO A 170 -5.07 3.29 18.25
C PRO A 170 -6.12 2.22 17.93
N ASP A 171 -7.21 2.25 18.68
CA ASP A 171 -8.31 1.31 18.47
C ASP A 171 -7.86 -0.13 18.71
N LEU A 172 -6.92 -0.31 19.62
CA LEU A 172 -6.43 -1.66 19.93
C LEU A 172 -7.31 -2.32 20.98
N LEU A 173 -7.41 -3.64 20.91
CA LEU A 173 -8.23 -4.39 21.86
C LEU A 173 -7.42 -4.77 23.09
N PRO A 174 -7.78 -4.24 24.22
CA PRO A 174 -7.08 -4.52 25.50
C PRO A 174 -7.10 -6.01 25.85
N GLY A 175 -5.99 -6.51 26.38
CA GLY A 175 -5.89 -7.92 26.76
C GLY A 175 -5.68 -8.79 25.52
N ARG A 176 -5.19 -8.19 24.44
CA ARG A 176 -4.96 -8.93 23.22
C ARG A 176 -3.53 -8.72 22.74
N LYS A 177 -3.00 -9.73 22.05
CA LYS A 177 -1.64 -9.64 21.53
C LYS A 177 -1.68 -9.29 20.05
N TYR A 178 -0.89 -8.30 19.65
CA TYR A 178 -0.86 -7.89 18.26
C TYR A 178 0.55 -8.04 17.68
N ILE A 179 0.62 -8.33 16.40
CA ILE A 179 1.90 -8.44 15.72
C ILE A 179 2.10 -7.21 14.86
N VAL A 180 3.22 -6.53 15.07
CA VAL A 180 3.50 -5.31 14.32
C VAL A 180 4.70 -5.48 13.40
N ASN A 181 4.53 -5.06 12.16
CA ASN A 181 5.61 -5.16 11.18
C ASN A 181 5.68 -3.87 10.37
N VAL A 182 6.84 -3.22 10.39
CA VAL A 182 7.01 -1.97 9.67
C VAL A 182 7.75 -2.20 8.36
N TYR A 183 7.14 -1.76 7.27
CA TYR A 183 7.75 -1.92 5.96
C TYR A 183 8.03 -0.55 5.34
N GLN A 184 9.20 -0.40 4.73
CA GLN A 184 9.53 0.87 4.10
C GLN A 184 9.29 0.76 2.60
N ILE A 185 8.65 1.77 2.04
CA ILE A 185 8.34 1.75 0.61
C ILE A 185 9.36 2.56 -0.17
N SER A 186 10.00 1.90 -1.13
CA SER A 186 11.00 2.55 -1.96
C SER A 186 10.35 3.29 -3.11
N GLU A 187 11.13 4.10 -3.81
CA GLU A 187 10.62 4.87 -4.93
C GLU A 187 10.04 3.95 -6.01
N ASP A 188 10.35 2.67 -5.92
CA ASP A 188 9.86 1.71 -6.90
C ASP A 188 8.59 1.02 -6.39
N GLY A 189 8.21 1.31 -5.16
CA GLY A 189 7.02 0.72 -4.57
C GLY A 189 7.34 -0.61 -3.90
N GLU A 190 8.63 -0.87 -3.68
CA GLU A 190 9.05 -2.11 -3.05
C GLU A 190 9.00 -1.96 -1.53
N GLN A 191 8.54 -3.01 -0.85
CA GLN A 191 8.46 -2.97 0.61
C GLN A 191 9.53 -3.85 1.22
N SER A 192 10.10 -3.39 2.33
CA SER A 192 11.15 -4.14 3.01
C SER A 192 10.93 -4.10 4.52
N LEU A 193 10.91 -5.27 5.14
CA LEU A 193 10.70 -5.35 6.58
C LEU A 193 11.90 -4.78 7.32
N ILE A 194 11.67 -3.71 8.07
CA ILE A 194 12.74 -3.07 8.83
C ILE A 194 12.57 -3.32 10.32
N LEU A 195 11.35 -3.62 10.74
CA LEU A 195 11.08 -3.88 12.15
C LEU A 195 9.83 -4.73 12.35
N SER A 196 10.00 -5.83 13.08
CA SER A 196 8.89 -6.73 13.36
C SER A 196 8.89 -7.08 14.85
N THR A 197 7.80 -6.76 15.53
CA THR A 197 7.70 -7.04 16.96
C THR A 197 6.25 -7.18 17.40
N SER A 198 6.03 -7.97 18.45
CA SER A 198 4.68 -8.18 18.96
C SER A 198 4.52 -7.51 20.32
N GLN A 199 3.28 -7.24 20.69
CA GLN A 199 2.99 -6.60 21.98
C GLN A 199 1.69 -7.12 22.55
N THR A 200 1.55 -6.98 23.87
CA THR A 200 0.34 -7.42 24.55
C THR A 200 -0.29 -6.25 25.30
N THR A 201 -1.37 -5.72 24.73
CA THR A 201 -2.06 -4.60 25.35
C THR A 201 -2.29 -4.85 26.85
N SER A 1 -1.77 8.74 -31.08
CA SER A 1 -1.10 7.56 -31.69
C SER A 1 -1.80 6.29 -31.22
N GLY A 2 -1.03 5.26 -30.89
CA GLY A 2 -1.61 4.01 -30.43
C GLY A 2 -1.20 3.70 -29.00
N PRO A 3 -2.03 3.01 -28.28
CA PRO A 3 -1.81 2.64 -26.86
C PRO A 3 -0.36 2.35 -26.53
N VAL A 4 0.03 2.76 -25.35
CA VAL A 4 1.38 2.53 -24.83
C VAL A 4 1.47 1.11 -24.30
N GLU A 5 2.67 0.68 -23.91
CA GLU A 5 2.83 -0.67 -23.40
C GLU A 5 3.02 -0.68 -21.88
N VAL A 6 2.18 -1.46 -21.21
CA VAL A 6 2.24 -1.57 -19.75
C VAL A 6 2.10 -3.02 -19.31
N PHE A 7 2.82 -3.39 -18.25
CA PHE A 7 2.76 -4.77 -17.76
C PHE A 7 3.05 -4.82 -16.26
N ILE A 8 2.79 -5.98 -15.66
CA ILE A 8 3.03 -6.16 -14.23
C ILE A 8 4.23 -7.09 -14.01
N THR A 9 5.15 -6.66 -13.15
CA THR A 9 6.35 -7.47 -12.86
C THR A 9 6.71 -7.41 -11.38
N GLU A 10 7.53 -8.37 -10.93
CA GLU A 10 7.97 -8.42 -9.54
C GLU A 10 6.83 -7.96 -8.64
N THR A 11 5.60 -8.23 -9.06
CA THR A 11 4.44 -7.82 -8.29
C THR A 11 3.57 -9.01 -7.93
N PRO A 12 4.04 -9.86 -7.05
CA PRO A 12 3.27 -11.05 -6.60
C PRO A 12 1.98 -10.67 -5.87
N SER A 13 2.00 -9.50 -5.23
CA SER A 13 0.84 -9.02 -4.50
C SER A 13 1.27 -8.16 -3.31
N GLN A 14 0.74 -6.94 -3.24
CA GLN A 14 1.09 -6.04 -2.15
C GLN A 14 -0.17 -5.56 -1.44
N PRO A 15 -0.03 -5.13 -0.21
CA PRO A 15 -1.18 -4.66 0.62
C PRO A 15 -1.60 -3.22 0.33
N ASN A 16 -0.71 -2.28 0.60
CA ASN A 16 -1.02 -0.87 0.39
C ASN A 16 -0.25 -0.29 -0.79
N SER A 17 0.83 -0.94 -1.19
CA SER A 17 1.63 -0.45 -2.31
C SER A 17 1.43 -1.30 -3.55
N HIS A 18 1.60 -0.68 -4.71
CA HIS A 18 1.45 -1.40 -5.98
C HIS A 18 2.26 -0.71 -7.08
N PRO A 19 3.38 -1.26 -7.43
CA PRO A 19 4.27 -0.70 -8.49
C PRO A 19 3.82 -1.11 -9.90
N ILE A 20 4.01 -0.20 -10.85
CA ILE A 20 3.65 -0.46 -12.24
C ILE A 20 4.81 -0.10 -13.16
N GLN A 21 4.72 -0.51 -14.42
CA GLN A 21 5.77 -0.20 -15.38
C GLN A 21 5.18 -0.06 -16.78
N TRP A 22 5.76 0.80 -17.59
CA TRP A 22 5.25 1.00 -18.96
C TRP A 22 6.40 1.21 -19.93
N ASN A 23 6.13 0.94 -21.20
CA ASN A 23 7.13 1.11 -22.25
C ASN A 23 6.56 1.96 -23.38
N ALA A 24 7.44 2.62 -24.11
CA ALA A 24 7.03 3.48 -25.22
C ALA A 24 7.86 3.19 -26.47
N PRO A 25 7.48 3.80 -27.56
CA PRO A 25 8.20 3.63 -28.86
C PRO A 25 9.71 3.86 -28.70
N GLN A 26 10.46 3.62 -29.76
CA GLN A 26 11.91 3.82 -29.71
C GLN A 26 12.25 5.29 -29.95
N PRO A 27 11.73 5.86 -31.00
CA PRO A 27 11.97 7.30 -31.34
C PRO A 27 11.39 8.23 -30.28
N SER A 28 11.97 9.41 -30.13
CA SER A 28 11.48 10.37 -29.14
C SER A 28 10.07 10.82 -29.49
N HIS A 29 9.27 9.84 -29.88
CA HIS A 29 7.87 10.11 -30.24
C HIS A 29 7.09 10.62 -29.04
N ILE A 30 7.34 10.00 -27.88
CA ILE A 30 6.65 10.38 -26.65
C ILE A 30 7.60 11.06 -25.68
N SER A 31 7.11 12.14 -25.05
CA SER A 31 7.93 12.88 -24.12
C SER A 31 7.52 12.64 -22.67
N LYS A 32 6.38 13.21 -22.29
CA LYS A 32 5.87 13.06 -20.93
C LYS A 32 5.00 11.82 -20.76
N TYR A 33 5.03 11.24 -19.56
CA TYR A 33 4.20 10.08 -19.26
C TYR A 33 3.30 10.40 -18.08
N ILE A 34 1.99 10.24 -18.24
CA ILE A 34 1.05 10.51 -17.16
C ILE A 34 0.30 9.26 -16.76
N LEU A 35 0.19 9.02 -15.45
CA LEU A 35 -0.52 7.84 -14.96
C LEU A 35 -1.69 8.24 -14.08
N ARG A 36 -2.85 7.69 -14.39
CA ARG A 36 -4.05 7.97 -13.61
C ARG A 36 -4.77 6.68 -13.24
N TRP A 37 -5.24 6.58 -12.00
CA TRP A 37 -5.91 5.37 -11.56
C TRP A 37 -7.06 5.65 -10.59
N ARG A 38 -7.92 4.66 -10.41
CA ARG A 38 -9.05 4.78 -9.51
C ARG A 38 -9.58 3.40 -9.12
N PRO A 39 -9.94 3.22 -7.87
CA PRO A 39 -10.47 1.92 -7.38
C PRO A 39 -11.78 1.53 -8.06
N LYS A 40 -11.77 0.45 -8.82
CA LYS A 40 -12.97 0.01 -9.52
C LYS A 40 -14.16 0.02 -8.56
N ASN A 41 -14.74 1.20 -8.37
CA ASN A 41 -15.87 1.35 -7.48
C ASN A 41 -16.67 2.62 -7.76
N SER A 42 -16.05 3.60 -8.42
CA SER A 42 -16.74 4.84 -8.74
C SER A 42 -16.07 5.54 -9.92
N VAL A 43 -16.83 6.40 -10.60
CA VAL A 43 -16.29 7.14 -11.74
C VAL A 43 -16.38 8.64 -11.48
N GLY A 44 -16.33 9.02 -10.21
CA GLY A 44 -16.41 10.43 -9.84
C GLY A 44 -15.03 11.06 -9.69
N ARG A 45 -14.36 10.75 -8.58
CA ARG A 45 -13.03 11.31 -8.32
C ARG A 45 -11.98 10.21 -8.24
N TRP A 46 -10.74 10.55 -8.57
CA TRP A 46 -9.65 9.58 -8.52
C TRP A 46 -8.29 10.26 -8.45
N LYS A 47 -7.22 9.47 -8.62
CA LYS A 47 -5.86 10.02 -8.51
C LYS A 47 -5.15 10.07 -9.86
N GLU A 48 -4.27 11.06 -9.99
CA GLU A 48 -3.47 11.22 -11.20
C GLU A 48 -2.05 11.64 -10.85
N ALA A 49 -1.12 11.38 -11.75
CA ALA A 49 0.27 11.72 -11.51
C ALA A 49 1.03 11.94 -12.82
N THR A 50 2.14 12.68 -12.71
CA THR A 50 2.98 12.97 -13.87
C THR A 50 4.34 12.31 -13.71
N ILE A 51 4.84 11.68 -14.76
CA ILE A 51 6.13 11.01 -14.70
C ILE A 51 7.05 11.47 -15.82
N PRO A 52 8.21 11.99 -15.47
CA PRO A 52 9.21 12.47 -16.46
C PRO A 52 9.44 11.46 -17.59
N GLY A 53 9.80 11.97 -18.76
CA GLY A 53 10.03 11.12 -19.93
C GLY A 53 11.15 10.11 -19.72
N HIS A 54 12.07 10.39 -18.80
CA HIS A 54 13.19 9.49 -18.57
C HIS A 54 12.81 8.33 -17.64
N LEU A 55 11.70 8.47 -16.92
CA LEU A 55 11.26 7.40 -16.03
C LEU A 55 10.30 6.46 -16.75
N ASN A 56 10.46 5.16 -16.52
CA ASN A 56 9.61 4.18 -17.17
C ASN A 56 8.85 3.32 -16.16
N SER A 57 8.84 3.75 -14.90
CA SER A 57 8.14 3.00 -13.86
C SER A 57 7.62 3.93 -12.77
N TYR A 58 6.44 3.61 -12.24
CA TYR A 58 5.84 4.43 -11.19
C TYR A 58 5.73 3.66 -9.88
N THR A 59 5.01 4.24 -8.94
CA THR A 59 4.81 3.61 -7.64
C THR A 59 3.47 4.05 -7.05
N ILE A 60 2.62 3.09 -6.69
CA ILE A 60 1.31 3.44 -6.12
C ILE A 60 1.21 2.99 -4.67
N LYS A 61 0.93 3.94 -3.78
CA LYS A 61 0.79 3.65 -2.36
C LYS A 61 -0.55 4.16 -1.83
N GLY A 62 -0.95 3.66 -0.67
CA GLY A 62 -2.20 4.07 -0.06
C GLY A 62 -3.36 3.23 -0.61
N LEU A 63 -3.02 2.08 -1.18
CA LEU A 63 -4.03 1.20 -1.75
C LEU A 63 -4.73 0.38 -0.67
N LYS A 64 -5.93 -0.08 -0.98
CA LYS A 64 -6.71 -0.88 -0.04
C LYS A 64 -6.58 -2.36 -0.37
N PRO A 65 -6.35 -3.19 0.62
CA PRO A 65 -6.21 -4.65 0.44
C PRO A 65 -7.53 -5.30 0.02
N GLY A 66 -7.44 -6.31 -0.85
CA GLY A 66 -8.62 -7.01 -1.30
C GLY A 66 -9.46 -6.11 -2.22
N VAL A 67 -8.80 -5.15 -2.85
CA VAL A 67 -9.50 -4.23 -3.74
C VAL A 67 -8.79 -4.18 -5.10
N VAL A 68 -9.52 -3.74 -6.12
CA VAL A 68 -8.96 -3.65 -7.46
C VAL A 68 -8.94 -2.20 -7.94
N TYR A 69 -7.86 -1.83 -8.62
CA TYR A 69 -7.72 -0.47 -9.13
C TYR A 69 -7.50 -0.48 -10.64
N GLU A 70 -8.19 0.42 -11.35
CA GLU A 70 -8.01 0.51 -12.79
C GLU A 70 -7.05 1.65 -13.08
N GLY A 71 -6.04 1.41 -13.90
CA GLY A 71 -5.06 2.45 -14.21
C GLY A 71 -5.00 2.74 -15.69
N GLN A 72 -4.59 3.97 -16.02
CA GLN A 72 -4.47 4.37 -17.41
C GLN A 72 -3.16 5.11 -17.61
N LEU A 73 -2.52 4.87 -18.74
CA LEU A 73 -1.26 5.52 -19.04
C LEU A 73 -1.41 6.42 -20.25
N ILE A 74 -1.17 7.72 -20.05
CA ILE A 74 -1.28 8.69 -21.14
C ILE A 74 0.08 9.25 -21.49
N SER A 75 0.43 9.22 -22.77
CA SER A 75 1.72 9.73 -23.21
C SER A 75 1.54 11.00 -24.03
N ILE A 76 2.14 12.10 -23.58
CA ILE A 76 2.02 13.37 -24.28
C ILE A 76 3.28 13.68 -25.06
N GLN A 77 3.10 14.34 -26.21
CA GLN A 77 4.22 14.71 -27.06
C GLN A 77 4.49 16.20 -26.94
N GLN A 78 5.72 16.61 -27.19
CA GLN A 78 6.08 18.02 -27.11
C GLN A 78 4.96 18.89 -27.67
N TYR A 79 4.02 19.25 -26.81
CA TYR A 79 2.89 20.07 -27.22
C TYR A 79 2.36 19.63 -28.58
N GLY A 80 2.45 18.33 -28.85
CA GLY A 80 1.99 17.79 -30.12
C GLY A 80 0.79 16.86 -29.92
N HIS A 81 0.98 15.60 -30.29
CA HIS A 81 -0.09 14.60 -30.18
C HIS A 81 -0.20 14.06 -28.76
N GLN A 82 -1.18 13.19 -28.56
CA GLN A 82 -1.40 12.56 -27.25
C GLN A 82 -1.96 11.15 -27.42
N GLU A 83 -1.64 10.27 -26.48
CA GLU A 83 -2.12 8.88 -26.53
C GLU A 83 -2.54 8.41 -25.15
N VAL A 84 -3.58 7.57 -25.09
CA VAL A 84 -4.06 7.07 -23.80
C VAL A 84 -4.18 5.55 -23.82
N THR A 85 -3.71 4.92 -22.73
CA THR A 85 -3.76 3.47 -22.60
C THR A 85 -4.50 3.10 -21.31
N ARG A 86 -5.31 2.03 -21.37
CA ARG A 86 -6.06 1.61 -20.18
C ARG A 86 -5.65 0.20 -19.73
N PHE A 87 -5.53 0.04 -18.42
CA PHE A 87 -5.16 -1.25 -17.83
C PHE A 87 -5.75 -1.36 -16.43
N ASP A 88 -5.79 -2.56 -15.88
CA ASP A 88 -6.34 -2.75 -14.54
C ASP A 88 -5.60 -3.84 -13.79
N PHE A 89 -5.57 -3.72 -12.47
CA PHE A 89 -4.90 -4.70 -11.63
C PHE A 89 -5.61 -4.87 -10.29
N THR A 90 -5.17 -5.86 -9.53
CA THR A 90 -5.75 -6.13 -8.22
C THR A 90 -4.70 -5.95 -7.13
N THR A 91 -5.14 -5.78 -5.88
CA THR A 91 -4.21 -5.60 -4.79
C THR A 91 -4.60 -6.48 -3.60
N THR A 92 -3.68 -7.35 -3.19
CA THR A 92 -3.92 -8.24 -2.06
C THR A 92 -2.83 -8.15 -1.00
N SER A 93 -3.13 -8.70 0.17
CA SER A 93 -2.17 -8.73 1.26
C SER A 93 -0.98 -9.61 0.90
N THR A 94 0.11 -9.43 1.62
CA THR A 94 1.33 -10.19 1.36
C THR A 94 1.15 -11.68 1.70
N SER A 95 2.08 -12.49 1.22
CA SER A 95 2.05 -13.93 1.44
C SER A 95 2.19 -14.24 2.93
N THR A 96 1.95 -15.51 3.28
CA THR A 96 2.02 -15.99 4.67
C THR A 96 2.73 -15.00 5.60
N PRO A 97 2.41 -15.00 6.87
CA PRO A 97 3.03 -14.06 7.85
C PRO A 97 4.55 -14.09 7.82
N VAL A 98 5.14 -12.91 7.88
CA VAL A 98 6.59 -12.76 7.88
C VAL A 98 7.22 -13.42 9.10
N THR A 99 6.50 -13.35 10.23
CA THR A 99 7.02 -13.91 11.48
C THR A 99 7.11 -15.44 11.39
N SER A 100 8.22 -15.97 11.89
CA SER A 100 8.48 -17.40 11.88
C SER A 100 8.64 -17.92 13.32
N ASN A 101 8.33 -19.19 13.54
CA ASN A 101 8.45 -19.77 14.87
C ASN A 101 7.54 -19.05 15.86
N THR A 102 6.27 -18.92 15.47
CA THR A 102 5.29 -18.25 16.32
C THR A 102 5.14 -18.99 17.66
N VAL A 103 5.77 -20.15 17.74
CA VAL A 103 5.70 -20.95 18.96
C VAL A 103 6.24 -20.16 20.16
N THR A 104 5.54 -20.28 21.28
CA THR A 104 5.91 -19.56 22.50
C THR A 104 7.07 -20.23 23.22
N GLY A 105 7.65 -19.51 24.17
CA GLY A 105 8.78 -20.01 24.95
C GLY A 105 10.10 -19.44 24.43
N GLU A 106 10.01 -18.64 23.37
CA GLU A 106 11.20 -18.01 22.80
C GLU A 106 11.87 -17.10 23.83
N THR A 107 13.20 -17.03 23.78
CA THR A 107 13.94 -16.18 24.70
C THR A 107 13.74 -14.72 24.30
N THR A 108 13.54 -13.84 25.28
CA THR A 108 13.31 -12.42 24.99
C THR A 108 14.36 -11.52 25.65
N PRO A 109 15.54 -11.45 25.08
CA PRO A 109 16.62 -10.58 25.64
C PRO A 109 16.20 -9.11 25.62
N PHE A 110 15.16 -8.82 24.83
CA PHE A 110 14.64 -7.46 24.70
C PHE A 110 13.63 -7.16 25.80
N SER A 111 13.50 -8.08 26.75
CA SER A 111 12.56 -7.91 27.86
C SER A 111 13.29 -7.92 29.21
N PRO A 112 13.88 -6.81 29.57
CA PRO A 112 14.65 -6.67 30.86
C PRO A 112 13.83 -7.09 32.09
N LEU A 113 14.56 -7.53 33.12
CA LEU A 113 13.95 -7.96 34.37
C LEU A 113 13.85 -6.76 35.32
N VAL A 114 12.73 -6.66 36.03
CA VAL A 114 12.52 -5.53 36.94
C VAL A 114 12.29 -6.02 38.37
N ALA A 115 12.83 -5.24 39.32
CA ALA A 115 12.75 -5.57 40.74
C ALA A 115 11.31 -5.58 41.27
N THR A 116 10.40 -4.88 40.59
CA THR A 116 9.02 -4.83 41.06
C THR A 116 8.32 -6.17 40.88
N SER A 117 7.31 -6.39 41.70
CA SER A 117 6.54 -7.62 41.68
C SER A 117 5.64 -7.74 40.45
N GLU A 118 5.28 -8.98 40.14
CA GLU A 118 4.40 -9.28 39.01
C GLU A 118 3.05 -8.59 39.21
N SER A 119 2.73 -8.30 40.46
CA SER A 119 1.45 -7.68 40.81
C SER A 119 1.22 -6.39 40.03
N VAL A 120 2.29 -5.77 39.53
CA VAL A 120 2.13 -4.55 38.76
C VAL A 120 1.16 -4.81 37.60
N THR A 121 0.35 -3.82 37.26
CA THR A 121 -0.63 -4.00 36.20
C THR A 121 0.05 -4.21 34.84
N GLU A 122 -0.38 -5.27 34.15
CA GLU A 122 0.16 -5.63 32.84
C GLU A 122 -0.72 -5.13 31.68
N ILE A 123 -1.69 -4.27 31.97
CA ILE A 123 -2.59 -3.78 30.92
C ILE A 123 -2.48 -2.26 30.73
N THR A 124 -2.48 -1.86 29.47
CA THR A 124 -2.37 -0.44 29.08
C THR A 124 -3.60 -0.03 28.29
N ALA A 125 -4.04 1.22 28.48
CA ALA A 125 -5.24 1.74 27.81
C ALA A 125 -5.65 0.88 26.62
N SER A 126 -4.94 0.99 25.49
CA SER A 126 -5.27 0.20 24.31
C SER A 126 -4.33 0.50 23.14
N SER A 127 -4.31 1.77 22.73
CA SER A 127 -3.48 2.19 21.61
C SER A 127 -2.02 1.78 21.83
N PHE A 128 -1.23 1.89 20.78
CA PHE A 128 0.19 1.53 20.86
C PHE A 128 1.04 2.61 20.20
N VAL A 129 2.22 2.84 20.73
CA VAL A 129 3.11 3.82 20.15
C VAL A 129 4.45 3.15 19.83
N VAL A 130 4.65 2.83 18.57
CA VAL A 130 5.88 2.16 18.15
C VAL A 130 6.72 3.06 17.25
N SER A 131 8.02 3.02 17.47
CA SER A 131 8.95 3.83 16.68
C SER A 131 10.06 2.95 16.14
N TRP A 132 10.63 3.34 15.00
CA TRP A 132 11.70 2.58 14.39
C TRP A 132 12.72 3.49 13.74
N VAL A 133 13.58 2.91 12.89
CA VAL A 133 14.59 3.69 12.19
C VAL A 133 14.49 3.51 10.68
N SER A 134 14.41 4.64 9.97
CA SER A 134 14.31 4.59 8.52
C SER A 134 15.49 3.84 7.92
N ALA A 135 15.64 2.59 8.33
CA ALA A 135 16.73 1.76 7.85
C ALA A 135 17.02 1.99 6.36
N SER A 136 16.64 3.18 5.87
CA SER A 136 16.87 3.50 4.47
C SER A 136 16.35 4.90 4.14
N ASP A 137 17.20 5.70 3.52
CA ASP A 137 16.82 7.06 3.15
C ASP A 137 16.14 7.05 1.78
N THR A 138 16.18 5.92 1.10
CA THR A 138 15.57 5.80 -0.20
C THR A 138 14.10 5.40 -0.07
N VAL A 139 13.65 5.25 1.17
CA VAL A 139 12.26 4.89 1.44
C VAL A 139 11.33 6.00 0.98
N SER A 140 10.24 5.62 0.34
CA SER A 140 9.27 6.61 -0.15
C SER A 140 8.14 6.78 0.85
N GLY A 141 8.06 5.83 1.77
CA GLY A 141 7.03 5.86 2.80
C GLY A 141 7.15 4.63 3.69
N PHE A 142 6.34 4.56 4.73
CA PHE A 142 6.38 3.43 5.64
C PHE A 142 5.01 2.77 5.73
N ARG A 143 5.00 1.48 6.00
CA ARG A 143 3.75 0.75 6.12
C ARG A 143 3.76 -0.10 7.38
N VAL A 144 2.79 0.16 8.24
CA VAL A 144 2.70 -0.58 9.49
C VAL A 144 1.55 -1.60 9.43
N GLU A 145 1.83 -2.80 9.92
CA GLU A 145 0.80 -3.85 9.91
C GLU A 145 0.70 -4.47 11.30
N TYR A 146 -0.53 -4.56 11.79
CA TYR A 146 -0.77 -5.13 13.11
C TYR A 146 -2.00 -6.03 13.09
N GLU A 147 -1.87 -7.19 13.71
CA GLU A 147 -2.97 -8.15 13.77
C GLU A 147 -2.94 -8.89 15.10
N LEU A 148 -4.05 -9.49 15.47
CA LEU A 148 -4.13 -10.21 16.74
C LEU A 148 -3.31 -11.49 16.68
N SER A 149 -2.38 -11.64 17.62
CA SER A 149 -1.53 -12.82 17.68
C SER A 149 -2.32 -14.04 18.12
N GLU A 150 -3.56 -13.83 18.54
CA GLU A 150 -4.40 -14.93 19.00
C GLU A 150 -5.52 -15.22 18.01
N GLU A 151 -6.48 -14.31 17.91
CA GLU A 151 -7.61 -14.48 17.03
C GLU A 151 -7.17 -14.60 15.57
N GLY A 152 -6.13 -13.88 15.21
CA GLY A 152 -5.62 -13.92 13.84
C GLY A 152 -6.48 -13.06 12.92
N ASP A 153 -7.41 -12.31 13.52
CA ASP A 153 -8.29 -11.45 12.74
C ASP A 153 -7.59 -11.00 11.46
N GLU A 154 -8.22 -10.06 10.74
CA GLU A 154 -7.63 -9.56 9.51
C GLU A 154 -6.61 -8.48 9.82
N PRO A 155 -5.51 -8.50 9.12
CA PRO A 155 -4.41 -7.52 9.31
C PRO A 155 -4.79 -6.12 8.84
N GLN A 156 -4.28 -5.11 9.53
CA GLN A 156 -4.55 -3.73 9.15
C GLN A 156 -3.25 -3.06 8.75
N TYR A 157 -3.33 -2.15 7.78
CA TYR A 157 -2.13 -1.47 7.32
C TYR A 157 -2.26 0.04 7.43
N LEU A 158 -1.16 0.67 7.82
CA LEU A 158 -1.13 2.12 7.95
C LEU A 158 0.06 2.65 7.17
N ASP A 159 -0.19 3.63 6.31
CA ASP A 159 0.87 4.20 5.49
C ASP A 159 1.34 5.53 6.04
N LEU A 160 2.66 5.66 6.16
CA LEU A 160 3.27 6.88 6.66
C LEU A 160 4.35 7.36 5.68
N PRO A 161 4.68 8.62 5.71
CA PRO A 161 5.71 9.20 4.80
C PRO A 161 7.12 8.71 5.14
N SER A 162 8.01 8.79 4.17
CA SER A 162 9.39 8.35 4.37
C SER A 162 10.04 9.14 5.49
N THR A 163 9.38 10.22 5.92
CA THR A 163 9.92 11.05 6.99
C THR A 163 9.37 10.60 8.34
N ALA A 164 8.40 9.69 8.32
CA ALA A 164 7.82 9.18 9.55
C ALA A 164 8.67 8.06 10.13
N THR A 165 8.89 8.11 11.44
CA THR A 165 9.71 7.08 12.10
C THR A 165 9.02 6.59 13.36
N SER A 166 7.72 6.86 13.47
CA SER A 166 6.94 6.44 14.63
C SER A 166 5.46 6.63 14.34
N VAL A 167 4.63 5.75 14.90
CA VAL A 167 3.19 5.84 14.68
C VAL A 167 2.40 5.28 15.85
N ASN A 168 1.21 5.81 16.07
CA ASN A 168 0.35 5.34 17.13
C ASN A 168 -0.81 4.53 16.56
N ILE A 169 -0.97 3.30 17.05
CA ILE A 169 -2.03 2.43 16.56
C ILE A 169 -3.21 2.43 17.53
N PRO A 170 -4.27 3.10 17.16
CA PRO A 170 -5.49 3.20 17.98
C PRO A 170 -6.50 2.10 17.66
N ASP A 171 -7.63 2.13 18.36
CA ASP A 171 -8.69 1.15 18.15
C ASP A 171 -8.20 -0.27 18.46
N LEU A 172 -7.30 -0.39 19.42
CA LEU A 172 -6.79 -1.70 19.81
C LEU A 172 -7.69 -2.35 20.85
N LEU A 173 -7.76 -3.67 20.81
CA LEU A 173 -8.60 -4.41 21.77
C LEU A 173 -7.83 -4.72 23.04
N PRO A 174 -8.25 -4.16 24.13
CA PRO A 174 -7.60 -4.37 25.45
C PRO A 174 -7.58 -5.84 25.86
N GLY A 175 -6.48 -6.29 26.45
CA GLY A 175 -6.37 -7.68 26.88
C GLY A 175 -6.09 -8.60 25.70
N ARG A 176 -5.58 -8.02 24.62
CA ARG A 176 -5.27 -8.80 23.43
C ARG A 176 -3.83 -8.58 22.99
N LYS A 177 -3.24 -9.59 22.37
CA LYS A 177 -1.87 -9.49 21.90
C LYS A 177 -1.85 -9.20 20.41
N TYR A 178 -1.08 -8.22 20.01
CA TYR A 178 -0.99 -7.85 18.60
C TYR A 178 0.44 -7.98 18.10
N ILE A 179 0.57 -8.32 16.83
CA ILE A 179 1.88 -8.43 16.20
C ILE A 179 2.08 -7.22 15.31
N VAL A 180 3.18 -6.50 15.52
CA VAL A 180 3.44 -5.30 14.74
C VAL A 180 4.69 -5.48 13.87
N ASN A 181 4.57 -5.11 12.61
CA ASN A 181 5.68 -5.22 11.68
C ASN A 181 5.75 -3.96 10.83
N VAL A 182 6.89 -3.28 10.87
CA VAL A 182 7.06 -2.05 10.11
C VAL A 182 7.86 -2.32 8.83
N TYR A 183 7.29 -1.94 7.71
CA TYR A 183 7.95 -2.13 6.42
C TYR A 183 8.22 -0.78 5.77
N GLN A 184 9.41 -0.62 5.19
CA GLN A 184 9.73 0.63 4.53
C GLN A 184 9.55 0.45 3.03
N ILE A 185 8.92 1.43 2.40
CA ILE A 185 8.67 1.34 0.97
C ILE A 185 9.70 2.14 0.18
N SER A 186 10.39 1.47 -0.72
CA SER A 186 11.41 2.11 -1.53
C SER A 186 10.78 2.80 -2.74
N GLU A 187 11.57 3.59 -3.43
CA GLU A 187 11.09 4.31 -4.61
C GLU A 187 10.58 3.34 -5.67
N ASP A 188 10.92 2.06 -5.52
CA ASP A 188 10.49 1.06 -6.48
C ASP A 188 9.23 0.35 -6.00
N GLY A 189 8.79 0.68 -4.78
CA GLY A 189 7.58 0.08 -4.22
C GLY A 189 7.91 -1.22 -3.48
N GLU A 190 9.19 -1.43 -3.21
CA GLU A 190 9.62 -2.64 -2.50
C GLU A 190 9.50 -2.43 -1.00
N GLN A 191 9.04 -3.45 -0.29
CA GLN A 191 8.89 -3.37 1.16
C GLN A 191 9.97 -4.19 1.85
N SER A 192 10.49 -3.67 2.95
CA SER A 192 11.52 -4.36 3.71
C SER A 192 11.24 -4.28 5.20
N LEU A 193 11.22 -5.42 5.87
CA LEU A 193 10.96 -5.45 7.29
C LEU A 193 12.12 -4.82 8.07
N ILE A 194 11.83 -3.73 8.77
CA ILE A 194 12.84 -3.03 9.53
C ILE A 194 12.62 -3.23 11.03
N LEU A 195 11.39 -3.56 11.40
CA LEU A 195 11.08 -3.76 12.82
C LEU A 195 9.85 -4.64 13.00
N SER A 196 10.01 -5.70 13.78
CA SER A 196 8.91 -6.63 14.06
C SER A 196 8.86 -6.91 15.56
N THR A 197 7.73 -6.60 16.18
CA THR A 197 7.58 -6.82 17.62
C THR A 197 6.11 -6.98 17.99
N SER A 198 5.88 -7.73 19.07
CA SER A 198 4.51 -7.96 19.54
C SER A 198 4.28 -7.24 20.85
N GLN A 199 3.01 -7.00 21.17
CA GLN A 199 2.67 -6.31 22.42
C GLN A 199 1.35 -6.84 22.97
N THR A 200 1.16 -6.65 24.27
CA THR A 200 -0.07 -7.10 24.92
C THR A 200 -0.76 -5.92 25.58
N THR A 201 -1.83 -5.44 24.96
CA THR A 201 -2.58 -4.31 25.51
C THR A 201 -2.85 -4.52 27.00
N SER A 1 -1.42 8.28 -30.77
CA SER A 1 -0.74 7.09 -31.34
C SER A 1 -1.45 5.83 -30.86
N GLY A 2 -0.68 4.80 -30.51
CA GLY A 2 -1.27 3.56 -30.04
C GLY A 2 -0.88 3.29 -28.59
N PRO A 3 -1.74 2.61 -27.88
CA PRO A 3 -1.54 2.26 -26.46
C PRO A 3 -0.09 1.96 -26.09
N VAL A 4 0.26 2.40 -24.90
CA VAL A 4 1.60 2.19 -24.35
C VAL A 4 1.68 0.77 -23.79
N GLU A 5 2.86 0.35 -23.37
CA GLU A 5 3.03 -1.00 -22.84
C GLU A 5 3.18 -0.98 -21.32
N VAL A 6 2.33 -1.75 -20.64
CA VAL A 6 2.36 -1.83 -19.19
C VAL A 6 2.21 -3.28 -18.72
N PHE A 7 2.91 -3.64 -17.65
CA PHE A 7 2.84 -5.01 -17.13
C PHE A 7 3.10 -5.03 -15.62
N ILE A 8 2.82 -6.18 -15.01
CA ILE A 8 3.03 -6.34 -13.57
C ILE A 8 4.22 -7.26 -13.31
N THR A 9 5.13 -6.82 -12.44
CA THR A 9 6.31 -7.63 -12.12
C THR A 9 6.66 -7.53 -10.62
N GLU A 10 7.47 -8.48 -10.16
CA GLU A 10 7.87 -8.51 -8.75
C GLU A 10 6.72 -8.04 -7.88
N THR A 11 5.50 -8.31 -8.32
CA THR A 11 4.32 -7.89 -7.58
C THR A 11 3.44 -9.08 -7.21
N PRO A 12 3.89 -9.92 -6.32
CA PRO A 12 3.11 -11.10 -5.86
C PRO A 12 1.81 -10.70 -5.17
N SER A 13 1.82 -9.53 -4.54
CA SER A 13 0.64 -9.03 -3.85
C SER A 13 1.04 -8.16 -2.67
N GLN A 14 0.52 -6.93 -2.63
CA GLN A 14 0.84 -6.01 -1.56
C GLN A 14 -0.44 -5.53 -0.86
N PRO A 15 -0.32 -5.08 0.35
CA PRO A 15 -1.50 -4.60 1.15
C PRO A 15 -1.91 -3.17 0.82
N ASN A 16 -1.02 -2.21 1.11
CA ASN A 16 -1.33 -0.81 0.87
C ASN A 16 -0.54 -0.25 -0.31
N SER A 17 0.55 -0.90 -0.67
CA SER A 17 1.38 -0.43 -1.78
C SER A 17 1.21 -1.30 -3.02
N HIS A 18 1.41 -0.70 -4.18
CA HIS A 18 1.28 -1.44 -5.43
C HIS A 18 2.10 -0.77 -6.54
N PRO A 19 3.24 -1.33 -6.86
CA PRO A 19 4.14 -0.78 -7.90
C PRO A 19 3.74 -1.21 -9.31
N ILE A 20 3.94 -0.32 -10.28
CA ILE A 20 3.60 -0.61 -11.67
C ILE A 20 4.79 -0.26 -12.56
N GLN A 21 4.72 -0.70 -13.83
CA GLN A 21 5.80 -0.39 -14.77
C GLN A 21 5.23 -0.28 -16.18
N TRP A 22 5.83 0.57 -17.00
CA TRP A 22 5.36 0.75 -18.37
C TRP A 22 6.52 0.95 -19.33
N ASN A 23 6.27 0.65 -20.60
CA ASN A 23 7.30 0.82 -21.63
C ASN A 23 6.76 1.64 -22.78
N ALA A 24 7.65 2.29 -23.52
CA ALA A 24 7.25 3.12 -24.64
C ALA A 24 8.11 2.83 -25.86
N PRO A 25 7.77 3.41 -26.98
CA PRO A 25 8.51 3.23 -28.25
C PRO A 25 10.02 3.46 -28.06
N GLN A 26 10.79 3.19 -29.10
CA GLN A 26 12.23 3.40 -29.02
C GLN A 26 12.58 4.86 -29.27
N PRO A 27 12.08 5.42 -30.35
CA PRO A 27 12.33 6.85 -30.71
C PRO A 27 11.72 7.80 -29.67
N SER A 28 12.30 8.98 -29.54
CA SER A 28 11.79 9.95 -28.57
C SER A 28 10.38 10.39 -28.95
N HIS A 29 9.58 9.42 -29.35
CA HIS A 29 8.21 9.68 -29.75
C HIS A 29 7.40 10.20 -28.57
N ILE A 30 7.63 9.60 -27.40
CA ILE A 30 6.91 10.00 -26.19
C ILE A 30 7.84 10.70 -25.21
N SER A 31 7.34 11.79 -24.61
CA SER A 31 8.13 12.55 -23.67
C SER A 31 7.68 12.33 -22.23
N LYS A 32 6.54 12.90 -21.87
CA LYS A 32 6.00 12.78 -20.53
C LYS A 32 5.13 11.54 -20.35
N TYR A 33 5.13 10.98 -19.15
CA TYR A 33 4.29 9.82 -18.85
C TYR A 33 3.37 10.16 -17.67
N ILE A 34 2.07 9.99 -17.88
CA ILE A 34 1.11 10.29 -16.81
C ILE A 34 0.35 9.04 -16.41
N LEU A 35 0.21 8.82 -15.11
CA LEU A 35 -0.51 7.65 -14.61
C LEU A 35 -1.70 8.06 -13.76
N ARG A 36 -2.85 7.51 -14.09
CA ARG A 36 -4.07 7.80 -13.33
C ARG A 36 -4.78 6.51 -12.96
N TRP A 37 -5.29 6.44 -11.73
CA TRP A 37 -5.97 5.22 -11.28
C TRP A 37 -7.14 5.53 -10.35
N ARG A 38 -8.00 4.54 -10.17
CA ARG A 38 -9.15 4.67 -9.29
C ARG A 38 -9.69 3.30 -8.90
N PRO A 39 -10.07 3.13 -7.66
CA PRO A 39 -10.61 1.84 -7.15
C PRO A 39 -11.92 1.45 -7.85
N LYS A 40 -11.88 0.35 -8.60
CA LYS A 40 -13.07 -0.10 -9.30
C LYS A 40 -14.28 -0.07 -8.38
N ASN A 41 -14.85 1.11 -8.21
CA ASN A 41 -16.02 1.27 -7.34
C ASN A 41 -16.80 2.54 -7.67
N SER A 42 -16.17 3.50 -8.34
CA SER A 42 -16.86 4.74 -8.69
C SER A 42 -16.16 5.42 -9.87
N VAL A 43 -16.90 6.27 -10.56
CA VAL A 43 -16.34 6.99 -11.71
C VAL A 43 -16.44 8.49 -11.48
N GLY A 44 -16.41 8.89 -10.21
CA GLY A 44 -16.50 10.30 -9.87
C GLY A 44 -15.13 10.94 -9.70
N ARG A 45 -14.48 10.65 -8.58
CA ARG A 45 -13.16 11.21 -8.30
C ARG A 45 -12.12 10.11 -8.18
N TRP A 46 -10.86 10.46 -8.49
CA TRP A 46 -9.78 9.49 -8.40
C TRP A 46 -8.42 10.18 -8.30
N LYS A 47 -7.35 9.39 -8.44
CA LYS A 47 -5.99 9.94 -8.31
C LYS A 47 -5.24 9.96 -9.65
N GLU A 48 -4.36 10.94 -9.77
CA GLU A 48 -3.54 11.09 -10.97
C GLU A 48 -2.14 11.52 -10.59
N ALA A 49 -1.18 11.23 -11.48
CA ALA A 49 0.21 11.59 -11.21
C ALA A 49 1.00 11.79 -12.50
N THR A 50 2.10 12.53 -12.39
CA THR A 50 2.96 12.80 -13.54
C THR A 50 4.32 12.14 -13.33
N ILE A 51 4.84 11.50 -14.36
CA ILE A 51 6.13 10.82 -14.27
C ILE A 51 7.08 11.28 -15.37
N PRO A 52 8.22 11.80 -15.01
CA PRO A 52 9.25 12.26 -15.98
C PRO A 52 9.49 11.24 -17.09
N GLY A 53 9.89 11.72 -18.26
CA GLY A 53 10.14 10.86 -19.41
C GLY A 53 11.26 9.85 -19.16
N HIS A 54 12.15 10.15 -18.21
CA HIS A 54 13.28 9.25 -17.94
C HIS A 54 12.88 8.10 -17.02
N LEU A 55 11.76 8.26 -16.33
CA LEU A 55 11.29 7.20 -15.42
C LEU A 55 10.35 6.24 -16.15
N ASN A 56 10.50 4.95 -15.90
CA ASN A 56 9.66 3.96 -16.55
C ASN A 56 8.89 3.12 -15.54
N SER A 57 8.85 3.57 -14.28
CA SER A 57 8.13 2.84 -13.25
C SER A 57 7.59 3.78 -12.18
N TYR A 58 6.40 3.48 -11.67
CA TYR A 58 5.76 4.31 -10.65
C TYR A 58 5.64 3.56 -9.33
N THR A 59 4.89 4.15 -8.42
CA THR A 59 4.66 3.54 -7.10
C THR A 59 3.30 4.00 -6.56
N ILE A 60 2.46 3.05 -6.20
CA ILE A 60 1.14 3.39 -5.66
C ILE A 60 1.01 2.97 -4.20
N LYS A 61 0.70 3.94 -3.34
CA LYS A 61 0.53 3.66 -1.92
C LYS A 61 -0.81 4.18 -1.43
N GLY A 62 -1.24 3.71 -0.26
CA GLY A 62 -2.51 4.12 0.31
C GLY A 62 -3.65 3.28 -0.25
N LEU A 63 -3.30 2.12 -0.80
CA LEU A 63 -4.30 1.22 -1.37
C LEU A 63 -5.02 0.42 -0.29
N LYS A 64 -6.21 -0.05 -0.62
CA LYS A 64 -7.01 -0.83 0.32
C LYS A 64 -6.88 -2.32 0.01
N PRO A 65 -6.66 -3.12 1.03
CA PRO A 65 -6.52 -4.59 0.87
C PRO A 65 -7.82 -5.25 0.44
N GLY A 66 -7.72 -6.28 -0.42
CA GLY A 66 -8.88 -6.98 -0.89
C GLY A 66 -9.71 -6.11 -1.83
N VAL A 67 -9.04 -5.15 -2.47
CA VAL A 67 -9.72 -4.24 -3.39
C VAL A 67 -8.99 -4.20 -4.73
N VAL A 68 -9.70 -3.80 -5.78
CA VAL A 68 -9.11 -3.73 -7.10
C VAL A 68 -9.08 -2.29 -7.60
N TYR A 69 -7.98 -1.92 -8.26
CA TYR A 69 -7.83 -0.57 -8.79
C TYR A 69 -7.58 -0.60 -10.30
N GLU A 70 -8.24 0.27 -11.04
CA GLU A 70 -8.03 0.34 -12.47
C GLU A 70 -7.07 1.49 -12.77
N GLY A 71 -6.04 1.23 -13.56
CA GLY A 71 -5.07 2.26 -13.86
C GLY A 71 -4.97 2.53 -15.36
N GLN A 72 -4.55 3.75 -15.69
CA GLN A 72 -4.40 4.14 -17.09
C GLN A 72 -3.09 4.87 -17.28
N LEU A 73 -2.43 4.61 -18.39
CA LEU A 73 -1.16 5.26 -18.66
C LEU A 73 -1.27 6.15 -19.90
N ILE A 74 -1.05 7.45 -19.72
CA ILE A 74 -1.14 8.39 -20.82
C ILE A 74 0.23 8.96 -21.15
N SER A 75 0.61 8.90 -22.42
CA SER A 75 1.90 9.41 -22.85
C SER A 75 1.74 10.66 -23.69
N ILE A 76 2.34 11.77 -23.24
CA ILE A 76 2.23 13.02 -23.96
C ILE A 76 3.51 13.33 -24.73
N GLN A 77 3.35 13.97 -25.89
CA GLN A 77 4.49 14.33 -26.72
C GLN A 77 4.74 15.82 -26.62
N GLN A 78 5.99 16.22 -26.85
CA GLN A 78 6.34 17.63 -26.78
C GLN A 78 5.23 18.49 -27.39
N TYR A 79 4.27 18.86 -26.55
CA TYR A 79 3.15 19.69 -26.99
C TYR A 79 2.65 19.21 -28.36
N GLY A 80 2.75 17.92 -28.60
CA GLY A 80 2.31 17.35 -29.87
C GLY A 80 1.11 16.43 -29.69
N HIS A 81 1.32 15.16 -30.03
CA HIS A 81 0.25 14.16 -29.93
C HIS A 81 0.11 13.63 -28.50
N GLN A 82 -0.88 12.76 -28.31
CA GLN A 82 -1.13 12.16 -27.00
C GLN A 82 -1.68 10.75 -27.15
N GLU A 83 -1.39 9.89 -26.19
CA GLU A 83 -1.86 8.50 -26.24
C GLU A 83 -2.31 8.04 -24.85
N VAL A 84 -3.36 7.22 -24.80
CA VAL A 84 -3.85 6.73 -23.51
C VAL A 84 -3.98 5.21 -23.50
N THR A 85 -3.53 4.60 -22.40
CA THR A 85 -3.59 3.15 -22.24
C THR A 85 -4.35 2.79 -20.97
N ARG A 86 -5.15 1.73 -21.02
CA ARG A 86 -5.93 1.33 -19.85
C ARG A 86 -5.54 -0.06 -19.37
N PHE A 87 -5.44 -0.22 -18.05
CA PHE A 87 -5.09 -1.49 -17.43
C PHE A 87 -5.70 -1.58 -16.04
N ASP A 88 -5.76 -2.77 -15.47
CA ASP A 88 -6.34 -2.93 -14.14
C ASP A 88 -5.61 -4.02 -13.35
N PHE A 89 -5.61 -3.87 -12.03
CA PHE A 89 -4.94 -4.84 -11.17
C PHE A 89 -5.69 -5.00 -9.85
N THR A 90 -5.26 -5.97 -9.06
CA THR A 90 -5.87 -6.22 -7.75
C THR A 90 -4.85 -6.02 -6.64
N THR A 91 -5.31 -5.82 -5.41
CA THR A 91 -4.41 -5.63 -4.30
C THR A 91 -4.82 -6.49 -3.11
N THR A 92 -3.91 -7.34 -2.66
CA THR A 92 -4.17 -8.21 -1.52
C THR A 92 -3.06 -8.10 -0.49
N SER A 93 -3.30 -8.60 0.72
CA SER A 93 -2.27 -8.56 1.77
C SER A 93 -1.59 -9.92 1.89
N THR A 94 -0.26 -9.89 2.00
CA THR A 94 0.53 -11.12 2.11
C THR A 94 1.14 -11.28 3.49
N SER A 95 0.68 -10.47 4.46
CA SER A 95 1.22 -10.55 5.80
C SER A 95 0.85 -11.87 6.47
N THR A 96 1.75 -12.38 7.29
CA THR A 96 1.51 -13.64 7.99
C THR A 96 0.42 -13.47 9.03
N PRO A 97 -0.39 -14.49 9.26
CA PRO A 97 -1.48 -14.41 10.28
C PRO A 97 -0.95 -14.50 11.71
N VAL A 98 -0.32 -15.62 12.04
CA VAL A 98 0.24 -15.82 13.38
C VAL A 98 1.73 -16.11 13.34
N THR A 99 2.48 -15.44 14.20
CA THR A 99 3.93 -15.63 14.29
C THR A 99 4.32 -16.00 15.72
N SER A 100 5.23 -16.95 15.88
CA SER A 100 5.66 -17.37 17.22
C SER A 100 7.16 -17.20 17.38
N ASN A 101 7.57 -16.73 18.56
CA ASN A 101 8.98 -16.54 18.88
C ASN A 101 9.36 -17.33 20.13
N THR A 102 8.52 -18.31 20.48
CA THR A 102 8.75 -19.13 21.67
C THR A 102 8.84 -20.60 21.30
N VAL A 103 9.74 -21.32 21.98
CA VAL A 103 9.92 -22.75 21.74
C VAL A 103 9.41 -23.56 22.92
N THR A 104 8.69 -24.63 22.63
CA THR A 104 8.13 -25.48 23.69
C THR A 104 9.17 -26.49 24.18
N GLY A 105 8.91 -27.05 25.37
CA GLY A 105 9.82 -28.04 25.96
C GLY A 105 9.03 -29.15 26.65
N GLU A 106 9.74 -30.13 27.19
CA GLU A 106 9.08 -31.24 27.87
C GLU A 106 8.29 -30.74 29.07
N THR A 107 8.80 -29.70 29.73
CA THR A 107 8.13 -29.14 30.89
C THR A 107 8.90 -27.91 31.39
N THR A 108 8.91 -26.85 30.58
CA THR A 108 9.62 -25.62 30.94
C THR A 108 8.66 -24.42 30.86
N PRO A 109 7.77 -24.28 31.82
CA PRO A 109 6.79 -23.16 31.85
C PRO A 109 7.46 -21.78 31.96
N PHE A 110 8.74 -21.77 32.31
CA PHE A 110 9.46 -20.51 32.47
C PHE A 110 8.71 -19.59 33.42
N SER A 111 9.33 -18.45 33.76
CA SER A 111 8.70 -17.49 34.67
C SER A 111 7.45 -16.89 34.02
N PRO A 112 6.49 -16.48 34.81
CA PRO A 112 5.22 -15.87 34.28
C PRO A 112 5.49 -14.67 33.39
N LEU A 113 4.64 -14.49 32.38
CA LEU A 113 4.78 -13.38 31.45
C LEU A 113 4.77 -12.05 32.20
N VAL A 114 3.95 -11.97 33.25
CA VAL A 114 3.85 -10.75 34.03
C VAL A 114 5.15 -10.51 34.80
N ALA A 115 5.62 -9.26 34.77
CA ALA A 115 6.85 -8.87 35.45
C ALA A 115 6.56 -7.81 36.51
N THR A 116 6.52 -6.55 36.08
CA THR A 116 6.27 -5.45 36.99
C THR A 116 4.78 -5.31 37.27
N SER A 117 4.44 -4.46 38.24
CA SER A 117 3.05 -4.24 38.62
C SER A 117 2.29 -3.55 37.48
N GLU A 118 0.96 -3.60 37.57
CA GLU A 118 0.12 -3.00 36.54
C GLU A 118 0.44 -1.53 36.37
N SER A 119 0.37 -1.06 35.13
CA SER A 119 0.65 0.34 34.80
C SER A 119 -0.53 0.97 34.07
N VAL A 120 -0.61 2.30 34.10
CA VAL A 120 -1.69 3.02 33.43
C VAL A 120 -1.16 3.75 32.20
N THR A 121 -1.90 3.65 31.11
CA THR A 121 -1.51 4.29 29.85
C THR A 121 -2.56 5.29 29.39
N GLU A 122 -2.10 6.41 28.83
CA GLU A 122 -3.00 7.45 28.36
C GLU A 122 -3.97 6.89 27.33
N ILE A 123 -5.19 7.42 27.34
CA ILE A 123 -6.24 6.99 26.41
C ILE A 123 -6.68 5.55 26.75
N THR A 124 -5.75 4.75 27.28
CA THR A 124 -6.07 3.37 27.65
C THR A 124 -6.60 2.58 26.45
N ALA A 125 -6.72 3.23 25.30
CA ALA A 125 -7.20 2.58 24.09
C ALA A 125 -6.26 1.44 23.66
N SER A 126 -5.53 0.87 24.62
CA SER A 126 -4.61 -0.22 24.31
C SER A 126 -3.74 0.12 23.09
N SER A 127 -3.70 1.41 22.78
CA SER A 127 -2.90 1.89 21.65
C SER A 127 -1.46 1.43 21.77
N PHE A 128 -0.71 1.58 20.69
CA PHE A 128 0.69 1.19 20.67
C PHE A 128 1.54 2.29 20.06
N VAL A 129 2.76 2.46 20.55
CA VAL A 129 3.65 3.45 19.97
C VAL A 129 4.95 2.77 19.55
N VAL A 130 5.08 2.53 18.25
CA VAL A 130 6.26 1.86 17.74
C VAL A 130 7.09 2.80 16.86
N SER A 131 8.41 2.72 17.01
CA SER A 131 9.32 3.55 16.24
C SER A 131 10.37 2.69 15.58
N TRP A 132 10.90 3.15 14.45
CA TRP A 132 11.92 2.39 13.74
C TRP A 132 12.93 3.33 13.09
N VAL A 133 13.72 2.79 12.16
CA VAL A 133 14.74 3.59 11.48
C VAL A 133 14.54 3.53 9.97
N SER A 134 14.47 4.69 9.34
CA SER A 134 14.28 4.75 7.89
C SER A 134 15.42 4.02 7.18
N ALA A 135 15.57 2.73 7.51
CA ALA A 135 16.61 1.91 6.91
C ALA A 135 16.82 2.25 5.44
N SER A 136 16.47 3.47 5.05
CA SER A 136 16.63 3.88 3.66
C SER A 136 16.13 5.31 3.45
N ASP A 137 16.98 6.14 2.85
CA ASP A 137 16.62 7.53 2.59
C ASP A 137 15.87 7.64 1.26
N THR A 138 15.85 6.56 0.51
CA THR A 138 15.17 6.53 -0.78
C THR A 138 13.70 6.17 -0.59
N VAL A 139 13.31 5.95 0.66
CA VAL A 139 11.93 5.60 0.97
C VAL A 139 11.01 6.77 0.63
N SER A 140 9.88 6.46 0.01
CA SER A 140 8.91 7.50 -0.36
C SER A 140 7.85 7.63 0.71
N GLY A 141 7.77 6.62 1.56
CA GLY A 141 6.80 6.60 2.65
C GLY A 141 6.93 5.31 3.44
N PHE A 142 6.16 5.20 4.51
CA PHE A 142 6.22 3.99 5.33
C PHE A 142 4.84 3.38 5.44
N ARG A 143 4.80 2.06 5.63
CA ARG A 143 3.52 1.36 5.76
C ARG A 143 3.57 0.42 6.95
N VAL A 144 2.66 0.64 7.88
CA VAL A 144 2.59 -0.19 9.08
C VAL A 144 1.42 -1.16 9.00
N GLU A 145 1.68 -2.40 9.39
CA GLU A 145 0.65 -3.42 9.36
C GLU A 145 0.58 -4.13 10.71
N TYR A 146 -0.63 -4.23 11.25
CA TYR A 146 -0.82 -4.88 12.54
C TYR A 146 -2.07 -5.75 12.52
N GLU A 147 -1.94 -6.96 13.05
CA GLU A 147 -3.06 -7.89 13.09
C GLU A 147 -3.00 -8.72 14.37
N LEU A 148 -4.11 -9.32 14.75
CA LEU A 148 -4.14 -10.13 15.96
C LEU A 148 -3.36 -11.42 15.78
N SER A 149 -2.41 -11.65 16.66
CA SER A 149 -1.57 -12.85 16.60
C SER A 149 -2.37 -14.08 16.99
N GLU A 150 -3.59 -13.87 17.48
CA GLU A 150 -4.44 -14.97 17.91
C GLU A 150 -5.62 -15.17 16.96
N GLU A 151 -6.55 -14.23 16.98
CA GLU A 151 -7.73 -14.32 16.13
C GLU A 151 -7.36 -14.35 14.65
N GLY A 152 -6.31 -13.62 14.30
CA GLY A 152 -5.88 -13.58 12.90
C GLY A 152 -6.75 -12.63 12.09
N ASP A 153 -7.63 -11.92 12.78
CA ASP A 153 -8.52 -10.97 12.11
C ASP A 153 -7.88 -10.45 10.83
N GLU A 154 -8.50 -9.46 10.21
CA GLU A 154 -7.97 -8.87 8.99
C GLU A 154 -6.89 -7.85 9.33
N PRO A 155 -5.84 -7.85 8.57
CA PRO A 155 -4.70 -6.91 8.78
C PRO A 155 -5.06 -5.47 8.41
N GLN A 156 -4.50 -4.53 9.14
CA GLN A 156 -4.74 -3.12 8.88
C GLN A 156 -3.44 -2.46 8.46
N TYR A 157 -3.54 -1.47 7.56
CA TYR A 157 -2.34 -0.80 7.08
C TYR A 157 -2.43 0.70 7.31
N LEU A 158 -1.29 1.28 7.68
CA LEU A 158 -1.21 2.72 7.92
C LEU A 158 -0.05 3.28 7.12
N ASP A 159 -0.32 4.32 6.34
CA ASP A 159 0.72 4.91 5.51
C ASP A 159 1.26 6.20 6.13
N LEU A 160 2.58 6.29 6.19
CA LEU A 160 3.25 7.45 6.74
C LEU A 160 4.29 7.96 5.74
N PRO A 161 4.66 9.20 5.84
CA PRO A 161 5.66 9.82 4.94
C PRO A 161 7.07 9.29 5.17
N SER A 162 7.92 9.40 4.16
CA SER A 162 9.30 8.93 4.26
C SER A 162 10.03 9.62 5.41
N THR A 163 9.41 10.67 5.93
CA THR A 163 10.02 11.41 7.03
C THR A 163 9.53 10.88 8.38
N ALA A 164 8.54 10.00 8.33
CA ALA A 164 7.99 9.42 9.55
C ALA A 164 8.85 8.24 10.01
N THR A 165 9.13 8.19 11.31
CA THR A 165 9.94 7.10 11.85
C THR A 165 9.29 6.54 13.12
N SER A 166 8.02 6.84 13.31
CA SER A 166 7.29 6.36 14.48
C SER A 166 5.79 6.60 14.27
N VAL A 167 4.97 5.71 14.81
CA VAL A 167 3.53 5.86 14.67
C VAL A 167 2.78 5.22 15.83
N ASN A 168 1.61 5.77 16.13
CA ASN A 168 0.79 5.26 17.22
C ASN A 168 -0.42 4.51 16.65
N ILE A 169 -0.59 3.25 17.05
CA ILE A 169 -1.69 2.45 16.57
C ILE A 169 -2.83 2.41 17.58
N PRO A 170 -3.88 3.14 17.32
CA PRO A 170 -5.07 3.20 18.20
C PRO A 170 -6.11 2.15 17.85
N ASP A 171 -7.20 2.16 18.60
CA ASP A 171 -8.30 1.23 18.38
C ASP A 171 -7.85 -0.22 18.58
N LEU A 172 -6.91 -0.44 19.48
CA LEU A 172 -6.41 -1.79 19.74
C LEU A 172 -7.28 -2.48 20.78
N LEU A 173 -7.39 -3.80 20.67
CA LEU A 173 -8.21 -4.57 21.60
C LEU A 173 -7.38 -5.00 22.81
N PRO A 174 -7.73 -4.50 23.96
CA PRO A 174 -7.02 -4.82 25.23
C PRO A 174 -7.04 -6.32 25.53
N GLY A 175 -5.92 -6.83 26.03
CA GLY A 175 -5.83 -8.25 26.37
C GLY A 175 -5.63 -9.10 25.11
N ARG A 176 -5.15 -8.46 24.05
CA ARG A 176 -4.92 -9.16 22.79
C ARG A 176 -3.50 -8.93 22.30
N LYS A 177 -2.97 -9.93 21.58
CA LYS A 177 -1.62 -9.82 21.06
C LYS A 177 -1.67 -9.43 19.59
N TYR A 178 -0.88 -8.43 19.22
CA TYR A 178 -0.86 -7.98 17.84
C TYR A 178 0.54 -8.11 17.25
N ILE A 179 0.60 -8.36 15.95
CA ILE A 179 1.88 -8.46 15.26
C ILE A 179 2.07 -7.19 14.44
N VAL A 180 3.19 -6.52 14.66
CA VAL A 180 3.46 -5.28 13.95
C VAL A 180 4.66 -5.43 13.02
N ASN A 181 4.48 -4.97 11.78
CA ASN A 181 5.55 -5.03 10.80
C ASN A 181 5.62 -3.72 10.02
N VAL A 182 6.78 -3.08 10.06
CA VAL A 182 6.95 -1.80 9.38
C VAL A 182 7.67 -2.00 8.05
N TYR A 183 7.06 -1.52 6.98
CA TYR A 183 7.66 -1.64 5.65
C TYR A 183 7.93 -0.26 5.09
N GLN A 184 9.09 -0.08 4.47
CA GLN A 184 9.43 1.21 3.87
C GLN A 184 9.17 1.13 2.38
N ILE A 185 8.54 2.16 1.84
CA ILE A 185 8.22 2.19 0.42
C ILE A 185 9.23 3.02 -0.35
N SER A 186 9.86 2.39 -1.33
CA SER A 186 10.86 3.06 -2.14
C SER A 186 10.19 3.84 -3.26
N GLU A 187 10.98 4.67 -3.94
CA GLU A 187 10.45 5.48 -5.04
C GLU A 187 9.86 4.60 -6.14
N ASP A 188 10.18 3.30 -6.10
CA ASP A 188 9.67 2.37 -7.11
C ASP A 188 8.41 1.67 -6.60
N GLY A 189 8.04 1.93 -5.36
CA GLY A 189 6.85 1.32 -4.78
C GLY A 189 7.18 -0.04 -4.15
N GLU A 190 8.46 -0.30 -3.96
CA GLU A 190 8.89 -1.56 -3.36
C GLU A 190 8.86 -1.47 -1.84
N GLN A 191 8.39 -2.52 -1.18
CA GLN A 191 8.32 -2.53 0.28
C GLN A 191 9.40 -3.43 0.86
N SER A 192 9.99 -2.99 1.97
CA SER A 192 11.03 -3.77 2.62
C SER A 192 10.83 -3.78 4.13
N LEU A 193 10.80 -4.97 4.71
CA LEU A 193 10.60 -5.09 6.15
C LEU A 193 11.81 -4.54 6.90
N ILE A 194 11.59 -3.50 7.69
CA ILE A 194 12.67 -2.89 8.45
C ILE A 194 12.51 -3.17 9.93
N LEU A 195 11.29 -3.49 10.36
CA LEU A 195 11.04 -3.78 11.76
C LEU A 195 9.79 -4.65 11.95
N SER A 196 9.96 -5.77 12.64
CA SER A 196 8.85 -6.69 12.90
C SER A 196 8.87 -7.07 14.38
N THR A 197 7.77 -6.77 15.08
CA THR A 197 7.69 -7.09 16.50
C THR A 197 6.24 -7.25 16.95
N SER A 198 6.03 -8.06 17.97
CA SER A 198 4.68 -8.29 18.49
C SER A 198 4.53 -7.66 19.87
N GLN A 199 3.29 -7.41 20.26
CA GLN A 199 3.03 -6.80 21.56
C GLN A 199 1.72 -7.33 22.14
N THR A 200 1.59 -7.23 23.46
CA THR A 200 0.39 -7.70 24.13
C THR A 200 -0.24 -6.55 24.92
N THR A 201 -1.33 -6.00 24.39
CA THR A 201 -2.00 -4.89 25.04
C THR A 201 -2.22 -5.20 26.52
N SER A 1 -1.39 8.43 -31.43
CA SER A 1 -0.71 7.23 -31.99
C SER A 1 -1.44 5.97 -31.51
N GLY A 2 -0.67 4.95 -31.15
CA GLY A 2 -1.26 3.72 -30.66
C GLY A 2 -0.88 3.45 -29.21
N PRO A 3 -1.74 2.78 -28.51
CA PRO A 3 -1.54 2.44 -27.08
C PRO A 3 -0.10 2.15 -26.70
N VAL A 4 0.25 2.60 -25.51
CA VAL A 4 1.59 2.38 -24.97
C VAL A 4 1.66 0.97 -24.39
N GLU A 5 2.85 0.55 -23.97
CA GLU A 5 3.00 -0.79 -23.42
C GLU A 5 3.15 -0.76 -21.89
N VAL A 6 2.30 -1.52 -21.22
CA VAL A 6 2.33 -1.59 -19.75
C VAL A 6 2.16 -3.04 -19.29
N PHE A 7 2.86 -3.39 -18.20
CA PHE A 7 2.79 -4.74 -17.67
C PHE A 7 3.05 -4.76 -16.17
N ILE A 8 2.76 -5.90 -15.54
CA ILE A 8 2.97 -6.05 -14.10
C ILE A 8 4.16 -6.97 -13.83
N THR A 9 5.07 -6.53 -12.96
CA THR A 9 6.25 -7.33 -12.63
C THR A 9 6.59 -7.23 -11.13
N GLU A 10 7.39 -8.18 -10.66
CA GLU A 10 7.79 -8.19 -9.25
C GLU A 10 6.64 -7.71 -8.38
N THR A 11 5.42 -8.00 -8.83
CA THR A 11 4.23 -7.56 -8.10
C THR A 11 3.35 -8.73 -7.71
N PRO A 12 3.80 -9.56 -6.81
CA PRO A 12 3.01 -10.75 -6.35
C PRO A 12 1.71 -10.33 -5.66
N SER A 13 1.72 -9.16 -5.05
CA SER A 13 0.54 -8.65 -4.36
C SER A 13 0.95 -7.76 -3.18
N GLN A 14 0.43 -6.54 -3.17
CA GLN A 14 0.75 -5.61 -2.09
C GLN A 14 -0.53 -5.13 -1.41
N PRO A 15 -0.42 -4.66 -0.19
CA PRO A 15 -1.59 -4.16 0.59
C PRO A 15 -2.00 -2.73 0.25
N ASN A 16 -1.11 -1.79 0.53
CA ASN A 16 -1.41 -0.38 0.28
C ASN A 16 -0.61 0.17 -0.89
N SER A 17 0.48 -0.50 -1.26
CA SER A 17 1.30 -0.03 -2.37
C SER A 17 1.13 -0.92 -3.59
N HIS A 18 1.34 -0.33 -4.77
CA HIS A 18 1.21 -1.07 -6.02
C HIS A 18 2.05 -0.42 -7.12
N PRO A 19 3.18 -0.98 -7.42
CA PRO A 19 4.08 -0.45 -8.47
C PRO A 19 3.68 -0.89 -9.88
N ILE A 20 3.89 0.00 -10.86
CA ILE A 20 3.56 -0.30 -12.24
C ILE A 20 4.74 0.02 -13.14
N GLN A 21 4.68 -0.40 -14.40
CA GLN A 21 5.76 -0.12 -15.34
C GLN A 21 5.19 -0.02 -16.75
N TRP A 22 5.79 0.83 -17.58
CA TRP A 22 5.33 0.99 -18.95
C TRP A 22 6.49 1.17 -19.91
N ASN A 23 6.25 0.87 -21.18
CA ASN A 23 7.28 1.02 -22.20
C ASN A 23 6.74 1.84 -23.37
N ALA A 24 7.64 2.48 -24.11
CA ALA A 24 7.25 3.31 -25.24
C ALA A 24 8.11 2.99 -26.45
N PRO A 25 7.77 3.57 -27.57
CA PRO A 25 8.51 3.36 -28.85
C PRO A 25 10.01 3.60 -28.65
N GLN A 26 10.80 3.33 -29.70
CA GLN A 26 12.24 3.52 -29.61
C GLN A 26 12.59 4.98 -29.88
N PRO A 27 12.10 5.53 -30.96
CA PRO A 27 12.35 6.95 -31.33
C PRO A 27 11.73 7.91 -30.31
N SER A 28 12.32 9.10 -30.18
CA SER A 28 11.81 10.09 -29.23
C SER A 28 10.41 10.52 -29.62
N HIS A 29 9.60 9.54 -30.01
CA HIS A 29 8.23 9.81 -30.40
C HIS A 29 7.42 10.35 -29.23
N ILE A 30 7.64 9.75 -28.06
CA ILE A 30 6.92 10.17 -26.85
C ILE A 30 7.86 10.88 -25.88
N SER A 31 7.35 11.96 -25.28
CA SER A 31 8.15 12.74 -24.35
C SER A 31 7.69 12.53 -22.91
N LYS A 32 6.55 13.11 -22.57
CA LYS A 32 6.01 13.00 -21.22
C LYS A 32 5.13 11.76 -21.05
N TYR A 33 5.13 11.21 -19.83
CA TYR A 33 4.29 10.06 -19.51
C TYR A 33 3.37 10.41 -18.36
N ILE A 34 2.06 10.24 -18.55
CA ILE A 34 1.11 10.55 -17.50
C ILE A 34 0.33 9.31 -17.09
N LEU A 35 0.20 9.10 -15.79
CA LEU A 35 -0.53 7.94 -15.28
C LEU A 35 -1.72 8.36 -14.43
N ARG A 36 -2.88 7.80 -14.76
CA ARG A 36 -4.09 8.11 -14.00
C ARG A 36 -4.81 6.82 -13.62
N TRP A 37 -5.33 6.77 -12.39
CA TRP A 37 -6.00 5.56 -11.93
C TRP A 37 -7.17 5.87 -11.01
N ARG A 38 -8.04 4.89 -10.82
CA ARG A 38 -9.20 5.02 -9.95
C ARG A 38 -9.74 3.67 -9.54
N PRO A 39 -10.12 3.51 -8.30
CA PRO A 39 -10.67 2.22 -7.79
C PRO A 39 -11.96 1.83 -8.49
N LYS A 40 -11.94 0.72 -9.22
CA LYS A 40 -13.12 0.26 -9.93
C LYS A 40 -14.33 0.30 -9.01
N ASN A 41 -14.91 1.50 -8.85
CA ASN A 41 -16.07 1.66 -7.99
C ASN A 41 -16.86 2.93 -8.33
N SER A 42 -16.22 3.88 -9.00
CA SER A 42 -16.89 5.12 -9.36
C SER A 42 -16.20 5.78 -10.55
N VAL A 43 -16.93 6.64 -11.26
CA VAL A 43 -16.38 7.35 -12.41
C VAL A 43 -16.46 8.85 -12.19
N GLY A 44 -16.44 9.26 -10.93
CA GLY A 44 -16.53 10.68 -10.59
C GLY A 44 -15.15 11.32 -10.43
N ARG A 45 -14.51 11.03 -9.30
CA ARG A 45 -13.19 11.60 -9.02
C ARG A 45 -12.15 10.49 -8.88
N TRP A 46 -10.89 10.83 -9.20
CA TRP A 46 -9.81 9.87 -9.10
C TRP A 46 -8.44 10.54 -9.01
N LYS A 47 -7.37 9.74 -9.13
CA LYS A 47 -6.02 10.29 -9.01
C LYS A 47 -5.27 10.30 -10.34
N GLU A 48 -4.39 11.28 -10.47
CA GLU A 48 -3.56 11.43 -11.67
C GLU A 48 -2.15 11.84 -11.29
N ALA A 49 -1.20 11.55 -12.17
CA ALA A 49 0.20 11.90 -11.90
C ALA A 49 0.98 12.10 -13.20
N THR A 50 2.08 12.82 -13.08
CA THR A 50 2.95 13.08 -14.23
C THR A 50 4.31 12.43 -14.01
N ILE A 51 4.82 11.77 -15.04
CA ILE A 51 6.11 11.10 -14.93
C ILE A 51 7.07 11.54 -16.04
N PRO A 52 8.22 12.06 -15.67
CA PRO A 52 9.25 12.51 -16.66
C PRO A 52 9.49 11.48 -17.76
N GLY A 53 9.90 11.95 -18.93
CA GLY A 53 10.14 11.07 -20.08
C GLY A 53 11.26 10.06 -19.81
N HIS A 54 12.15 10.37 -18.87
CA HIS A 54 13.27 9.47 -18.59
C HIS A 54 12.86 8.33 -17.65
N LEU A 55 11.74 8.49 -16.96
CA LEU A 55 11.27 7.45 -16.05
C LEU A 55 10.33 6.50 -16.77
N ASN A 56 10.48 5.20 -16.51
CA ASN A 56 9.64 4.20 -17.15
C ASN A 56 8.86 3.37 -16.13
N SER A 57 8.82 3.83 -14.89
CA SER A 57 8.10 3.12 -13.84
C SER A 57 7.55 4.07 -12.79
N TYR A 58 6.36 3.76 -12.28
CA TYR A 58 5.72 4.62 -11.26
C TYR A 58 5.59 3.88 -9.95
N THR A 59 4.84 4.48 -9.04
CA THR A 59 4.61 3.89 -7.72
C THR A 59 3.26 4.34 -7.18
N ILE A 60 2.41 3.40 -6.80
CA ILE A 60 1.09 3.76 -6.28
C ILE A 60 0.95 3.35 -4.81
N LYS A 61 0.64 4.33 -3.97
CA LYS A 61 0.47 4.06 -2.54
C LYS A 61 -0.87 4.59 -2.06
N GLY A 62 -1.30 4.12 -0.90
CA GLY A 62 -2.57 4.55 -0.33
C GLY A 62 -3.72 3.70 -0.87
N LEU A 63 -3.38 2.54 -1.42
CA LEU A 63 -4.37 1.64 -1.98
C LEU A 63 -5.10 0.86 -0.89
N LYS A 64 -6.29 0.39 -1.23
CA LYS A 64 -7.09 -0.39 -0.29
C LYS A 64 -6.96 -1.89 -0.57
N PRO A 65 -6.75 -2.68 0.45
CA PRO A 65 -6.60 -4.15 0.30
C PRO A 65 -7.91 -4.81 -0.13
N GLY A 66 -7.81 -5.84 -0.97
CA GLY A 66 -8.98 -6.55 -1.44
C GLY A 66 -9.79 -5.68 -2.40
N VAL A 67 -9.12 -4.72 -3.04
CA VAL A 67 -9.80 -3.83 -3.97
C VAL A 67 -9.07 -3.81 -5.31
N VAL A 68 -9.77 -3.41 -6.35
CA VAL A 68 -9.17 -3.35 -7.68
C VAL A 68 -9.14 -1.92 -8.20
N TYR A 69 -8.04 -1.55 -8.86
CA TYR A 69 -7.89 -0.21 -9.40
C TYR A 69 -7.63 -0.26 -10.91
N GLU A 70 -8.29 0.62 -11.65
CA GLU A 70 -8.08 0.68 -13.09
C GLU A 70 -7.11 1.82 -13.39
N GLY A 71 -6.09 1.54 -14.18
CA GLY A 71 -5.10 2.57 -14.49
C GLY A 71 -5.00 2.83 -15.98
N GLN A 72 -4.58 4.04 -16.33
CA GLN A 72 -4.43 4.41 -17.73
C GLN A 72 -3.11 5.14 -17.91
N LEU A 73 -2.45 4.86 -19.02
CA LEU A 73 -1.18 5.52 -19.30
C LEU A 73 -1.29 6.39 -20.55
N ILE A 74 -1.06 7.69 -20.37
CA ILE A 74 -1.14 8.63 -21.49
C ILE A 74 0.23 9.19 -21.82
N SER A 75 0.61 9.11 -23.08
CA SER A 75 1.91 9.61 -23.51
C SER A 75 1.75 10.87 -24.37
N ILE A 76 2.35 11.96 -23.93
CA ILE A 76 2.24 13.22 -24.67
C ILE A 76 3.52 13.52 -25.43
N GLN A 77 3.37 14.14 -26.59
CA GLN A 77 4.52 14.49 -27.42
C GLN A 77 4.78 15.99 -27.34
N GLN A 78 6.02 16.38 -27.57
CA GLN A 78 6.38 17.80 -27.52
C GLN A 78 5.27 18.65 -28.12
N TYR A 79 4.31 19.04 -27.29
CA TYR A 79 3.19 19.85 -27.75
C TYR A 79 2.69 19.37 -29.11
N GLY A 80 2.80 18.07 -29.34
CA GLY A 80 2.36 17.50 -30.61
C GLY A 80 1.15 16.57 -30.43
N HIS A 81 1.35 15.30 -30.76
CA HIS A 81 0.28 14.32 -30.65
C HIS A 81 0.13 13.80 -29.22
N GLN A 82 -0.85 12.93 -29.01
CA GLN A 82 -1.11 12.34 -27.69
C GLN A 82 -1.66 10.94 -27.85
N GLU A 83 -1.37 10.07 -26.87
CA GLU A 83 -1.85 8.69 -26.91
C GLU A 83 -2.31 8.25 -25.52
N VAL A 84 -3.35 7.43 -25.46
CA VAL A 84 -3.86 6.95 -24.18
C VAL A 84 -3.98 5.42 -24.15
N THR A 85 -3.54 4.83 -23.04
CA THR A 85 -3.61 3.38 -22.87
C THR A 85 -4.37 3.03 -21.59
N ARG A 86 -5.18 1.97 -21.64
CA ARG A 86 -5.96 1.58 -20.47
C ARG A 86 -5.56 0.19 -19.97
N PHE A 87 -5.48 0.05 -18.65
CA PHE A 87 -5.13 -1.21 -18.02
C PHE A 87 -5.75 -1.28 -16.63
N ASP A 88 -5.81 -2.48 -16.06
CA ASP A 88 -6.38 -2.62 -14.72
C ASP A 88 -5.65 -3.71 -13.93
N PHE A 89 -5.66 -3.55 -12.61
CA PHE A 89 -5.01 -4.51 -11.73
C PHE A 89 -5.76 -4.65 -10.41
N THR A 90 -5.33 -5.61 -9.61
CA THR A 90 -5.95 -5.85 -8.31
C THR A 90 -4.93 -5.65 -7.20
N THR A 91 -5.40 -5.44 -5.97
CA THR A 91 -4.49 -5.24 -4.85
C THR A 91 -4.91 -6.08 -3.65
N THR A 92 -4.00 -6.94 -3.20
CA THR A 92 -4.27 -7.81 -2.05
C THR A 92 -3.17 -7.68 -1.00
N SER A 93 -3.46 -8.13 0.22
CA SER A 93 -2.48 -8.10 1.30
C SER A 93 -2.10 -9.52 1.71
N THR A 94 -0.80 -9.76 1.90
CA THR A 94 -0.32 -11.09 2.29
C THR A 94 0.83 -10.97 3.29
N SER A 95 1.08 -12.05 4.02
CA SER A 95 2.17 -12.08 5.00
C SER A 95 3.11 -13.24 4.69
N THR A 96 4.37 -13.11 5.05
CA THR A 96 5.36 -14.16 4.79
C THR A 96 6.51 -14.08 5.80
N PRO A 97 6.94 -15.20 6.35
CA PRO A 97 8.07 -15.21 7.33
C PRO A 97 9.35 -14.67 6.70
N VAL A 98 10.17 -14.00 7.50
CA VAL A 98 11.42 -13.44 6.99
C VAL A 98 12.32 -14.55 6.44
N THR A 99 12.38 -15.66 7.15
CA THR A 99 13.18 -16.82 6.73
C THR A 99 14.62 -16.44 6.35
N SER A 100 14.95 -15.15 6.40
CA SER A 100 16.30 -14.73 6.05
C SER A 100 17.34 -15.33 6.99
N ASN A 101 18.55 -15.50 6.49
CA ASN A 101 19.64 -16.06 7.29
C ASN A 101 19.86 -15.23 8.55
N THR A 102 19.66 -13.92 8.43
CA THR A 102 19.86 -13.00 9.55
C THR A 102 18.57 -12.23 9.85
N VAL A 103 18.53 -11.61 11.02
CA VAL A 103 17.36 -10.84 11.44
C VAL A 103 17.65 -9.34 11.36
N THR A 104 18.71 -9.00 10.61
CA THR A 104 19.11 -7.61 10.42
C THR A 104 19.41 -7.34 8.95
N GLY A 105 19.37 -6.06 8.57
CA GLY A 105 19.63 -5.70 7.18
C GLY A 105 21.07 -6.04 6.80
N GLU A 106 21.23 -6.60 5.60
CA GLU A 106 22.55 -6.98 5.10
C GLU A 106 23.47 -5.76 5.02
N THR A 107 22.88 -4.61 4.69
CA THR A 107 23.67 -3.38 4.57
C THR A 107 23.85 -2.71 5.93
N THR A 108 24.85 -1.82 6.01
CA THR A 108 25.13 -1.11 7.24
C THR A 108 24.05 -0.05 7.50
N PRO A 109 23.58 0.12 8.72
CA PRO A 109 22.54 1.14 9.03
C PRO A 109 22.96 2.53 8.53
N PHE A 110 21.98 3.32 8.07
CA PHE A 110 22.27 4.66 7.57
C PHE A 110 22.24 5.69 8.69
N SER A 111 21.92 5.25 9.90
CA SER A 111 21.86 6.14 11.06
C SER A 111 20.91 7.31 10.78
N PRO A 112 20.01 7.62 11.70
CA PRO A 112 19.05 8.74 11.49
C PRO A 112 19.75 10.07 11.25
N LEU A 113 19.18 10.89 10.37
CA LEU A 113 19.77 12.19 10.06
C LEU A 113 19.86 13.05 11.31
N VAL A 114 18.87 12.93 12.19
CA VAL A 114 18.84 13.70 13.43
C VAL A 114 18.50 12.81 14.62
N ALA A 115 19.14 13.08 15.76
CA ALA A 115 18.89 12.30 16.96
C ALA A 115 17.46 12.54 17.46
N THR A 116 16.85 11.50 18.04
CA THR A 116 15.48 11.60 18.55
C THR A 116 15.43 11.29 20.03
N SER A 117 14.36 11.73 20.69
CA SER A 117 14.17 11.51 22.12
C SER A 117 12.87 10.76 22.38
N GLU A 118 12.88 9.90 23.39
CA GLU A 118 11.68 9.12 23.74
C GLU A 118 11.00 9.69 24.97
N SER A 119 9.68 9.57 25.04
CA SER A 119 8.91 10.08 26.16
C SER A 119 9.37 9.45 27.47
N VAL A 120 9.75 8.17 27.41
CA VAL A 120 10.19 7.45 28.60
C VAL A 120 9.18 7.58 29.74
N THR A 121 9.13 6.57 30.60
CA THR A 121 8.20 6.57 31.73
C THR A 121 6.81 7.05 31.29
N GLU A 122 6.39 6.58 30.11
CA GLU A 122 5.08 6.96 29.58
C GLU A 122 4.09 5.81 29.71
N ILE A 123 2.85 6.14 30.06
CA ILE A 123 1.80 5.13 30.22
C ILE A 123 0.71 5.37 29.19
N THR A 124 0.26 4.29 28.54
CA THR A 124 -0.78 4.40 27.52
C THR A 124 -1.85 3.31 27.70
N ALA A 125 -3.02 3.56 27.13
CA ALA A 125 -4.12 2.60 27.23
C ALA A 125 -3.86 1.40 26.33
N SER A 126 -4.92 0.82 25.78
CA SER A 126 -4.79 -0.34 24.90
C SER A 126 -3.91 0.00 23.71
N SER A 127 -3.91 1.27 23.33
CA SER A 127 -3.11 1.73 22.20
C SER A 127 -1.65 1.32 22.37
N PHE A 128 -0.90 1.46 21.29
CA PHE A 128 0.52 1.12 21.30
C PHE A 128 1.34 2.21 20.65
N VAL A 129 2.55 2.44 21.15
CA VAL A 129 3.41 3.44 20.55
C VAL A 129 4.73 2.79 20.18
N VAL A 130 4.89 2.50 18.90
CA VAL A 130 6.11 1.84 18.42
C VAL A 130 6.91 2.78 17.53
N SER A 131 8.23 2.75 17.70
CA SER A 131 9.12 3.58 16.90
C SER A 131 10.22 2.72 16.29
N TRP A 132 10.75 3.16 15.15
CA TRP A 132 11.80 2.41 14.48
C TRP A 132 12.80 3.35 13.81
N VAL A 133 13.62 2.80 12.92
CA VAL A 133 14.62 3.60 12.22
C VAL A 133 14.45 3.48 10.71
N SER A 134 14.34 4.61 10.03
CA SER A 134 14.18 4.62 8.58
C SER A 134 15.36 3.89 7.93
N ALA A 135 15.53 2.63 8.29
CA ALA A 135 16.61 1.82 7.75
C ALA A 135 16.83 2.11 6.26
N SER A 136 16.45 3.30 5.82
CA SER A 136 16.61 3.66 4.42
C SER A 136 16.08 5.06 4.16
N ASP A 137 16.90 5.89 3.52
CA ASP A 137 16.50 7.26 3.21
C ASP A 137 15.77 7.30 1.87
N THR A 138 15.80 6.18 1.16
CA THR A 138 15.15 6.09 -0.14
C THR A 138 13.69 5.69 0.04
N VAL A 139 13.28 5.50 1.30
CA VAL A 139 11.91 5.11 1.60
C VAL A 139 10.96 6.24 1.21
N SER A 140 9.84 5.88 0.58
CA SER A 140 8.86 6.87 0.16
C SER A 140 7.76 7.01 1.21
N GLY A 141 7.71 6.02 2.10
CA GLY A 141 6.72 6.02 3.16
C GLY A 141 6.88 4.77 4.01
N PHE A 142 6.11 4.66 5.07
CA PHE A 142 6.18 3.50 5.95
C PHE A 142 4.82 2.84 6.06
N ARG A 143 4.82 1.53 6.30
CA ARG A 143 3.57 0.80 6.44
C ARG A 143 3.63 -0.09 7.67
N VAL A 144 2.70 0.14 8.57
CA VAL A 144 2.64 -0.65 9.80
C VAL A 144 1.51 -1.66 9.75
N GLU A 145 1.79 -2.88 10.18
CA GLU A 145 0.79 -3.93 10.19
C GLU A 145 0.72 -4.59 11.55
N TYR A 146 -0.48 -4.71 12.08
CA TYR A 146 -0.67 -5.32 13.39
C TYR A 146 -1.90 -6.22 13.38
N GLU A 147 -1.75 -7.41 13.96
CA GLU A 147 -2.83 -8.37 14.03
C GLU A 147 -2.76 -9.14 15.35
N LEU A 148 -3.86 -9.77 15.73
CA LEU A 148 -3.88 -10.52 16.98
C LEU A 148 -3.06 -11.81 16.84
N SER A 149 -2.11 -11.97 17.75
CA SER A 149 -1.24 -13.14 17.75
C SER A 149 -2.01 -14.38 18.18
N GLU A 150 -3.24 -14.19 18.64
CA GLU A 150 -4.06 -15.31 19.10
C GLU A 150 -5.21 -15.59 18.14
N GLU A 151 -6.17 -14.67 18.12
CA GLU A 151 -7.35 -14.82 17.25
C GLU A 151 -6.95 -14.90 15.78
N GLY A 152 -5.92 -14.15 15.41
CA GLY A 152 -5.46 -14.14 14.02
C GLY A 152 -6.35 -13.27 13.16
N ASP A 153 -7.26 -12.54 13.80
CA ASP A 153 -8.18 -11.66 13.08
C ASP A 153 -7.53 -11.17 11.80
N GLU A 154 -8.18 -10.22 11.14
CA GLU A 154 -7.64 -9.67 9.90
C GLU A 154 -6.61 -8.60 10.20
N PRO A 155 -5.54 -8.59 9.47
CA PRO A 155 -4.43 -7.61 9.66
C PRO A 155 -4.83 -6.21 9.23
N GLN A 156 -4.31 -5.21 9.94
CA GLN A 156 -4.61 -3.82 9.61
C GLN A 156 -3.32 -3.13 9.17
N TYR A 157 -3.43 -2.20 8.24
CA TYR A 157 -2.25 -1.50 7.76
C TYR A 157 -2.38 0.01 7.93
N LEU A 158 -1.28 0.64 8.30
CA LEU A 158 -1.24 2.08 8.48
C LEU A 158 -0.08 2.66 7.67
N ASP A 159 -0.37 3.65 6.85
CA ASP A 159 0.66 4.25 6.02
C ASP A 159 1.14 5.57 6.58
N LEU A 160 2.47 5.70 6.66
CA LEU A 160 3.09 6.91 7.18
C LEU A 160 4.13 7.41 6.17
N PRO A 161 4.45 8.68 6.23
CA PRO A 161 5.45 9.29 5.31
C PRO A 161 6.87 8.81 5.59
N SER A 162 7.73 8.92 4.59
CA SER A 162 9.12 8.48 4.72
C SER A 162 9.81 9.24 5.85
N THR A 163 9.16 10.30 6.33
CA THR A 163 9.72 11.10 7.41
C THR A 163 9.23 10.61 8.76
N ALA A 164 8.27 9.69 8.75
CA ALA A 164 7.72 9.14 9.98
C ALA A 164 8.61 8.01 10.49
N THR A 165 8.87 8.02 11.80
CA THR A 165 9.70 6.98 12.40
C THR A 165 9.06 6.43 13.67
N SER A 166 7.77 6.71 13.83
CA SER A 166 7.03 6.25 15.00
C SER A 166 5.54 6.43 14.77
N VAL A 167 4.74 5.54 15.33
CA VAL A 167 3.29 5.63 15.16
C VAL A 167 2.55 5.01 16.34
N ASN A 168 1.36 5.53 16.61
CA ASN A 168 0.53 5.04 17.69
C ASN A 168 -0.64 4.23 17.14
N ILE A 169 -0.77 2.99 17.59
CA ILE A 169 -1.85 2.13 17.12
C ILE A 169 -3.00 2.10 18.12
N PRO A 170 -4.07 2.77 17.82
CA PRO A 170 -5.26 2.84 18.68
C PRO A 170 -6.27 1.74 18.35
N ASP A 171 -7.37 1.74 19.09
CA ASP A 171 -8.44 0.76 18.89
C ASP A 171 -7.94 -0.66 19.14
N LEU A 172 -7.01 -0.81 20.07
CA LEU A 172 -6.47 -2.13 20.39
C LEU A 172 -7.34 -2.81 21.44
N LEU A 173 -7.41 -4.14 21.38
CA LEU A 173 -8.21 -4.90 22.32
C LEU A 173 -7.39 -5.24 23.56
N PRO A 174 -7.78 -4.72 24.69
CA PRO A 174 -7.08 -4.97 25.98
C PRO A 174 -7.05 -6.46 26.34
N GLY A 175 -5.92 -6.91 26.88
CA GLY A 175 -5.79 -8.31 27.27
C GLY A 175 -5.54 -9.20 26.05
N ARG A 176 -5.07 -8.59 24.97
CA ARG A 176 -4.80 -9.33 23.74
C ARG A 176 -3.38 -9.08 23.27
N LYS A 177 -2.80 -10.08 22.60
CA LYS A 177 -1.45 -9.95 22.09
C LYS A 177 -1.49 -9.61 20.60
N TYR A 178 -0.73 -8.61 20.21
CA TYR A 178 -0.70 -8.20 18.81
C TYR A 178 0.72 -8.31 18.25
N ILE A 179 0.80 -8.61 16.96
CA ILE A 179 2.09 -8.70 16.29
C ILE A 179 2.26 -7.46 15.43
N VAL A 180 3.35 -6.74 15.63
CA VAL A 180 3.60 -5.52 14.88
C VAL A 180 4.81 -5.67 13.97
N ASN A 181 4.64 -5.26 12.71
CA ASN A 181 5.72 -5.33 11.74
C ASN A 181 5.76 -4.04 10.93
N VAL A 182 6.89 -3.36 10.95
CA VAL A 182 7.03 -2.11 10.21
C VAL A 182 7.78 -2.33 8.92
N TYR A 183 7.18 -1.92 7.82
CA TYR A 183 7.80 -2.07 6.51
C TYR A 183 8.04 -0.69 5.89
N GLN A 184 9.20 -0.52 5.27
CA GLN A 184 9.50 0.76 4.64
C GLN A 184 9.27 0.63 3.14
N ILE A 185 8.61 1.61 2.56
CA ILE A 185 8.31 1.57 1.13
C ILE A 185 9.31 2.40 0.35
N SER A 186 9.98 1.76 -0.60
CA SER A 186 10.96 2.43 -1.42
C SER A 186 10.29 3.14 -2.58
N GLU A 187 11.05 3.97 -3.29
CA GLU A 187 10.53 4.72 -4.42
C GLU A 187 9.99 3.78 -5.49
N ASP A 188 10.34 2.50 -5.39
CA ASP A 188 9.87 1.51 -6.37
C ASP A 188 8.63 0.79 -5.87
N GLY A 189 8.24 1.09 -4.63
CA GLY A 189 7.05 0.46 -4.05
C GLY A 189 7.41 -0.86 -3.36
N GLU A 190 8.71 -1.08 -3.14
CA GLU A 190 9.16 -2.29 -2.48
C GLU A 190 9.10 -2.14 -0.97
N GLN A 191 8.66 -3.18 -0.28
CA GLN A 191 8.56 -3.15 1.17
C GLN A 191 9.66 -3.99 1.81
N SER A 192 10.22 -3.49 2.90
CA SER A 192 11.29 -4.20 3.61
C SER A 192 11.05 -4.16 5.10
N LEU A 193 11.06 -5.33 5.74
CA LEU A 193 10.84 -5.40 7.17
C LEU A 193 12.02 -4.79 7.92
N ILE A 194 11.75 -3.72 8.66
CA ILE A 194 12.80 -3.04 9.42
C ILE A 194 12.62 -3.28 10.91
N LEU A 195 11.41 -3.63 11.32
CA LEU A 195 11.15 -3.87 12.74
C LEU A 195 9.93 -4.77 12.94
N SER A 196 10.12 -5.85 13.67
CA SER A 196 9.05 -6.79 13.96
C SER A 196 9.04 -7.13 15.45
N THR A 197 7.93 -6.83 16.12
CA THR A 197 7.84 -7.09 17.56
C THR A 197 6.38 -7.28 17.98
N SER A 198 6.19 -8.06 19.04
CA SER A 198 4.84 -8.32 19.54
C SER A 198 4.64 -7.63 20.90
N GLN A 199 3.39 -7.41 21.26
CA GLN A 199 3.09 -6.77 22.53
C GLN A 199 1.79 -7.32 23.11
N THR A 200 1.64 -7.17 24.43
CA THR A 200 0.44 -7.64 25.10
C THR A 200 -0.23 -6.49 25.83
N THR A 201 -1.33 -6.00 25.26
CA THR A 201 -2.06 -4.89 25.86
C THR A 201 -2.28 -5.14 27.35
N SER A 1 -1.31 8.11 -30.81
CA SER A 1 -0.58 6.94 -31.36
C SER A 1 -1.26 5.66 -30.89
N GLY A 2 -0.46 4.67 -30.51
CA GLY A 2 -1.01 3.40 -30.05
C GLY A 2 -0.65 3.15 -28.59
N PRO A 3 -1.49 2.44 -27.90
CA PRO A 3 -1.31 2.11 -26.46
C PRO A 3 0.13 1.87 -26.06
N VAL A 4 0.45 2.33 -24.87
CA VAL A 4 1.78 2.17 -24.29
C VAL A 4 1.90 0.76 -23.72
N GLU A 5 3.09 0.38 -23.28
CA GLU A 5 3.28 -0.95 -22.73
C GLU A 5 3.41 -0.92 -21.20
N VAL A 6 2.57 -1.72 -20.54
CA VAL A 6 2.57 -1.78 -19.08
C VAL A 6 2.46 -3.24 -18.62
N PHE A 7 3.14 -3.56 -17.53
CA PHE A 7 3.12 -4.93 -16.99
C PHE A 7 3.34 -4.93 -15.48
N ILE A 8 3.10 -6.09 -14.86
CA ILE A 8 3.28 -6.23 -13.42
C ILE A 8 4.50 -7.11 -13.14
N THR A 9 5.38 -6.63 -12.24
CA THR A 9 6.57 -7.39 -11.88
C THR A 9 6.88 -7.27 -10.40
N GLU A 10 7.72 -8.19 -9.89
CA GLU A 10 8.09 -8.20 -8.48
C GLU A 10 6.90 -7.76 -7.64
N THR A 11 5.71 -8.09 -8.11
CA THR A 11 4.49 -7.70 -7.40
C THR A 11 3.64 -8.91 -7.04
N PRO A 12 4.10 -9.73 -6.13
CA PRO A 12 3.35 -10.94 -5.68
C PRO A 12 2.03 -10.58 -5.02
N SER A 13 1.98 -9.40 -4.40
CA SER A 13 0.77 -8.95 -3.73
C SER A 13 1.12 -8.05 -2.55
N GLN A 14 0.55 -6.85 -2.54
CA GLN A 14 0.81 -5.92 -1.45
C GLN A 14 -0.49 -5.48 -0.79
N PRO A 15 -0.43 -5.01 0.42
CA PRO A 15 -1.63 -4.57 1.19
C PRO A 15 -2.08 -3.15 0.84
N ASN A 16 -1.24 -2.17 1.14
CA ASN A 16 -1.59 -0.78 0.88
C ASN A 16 -0.80 -0.19 -0.28
N SER A 17 0.33 -0.81 -0.62
CA SER A 17 1.15 -0.31 -1.71
C SER A 17 1.04 -1.20 -2.95
N HIS A 18 1.24 -0.60 -4.11
CA HIS A 18 1.17 -1.35 -5.36
C HIS A 18 2.00 -0.66 -6.45
N PRO A 19 3.17 -1.17 -6.74
CA PRO A 19 4.07 -0.61 -7.76
C PRO A 19 3.70 -1.05 -9.18
N ILE A 20 3.90 -0.16 -10.15
CA ILE A 20 3.60 -0.47 -11.55
C ILE A 20 4.79 -0.09 -12.42
N GLN A 21 4.78 -0.53 -13.68
CA GLN A 21 5.86 -0.19 -14.60
C GLN A 21 5.31 -0.11 -16.02
N TRP A 22 5.90 0.76 -16.83
CA TRP A 22 5.45 0.91 -18.22
C TRP A 22 6.63 1.14 -19.16
N ASN A 23 6.42 0.82 -20.43
CA ASN A 23 7.46 1.02 -21.43
C ASN A 23 6.91 1.82 -22.61
N ALA A 24 7.80 2.49 -23.32
CA ALA A 24 7.40 3.31 -24.46
C ALA A 24 8.29 3.03 -25.66
N PRO A 25 7.95 3.60 -26.79
CA PRO A 25 8.73 3.43 -28.05
C PRO A 25 10.22 3.72 -27.83
N GLN A 26 11.03 3.48 -28.85
CA GLN A 26 12.46 3.73 -28.74
C GLN A 26 12.76 5.21 -29.00
N PRO A 27 12.27 5.74 -30.08
CA PRO A 27 12.47 7.17 -30.44
C PRO A 27 11.80 8.10 -29.43
N SER A 28 12.33 9.32 -29.29
CA SER A 28 11.77 10.27 -28.35
C SER A 28 10.36 10.65 -28.76
N HIS A 29 9.60 9.65 -29.17
CA HIS A 29 8.22 9.86 -29.59
C HIS A 29 7.37 10.36 -28.44
N ILE A 30 7.60 9.78 -27.26
CA ILE A 30 6.84 10.17 -26.06
C ILE A 30 7.72 10.90 -25.07
N SER A 31 7.17 11.96 -24.49
CA SER A 31 7.92 12.76 -23.53
C SER A 31 7.45 12.54 -22.11
N LYS A 32 6.27 13.08 -21.79
CA LYS A 32 5.71 12.93 -20.44
C LYS A 32 4.88 11.67 -20.29
N TYR A 33 4.87 11.11 -19.07
CA TYR A 33 4.08 9.93 -18.79
C TYR A 33 3.11 10.24 -17.64
N ILE A 34 1.83 10.03 -17.86
CA ILE A 34 0.84 10.30 -16.82
C ILE A 34 0.11 9.02 -16.43
N LEU A 35 -0.05 8.81 -15.12
CA LEU A 35 -0.74 7.62 -14.63
C LEU A 35 -1.96 7.98 -13.81
N ARG A 36 -3.09 7.39 -14.17
CA ARG A 36 -4.33 7.64 -13.43
C ARG A 36 -5.01 6.33 -13.08
N TRP A 37 -5.54 6.25 -11.85
CA TRP A 37 -6.18 5.01 -11.41
C TRP A 37 -7.38 5.28 -10.50
N ARG A 38 -8.21 4.25 -10.34
CA ARG A 38 -9.39 4.35 -9.49
C ARG A 38 -9.88 2.97 -9.09
N PRO A 39 -10.29 2.80 -7.86
CA PRO A 39 -10.79 1.48 -7.36
C PRO A 39 -12.06 1.04 -8.08
N LYS A 40 -11.97 -0.06 -8.81
CA LYS A 40 -13.12 -0.56 -9.55
C LYS A 40 -14.35 -0.57 -8.65
N ASN A 41 -14.98 0.60 -8.51
CA ASN A 41 -16.16 0.71 -7.66
C ASN A 41 -17.00 1.96 -8.01
N SER A 42 -16.37 2.93 -8.67
CA SER A 42 -17.10 4.15 -9.04
C SER A 42 -16.40 4.85 -10.22
N VAL A 43 -17.16 5.67 -10.93
CA VAL A 43 -16.61 6.40 -12.08
C VAL A 43 -16.75 7.89 -11.86
N GLY A 44 -16.77 8.31 -10.59
CA GLY A 44 -16.93 9.72 -10.26
C GLY A 44 -15.58 10.40 -10.07
N ARG A 45 -14.94 10.15 -8.92
CA ARG A 45 -13.65 10.76 -8.62
C ARG A 45 -12.57 9.70 -8.47
N TRP A 46 -11.32 10.08 -8.76
CA TRP A 46 -10.20 9.16 -8.63
C TRP A 46 -8.87 9.89 -8.52
N LYS A 47 -7.76 9.14 -8.62
CA LYS A 47 -6.43 9.74 -8.48
C LYS A 47 -5.67 9.78 -9.79
N GLU A 48 -4.82 10.79 -9.90
CA GLU A 48 -3.98 10.96 -11.08
C GLU A 48 -2.59 11.45 -10.68
N ALA A 49 -1.61 11.19 -11.54
CA ALA A 49 -0.24 11.59 -11.25
C ALA A 49 0.57 11.82 -12.52
N THR A 50 1.64 12.60 -12.39
CA THR A 50 2.52 12.88 -13.53
C THR A 50 3.90 12.29 -13.27
N ILE A 51 4.46 11.65 -14.30
CA ILE A 51 5.76 11.03 -14.17
C ILE A 51 6.73 11.51 -15.25
N PRO A 52 7.85 12.07 -14.87
CA PRO A 52 8.88 12.56 -15.83
C PRO A 52 9.18 11.54 -16.92
N GLY A 53 9.58 12.04 -18.09
CA GLY A 53 9.89 11.17 -19.22
C GLY A 53 11.05 10.21 -18.94
N HIS A 54 11.91 10.54 -17.98
CA HIS A 54 13.05 9.69 -17.69
C HIS A 54 12.67 8.54 -16.75
N LEU A 55 11.53 8.65 -16.09
CA LEU A 55 11.08 7.59 -15.18
C LEU A 55 10.19 6.60 -15.93
N ASN A 56 10.38 5.31 -15.66
CA ASN A 56 9.59 4.27 -16.33
C ASN A 56 8.83 3.42 -15.32
N SER A 57 8.75 3.87 -14.08
CA SER A 57 8.04 3.12 -13.05
C SER A 57 7.44 4.06 -12.01
N TYR A 58 6.24 3.71 -11.52
CA TYR A 58 5.56 4.52 -10.52
C TYR A 58 5.44 3.78 -9.20
N THR A 59 4.64 4.34 -8.30
CA THR A 59 4.41 3.75 -7.00
C THR A 59 3.04 4.15 -6.48
N ILE A 60 2.21 3.17 -6.12
CA ILE A 60 0.87 3.47 -5.62
C ILE A 60 0.72 3.05 -4.17
N LYS A 61 0.36 4.02 -3.31
CA LYS A 61 0.17 3.75 -1.90
C LYS A 61 -1.20 4.21 -1.44
N GLY A 62 -1.63 3.73 -0.28
CA GLY A 62 -2.94 4.10 0.26
C GLY A 62 -4.04 3.22 -0.32
N LEU A 63 -3.63 2.07 -0.85
CA LEU A 63 -4.58 1.14 -1.43
C LEU A 63 -5.30 0.32 -0.36
N LYS A 64 -6.47 -0.19 -0.72
CA LYS A 64 -7.26 -1.00 0.20
C LYS A 64 -7.06 -2.49 -0.08
N PRO A 65 -6.84 -3.28 0.94
CA PRO A 65 -6.64 -4.75 0.79
C PRO A 65 -7.92 -5.45 0.34
N GLY A 66 -7.75 -6.47 -0.51
CA GLY A 66 -8.89 -7.22 -1.00
C GLY A 66 -9.72 -6.39 -1.97
N VAL A 67 -9.07 -5.41 -2.59
CA VAL A 67 -9.75 -4.54 -3.53
C VAL A 67 -9.00 -4.49 -4.86
N VAL A 68 -9.70 -4.10 -5.93
CA VAL A 68 -9.08 -4.03 -7.24
C VAL A 68 -9.09 -2.59 -7.75
N TYR A 69 -8.00 -2.19 -8.39
CA TYR A 69 -7.89 -0.83 -8.92
C TYR A 69 -7.60 -0.87 -10.42
N GLU A 70 -8.28 -0.02 -11.19
CA GLU A 70 -8.04 0.05 -12.62
C GLU A 70 -7.11 1.23 -12.89
N GLY A 71 -6.07 1.01 -13.66
CA GLY A 71 -5.11 2.07 -13.95
C GLY A 71 -4.99 2.34 -15.45
N GLN A 72 -4.62 3.56 -15.79
CA GLN A 72 -4.45 3.95 -17.17
C GLN A 72 -3.16 4.73 -17.34
N LEU A 73 -2.47 4.49 -18.43
CA LEU A 73 -1.21 5.18 -18.68
C LEU A 73 -1.33 6.05 -19.93
N ILE A 74 -1.16 7.35 -19.75
CA ILE A 74 -1.26 8.29 -20.86
C ILE A 74 0.10 8.90 -21.16
N SER A 75 0.50 8.85 -22.42
CA SER A 75 1.79 9.40 -22.83
C SER A 75 1.60 10.65 -23.68
N ILE A 76 2.14 11.77 -23.23
CA ILE A 76 2.00 13.03 -23.97
C ILE A 76 3.29 13.38 -24.70
N GLN A 77 3.14 14.00 -25.87
CA GLN A 77 4.28 14.38 -26.67
C GLN A 77 4.48 15.89 -26.59
N GLN A 78 5.71 16.34 -26.79
CA GLN A 78 6.01 17.76 -26.73
C GLN A 78 4.89 18.57 -27.36
N TYR A 79 3.89 18.92 -26.54
CA TYR A 79 2.75 19.70 -27.01
C TYR A 79 2.31 19.20 -28.39
N GLY A 80 2.45 17.90 -28.63
CA GLY A 80 2.07 17.32 -29.90
C GLY A 80 0.90 16.35 -29.74
N HIS A 81 1.15 15.08 -30.06
CA HIS A 81 0.11 14.06 -29.98
C HIS A 81 -0.04 13.54 -28.55
N GLN A 82 -1.00 12.63 -28.37
CA GLN A 82 -1.25 12.03 -27.07
C GLN A 82 -1.75 10.59 -27.22
N GLU A 83 -1.44 9.74 -26.24
CA GLU A 83 -1.87 8.35 -26.29
C GLU A 83 -2.33 7.87 -24.91
N VAL A 84 -3.35 7.01 -24.87
CA VAL A 84 -3.86 6.52 -23.61
C VAL A 84 -3.92 4.99 -23.58
N THR A 85 -3.49 4.41 -22.47
CA THR A 85 -3.48 2.96 -22.30
C THR A 85 -4.26 2.58 -21.04
N ARG A 86 -5.03 1.49 -21.10
CA ARG A 86 -5.81 1.06 -19.95
C ARG A 86 -5.37 -0.31 -19.44
N PHE A 87 -5.30 -0.45 -18.12
CA PHE A 87 -4.92 -1.70 -17.50
C PHE A 87 -5.57 -1.80 -16.12
N ASP A 88 -5.58 -3.00 -15.54
CA ASP A 88 -6.19 -3.18 -14.22
C ASP A 88 -5.43 -4.23 -13.41
N PHE A 89 -5.47 -4.08 -12.09
CA PHE A 89 -4.79 -5.01 -11.20
C PHE A 89 -5.56 -5.18 -9.90
N THR A 90 -5.11 -6.13 -9.09
CA THR A 90 -5.75 -6.39 -7.80
C THR A 90 -4.76 -6.15 -6.68
N THR A 91 -5.26 -5.97 -5.45
CA THR A 91 -4.38 -5.73 -4.32
C THR A 91 -4.78 -6.60 -3.13
N THR A 92 -3.85 -7.42 -2.66
CA THR A 92 -4.11 -8.30 -1.52
C THR A 92 -3.03 -8.19 -0.45
N SER A 93 -2.42 -9.33 -0.14
CA SER A 93 -1.35 -9.45 0.87
C SER A 93 -1.93 -9.66 2.26
N THR A 94 -3.25 -9.83 2.32
CA THR A 94 -3.94 -10.05 3.59
C THR A 94 -4.36 -11.50 3.73
N SER A 95 -3.88 -12.35 2.83
CA SER A 95 -4.24 -13.76 2.86
C SER A 95 -3.91 -14.40 4.22
N THR A 96 -2.79 -13.99 4.80
CA THR A 96 -2.38 -14.54 6.10
C THR A 96 -2.56 -16.05 6.11
N PRO A 97 -1.83 -16.77 5.29
CA PRO A 97 -1.96 -18.25 5.19
C PRO A 97 -1.74 -18.97 6.52
N VAL A 98 -2.61 -19.95 6.77
CA VAL A 98 -2.54 -20.78 7.98
C VAL A 98 -2.64 -22.24 7.58
N THR A 99 -2.22 -23.16 8.45
CA THR A 99 -2.31 -24.56 8.10
C THR A 99 -3.78 -24.99 8.16
N SER A 100 -4.25 -25.60 7.08
CA SER A 100 -5.65 -26.03 7.02
C SER A 100 -5.87 -27.43 7.59
N ASN A 101 -4.79 -28.11 7.96
CA ASN A 101 -4.94 -29.47 8.50
C ASN A 101 -5.66 -30.33 7.47
N THR A 102 -5.19 -30.26 6.23
CA THR A 102 -5.83 -30.98 5.13
C THR A 102 -6.15 -32.43 5.48
N VAL A 103 -7.38 -32.82 5.16
CA VAL A 103 -7.88 -34.18 5.37
C VAL A 103 -8.37 -34.71 4.03
N THR A 104 -8.08 -35.96 3.71
CA THR A 104 -8.52 -36.49 2.42
C THR A 104 -10.06 -36.46 2.33
N GLY A 105 -10.72 -36.75 3.44
CA GLY A 105 -12.18 -36.74 3.48
C GLY A 105 -12.75 -35.35 3.21
N GLU A 106 -12.08 -34.32 3.73
CA GLU A 106 -12.53 -32.94 3.58
C GLU A 106 -11.58 -32.12 2.71
N THR A 107 -12.14 -31.16 1.96
CA THR A 107 -11.34 -30.31 1.09
C THR A 107 -11.41 -28.86 1.58
N THR A 108 -10.46 -28.05 1.13
CA THR A 108 -10.41 -26.64 1.55
C THR A 108 -10.43 -25.70 0.34
N PRO A 109 -11.57 -25.49 -0.26
CA PRO A 109 -11.71 -24.60 -1.45
C PRO A 109 -11.21 -23.18 -1.16
N PHE A 110 -10.72 -22.51 -2.20
CA PHE A 110 -10.20 -21.15 -2.05
C PHE A 110 -11.28 -20.22 -1.51
N SER A 111 -10.84 -19.11 -0.89
CA SER A 111 -11.76 -18.15 -0.29
C SER A 111 -12.38 -18.72 0.98
N PRO A 112 -11.58 -18.97 1.99
CA PRO A 112 -12.06 -19.53 3.29
C PRO A 112 -13.10 -18.62 3.96
N LEU A 113 -14.02 -19.24 4.69
CA LEU A 113 -15.07 -18.50 5.39
C LEU A 113 -14.61 -18.10 6.78
N VAL A 114 -15.05 -16.93 7.25
CA VAL A 114 -14.68 -16.43 8.57
C VAL A 114 -15.91 -16.04 9.38
N ALA A 115 -15.87 -16.31 10.68
CA ALA A 115 -17.00 -16.01 11.56
C ALA A 115 -16.71 -14.79 12.44
N THR A 116 -17.77 -14.03 12.74
CA THR A 116 -17.65 -12.83 13.58
C THR A 116 -18.52 -13.00 14.82
N SER A 117 -18.03 -12.53 15.96
CA SER A 117 -18.79 -12.66 17.20
C SER A 117 -20.12 -11.95 17.10
N GLU A 118 -21.13 -12.50 17.78
CA GLU A 118 -22.47 -11.93 17.78
C GLU A 118 -22.55 -10.64 18.59
N SER A 119 -21.64 -10.48 19.56
CA SER A 119 -21.65 -9.30 20.42
C SER A 119 -20.36 -8.50 20.32
N VAL A 120 -20.49 -7.19 20.52
CA VAL A 120 -19.35 -6.26 20.47
C VAL A 120 -19.16 -5.62 21.84
N THR A 121 -17.90 -5.50 22.28
CA THR A 121 -17.62 -4.93 23.60
C THR A 121 -16.82 -3.63 23.47
N GLU A 122 -16.84 -2.85 24.56
CA GLU A 122 -16.13 -1.57 24.60
C GLU A 122 -14.64 -1.74 24.35
N ILE A 123 -14.05 -0.75 23.68
CA ILE A 123 -12.62 -0.78 23.35
C ILE A 123 -11.93 0.43 23.98
N THR A 124 -10.74 0.21 24.53
CA THR A 124 -9.97 1.29 25.16
C THR A 124 -8.64 1.50 24.44
N ALA A 125 -8.00 2.63 24.72
CA ALA A 125 -6.73 3.00 24.09
C ALA A 125 -5.88 1.80 23.69
N SER A 126 -5.26 1.13 24.67
CA SER A 126 -4.39 -0.02 24.37
C SER A 126 -3.49 0.30 23.16
N SER A 127 -3.40 1.58 22.86
CA SER A 127 -2.58 2.04 21.74
C SER A 127 -1.16 1.51 21.84
N PHE A 128 -0.42 1.65 20.75
CA PHE A 128 0.97 1.19 20.72
C PHE A 128 1.87 2.26 20.11
N VAL A 129 3.09 2.37 20.59
CA VAL A 129 4.03 3.33 20.04
C VAL A 129 5.29 2.60 19.59
N VAL A 130 5.40 2.37 18.29
CA VAL A 130 6.55 1.65 17.75
C VAL A 130 7.41 2.57 16.89
N SER A 131 8.72 2.43 17.02
CA SER A 131 9.65 3.23 16.26
C SER A 131 10.67 2.32 15.57
N TRP A 132 11.21 2.78 14.45
CA TRP A 132 12.19 1.98 13.72
C TRP A 132 13.25 2.89 13.08
N VAL A 133 14.00 2.33 12.14
CA VAL A 133 15.05 3.09 11.46
C VAL A 133 14.84 3.06 9.95
N SER A 134 14.82 4.25 9.34
CA SER A 134 14.63 4.33 7.90
C SER A 134 15.72 3.56 7.17
N ALA A 135 15.81 2.26 7.46
CA ALA A 135 16.81 1.41 6.85
C ALA A 135 17.03 1.76 5.38
N SER A 136 16.72 3.01 5.02
CA SER A 136 16.89 3.43 3.63
C SER A 136 16.46 4.88 3.45
N ASP A 137 17.34 5.68 2.85
CA ASP A 137 17.04 7.09 2.62
C ASP A 137 16.29 7.25 1.30
N THR A 138 16.23 6.18 0.52
CA THR A 138 15.53 6.22 -0.76
C THR A 138 14.05 5.92 -0.56
N VAL A 139 13.66 5.69 0.68
CA VAL A 139 12.27 5.40 1.00
C VAL A 139 11.39 6.62 0.69
N SER A 140 10.24 6.38 0.08
CA SER A 140 9.34 7.47 -0.26
C SER A 140 8.27 7.63 0.81
N GLY A 141 8.16 6.61 1.66
CA GLY A 141 7.20 6.62 2.73
C GLY A 141 7.27 5.31 3.51
N PHE A 142 6.51 5.21 4.58
CA PHE A 142 6.51 4.00 5.38
C PHE A 142 5.10 3.44 5.50
N ARG A 143 5.00 2.12 5.66
CA ARG A 143 3.70 1.49 5.79
C ARG A 143 3.71 0.53 6.97
N VAL A 144 2.82 0.77 7.91
CA VAL A 144 2.73 -0.07 9.09
C VAL A 144 1.51 -0.99 9.01
N GLU A 145 1.72 -2.25 9.37
CA GLU A 145 0.64 -3.22 9.33
C GLU A 145 0.53 -3.95 10.66
N TYR A 146 -0.67 -4.00 11.22
CA TYR A 146 -0.88 -4.67 12.50
C TYR A 146 -2.18 -5.47 12.47
N GLU A 147 -2.10 -6.69 12.98
CA GLU A 147 -3.26 -7.57 13.02
C GLU A 147 -3.22 -8.42 14.28
N LEU A 148 -4.36 -8.98 14.66
CA LEU A 148 -4.42 -9.81 15.86
C LEU A 148 -3.70 -11.13 15.64
N SER A 149 -2.74 -11.42 16.53
CA SER A 149 -1.98 -12.66 16.43
C SER A 149 -2.84 -13.86 16.82
N GLU A 150 -4.04 -13.58 17.31
CA GLU A 150 -4.93 -14.67 17.73
C GLU A 150 -6.13 -14.79 16.78
N GLU A 151 -7.01 -13.81 16.82
CA GLU A 151 -8.20 -13.83 15.98
C GLU A 151 -7.84 -13.85 14.50
N GLY A 152 -6.76 -13.16 14.15
CA GLY A 152 -6.34 -13.12 12.76
C GLY A 152 -7.17 -12.12 11.97
N ASP A 153 -8.02 -11.37 12.67
CA ASP A 153 -8.86 -10.38 12.02
C ASP A 153 -8.20 -9.86 10.75
N GLU A 154 -8.79 -8.83 10.15
CA GLU A 154 -8.23 -8.26 8.94
C GLU A 154 -7.11 -7.29 9.28
N PRO A 155 -6.05 -7.32 8.51
CA PRO A 155 -4.88 -6.44 8.73
C PRO A 155 -5.17 -4.98 8.39
N GLN A 156 -4.56 -4.08 9.13
CA GLN A 156 -4.75 -2.66 8.90
C GLN A 156 -3.42 -2.04 8.47
N TYR A 157 -3.47 -1.05 7.59
CA TYR A 157 -2.25 -0.42 7.12
C TYR A 157 -2.26 1.08 7.38
N LEU A 158 -1.10 1.60 7.75
CA LEU A 158 -0.94 3.02 8.01
C LEU A 158 0.24 3.55 7.21
N ASP A 159 0.01 4.61 6.44
CA ASP A 159 1.07 5.16 5.62
C ASP A 159 1.68 6.41 6.25
N LEU A 160 2.99 6.44 6.31
CA LEU A 160 3.73 7.56 6.87
C LEU A 160 4.78 8.05 5.88
N PRO A 161 5.20 9.27 5.99
CA PRO A 161 6.23 9.85 5.08
C PRO A 161 7.62 9.24 5.31
N SER A 162 8.46 9.34 4.29
CA SER A 162 9.81 8.80 4.37
C SER A 162 10.58 9.43 5.52
N THR A 163 10.03 10.51 6.07
CA THR A 163 10.67 11.20 7.18
C THR A 163 10.17 10.67 8.51
N ALA A 164 9.13 9.83 8.47
CA ALA A 164 8.58 9.27 9.69
C ALA A 164 9.37 8.04 10.12
N THR A 165 9.66 7.95 11.41
CA THR A 165 10.42 6.81 11.93
C THR A 165 9.76 6.26 13.19
N SER A 166 8.50 6.62 13.40
CA SER A 166 7.75 6.16 14.55
C SER A 166 6.27 6.46 14.38
N VAL A 167 5.41 5.61 14.91
CA VAL A 167 3.98 5.82 14.77
C VAL A 167 3.21 5.20 15.93
N ASN A 168 2.08 5.80 16.25
CA ASN A 168 1.23 5.30 17.34
C ASN A 168 -0.01 4.63 16.75
N ILE A 169 -0.24 3.38 17.14
CA ILE A 169 -1.38 2.63 16.65
C ILE A 169 -2.51 2.63 17.68
N PRO A 170 -3.53 3.41 17.43
CA PRO A 170 -4.70 3.51 18.34
C PRO A 170 -5.80 2.51 17.97
N ASP A 171 -6.88 2.57 18.73
CA ASP A 171 -8.02 1.68 18.50
C ASP A 171 -7.65 0.21 18.65
N LEU A 172 -6.70 -0.06 19.56
CA LEU A 172 -6.27 -1.43 19.79
C LEU A 172 -7.16 -2.10 20.83
N LEU A 173 -7.34 -3.41 20.69
CA LEU A 173 -8.18 -4.17 21.61
C LEU A 173 -7.37 -4.64 22.81
N PRO A 174 -7.68 -4.15 23.98
CA PRO A 174 -6.98 -4.53 25.23
C PRO A 174 -7.07 -6.03 25.51
N GLY A 175 -5.97 -6.60 26.00
CA GLY A 175 -5.94 -8.03 26.30
C GLY A 175 -5.80 -8.85 25.03
N ARG A 176 -5.30 -8.23 23.97
CA ARG A 176 -5.11 -8.92 22.70
C ARG A 176 -3.68 -8.75 22.21
N LYS A 177 -3.20 -9.76 21.48
CA LYS A 177 -1.85 -9.70 20.94
C LYS A 177 -1.90 -9.28 19.47
N TYR A 178 -1.07 -8.32 19.12
CA TYR A 178 -1.02 -7.84 17.75
C TYR A 178 0.36 -8.03 17.15
N ILE A 179 0.40 -8.26 15.84
CA ILE A 179 1.67 -8.40 15.14
C ILE A 179 1.92 -7.13 14.34
N VAL A 180 3.07 -6.52 14.56
CA VAL A 180 3.39 -5.28 13.87
C VAL A 180 4.57 -5.47 12.92
N ASN A 181 4.41 -4.98 11.70
CA ASN A 181 5.46 -5.08 10.69
C ASN A 181 5.58 -3.75 9.96
N VAL A 182 6.77 -3.17 9.99
CA VAL A 182 7.00 -1.90 9.33
C VAL A 182 7.71 -2.10 8.00
N TYR A 183 7.11 -1.58 6.93
CA TYR A 183 7.69 -1.71 5.60
C TYR A 183 8.03 -0.33 5.06
N GLN A 184 9.19 -0.20 4.43
CA GLN A 184 9.57 1.09 3.85
C GLN A 184 9.31 1.06 2.35
N ILE A 185 8.72 2.12 1.84
CA ILE A 185 8.40 2.18 0.43
C ILE A 185 9.44 2.97 -0.33
N SER A 186 10.03 2.34 -1.33
CA SER A 186 11.05 2.98 -2.13
C SER A 186 10.41 3.81 -3.25
N GLU A 187 11.23 4.61 -3.92
CA GLU A 187 10.74 5.45 -5.00
C GLU A 187 10.11 4.62 -6.10
N ASP A 188 10.36 3.31 -6.09
CA ASP A 188 9.81 2.43 -7.10
C ASP A 188 8.52 1.77 -6.60
N GLY A 189 8.17 2.03 -5.35
CA GLY A 189 6.95 1.47 -4.78
C GLY A 189 7.22 0.09 -4.17
N GLU A 190 8.49 -0.24 -4.00
CA GLU A 190 8.86 -1.53 -3.42
C GLU A 190 8.84 -1.45 -1.89
N GLN A 191 8.33 -2.50 -1.26
CA GLN A 191 8.27 -2.53 0.20
C GLN A 191 9.31 -3.49 0.76
N SER A 192 9.92 -3.11 1.87
CA SER A 192 10.94 -3.94 2.50
C SER A 192 10.74 -3.96 4.02
N LEU A 193 10.67 -5.16 4.58
CA LEU A 193 10.48 -5.30 6.01
C LEU A 193 11.72 -4.82 6.77
N ILE A 194 11.54 -3.78 7.57
CA ILE A 194 12.65 -3.23 8.33
C ILE A 194 12.50 -3.54 9.82
N LEU A 195 11.26 -3.80 10.24
CA LEU A 195 11.01 -4.11 11.65
C LEU A 195 9.73 -4.92 11.82
N SER A 196 9.85 -6.06 12.49
CA SER A 196 8.70 -6.92 12.76
C SER A 196 8.70 -7.33 14.23
N THR A 197 7.63 -6.99 14.94
CA THR A 197 7.54 -7.33 16.35
C THR A 197 6.09 -7.43 16.81
N SER A 198 5.85 -8.25 17.82
CA SER A 198 4.49 -8.43 18.34
C SER A 198 4.39 -7.81 19.73
N GLN A 199 3.15 -7.51 20.14
CA GLN A 199 2.93 -6.91 21.45
C GLN A 199 1.61 -7.39 22.03
N THR A 200 1.49 -7.31 23.35
CA THR A 200 0.27 -7.72 24.03
C THR A 200 -0.30 -6.56 24.83
N THR A 201 -1.36 -5.96 24.33
CA THR A 201 -1.98 -4.83 25.00
C THR A 201 -2.20 -5.15 26.48
N SER A 1 -1.02 8.92 -31.03
CA SER A 1 -0.37 7.72 -31.63
C SER A 1 -1.15 6.47 -31.21
N GLY A 2 -0.42 5.40 -30.87
CA GLY A 2 -1.06 4.17 -30.45
C GLY A 2 -0.71 3.84 -29.01
N PRO A 3 -1.59 3.16 -28.34
CA PRO A 3 -1.43 2.77 -26.92
C PRO A 3 0.00 2.41 -26.54
N VAL A 4 0.35 2.80 -25.33
CA VAL A 4 1.67 2.51 -24.78
C VAL A 4 1.69 1.08 -24.26
N GLU A 5 2.85 0.60 -23.83
CA GLU A 5 2.95 -0.77 -23.35
C GLU A 5 3.09 -0.80 -21.82
N VAL A 6 2.20 -1.55 -21.18
CA VAL A 6 2.20 -1.69 -19.73
C VAL A 6 1.99 -3.14 -19.31
N PHE A 7 2.66 -3.55 -18.24
CA PHE A 7 2.53 -4.93 -17.76
C PHE A 7 2.77 -5.03 -16.26
N ILE A 8 2.44 -6.17 -15.68
CA ILE A 8 2.62 -6.39 -14.25
C ILE A 8 3.78 -7.36 -14.00
N THR A 9 4.68 -6.98 -13.10
CA THR A 9 5.84 -7.84 -12.79
C THR A 9 6.16 -7.81 -11.29
N GLU A 10 6.92 -8.81 -10.84
CA GLU A 10 7.31 -8.89 -9.42
C GLU A 10 6.16 -8.41 -8.56
N THR A 11 4.94 -8.62 -9.03
CA THR A 11 3.76 -8.17 -8.29
C THR A 11 2.83 -9.34 -7.98
N PRO A 12 3.23 -10.21 -7.10
CA PRO A 12 2.41 -11.39 -6.69
C PRO A 12 1.12 -10.96 -6.00
N SER A 13 1.16 -9.81 -5.35
CA SER A 13 -0.02 -9.30 -4.65
C SER A 13 0.40 -8.47 -3.44
N GLN A 14 -0.08 -7.23 -3.36
CA GLN A 14 0.26 -6.35 -2.26
C GLN A 14 -1.01 -5.86 -1.57
N PRO A 15 -0.90 -5.44 -0.33
CA PRO A 15 -2.05 -4.94 0.46
C PRO A 15 -2.41 -3.49 0.17
N ASN A 16 -1.50 -2.58 0.50
CA ASN A 16 -1.75 -1.15 0.30
C ASN A 16 -0.92 -0.58 -0.85
N SER A 17 0.15 -1.27 -1.22
CA SER A 17 1.01 -0.79 -2.30
C SER A 17 0.83 -1.62 -3.56
N HIS A 18 1.06 -1.00 -4.71
CA HIS A 18 0.93 -1.68 -5.99
C HIS A 18 1.79 -1.01 -7.06
N PRO A 19 2.91 -1.60 -7.37
CA PRO A 19 3.85 -1.06 -8.39
C PRO A 19 3.45 -1.43 -9.82
N ILE A 20 3.71 -0.51 -10.75
CA ILE A 20 3.38 -0.74 -12.16
C ILE A 20 4.58 -0.42 -13.03
N GLN A 21 4.53 -0.80 -14.30
CA GLN A 21 5.62 -0.51 -15.21
C GLN A 21 5.08 -0.34 -16.64
N TRP A 22 5.72 0.52 -17.41
CA TRP A 22 5.28 0.76 -18.78
C TRP A 22 6.46 0.94 -19.72
N ASN A 23 6.23 0.69 -21.01
CA ASN A 23 7.26 0.85 -22.01
C ASN A 23 6.77 1.73 -23.15
N ALA A 24 7.71 2.36 -23.84
CA ALA A 24 7.36 3.25 -24.95
C ALA A 24 8.22 2.96 -26.17
N PRO A 25 7.91 3.59 -27.27
CA PRO A 25 8.68 3.41 -28.54
C PRO A 25 10.18 3.59 -28.32
N GLN A 26 10.96 3.34 -29.36
CA GLN A 26 12.42 3.47 -29.26
C GLN A 26 12.82 4.94 -29.45
N PRO A 27 12.35 5.55 -30.52
CA PRO A 27 12.66 6.97 -30.82
C PRO A 27 12.06 7.90 -29.77
N SER A 28 12.69 9.06 -29.58
CA SER A 28 12.20 10.02 -28.61
C SER A 28 10.81 10.53 -28.99
N HIS A 29 9.99 9.60 -29.43
CA HIS A 29 8.63 9.92 -29.84
C HIS A 29 7.82 10.43 -28.65
N ILE A 30 8.01 9.79 -27.50
CA ILE A 30 7.29 10.18 -26.29
C ILE A 30 8.22 10.82 -25.27
N SER A 31 7.76 11.90 -24.64
CA SER A 31 8.57 12.60 -23.67
C SER A 31 8.09 12.36 -22.24
N LYS A 32 6.96 12.96 -21.89
CA LYS A 32 6.40 12.81 -20.55
C LYS A 32 5.47 11.60 -20.44
N TYR A 33 5.44 11.01 -19.25
CA TYR A 33 4.56 9.87 -18.99
C TYR A 33 3.63 10.21 -17.83
N ILE A 34 2.33 10.09 -18.04
CA ILE A 34 1.37 10.39 -16.99
C ILE A 34 0.54 9.16 -16.64
N LEU A 35 0.38 8.90 -15.34
CA LEU A 35 -0.38 7.75 -14.89
C LEU A 35 -1.57 8.18 -14.05
N ARG A 36 -2.75 7.68 -14.41
CA ARG A 36 -3.95 7.99 -13.66
C ARG A 36 -4.73 6.71 -13.35
N TRP A 37 -5.26 6.62 -12.12
CA TRP A 37 -5.98 5.42 -11.72
C TRP A 37 -7.15 5.74 -10.80
N ARG A 38 -8.05 4.78 -10.67
CA ARG A 38 -9.22 4.92 -9.80
C ARG A 38 -9.81 3.57 -9.45
N PRO A 39 -10.21 3.38 -8.22
CA PRO A 39 -10.81 2.08 -7.77
C PRO A 39 -12.11 1.77 -8.50
N LYS A 40 -12.10 0.70 -9.27
CA LYS A 40 -13.30 0.30 -10.01
C LYS A 40 -14.51 0.35 -9.10
N ASN A 41 -15.06 1.55 -8.91
CA ASN A 41 -16.22 1.72 -8.05
C ASN A 41 -16.97 3.03 -8.35
N SER A 42 -16.28 3.99 -8.97
CA SER A 42 -16.92 5.26 -9.29
C SER A 42 -16.18 5.95 -10.44
N VAL A 43 -16.88 6.85 -11.13
CA VAL A 43 -16.28 7.58 -12.25
C VAL A 43 -16.32 9.08 -11.96
N GLY A 44 -16.30 9.44 -10.68
CA GLY A 44 -16.34 10.85 -10.29
C GLY A 44 -14.95 11.42 -10.08
N ARG A 45 -14.34 11.08 -8.96
CA ARG A 45 -12.99 11.59 -8.65
C ARG A 45 -11.99 10.44 -8.54
N TRP A 46 -10.73 10.74 -8.83
CA TRP A 46 -9.68 9.74 -8.75
C TRP A 46 -8.29 10.36 -8.62
N LYS A 47 -7.24 9.54 -8.77
CA LYS A 47 -5.87 10.04 -8.61
C LYS A 47 -5.11 10.07 -9.93
N GLU A 48 -4.19 11.03 -10.01
CA GLU A 48 -3.35 11.18 -11.19
C GLU A 48 -1.93 11.54 -10.78
N ALA A 49 -0.98 11.25 -11.65
CA ALA A 49 0.42 11.55 -11.36
C ALA A 49 1.24 11.76 -12.64
N THR A 50 2.37 12.45 -12.48
CA THR A 50 3.25 12.72 -13.61
C THR A 50 4.58 12.02 -13.40
N ILE A 51 5.09 11.38 -14.45
CA ILE A 51 6.36 10.66 -14.35
C ILE A 51 7.35 11.11 -15.43
N PRO A 52 8.50 11.58 -15.03
CA PRO A 52 9.56 12.04 -15.98
C PRO A 52 9.78 11.03 -17.11
N GLY A 53 10.21 11.55 -18.27
CA GLY A 53 10.45 10.70 -19.44
C GLY A 53 11.53 9.65 -19.20
N HIS A 54 12.42 9.88 -18.24
CA HIS A 54 13.50 8.93 -17.98
C HIS A 54 13.04 7.78 -17.09
N LEU A 55 11.92 7.95 -16.41
CA LEU A 55 11.40 6.89 -15.55
C LEU A 55 10.44 5.99 -16.32
N ASN A 56 10.53 4.68 -16.10
CA ASN A 56 9.67 3.74 -16.80
C ASN A 56 8.85 2.90 -15.83
N SER A 57 8.82 3.31 -14.57
CA SER A 57 8.05 2.57 -13.56
C SER A 57 7.52 3.51 -12.47
N TYR A 58 6.31 3.23 -11.99
CA TYR A 58 5.70 4.05 -10.96
C TYR A 58 5.53 3.27 -9.66
N THR A 59 4.79 3.85 -8.74
CA THR A 59 4.51 3.22 -7.45
C THR A 59 3.17 3.70 -6.92
N ILE A 60 2.28 2.78 -6.58
CA ILE A 60 0.98 3.16 -6.06
C ILE A 60 0.80 2.69 -4.61
N LYS A 61 0.52 3.64 -3.73
CA LYS A 61 0.33 3.33 -2.32
C LYS A 61 -1.01 3.88 -1.84
N GLY A 62 -1.47 3.39 -0.69
CA GLY A 62 -2.74 3.84 -0.13
C GLY A 62 -3.91 3.06 -0.72
N LEU A 63 -3.59 1.90 -1.31
CA LEU A 63 -4.61 1.06 -1.92
C LEU A 63 -5.38 0.25 -0.87
N LYS A 64 -6.58 -0.16 -1.24
CA LYS A 64 -7.42 -0.95 -0.34
C LYS A 64 -7.33 -2.43 -0.68
N PRO A 65 -7.17 -3.27 0.31
CA PRO A 65 -7.08 -4.75 0.11
C PRO A 65 -8.39 -5.34 -0.37
N GLY A 66 -8.32 -6.33 -1.26
CA GLY A 66 -9.51 -6.99 -1.76
C GLY A 66 -10.27 -6.05 -2.69
N VAL A 67 -9.56 -5.10 -3.28
CA VAL A 67 -10.19 -4.14 -4.18
C VAL A 67 -9.44 -4.09 -5.51
N VAL A 68 -10.12 -3.62 -6.55
CA VAL A 68 -9.50 -3.53 -7.87
C VAL A 68 -9.42 -2.08 -8.33
N TYR A 69 -8.30 -1.74 -8.96
CA TYR A 69 -8.09 -0.37 -9.45
C TYR A 69 -7.83 -0.38 -10.94
N GLU A 70 -8.44 0.56 -11.66
CA GLU A 70 -8.21 0.67 -13.10
C GLU A 70 -7.20 1.78 -13.33
N GLY A 71 -6.17 1.50 -14.13
CA GLY A 71 -5.14 2.52 -14.38
C GLY A 71 -5.02 2.83 -15.87
N GLN A 72 -4.55 4.04 -16.16
CA GLN A 72 -4.37 4.46 -17.53
C GLN A 72 -3.03 5.15 -17.68
N LEU A 73 -2.36 4.90 -18.79
CA LEU A 73 -1.06 5.51 -19.03
C LEU A 73 -1.12 6.44 -20.23
N ILE A 74 -0.86 7.72 -20.01
CA ILE A 74 -0.89 8.70 -21.09
C ILE A 74 0.51 9.23 -21.37
N SER A 75 0.89 9.19 -22.64
CA SER A 75 2.21 9.67 -23.03
C SER A 75 2.12 10.96 -23.84
N ILE A 76 2.73 12.02 -23.35
CA ILE A 76 2.68 13.30 -24.03
C ILE A 76 3.99 13.58 -24.76
N GLN A 77 3.87 14.26 -25.91
CA GLN A 77 5.04 14.61 -26.71
C GLN A 77 5.35 16.09 -26.57
N GLN A 78 6.61 16.45 -26.76
CA GLN A 78 7.01 17.84 -26.64
C GLN A 78 5.94 18.76 -27.24
N TYR A 79 4.98 19.15 -26.40
CA TYR A 79 3.90 20.02 -26.84
C TYR A 79 3.41 19.61 -28.22
N GLY A 80 3.46 18.31 -28.51
CA GLY A 80 3.02 17.80 -29.80
C GLY A 80 1.79 16.92 -29.66
N HIS A 81 1.94 15.66 -30.04
CA HIS A 81 0.84 14.71 -29.98
C HIS A 81 0.66 14.14 -28.57
N GLN A 82 -0.36 13.30 -28.42
CA GLN A 82 -0.65 12.66 -27.13
C GLN A 82 -1.25 11.28 -27.35
N GLU A 83 -1.00 10.37 -26.40
CA GLU A 83 -1.53 9.01 -26.51
C GLU A 83 -2.02 8.52 -25.14
N VAL A 84 -3.09 7.74 -25.12
CA VAL A 84 -3.63 7.23 -23.87
C VAL A 84 -3.81 5.71 -23.90
N THR A 85 -3.40 5.06 -22.82
CA THR A 85 -3.51 3.60 -22.70
C THR A 85 -4.31 3.24 -21.46
N ARG A 86 -5.14 2.20 -21.55
CA ARG A 86 -5.95 1.80 -20.40
C ARG A 86 -5.62 0.38 -19.96
N PHE A 87 -5.55 0.19 -18.65
CA PHE A 87 -5.26 -1.13 -18.07
C PHE A 87 -5.89 -1.23 -16.70
N ASP A 88 -6.00 -2.45 -16.16
CA ASP A 88 -6.61 -2.63 -14.84
C ASP A 88 -5.92 -3.76 -14.08
N PHE A 89 -5.94 -3.65 -12.76
CA PHE A 89 -5.33 -4.67 -11.91
C PHE A 89 -6.10 -4.84 -10.61
N THR A 90 -5.71 -5.85 -9.84
CA THR A 90 -6.36 -6.12 -8.56
C THR A 90 -5.34 -5.99 -7.42
N THR A 91 -5.82 -5.81 -6.20
CA THR A 91 -4.93 -5.69 -5.06
C THR A 91 -5.39 -6.57 -3.90
N THR A 92 -4.51 -7.48 -3.47
CA THR A 92 -4.83 -8.37 -2.36
C THR A 92 -3.76 -8.35 -1.27
N SER A 93 -4.21 -8.56 -0.03
CA SER A 93 -3.31 -8.58 1.13
C SER A 93 -2.35 -9.78 1.11
N THR A 94 -2.83 -10.92 0.63
CA THR A 94 -2.03 -12.15 0.62
C THR A 94 -1.09 -12.19 -0.59
N SER A 95 -0.10 -13.07 -0.54
CA SER A 95 0.86 -13.21 -1.62
C SER A 95 0.68 -14.58 -2.29
N THR A 96 0.94 -14.64 -3.59
CA THR A 96 0.78 -15.89 -4.34
C THR A 96 1.56 -17.05 -3.72
N PRO A 97 2.83 -16.87 -3.44
CA PRO A 97 3.68 -17.95 -2.85
C PRO A 97 3.17 -18.45 -1.50
N VAL A 98 3.26 -19.76 -1.30
CA VAL A 98 2.84 -20.39 -0.04
C VAL A 98 3.94 -21.31 0.47
N THR A 99 3.94 -21.60 1.78
CA THR A 99 4.96 -22.48 2.34
C THR A 99 4.31 -23.68 3.04
N SER A 100 5.05 -24.77 3.12
CA SER A 100 4.56 -25.99 3.76
C SER A 100 4.91 -26.01 5.24
N ASN A 101 5.60 -24.97 5.72
CA ASN A 101 6.02 -24.92 7.12
C ASN A 101 4.84 -24.63 8.06
N THR A 102 4.33 -23.39 8.02
CA THR A 102 3.22 -23.02 8.89
C THR A 102 3.56 -23.30 10.36
N VAL A 103 4.74 -23.88 10.58
CA VAL A 103 5.19 -24.21 11.94
C VAL A 103 5.32 -22.96 12.80
N THR A 104 5.76 -21.87 12.20
CA THR A 104 5.95 -20.62 12.94
C THR A 104 4.62 -20.07 13.46
N GLY A 105 4.64 -19.62 14.72
CA GLY A 105 3.45 -19.07 15.35
C GLY A 105 3.49 -19.34 16.85
N GLU A 106 3.72 -20.60 17.21
CA GLU A 106 3.81 -21.00 18.60
C GLU A 106 4.98 -20.32 19.30
N THR A 107 6.03 -20.04 18.53
CA THR A 107 7.22 -19.39 19.06
C THR A 107 6.88 -18.09 19.79
N THR A 108 5.61 -17.70 19.76
CA THR A 108 5.17 -16.47 20.43
C THR A 108 4.11 -16.78 21.49
N PRO A 109 4.53 -17.33 22.62
CA PRO A 109 3.59 -17.68 23.73
C PRO A 109 2.81 -16.46 24.22
N PHE A 110 1.61 -16.71 24.74
CA PHE A 110 0.75 -15.62 25.23
C PHE A 110 0.82 -15.50 26.75
N SER A 111 1.06 -14.27 27.22
CA SER A 111 1.15 -13.98 28.65
C SER A 111 0.23 -12.81 29.03
N PRO A 112 -1.06 -13.03 29.12
CA PRO A 112 -2.03 -11.94 29.47
C PRO A 112 -1.68 -11.24 30.78
N LEU A 113 -2.01 -9.96 30.85
CA LEU A 113 -1.75 -9.14 32.02
C LEU A 113 -2.85 -9.32 33.05
N VAL A 114 -2.50 -9.17 34.33
CA VAL A 114 -3.47 -9.33 35.40
C VAL A 114 -4.60 -8.31 35.27
N ALA A 115 -5.83 -8.78 35.44
CA ALA A 115 -7.01 -7.93 35.34
C ALA A 115 -7.00 -6.83 36.39
N THR A 116 -7.63 -5.70 36.05
CA THR A 116 -7.69 -4.56 36.95
C THR A 116 -8.74 -4.83 38.03
N SER A 117 -8.72 -4.02 39.10
CA SER A 117 -9.66 -4.23 40.18
C SER A 117 -11.09 -3.97 39.72
N GLU A 118 -12.05 -4.54 40.46
CA GLU A 118 -13.45 -4.40 40.13
C GLU A 118 -13.92 -2.96 40.25
N SER A 119 -13.32 -2.20 41.16
CA SER A 119 -13.72 -0.82 41.38
C SER A 119 -13.63 0.00 40.10
N VAL A 120 -12.61 -0.24 39.28
CA VAL A 120 -12.45 0.50 38.03
C VAL A 120 -12.16 -0.44 36.85
N THR A 121 -12.59 -0.02 35.67
CA THR A 121 -12.35 -0.78 34.44
C THR A 121 -11.43 0.01 33.50
N GLU A 122 -10.88 1.10 34.04
CA GLU A 122 -10.01 1.97 33.26
C GLU A 122 -8.80 1.22 32.71
N ILE A 123 -8.38 1.62 31.51
CA ILE A 123 -7.23 1.01 30.85
C ILE A 123 -6.11 2.05 30.76
N THR A 124 -4.88 1.63 31.05
CA THR A 124 -3.75 2.56 31.01
C THR A 124 -3.53 3.11 29.61
N ALA A 125 -3.78 2.29 28.60
CA ALA A 125 -3.62 2.71 27.19
C ALA A 125 -3.43 1.49 26.29
N SER A 126 -4.54 0.97 25.75
CA SER A 126 -4.46 -0.18 24.86
C SER A 126 -3.62 0.16 23.64
N SER A 127 -3.66 1.43 23.25
CA SER A 127 -2.91 1.89 22.09
C SER A 127 -1.44 1.53 22.22
N PHE A 128 -0.71 1.68 21.12
CA PHE A 128 0.72 1.36 21.10
C PHE A 128 1.48 2.48 20.41
N VAL A 129 2.70 2.73 20.87
CA VAL A 129 3.52 3.75 20.25
C VAL A 129 4.86 3.14 19.84
N VAL A 130 4.99 2.84 18.55
CA VAL A 130 6.20 2.21 18.05
C VAL A 130 6.96 3.16 17.13
N SER A 131 8.28 3.16 17.26
CA SER A 131 9.13 4.01 16.44
C SER A 131 10.23 3.17 15.80
N TRP A 132 10.71 3.61 14.65
CA TRP A 132 11.77 2.88 13.95
C TRP A 132 12.72 3.85 13.24
N VAL A 133 13.52 3.31 12.34
CA VAL A 133 14.48 4.13 11.61
C VAL A 133 14.28 3.98 10.10
N SER A 134 14.12 5.11 9.41
CA SER A 134 13.92 5.09 7.97
C SER A 134 15.09 4.39 7.29
N ALA A 135 15.32 3.13 7.66
CA ALA A 135 16.40 2.35 7.09
C ALA A 135 16.57 2.62 5.60
N SER A 136 16.14 3.80 5.15
CA SER A 136 16.26 4.16 3.74
C SER A 136 15.67 5.54 3.48
N ASP A 137 16.47 6.38 2.82
CA ASP A 137 16.03 7.74 2.51
C ASP A 137 15.26 7.74 1.18
N THR A 138 15.29 6.63 0.48
CA THR A 138 14.61 6.50 -0.79
C THR A 138 13.16 6.06 -0.57
N VAL A 139 12.80 5.88 0.70
CA VAL A 139 11.44 5.46 1.04
C VAL A 139 10.46 6.56 0.67
N SER A 140 9.32 6.16 0.09
CA SER A 140 8.31 7.12 -0.32
C SER A 140 7.24 7.23 0.75
N GLY A 141 7.23 6.27 1.65
CA GLY A 141 6.28 6.25 2.75
C GLY A 141 6.49 5.00 3.60
N PHE A 142 5.75 4.90 4.69
CA PHE A 142 5.88 3.74 5.57
C PHE A 142 4.53 3.05 5.73
N ARG A 143 4.58 1.74 5.97
CA ARG A 143 3.35 0.98 6.15
C ARG A 143 3.46 0.11 7.39
N VAL A 144 2.55 0.32 8.33
CA VAL A 144 2.56 -0.45 9.55
C VAL A 144 1.45 -1.50 9.54
N GLU A 145 1.78 -2.70 9.99
CA GLU A 145 0.80 -3.78 10.02
C GLU A 145 0.79 -4.42 11.40
N TYR A 146 -0.40 -4.57 11.97
CA TYR A 146 -0.54 -5.17 13.28
C TYR A 146 -1.74 -6.11 13.32
N GLU A 147 -1.54 -7.28 13.90
CA GLU A 147 -2.59 -8.28 14.01
C GLU A 147 -2.46 -9.03 15.33
N LEU A 148 -3.54 -9.68 15.75
CA LEU A 148 -3.51 -10.43 17.00
C LEU A 148 -2.65 -11.68 16.86
N SER A 149 -1.67 -11.82 17.75
CA SER A 149 -0.78 -12.97 17.72
C SER A 149 -1.50 -14.22 18.19
N GLU A 150 -2.72 -14.05 18.68
CA GLU A 150 -3.50 -15.19 19.18
C GLU A 150 -4.67 -15.50 18.25
N GLU A 151 -5.66 -14.61 18.24
CA GLU A 151 -6.84 -14.80 17.42
C GLU A 151 -6.49 -14.88 15.93
N GLY A 152 -5.49 -14.12 15.53
CA GLY A 152 -5.07 -14.12 14.14
C GLY A 152 -6.01 -13.26 13.28
N ASP A 153 -6.92 -12.56 13.95
CA ASP A 153 -7.87 -11.70 13.25
C ASP A 153 -7.27 -11.22 11.94
N GLU A 154 -7.97 -10.29 11.28
CA GLU A 154 -7.48 -9.74 10.03
C GLU A 154 -6.46 -8.64 10.30
N PRO A 155 -5.42 -8.61 9.52
CA PRO A 155 -4.34 -7.60 9.68
C PRO A 155 -4.78 -6.20 9.24
N GLN A 156 -4.27 -5.20 9.93
CA GLN A 156 -4.60 -3.81 9.60
C GLN A 156 -3.35 -3.10 9.13
N TYR A 157 -3.51 -2.17 8.18
CA TYR A 157 -2.37 -1.45 7.66
C TYR A 157 -2.53 0.05 7.82
N LEU A 158 -1.43 0.72 8.15
CA LEU A 158 -1.43 2.16 8.32
C LEU A 158 -0.30 2.75 7.48
N ASP A 159 -0.65 3.73 6.65
CA ASP A 159 0.34 4.35 5.78
C ASP A 159 0.82 5.69 6.32
N LEU A 160 2.13 5.85 6.36
CA LEU A 160 2.74 7.09 6.85
C LEU A 160 3.73 7.61 5.82
N PRO A 161 4.03 8.88 5.86
CA PRO A 161 4.99 9.51 4.90
C PRO A 161 6.43 9.06 5.15
N SER A 162 7.25 9.18 4.12
CA SER A 162 8.65 8.78 4.22
C SER A 162 9.36 9.57 5.32
N THR A 163 8.69 10.62 5.80
CA THR A 163 9.27 11.45 6.86
C THR A 163 8.82 10.95 8.23
N ALA A 164 7.88 10.01 8.25
CA ALA A 164 7.38 9.47 9.50
C ALA A 164 8.32 8.35 10.00
N THR A 165 8.62 8.39 11.30
CA THR A 165 9.49 7.37 11.88
C THR A 165 8.90 6.83 13.18
N SER A 166 7.61 7.07 13.37
CA SER A 166 6.92 6.61 14.57
C SER A 166 5.41 6.74 14.38
N VAL A 167 4.65 5.84 14.97
CA VAL A 167 3.20 5.89 14.84
C VAL A 167 2.50 5.26 16.04
N ASN A 168 1.31 5.77 16.34
CA ASN A 168 0.53 5.25 17.46
C ASN A 168 -0.63 4.41 16.94
N ILE A 169 -0.73 3.18 17.41
CA ILE A 169 -1.79 2.28 16.97
C ILE A 169 -2.91 2.23 18.01
N PRO A 170 -4.01 2.87 17.72
CA PRO A 170 -5.18 2.91 18.62
C PRO A 170 -6.17 1.78 18.33
N ASP A 171 -7.25 1.77 19.10
CA ASP A 171 -8.30 0.76 18.94
C ASP A 171 -7.75 -0.64 19.19
N LEU A 172 -6.79 -0.76 20.09
CA LEU A 172 -6.21 -2.06 20.41
C LEU A 172 -7.03 -2.76 21.49
N LEU A 173 -7.06 -4.09 21.44
CA LEU A 173 -7.82 -4.86 22.42
C LEU A 173 -6.96 -5.17 23.64
N PRO A 174 -7.33 -4.64 24.77
CA PRO A 174 -6.59 -4.86 26.05
C PRO A 174 -6.51 -6.34 26.42
N GLY A 175 -5.36 -6.77 26.93
CA GLY A 175 -5.18 -8.16 27.32
C GLY A 175 -4.95 -9.05 26.11
N ARG A 176 -4.52 -8.43 25.01
CA ARG A 176 -4.26 -9.19 23.78
C ARG A 176 -2.86 -8.90 23.27
N LYS A 177 -2.27 -9.89 22.59
CA LYS A 177 -0.95 -9.73 22.03
C LYS A 177 -1.04 -9.42 20.55
N TYR A 178 -0.31 -8.40 20.13
CA TYR A 178 -0.33 -8.00 18.72
C TYR A 178 1.06 -8.08 18.12
N ILE A 179 1.13 -8.39 16.83
CA ILE A 179 2.40 -8.45 16.14
C ILE A 179 2.51 -7.21 15.25
N VAL A 180 3.59 -6.47 15.42
CA VAL A 180 3.78 -5.25 14.65
C VAL A 180 4.97 -5.38 13.70
N ASN A 181 4.76 -4.99 12.45
CA ASN A 181 5.81 -5.04 11.45
C ASN A 181 5.79 -3.75 10.62
N VAL A 182 6.92 -3.05 10.61
CA VAL A 182 7.00 -1.80 9.86
C VAL A 182 7.72 -2.02 8.55
N TYR A 183 7.06 -1.63 7.45
CA TYR A 183 7.66 -1.78 6.13
C TYR A 183 7.84 -0.41 5.49
N GLN A 184 8.98 -0.19 4.85
CA GLN A 184 9.23 1.08 4.19
C GLN A 184 8.97 0.92 2.70
N ILE A 185 8.26 1.88 2.13
CA ILE A 185 7.93 1.82 0.71
C ILE A 185 8.88 2.67 -0.11
N SER A 186 9.54 2.03 -1.06
CA SER A 186 10.48 2.73 -1.92
C SER A 186 9.76 3.41 -3.07
N GLU A 187 10.48 4.24 -3.80
CA GLU A 187 9.90 4.97 -4.93
C GLU A 187 9.36 4.00 -5.97
N ASP A 188 9.74 2.74 -5.88
CA ASP A 188 9.28 1.73 -6.83
C ASP A 188 8.08 0.99 -6.29
N GLY A 189 7.70 1.29 -5.05
CA GLY A 189 6.55 0.62 -4.42
C GLY A 189 6.97 -0.67 -3.73
N GLU A 190 8.27 -0.85 -3.54
CA GLU A 190 8.77 -2.06 -2.89
C GLU A 190 8.75 -1.88 -1.38
N GLN A 191 8.35 -2.94 -0.67
CA GLN A 191 8.30 -2.89 0.79
C GLN A 191 9.44 -3.69 1.40
N SER A 192 10.02 -3.17 2.47
CA SER A 192 11.11 -3.85 3.15
C SER A 192 10.92 -3.80 4.66
N LEU A 193 10.98 -4.96 5.30
CA LEU A 193 10.81 -5.02 6.74
C LEU A 193 11.98 -4.37 7.45
N ILE A 194 11.71 -3.31 8.19
CA ILE A 194 12.76 -2.59 8.91
C ILE A 194 12.64 -2.83 10.41
N LEU A 195 11.44 -3.19 10.86
CA LEU A 195 11.23 -3.43 12.29
C LEU A 195 10.04 -4.35 12.52
N SER A 196 10.28 -5.43 13.27
CA SER A 196 9.24 -6.39 13.59
C SER A 196 9.28 -6.71 15.08
N THR A 197 8.18 -6.43 15.79
CA THR A 197 8.14 -6.69 17.22
C THR A 197 6.70 -6.91 17.68
N SER A 198 6.54 -7.69 18.75
CA SER A 198 5.23 -7.97 19.30
C SER A 198 5.05 -7.29 20.65
N GLN A 199 3.81 -7.08 21.06
CA GLN A 199 3.52 -6.43 22.33
C GLN A 199 2.26 -7.01 22.95
N THR A 200 2.14 -6.85 24.26
CA THR A 200 0.96 -7.35 24.98
C THR A 200 0.29 -6.21 25.71
N THR A 201 -0.84 -5.75 25.17
CA THR A 201 -1.58 -4.65 25.78
C THR A 201 -1.76 -4.90 27.28
N SER A 1 -1.44 8.37 -31.20
CA SER A 1 -0.75 7.17 -31.77
C SER A 1 -1.46 5.91 -31.30
N GLY A 2 -0.68 4.89 -30.94
CA GLY A 2 -1.27 3.64 -30.47
C GLY A 2 -0.88 3.37 -29.02
N PRO A 3 -1.73 2.68 -28.32
CA PRO A 3 -1.53 2.33 -26.89
C PRO A 3 -0.08 2.05 -26.52
N VAL A 4 0.27 2.50 -25.33
CA VAL A 4 1.61 2.29 -24.79
C VAL A 4 1.70 0.88 -24.22
N GLU A 5 2.88 0.47 -23.81
CA GLU A 5 3.05 -0.89 -23.27
C GLU A 5 3.21 -0.86 -21.75
N VAL A 6 2.36 -1.64 -21.08
CA VAL A 6 2.39 -1.72 -19.61
C VAL A 6 2.25 -3.17 -19.15
N PHE A 7 2.95 -3.52 -18.07
CA PHE A 7 2.89 -4.88 -17.55
C PHE A 7 3.14 -4.91 -16.05
N ILE A 8 2.88 -6.06 -15.43
CA ILE A 8 3.09 -6.21 -14.00
C ILE A 8 4.29 -7.13 -13.73
N THR A 9 5.20 -6.69 -12.86
CA THR A 9 6.38 -7.48 -12.54
C THR A 9 6.72 -7.39 -11.05
N GLU A 10 7.54 -8.32 -10.57
CA GLU A 10 7.94 -8.34 -9.16
C GLU A 10 6.78 -7.89 -8.29
N THR A 11 5.57 -8.18 -8.74
CA THR A 11 4.38 -7.75 -8.00
C THR A 11 3.51 -8.95 -7.64
N PRO A 12 3.96 -9.78 -6.73
CA PRO A 12 3.19 -10.98 -6.28
C PRO A 12 1.88 -10.58 -5.59
N SER A 13 1.88 -9.41 -4.97
CA SER A 13 0.71 -8.92 -4.27
C SER A 13 1.11 -8.04 -3.09
N GLN A 14 0.57 -6.82 -3.06
CA GLN A 14 0.88 -5.89 -1.97
C GLN A 14 -0.40 -5.43 -1.28
N PRO A 15 -0.29 -4.96 -0.06
CA PRO A 15 -1.46 -4.50 0.73
C PRO A 15 -1.88 -3.07 0.39
N ASN A 16 -1.00 -2.11 0.68
CA ASN A 16 -1.32 -0.70 0.44
C ASN A 16 -0.54 -0.14 -0.73
N SER A 17 0.56 -0.79 -1.10
CA SER A 17 1.38 -0.31 -2.21
C SER A 17 1.22 -1.18 -3.44
N HIS A 18 1.42 -0.59 -4.61
CA HIS A 18 1.29 -1.32 -5.86
C HIS A 18 2.12 -0.64 -6.96
N PRO A 19 3.26 -1.19 -7.27
CA PRO A 19 4.15 -0.65 -8.33
C PRO A 19 3.75 -1.08 -9.74
N ILE A 20 3.95 -0.19 -10.70
CA ILE A 20 3.62 -0.47 -12.09
C ILE A 20 4.80 -0.12 -12.99
N GLN A 21 4.75 -0.56 -14.25
CA GLN A 21 5.81 -0.25 -15.19
C GLN A 21 5.25 -0.14 -16.60
N TRP A 22 5.84 0.71 -17.42
CA TRP A 22 5.37 0.89 -18.79
C TRP A 22 6.53 1.09 -19.76
N ASN A 23 6.29 0.79 -21.03
CA ASN A 23 7.31 0.96 -22.05
C ASN A 23 6.76 1.78 -23.21
N ALA A 24 7.66 2.43 -23.93
CA ALA A 24 7.26 3.27 -25.07
C ALA A 24 8.12 2.98 -26.29
N PRO A 25 7.77 3.55 -27.40
CA PRO A 25 8.52 3.37 -28.68
C PRO A 25 10.01 3.62 -28.49
N GLN A 26 10.80 3.36 -29.53
CA GLN A 26 12.24 3.57 -29.44
C GLN A 26 12.58 5.03 -29.70
N PRO A 27 12.08 5.59 -30.78
CA PRO A 27 12.32 7.02 -31.13
C PRO A 27 11.69 7.96 -30.10
N SER A 28 12.27 9.15 -29.96
CA SER A 28 11.75 10.13 -29.00
C SER A 28 10.34 10.55 -29.38
N HIS A 29 9.54 9.57 -29.78
CA HIS A 29 8.16 9.82 -30.18
C HIS A 29 7.35 10.34 -29.00
N ILE A 30 7.58 9.75 -27.83
CA ILE A 30 6.86 10.14 -26.62
C ILE A 30 7.79 10.86 -25.64
N SER A 31 7.28 11.93 -25.03
CA SER A 31 8.07 12.70 -24.10
C SER A 31 7.62 12.48 -22.66
N LYS A 32 6.47 13.05 -22.31
CA LYS A 32 5.93 12.92 -20.97
C LYS A 32 5.06 11.67 -20.79
N TYR A 33 5.08 11.11 -19.59
CA TYR A 33 4.25 9.95 -19.28
C TYR A 33 3.31 10.28 -18.12
N ILE A 34 2.01 10.11 -18.31
CA ILE A 34 1.05 10.40 -17.25
C ILE A 34 0.30 9.13 -16.85
N LEU A 35 0.16 8.92 -15.55
CA LEU A 35 -0.55 7.75 -15.05
C LEU A 35 -1.74 8.14 -14.20
N ARG A 36 -2.90 7.59 -14.53
CA ARG A 36 -4.11 7.87 -13.77
C ARG A 36 -4.82 6.58 -13.40
N TRP A 37 -5.33 6.51 -12.17
CA TRP A 37 -5.99 5.29 -11.72
C TRP A 37 -7.16 5.59 -10.79
N ARG A 38 -8.03 4.58 -10.62
CA ARG A 38 -9.18 4.71 -9.74
C ARG A 38 -9.71 3.33 -9.34
N PRO A 39 -10.09 3.17 -8.09
CA PRO A 39 -10.61 1.88 -7.59
C PRO A 39 -11.91 1.47 -8.30
N LYS A 40 -11.87 0.38 -9.04
CA LYS A 40 -13.06 -0.09 -9.74
C LYS A 40 -14.27 -0.07 -8.82
N ASN A 41 -14.86 1.11 -8.66
CA ASN A 41 -16.02 1.26 -7.79
C ASN A 41 -16.82 2.52 -8.11
N SER A 42 -16.19 3.49 -8.78
CA SER A 42 -16.88 4.72 -9.14
C SER A 42 -16.19 5.41 -10.32
N VAL A 43 -16.93 6.25 -11.02
CA VAL A 43 -16.38 6.97 -12.17
C VAL A 43 -16.49 8.48 -11.94
N GLY A 44 -16.46 8.88 -10.67
CA GLY A 44 -16.57 10.29 -10.32
C GLY A 44 -15.20 10.94 -10.16
N ARG A 45 -14.55 10.66 -9.03
CA ARG A 45 -13.23 11.23 -8.75
C ARG A 45 -12.18 10.14 -8.62
N TRP A 46 -10.93 10.48 -8.95
CA TRP A 46 -9.84 9.53 -8.85
C TRP A 46 -8.47 10.22 -8.75
N LYS A 47 -7.40 9.44 -8.88
CA LYS A 47 -6.05 9.99 -8.76
C LYS A 47 -5.30 10.03 -10.09
N GLU A 48 -4.42 11.01 -10.22
CA GLU A 48 -3.61 11.17 -11.41
C GLU A 48 -2.20 11.61 -11.03
N ALA A 49 -1.25 11.32 -11.92
CA ALA A 49 0.13 11.69 -11.65
C ALA A 49 0.93 11.90 -12.94
N THR A 50 2.03 12.64 -12.83
CA THR A 50 2.88 12.92 -13.98
C THR A 50 4.25 12.28 -13.75
N ILE A 51 4.77 11.63 -14.80
CA ILE A 51 6.07 10.97 -14.70
C ILE A 51 7.02 11.42 -15.80
N PRO A 52 8.15 11.96 -15.43
CA PRO A 52 9.18 12.43 -16.42
C PRO A 52 9.43 11.40 -17.52
N GLY A 53 9.82 11.89 -18.69
CA GLY A 53 10.08 11.02 -19.84
C GLY A 53 11.21 10.02 -19.59
N HIS A 54 12.11 10.33 -18.64
CA HIS A 54 13.23 9.44 -18.37
C HIS A 54 12.84 8.29 -17.44
N LEU A 55 11.71 8.44 -16.74
CA LEU A 55 11.26 7.38 -15.84
C LEU A 55 10.32 6.43 -16.58
N ASN A 56 10.48 5.13 -16.32
CA ASN A 56 9.65 4.12 -16.97
C ASN A 56 8.88 3.28 -15.95
N SER A 57 8.84 3.73 -14.70
CA SER A 57 8.12 3.00 -13.67
C SER A 57 7.58 3.95 -12.61
N TYR A 58 6.38 3.62 -12.10
CA TYR A 58 5.74 4.46 -11.08
C TYR A 58 5.62 3.71 -9.76
N THR A 59 4.87 4.29 -8.85
CA THR A 59 4.65 3.69 -7.54
C THR A 59 3.29 4.12 -6.99
N ILE A 60 2.44 3.17 -6.62
CA ILE A 60 1.12 3.51 -6.09
C ILE A 60 1.00 3.09 -4.63
N LYS A 61 0.68 4.06 -3.77
CA LYS A 61 0.51 3.78 -2.35
C LYS A 61 -0.83 4.29 -1.87
N GLY A 62 -1.26 3.81 -0.69
CA GLY A 62 -2.54 4.22 -0.13
C GLY A 62 -3.67 3.37 -0.68
N LEU A 63 -3.32 2.21 -1.23
CA LEU A 63 -4.31 1.30 -1.80
C LEU A 63 -5.02 0.50 -0.72
N LYS A 64 -6.21 0.03 -1.06
CA LYS A 64 -7.01 -0.77 -0.12
C LYS A 64 -6.86 -2.25 -0.42
N PRO A 65 -6.65 -3.06 0.60
CA PRO A 65 -6.49 -4.53 0.44
C PRO A 65 -7.79 -5.20 0.00
N GLY A 66 -7.68 -6.22 -0.85
CA GLY A 66 -8.84 -6.93 -1.32
C GLY A 66 -9.66 -6.06 -2.27
N VAL A 67 -9.00 -5.10 -2.91
CA VAL A 67 -9.68 -4.20 -3.82
C VAL A 67 -8.95 -4.16 -5.16
N VAL A 68 -9.66 -3.76 -6.22
CA VAL A 68 -9.07 -3.68 -7.54
C VAL A 68 -9.06 -2.25 -8.04
N TYR A 69 -7.95 -1.87 -8.70
CA TYR A 69 -7.81 -0.51 -9.24
C TYR A 69 -7.56 -0.56 -10.73
N GLU A 70 -8.24 0.32 -11.48
CA GLU A 70 -8.02 0.39 -12.91
C GLU A 70 -7.07 1.54 -13.20
N GLY A 71 -6.04 1.29 -14.01
CA GLY A 71 -5.07 2.34 -14.31
C GLY A 71 -4.97 2.60 -15.80
N GLN A 72 -4.57 3.82 -16.13
CA GLN A 72 -4.42 4.21 -17.53
C GLN A 72 -3.11 4.95 -17.71
N LEU A 73 -2.44 4.69 -18.83
CA LEU A 73 -1.18 5.35 -19.10
C LEU A 73 -1.30 6.24 -20.34
N ILE A 74 -1.09 7.53 -20.15
CA ILE A 74 -1.18 8.47 -21.26
C ILE A 74 0.20 9.05 -21.59
N SER A 75 0.57 9.00 -22.85
CA SER A 75 1.86 9.51 -23.27
C SER A 75 1.69 10.76 -24.12
N ILE A 76 2.27 11.87 -23.67
CA ILE A 76 2.16 13.13 -24.41
C ILE A 76 3.44 13.45 -25.16
N GLN A 77 3.28 14.08 -26.32
CA GLN A 77 4.42 14.44 -27.15
C GLN A 77 4.66 15.95 -27.06
N GLN A 78 5.90 16.36 -27.29
CA GLN A 78 6.24 17.77 -27.22
C GLN A 78 5.13 18.62 -27.82
N TYR A 79 4.16 18.98 -26.99
CA TYR A 79 3.04 19.80 -27.44
C TYR A 79 2.55 19.32 -28.80
N GLY A 80 2.66 18.02 -29.04
CA GLY A 80 2.22 17.46 -30.31
C GLY A 80 1.03 16.52 -30.13
N HIS A 81 1.24 15.26 -30.47
CA HIS A 81 0.18 14.25 -30.36
C HIS A 81 0.04 13.73 -28.94
N GLN A 82 -0.94 12.85 -28.74
CA GLN A 82 -1.19 12.25 -27.43
C GLN A 82 -1.73 10.83 -27.59
N GLU A 83 -1.43 9.96 -26.63
CA GLU A 83 -1.90 8.58 -26.67
C GLU A 83 -2.34 8.12 -25.29
N VAL A 84 -3.38 7.29 -25.24
CA VAL A 84 -3.88 6.79 -23.96
C VAL A 84 -3.99 5.27 -23.94
N THR A 85 -3.55 4.67 -22.84
CA THR A 85 -3.59 3.22 -22.68
C THR A 85 -4.35 2.86 -21.40
N ARG A 86 -5.15 1.78 -21.45
CA ARG A 86 -5.92 1.38 -20.28
C ARG A 86 -5.51 -0.01 -19.80
N PHE A 87 -5.42 -0.15 -18.47
CA PHE A 87 -5.06 -1.43 -17.87
C PHE A 87 -5.68 -1.52 -16.48
N ASP A 88 -5.72 -2.71 -15.90
CA ASP A 88 -6.30 -2.88 -14.58
C ASP A 88 -5.57 -3.96 -13.79
N PHE A 89 -5.57 -3.82 -12.46
CA PHE A 89 -4.90 -4.77 -11.60
C PHE A 89 -5.65 -4.93 -10.28
N THR A 90 -5.21 -5.89 -9.48
CA THR A 90 -5.82 -6.15 -8.18
C THR A 90 -4.80 -5.95 -7.07
N THR A 91 -5.28 -5.75 -5.84
CA THR A 91 -4.36 -5.55 -4.72
C THR A 91 -4.77 -6.41 -3.53
N THR A 92 -3.85 -7.26 -3.08
CA THR A 92 -4.12 -8.13 -1.94
C THR A 92 -3.01 -8.01 -0.90
N SER A 93 -3.22 -8.59 0.28
CA SER A 93 -2.21 -8.52 1.33
C SER A 93 -1.50 -9.86 1.48
N THR A 94 -0.21 -9.81 1.81
CA THR A 94 0.60 -11.02 1.94
C THR A 94 0.36 -11.73 3.27
N SER A 95 -0.26 -11.05 4.22
CA SER A 95 -0.51 -11.64 5.52
C SER A 95 -1.38 -12.90 5.40
N THR A 96 -1.19 -13.83 6.34
CA THR A 96 -1.94 -15.08 6.35
C THR A 96 -1.56 -15.91 7.58
N PRO A 97 -0.32 -16.35 7.66
CA PRO A 97 0.16 -17.16 8.82
C PRO A 97 -0.02 -16.44 10.14
N VAL A 98 -0.38 -17.19 11.19
CA VAL A 98 -0.57 -16.60 12.52
C VAL A 98 0.13 -17.45 13.59
N THR A 99 0.72 -16.77 14.58
CA THR A 99 1.40 -17.46 15.68
C THR A 99 0.84 -16.97 17.00
N SER A 100 0.98 -17.78 18.05
CA SER A 100 0.47 -17.38 19.36
C SER A 100 1.35 -17.92 20.49
N ASN A 101 1.27 -17.27 21.65
CA ASN A 101 2.02 -17.68 22.83
C ASN A 101 1.07 -17.87 24.00
N THR A 102 -0.22 -17.96 23.68
CA THR A 102 -1.26 -18.13 24.69
C THR A 102 -1.46 -19.59 25.06
N VAL A 103 -1.68 -19.84 26.35
CA VAL A 103 -1.90 -21.18 26.86
C VAL A 103 -3.21 -21.75 26.29
N THR A 104 -3.18 -23.03 25.93
CA THR A 104 -4.35 -23.69 25.35
C THR A 104 -4.67 -24.98 26.11
N GLY A 105 -5.91 -25.45 25.97
CA GLY A 105 -6.36 -26.66 26.66
C GLY A 105 -7.09 -26.26 27.94
N GLU A 106 -6.34 -26.13 29.03
CA GLU A 106 -6.93 -25.73 30.30
C GLU A 106 -7.54 -24.33 30.17
N THR A 107 -6.92 -23.52 29.31
CA THR A 107 -7.38 -22.16 29.05
C THR A 107 -8.65 -22.16 28.22
N THR A 108 -9.55 -21.23 28.54
CA THR A 108 -10.81 -21.13 27.81
C THR A 108 -10.56 -20.93 26.32
N PRO A 109 -11.50 -21.27 25.47
CA PRO A 109 -11.35 -21.13 23.98
C PRO A 109 -10.86 -19.73 23.57
N PHE A 110 -10.12 -19.71 22.47
CA PHE A 110 -9.57 -18.46 21.94
C PHE A 110 -10.68 -17.44 21.67
N SER A 111 -11.86 -17.94 21.26
CA SER A 111 -12.99 -17.06 20.96
C SER A 111 -14.22 -17.45 21.78
N PRO A 112 -14.28 -17.03 23.03
CA PRO A 112 -15.43 -17.33 23.92
C PRO A 112 -16.76 -16.93 23.30
N LEU A 113 -17.82 -17.64 23.64
CA LEU A 113 -19.14 -17.36 23.09
C LEU A 113 -19.51 -15.89 23.35
N VAL A 114 -19.13 -15.39 24.52
CA VAL A 114 -19.43 -14.00 24.89
C VAL A 114 -18.13 -13.21 25.04
N ALA A 115 -18.11 -12.01 24.45
CA ALA A 115 -16.94 -11.15 24.52
C ALA A 115 -16.68 -10.71 25.95
N THR A 116 -15.40 -10.59 26.31
CA THR A 116 -15.04 -10.16 27.65
C THR A 116 -15.65 -8.80 27.97
N SER A 117 -15.64 -7.91 26.97
CA SER A 117 -16.20 -6.57 27.13
C SER A 117 -17.28 -6.31 26.08
N GLU A 118 -18.19 -5.40 26.38
CA GLU A 118 -19.27 -5.07 25.46
C GLU A 118 -18.71 -4.55 24.14
N SER A 119 -19.36 -4.92 23.05
CA SER A 119 -18.93 -4.49 21.71
C SER A 119 -18.99 -2.97 21.59
N VAL A 120 -19.87 -2.36 22.38
CA VAL A 120 -20.03 -0.90 22.33
C VAL A 120 -18.71 -0.21 22.69
N THR A 121 -17.99 -0.76 23.66
CA THR A 121 -16.71 -0.20 24.09
C THR A 121 -16.76 1.33 24.05
N GLU A 122 -17.38 1.92 25.07
CA GLU A 122 -17.49 3.38 25.14
C GLU A 122 -16.11 4.03 25.22
N ILE A 123 -15.16 3.34 25.86
CA ILE A 123 -13.81 3.88 26.00
C ILE A 123 -12.78 2.93 25.39
N THR A 124 -11.81 3.50 24.67
CA THR A 124 -10.76 2.70 24.02
C THR A 124 -9.39 3.11 24.54
N ALA A 125 -8.41 2.24 24.33
CA ALA A 125 -7.04 2.49 24.77
C ALA A 125 -6.10 1.39 24.29
N SER A 126 -5.44 0.73 25.23
CA SER A 126 -4.51 -0.35 24.90
C SER A 126 -3.64 0.01 23.69
N SER A 127 -3.58 1.29 23.37
CA SER A 127 -2.80 1.76 22.25
C SER A 127 -1.35 1.29 22.36
N PHE A 128 -0.60 1.44 21.27
CA PHE A 128 0.80 1.03 21.24
C PHE A 128 1.65 2.13 20.61
N VAL A 129 2.87 2.27 21.10
CA VAL A 129 3.77 3.26 20.54
C VAL A 129 5.06 2.57 20.10
N VAL A 130 5.17 2.33 18.80
CA VAL A 130 6.36 1.66 18.28
C VAL A 130 7.18 2.60 17.41
N SER A 131 8.50 2.49 17.54
CA SER A 131 9.41 3.33 16.77
C SER A 131 10.46 2.46 16.10
N TRP A 132 10.98 2.92 14.97
CA TRP A 132 11.99 2.16 14.24
C TRP A 132 13.01 3.09 13.59
N VAL A 133 13.79 2.54 12.67
CA VAL A 133 14.81 3.33 11.98
C VAL A 133 14.61 3.28 10.47
N SER A 134 14.54 4.45 9.84
CA SER A 134 14.35 4.53 8.41
C SER A 134 15.47 3.79 7.68
N ALA A 135 15.60 2.49 8.00
CA ALA A 135 16.63 1.67 7.39
C ALA A 135 16.84 2.01 5.91
N SER A 136 16.49 3.25 5.54
CA SER A 136 16.66 3.66 4.15
C SER A 136 16.18 5.10 3.96
N ASP A 137 17.03 5.92 3.35
CA ASP A 137 16.68 7.32 3.10
C ASP A 137 15.93 7.45 1.78
N THR A 138 15.89 6.36 1.01
CA THR A 138 15.21 6.36 -0.26
C THR A 138 13.74 6.02 -0.07
N VAL A 139 13.35 5.78 1.18
CA VAL A 139 11.97 5.45 1.49
C VAL A 139 11.06 6.64 1.18
N SER A 140 9.91 6.34 0.56
CA SER A 140 8.97 7.39 0.20
C SER A 140 7.89 7.53 1.28
N GLY A 141 7.83 6.52 2.13
CA GLY A 141 6.86 6.50 3.21
C GLY A 141 6.98 5.20 3.99
N PHE A 142 6.22 5.10 5.07
CA PHE A 142 6.25 3.88 5.89
C PHE A 142 4.86 3.28 6.01
N ARG A 143 4.81 1.97 6.17
CA ARG A 143 3.54 1.28 6.31
C ARG A 143 3.58 0.34 7.49
N VAL A 144 2.67 0.55 8.43
CA VAL A 144 2.61 -0.28 9.62
C VAL A 144 1.43 -1.24 9.55
N GLU A 145 1.68 -2.48 9.93
CA GLU A 145 0.63 -3.49 9.89
C GLU A 145 0.55 -4.21 11.23
N TYR A 146 -0.65 -4.30 11.78
CA TYR A 146 -0.84 -4.96 13.06
C TYR A 146 -2.11 -5.81 13.04
N GLU A 147 -2.00 -7.03 13.57
CA GLU A 147 -3.13 -7.95 13.62
C GLU A 147 -3.05 -8.78 14.89
N LEU A 148 -4.17 -9.37 15.28
CA LEU A 148 -4.21 -10.19 16.48
C LEU A 148 -3.44 -11.49 16.27
N SER A 149 -2.49 -11.74 17.15
CA SER A 149 -1.68 -12.95 17.07
C SER A 149 -2.48 -14.18 17.47
N GLU A 150 -3.69 -13.95 17.96
CA GLU A 150 -4.55 -15.05 18.39
C GLU A 150 -5.74 -15.23 17.44
N GLU A 151 -6.66 -14.28 17.47
CA GLU A 151 -7.85 -14.34 16.63
C GLU A 151 -7.49 -14.37 15.15
N GLY A 152 -6.43 -13.64 14.79
CA GLY A 152 -6.00 -13.60 13.40
C GLY A 152 -6.87 -12.63 12.60
N ASP A 153 -7.74 -11.91 13.30
CA ASP A 153 -8.62 -10.95 12.64
C ASP A 153 -7.97 -10.43 11.36
N GLU A 154 -8.59 -9.42 10.76
CA GLU A 154 -8.06 -8.84 9.54
C GLU A 154 -6.97 -7.83 9.86
N PRO A 155 -5.92 -7.84 9.10
CA PRO A 155 -4.77 -6.91 9.31
C PRO A 155 -5.12 -5.47 8.96
N GLN A 156 -4.54 -4.54 9.70
CA GLN A 156 -4.77 -3.12 9.45
C GLN A 156 -3.46 -2.46 9.01
N TYR A 157 -3.56 -1.49 8.13
CA TYR A 157 -2.35 -0.81 7.65
C TYR A 157 -2.42 0.68 7.89
N LEU A 158 -1.28 1.25 8.26
CA LEU A 158 -1.18 2.67 8.51
C LEU A 158 -0.01 3.24 7.71
N ASP A 159 -0.27 4.28 6.93
CA ASP A 159 0.77 4.86 6.11
C ASP A 159 1.34 6.14 6.73
N LEU A 160 2.66 6.21 6.78
CA LEU A 160 3.35 7.37 7.33
C LEU A 160 4.39 7.88 6.34
N PRO A 161 4.77 9.11 6.45
CA PRO A 161 5.77 9.72 5.53
C PRO A 161 7.18 9.16 5.76
N SER A 162 8.02 9.28 4.74
CA SER A 162 9.39 8.79 4.83
C SER A 162 10.13 9.46 5.97
N THR A 163 9.54 10.52 6.52
CA THR A 163 10.16 11.24 7.62
C THR A 163 9.68 10.71 8.96
N ALA A 164 8.67 9.84 8.92
CA ALA A 164 8.12 9.26 10.14
C ALA A 164 8.96 8.07 10.58
N THR A 165 9.26 8.01 11.88
CA THR A 165 10.06 6.90 12.41
C THR A 165 9.42 6.33 13.67
N SER A 166 8.14 6.66 13.87
CA SER A 166 7.41 6.16 15.04
C SER A 166 5.92 6.43 14.85
N VAL A 167 5.09 5.55 15.38
CA VAL A 167 3.64 5.71 15.25
C VAL A 167 2.90 5.07 16.42
N ASN A 168 1.74 5.63 16.73
CA ASN A 168 0.91 5.12 17.82
C ASN A 168 -0.30 4.39 17.24
N ILE A 169 -0.48 3.14 17.64
CA ILE A 169 -1.60 2.35 17.15
C ILE A 169 -2.74 2.32 18.17
N PRO A 170 -3.78 3.06 17.92
CA PRO A 170 -4.95 3.13 18.82
C PRO A 170 -6.02 2.09 18.47
N ASP A 171 -7.11 2.10 19.23
CA ASP A 171 -8.21 1.19 19.01
C ASP A 171 -7.78 -0.27 19.18
N LEU A 172 -6.83 -0.49 20.07
CA LEU A 172 -6.35 -1.85 20.32
C LEU A 172 -7.22 -2.54 21.37
N LEU A 173 -7.36 -3.87 21.25
CA LEU A 173 -8.17 -4.63 22.16
C LEU A 173 -7.34 -5.07 23.37
N PRO A 174 -7.68 -4.58 24.53
CA PRO A 174 -6.97 -4.92 25.80
C PRO A 174 -7.01 -6.42 26.08
N GLY A 175 -5.89 -6.95 26.58
CA GLY A 175 -5.81 -8.37 26.90
C GLY A 175 -5.63 -9.20 25.64
N ARG A 176 -5.15 -8.56 24.58
CA ARG A 176 -4.94 -9.26 23.31
C ARG A 176 -3.51 -9.06 22.81
N LYS A 177 -3.00 -10.05 22.09
CA LYS A 177 -1.65 -9.95 21.55
C LYS A 177 -1.71 -9.55 20.09
N TYR A 178 -0.92 -8.56 19.72
CA TYR A 178 -0.89 -8.10 18.35
C TYR A 178 0.51 -8.23 17.75
N ILE A 179 0.56 -8.48 16.45
CA ILE A 179 1.83 -8.59 15.74
C ILE A 179 2.03 -7.31 14.94
N VAL A 180 3.16 -6.66 15.15
CA VAL A 180 3.44 -5.42 14.44
C VAL A 180 4.63 -5.57 13.51
N ASN A 181 4.45 -5.10 12.28
CA ASN A 181 5.51 -5.17 11.28
C ASN A 181 5.59 -3.85 10.53
N VAL A 182 6.76 -3.23 10.56
CA VAL A 182 6.94 -1.95 9.88
C VAL A 182 7.66 -2.15 8.55
N TYR A 183 7.04 -1.66 7.49
CA TYR A 183 7.63 -1.77 6.16
C TYR A 183 7.92 -0.39 5.60
N GLN A 184 9.08 -0.22 4.96
CA GLN A 184 9.42 1.07 4.38
C GLN A 184 9.16 1.01 2.89
N ILE A 185 8.53 2.05 2.37
CA ILE A 185 8.21 2.09 0.94
C ILE A 185 9.23 2.91 0.18
N SER A 186 9.84 2.28 -0.81
CA SER A 186 10.84 2.95 -1.63
C SER A 186 10.18 3.74 -2.74
N GLU A 187 10.97 4.57 -3.42
CA GLU A 187 10.45 5.39 -4.50
C GLU A 187 9.85 4.53 -5.61
N ASP A 188 10.14 3.23 -5.57
CA ASP A 188 9.62 2.31 -6.59
C ASP A 188 8.35 1.63 -6.09
N GLY A 189 8.00 1.88 -4.83
CA GLY A 189 6.80 1.26 -4.25
C GLY A 189 7.12 -0.08 -3.63
N GLU A 190 8.40 -0.37 -3.45
CA GLU A 190 8.82 -1.64 -2.86
C GLU A 190 8.79 -1.55 -1.34
N GLN A 191 8.31 -2.61 -0.69
CA GLN A 191 8.25 -2.63 0.77
C GLN A 191 9.33 -3.54 1.34
N SER A 192 9.92 -3.13 2.45
CA SER A 192 10.97 -3.92 3.09
C SER A 192 10.77 -3.94 4.60
N LEU A 193 10.73 -5.13 5.17
CA LEU A 193 10.55 -5.26 6.61
C LEU A 193 11.76 -4.73 7.35
N ILE A 194 11.54 -3.68 8.15
CA ILE A 194 12.64 -3.09 8.91
C ILE A 194 12.49 -3.39 10.40
N LEU A 195 11.27 -3.70 10.82
CA LEU A 195 11.02 -4.01 12.23
C LEU A 195 9.76 -4.85 12.41
N SER A 196 9.93 -5.98 13.09
CA SER A 196 8.81 -6.88 13.36
C SER A 196 8.83 -7.28 14.84
N THR A 197 7.74 -6.97 15.54
CA THR A 197 7.66 -7.30 16.96
C THR A 197 6.21 -7.44 17.41
N SER A 198 5.99 -8.26 18.43
CA SER A 198 4.66 -8.48 18.96
C SER A 198 4.52 -7.87 20.34
N GLN A 199 3.29 -7.59 20.75
CA GLN A 199 3.03 -7.00 22.06
C GLN A 199 1.72 -7.51 22.63
N THR A 200 1.60 -7.42 23.95
CA THR A 200 0.40 -7.88 24.63
C THR A 200 -0.21 -6.73 25.43
N THR A 201 -1.29 -6.16 24.90
CA THR A 201 -1.95 -5.05 25.58
C THR A 201 -2.17 -5.37 27.05
N SER A 1 -2.05 7.77 -31.44
CA SER A 1 -1.41 6.54 -31.99
C SER A 1 -2.12 5.30 -31.43
N GLY A 2 -1.34 4.29 -31.05
CA GLY A 2 -1.93 3.08 -30.50
C GLY A 2 -1.48 2.86 -29.06
N PRO A 3 -2.31 2.22 -28.29
CA PRO A 3 -2.07 1.94 -26.86
C PRO A 3 -0.61 1.65 -26.53
N VAL A 4 -0.21 2.14 -25.38
CA VAL A 4 1.16 1.94 -24.87
C VAL A 4 1.24 0.55 -24.25
N GLU A 5 2.44 0.14 -23.87
CA GLU A 5 2.60 -1.20 -23.27
C GLU A 5 2.82 -1.11 -21.77
N VAL A 6 1.99 -1.83 -21.02
CA VAL A 6 2.07 -1.84 -19.56
C VAL A 6 1.93 -3.27 -19.04
N PHE A 7 2.67 -3.59 -17.96
CA PHE A 7 2.60 -4.92 -17.38
C PHE A 7 2.92 -4.88 -15.89
N ILE A 8 2.66 -6.00 -15.21
CA ILE A 8 2.93 -6.10 -13.78
C ILE A 8 4.12 -7.01 -13.52
N THR A 9 5.07 -6.55 -12.70
CA THR A 9 6.25 -7.36 -12.38
C THR A 9 6.66 -7.20 -10.92
N GLU A 10 7.46 -8.13 -10.43
CA GLU A 10 7.93 -8.09 -9.04
C GLU A 10 6.81 -7.58 -8.15
N THR A 11 5.58 -7.86 -8.54
CA THR A 11 4.43 -7.39 -7.77
C THR A 11 3.54 -8.55 -7.31
N PRO A 12 4.03 -9.35 -6.41
CA PRO A 12 3.25 -10.50 -5.86
C PRO A 12 1.98 -10.06 -5.14
N SER A 13 2.02 -8.86 -4.57
CA SER A 13 0.88 -8.32 -3.86
C SER A 13 1.34 -7.40 -2.72
N GLN A 14 0.82 -6.17 -2.73
CA GLN A 14 1.20 -5.20 -1.70
C GLN A 14 -0.04 -4.68 -0.99
N PRO A 15 0.11 -4.16 0.19
CA PRO A 15 -1.01 -3.64 1.01
C PRO A 15 -1.43 -2.21 0.64
N ASN A 16 -0.53 -1.27 0.84
CA ASN A 16 -0.83 0.13 0.55
C ASN A 16 -0.08 0.64 -0.68
N SER A 17 0.99 -0.05 -1.06
CA SER A 17 1.77 0.37 -2.21
C SER A 17 1.55 -0.57 -3.40
N HIS A 18 1.70 -0.02 -4.60
CA HIS A 18 1.53 -0.81 -5.82
C HIS A 18 2.32 -0.21 -6.96
N PRO A 19 3.44 -0.78 -7.30
CA PRO A 19 4.30 -0.30 -8.42
C PRO A 19 3.84 -0.79 -9.78
N ILE A 20 4.01 0.05 -10.80
CA ILE A 20 3.62 -0.29 -12.16
C ILE A 20 4.77 0.00 -13.12
N GLN A 21 4.65 -0.49 -14.35
CA GLN A 21 5.69 -0.24 -15.34
C GLN A 21 5.07 -0.19 -16.74
N TRP A 22 5.65 0.62 -17.62
CA TRP A 22 5.12 0.73 -18.98
C TRP A 22 6.25 0.88 -19.98
N ASN A 23 5.95 0.52 -21.23
CA ASN A 23 6.94 0.63 -22.30
C ASN A 23 6.36 1.41 -23.48
N ALA A 24 7.24 2.01 -24.26
CA ALA A 24 6.80 2.80 -25.41
C ALA A 24 7.60 2.44 -26.66
N PRO A 25 7.23 2.97 -27.78
CA PRO A 25 7.92 2.72 -29.07
C PRO A 25 9.42 2.95 -28.95
N GLN A 26 10.16 2.63 -30.01
CA GLN A 26 11.61 2.82 -30.00
C GLN A 26 11.96 4.27 -30.33
N PRO A 27 11.43 4.78 -31.41
CA PRO A 27 11.67 6.18 -31.84
C PRO A 27 11.10 7.19 -30.83
N SER A 28 11.70 8.37 -30.76
CA SER A 28 11.23 9.39 -29.84
C SER A 28 9.82 9.82 -30.18
N HIS A 29 9.01 8.84 -30.51
CA HIS A 29 7.61 9.10 -30.86
C HIS A 29 6.86 9.69 -29.67
N ILE A 30 7.12 9.14 -28.49
CA ILE A 30 6.45 9.60 -27.27
C ILE A 30 7.42 10.34 -26.36
N SER A 31 6.95 11.46 -25.79
CA SER A 31 7.80 12.25 -24.92
C SER A 31 7.40 12.10 -23.45
N LYS A 32 6.28 12.70 -23.09
CA LYS A 32 5.79 12.64 -21.72
C LYS A 32 4.91 11.42 -21.45
N TYR A 33 4.96 10.92 -20.22
CA TYR A 33 4.12 9.79 -19.83
C TYR A 33 3.24 10.18 -18.65
N ILE A 34 1.93 10.02 -18.79
CA ILE A 34 1.02 10.38 -17.71
C ILE A 34 0.26 9.15 -17.22
N LEU A 35 0.18 9.00 -15.90
CA LEU A 35 -0.54 7.86 -15.33
C LEU A 35 -1.68 8.32 -14.45
N ARG A 36 -2.86 7.77 -14.71
CA ARG A 36 -4.04 8.11 -13.92
C ARG A 36 -4.75 6.84 -13.46
N TRP A 37 -5.22 6.83 -12.22
CA TRP A 37 -5.88 5.65 -11.68
C TRP A 37 -7.01 6.01 -10.72
N ARG A 38 -7.88 5.03 -10.46
CA ARG A 38 -9.00 5.22 -9.55
C ARG A 38 -9.53 3.87 -9.06
N PRO A 39 -9.86 3.77 -7.80
CA PRO A 39 -10.40 2.51 -7.23
C PRO A 39 -11.72 2.10 -7.86
N LYS A 40 -11.72 0.96 -8.55
CA LYS A 40 -12.95 0.49 -9.19
C LYS A 40 -14.11 0.57 -8.22
N ASN A 41 -14.68 1.77 -8.10
CA ASN A 41 -15.80 1.98 -7.19
C ASN A 41 -16.59 3.24 -7.53
N SER A 42 -15.98 4.17 -8.27
CA SER A 42 -16.66 5.39 -8.65
C SER A 42 -16.01 6.01 -9.89
N VAL A 43 -16.77 6.83 -10.60
CA VAL A 43 -16.25 7.50 -11.80
C VAL A 43 -16.32 9.01 -11.64
N GLY A 44 -16.25 9.47 -10.39
CA GLY A 44 -16.32 10.90 -10.10
C GLY A 44 -14.92 11.53 -10.02
N ARG A 45 -14.25 11.28 -8.91
CA ARG A 45 -12.91 11.85 -8.71
C ARG A 45 -11.86 10.74 -8.57
N TRP A 46 -10.62 11.05 -8.95
CA TRP A 46 -9.54 10.08 -8.85
C TRP A 46 -8.17 10.75 -8.84
N LYS A 47 -7.10 9.95 -8.98
CA LYS A 47 -5.75 10.49 -8.94
C LYS A 47 -5.06 10.44 -10.30
N GLU A 48 -4.17 11.41 -10.50
CA GLU A 48 -3.40 11.50 -11.73
C GLU A 48 -1.97 11.92 -11.42
N ALA A 49 -1.05 11.59 -12.33
CA ALA A 49 0.35 11.94 -12.14
C ALA A 49 1.08 12.08 -13.47
N THR A 50 2.19 12.81 -13.43
CA THR A 50 3.02 13.01 -14.62
C THR A 50 4.38 12.36 -14.43
N ILE A 51 4.84 11.66 -15.46
CA ILE A 51 6.14 10.98 -15.37
C ILE A 51 7.05 11.37 -16.54
N PRO A 52 8.21 11.91 -16.23
CA PRO A 52 9.21 12.30 -17.28
C PRO A 52 9.39 11.23 -18.35
N GLY A 53 9.75 11.65 -19.55
CA GLY A 53 9.95 10.73 -20.66
C GLY A 53 11.07 9.73 -20.41
N HIS A 54 12.00 10.06 -19.52
CA HIS A 54 13.13 9.16 -19.25
C HIS A 54 12.76 8.07 -18.25
N LEU A 55 11.66 8.26 -17.53
CA LEU A 55 11.22 7.26 -16.55
C LEU A 55 10.24 6.28 -17.20
N ASN A 56 10.40 5.00 -16.89
CA ASN A 56 9.53 3.98 -17.47
C ASN A 56 8.79 3.19 -16.39
N SER A 57 8.79 3.70 -15.16
CA SER A 57 8.11 3.03 -14.06
C SER A 57 7.61 4.02 -13.03
N TYR A 58 6.44 3.75 -12.46
CA TYR A 58 5.86 4.64 -11.46
C TYR A 58 5.77 3.96 -10.10
N THR A 59 5.07 4.59 -9.18
CA THR A 59 4.88 4.05 -7.85
C THR A 59 3.56 4.54 -7.27
N ILE A 60 2.71 3.61 -6.81
CA ILE A 60 1.43 4.00 -6.25
C ILE A 60 1.34 3.64 -4.77
N LYS A 61 1.07 4.66 -3.95
CA LYS A 61 0.97 4.45 -2.51
C LYS A 61 -0.36 5.01 -1.99
N GLY A 62 -0.74 4.59 -0.79
CA GLY A 62 -1.99 5.04 -0.19
C GLY A 62 -3.16 4.19 -0.66
N LEU A 63 -2.84 3.00 -1.17
CA LEU A 63 -3.86 2.09 -1.67
C LEU A 63 -4.55 1.35 -0.53
N LYS A 64 -5.76 0.88 -0.78
CA LYS A 64 -6.53 0.14 0.21
C LYS A 64 -6.42 -1.37 -0.02
N PRO A 65 -6.18 -2.12 1.02
CA PRO A 65 -6.05 -3.60 0.92
C PRO A 65 -7.37 -4.27 0.57
N GLY A 66 -7.31 -5.32 -0.24
CA GLY A 66 -8.50 -6.04 -0.63
C GLY A 66 -9.35 -5.20 -1.58
N VAL A 67 -8.70 -4.28 -2.29
CA VAL A 67 -9.41 -3.41 -3.23
C VAL A 67 -8.73 -3.45 -4.59
N VAL A 68 -9.48 -3.07 -5.63
CA VAL A 68 -8.93 -3.07 -6.98
C VAL A 68 -8.91 -1.66 -7.55
N TYR A 69 -7.84 -1.33 -8.26
CA TYR A 69 -7.69 -0.01 -8.86
C TYR A 69 -7.51 -0.11 -10.37
N GLU A 70 -8.20 0.74 -11.12
CA GLU A 70 -8.03 0.75 -12.57
C GLU A 70 -7.07 1.86 -12.94
N GLY A 71 -6.08 1.56 -13.77
CA GLY A 71 -5.10 2.57 -14.15
C GLY A 71 -5.06 2.76 -15.66
N GLN A 72 -4.65 3.96 -16.07
CA GLN A 72 -4.55 4.28 -17.48
C GLN A 72 -3.24 4.99 -17.76
N LEU A 73 -2.62 4.67 -18.88
CA LEU A 73 -1.36 5.30 -19.24
C LEU A 73 -1.52 6.13 -20.51
N ILE A 74 -1.27 7.43 -20.39
CA ILE A 74 -1.39 8.32 -21.53
C ILE A 74 -0.03 8.86 -21.94
N SER A 75 0.29 8.74 -23.22
CA SER A 75 1.58 9.21 -23.71
C SER A 75 1.39 10.44 -24.61
N ILE A 76 2.01 11.55 -24.23
CA ILE A 76 1.88 12.77 -25.01
C ILE A 76 3.14 13.03 -25.84
N GLN A 77 2.95 13.61 -27.01
CA GLN A 77 4.05 13.92 -27.90
C GLN A 77 4.33 15.42 -27.89
N GLN A 78 5.56 15.79 -28.18
CA GLN A 78 5.93 17.20 -28.20
C GLN A 78 4.81 18.04 -28.80
N TYR A 79 3.88 18.46 -27.93
CA TYR A 79 2.75 19.28 -28.38
C TYR A 79 2.20 18.75 -29.69
N GLY A 80 2.28 17.44 -29.89
CA GLY A 80 1.78 16.82 -31.11
C GLY A 80 0.58 15.93 -30.85
N HIS A 81 0.76 14.64 -31.12
CA HIS A 81 -0.31 13.65 -30.94
C HIS A 81 -0.41 13.20 -29.48
N GLN A 82 -1.39 12.35 -29.21
CA GLN A 82 -1.59 11.81 -27.87
C GLN A 82 -2.17 10.39 -27.94
N GLU A 83 -1.83 9.57 -26.95
CA GLU A 83 -2.33 8.19 -26.91
C GLU A 83 -2.73 7.80 -25.49
N VAL A 84 -3.78 6.99 -25.37
CA VAL A 84 -4.23 6.57 -24.04
C VAL A 84 -4.36 5.05 -23.95
N THR A 85 -3.88 4.49 -22.85
CA THR A 85 -3.94 3.05 -22.61
C THR A 85 -4.66 2.76 -21.30
N ARG A 86 -5.47 1.71 -21.27
CA ARG A 86 -6.21 1.36 -20.05
C ARG A 86 -5.81 -0.02 -19.53
N PHE A 87 -5.67 -0.11 -18.20
CA PHE A 87 -5.30 -1.35 -17.54
C PHE A 87 -5.86 -1.37 -16.13
N ASP A 88 -5.90 -2.54 -15.50
CA ASP A 88 -6.43 -2.63 -14.14
C ASP A 88 -5.67 -3.68 -13.34
N PHE A 89 -5.62 -3.48 -12.02
CA PHE A 89 -4.94 -4.41 -11.14
C PHE A 89 -5.64 -4.50 -9.79
N THR A 90 -5.18 -5.43 -8.97
CA THR A 90 -5.75 -5.62 -7.63
C THR A 90 -4.68 -5.38 -6.58
N THR A 91 -5.10 -5.12 -5.34
CA THR A 91 -4.14 -4.89 -4.26
C THR A 91 -4.51 -5.68 -3.02
N THR A 92 -3.60 -6.53 -2.57
CA THR A 92 -3.83 -7.35 -1.38
C THR A 92 -2.69 -7.27 -0.38
N SER A 93 -2.98 -7.75 0.82
CA SER A 93 -1.99 -7.81 1.89
C SER A 93 -1.19 -9.12 1.81
N THR A 94 -1.72 -10.09 1.06
CA THR A 94 -1.09 -11.40 0.94
C THR A 94 -0.82 -11.77 -0.52
N SER A 95 -0.02 -12.81 -0.70
CA SER A 95 0.32 -13.29 -2.04
C SER A 95 -0.94 -13.64 -2.83
N THR A 96 -1.97 -14.09 -2.10
CA THR A 96 -3.27 -14.48 -2.68
C THR A 96 -3.30 -15.98 -2.96
N PRO A 97 -3.06 -16.80 -1.97
CA PRO A 97 -3.09 -18.28 -2.10
C PRO A 97 -4.46 -18.77 -2.59
N VAL A 98 -4.48 -19.89 -3.30
CA VAL A 98 -5.74 -20.42 -3.81
C VAL A 98 -6.69 -20.71 -2.65
N THR A 99 -7.95 -20.30 -2.83
CA THR A 99 -8.97 -20.51 -1.79
C THR A 99 -10.13 -21.33 -2.33
N SER A 100 -10.66 -22.22 -1.49
CA SER A 100 -11.78 -23.07 -1.88
C SER A 100 -13.00 -22.22 -2.22
N ASN A 101 -13.06 -21.02 -1.67
CA ASN A 101 -14.17 -20.11 -1.91
C ASN A 101 -15.49 -20.74 -1.45
N THR A 102 -15.46 -21.34 -0.26
CA THR A 102 -16.65 -21.98 0.31
C THR A 102 -17.48 -22.69 -0.76
N VAL A 103 -18.74 -22.96 -0.42
CA VAL A 103 -19.66 -23.64 -1.34
C VAL A 103 -20.81 -22.71 -1.71
N THR A 104 -21.17 -22.69 -2.99
CA THR A 104 -22.24 -21.83 -3.47
C THR A 104 -23.59 -22.26 -2.90
N GLY A 105 -23.64 -23.50 -2.42
CA GLY A 105 -24.87 -24.04 -1.84
C GLY A 105 -25.38 -23.12 -0.72
N GLU A 106 -24.45 -22.45 -0.06
CA GLU A 106 -24.80 -21.54 1.04
C GLU A 106 -25.06 -20.14 0.50
N THR A 107 -26.07 -19.48 1.07
CA THR A 107 -26.44 -18.13 0.64
C THR A 107 -26.33 -17.14 1.79
N THR A 108 -26.33 -15.86 1.46
CA THR A 108 -26.22 -14.79 2.46
C THR A 108 -27.44 -13.87 2.41
N PRO A 109 -28.55 -14.29 3.00
CA PRO A 109 -29.80 -13.48 3.01
C PRO A 109 -29.59 -12.07 3.54
N PHE A 110 -30.43 -11.14 3.09
CA PHE A 110 -30.34 -9.75 3.50
C PHE A 110 -30.22 -9.63 5.02
N SER A 111 -29.76 -8.47 5.48
CA SER A 111 -29.57 -8.21 6.91
C SER A 111 -28.25 -8.83 7.38
N PRO A 112 -27.15 -8.44 6.77
CA PRO A 112 -25.79 -8.94 7.14
C PRO A 112 -25.43 -8.63 8.59
N LEU A 113 -24.61 -9.48 9.18
CA LEU A 113 -24.20 -9.28 10.58
C LEU A 113 -22.97 -8.37 10.62
N VAL A 114 -22.91 -7.52 11.64
CA VAL A 114 -21.79 -6.59 11.79
C VAL A 114 -21.21 -6.66 13.20
N ALA A 115 -19.88 -6.51 13.28
CA ALA A 115 -19.19 -6.55 14.56
C ALA A 115 -19.62 -5.38 15.44
N THR A 116 -19.61 -5.60 16.75
CA THR A 116 -20.01 -4.55 17.69
C THR A 116 -18.97 -3.44 17.72
N SER A 117 -19.45 -2.20 17.77
CA SER A 117 -18.56 -1.04 17.79
C SER A 117 -17.68 -1.05 19.03
N GLU A 118 -16.50 -0.43 18.91
CA GLU A 118 -15.55 -0.36 20.02
C GLU A 118 -15.15 1.10 20.29
N SER A 119 -16.15 1.96 20.47
CA SER A 119 -15.91 3.37 20.73
C SER A 119 -15.57 3.59 22.21
N VAL A 120 -15.44 2.49 22.96
CA VAL A 120 -15.11 2.58 24.38
C VAL A 120 -13.70 2.07 24.63
N THR A 121 -12.94 2.79 25.44
CA THR A 121 -11.56 2.42 25.76
C THR A 121 -11.38 2.22 27.26
N GLU A 122 -10.30 1.53 27.62
CA GLU A 122 -10.00 1.24 29.02
C GLU A 122 -8.75 2.01 29.46
N ILE A 123 -8.64 2.24 30.77
CA ILE A 123 -7.49 2.95 31.30
C ILE A 123 -6.19 2.23 30.94
N THR A 124 -6.30 0.93 30.70
CA THR A 124 -5.13 0.13 30.32
C THR A 124 -4.62 0.55 28.96
N ALA A 125 -5.44 1.31 28.23
CA ALA A 125 -5.07 1.79 26.91
C ALA A 125 -4.67 0.62 26.01
N SER A 126 -5.65 0.08 25.29
CA SER A 126 -5.41 -1.04 24.39
C SER A 126 -4.46 -0.63 23.27
N SER A 127 -4.42 0.67 22.98
CA SER A 127 -3.57 1.19 21.93
C SER A 127 -2.13 0.76 22.14
N PHE A 128 -1.30 0.95 21.11
CA PHE A 128 0.10 0.59 21.17
C PHE A 128 0.96 1.72 20.64
N VAL A 129 2.14 1.90 21.21
CA VAL A 129 3.05 2.92 20.73
C VAL A 129 4.39 2.29 20.38
N VAL A 130 4.60 2.08 19.08
CA VAL A 130 5.84 1.44 18.63
C VAL A 130 6.70 2.43 17.84
N SER A 131 8.00 2.37 18.08
CA SER A 131 8.93 3.24 17.38
C SER A 131 10.05 2.41 16.77
N TRP A 132 10.65 2.92 15.69
CA TRP A 132 11.73 2.21 15.03
C TRP A 132 12.76 3.18 14.48
N VAL A 133 13.62 2.68 13.59
CA VAL A 133 14.65 3.52 12.99
C VAL A 133 14.57 3.49 11.47
N SER A 134 14.51 4.68 10.87
CA SER A 134 14.42 4.78 9.42
C SER A 134 15.61 4.08 8.78
N ALA A 135 15.76 2.80 9.06
CA ALA A 135 16.86 2.01 8.51
C ALA A 135 17.16 2.40 7.07
N SER A 136 16.80 3.62 6.69
CA SER A 136 17.05 4.07 5.32
C SER A 136 16.54 5.50 5.12
N ASP A 137 17.40 6.36 4.60
CA ASP A 137 17.03 7.75 4.36
C ASP A 137 16.37 7.89 2.99
N THR A 138 16.43 6.83 2.20
CA THR A 138 15.83 6.83 0.87
C THR A 138 14.37 6.43 0.95
N VAL A 139 13.89 6.16 2.17
CA VAL A 139 12.51 5.78 2.37
C VAL A 139 11.58 6.94 2.01
N SER A 140 10.50 6.63 1.32
CA SER A 140 9.54 7.67 0.91
C SER A 140 8.40 7.74 1.91
N GLY A 141 8.29 6.71 2.73
CA GLY A 141 7.26 6.64 3.75
C GLY A 141 7.36 5.33 4.51
N PHE A 142 6.53 5.17 5.53
CA PHE A 142 6.55 3.95 6.31
C PHE A 142 5.18 3.29 6.32
N ARG A 143 5.15 1.98 6.46
CA ARG A 143 3.89 1.26 6.48
C ARG A 143 3.88 0.28 7.65
N VAL A 144 2.90 0.46 8.53
CA VAL A 144 2.79 -0.41 9.69
C VAL A 144 1.64 -1.40 9.51
N GLU A 145 1.90 -2.65 9.88
CA GLU A 145 0.88 -3.69 9.76
C GLU A 145 0.74 -4.44 11.08
N TYR A 146 -0.49 -4.58 11.53
CA TYR A 146 -0.76 -5.27 12.78
C TYR A 146 -1.98 -6.16 12.65
N GLU A 147 -1.87 -7.38 13.16
CA GLU A 147 -2.97 -8.33 13.11
C GLU A 147 -2.97 -9.19 14.36
N LEU A 148 -4.09 -9.83 14.66
CA LEU A 148 -4.19 -10.67 15.84
C LEU A 148 -3.37 -11.95 15.66
N SER A 149 -2.46 -12.19 16.60
CA SER A 149 -1.61 -13.37 16.56
C SER A 149 -2.41 -14.63 16.87
N GLU A 150 -3.66 -14.45 17.28
CA GLU A 150 -4.51 -15.58 17.62
C GLU A 150 -5.62 -15.78 16.59
N GLU A 151 -6.57 -14.85 16.57
CA GLU A 151 -7.69 -14.93 15.65
C GLU A 151 -7.23 -14.92 14.20
N GLY A 152 -6.17 -14.16 13.93
CA GLY A 152 -5.65 -14.06 12.57
C GLY A 152 -6.48 -13.11 11.73
N ASP A 153 -7.42 -12.43 12.38
CA ASP A 153 -8.29 -11.48 11.68
C ASP A 153 -7.57 -10.92 10.46
N GLU A 154 -8.18 -9.91 9.83
CA GLU A 154 -7.57 -9.29 8.66
C GLU A 154 -6.54 -8.25 9.09
N PRO A 155 -5.44 -8.21 8.41
CA PRO A 155 -4.34 -7.26 8.72
C PRO A 155 -4.70 -5.82 8.37
N GLN A 156 -4.21 -4.88 9.17
CA GLN A 156 -4.47 -3.47 8.93
C GLN A 156 -3.16 -2.76 8.61
N TYR A 157 -3.21 -1.77 7.74
CA TYR A 157 -2.01 -1.05 7.37
C TYR A 157 -2.13 0.43 7.62
N LEU A 158 -1.04 1.03 8.09
CA LEU A 158 -1.00 2.45 8.37
C LEU A 158 0.20 3.06 7.66
N ASP A 159 -0.04 4.11 6.90
CA ASP A 159 1.04 4.75 6.15
C ASP A 159 1.51 6.03 6.84
N LEU A 160 2.83 6.14 6.99
CA LEU A 160 3.43 7.31 7.62
C LEU A 160 4.53 7.86 6.71
N PRO A 161 4.86 9.11 6.87
CA PRO A 161 5.91 9.77 6.04
C PRO A 161 7.31 9.25 6.36
N SER A 162 8.22 9.41 5.41
CA SER A 162 9.59 8.96 5.58
C SER A 162 10.23 9.63 6.79
N THR A 163 9.57 10.66 7.32
CA THR A 163 10.09 11.38 8.47
C THR A 163 9.52 10.80 9.77
N ALA A 164 8.54 9.91 9.63
CA ALA A 164 7.93 9.28 10.80
C ALA A 164 8.78 8.11 11.28
N THR A 165 8.98 8.02 12.59
CA THR A 165 9.77 6.93 13.15
C THR A 165 9.06 6.31 14.34
N SER A 166 7.77 6.59 14.47
CA SER A 166 6.97 6.07 15.57
C SER A 166 5.49 6.27 15.28
N VAL A 167 4.65 5.35 15.74
CA VAL A 167 3.22 5.48 15.50
C VAL A 167 2.41 4.79 16.59
N ASN A 168 1.22 5.32 16.84
CA ASN A 168 0.34 4.75 17.85
C ASN A 168 -0.82 4.00 17.17
N ILE A 169 -0.98 2.73 17.53
CA ILE A 169 -2.04 1.92 16.96
C ILE A 169 -3.24 1.84 17.90
N PRO A 170 -4.29 2.54 17.58
CA PRO A 170 -5.52 2.56 18.39
C PRO A 170 -6.53 1.50 17.94
N ASP A 171 -7.67 1.47 18.62
CA ASP A 171 -8.73 0.51 18.30
C ASP A 171 -8.26 -0.93 18.47
N LEU A 172 -7.37 -1.15 19.43
CA LEU A 172 -6.86 -2.49 19.69
C LEU A 172 -7.78 -3.23 20.65
N LEU A 173 -7.86 -4.55 20.49
CA LEU A 173 -8.72 -5.37 21.35
C LEU A 173 -7.97 -5.82 22.59
N PRO A 174 -8.40 -5.35 23.73
CA PRO A 174 -7.78 -5.71 25.04
C PRO A 174 -7.78 -7.20 25.29
N GLY A 175 -6.69 -7.71 25.86
CA GLY A 175 -6.58 -9.14 26.15
C GLY A 175 -6.29 -9.95 24.89
N ARG A 176 -5.75 -9.26 23.88
CA ARG A 176 -5.43 -9.92 22.62
C ARG A 176 -3.98 -9.67 22.23
N LYS A 177 -3.39 -10.62 21.53
CA LYS A 177 -2.01 -10.48 21.09
C LYS A 177 -1.97 -10.04 19.63
N TYR A 178 -1.18 -9.02 19.35
CA TYR A 178 -1.08 -8.52 17.99
C TYR A 178 0.37 -8.61 17.49
N ILE A 179 0.52 -8.81 16.19
CA ILE A 179 1.84 -8.87 15.58
C ILE A 179 2.06 -7.57 14.81
N VAL A 180 3.15 -6.89 15.12
CA VAL A 180 3.43 -5.63 14.46
C VAL A 180 4.69 -5.73 13.61
N ASN A 181 4.59 -5.23 12.38
CA ASN A 181 5.72 -5.25 11.46
C ASN A 181 5.80 -3.90 10.74
N VAL A 182 6.95 -3.25 10.86
CA VAL A 182 7.14 -1.95 10.22
C VAL A 182 7.95 -2.10 8.95
N TYR A 183 7.40 -1.60 7.85
CA TYR A 183 8.08 -1.67 6.57
C TYR A 183 8.36 -0.26 6.06
N GLN A 184 9.56 -0.06 5.52
CA GLN A 184 9.90 1.26 4.99
C GLN A 184 9.75 1.23 3.48
N ILE A 185 9.13 2.26 2.93
CA ILE A 185 8.91 2.32 1.49
C ILE A 185 9.95 3.19 0.82
N SER A 186 10.65 2.60 -0.13
CA SER A 186 11.69 3.32 -0.86
C SER A 186 11.08 4.12 -2.01
N GLU A 187 11.89 4.98 -2.61
CA GLU A 187 11.42 5.81 -3.71
C GLU A 187 10.93 4.95 -4.87
N ASP A 188 11.26 3.66 -4.85
CA ASP A 188 10.84 2.76 -5.91
C ASP A 188 9.57 2.02 -5.52
N GLY A 189 9.11 2.23 -4.29
CA GLY A 189 7.90 1.58 -3.81
C GLY A 189 8.20 0.21 -3.20
N GLU A 190 9.49 -0.03 -2.93
CA GLU A 190 9.90 -1.30 -2.33
C GLU A 190 9.77 -1.24 -0.81
N GLN A 191 9.27 -2.33 -0.23
CA GLN A 191 9.11 -2.39 1.22
C GLN A 191 10.17 -3.28 1.85
N SER A 192 10.67 -2.87 3.00
CA SER A 192 11.69 -3.65 3.70
C SER A 192 11.39 -3.70 5.20
N LEU A 193 11.35 -4.92 5.74
CA LEU A 193 11.06 -5.08 7.16
C LEU A 193 12.21 -4.53 8.00
N ILE A 194 11.91 -3.51 8.80
CA ILE A 194 12.92 -2.90 9.65
C ILE A 194 12.68 -3.24 11.12
N LEU A 195 11.44 -3.59 11.44
CA LEU A 195 11.11 -3.94 12.82
C LEU A 195 9.86 -4.82 12.90
N SER A 196 10.02 -5.96 13.57
CA SER A 196 8.91 -6.90 13.74
C SER A 196 8.82 -7.33 15.19
N THR A 197 7.69 -7.07 15.84
CA THR A 197 7.53 -7.43 17.24
C THR A 197 6.05 -7.63 17.58
N SER A 198 5.79 -8.48 18.56
CA SER A 198 4.41 -8.75 18.98
C SER A 198 4.16 -8.17 20.37
N GLN A 199 2.89 -7.94 20.68
CA GLN A 199 2.53 -7.38 21.98
C GLN A 199 1.20 -7.96 22.46
N THR A 200 0.98 -7.90 23.77
CA THR A 200 -0.25 -8.40 24.35
C THR A 200 -0.95 -7.29 25.12
N THR A 201 -2.01 -6.75 24.54
CA THR A 201 -2.76 -5.67 25.17
C THR A 201 -3.07 -6.02 26.63
N SER A 1 -1.61 8.42 -31.29
CA SER A 1 -0.94 7.22 -31.88
C SER A 1 -1.66 5.97 -31.39
N GLY A 2 -0.89 4.93 -31.05
CA GLY A 2 -1.48 3.69 -30.56
C GLY A 2 -1.06 3.42 -29.12
N PRO A 3 -1.92 2.74 -28.40
CA PRO A 3 -1.69 2.39 -26.98
C PRO A 3 -0.24 2.09 -26.63
N VAL A 4 0.14 2.53 -25.45
CA VAL A 4 1.48 2.31 -24.93
C VAL A 4 1.57 0.89 -24.37
N GLU A 5 2.75 0.46 -23.97
CA GLU A 5 2.92 -0.88 -23.44
C GLU A 5 3.10 -0.86 -21.92
N VAL A 6 2.25 -1.62 -21.22
CA VAL A 6 2.31 -1.71 -19.77
C VAL A 6 2.16 -3.15 -19.30
N PHE A 7 2.87 -3.51 -18.24
CA PHE A 7 2.80 -4.88 -17.72
C PHE A 7 3.09 -4.91 -16.22
N ILE A 8 2.82 -6.05 -15.60
CA ILE A 8 3.05 -6.21 -14.16
C ILE A 8 4.25 -7.14 -13.92
N THR A 9 5.17 -6.70 -13.06
CA THR A 9 6.35 -7.52 -12.77
C THR A 9 6.72 -7.42 -11.28
N GLU A 10 7.53 -8.38 -10.81
CA GLU A 10 7.96 -8.40 -9.42
C GLU A 10 6.83 -7.93 -8.53
N THR A 11 5.60 -8.20 -8.96
CA THR A 11 4.44 -7.76 -8.19
C THR A 11 3.55 -8.94 -7.80
N PRO A 12 4.01 -9.78 -6.92
CA PRO A 12 3.23 -10.96 -6.45
C PRO A 12 1.95 -10.55 -5.73
N SER A 13 1.98 -9.38 -5.10
CA SER A 13 0.81 -8.88 -4.39
C SER A 13 1.24 -8.00 -3.22
N GLN A 14 0.73 -6.77 -3.17
CA GLN A 14 1.07 -5.85 -2.10
C GLN A 14 -0.18 -5.37 -1.39
N PRO A 15 -0.05 -4.91 -0.18
CA PRO A 15 -1.20 -4.42 0.64
C PRO A 15 -1.61 -2.98 0.32
N ASN A 16 -0.71 -2.04 0.58
CA ASN A 16 -1.01 -0.63 0.34
C ASN A 16 -0.24 -0.07 -0.84
N SER A 17 0.84 -0.74 -1.23
CA SER A 17 1.64 -0.27 -2.35
C SER A 17 1.45 -1.16 -3.58
N HIS A 18 1.63 -0.55 -4.75
CA HIS A 18 1.47 -1.28 -6.00
C HIS A 18 2.29 -0.62 -7.11
N PRO A 19 3.41 -1.19 -7.45
CA PRO A 19 4.30 -0.65 -8.52
C PRO A 19 3.86 -1.09 -9.92
N ILE A 20 4.06 -0.20 -10.89
CA ILE A 20 3.70 -0.48 -12.28
C ILE A 20 4.86 -0.14 -13.20
N GLN A 21 4.78 -0.58 -14.46
CA GLN A 21 5.83 -0.28 -15.41
C GLN A 21 5.24 -0.16 -16.81
N TRP A 22 5.84 0.68 -17.64
CA TRP A 22 5.33 0.85 -19.01
C TRP A 22 6.48 1.04 -19.99
N ASN A 23 6.21 0.74 -21.26
CA ASN A 23 7.21 0.90 -22.30
C ASN A 23 6.66 1.73 -23.45
N ALA A 24 7.55 2.37 -24.20
CA ALA A 24 7.14 3.21 -25.31
C ALA A 24 7.97 2.91 -26.55
N PRO A 25 7.61 3.49 -27.66
CA PRO A 25 8.34 3.29 -28.95
C PRO A 25 9.84 3.53 -28.79
N GLN A 26 10.60 3.25 -29.84
CA GLN A 26 12.04 3.45 -29.79
C GLN A 26 12.39 4.91 -30.06
N PRO A 27 11.88 5.46 -31.11
CA PRO A 27 12.13 6.89 -31.48
C PRO A 27 11.53 7.84 -30.44
N SER A 28 12.13 9.03 -30.31
CA SER A 28 11.65 10.01 -29.34
C SER A 28 10.24 10.45 -29.70
N HIS A 29 9.43 9.48 -30.08
CA HIS A 29 8.04 9.75 -30.45
C HIS A 29 7.26 10.28 -29.26
N ILE A 30 7.50 9.68 -28.09
CA ILE A 30 6.80 10.09 -26.87
C ILE A 30 7.76 10.79 -25.91
N SER A 31 7.28 11.87 -25.29
CA SER A 31 8.10 12.63 -24.37
C SER A 31 7.68 12.41 -22.93
N LYS A 32 6.54 13.00 -22.56
CA LYS A 32 6.02 12.87 -21.20
C LYS A 32 5.14 11.64 -21.01
N TYR A 33 5.16 11.08 -19.80
CA TYR A 33 4.33 9.94 -19.47
C TYR A 33 3.42 10.28 -18.30
N ILE A 34 2.12 10.12 -18.47
CA ILE A 34 1.18 10.43 -17.39
C ILE A 34 0.42 9.18 -16.98
N LEU A 35 0.30 8.96 -15.67
CA LEU A 35 -0.41 7.80 -15.16
C LEU A 35 -1.59 8.22 -14.29
N ARG A 36 -2.75 7.67 -14.60
CA ARG A 36 -3.94 7.98 -13.82
C ARG A 36 -4.67 6.69 -13.43
N TRP A 37 -5.16 6.63 -12.20
CA TRP A 37 -5.83 5.41 -11.72
C TRP A 37 -6.98 5.73 -10.78
N ARG A 38 -7.85 4.74 -10.58
CA ARG A 38 -8.99 4.89 -9.68
C ARG A 38 -9.52 3.51 -9.27
N PRO A 39 -9.89 3.36 -8.03
CA PRO A 39 -10.42 2.07 -7.51
C PRO A 39 -11.73 1.68 -8.19
N LYS A 40 -11.72 0.58 -8.93
CA LYS A 40 -12.93 0.13 -9.61
C LYS A 40 -14.12 0.17 -8.66
N ASN A 41 -14.69 1.35 -8.50
CA ASN A 41 -15.83 1.52 -7.60
C ASN A 41 -16.62 2.80 -7.92
N SER A 42 -15.99 3.76 -8.60
CA SER A 42 -16.67 5.01 -8.94
C SER A 42 -16.00 5.68 -10.13
N VAL A 43 -16.75 6.54 -10.82
CA VAL A 43 -16.21 7.24 -11.98
C VAL A 43 -16.28 8.75 -11.75
N GLY A 44 -16.23 9.15 -10.49
CA GLY A 44 -16.31 10.56 -10.13
C GLY A 44 -14.92 11.20 -9.99
N ARG A 45 -14.26 10.91 -8.88
CA ARG A 45 -12.93 11.46 -8.63
C ARG A 45 -11.89 10.35 -8.52
N TRP A 46 -10.64 10.69 -8.85
CA TRP A 46 -9.56 9.71 -8.78
C TRP A 46 -8.19 10.38 -8.71
N LYS A 47 -7.13 9.59 -8.86
CA LYS A 47 -5.77 10.12 -8.77
C LYS A 47 -5.05 10.14 -10.12
N GLU A 48 -4.16 11.12 -10.26
CA GLU A 48 -3.36 11.27 -11.47
C GLU A 48 -1.94 11.69 -11.12
N ALA A 49 -1.01 11.40 -12.02
CA ALA A 49 0.38 11.73 -11.77
C ALA A 49 1.15 11.93 -13.08
N THR A 50 2.27 12.66 -12.99
CA THR A 50 3.11 12.93 -14.15
C THR A 50 4.47 12.27 -13.96
N ILE A 51 4.96 11.61 -15.01
CA ILE A 51 6.25 10.93 -14.93
C ILE A 51 7.19 11.38 -16.06
N PRO A 52 8.34 11.89 -15.71
CA PRO A 52 9.35 12.35 -16.71
C PRO A 52 9.56 11.31 -17.82
N GLY A 53 9.95 11.80 -19.00
CA GLY A 53 10.16 10.93 -20.15
C GLY A 53 11.28 9.92 -19.91
N HIS A 54 12.19 10.21 -18.99
CA HIS A 54 13.31 9.30 -18.74
C HIS A 54 12.93 8.16 -17.81
N LEU A 55 11.82 8.32 -17.09
CA LEU A 55 11.37 7.27 -16.17
C LEU A 55 10.40 6.33 -16.89
N ASN A 56 10.55 5.04 -16.63
CA ASN A 56 9.70 4.04 -17.27
C ASN A 56 8.93 3.20 -16.24
N SER A 57 8.92 3.66 -14.99
CA SER A 57 8.21 2.93 -13.94
C SER A 57 7.69 3.89 -12.86
N TYR A 58 6.51 3.58 -12.33
CA TYR A 58 5.91 4.42 -11.31
C TYR A 58 5.80 3.68 -9.98
N THR A 59 5.07 4.27 -9.05
CA THR A 59 4.86 3.67 -7.74
C THR A 59 3.53 4.13 -7.17
N ILE A 60 2.67 3.19 -6.78
CA ILE A 60 1.37 3.54 -6.24
C ILE A 60 1.26 3.13 -4.77
N LYS A 61 0.97 4.09 -3.91
CA LYS A 61 0.83 3.83 -2.48
C LYS A 61 -0.50 4.35 -1.97
N GLY A 62 -0.91 3.88 -0.80
CA GLY A 62 -2.18 4.31 -0.20
C GLY A 62 -3.33 3.47 -0.73
N LEU A 63 -3.00 2.30 -1.29
CA LEU A 63 -4.01 1.42 -1.84
C LEU A 63 -4.71 0.63 -0.75
N LYS A 64 -5.92 0.16 -1.06
CA LYS A 64 -6.70 -0.61 -0.11
C LYS A 64 -6.58 -2.10 -0.40
N PRO A 65 -6.36 -2.91 0.61
CA PRO A 65 -6.23 -4.39 0.45
C PRO A 65 -7.55 -5.04 0.04
N GLY A 66 -7.47 -6.05 -0.81
CA GLY A 66 -8.65 -6.76 -1.28
C GLY A 66 -9.48 -5.88 -2.20
N VAL A 67 -8.81 -4.93 -2.85
CA VAL A 67 -9.49 -4.02 -3.76
C VAL A 67 -8.79 -3.99 -5.11
N VAL A 68 -9.52 -3.57 -6.15
CA VAL A 68 -8.95 -3.51 -7.48
C VAL A 68 -8.92 -2.07 -7.99
N TYR A 69 -7.84 -1.71 -8.67
CA TYR A 69 -7.68 -0.36 -9.20
C TYR A 69 -7.46 -0.41 -10.71
N GLU A 70 -8.14 0.48 -11.44
CA GLU A 70 -7.94 0.55 -12.88
C GLU A 70 -6.99 1.69 -13.19
N GLY A 71 -5.97 1.42 -14.00
CA GLY A 71 -4.99 2.45 -14.33
C GLY A 71 -4.92 2.71 -15.82
N GLN A 72 -4.50 3.93 -16.17
CA GLN A 72 -4.38 4.31 -17.56
C GLN A 72 -3.06 5.04 -17.77
N LEU A 73 -2.42 4.77 -18.89
CA LEU A 73 -1.16 5.41 -19.20
C LEU A 73 -1.29 6.30 -20.43
N ILE A 74 -1.05 7.59 -20.25
CA ILE A 74 -1.15 8.53 -21.36
C ILE A 74 0.22 9.09 -21.71
N SER A 75 0.57 9.03 -22.99
CA SER A 75 1.86 9.53 -23.44
C SER A 75 1.70 10.79 -24.28
N ILE A 76 2.30 11.88 -23.84
CA ILE A 76 2.19 13.14 -24.57
C ILE A 76 3.46 13.44 -25.35
N GLN A 77 3.29 14.07 -26.50
CA GLN A 77 4.41 14.42 -27.36
C GLN A 77 4.67 15.92 -27.28
N GLN A 78 5.92 16.32 -27.53
CA GLN A 78 6.28 17.72 -27.46
C GLN A 78 5.16 18.58 -28.04
N TYR A 79 4.23 18.96 -27.19
CA TYR A 79 3.10 19.80 -27.62
C TYR A 79 2.57 19.33 -28.98
N GLY A 80 2.67 18.02 -29.22
CA GLY A 80 2.19 17.47 -30.48
C GLY A 80 1.00 16.55 -30.28
N HIS A 81 1.18 15.28 -30.62
CA HIS A 81 0.11 14.28 -30.49
C HIS A 81 -0.01 13.77 -29.07
N GLN A 82 -1.00 12.90 -28.85
CA GLN A 82 -1.23 12.30 -27.54
C GLN A 82 -1.80 10.89 -27.69
N GLU A 83 -1.49 10.02 -26.73
CA GLU A 83 -1.98 8.64 -26.75
C GLU A 83 -2.40 8.19 -25.36
N VAL A 84 -3.45 7.38 -25.29
CA VAL A 84 -3.93 6.89 -24.00
C VAL A 84 -4.06 5.36 -23.98
N THR A 85 -3.60 4.76 -22.89
CA THR A 85 -3.66 3.31 -22.73
C THR A 85 -4.41 2.96 -21.44
N ARG A 86 -5.21 1.91 -21.48
CA ARG A 86 -5.96 1.51 -20.29
C ARG A 86 -5.58 0.11 -19.81
N PHE A 87 -5.46 -0.03 -18.49
CA PHE A 87 -5.10 -1.31 -17.89
C PHE A 87 -5.70 -1.39 -16.48
N ASP A 88 -5.74 -2.59 -15.91
CA ASP A 88 -6.30 -2.74 -14.57
C ASP A 88 -5.56 -3.84 -13.80
N PHE A 89 -5.54 -3.69 -12.47
CA PHE A 89 -4.87 -4.66 -11.62
C PHE A 89 -5.60 -4.80 -10.28
N THR A 90 -5.15 -5.77 -9.50
CA THR A 90 -5.74 -6.02 -8.19
C THR A 90 -4.70 -5.82 -7.10
N THR A 91 -5.15 -5.63 -5.86
CA THR A 91 -4.21 -5.43 -4.75
C THR A 91 -4.61 -6.29 -3.55
N THR A 92 -3.69 -7.15 -3.12
CA THR A 92 -3.95 -8.03 -1.98
C THR A 92 -2.86 -7.91 -0.92
N SER A 93 -3.17 -8.40 0.28
CA SER A 93 -2.25 -8.36 1.41
C SER A 93 -1.62 -9.73 1.64
N THR A 94 -0.41 -9.73 2.16
CA THR A 94 0.31 -10.98 2.42
C THR A 94 -0.45 -11.86 3.41
N SER A 95 -0.03 -13.10 3.52
CA SER A 95 -0.69 -14.06 4.42
C SER A 95 -0.55 -13.64 5.88
N THR A 96 -1.40 -14.22 6.72
CA THR A 96 -1.41 -13.93 8.16
C THR A 96 -1.24 -15.22 8.96
N PRO A 97 -0.02 -15.68 9.17
CA PRO A 97 0.23 -16.93 9.94
C PRO A 97 -0.46 -16.91 11.30
N VAL A 98 -0.88 -18.08 11.76
CA VAL A 98 -1.58 -18.21 13.04
C VAL A 98 -0.71 -18.93 14.07
N THR A 99 -0.72 -18.40 15.29
CA THR A 99 0.08 -18.98 16.38
C THR A 99 -0.45 -20.35 16.78
N SER A 100 -1.56 -20.75 16.18
CA SER A 100 -2.17 -22.05 16.49
C SER A 100 -1.17 -23.17 16.24
N ASN A 101 -1.45 -24.34 16.80
CA ASN A 101 -0.56 -25.49 16.66
C ASN A 101 0.79 -25.18 17.29
N THR A 102 0.75 -24.59 18.48
CA THR A 102 1.95 -24.22 19.22
C THR A 102 2.55 -25.45 19.90
N VAL A 103 3.87 -25.53 19.91
CA VAL A 103 4.56 -26.66 20.53
C VAL A 103 4.16 -26.80 21.99
N THR A 104 4.04 -25.66 22.68
CA THR A 104 3.66 -25.66 24.10
C THR A 104 2.38 -24.87 24.30
N GLY A 105 1.70 -25.13 25.42
CA GLY A 105 0.45 -24.43 25.73
C GLY A 105 0.14 -24.50 27.21
N GLU A 106 1.12 -24.20 28.05
CA GLU A 106 0.92 -24.24 29.50
C GLU A 106 0.48 -22.88 30.03
N THR A 107 -0.26 -22.92 31.13
CA THR A 107 -0.79 -21.70 31.75
C THR A 107 0.32 -20.70 32.09
N THR A 108 1.48 -21.21 32.51
CA THR A 108 2.59 -20.33 32.88
C THR A 108 3.84 -20.64 32.06
N PRO A 109 3.91 -20.15 30.85
CA PRO A 109 5.09 -20.36 29.95
C PRO A 109 6.39 -19.93 30.61
N PHE A 110 7.49 -20.59 30.25
CA PHE A 110 8.79 -20.26 30.81
C PHE A 110 9.21 -18.86 30.36
N SER A 111 9.87 -18.14 31.26
CA SER A 111 10.32 -16.77 30.95
C SER A 111 10.79 -16.03 32.20
N PRO A 112 10.16 -16.24 33.34
CA PRO A 112 10.52 -15.56 34.62
C PRO A 112 11.99 -15.74 35.01
N LEU A 113 12.65 -16.75 34.43
CA LEU A 113 14.06 -17.01 34.75
C LEU A 113 14.98 -16.13 33.90
N VAL A 114 16.07 -15.68 34.51
CA VAL A 114 17.04 -14.83 33.81
C VAL A 114 17.57 -15.53 32.56
N ALA A 115 17.70 -16.84 32.64
CA ALA A 115 18.19 -17.63 31.51
C ALA A 115 17.24 -17.49 30.33
N THR A 116 15.98 -17.17 30.64
CA THR A 116 14.94 -17.01 29.63
C THR A 116 14.43 -15.58 29.60
N SER A 117 13.72 -15.24 28.53
CA SER A 117 13.18 -13.89 28.38
C SER A 117 12.04 -13.64 29.37
N GLU A 118 11.80 -12.36 29.68
CA GLU A 118 10.75 -12.00 30.61
C GLU A 118 9.42 -11.85 29.87
N SER A 119 8.34 -12.34 30.49
CA SER A 119 7.02 -12.27 29.87
C SER A 119 6.58 -10.84 29.61
N VAL A 120 7.05 -9.91 30.44
CA VAL A 120 6.70 -8.50 30.30
C VAL A 120 5.17 -8.34 30.18
N THR A 121 4.58 -7.63 31.15
CA THR A 121 3.12 -7.42 31.14
C THR A 121 2.81 -5.93 31.03
N GLU A 122 1.82 -5.62 30.19
CA GLU A 122 1.39 -4.24 29.98
C GLU A 122 -0.04 -4.07 30.53
N ILE A 123 -0.33 -2.92 31.15
CA ILE A 123 -1.65 -2.70 31.77
C ILE A 123 -2.46 -1.58 31.10
N THR A 124 -3.74 -1.90 30.88
CA THR A 124 -4.72 -0.95 30.30
C THR A 124 -4.12 0.00 29.28
N ALA A 125 -2.94 -0.31 28.76
CA ALA A 125 -2.30 0.56 27.78
C ALA A 125 -3.12 0.62 26.50
N SER A 126 -3.86 -0.45 26.21
CA SER A 126 -4.66 -0.52 24.99
C SER A 126 -3.81 -0.13 23.79
N SER A 127 -3.78 1.15 23.46
CA SER A 127 -2.98 1.63 22.34
C SER A 127 -1.53 1.19 22.46
N PHE A 128 -0.78 1.34 21.37
CA PHE A 128 0.62 0.96 21.36
C PHE A 128 1.46 2.08 20.73
N VAL A 129 2.68 2.24 21.22
CA VAL A 129 3.56 3.24 20.66
C VAL A 129 4.86 2.58 20.23
N VAL A 130 4.99 2.33 18.93
CA VAL A 130 6.18 1.67 18.41
C VAL A 130 7.00 2.62 17.54
N SER A 131 8.31 2.54 17.69
CA SER A 131 9.21 3.39 16.92
C SER A 131 10.28 2.52 16.25
N TRP A 132 10.80 2.99 15.13
CA TRP A 132 11.82 2.24 14.41
C TRP A 132 12.83 3.18 13.76
N VAL A 133 13.63 2.65 12.84
CA VAL A 133 14.63 3.46 12.16
C VAL A 133 14.44 3.40 10.64
N SER A 134 14.36 4.57 10.01
CA SER A 134 14.18 4.64 8.57
C SER A 134 15.31 3.91 7.86
N ALA A 135 15.46 2.63 8.18
CA ALA A 135 16.51 1.80 7.57
C ALA A 135 16.71 2.15 6.10
N SER A 136 16.35 3.37 5.71
CA SER A 136 16.52 3.79 4.33
C SER A 136 16.01 5.21 4.13
N ASP A 137 16.85 6.05 3.52
CA ASP A 137 16.48 7.44 3.27
C ASP A 137 15.73 7.55 1.95
N THR A 138 15.72 6.46 1.18
CA THR A 138 15.04 6.45 -0.10
C THR A 138 13.57 6.08 0.08
N VAL A 139 13.18 5.84 1.33
CA VAL A 139 11.81 5.49 1.65
C VAL A 139 10.88 6.65 1.31
N SER A 140 9.74 6.34 0.70
CA SER A 140 8.78 7.38 0.34
C SER A 140 7.71 7.50 1.40
N GLY A 141 7.64 6.49 2.26
CA GLY A 141 6.67 6.47 3.33
C GLY A 141 6.81 5.17 4.13
N PHE A 142 6.04 5.04 5.20
CA PHE A 142 6.10 3.84 6.02
C PHE A 142 4.72 3.21 6.13
N ARG A 143 4.69 1.91 6.31
CA ARG A 143 3.43 1.20 6.43
C ARG A 143 3.48 0.25 7.63
N VAL A 144 2.56 0.46 8.56
CA VAL A 144 2.51 -0.37 9.75
C VAL A 144 1.35 -1.35 9.68
N GLU A 145 1.61 -2.59 10.06
CA GLU A 145 0.58 -3.62 10.03
C GLU A 145 0.51 -4.32 11.37
N TYR A 146 -0.69 -4.43 11.92
CA TYR A 146 -0.88 -5.09 13.20
C TYR A 146 -2.13 -5.97 13.17
N GLU A 147 -1.99 -7.18 13.70
CA GLU A 147 -3.11 -8.11 13.75
C GLU A 147 -3.04 -8.94 15.03
N LEU A 148 -4.15 -9.55 15.40
CA LEU A 148 -4.17 -10.37 16.61
C LEU A 148 -3.39 -11.65 16.42
N SER A 149 -2.42 -11.88 17.31
CA SER A 149 -1.59 -13.07 17.24
C SER A 149 -2.38 -14.32 17.63
N GLU A 150 -3.60 -14.10 18.12
CA GLU A 150 -4.45 -15.22 18.54
C GLU A 150 -5.62 -15.42 17.60
N GLU A 151 -6.56 -14.48 17.62
CA GLU A 151 -7.73 -14.57 16.77
C GLU A 151 -7.37 -14.60 15.30
N GLY A 152 -6.32 -13.86 14.93
CA GLY A 152 -5.89 -13.82 13.54
C GLY A 152 -6.77 -12.86 12.74
N ASP A 153 -7.66 -12.15 13.43
CA ASP A 153 -8.55 -11.21 12.76
C ASP A 153 -7.91 -10.69 11.48
N GLU A 154 -8.55 -9.69 10.87
CA GLU A 154 -8.01 -9.11 9.65
C GLU A 154 -6.95 -8.08 9.98
N PRO A 155 -5.89 -8.07 9.22
CA PRO A 155 -4.75 -7.12 9.44
C PRO A 155 -5.13 -5.69 9.07
N GLN A 156 -4.56 -4.74 9.81
CA GLN A 156 -4.82 -3.33 9.56
C GLN A 156 -3.52 -2.65 9.13
N TYR A 157 -3.62 -1.68 8.24
CA TYR A 157 -2.43 -0.99 7.76
C TYR A 157 -2.52 0.51 8.00
N LEU A 158 -1.39 1.08 8.37
CA LEU A 158 -1.31 2.52 8.61
C LEU A 158 -0.16 3.09 7.81
N ASP A 159 -0.43 4.13 7.04
CA ASP A 159 0.60 4.73 6.20
C ASP A 159 1.14 6.02 6.82
N LEU A 160 2.46 6.11 6.89
CA LEU A 160 3.13 7.28 7.44
C LEU A 160 4.16 7.80 6.45
N PRO A 161 4.53 9.05 6.55
CA PRO A 161 5.52 9.67 5.63
C PRO A 161 6.93 9.13 5.87
N SER A 162 7.77 9.27 4.85
CA SER A 162 9.15 8.79 4.95
C SER A 162 9.88 9.48 6.10
N THR A 163 9.28 10.53 6.63
CA THR A 163 9.88 11.27 7.74
C THR A 163 9.39 10.73 9.08
N ALA A 164 8.40 9.85 9.04
CA ALA A 164 7.86 9.27 10.25
C ALA A 164 8.72 8.09 10.71
N THR A 165 9.00 8.04 12.01
CA THR A 165 9.82 6.95 12.54
C THR A 165 9.19 6.38 13.81
N SER A 166 7.90 6.68 14.00
CA SER A 166 7.18 6.18 15.16
C SER A 166 5.68 6.41 14.97
N VAL A 167 4.86 5.52 15.50
CA VAL A 167 3.42 5.66 15.36
C VAL A 167 2.68 5.01 16.52
N ASN A 168 1.50 5.56 16.83
CA ASN A 168 0.69 5.04 17.91
C ASN A 168 -0.52 4.28 17.34
N ILE A 169 -0.68 3.03 17.74
CA ILE A 169 -1.79 2.22 17.26
C ILE A 169 -2.92 2.18 18.27
N PRO A 170 -3.98 2.90 18.02
CA PRO A 170 -5.15 2.95 18.90
C PRO A 170 -6.20 1.89 18.55
N ASP A 171 -7.29 1.90 19.30
CA ASP A 171 -8.38 0.96 19.07
C ASP A 171 -7.92 -0.49 19.26
N LEU A 172 -6.98 -0.70 20.16
CA LEU A 172 -6.47 -2.04 20.42
C LEU A 172 -7.34 -2.75 21.46
N LEU A 173 -7.45 -4.07 21.35
CA LEU A 173 -8.26 -4.85 22.26
C LEU A 173 -7.43 -5.27 23.47
N PRO A 174 -7.78 -4.78 24.63
CA PRO A 174 -7.06 -5.11 25.90
C PRO A 174 -7.08 -6.60 26.20
N GLY A 175 -5.96 -7.11 26.70
CA GLY A 175 -5.86 -8.54 27.03
C GLY A 175 -5.65 -9.36 25.77
N ARG A 176 -5.18 -8.72 24.71
CA ARG A 176 -4.95 -9.43 23.44
C ARG A 176 -3.53 -9.20 22.96
N LYS A 177 -2.99 -10.18 22.24
CA LYS A 177 -1.64 -10.06 21.70
C LYS A 177 -1.70 -9.67 20.24
N TYR A 178 -0.92 -8.67 19.87
CA TYR A 178 -0.89 -8.20 18.50
C TYR A 178 0.50 -8.33 17.90
N ILE A 179 0.56 -8.57 16.61
CA ILE A 179 1.84 -8.66 15.91
C ILE A 179 2.03 -7.39 15.09
N VAL A 180 3.15 -6.72 15.31
CA VAL A 180 3.41 -5.47 14.60
C VAL A 180 4.61 -5.61 13.67
N ASN A 181 4.42 -5.15 12.43
CA ASN A 181 5.48 -5.20 11.44
C ASN A 181 5.55 -3.89 10.69
N VAL A 182 6.70 -3.25 10.72
CA VAL A 182 6.87 -1.96 10.04
C VAL A 182 7.59 -2.15 8.71
N TYR A 183 6.98 -1.67 7.64
CA TYR A 183 7.56 -1.79 6.32
C TYR A 183 7.84 -0.40 5.76
N GLN A 184 9.00 -0.22 5.13
CA GLN A 184 9.33 1.07 4.54
C GLN A 184 9.07 1.00 3.04
N ILE A 185 8.42 2.03 2.51
CA ILE A 185 8.10 2.07 1.09
C ILE A 185 9.11 2.90 0.33
N SER A 186 9.74 2.28 -0.66
CA SER A 186 10.74 2.96 -1.47
C SER A 186 10.06 3.74 -2.59
N GLU A 187 10.85 4.56 -3.27
CA GLU A 187 10.32 5.39 -4.36
C GLU A 187 9.74 4.50 -5.46
N ASP A 188 10.05 3.20 -5.42
CA ASP A 188 9.55 2.28 -6.42
C ASP A 188 8.30 1.57 -5.94
N GLY A 189 7.92 1.82 -4.69
CA GLY A 189 6.74 1.20 -4.10
C GLY A 189 7.07 -0.15 -3.48
N GLU A 190 8.36 -0.41 -3.29
CA GLU A 190 8.79 -1.67 -2.70
C GLU A 190 8.76 -1.57 -1.17
N GLN A 191 8.30 -2.64 -0.52
CA GLN A 191 8.23 -2.65 0.93
C GLN A 191 9.32 -3.55 1.51
N SER A 192 9.90 -3.11 2.62
CA SER A 192 10.96 -3.88 3.27
C SER A 192 10.75 -3.90 4.78
N LEU A 193 10.73 -5.09 5.36
CA LEU A 193 10.54 -5.23 6.79
C LEU A 193 11.74 -4.67 7.54
N ILE A 194 11.51 -3.63 8.34
CA ILE A 194 12.59 -3.02 9.10
C ILE A 194 12.44 -3.31 10.59
N LEU A 195 11.21 -3.64 11.01
CA LEU A 195 10.97 -3.93 12.41
C LEU A 195 9.73 -4.80 12.60
N SER A 196 9.91 -5.93 13.29
CA SER A 196 8.80 -6.84 13.55
C SER A 196 8.81 -7.24 15.02
N THR A 197 7.72 -6.95 15.72
CA THR A 197 7.65 -7.27 17.14
C THR A 197 6.19 -7.43 17.58
N SER A 198 5.99 -8.25 18.61
CA SER A 198 4.64 -8.49 19.13
C SER A 198 4.50 -7.87 20.52
N GLN A 199 3.25 -7.62 20.90
CA GLN A 199 2.99 -7.02 22.21
C GLN A 199 1.69 -7.57 22.79
N THR A 200 1.55 -7.47 24.11
CA THR A 200 0.36 -7.94 24.78
C THR A 200 -0.27 -6.80 25.57
N THR A 201 -1.37 -6.25 25.04
CA THR A 201 -2.06 -5.15 25.70
C THR A 201 -2.27 -5.45 27.19
N SER A 1 -1.56 8.36 -30.92
CA SER A 1 -0.91 7.15 -31.50
C SER A 1 -1.65 5.91 -31.02
N GLY A 2 -0.89 4.87 -30.66
CA GLY A 2 -1.50 3.63 -30.18
C GLY A 2 -1.09 3.36 -28.74
N PRO A 3 -1.94 2.69 -28.02
CA PRO A 3 -1.73 2.34 -26.61
C PRO A 3 -0.28 2.01 -26.26
N VAL A 4 0.11 2.45 -25.07
CA VAL A 4 1.44 2.20 -24.55
C VAL A 4 1.50 0.79 -23.99
N GLU A 5 2.69 0.35 -23.59
CA GLU A 5 2.83 -1.01 -23.05
C GLU A 5 3.01 -0.99 -21.54
N VAL A 6 2.16 -1.74 -20.85
CA VAL A 6 2.21 -1.82 -19.39
C VAL A 6 2.04 -3.27 -18.93
N PHE A 7 2.74 -3.63 -17.87
CA PHE A 7 2.65 -5.00 -17.34
C PHE A 7 2.94 -5.03 -15.84
N ILE A 8 2.65 -6.17 -15.22
CA ILE A 8 2.88 -6.33 -13.78
C ILE A 8 4.06 -7.28 -13.55
N THR A 9 5.00 -6.86 -12.69
CA THR A 9 6.16 -7.69 -12.39
C THR A 9 6.53 -7.60 -10.90
N GLU A 10 7.32 -8.57 -10.44
CA GLU A 10 7.76 -8.60 -9.04
C GLU A 10 6.63 -8.11 -8.14
N THR A 11 5.40 -8.36 -8.58
CA THR A 11 4.24 -7.90 -7.82
C THR A 11 3.33 -9.07 -7.43
N PRO A 12 3.79 -9.92 -6.54
CA PRO A 12 2.99 -11.09 -6.07
C PRO A 12 1.71 -10.66 -5.35
N SER A 13 1.76 -9.49 -4.73
CA SER A 13 0.60 -8.96 -4.01
C SER A 13 1.05 -8.10 -2.84
N GLN A 14 0.55 -6.86 -2.80
CA GLN A 14 0.91 -5.94 -1.73
C GLN A 14 -0.35 -5.44 -1.02
N PRO A 15 -0.22 -4.98 0.20
CA PRO A 15 -1.35 -4.48 1.01
C PRO A 15 -1.74 -3.04 0.69
N ASN A 16 -0.83 -2.11 0.95
CA ASN A 16 -1.11 -0.70 0.72
C ASN A 16 -0.32 -0.15 -0.47
N SER A 17 0.74 -0.84 -0.85
CA SER A 17 1.56 -0.38 -1.98
C SER A 17 1.34 -1.25 -3.20
N HIS A 18 1.53 -0.65 -4.38
CA HIS A 18 1.37 -1.38 -5.63
C HIS A 18 2.19 -0.74 -6.74
N PRO A 19 3.32 -1.32 -7.07
CA PRO A 19 4.21 -0.80 -8.13
C PRO A 19 3.77 -1.22 -9.54
N ILE A 20 3.98 -0.33 -10.51
CA ILE A 20 3.60 -0.61 -11.90
C ILE A 20 4.78 -0.29 -12.82
N GLN A 21 4.69 -0.72 -14.08
CA GLN A 21 5.75 -0.44 -15.03
C GLN A 21 5.16 -0.33 -16.43
N TRP A 22 5.76 0.52 -17.26
CA TRP A 22 5.27 0.70 -18.63
C TRP A 22 6.42 0.87 -19.61
N ASN A 23 6.14 0.58 -20.88
CA ASN A 23 7.16 0.72 -21.92
C ASN A 23 6.61 1.56 -23.07
N ALA A 24 7.51 2.18 -23.81
CA ALA A 24 7.11 3.03 -24.93
C ALA A 24 7.94 2.71 -26.17
N PRO A 25 7.59 3.30 -27.28
CA PRO A 25 8.31 3.10 -28.57
C PRO A 25 9.82 3.30 -28.40
N GLN A 26 10.57 3.03 -29.47
CA GLN A 26 12.02 3.19 -29.41
C GLN A 26 12.39 4.65 -29.67
N PRO A 27 11.89 5.21 -30.73
CA PRO A 27 12.16 6.64 -31.09
C PRO A 27 11.58 7.59 -30.05
N SER A 28 12.20 8.77 -29.92
CA SER A 28 11.71 9.75 -28.96
C SER A 28 10.31 10.22 -29.31
N HIS A 29 9.49 9.27 -29.70
CA HIS A 29 8.10 9.56 -30.07
C HIS A 29 7.33 10.09 -28.87
N ILE A 30 7.56 9.49 -27.72
CA ILE A 30 6.88 9.91 -26.49
C ILE A 30 7.84 10.59 -25.53
N SER A 31 7.37 11.68 -24.92
CA SER A 31 8.21 12.44 -23.99
C SER A 31 7.77 12.23 -22.54
N LYS A 32 6.64 12.82 -22.18
CA LYS A 32 6.13 12.71 -20.82
C LYS A 32 5.23 11.49 -20.64
N TYR A 33 5.25 10.94 -19.42
CA TYR A 33 4.40 9.79 -19.10
C TYR A 33 3.49 10.15 -17.92
N ILE A 34 2.18 10.01 -18.10
CA ILE A 34 1.25 10.33 -17.02
C ILE A 34 0.47 9.10 -16.60
N LEU A 35 0.35 8.89 -15.29
CA LEU A 35 -0.38 7.72 -14.79
C LEU A 35 -1.55 8.16 -13.92
N ARG A 36 -2.72 7.63 -14.22
CA ARG A 36 -3.91 7.96 -13.44
C ARG A 36 -4.65 6.68 -13.06
N TRP A 37 -5.14 6.61 -11.82
CA TRP A 37 -5.83 5.42 -11.35
C TRP A 37 -6.98 5.75 -10.41
N ARG A 38 -7.86 4.77 -10.21
CA ARG A 38 -9.00 4.94 -9.31
C ARG A 38 -9.55 3.57 -8.90
N PRO A 39 -9.92 3.42 -7.66
CA PRO A 39 -10.48 2.14 -7.14
C PRO A 39 -11.79 1.78 -7.82
N LYS A 40 -11.80 0.67 -8.55
CA LYS A 40 -13.01 0.24 -9.25
C LYS A 40 -14.19 0.30 -8.29
N ASN A 41 -14.75 1.49 -8.14
CA ASN A 41 -15.89 1.67 -7.24
C ASN A 41 -16.66 2.96 -7.56
N SER A 42 -16.02 3.92 -8.23
CA SER A 42 -16.68 5.16 -8.57
C SER A 42 -15.99 5.82 -9.76
N VAL A 43 -16.73 6.69 -10.46
CA VAL A 43 -16.18 7.40 -11.61
C VAL A 43 -16.24 8.90 -11.38
N GLY A 44 -16.18 9.30 -10.12
CA GLY A 44 -16.24 10.73 -9.77
C GLY A 44 -14.85 11.33 -9.63
N ARG A 45 -14.19 11.03 -8.51
CA ARG A 45 -12.84 11.56 -8.25
C ARG A 45 -11.82 10.44 -8.14
N TRP A 46 -10.57 10.76 -8.49
CA TRP A 46 -9.51 9.77 -8.40
C TRP A 46 -8.13 10.42 -8.35
N LYS A 47 -7.07 9.61 -8.49
CA LYS A 47 -5.71 10.13 -8.39
C LYS A 47 -4.98 10.13 -9.74
N GLU A 48 -4.08 11.09 -9.88
CA GLU A 48 -3.28 11.23 -11.09
C GLU A 48 -1.86 11.63 -10.75
N ALA A 49 -0.93 11.32 -11.64
CA ALA A 49 0.47 11.65 -11.40
C ALA A 49 1.24 11.84 -12.70
N THR A 50 2.36 12.56 -12.61
CA THR A 50 3.21 12.80 -13.77
C THR A 50 4.57 12.12 -13.58
N ILE A 51 5.04 11.47 -14.63
CA ILE A 51 6.32 10.76 -14.55
C ILE A 51 7.26 11.19 -15.68
N PRO A 52 8.43 11.70 -15.32
CA PRO A 52 9.44 12.13 -16.33
C PRO A 52 9.64 11.10 -17.44
N GLY A 53 10.03 11.57 -18.62
CA GLY A 53 10.25 10.70 -19.77
C GLY A 53 11.35 9.67 -19.53
N HIS A 54 12.27 9.95 -18.61
CA HIS A 54 13.37 9.03 -18.35
C HIS A 54 12.97 7.89 -17.42
N LEU A 55 11.86 8.07 -16.71
CA LEU A 55 11.39 7.04 -15.79
C LEU A 55 10.41 6.10 -16.51
N ASN A 56 10.54 4.80 -16.25
CA ASN A 56 9.67 3.82 -16.89
C ASN A 56 8.90 2.99 -15.86
N SER A 57 8.89 3.45 -14.61
CA SER A 57 8.17 2.73 -13.56
C SER A 57 7.67 3.70 -12.49
N TYR A 58 6.48 3.41 -11.95
CA TYR A 58 5.88 4.26 -10.93
C TYR A 58 5.76 3.52 -9.61
N THR A 59 5.05 4.12 -8.68
CA THR A 59 4.83 3.52 -7.36
C THR A 59 3.50 4.00 -6.79
N ILE A 60 2.63 3.06 -6.41
CA ILE A 60 1.33 3.45 -5.85
C ILE A 60 1.21 3.03 -4.39
N LYS A 61 0.94 4.00 -3.54
CA LYS A 61 0.80 3.74 -2.10
C LYS A 61 -0.54 4.28 -1.59
N GLY A 62 -0.94 3.81 -0.41
CA GLY A 62 -2.21 4.26 0.17
C GLY A 62 -3.37 3.43 -0.36
N LEU A 63 -3.06 2.27 -0.91
CA LEU A 63 -4.08 1.39 -1.47
C LEU A 63 -4.79 0.61 -0.37
N LYS A 64 -6.01 0.17 -0.69
CA LYS A 64 -6.80 -0.59 0.27
C LYS A 64 -6.70 -2.09 -0.03
N PRO A 65 -6.49 -2.89 0.97
CA PRO A 65 -6.38 -4.37 0.81
C PRO A 65 -7.71 -5.00 0.40
N GLY A 66 -7.63 -6.03 -0.44
CA GLY A 66 -8.83 -6.71 -0.90
C GLY A 66 -9.65 -5.82 -1.82
N VAL A 67 -8.97 -4.88 -2.48
CA VAL A 67 -9.64 -3.96 -3.38
C VAL A 67 -8.93 -3.94 -4.73
N VAL A 68 -9.66 -3.51 -5.77
CA VAL A 68 -9.08 -3.46 -7.11
C VAL A 68 -9.03 -2.02 -7.62
N TYR A 69 -7.94 -1.68 -8.29
CA TYR A 69 -7.77 -0.34 -8.83
C TYR A 69 -7.55 -0.38 -10.33
N GLU A 70 -8.21 0.52 -11.06
CA GLU A 70 -8.02 0.59 -12.51
C GLU A 70 -7.04 1.71 -12.82
N GLY A 71 -6.03 1.42 -13.63
CA GLY A 71 -5.04 2.44 -13.95
C GLY A 71 -4.96 2.70 -15.44
N GLN A 72 -4.53 3.90 -15.79
CA GLN A 72 -4.39 4.30 -17.19
C GLN A 72 -3.07 5.00 -17.40
N LEU A 73 -2.43 4.72 -18.52
CA LEU A 73 -1.16 5.35 -18.82
C LEU A 73 -1.27 6.24 -20.05
N ILE A 74 -1.02 7.53 -19.88
CA ILE A 74 -1.10 8.47 -20.98
C ILE A 74 0.28 9.01 -21.33
N SER A 75 0.62 8.94 -22.61
CA SER A 75 1.92 9.42 -23.06
C SER A 75 1.77 10.68 -23.91
N ILE A 76 2.40 11.77 -23.46
CA ILE A 76 2.29 13.03 -24.19
C ILE A 76 3.58 13.31 -24.97
N GLN A 77 3.41 13.94 -26.12
CA GLN A 77 4.55 14.27 -26.98
C GLN A 77 4.83 15.78 -26.89
N GLN A 78 6.08 16.14 -27.14
CA GLN A 78 6.47 17.55 -27.09
C GLN A 78 5.35 18.43 -27.67
N TYR A 79 4.42 18.83 -26.81
CA TYR A 79 3.31 19.67 -27.24
C TYR A 79 2.78 19.21 -28.59
N GLY A 80 2.86 17.90 -28.84
CA GLY A 80 2.38 17.35 -30.11
C GLY A 80 1.16 16.45 -29.90
N HIS A 81 1.33 15.18 -30.24
CA HIS A 81 0.24 14.21 -30.11
C HIS A 81 0.11 13.69 -28.68
N GLN A 82 -0.89 12.83 -28.47
CA GLN A 82 -1.13 12.24 -27.16
C GLN A 82 -1.71 10.84 -27.31
N GLU A 83 -1.41 9.96 -26.35
CA GLU A 83 -1.92 8.59 -26.38
C GLU A 83 -2.35 8.15 -24.99
N VAL A 84 -3.41 7.34 -24.92
CA VAL A 84 -3.90 6.86 -23.63
C VAL A 84 -4.05 5.34 -23.61
N THR A 85 -3.61 4.74 -22.52
CA THR A 85 -3.69 3.29 -22.35
C THR A 85 -4.44 2.94 -21.06
N ARG A 86 -5.26 1.89 -21.10
CA ARG A 86 -6.03 1.51 -19.92
C ARG A 86 -5.65 0.12 -19.44
N PHE A 87 -5.54 -0.04 -18.13
CA PHE A 87 -5.20 -1.32 -17.51
C PHE A 87 -5.80 -1.39 -16.11
N ASP A 88 -5.86 -2.59 -15.54
CA ASP A 88 -6.42 -2.74 -14.19
C ASP A 88 -5.70 -3.84 -13.42
N PHE A 89 -5.68 -3.69 -12.10
CA PHE A 89 -5.02 -4.67 -11.25
C PHE A 89 -5.74 -4.80 -9.92
N THR A 90 -5.32 -5.77 -9.13
CA THR A 90 -5.93 -6.02 -7.82
C THR A 90 -4.87 -5.84 -6.72
N THR A 91 -5.32 -5.63 -5.49
CA THR A 91 -4.38 -5.46 -4.38
C THR A 91 -4.78 -6.30 -3.18
N THR A 92 -3.88 -7.18 -2.75
CA THR A 92 -4.15 -8.05 -1.61
C THR A 92 -3.08 -7.94 -0.52
N SER A 93 -3.54 -8.21 0.70
CA SER A 93 -2.68 -8.15 1.90
C SER A 93 -1.55 -9.17 1.89
N THR A 94 -1.78 -10.34 1.32
CA THR A 94 -0.77 -11.39 1.34
C THR A 94 0.32 -11.17 0.30
N SER A 95 1.47 -11.80 0.53
CA SER A 95 2.61 -11.70 -0.37
C SER A 95 3.39 -13.02 -0.35
N THR A 96 4.19 -13.27 -1.39
CA THR A 96 4.99 -14.49 -1.48
C THR A 96 4.77 -15.40 -0.27
N PRO A 97 3.67 -16.10 -0.22
CA PRO A 97 3.35 -17.00 0.93
C PRO A 97 4.43 -18.06 1.16
N VAL A 98 4.73 -18.30 2.43
CA VAL A 98 5.75 -19.29 2.79
C VAL A 98 5.34 -20.69 2.30
N THR A 99 4.03 -20.94 2.33
CA THR A 99 3.46 -22.23 1.93
C THR A 99 4.11 -23.41 2.67
N SER A 100 5.12 -23.14 3.47
CA SER A 100 5.78 -24.20 4.22
C SER A 100 4.79 -24.89 5.17
N ASN A 101 3.87 -24.11 5.73
CA ASN A 101 2.88 -24.64 6.66
C ASN A 101 1.64 -25.18 5.95
N THR A 102 1.69 -25.24 4.62
CA THR A 102 0.55 -25.73 3.86
C THR A 102 0.48 -27.25 3.92
N VAL A 103 -0.73 -27.76 4.16
CA VAL A 103 -0.95 -29.21 4.25
C VAL A 103 -2.18 -29.60 3.44
N THR A 104 -2.13 -30.76 2.78
CA THR A 104 -3.26 -31.23 1.99
C THR A 104 -4.29 -31.90 2.88
N GLY A 105 -5.52 -32.02 2.39
CA GLY A 105 -6.58 -32.65 3.17
C GLY A 105 -7.08 -31.71 4.26
N GLU A 106 -7.17 -30.42 3.93
CA GLU A 106 -7.62 -29.42 4.89
C GLU A 106 -9.00 -29.79 5.43
N THR A 107 -9.21 -29.50 6.71
CA THR A 107 -10.49 -29.80 7.37
C THR A 107 -11.47 -28.64 7.19
N THR A 108 -12.75 -28.93 7.43
CA THR A 108 -13.81 -27.93 7.31
C THR A 108 -14.59 -27.83 8.62
N PRO A 109 -14.08 -27.10 9.59
CA PRO A 109 -14.74 -26.95 10.92
C PRO A 109 -16.20 -26.49 10.80
N PHE A 110 -17.04 -27.00 11.70
CA PHE A 110 -18.45 -26.66 11.72
C PHE A 110 -18.74 -25.64 12.83
N SER A 111 -19.53 -24.62 12.53
CA SER A 111 -19.85 -23.60 13.52
C SER A 111 -18.59 -22.86 13.98
N PRO A 112 -18.02 -22.05 13.13
CA PRO A 112 -16.79 -21.29 13.45
C PRO A 112 -16.90 -20.52 14.77
N LEU A 113 -15.76 -20.34 15.44
CA LEU A 113 -15.73 -19.66 16.72
C LEU A 113 -16.28 -18.23 16.59
N VAL A 114 -16.06 -17.60 15.45
CA VAL A 114 -16.54 -16.24 15.22
C VAL A 114 -17.65 -16.22 14.18
N ALA A 115 -18.73 -15.50 14.50
CA ALA A 115 -19.88 -15.39 13.60
C ALA A 115 -21.13 -15.03 14.42
N THR A 116 -20.91 -14.53 15.64
CA THR A 116 -22.01 -14.15 16.52
C THR A 116 -22.50 -12.73 16.21
N SER A 117 -23.71 -12.44 16.69
CA SER A 117 -24.31 -11.13 16.48
C SER A 117 -23.51 -10.05 17.20
N GLU A 118 -23.69 -8.79 16.73
CA GLU A 118 -23.03 -7.59 17.29
C GLU A 118 -22.44 -6.75 16.16
N SER A 119 -23.32 -6.14 15.38
CA SER A 119 -22.89 -5.30 14.27
C SER A 119 -22.10 -4.10 14.78
N VAL A 120 -22.37 -3.71 16.03
CA VAL A 120 -21.68 -2.58 16.66
C VAL A 120 -20.78 -3.06 17.79
N THR A 121 -19.57 -2.53 17.85
CA THR A 121 -18.61 -2.92 18.87
C THR A 121 -18.16 -1.71 19.70
N GLU A 122 -17.59 -2.00 20.87
CA GLU A 122 -17.10 -0.95 21.77
C GLU A 122 -15.59 -0.88 21.69
N ILE A 123 -15.03 0.34 21.85
CA ILE A 123 -13.59 0.52 21.78
C ILE A 123 -13.01 0.82 23.15
N THR A 124 -11.94 0.12 23.49
CA THR A 124 -11.26 0.28 24.77
C THR A 124 -9.79 0.61 24.56
N ALA A 125 -9.23 1.42 25.46
CA ALA A 125 -7.83 1.82 25.34
C ALA A 125 -6.91 0.59 25.34
N SER A 126 -5.86 0.67 24.52
CA SER A 126 -4.89 -0.41 24.38
C SER A 126 -3.98 -0.08 23.21
N SER A 127 -3.96 1.20 22.86
CA SER A 127 -3.18 1.70 21.74
C SER A 127 -1.72 1.28 21.90
N PHE A 128 -0.95 1.46 20.82
CA PHE A 128 0.46 1.10 20.82
C PHE A 128 1.28 2.22 20.20
N VAL A 129 2.49 2.43 20.70
CA VAL A 129 3.36 3.44 20.14
C VAL A 129 4.68 2.80 19.74
N VAL A 130 4.83 2.55 18.44
CA VAL A 130 6.04 1.91 17.95
C VAL A 130 6.85 2.87 17.08
N SER A 131 8.16 2.83 17.25
CA SER A 131 9.06 3.68 16.48
C SER A 131 10.15 2.84 15.83
N TRP A 132 10.68 3.31 14.71
CA TRP A 132 11.73 2.57 14.02
C TRP A 132 12.72 3.54 13.38
N VAL A 133 13.54 3.02 12.47
CA VAL A 133 14.54 3.83 11.79
C VAL A 133 14.37 3.75 10.28
N SER A 134 14.26 4.91 9.63
CA SER A 134 14.10 4.96 8.19
C SER A 134 15.27 4.24 7.50
N ALA A 135 15.44 2.98 7.83
CA ALA A 135 16.52 2.17 7.26
C ALA A 135 16.74 2.50 5.78
N SER A 136 16.35 3.71 5.37
CA SER A 136 16.52 4.12 3.99
C SER A 136 15.99 5.53 3.75
N ASP A 137 16.82 6.37 3.16
CA ASP A 137 16.42 7.74 2.87
C ASP A 137 15.68 7.83 1.55
N THR A 138 15.71 6.73 0.80
CA THR A 138 15.04 6.68 -0.49
C THR A 138 13.59 6.28 -0.33
N VAL A 139 13.18 6.05 0.92
CA VAL A 139 11.81 5.66 1.22
C VAL A 139 10.87 6.80 0.86
N SER A 140 9.74 6.46 0.24
CA SER A 140 8.76 7.46 -0.16
C SER A 140 7.67 7.57 0.90
N GLY A 141 7.61 6.57 1.76
CA GLY A 141 6.63 6.53 2.82
C GLY A 141 6.79 5.25 3.63
N PHE A 142 6.02 5.12 4.70
CA PHE A 142 6.09 3.93 5.52
C PHE A 142 4.72 3.27 5.63
N ARG A 143 4.72 1.95 5.82
CA ARG A 143 3.48 1.22 5.95
C ARG A 143 3.53 0.30 7.15
N VAL A 144 2.61 0.50 8.07
CA VAL A 144 2.55 -0.32 9.27
C VAL A 144 1.42 -1.33 9.18
N GLU A 145 1.70 -2.56 9.59
CA GLU A 145 0.69 -3.61 9.55
C GLU A 145 0.63 -4.31 10.90
N TYR A 146 -0.58 -4.44 11.43
CA TYR A 146 -0.77 -5.09 12.72
C TYR A 146 -2.00 -6.00 12.69
N GLU A 147 -1.84 -7.19 13.24
CA GLU A 147 -2.94 -8.15 13.28
C GLU A 147 -2.85 -8.97 14.57
N LEU A 148 -3.96 -9.61 14.94
CA LEU A 148 -3.98 -10.40 16.16
C LEU A 148 -3.16 -11.67 15.99
N SER A 149 -2.21 -11.87 16.89
CA SER A 149 -1.35 -13.04 16.84
C SER A 149 -2.11 -14.29 17.25
N GLU A 150 -3.34 -14.11 17.71
CA GLU A 150 -4.16 -15.24 18.14
C GLU A 150 -5.32 -15.48 17.18
N GLU A 151 -6.28 -14.57 17.18
CA GLU A 151 -7.45 -14.69 16.32
C GLU A 151 -7.06 -14.73 14.84
N GLY A 152 -6.03 -13.97 14.49
CA GLY A 152 -5.57 -13.92 13.11
C GLY A 152 -6.46 -13.01 12.27
N ASP A 153 -7.37 -12.31 12.94
CA ASP A 153 -8.28 -11.41 12.26
C ASP A 153 -7.64 -10.88 10.98
N GLU A 154 -8.29 -9.90 10.34
CA GLU A 154 -7.75 -9.32 9.13
C GLU A 154 -6.71 -8.26 9.46
N PRO A 155 -5.64 -8.24 8.72
CA PRO A 155 -4.54 -7.26 8.93
C PRO A 155 -4.94 -5.84 8.55
N GLN A 156 -4.41 -4.87 9.28
CA GLN A 156 -4.70 -3.47 9.00
C GLN A 156 -3.41 -2.77 8.59
N TYR A 157 -3.53 -1.80 7.68
CA TYR A 157 -2.35 -1.10 7.21
C TYR A 157 -2.47 0.40 7.43
N LEU A 158 -1.37 1.02 7.81
CA LEU A 158 -1.33 2.46 8.03
C LEU A 158 -0.17 3.04 7.24
N ASP A 159 -0.47 4.07 6.45
CA ASP A 159 0.57 4.68 5.63
C ASP A 159 1.06 5.99 6.24
N LEU A 160 2.38 6.12 6.31
CA LEU A 160 3.01 7.31 6.87
C LEU A 160 4.04 7.84 5.88
N PRO A 161 4.37 9.10 5.97
CA PRO A 161 5.37 9.74 5.06
C PRO A 161 6.79 9.24 5.33
N SER A 162 7.65 9.38 4.32
CA SER A 162 9.03 8.94 4.45
C SER A 162 9.73 9.66 5.59
N THR A 163 9.08 10.71 6.11
CA THR A 163 9.65 11.48 7.21
C THR A 163 9.16 10.94 8.55
N ALA A 164 8.19 10.03 8.50
CA ALA A 164 7.65 9.44 9.73
C ALA A 164 8.53 8.30 10.21
N THR A 165 8.80 8.26 11.50
CA THR A 165 9.64 7.21 12.07
C THR A 165 8.99 6.63 13.32
N SER A 166 7.70 6.90 13.50
CA SER A 166 6.98 6.41 14.66
C SER A 166 5.47 6.60 14.44
N VAL A 167 4.67 5.70 14.97
CA VAL A 167 3.23 5.80 14.81
C VAL A 167 2.48 5.14 15.97
N ASN A 168 1.29 5.66 16.26
CA ASN A 168 0.47 5.13 17.33
C ASN A 168 -0.70 4.35 16.75
N ILE A 169 -0.84 3.09 17.16
CA ILE A 169 -1.91 2.25 16.68
C ILE A 169 -3.06 2.19 17.68
N PRO A 170 -4.14 2.88 17.39
CA PRO A 170 -5.33 2.92 18.26
C PRO A 170 -6.34 1.83 17.91
N ASP A 171 -7.44 1.81 18.65
CA ASP A 171 -8.50 0.84 18.42
C ASP A 171 -8.01 -0.59 18.63
N LEU A 172 -7.07 -0.77 19.55
CA LEU A 172 -6.54 -2.09 19.84
C LEU A 172 -7.40 -2.81 20.87
N LEU A 173 -7.48 -4.13 20.76
CA LEU A 173 -8.28 -4.92 21.68
C LEU A 173 -7.46 -5.31 22.91
N PRO A 174 -7.83 -4.80 24.05
CA PRO A 174 -7.13 -5.10 25.33
C PRO A 174 -7.12 -6.59 25.65
N GLY A 175 -5.99 -7.07 26.18
CA GLY A 175 -5.86 -8.48 26.52
C GLY A 175 -5.62 -9.33 25.27
N ARG A 176 -5.14 -8.69 24.21
CA ARG A 176 -4.88 -9.40 22.96
C ARG A 176 -3.45 -9.14 22.49
N LYS A 177 -2.89 -10.11 21.79
CA LYS A 177 -1.53 -9.98 21.28
C LYS A 177 -1.58 -9.60 19.81
N TYR A 178 -0.82 -8.58 19.44
CA TYR A 178 -0.78 -8.13 18.06
C TYR A 178 0.63 -8.23 17.48
N ILE A 179 0.71 -8.48 16.19
CA ILE A 179 2.00 -8.56 15.52
C ILE A 179 2.16 -7.29 14.69
N VAL A 180 3.26 -6.59 14.91
CA VAL A 180 3.50 -5.35 14.18
C VAL A 180 4.71 -5.46 13.28
N ASN A 181 4.54 -5.02 12.04
CA ASN A 181 5.63 -5.06 11.06
C ASN A 181 5.66 -3.75 10.29
N VAL A 182 6.80 -3.08 10.32
CA VAL A 182 6.95 -1.81 9.63
C VAL A 182 7.69 -1.99 8.32
N TYR A 183 7.08 -1.54 7.24
CA TYR A 183 7.69 -1.66 5.92
C TYR A 183 7.93 -0.27 5.34
N GLN A 184 9.10 -0.07 4.73
CA GLN A 184 9.39 1.23 4.14
C GLN A 184 9.17 1.13 2.64
N ILE A 185 8.51 2.14 2.08
CA ILE A 185 8.20 2.14 0.66
C ILE A 185 9.21 3.00 -0.11
N SER A 186 9.87 2.38 -1.07
CA SER A 186 10.85 3.07 -1.87
C SER A 186 10.18 3.82 -3.02
N GLU A 187 10.94 4.66 -3.70
CA GLU A 187 10.41 5.45 -4.81
C GLU A 187 9.87 4.54 -5.91
N ASP A 188 10.22 3.26 -5.84
CA ASP A 188 9.75 2.30 -6.85
C ASP A 188 8.51 1.57 -6.37
N GLY A 189 8.12 1.82 -5.12
CA GLY A 189 6.93 1.18 -4.55
C GLY A 189 7.29 -0.15 -3.91
N GLU A 190 8.59 -0.38 -3.70
CA GLU A 190 9.04 -1.62 -3.08
C GLU A 190 8.98 -1.50 -1.55
N GLN A 191 8.54 -2.58 -0.91
CA GLN A 191 8.45 -2.57 0.55
C GLN A 191 9.55 -3.44 1.17
N SER A 192 10.11 -2.97 2.27
CA SER A 192 11.17 -3.71 2.95
C SER A 192 10.94 -3.71 4.45
N LEU A 193 10.94 -4.90 5.04
CA LEU A 193 10.74 -5.02 6.48
C LEU A 193 11.92 -4.42 7.24
N ILE A 194 11.65 -3.38 8.01
CA ILE A 194 12.70 -2.73 8.79
C ILE A 194 12.53 -3.01 10.27
N LEU A 195 11.31 -3.36 10.68
CA LEU A 195 11.06 -3.65 12.09
C LEU A 195 9.83 -4.55 12.27
N SER A 196 10.03 -5.66 12.96
CA SER A 196 8.95 -6.60 13.23
C SER A 196 8.94 -6.97 14.71
N THR A 197 7.84 -6.70 15.40
CA THR A 197 7.75 -7.01 16.81
C THR A 197 6.30 -7.20 17.24
N SER A 198 6.09 -8.02 18.27
CA SER A 198 4.75 -8.27 18.77
C SER A 198 4.57 -7.65 20.14
N GLN A 199 3.31 -7.42 20.52
CA GLN A 199 3.01 -6.81 21.81
C GLN A 199 1.71 -7.38 22.38
N THR A 200 1.56 -7.27 23.69
CA THR A 200 0.37 -7.76 24.36
C THR A 200 -0.31 -6.63 25.12
N THR A 201 -1.40 -6.12 24.57
CA THR A 201 -2.12 -5.02 25.21
C THR A 201 -2.35 -5.32 26.69
N SER A 1 -1.35 8.99 -30.61
CA SER A 1 -0.76 7.76 -31.23
C SER A 1 -1.54 6.54 -30.79
N GLY A 2 -0.83 5.45 -30.48
CA GLY A 2 -1.49 4.23 -30.05
C GLY A 2 -1.09 3.88 -28.61
N PRO A 3 -1.97 3.23 -27.92
CA PRO A 3 -1.76 2.82 -26.50
C PRO A 3 -0.33 2.42 -26.18
N VAL A 4 0.08 2.80 -24.98
CA VAL A 4 1.41 2.48 -24.47
C VAL A 4 1.41 1.04 -23.97
N GLU A 5 2.58 0.53 -23.60
CA GLU A 5 2.66 -0.85 -23.11
C GLU A 5 2.85 -0.88 -21.60
N VAL A 6 1.97 -1.62 -20.92
CA VAL A 6 2.02 -1.76 -19.48
C VAL A 6 1.79 -3.22 -19.07
N PHE A 7 2.48 -3.66 -18.01
CA PHE A 7 2.34 -5.03 -17.54
C PHE A 7 2.63 -5.13 -16.05
N ILE A 8 2.30 -6.28 -15.47
CA ILE A 8 2.53 -6.50 -14.04
C ILE A 8 3.66 -7.51 -13.84
N THR A 9 4.61 -7.16 -12.97
CA THR A 9 5.75 -8.04 -12.70
C THR A 9 6.12 -8.03 -11.22
N GLU A 10 6.88 -9.04 -10.80
CA GLU A 10 7.31 -9.14 -9.40
C GLU A 10 6.21 -8.64 -8.49
N THR A 11 4.97 -8.82 -8.92
CA THR A 11 3.84 -8.36 -8.13
C THR A 11 2.89 -9.50 -7.79
N PRO A 12 3.30 -10.38 -6.93
CA PRO A 12 2.45 -11.53 -6.50
C PRO A 12 1.19 -11.08 -5.77
N SER A 13 1.30 -9.93 -5.10
CA SER A 13 0.16 -9.39 -4.36
C SER A 13 0.65 -8.58 -3.16
N GLN A 14 0.21 -7.33 -3.06
CA GLN A 14 0.60 -6.47 -1.96
C GLN A 14 -0.63 -5.93 -1.23
N PRO A 15 -0.46 -5.53 0.00
CA PRO A 15 -1.58 -5.01 0.84
C PRO A 15 -1.90 -3.54 0.58
N ASN A 16 -0.95 -2.66 0.88
CA ASN A 16 -1.18 -1.23 0.68
C ASN A 16 -0.37 -0.67 -0.48
N SER A 17 0.66 -1.39 -0.90
CA SER A 17 1.50 -0.93 -2.01
C SER A 17 1.24 -1.75 -3.28
N HIS A 18 1.46 -1.12 -4.42
CA HIS A 18 1.25 -1.80 -5.70
C HIS A 18 2.10 -1.15 -6.79
N PRO A 19 3.19 -1.76 -7.15
CA PRO A 19 4.10 -1.23 -8.20
C PRO A 19 3.63 -1.58 -9.62
N ILE A 20 3.89 -0.67 -10.55
CA ILE A 20 3.50 -0.88 -11.95
C ILE A 20 4.68 -0.58 -12.86
N GLN A 21 4.57 -0.97 -14.13
CA GLN A 21 5.64 -0.70 -15.09
C GLN A 21 5.05 -0.50 -16.48
N TRP A 22 5.68 0.35 -17.29
CA TRP A 22 5.20 0.60 -18.64
C TRP A 22 6.35 0.75 -19.62
N ASN A 23 6.05 0.51 -20.90
CA ASN A 23 7.06 0.65 -21.93
C ASN A 23 6.55 1.55 -23.04
N ALA A 24 7.47 2.17 -23.77
CA ALA A 24 7.11 3.08 -24.86
C ALA A 24 7.92 2.77 -26.12
N PRO A 25 7.58 3.41 -27.20
CA PRO A 25 8.30 3.22 -28.50
C PRO A 25 9.80 3.36 -28.34
N GLN A 26 10.55 3.08 -29.41
CA GLN A 26 12.00 3.19 -29.34
C GLN A 26 12.43 4.63 -29.56
N PRO A 27 11.95 5.27 -30.60
CA PRO A 27 12.28 6.69 -30.92
C PRO A 27 11.75 7.63 -29.85
N SER A 28 12.40 8.77 -29.67
CA SER A 28 11.97 9.74 -28.66
C SER A 28 10.60 10.27 -29.00
N HIS A 29 9.73 9.37 -29.41
CA HIS A 29 8.36 9.73 -29.77
C HIS A 29 7.61 10.26 -28.55
N ILE A 30 7.82 9.61 -27.41
CA ILE A 30 7.16 10.00 -26.17
C ILE A 30 8.15 10.61 -25.18
N SER A 31 7.74 11.70 -24.53
CA SER A 31 8.60 12.39 -23.59
C SER A 31 8.17 12.14 -22.15
N LYS A 32 7.06 12.77 -21.76
CA LYS A 32 6.55 12.63 -20.40
C LYS A 32 5.60 11.44 -20.25
N TYR A 33 5.60 10.84 -19.06
CA TYR A 33 4.70 9.73 -18.78
C TYR A 33 3.82 10.08 -17.57
N ILE A 34 2.51 10.00 -17.75
CA ILE A 34 1.59 10.32 -16.65
C ILE A 34 0.76 9.11 -16.28
N LEU A 35 0.64 8.85 -14.98
CA LEU A 35 -0.14 7.71 -14.51
C LEU A 35 -1.29 8.16 -13.62
N ARG A 36 -2.49 7.70 -13.93
CA ARG A 36 -3.66 8.04 -13.14
C ARG A 36 -4.44 6.78 -12.80
N TRP A 37 -4.94 6.70 -11.57
CA TRP A 37 -5.67 5.51 -11.13
C TRP A 37 -6.80 5.86 -10.17
N ARG A 38 -7.73 4.91 -10.01
CA ARG A 38 -8.85 5.09 -9.10
C ARG A 38 -9.46 3.73 -8.73
N PRO A 39 -9.83 3.56 -7.49
CA PRO A 39 -10.44 2.28 -7.02
C PRO A 39 -11.77 2.00 -7.70
N LYS A 40 -11.82 0.93 -8.48
CA LYS A 40 -13.06 0.57 -9.18
C LYS A 40 -14.24 0.64 -8.23
N ASN A 41 -14.74 1.85 -8.02
CA ASN A 41 -15.87 2.04 -7.11
C ASN A 41 -16.59 3.38 -7.37
N SER A 42 -15.91 4.33 -8.02
CA SER A 42 -16.52 5.62 -8.31
C SER A 42 -15.81 6.29 -9.49
N VAL A 43 -16.50 7.22 -10.13
CA VAL A 43 -15.93 7.94 -11.27
C VAL A 43 -15.92 9.43 -10.99
N GLY A 44 -15.84 9.79 -9.71
CA GLY A 44 -15.84 11.20 -9.31
C GLY A 44 -14.42 11.73 -9.15
N ARG A 45 -13.77 11.36 -8.05
CA ARG A 45 -12.41 11.83 -7.79
C ARG A 45 -11.44 10.66 -7.72
N TRP A 46 -10.17 10.94 -8.06
CA TRP A 46 -9.14 9.91 -8.02
C TRP A 46 -7.74 10.49 -7.93
N LYS A 47 -6.72 9.64 -8.12
CA LYS A 47 -5.34 10.10 -8.01
C LYS A 47 -4.62 10.13 -9.36
N GLU A 48 -3.68 11.06 -9.47
CA GLU A 48 -2.88 11.20 -10.68
C GLU A 48 -1.44 11.53 -10.32
N ALA A 49 -0.53 11.22 -11.24
CA ALA A 49 0.90 11.47 -10.99
C ALA A 49 1.66 11.67 -12.29
N THR A 50 2.81 12.33 -12.18
CA THR A 50 3.66 12.58 -13.34
C THR A 50 4.99 11.85 -13.18
N ILE A 51 5.44 11.20 -14.26
CA ILE A 51 6.68 10.45 -14.20
C ILE A 51 7.64 10.88 -15.32
N PRO A 52 8.82 11.31 -14.96
CA PRO A 52 9.85 11.75 -15.95
C PRO A 52 10.01 10.75 -17.09
N GLY A 53 10.42 11.26 -18.25
CA GLY A 53 10.58 10.41 -19.44
C GLY A 53 11.65 9.33 -19.25
N HIS A 54 12.58 9.53 -18.32
CA HIS A 54 13.64 8.56 -18.11
C HIS A 54 13.19 7.41 -17.20
N LEU A 55 12.09 7.61 -16.48
CA LEU A 55 11.58 6.56 -15.61
C LEU A 55 10.57 5.69 -16.35
N ASN A 56 10.65 4.38 -16.14
CA ASN A 56 9.73 3.45 -16.81
C ASN A 56 8.93 2.63 -15.80
N SER A 57 8.94 3.04 -14.54
CA SER A 57 8.19 2.32 -13.51
C SER A 57 7.74 3.26 -12.40
N TYR A 58 6.54 3.00 -11.87
CA TYR A 58 5.99 3.85 -10.81
C TYR A 58 5.84 3.06 -9.52
N THR A 59 5.15 3.66 -8.57
CA THR A 59 4.91 3.02 -7.27
C THR A 59 3.60 3.54 -6.68
N ILE A 60 2.70 2.63 -6.33
CA ILE A 60 1.42 3.04 -5.75
C ILE A 60 1.29 2.57 -4.30
N LYS A 61 1.06 3.53 -3.40
CA LYS A 61 0.91 3.22 -1.99
C LYS A 61 -0.39 3.80 -1.45
N GLY A 62 -0.82 3.31 -0.30
CA GLY A 62 -2.06 3.78 0.32
C GLY A 62 -3.25 3.03 -0.24
N LEU A 63 -2.99 1.87 -0.83
CA LEU A 63 -4.05 1.06 -1.42
C LEU A 63 -4.81 0.27 -0.34
N LYS A 64 -6.03 -0.10 -0.67
CA LYS A 64 -6.86 -0.87 0.26
C LYS A 64 -6.81 -2.36 -0.09
N PRO A 65 -6.64 -3.21 0.89
CA PRO A 65 -6.60 -4.68 0.67
C PRO A 65 -7.94 -5.24 0.24
N GLY A 66 -7.92 -6.23 -0.64
CA GLY A 66 -9.15 -6.85 -1.12
C GLY A 66 -9.93 -5.89 -2.00
N VAL A 67 -9.22 -4.96 -2.62
CA VAL A 67 -9.84 -3.97 -3.50
C VAL A 67 -9.15 -3.94 -4.84
N VAL A 68 -9.85 -3.45 -5.86
CA VAL A 68 -9.28 -3.37 -7.19
C VAL A 68 -9.18 -1.92 -7.65
N TYR A 69 -8.07 -1.60 -8.32
CA TYR A 69 -7.85 -0.24 -8.82
C TYR A 69 -7.64 -0.23 -10.32
N GLU A 70 -8.26 0.71 -11.01
CA GLU A 70 -8.07 0.82 -12.46
C GLU A 70 -7.04 1.91 -12.72
N GLY A 71 -6.06 1.62 -13.55
CA GLY A 71 -5.02 2.60 -13.85
C GLY A 71 -4.93 2.92 -15.33
N GLN A 72 -4.45 4.11 -15.63
CA GLN A 72 -4.31 4.54 -17.02
C GLN A 72 -2.95 5.20 -17.21
N LEU A 73 -2.33 4.93 -18.35
CA LEU A 73 -1.04 5.52 -18.62
C LEU A 73 -1.11 6.45 -19.83
N ILE A 74 -0.81 7.73 -19.60
CA ILE A 74 -0.86 8.71 -20.67
C ILE A 74 0.54 9.20 -21.01
N SER A 75 0.89 9.17 -22.29
CA SER A 75 2.20 9.60 -22.73
C SER A 75 2.10 10.90 -23.53
N ILE A 76 2.78 11.94 -23.05
CA ILE A 76 2.73 13.23 -23.73
C ILE A 76 4.01 13.49 -24.51
N GLN A 77 3.87 14.17 -25.63
CA GLN A 77 5.01 14.49 -26.49
C GLN A 77 5.37 15.96 -26.35
N GLN A 78 6.63 16.29 -26.59
CA GLN A 78 7.07 17.67 -26.48
C GLN A 78 6.00 18.62 -27.03
N TYR A 79 5.09 19.03 -26.15
CA TYR A 79 4.01 19.93 -26.55
C TYR A 79 3.46 19.54 -27.92
N GLY A 80 3.47 18.24 -28.21
CA GLY A 80 2.97 17.76 -29.49
C GLY A 80 1.71 16.90 -29.31
N HIS A 81 1.82 15.64 -29.70
CA HIS A 81 0.70 14.71 -29.60
C HIS A 81 0.56 14.15 -28.19
N GLN A 82 -0.48 13.33 -28.00
CA GLN A 82 -0.74 12.70 -26.72
C GLN A 82 -1.39 11.32 -26.90
N GLU A 83 -1.13 10.41 -25.98
CA GLU A 83 -1.69 9.06 -26.07
C GLU A 83 -2.13 8.58 -24.68
N VAL A 84 -3.23 7.82 -24.63
CA VAL A 84 -3.73 7.32 -23.36
C VAL A 84 -3.95 5.81 -23.39
N THR A 85 -3.52 5.14 -22.33
CA THR A 85 -3.67 3.69 -22.21
C THR A 85 -4.42 3.33 -20.93
N ARG A 86 -5.29 2.32 -21.00
CA ARG A 86 -6.07 1.93 -19.83
C ARG A 86 -5.75 0.50 -19.40
N PHE A 87 -5.64 0.30 -18.10
CA PHE A 87 -5.35 -1.01 -17.54
C PHE A 87 -5.95 -1.11 -16.14
N ASP A 88 -6.06 -2.32 -15.61
CA ASP A 88 -6.61 -2.50 -14.27
C ASP A 88 -5.94 -3.66 -13.54
N PHE A 89 -5.91 -3.56 -12.21
CA PHE A 89 -5.29 -4.59 -11.39
C PHE A 89 -6.02 -4.75 -10.07
N THR A 90 -5.64 -5.77 -9.32
CA THR A 90 -6.23 -6.03 -8.01
C THR A 90 -5.17 -5.94 -6.92
N THR A 91 -5.61 -5.76 -5.67
CA THR A 91 -4.66 -5.66 -4.57
C THR A 91 -5.10 -6.53 -3.40
N THR A 92 -4.24 -7.46 -3.01
CA THR A 92 -4.54 -8.36 -1.89
C THR A 92 -3.42 -8.35 -0.85
N SER A 93 -3.76 -8.77 0.36
CA SER A 93 -2.78 -8.82 1.43
C SER A 93 -1.72 -9.89 1.16
N THR A 94 -2.05 -11.13 1.49
CA THR A 94 -1.13 -12.26 1.27
C THR A 94 -1.70 -13.22 0.22
N SER A 95 -2.76 -12.81 -0.45
CA SER A 95 -3.38 -13.66 -1.46
C SER A 95 -3.69 -15.02 -0.85
N THR A 96 -3.62 -16.07 -1.67
CA THR A 96 -3.87 -17.43 -1.19
C THR A 96 -5.21 -17.49 -0.45
N PRO A 97 -6.30 -17.35 -1.15
CA PRO A 97 -7.67 -17.38 -0.55
C PRO A 97 -7.91 -18.66 0.26
N VAL A 98 -7.10 -19.69 -0.01
CA VAL A 98 -7.23 -20.97 0.68
C VAL A 98 -5.90 -21.40 1.28
N THR A 99 -5.95 -22.26 2.29
CA THR A 99 -4.75 -22.74 2.97
C THR A 99 -3.80 -23.42 1.99
N SER A 100 -4.33 -24.18 1.05
CA SER A 100 -3.49 -24.90 0.08
C SER A 100 -3.73 -24.39 -1.34
N ASN A 101 -2.64 -24.23 -2.09
CA ASN A 101 -2.73 -23.75 -3.47
C ASN A 101 -3.64 -24.67 -4.30
N THR A 102 -3.63 -25.96 -3.97
CA THR A 102 -4.43 -26.94 -4.70
C THR A 102 -5.48 -27.58 -3.80
N VAL A 103 -6.68 -27.76 -4.36
CA VAL A 103 -7.79 -28.37 -3.62
C VAL A 103 -8.00 -27.69 -2.26
N THR A 104 -9.23 -27.79 -1.75
CA THR A 104 -9.58 -27.18 -0.47
C THR A 104 -10.14 -28.26 0.46
N GLY A 105 -10.20 -27.96 1.76
CA GLY A 105 -10.73 -28.91 2.73
C GLY A 105 -11.05 -28.24 4.06
N GLU A 106 -11.50 -29.05 5.02
CA GLU A 106 -11.86 -28.55 6.34
C GLU A 106 -10.66 -27.88 7.01
N THR A 107 -10.93 -26.82 7.78
CA THR A 107 -9.88 -26.11 8.49
C THR A 107 -9.40 -26.92 9.69
N THR A 108 -8.10 -26.92 9.92
CA THR A 108 -7.52 -27.68 11.04
C THR A 108 -6.78 -26.77 12.02
N PRO A 109 -7.50 -26.14 12.93
CA PRO A 109 -6.88 -25.23 13.94
C PRO A 109 -5.81 -25.94 14.76
N PHE A 110 -4.82 -25.18 15.22
CA PHE A 110 -3.72 -25.75 16.01
C PHE A 110 -3.90 -25.47 17.49
N SER A 111 -3.69 -26.50 18.31
CA SER A 111 -3.81 -26.40 19.75
C SER A 111 -2.52 -26.84 20.43
N PRO A 112 -1.53 -25.98 20.50
CA PRO A 112 -0.21 -26.33 21.12
C PRO A 112 -0.36 -26.88 22.53
N LEU A 113 0.50 -27.83 22.86
CA LEU A 113 0.48 -28.47 24.18
C LEU A 113 0.70 -27.45 25.30
N VAL A 114 1.49 -26.42 25.02
CA VAL A 114 1.81 -25.40 26.02
C VAL A 114 1.05 -24.10 25.74
N ALA A 115 0.48 -23.54 26.80
CA ALA A 115 -0.28 -22.29 26.71
C ALA A 115 0.54 -21.14 27.29
N THR A 116 0.30 -19.93 26.79
CA THR A 116 1.04 -18.76 27.27
C THR A 116 0.60 -18.40 28.68
N SER A 117 1.57 -18.08 29.53
CA SER A 117 1.30 -17.73 30.92
C SER A 117 0.43 -16.48 31.02
N GLU A 118 -0.29 -16.36 32.13
CA GLU A 118 -1.15 -15.20 32.36
C GLU A 118 -0.35 -13.91 32.32
N SER A 119 -0.96 -12.85 31.82
CA SER A 119 -0.30 -11.54 31.71
C SER A 119 -0.98 -10.53 32.63
N VAL A 120 -0.23 -9.51 33.04
CA VAL A 120 -0.76 -8.47 33.91
C VAL A 120 -0.83 -7.13 33.20
N THR A 121 -1.94 -6.42 33.37
CA THR A 121 -2.13 -5.13 32.72
C THR A 121 -1.44 -4.02 33.50
N GLU A 122 -1.23 -2.89 32.83
CA GLU A 122 -0.57 -1.73 33.44
C GLU A 122 -1.55 -0.56 33.56
N ILE A 123 -1.57 0.28 32.53
CA ILE A 123 -2.45 1.45 32.50
C ILE A 123 -3.36 1.39 31.28
N THR A 124 -4.44 2.15 31.31
CA THR A 124 -5.39 2.15 30.19
C THR A 124 -4.79 2.85 28.98
N ALA A 125 -4.95 2.22 27.82
CA ALA A 125 -4.43 2.74 26.55
C ALA A 125 -4.13 1.57 25.62
N SER A 126 -5.18 0.99 25.05
CA SER A 126 -5.03 -0.16 24.16
C SER A 126 -4.17 0.20 22.95
N SER A 127 -4.25 1.46 22.52
CA SER A 127 -3.49 1.93 21.38
C SER A 127 -2.01 1.63 21.55
N PHE A 128 -1.26 1.78 20.47
CA PHE A 128 0.18 1.52 20.50
C PHE A 128 0.93 2.65 19.80
N VAL A 129 2.10 2.97 20.30
CA VAL A 129 2.91 4.02 19.67
C VAL A 129 4.27 3.44 19.31
N VAL A 130 4.45 3.11 18.03
CA VAL A 130 5.71 2.53 17.59
C VAL A 130 6.45 3.48 16.65
N SER A 131 7.77 3.55 16.82
CA SER A 131 8.60 4.41 16.00
C SER A 131 9.76 3.61 15.41
N TRP A 132 10.25 4.04 14.25
CA TRP A 132 11.35 3.33 13.62
C TRP A 132 12.28 4.31 12.91
N VAL A 133 13.14 3.80 12.05
CA VAL A 133 14.07 4.63 11.31
C VAL A 133 13.92 4.45 9.81
N SER A 134 13.74 5.55 9.09
CA SER A 134 13.58 5.48 7.64
C SER A 134 14.81 4.81 7.01
N ALA A 135 15.06 3.58 7.42
CA ALA A 135 16.20 2.83 6.90
C ALA A 135 16.40 3.07 5.41
N SER A 136 15.93 4.22 4.93
CA SER A 136 16.08 4.54 3.51
C SER A 136 15.44 5.89 3.19
N ASP A 137 16.22 6.76 2.53
CA ASP A 137 15.72 8.08 2.16
C ASP A 137 14.99 8.01 0.82
N THR A 138 15.09 6.88 0.15
CA THR A 138 14.45 6.69 -1.13
C THR A 138 13.02 6.20 -0.94
N VAL A 139 12.63 6.03 0.32
CA VAL A 139 11.29 5.57 0.64
C VAL A 139 10.27 6.61 0.20
N SER A 140 9.17 6.15 -0.39
CA SER A 140 8.13 7.05 -0.85
C SER A 140 7.03 7.15 0.19
N GLY A 141 7.04 6.21 1.12
CA GLY A 141 6.05 6.17 2.18
C GLY A 141 6.29 4.96 3.06
N PHE A 142 5.52 4.85 4.15
CA PHE A 142 5.68 3.72 5.05
C PHE A 142 4.36 2.97 5.20
N ARG A 143 4.45 1.68 5.48
CA ARG A 143 3.26 0.87 5.64
C ARG A 143 3.37 0.04 6.91
N VAL A 144 2.42 0.23 7.81
CA VAL A 144 2.43 -0.51 9.06
C VAL A 144 1.36 -1.60 9.05
N GLU A 145 1.73 -2.77 9.53
CA GLU A 145 0.81 -3.90 9.57
C GLU A 145 0.78 -4.51 10.96
N TYR A 146 -0.42 -4.68 11.50
CA TYR A 146 -0.58 -5.26 12.82
C TYR A 146 -1.73 -6.24 12.86
N GLU A 147 -1.49 -7.39 13.48
CA GLU A 147 -2.52 -8.43 13.59
C GLU A 147 -2.39 -9.14 14.93
N LEU A 148 -3.45 -9.82 15.34
CA LEU A 148 -3.42 -10.54 16.61
C LEU A 148 -2.51 -11.76 16.53
N SER A 149 -1.55 -11.83 17.44
CA SER A 149 -0.60 -12.94 17.47
C SER A 149 -1.29 -14.21 17.95
N GLU A 150 -2.53 -14.08 18.41
CA GLU A 150 -3.27 -15.24 18.91
C GLU A 150 -4.40 -15.62 17.96
N GLU A 151 -5.43 -14.78 17.90
CA GLU A 151 -6.57 -15.05 17.05
C GLU A 151 -6.17 -15.15 15.58
N GLY A 152 -5.20 -14.35 15.19
CA GLY A 152 -4.74 -14.36 13.79
C GLY A 152 -5.69 -13.58 12.90
N ASP A 153 -6.65 -12.90 13.52
CA ASP A 153 -7.61 -12.10 12.77
C ASP A 153 -7.00 -11.62 11.46
N GLU A 154 -7.72 -10.74 10.77
CA GLU A 154 -7.22 -10.21 9.51
C GLU A 154 -6.25 -9.05 9.78
N PRO A 155 -5.19 -9.00 9.03
CA PRO A 155 -4.16 -7.93 9.19
C PRO A 155 -4.65 -6.57 8.71
N GLN A 156 -4.20 -5.53 9.37
CA GLN A 156 -4.58 -4.17 9.00
C GLN A 156 -3.35 -3.41 8.55
N TYR A 157 -3.52 -2.52 7.57
CA TYR A 157 -2.39 -1.76 7.06
C TYR A 157 -2.63 -0.26 7.18
N LEU A 158 -1.57 0.45 7.52
CA LEU A 158 -1.63 1.90 7.65
C LEU A 158 -0.52 2.52 6.82
N ASP A 159 -0.87 3.46 5.96
CA ASP A 159 0.12 4.09 5.10
C ASP A 159 0.52 5.47 5.62
N LEU A 160 1.83 5.69 5.69
CA LEU A 160 2.36 6.96 6.16
C LEU A 160 3.36 7.49 5.14
N PRO A 161 3.60 8.78 5.15
CA PRO A 161 4.56 9.42 4.21
C PRO A 161 6.00 9.04 4.50
N SER A 162 6.86 9.18 3.49
CA SER A 162 8.27 8.85 3.64
C SER A 162 8.91 9.70 4.74
N THR A 163 8.19 10.71 5.19
CA THR A 163 8.70 11.60 6.23
C THR A 163 8.24 11.12 7.60
N ALA A 164 7.34 10.14 7.62
CA ALA A 164 6.82 9.60 8.87
C ALA A 164 7.79 8.55 9.43
N THR A 165 8.05 8.62 10.73
CA THR A 165 8.95 7.67 11.37
C THR A 165 8.35 7.13 12.66
N SER A 166 7.04 7.33 12.81
CA SER A 166 6.33 6.86 14.00
C SER A 166 4.84 6.93 13.77
N VAL A 167 4.09 6.01 14.36
CA VAL A 167 2.65 5.99 14.19
C VAL A 167 1.95 5.37 15.39
N ASN A 168 0.71 5.82 15.64
CA ASN A 168 -0.07 5.31 16.75
C ASN A 168 -1.19 4.40 16.22
N ILE A 169 -1.23 3.18 16.72
CA ILE A 169 -2.25 2.23 16.29
C ILE A 169 -3.39 2.15 17.29
N PRO A 170 -4.51 2.74 16.95
CA PRO A 170 -5.70 2.76 17.82
C PRO A 170 -6.63 1.58 17.54
N ASP A 171 -7.74 1.53 18.27
CA ASP A 171 -8.73 0.48 18.11
C ASP A 171 -8.14 -0.90 18.41
N LEU A 172 -7.20 -0.95 19.35
CA LEU A 172 -6.57 -2.22 19.72
C LEU A 172 -7.39 -2.91 20.79
N LEU A 173 -7.37 -4.25 20.77
CA LEU A 173 -8.12 -5.03 21.76
C LEU A 173 -7.28 -5.27 23.01
N PRO A 174 -7.70 -4.72 24.11
CA PRO A 174 -6.99 -4.88 25.41
C PRO A 174 -6.86 -6.34 25.82
N GLY A 175 -5.71 -6.71 26.38
CA GLY A 175 -5.48 -8.08 26.82
C GLY A 175 -5.17 -8.98 25.63
N ARG A 176 -4.74 -8.39 24.52
CA ARG A 176 -4.42 -9.15 23.32
C ARG A 176 -3.02 -8.83 22.84
N LYS A 177 -2.38 -9.81 22.21
CA LYS A 177 -1.04 -9.60 21.69
C LYS A 177 -1.10 -9.33 20.20
N TYR A 178 -0.41 -8.29 19.76
CA TYR A 178 -0.39 -7.94 18.35
C TYR A 178 1.01 -7.97 17.79
N ILE A 179 1.13 -8.31 16.51
CA ILE A 179 2.42 -8.32 15.84
C ILE A 179 2.50 -7.11 14.94
N VAL A 180 3.54 -6.32 15.11
CA VAL A 180 3.70 -5.12 14.31
C VAL A 180 4.93 -5.21 13.41
N ASN A 181 4.73 -4.86 12.14
CA ASN A 181 5.81 -4.89 11.17
C ASN A 181 5.76 -3.63 10.31
N VAL A 182 6.85 -2.88 10.30
CA VAL A 182 6.91 -1.65 9.53
C VAL A 182 7.67 -1.87 8.23
N TYR A 183 7.04 -1.54 7.12
CA TYR A 183 7.67 -1.70 5.81
C TYR A 183 7.82 -0.33 5.15
N GLN A 184 8.97 -0.10 4.52
CA GLN A 184 9.18 1.17 3.84
C GLN A 184 8.96 0.96 2.36
N ILE A 185 8.23 1.89 1.73
CA ILE A 185 7.94 1.77 0.31
C ILE A 185 8.89 2.64 -0.50
N SER A 186 9.59 2.01 -1.43
CA SER A 186 10.53 2.71 -2.27
C SER A 186 9.81 3.34 -3.46
N GLU A 187 10.52 4.18 -4.19
CA GLU A 187 9.94 4.85 -5.36
C GLU A 187 9.46 3.84 -6.39
N ASP A 188 9.90 2.59 -6.24
CA ASP A 188 9.51 1.54 -7.18
C ASP A 188 8.32 0.75 -6.65
N GLY A 189 7.90 1.07 -5.43
CA GLY A 189 6.76 0.38 -4.82
C GLY A 189 7.22 -0.88 -4.09
N GLU A 190 8.52 -1.00 -3.86
CA GLU A 190 9.06 -2.16 -3.16
C GLU A 190 8.97 -1.95 -1.65
N GLN A 191 8.61 -3.00 -0.93
CA GLN A 191 8.51 -2.92 0.53
C GLN A 191 9.67 -3.65 1.18
N SER A 192 10.19 -3.08 2.27
CA SER A 192 11.30 -3.70 2.99
C SER A 192 11.06 -3.61 4.49
N LEU A 193 11.15 -4.75 5.16
CA LEU A 193 10.94 -4.79 6.60
C LEU A 193 12.07 -4.07 7.33
N ILE A 194 11.73 -2.99 8.03
CA ILE A 194 12.72 -2.22 8.76
C ILE A 194 12.57 -2.41 10.26
N LEU A 195 11.37 -2.83 10.68
CA LEU A 195 11.13 -3.03 12.11
C LEU A 195 9.98 -4.01 12.34
N SER A 196 10.24 -5.04 13.11
CA SER A 196 9.23 -6.05 13.44
C SER A 196 9.24 -6.32 14.94
N THR A 197 8.12 -6.08 15.61
CA THR A 197 8.04 -6.29 17.04
C THR A 197 6.60 -6.56 17.48
N SER A 198 6.45 -7.32 18.56
CA SER A 198 5.13 -7.65 19.08
C SER A 198 4.89 -6.93 20.41
N GLN A 199 3.62 -6.78 20.76
CA GLN A 199 3.27 -6.11 22.01
C GLN A 199 2.02 -6.72 22.61
N THR A 200 1.86 -6.54 23.91
CA THR A 200 0.69 -7.07 24.61
C THR A 200 -0.06 -5.94 25.30
N THR A 201 -1.18 -5.54 24.72
CA THR A 201 -1.99 -4.46 25.28
C THR A 201 -2.20 -4.67 26.77
N SER A 1 -1.52 8.98 -30.50
CA SER A 1 -0.93 7.77 -31.14
C SER A 1 -1.71 6.54 -30.70
N GLY A 2 -1.00 5.46 -30.41
CA GLY A 2 -1.64 4.23 -29.96
C GLY A 2 -1.24 3.88 -28.54
N PRO A 3 -2.11 3.22 -27.83
CA PRO A 3 -1.90 2.81 -26.43
C PRO A 3 -0.47 2.42 -26.11
N VAL A 4 -0.05 2.79 -24.92
CA VAL A 4 1.28 2.47 -24.42
C VAL A 4 1.29 1.03 -23.91
N GLU A 5 2.46 0.52 -23.55
CA GLU A 5 2.56 -0.86 -23.07
C GLU A 5 2.75 -0.90 -21.55
N VAL A 6 1.87 -1.64 -20.88
CA VAL A 6 1.93 -1.79 -19.43
C VAL A 6 1.71 -3.24 -19.01
N PHE A 7 2.41 -3.68 -17.98
CA PHE A 7 2.26 -5.06 -17.51
C PHE A 7 2.56 -5.16 -16.01
N ILE A 8 2.24 -6.32 -15.43
CA ILE A 8 2.48 -6.54 -14.01
C ILE A 8 3.62 -7.53 -13.82
N THR A 9 4.57 -7.19 -12.95
CA THR A 9 5.71 -8.08 -12.70
C THR A 9 6.10 -8.07 -11.22
N GLU A 10 6.86 -9.08 -10.80
CA GLU A 10 7.30 -9.18 -9.41
C GLU A 10 6.20 -8.68 -8.49
N THR A 11 4.96 -8.87 -8.91
CA THR A 11 3.82 -8.41 -8.12
C THR A 11 2.88 -9.55 -7.78
N PRO A 12 3.30 -10.45 -6.92
CA PRO A 12 2.47 -11.60 -6.49
C PRO A 12 1.21 -11.15 -5.74
N SER A 13 1.31 -10.01 -5.08
CA SER A 13 0.17 -9.47 -4.33
C SER A 13 0.66 -8.66 -3.13
N GLN A 14 0.22 -7.42 -3.04
CA GLN A 14 0.62 -6.56 -1.92
C GLN A 14 -0.61 -6.03 -1.18
N PRO A 15 -0.43 -5.63 0.05
CA PRO A 15 -1.55 -5.11 0.90
C PRO A 15 -1.88 -3.65 0.63
N ASN A 16 -0.94 -2.77 0.93
CA ASN A 16 -1.16 -1.33 0.74
C ASN A 16 -0.37 -0.77 -0.43
N SER A 17 0.66 -1.49 -0.85
CA SER A 17 1.48 -1.01 -1.96
C SER A 17 1.24 -1.83 -3.22
N HIS A 18 1.43 -1.20 -4.37
CA HIS A 18 1.23 -1.86 -5.65
C HIS A 18 2.07 -1.21 -6.75
N PRO A 19 3.17 -1.82 -7.11
CA PRO A 19 4.06 -1.29 -8.16
C PRO A 19 3.59 -1.64 -9.58
N ILE A 20 3.83 -0.72 -10.52
CA ILE A 20 3.45 -0.93 -11.91
C ILE A 20 4.62 -0.62 -12.82
N GLN A 21 4.50 -1.00 -14.10
CA GLN A 21 5.56 -0.73 -15.05
C GLN A 21 4.96 -0.53 -16.44
N TRP A 22 5.60 0.32 -17.25
CA TRP A 22 5.10 0.57 -18.60
C TRP A 22 6.25 0.74 -19.58
N ASN A 23 5.95 0.51 -20.86
CA ASN A 23 6.95 0.65 -21.90
C ASN A 23 6.44 1.56 -23.02
N ALA A 24 7.35 2.18 -23.74
CA ALA A 24 6.97 3.08 -24.82
C ALA A 24 7.77 2.78 -26.08
N PRO A 25 7.44 3.43 -27.16
CA PRO A 25 8.14 3.25 -28.47
C PRO A 25 9.65 3.39 -28.31
N GLN A 26 10.39 3.12 -29.39
CA GLN A 26 11.84 3.23 -29.34
C GLN A 26 12.27 4.68 -29.55
N PRO A 27 11.78 5.31 -30.59
CA PRO A 27 12.10 6.73 -30.90
C PRO A 27 11.57 7.67 -29.81
N SER A 28 12.23 8.82 -29.64
CA SER A 28 11.81 9.78 -28.63
C SER A 28 10.42 10.32 -28.95
N HIS A 29 9.56 9.40 -29.37
CA HIS A 29 8.18 9.76 -29.71
C HIS A 29 7.44 10.29 -28.49
N ILE A 30 7.66 9.64 -27.35
CA ILE A 30 7.00 10.02 -26.11
C ILE A 30 8.00 10.63 -25.13
N SER A 31 7.58 11.71 -24.47
CA SER A 31 8.45 12.40 -23.53
C SER A 31 8.02 12.14 -22.09
N LYS A 32 6.92 12.77 -21.69
CA LYS A 32 6.41 12.63 -20.33
C LYS A 32 5.47 11.44 -20.18
N TYR A 33 5.47 10.82 -18.99
CA TYR A 33 4.57 9.71 -18.71
C TYR A 33 3.70 10.06 -17.49
N ILE A 34 2.38 9.98 -17.66
CA ILE A 34 1.48 10.28 -16.57
C ILE A 34 0.65 9.06 -16.19
N LEU A 35 0.54 8.81 -14.89
CA LEU A 35 -0.23 7.67 -14.42
C LEU A 35 -1.38 8.11 -13.52
N ARG A 36 -2.57 7.64 -13.84
CA ARG A 36 -3.75 7.97 -13.04
C ARG A 36 -4.53 6.72 -12.69
N TRP A 37 -5.02 6.62 -11.46
CA TRP A 37 -5.74 5.43 -11.03
C TRP A 37 -6.87 5.77 -10.06
N ARG A 38 -7.79 4.83 -9.89
CA ARG A 38 -8.92 5.00 -8.98
C ARG A 38 -9.52 3.64 -8.61
N PRO A 39 -9.87 3.46 -7.37
CA PRO A 39 -10.48 2.17 -6.90
C PRO A 39 -11.82 1.89 -7.58
N LYS A 40 -11.87 0.82 -8.37
CA LYS A 40 -13.10 0.46 -9.06
C LYS A 40 -14.27 0.53 -8.10
N ASN A 41 -14.78 1.74 -7.87
CA ASN A 41 -15.91 1.93 -6.96
C ASN A 41 -16.63 3.25 -7.21
N SER A 42 -15.96 4.20 -7.86
CA SER A 42 -16.58 5.50 -8.15
C SER A 42 -15.88 6.18 -9.32
N VAL A 43 -16.57 7.10 -9.97
CA VAL A 43 -16.01 7.82 -11.10
C VAL A 43 -16.00 9.32 -10.81
N GLY A 44 -15.92 9.67 -9.54
CA GLY A 44 -15.92 11.07 -9.13
C GLY A 44 -14.51 11.62 -8.98
N ARG A 45 -13.85 11.25 -7.89
CA ARG A 45 -12.49 11.72 -7.62
C ARG A 45 -11.50 10.55 -7.57
N TRP A 46 -10.24 10.84 -7.91
CA TRP A 46 -9.22 9.80 -7.88
C TRP A 46 -7.81 10.40 -7.80
N LYS A 47 -6.79 9.55 -8.00
CA LYS A 47 -5.41 10.02 -7.89
C LYS A 47 -4.70 10.05 -9.24
N GLU A 48 -3.76 10.98 -9.35
CA GLU A 48 -2.97 11.13 -10.57
C GLU A 48 -1.53 11.46 -10.22
N ALA A 49 -0.61 11.15 -11.13
CA ALA A 49 0.80 11.41 -10.89
C ALA A 49 1.57 11.62 -12.20
N THR A 50 2.71 12.29 -12.09
CA THR A 50 3.56 12.55 -13.25
C THR A 50 4.88 11.81 -13.10
N ILE A 51 5.33 11.17 -14.18
CA ILE A 51 6.58 10.42 -14.14
C ILE A 51 7.53 10.86 -15.25
N PRO A 52 8.71 11.30 -14.90
CA PRO A 52 9.74 11.74 -15.89
C PRO A 52 9.89 10.74 -17.04
N GLY A 53 10.29 11.26 -18.21
CA GLY A 53 10.45 10.42 -19.39
C GLY A 53 11.52 9.33 -19.21
N HIS A 54 12.46 9.55 -18.29
CA HIS A 54 13.53 8.57 -18.09
C HIS A 54 13.08 7.41 -17.19
N LEU A 55 11.99 7.61 -16.46
CA LEU A 55 11.48 6.55 -15.58
C LEU A 55 10.47 5.69 -16.32
N ASN A 56 10.55 4.37 -16.12
CA ASN A 56 9.64 3.45 -16.79
C ASN A 56 8.85 2.62 -15.78
N SER A 57 8.86 3.02 -14.51
CA SER A 57 8.13 2.29 -13.48
C SER A 57 7.67 3.23 -12.37
N TYR A 58 6.47 2.97 -11.84
CA TYR A 58 5.92 3.80 -10.77
C TYR A 58 5.78 3.01 -9.48
N THR A 59 5.09 3.60 -8.52
CA THR A 59 4.86 2.97 -7.23
C THR A 59 3.55 3.48 -6.62
N ILE A 60 2.66 2.56 -6.27
CA ILE A 60 1.39 2.97 -5.68
C ILE A 60 1.27 2.50 -4.24
N LYS A 61 1.03 3.45 -3.34
CA LYS A 61 0.89 3.13 -1.92
C LYS A 61 -0.41 3.70 -1.37
N GLY A 62 -0.83 3.20 -0.22
CA GLY A 62 -2.06 3.67 0.41
C GLY A 62 -3.27 2.93 -0.15
N LEU A 63 -3.00 1.77 -0.75
CA LEU A 63 -4.06 0.96 -1.33
C LEU A 63 -4.80 0.17 -0.26
N LYS A 64 -6.03 -0.22 -0.58
CA LYS A 64 -6.85 -0.99 0.36
C LYS A 64 -6.81 -2.48 0.00
N PRO A 65 -6.63 -3.33 0.97
CA PRO A 65 -6.57 -4.81 0.75
C PRO A 65 -7.93 -5.37 0.33
N GLY A 66 -7.90 -6.35 -0.56
CA GLY A 66 -9.13 -6.97 -1.03
C GLY A 66 -9.92 -6.02 -1.91
N VAL A 67 -9.21 -5.07 -2.54
CA VAL A 67 -9.85 -4.09 -3.40
C VAL A 67 -9.15 -4.05 -4.76
N VAL A 68 -9.87 -3.56 -5.77
CA VAL A 68 -9.30 -3.47 -7.10
C VAL A 68 -9.20 -2.02 -7.56
N TYR A 69 -8.11 -1.69 -8.22
CA TYR A 69 -7.89 -0.33 -8.72
C TYR A 69 -7.68 -0.32 -10.22
N GLU A 70 -8.31 0.63 -10.91
CA GLU A 70 -8.13 0.74 -12.35
C GLU A 70 -7.11 1.83 -12.62
N GLY A 71 -6.12 1.54 -13.46
CA GLY A 71 -5.10 2.53 -13.75
C GLY A 71 -5.02 2.86 -15.23
N GLN A 72 -4.54 4.05 -15.53
CA GLN A 72 -4.41 4.49 -16.92
C GLN A 72 -3.05 5.15 -17.12
N LEU A 73 -2.44 4.89 -18.25
CA LEU A 73 -1.13 5.48 -18.54
C LEU A 73 -1.23 6.42 -19.74
N ILE A 74 -0.93 7.69 -19.51
CA ILE A 74 -0.98 8.68 -20.58
C ILE A 74 0.41 9.17 -20.92
N SER A 75 0.75 9.15 -22.20
CA SER A 75 2.06 9.60 -22.64
C SER A 75 1.95 10.89 -23.44
N ILE A 76 2.62 11.94 -22.96
CA ILE A 76 2.57 13.23 -23.64
C ILE A 76 3.85 13.49 -24.42
N GLN A 77 3.70 14.17 -25.55
CA GLN A 77 4.84 14.50 -26.39
C GLN A 77 5.19 15.97 -26.26
N GLN A 78 6.44 16.31 -26.51
CA GLN A 78 6.88 17.69 -26.40
C GLN A 78 5.81 18.64 -26.93
N TYR A 79 4.90 19.03 -26.06
CA TYR A 79 3.82 19.94 -26.44
C TYR A 79 3.25 19.55 -27.80
N GLY A 80 3.27 18.26 -28.10
CA GLY A 80 2.77 17.77 -29.38
C GLY A 80 1.51 16.92 -29.20
N HIS A 81 1.63 15.65 -29.60
CA HIS A 81 0.51 14.71 -29.50
C HIS A 81 0.37 14.15 -28.08
N GLN A 82 -0.67 13.33 -27.89
CA GLN A 82 -0.91 12.69 -26.61
C GLN A 82 -1.55 11.32 -26.80
N GLU A 83 -1.28 10.40 -25.88
CA GLU A 83 -1.85 9.05 -25.96
C GLU A 83 -2.28 8.56 -24.58
N VAL A 84 -3.37 7.80 -24.53
CA VAL A 84 -3.87 7.29 -23.26
C VAL A 84 -4.08 5.78 -23.30
N THR A 85 -3.64 5.11 -22.23
CA THR A 85 -3.78 3.66 -22.12
C THR A 85 -4.54 3.29 -20.84
N ARG A 86 -5.40 2.29 -20.91
CA ARG A 86 -6.17 1.88 -19.74
C ARG A 86 -5.84 0.45 -19.32
N PHE A 87 -5.73 0.25 -18.01
CA PHE A 87 -5.43 -1.07 -17.45
C PHE A 87 -6.02 -1.17 -16.05
N ASP A 88 -6.12 -2.39 -15.52
CA ASP A 88 -6.68 -2.57 -14.19
C ASP A 88 -6.00 -3.73 -13.47
N PHE A 89 -5.96 -3.63 -12.13
CA PHE A 89 -5.33 -4.67 -11.33
C PHE A 89 -6.05 -4.83 -10.00
N THR A 90 -5.66 -5.85 -9.25
CA THR A 90 -6.25 -6.12 -7.94
C THR A 90 -5.19 -6.03 -6.86
N THR A 91 -5.61 -5.85 -5.61
CA THR A 91 -4.66 -5.75 -4.50
C THR A 91 -5.10 -6.64 -3.34
N THR A 92 -4.23 -7.57 -2.95
CA THR A 92 -4.52 -8.46 -1.84
C THR A 92 -3.42 -8.49 -0.78
N SER A 93 -3.79 -9.01 0.38
CA SER A 93 -2.87 -9.14 1.51
C SER A 93 -2.78 -10.60 1.97
N THR A 94 -1.62 -10.99 2.47
CA THR A 94 -1.42 -12.35 2.96
C THR A 94 -1.68 -13.41 1.89
N SER A 95 -2.09 -12.97 0.69
CA SER A 95 -2.34 -13.94 -0.38
C SER A 95 -1.07 -14.70 -0.69
N THR A 96 0.07 -14.04 -0.46
CA THR A 96 1.39 -14.64 -0.69
C THR A 96 2.23 -14.49 0.57
N PRO A 97 2.02 -15.32 1.57
CA PRO A 97 2.77 -15.24 2.85
C PRO A 97 4.29 -15.28 2.66
N VAL A 98 4.98 -14.43 3.41
CA VAL A 98 6.44 -14.35 3.35
C VAL A 98 7.03 -14.58 4.75
N THR A 99 8.11 -15.36 4.83
CA THR A 99 8.75 -15.63 6.11
C THR A 99 10.17 -15.09 6.11
N SER A 100 10.54 -14.44 7.21
CA SER A 100 11.87 -13.85 7.34
C SER A 100 12.40 -14.00 8.76
N ASN A 101 13.73 -14.07 8.89
CA ASN A 101 14.35 -14.20 10.21
C ASN A 101 14.76 -12.83 10.71
N THR A 102 14.33 -12.49 11.94
CA THR A 102 14.63 -11.18 12.52
C THR A 102 15.47 -11.32 13.78
N VAL A 103 16.41 -10.41 13.95
CA VAL A 103 17.30 -10.39 15.10
C VAL A 103 17.05 -9.12 15.92
N THR A 104 17.04 -9.27 17.25
CA THR A 104 16.80 -8.12 18.13
C THR A 104 17.84 -8.05 19.25
N GLY A 105 18.01 -6.86 19.81
CA GLY A 105 18.98 -6.64 20.88
C GLY A 105 20.26 -6.09 20.30
N GLU A 106 20.29 -5.96 18.97
CA GLU A 106 21.46 -5.43 18.28
C GLU A 106 21.76 -4.01 18.74
N THR A 107 20.71 -3.27 19.10
CA THR A 107 20.85 -1.90 19.55
C THR A 107 20.38 -1.72 20.99
N THR A 108 20.76 -0.61 21.59
CA THR A 108 20.37 -0.30 22.97
C THR A 108 21.14 0.93 23.48
N PRO A 109 22.38 1.11 23.09
CA PRO A 109 23.20 2.29 23.52
C PRO A 109 22.49 3.61 23.23
N PHE A 110 22.80 4.64 24.02
CA PHE A 110 22.18 5.94 23.85
C PHE A 110 22.99 6.80 22.88
N SER A 111 22.30 7.46 21.97
CA SER A 111 22.95 8.31 20.97
C SER A 111 21.96 8.74 19.88
N PRO A 112 21.21 7.83 19.32
CA PRO A 112 20.21 8.17 18.26
C PRO A 112 19.20 9.21 18.75
N LEU A 113 18.77 10.07 17.83
CA LEU A 113 17.81 11.12 18.17
C LEU A 113 16.38 10.64 17.91
N VAL A 114 15.46 11.04 18.80
CA VAL A 114 14.05 10.65 18.66
C VAL A 114 13.16 11.88 18.76
N ALA A 115 11.97 11.79 18.16
CA ALA A 115 11.01 12.90 18.18
C ALA A 115 9.86 12.59 19.14
N THR A 116 9.38 13.62 19.84
CA THR A 116 8.27 13.46 20.78
C THR A 116 7.13 14.40 20.43
N SER A 117 5.92 14.08 20.89
CA SER A 117 4.75 14.92 20.63
C SER A 117 3.95 15.13 21.91
N GLU A 118 3.43 16.34 22.10
CA GLU A 118 2.62 16.64 23.27
C GLU A 118 1.36 15.79 23.28
N SER A 119 0.84 15.50 22.09
CA SER A 119 -0.37 14.69 21.96
C SER A 119 -0.10 13.24 22.31
N VAL A 120 -1.17 12.49 22.57
CA VAL A 120 -1.05 11.08 22.92
C VAL A 120 -0.13 10.88 24.12
N THR A 121 -0.67 10.30 25.18
CA THR A 121 0.11 10.05 26.40
C THR A 121 0.95 8.78 26.25
N GLU A 122 1.93 8.62 27.13
CA GLU A 122 2.82 7.46 27.08
C GLU A 122 2.01 6.17 27.19
N ILE A 123 0.91 6.21 27.94
CA ILE A 123 0.07 5.03 28.13
C ILE A 123 -1.31 5.25 27.50
N THR A 124 -1.77 4.26 26.74
CA THR A 124 -3.08 4.35 26.07
C THR A 124 -3.98 3.19 26.50
N ALA A 125 -5.28 3.36 26.29
CA ALA A 125 -6.24 2.33 26.66
C ALA A 125 -6.01 1.04 25.87
N SER A 126 -5.58 1.17 24.63
CA SER A 126 -5.33 -0.01 23.79
C SER A 126 -4.42 0.34 22.60
N SER A 127 -4.49 1.60 22.18
CA SER A 127 -3.69 2.06 21.05
C SER A 127 -2.21 1.75 21.28
N PHE A 128 -1.43 1.90 20.21
CA PHE A 128 0.00 1.64 20.29
C PHE A 128 0.77 2.76 19.61
N VAL A 129 1.94 3.08 20.14
CA VAL A 129 2.77 4.12 19.52
C VAL A 129 4.14 3.53 19.22
N VAL A 130 4.36 3.19 17.95
CA VAL A 130 5.62 2.60 17.54
C VAL A 130 6.40 3.55 16.63
N SER A 131 7.71 3.61 16.84
CA SER A 131 8.57 4.47 16.03
C SER A 131 9.74 3.66 15.49
N TRP A 132 10.28 4.08 14.35
CA TRP A 132 11.40 3.36 13.75
C TRP A 132 12.34 4.34 13.07
N VAL A 133 13.23 3.82 12.23
CA VAL A 133 14.20 4.65 11.53
C VAL A 133 14.08 4.44 10.02
N SER A 134 13.93 5.55 9.29
CA SER A 134 13.82 5.48 7.84
C SER A 134 15.05 4.80 7.24
N ALA A 135 15.30 3.57 7.67
CA ALA A 135 16.44 2.81 7.19
C ALA A 135 16.69 3.05 5.70
N SER A 136 16.24 4.19 5.19
CA SER A 136 16.43 4.51 3.78
C SER A 136 15.81 5.86 3.44
N ASP A 137 16.61 6.71 2.81
CA ASP A 137 16.14 8.04 2.41
C ASP A 137 15.45 7.97 1.06
N THR A 138 15.57 6.83 0.40
CA THR A 138 14.96 6.65 -0.91
C THR A 138 13.53 6.16 -0.76
N VAL A 139 13.09 6.00 0.48
CA VAL A 139 11.75 5.54 0.76
C VAL A 139 10.73 6.59 0.30
N SER A 140 9.66 6.12 -0.33
CA SER A 140 8.63 7.04 -0.83
C SER A 140 7.50 7.15 0.17
N GLY A 141 7.47 6.20 1.11
CA GLY A 141 6.46 6.18 2.15
C GLY A 141 6.67 4.98 3.04
N PHE A 142 5.87 4.87 4.09
CA PHE A 142 5.98 3.74 5.01
C PHE A 142 4.66 3.01 5.12
N ARG A 143 4.73 1.72 5.40
CA ARG A 143 3.54 0.91 5.54
C ARG A 143 3.61 0.08 6.81
N VAL A 144 2.63 0.28 7.68
CA VAL A 144 2.59 -0.45 8.93
C VAL A 144 1.52 -1.54 8.90
N GLU A 145 1.87 -2.72 9.39
CA GLU A 145 0.93 -3.83 9.40
C GLU A 145 0.87 -4.44 10.80
N TYR A 146 -0.35 -4.61 11.29
CA TYR A 146 -0.54 -5.18 12.61
C TYR A 146 -1.71 -6.15 12.62
N GLU A 147 -1.50 -7.30 13.26
CA GLU A 147 -2.53 -8.33 13.34
C GLU A 147 -2.44 -9.04 14.68
N LEU A 148 -3.52 -9.72 15.06
CA LEU A 148 -3.54 -10.42 16.34
C LEU A 148 -2.63 -11.65 16.29
N SER A 149 -1.70 -11.72 17.23
CA SER A 149 -0.75 -12.83 17.30
C SER A 149 -1.46 -14.10 17.77
N GLU A 150 -2.71 -13.97 18.17
CA GLU A 150 -3.47 -15.11 18.66
C GLU A 150 -4.58 -15.50 17.68
N GLU A 151 -5.60 -14.66 17.57
CA GLU A 151 -6.72 -14.91 16.69
C GLU A 151 -6.28 -15.03 15.24
N GLY A 152 -5.28 -14.23 14.87
CA GLY A 152 -4.78 -14.26 13.50
C GLY A 152 -5.70 -13.47 12.57
N ASP A 153 -6.68 -12.79 13.16
CA ASP A 153 -7.62 -11.98 12.37
C ASP A 153 -6.96 -11.51 11.09
N GLU A 154 -7.65 -10.64 10.37
CA GLU A 154 -7.11 -10.10 9.13
C GLU A 154 -6.15 -8.96 9.41
N PRO A 155 -5.06 -8.91 8.71
CA PRO A 155 -4.03 -7.85 8.89
C PRO A 155 -4.50 -6.49 8.38
N GLN A 156 -4.06 -5.44 9.07
CA GLN A 156 -4.43 -4.08 8.67
C GLN A 156 -3.18 -3.33 8.25
N TYR A 157 -3.32 -2.45 7.27
CA TYR A 157 -2.17 -1.69 6.79
C TYR A 157 -2.40 -0.20 6.89
N LEU A 158 -1.34 0.52 7.27
CA LEU A 158 -1.40 1.97 7.38
C LEU A 158 -0.26 2.58 6.59
N ASP A 159 -0.59 3.52 5.71
CA ASP A 159 0.43 4.14 4.88
C ASP A 159 0.82 5.52 5.42
N LEU A 160 2.13 5.74 5.52
CA LEU A 160 2.66 7.00 6.01
C LEU A 160 3.68 7.53 5.01
N PRO A 161 3.93 8.81 5.02
CA PRO A 161 4.92 9.45 4.11
C PRO A 161 6.36 9.06 4.46
N SER A 162 7.24 9.19 3.46
CA SER A 162 8.64 8.85 3.66
C SER A 162 9.25 9.69 4.78
N THR A 163 8.52 10.73 5.19
CA THR A 163 9.01 11.62 6.25
C THR A 163 8.50 11.14 7.61
N ALA A 164 7.59 10.17 7.60
CA ALA A 164 7.05 9.64 8.84
C ALA A 164 7.98 8.59 9.43
N THR A 165 8.21 8.66 10.74
CA THR A 165 9.09 7.71 11.41
C THR A 165 8.43 7.17 12.68
N SER A 166 7.12 7.37 12.79
CA SER A 166 6.39 6.91 13.96
C SER A 166 4.88 6.99 13.68
N VAL A 167 4.13 6.07 14.26
CA VAL A 167 2.68 6.06 14.04
C VAL A 167 1.94 5.45 15.22
N ASN A 168 0.71 5.91 15.43
CA ASN A 168 -0.11 5.41 16.52
C ASN A 168 -1.22 4.50 15.96
N ILE A 169 -1.29 3.27 16.46
CA ILE A 169 -2.29 2.33 16.00
C ILE A 169 -3.47 2.27 16.96
N PRO A 170 -4.57 2.86 16.60
CA PRO A 170 -5.79 2.88 17.43
C PRO A 170 -6.71 1.71 17.12
N ASP A 171 -7.85 1.67 17.82
CA ASP A 171 -8.84 0.62 17.63
C ASP A 171 -8.26 -0.75 17.96
N LEU A 172 -7.34 -0.80 18.92
CA LEU A 172 -6.74 -2.07 19.31
C LEU A 172 -7.60 -2.77 20.37
N LEU A 173 -7.58 -4.10 20.35
CA LEU A 173 -8.36 -4.88 21.31
C LEU A 173 -7.57 -5.12 22.58
N PRO A 174 -8.02 -4.56 23.68
CA PRO A 174 -7.34 -4.72 25.00
C PRO A 174 -7.24 -6.18 25.42
N GLY A 175 -6.10 -6.55 26.02
CA GLY A 175 -5.89 -7.91 26.46
C GLY A 175 -5.56 -8.83 25.29
N ARG A 176 -5.09 -8.24 24.19
CA ARG A 176 -4.74 -9.01 23.01
C ARG A 176 -3.32 -8.70 22.57
N LYS A 177 -2.67 -9.68 21.96
CA LYS A 177 -1.30 -9.48 21.49
C LYS A 177 -1.32 -9.21 19.99
N TYR A 178 -0.61 -8.18 19.58
CA TYR A 178 -0.55 -7.83 18.16
C TYR A 178 0.87 -7.87 17.64
N ILE A 179 1.02 -8.21 16.37
CA ILE A 179 2.33 -8.25 15.74
C ILE A 179 2.46 -7.04 14.83
N VAL A 180 3.50 -6.24 15.04
CA VAL A 180 3.69 -5.05 14.24
C VAL A 180 4.93 -5.15 13.37
N ASN A 181 4.78 -4.81 12.10
CA ASN A 181 5.89 -4.85 11.17
C ASN A 181 5.87 -3.60 10.30
N VAL A 182 6.97 -2.84 10.33
CA VAL A 182 7.05 -1.62 9.54
C VAL A 182 7.86 -1.85 8.28
N TYR A 183 7.25 -1.52 7.14
CA TYR A 183 7.92 -1.67 5.86
C TYR A 183 8.10 -0.32 5.19
N GLN A 184 9.27 -0.09 4.61
CA GLN A 184 9.51 1.17 3.92
C GLN A 184 9.33 0.96 2.43
N ILE A 185 8.64 1.87 1.78
CA ILE A 185 8.39 1.76 0.35
C ILE A 185 9.36 2.63 -0.44
N SER A 186 10.09 1.99 -1.34
CA SER A 186 11.06 2.68 -2.17
C SER A 186 10.38 3.30 -3.37
N GLU A 187 11.12 4.15 -4.08
CA GLU A 187 10.57 4.81 -5.26
C GLU A 187 10.13 3.79 -6.31
N ASP A 188 10.55 2.55 -6.15
CA ASP A 188 10.19 1.50 -7.09
C ASP A 188 8.98 0.72 -6.59
N GLY A 189 8.52 1.03 -5.39
CA GLY A 189 7.37 0.36 -4.81
C GLY A 189 7.78 -0.91 -4.06
N GLU A 190 9.08 -1.03 -3.80
CA GLU A 190 9.60 -2.19 -3.07
C GLU A 190 9.47 -1.97 -1.56
N GLN A 191 9.07 -3.02 -0.85
CA GLN A 191 8.93 -2.93 0.60
C GLN A 191 10.06 -3.67 1.30
N SER A 192 10.55 -3.08 2.39
CA SER A 192 11.63 -3.71 3.15
C SER A 192 11.35 -3.62 4.65
N LEU A 193 11.41 -4.75 5.33
CA LEU A 193 11.16 -4.79 6.76
C LEU A 193 12.27 -4.07 7.51
N ILE A 194 11.90 -2.99 8.20
CA ILE A 194 12.89 -2.21 8.95
C ILE A 194 12.68 -2.40 10.45
N LEU A 195 11.47 -2.81 10.84
CA LEU A 195 11.19 -3.00 12.25
C LEU A 195 10.01 -3.97 12.46
N SER A 196 10.26 -5.01 13.25
CA SER A 196 9.23 -6.00 13.54
C SER A 196 9.20 -6.28 15.04
N THR A 197 8.06 -6.03 15.67
CA THR A 197 7.93 -6.24 17.11
C THR A 197 6.48 -6.49 17.50
N SER A 198 6.29 -7.25 18.58
CA SER A 198 4.95 -7.57 19.06
C SER A 198 4.68 -6.84 20.38
N GLN A 199 3.40 -6.68 20.70
CA GLN A 199 3.01 -6.01 21.93
C GLN A 199 1.74 -6.61 22.49
N THR A 200 1.53 -6.43 23.79
CA THR A 200 0.34 -6.94 24.45
C THR A 200 -0.43 -5.80 25.11
N THR A 201 -1.53 -5.40 24.49
CA THR A 201 -2.34 -4.32 25.03
C THR A 201 -2.60 -4.53 26.51
N SER A 1 -1.02 8.59 -31.19
CA SER A 1 -0.33 7.39 -31.74
C SER A 1 -1.06 6.14 -31.29
N GLY A 2 -0.31 5.12 -30.91
CA GLY A 2 -0.92 3.87 -30.45
C GLY A 2 -0.57 3.60 -28.99
N PRO A 3 -1.44 2.92 -28.31
CA PRO A 3 -1.29 2.58 -26.88
C PRO A 3 0.14 2.27 -26.47
N VAL A 4 0.48 2.73 -25.27
CA VAL A 4 1.79 2.50 -24.69
C VAL A 4 1.84 1.08 -24.12
N GLU A 5 3.02 0.66 -23.67
CA GLU A 5 3.16 -0.69 -23.13
C GLU A 5 3.27 -0.66 -21.61
N VAL A 6 2.40 -1.42 -20.94
CA VAL A 6 2.39 -1.51 -19.49
C VAL A 6 2.22 -2.95 -19.03
N PHE A 7 2.89 -3.31 -17.93
CA PHE A 7 2.80 -4.67 -17.41
C PHE A 7 3.01 -4.69 -15.90
N ILE A 8 2.72 -5.84 -15.28
CA ILE A 8 2.89 -5.99 -13.85
C ILE A 8 4.07 -6.93 -13.55
N THR A 9 4.96 -6.49 -12.65
CA THR A 9 6.12 -7.30 -12.30
C THR A 9 6.42 -7.20 -10.81
N GLU A 10 7.21 -8.16 -10.30
CA GLU A 10 7.58 -8.18 -8.89
C GLU A 10 6.40 -7.70 -8.04
N THR A 11 5.20 -7.98 -8.52
CA THR A 11 4.00 -7.54 -7.81
C THR A 11 3.10 -8.72 -7.46
N PRO A 12 3.53 -9.55 -6.56
CA PRO A 12 2.73 -10.74 -6.13
C PRO A 12 1.41 -10.32 -5.47
N SER A 13 1.40 -9.15 -4.84
CA SER A 13 0.21 -8.65 -4.18
C SER A 13 0.59 -7.77 -2.99
N GLN A 14 0.07 -6.54 -2.98
CA GLN A 14 0.36 -5.62 -1.89
C GLN A 14 -0.93 -5.13 -1.24
N PRO A 15 -0.84 -4.67 -0.02
CA PRO A 15 -2.03 -4.18 0.74
C PRO A 15 -2.42 -2.74 0.40
N ASN A 16 -1.54 -1.81 0.71
CA ASN A 16 -1.83 -0.39 0.45
C ASN A 16 -1.01 0.16 -0.70
N SER A 17 0.09 -0.51 -1.03
CA SER A 17 0.94 -0.03 -2.13
C SER A 17 0.80 -0.92 -3.36
N HIS A 18 1.03 -0.32 -4.52
CA HIS A 18 0.94 -1.06 -5.77
C HIS A 18 1.80 -0.40 -6.85
N PRO A 19 2.94 -0.97 -7.13
CA PRO A 19 3.87 -0.43 -8.16
C PRO A 19 3.50 -0.86 -9.58
N ILE A 20 3.73 0.02 -10.54
CA ILE A 20 3.44 -0.26 -11.94
C ILE A 20 4.64 0.08 -12.81
N GLN A 21 4.62 -0.36 -14.07
CA GLN A 21 5.72 -0.07 -14.98
C GLN A 21 5.18 0.04 -16.41
N TRP A 22 5.81 0.89 -17.22
CA TRP A 22 5.38 1.06 -18.60
C TRP A 22 6.57 1.24 -19.53
N ASN A 23 6.35 0.95 -20.80
CA ASN A 23 7.40 1.10 -21.80
C ASN A 23 6.90 1.92 -22.97
N ALA A 24 7.82 2.57 -23.68
CA ALA A 24 7.46 3.40 -24.82
C ALA A 24 8.35 3.10 -26.02
N PRO A 25 8.03 3.68 -27.14
CA PRO A 25 8.82 3.49 -28.40
C PRO A 25 10.31 3.71 -28.17
N GLN A 26 11.12 3.45 -29.19
CA GLN A 26 12.56 3.63 -29.07
C GLN A 26 12.92 5.10 -29.32
N PRO A 27 12.45 5.66 -30.41
CA PRO A 27 12.72 7.07 -30.76
C PRO A 27 12.08 8.03 -29.76
N SER A 28 12.67 9.22 -29.60
CA SER A 28 12.13 10.20 -28.66
C SER A 28 10.74 10.64 -29.07
N HIS A 29 9.95 9.66 -29.49
CA HIS A 29 8.58 9.94 -29.93
C HIS A 29 7.75 10.47 -28.77
N ILE A 30 7.94 9.87 -27.59
CA ILE A 30 7.19 10.28 -26.41
C ILE A 30 8.10 10.98 -25.41
N SER A 31 7.58 12.07 -24.81
CA SER A 31 8.36 12.82 -23.86
C SER A 31 7.87 12.63 -22.43
N LYS A 32 6.72 13.20 -22.11
CA LYS A 32 6.15 13.08 -20.77
C LYS A 32 5.27 11.84 -20.62
N TYR A 33 5.23 11.29 -19.42
CA TYR A 33 4.39 10.14 -19.14
C TYR A 33 3.43 10.49 -17.99
N ILE A 34 2.13 10.32 -18.23
CA ILE A 34 1.14 10.63 -17.19
C ILE A 34 0.36 9.38 -16.81
N LEU A 35 0.20 9.17 -15.50
CA LEU A 35 -0.54 8.01 -15.03
C LEU A 35 -1.76 8.42 -14.21
N ARG A 36 -2.91 7.88 -14.57
CA ARG A 36 -4.13 8.18 -13.84
C ARG A 36 -4.87 6.90 -13.49
N TRP A 37 -5.42 6.83 -12.28
CA TRP A 37 -6.11 5.62 -11.84
C TRP A 37 -7.30 5.94 -10.94
N ARG A 38 -8.18 4.95 -10.78
CA ARG A 38 -9.36 5.09 -9.93
C ARG A 38 -9.91 3.72 -9.54
N PRO A 39 -10.32 3.57 -8.32
CA PRO A 39 -10.88 2.28 -7.83
C PRO A 39 -12.17 1.90 -8.56
N LYS A 40 -12.12 0.79 -9.30
CA LYS A 40 -13.29 0.34 -10.04
C LYS A 40 -14.52 0.38 -9.14
N ASN A 41 -15.10 1.56 -9.00
CA ASN A 41 -16.29 1.74 -8.16
C ASN A 41 -17.05 3.00 -8.51
N SER A 42 -16.40 3.97 -9.16
CA SER A 42 -17.07 5.20 -9.53
C SER A 42 -16.34 5.87 -10.69
N VAL A 43 -17.05 6.73 -11.42
CA VAL A 43 -16.47 7.44 -12.55
C VAL A 43 -16.55 8.95 -12.33
N GLY A 44 -16.56 9.35 -11.06
CA GLY A 44 -16.66 10.77 -10.72
C GLY A 44 -15.28 11.40 -10.52
N ARG A 45 -14.66 11.11 -9.37
CA ARG A 45 -13.35 11.67 -9.07
C ARG A 45 -12.31 10.56 -8.91
N TRP A 46 -11.05 10.89 -9.20
CA TRP A 46 -9.98 9.92 -9.07
C TRP A 46 -8.61 10.59 -8.94
N LYS A 47 -7.54 9.80 -9.04
CA LYS A 47 -6.18 10.33 -8.89
C LYS A 47 -5.40 10.36 -10.20
N GLU A 48 -4.51 11.34 -10.30
CA GLU A 48 -3.66 11.47 -11.48
C GLU A 48 -2.26 11.90 -11.06
N ALA A 49 -1.29 11.60 -11.91
CA ALA A 49 0.10 11.94 -11.61
C ALA A 49 0.92 12.15 -12.89
N THR A 50 2.02 12.87 -12.75
CA THR A 50 2.92 13.13 -13.87
C THR A 50 4.28 12.48 -13.62
N ILE A 51 4.81 11.83 -14.64
CA ILE A 51 6.09 11.14 -14.51
C ILE A 51 7.08 11.58 -15.59
N PRO A 52 8.21 12.11 -15.19
CA PRO A 52 9.27 12.56 -16.15
C PRO A 52 9.54 11.52 -17.24
N GLY A 53 9.97 12.01 -18.40
CA GLY A 53 10.25 11.14 -19.54
C GLY A 53 11.35 10.12 -19.26
N HIS A 54 12.22 10.42 -18.30
CA HIS A 54 13.33 9.52 -17.99
C HIS A 54 12.90 8.37 -17.07
N LEU A 55 11.76 8.54 -16.40
CA LEU A 55 11.27 7.49 -15.51
C LEU A 55 10.34 6.54 -16.27
N ASN A 56 10.48 5.25 -16.00
CA ASN A 56 9.65 4.25 -16.67
C ASN A 56 8.85 3.42 -15.68
N SER A 57 8.78 3.88 -14.43
CA SER A 57 8.02 3.15 -13.41
C SER A 57 7.45 4.11 -12.36
N TYR A 58 6.25 3.80 -11.88
CA TYR A 58 5.60 4.65 -10.89
C TYR A 58 5.43 3.90 -9.57
N THR A 59 4.66 4.50 -8.68
CA THR A 59 4.40 3.90 -7.37
C THR A 59 3.03 4.36 -6.87
N ILE A 60 2.16 3.41 -6.51
CA ILE A 60 0.84 3.77 -6.02
C ILE A 60 0.66 3.35 -4.56
N LYS A 61 0.34 4.33 -3.72
CA LYS A 61 0.13 4.06 -2.30
C LYS A 61 -1.23 4.58 -1.84
N GLY A 62 -1.69 4.12 -0.69
CA GLY A 62 -2.97 4.55 -0.16
C GLY A 62 -4.10 3.70 -0.73
N LEU A 63 -3.74 2.54 -1.27
CA LEU A 63 -4.73 1.65 -1.87
C LEU A 63 -5.49 0.86 -0.81
N LYS A 64 -6.68 0.39 -1.17
CA LYS A 64 -7.50 -0.38 -0.25
C LYS A 64 -7.37 -1.88 -0.54
N PRO A 65 -7.19 -2.67 0.48
CA PRO A 65 -7.05 -4.16 0.33
C PRO A 65 -8.34 -4.81 -0.15
N GLY A 66 -8.22 -5.82 -0.99
CA GLY A 66 -9.37 -6.53 -1.49
C GLY A 66 -10.17 -5.65 -2.45
N VAL A 67 -9.48 -4.70 -3.07
CA VAL A 67 -10.12 -3.79 -4.03
C VAL A 67 -9.36 -3.77 -5.34
N VAL A 68 -10.03 -3.36 -6.40
CA VAL A 68 -9.41 -3.30 -7.72
C VAL A 68 -9.36 -1.86 -8.22
N TYR A 69 -8.24 -1.50 -8.86
CA TYR A 69 -8.07 -0.15 -9.38
C TYR A 69 -7.78 -0.20 -10.88
N GLU A 70 -8.42 0.68 -11.64
CA GLU A 70 -8.17 0.76 -13.06
C GLU A 70 -7.20 1.89 -13.33
N GLY A 71 -6.15 1.62 -14.11
CA GLY A 71 -5.15 2.65 -14.38
C GLY A 71 -5.01 2.91 -15.88
N GLN A 72 -4.58 4.13 -16.20
CA GLN A 72 -4.40 4.51 -17.59
C GLN A 72 -3.07 5.24 -17.75
N LEU A 73 -2.38 4.97 -18.84
CA LEU A 73 -1.10 5.61 -19.08
C LEU A 73 -1.18 6.50 -20.32
N ILE A 74 -0.96 7.79 -20.14
CA ILE A 74 -1.00 8.73 -21.25
C ILE A 74 0.38 9.29 -21.54
N SER A 75 0.79 9.23 -22.80
CA SER A 75 2.10 9.72 -23.19
C SER A 75 1.96 10.98 -24.05
N ILE A 76 2.55 12.08 -23.58
CA ILE A 76 2.47 13.34 -24.31
C ILE A 76 3.77 13.63 -25.05
N GLN A 77 3.65 14.26 -26.21
CA GLN A 77 4.81 14.61 -27.01
C GLN A 77 5.08 16.10 -26.91
N GLN A 78 6.33 16.51 -27.11
CA GLN A 78 6.69 17.91 -27.03
C GLN A 78 5.60 18.77 -27.67
N TYR A 79 4.62 19.16 -26.85
CA TYR A 79 3.52 19.98 -27.34
C TYR A 79 3.05 19.51 -28.71
N GLY A 80 3.15 18.21 -28.95
CA GLY A 80 2.74 17.65 -30.23
C GLY A 80 1.53 16.73 -30.08
N HIS A 81 1.73 15.46 -30.41
CA HIS A 81 0.66 14.47 -30.33
C HIS A 81 0.47 13.95 -28.91
N GLN A 82 -0.52 13.09 -28.73
CA GLN A 82 -0.81 12.48 -27.43
C GLN A 82 -1.37 11.07 -27.60
N GLU A 83 -1.10 10.21 -26.63
CA GLU A 83 -1.58 8.82 -26.68
C GLU A 83 -2.07 8.38 -25.31
N VAL A 84 -3.12 7.55 -25.29
CA VAL A 84 -3.66 7.07 -24.02
C VAL A 84 -3.79 5.55 -24.00
N THR A 85 -3.38 4.95 -22.88
CA THR A 85 -3.44 3.50 -22.72
C THR A 85 -4.24 3.15 -21.47
N ARG A 86 -5.05 2.09 -21.54
CA ARG A 86 -5.86 1.69 -20.39
C ARG A 86 -5.48 0.30 -19.89
N PHE A 87 -5.43 0.16 -18.56
CA PHE A 87 -5.10 -1.11 -17.94
C PHE A 87 -5.75 -1.20 -16.57
N ASP A 88 -5.83 -2.39 -16.00
CA ASP A 88 -6.45 -2.54 -14.68
C ASP A 88 -5.74 -3.63 -13.87
N PHE A 89 -5.78 -3.48 -12.55
CA PHE A 89 -5.15 -4.45 -11.66
C PHE A 89 -5.94 -4.59 -10.36
N THR A 90 -5.52 -5.56 -9.55
CA THR A 90 -6.18 -5.81 -8.27
C THR A 90 -5.18 -5.61 -7.14
N THR A 91 -5.68 -5.41 -5.92
CA THR A 91 -4.80 -5.21 -4.77
C THR A 91 -5.25 -6.07 -3.60
N THR A 92 -4.35 -6.93 -3.12
CA THR A 92 -4.66 -7.80 -1.99
C THR A 92 -3.59 -7.73 -0.90
N SER A 93 -3.91 -8.27 0.27
CA SER A 93 -2.97 -8.31 1.38
C SER A 93 -1.81 -9.23 1.00
N THR A 94 -0.69 -9.12 1.71
CA THR A 94 0.48 -9.95 1.38
C THR A 94 0.32 -11.39 1.85
N SER A 95 1.08 -12.27 1.21
CA SER A 95 1.07 -13.70 1.52
C SER A 95 2.05 -14.03 2.64
N THR A 96 2.56 -13.00 3.31
CA THR A 96 3.54 -13.20 4.38
C THR A 96 3.08 -14.32 5.33
N PRO A 97 4.01 -15.10 5.84
CA PRO A 97 3.70 -16.25 6.75
C PRO A 97 2.99 -15.82 8.04
N VAL A 98 2.14 -16.73 8.53
CA VAL A 98 1.40 -16.49 9.77
C VAL A 98 1.58 -17.69 10.70
N THR A 99 1.36 -17.48 12.00
CA THR A 99 1.54 -18.57 12.97
C THR A 99 0.35 -18.67 13.94
N SER A 100 0.16 -19.87 14.48
CA SER A 100 -0.93 -20.14 15.42
C SER A 100 -0.40 -20.80 16.70
N ASN A 101 -1.10 -20.59 17.80
CA ASN A 101 -0.70 -21.19 19.08
C ASN A 101 0.67 -20.71 19.55
N THR A 102 0.88 -19.41 19.50
CA THR A 102 2.16 -18.83 19.95
C THR A 102 2.32 -19.00 21.45
N VAL A 103 1.23 -19.43 22.11
CA VAL A 103 1.23 -19.62 23.55
C VAL A 103 1.54 -18.30 24.27
N THR A 104 0.47 -17.72 24.83
CA THR A 104 0.58 -16.45 25.56
C THR A 104 0.01 -16.62 26.97
N GLY A 105 0.25 -15.64 27.83
CA GLY A 105 -0.24 -15.72 29.21
C GLY A 105 0.82 -16.30 30.14
N GLU A 106 2.07 -16.28 29.69
CA GLU A 106 3.17 -16.80 30.49
C GLU A 106 3.15 -16.12 31.86
N THR A 107 3.55 -16.85 32.89
CA THR A 107 3.54 -16.30 34.24
C THR A 107 4.59 -15.20 34.40
N THR A 108 4.16 -14.09 35.00
CA THR A 108 5.02 -12.94 35.22
C THR A 108 4.48 -12.15 36.43
N PRO A 109 5.31 -11.62 37.30
CA PRO A 109 4.79 -10.83 38.46
C PRO A 109 3.82 -9.75 38.01
N PHE A 110 2.74 -9.56 38.79
CA PHE A 110 1.73 -8.55 38.46
C PHE A 110 1.60 -7.51 39.57
N SER A 111 1.15 -6.32 39.19
CA SER A 111 0.96 -5.24 40.15
C SER A 111 -0.21 -5.58 41.08
N PRO A 112 -0.36 -4.88 42.18
CA PRO A 112 -1.47 -5.16 43.14
C PRO A 112 -2.84 -5.17 42.44
N LEU A 113 -2.93 -4.44 41.34
CA LEU A 113 -4.18 -4.38 40.56
C LEU A 113 -4.11 -5.34 39.39
N VAL A 114 -5.22 -6.03 39.12
CA VAL A 114 -5.24 -6.97 38.00
C VAL A 114 -4.98 -6.25 36.69
N ALA A 115 -5.58 -5.07 36.55
CA ALA A 115 -5.40 -4.27 35.34
C ALA A 115 -5.49 -2.79 35.69
N THR A 116 -4.85 -1.95 34.87
CA THR A 116 -4.86 -0.50 35.10
C THR A 116 -5.41 0.25 33.90
N SER A 117 -5.87 1.47 34.12
CA SER A 117 -6.41 2.30 33.05
C SER A 117 -5.38 2.54 31.97
N GLU A 118 -4.11 2.64 32.38
CA GLU A 118 -3.01 2.89 31.45
C GLU A 118 -2.29 1.61 31.07
N SER A 119 -1.70 1.60 29.88
CA SER A 119 -0.96 0.44 29.39
C SER A 119 0.54 0.66 29.54
N VAL A 120 1.28 0.55 28.43
CA VAL A 120 2.73 0.73 28.48
C VAL A 120 3.08 2.13 28.97
N THR A 121 2.35 3.14 28.47
CA THR A 121 2.60 4.52 28.88
C THR A 121 1.32 5.17 29.42
N GLU A 122 1.48 6.17 30.27
CA GLU A 122 0.33 6.87 30.83
C GLU A 122 -0.43 7.65 29.77
N ILE A 123 0.30 8.23 28.82
CA ILE A 123 -0.32 9.03 27.76
C ILE A 123 -1.24 8.19 26.87
N THR A 124 -0.96 6.88 26.77
CA THR A 124 -1.78 5.99 25.92
C THR A 124 -2.38 4.84 26.73
N ALA A 125 -3.40 4.21 26.13
CA ALA A 125 -4.08 3.08 26.75
C ALA A 125 -3.85 1.82 25.91
N SER A 126 -4.93 1.24 25.37
CA SER A 126 -4.80 0.04 24.55
C SER A 126 -3.94 0.34 23.33
N SER A 127 -3.99 1.58 22.87
CA SER A 127 -3.22 2.00 21.71
C SER A 127 -1.73 1.67 21.90
N PHE A 128 -0.98 1.77 20.82
CA PHE A 128 0.45 1.48 20.85
C PHE A 128 1.22 2.57 20.13
N VAL A 129 2.41 2.88 20.62
CA VAL A 129 3.24 3.88 19.95
C VAL A 129 4.59 3.26 19.62
N VAL A 130 4.76 2.89 18.35
CA VAL A 130 6.00 2.27 17.91
C VAL A 130 6.77 3.18 16.96
N SER A 131 8.09 3.21 17.14
CA SER A 131 8.94 4.03 16.29
C SER A 131 10.07 3.19 15.73
N TRP A 132 10.58 3.57 14.57
CA TRP A 132 11.67 2.82 13.94
C TRP A 132 12.63 3.76 13.22
N VAL A 133 13.47 3.20 12.36
CA VAL A 133 14.43 4.00 11.61
C VAL A 133 14.27 3.76 10.11
N SER A 134 14.12 4.86 9.36
CA SER A 134 13.97 4.76 7.91
C SER A 134 15.16 4.04 7.30
N ALA A 135 15.39 2.81 7.74
CA ALA A 135 16.51 2.01 7.25
C ALA A 135 16.72 2.22 5.76
N SER A 136 16.28 3.37 5.23
CA SER A 136 16.44 3.65 3.81
C SER A 136 15.84 5.01 3.45
N ASP A 137 16.63 5.83 2.78
CA ASP A 137 16.17 7.15 2.38
C ASP A 137 15.44 7.07 1.04
N THR A 138 15.52 5.92 0.40
CA THR A 138 14.87 5.72 -0.89
C THR A 138 13.43 5.27 -0.68
N VAL A 139 13.03 5.14 0.58
CA VAL A 139 11.68 4.72 0.91
C VAL A 139 10.68 5.78 0.45
N SER A 140 9.58 5.33 -0.14
CA SER A 140 8.56 6.25 -0.63
C SER A 140 7.45 6.40 0.41
N GLY A 141 7.44 5.49 1.37
CA GLY A 141 6.45 5.50 2.43
C GLY A 141 6.66 4.31 3.35
N PHE A 142 5.89 4.25 4.42
CA PHE A 142 6.01 3.14 5.36
C PHE A 142 4.68 2.43 5.52
N ARG A 143 4.74 1.14 5.84
CA ARG A 143 3.53 0.37 6.03
C ARG A 143 3.62 -0.44 7.31
N VAL A 144 2.68 -0.20 8.20
CA VAL A 144 2.66 -0.91 9.48
C VAL A 144 1.56 -1.96 9.49
N GLU A 145 1.90 -3.14 10.00
CA GLU A 145 0.95 -4.23 10.06
C GLU A 145 0.90 -4.81 11.47
N TYR A 146 -0.31 -4.94 12.00
CA TYR A 146 -0.47 -5.48 13.36
C TYR A 146 -1.66 -6.42 13.41
N GLU A 147 -1.46 -7.57 14.06
CA GLU A 147 -2.51 -8.57 14.19
C GLU A 147 -2.39 -9.25 15.55
N LEU A 148 -3.46 -9.90 15.98
CA LEU A 148 -3.46 -10.58 17.27
C LEU A 148 -2.58 -11.82 17.22
N SER A 149 -1.63 -11.90 18.13
CA SER A 149 -0.71 -13.03 18.19
C SER A 149 -1.42 -14.28 18.71
N GLU A 150 -2.66 -14.10 19.15
CA GLU A 150 -3.44 -15.21 19.68
C GLU A 150 -4.58 -15.60 18.75
N GLU A 151 -5.57 -14.74 18.66
CA GLU A 151 -6.74 -14.99 17.81
C GLU A 151 -6.34 -15.14 16.35
N GLY A 152 -5.34 -14.38 15.93
CA GLY A 152 -4.88 -14.45 14.55
C GLY A 152 -5.81 -13.65 13.63
N ASP A 153 -6.75 -12.93 14.23
CA ASP A 153 -7.69 -12.14 13.46
C ASP A 153 -7.06 -11.69 12.15
N GLU A 154 -7.75 -10.82 11.42
CA GLU A 154 -7.24 -10.34 10.16
C GLU A 154 -6.26 -9.20 10.39
N PRO A 155 -5.18 -9.19 9.65
CA PRO A 155 -4.12 -8.15 9.78
C PRO A 155 -4.58 -6.80 9.27
N GLN A 156 -4.10 -5.74 9.91
CA GLN A 156 -4.45 -4.39 9.50
C GLN A 156 -3.20 -3.67 9.01
N TYR A 157 -3.35 -2.80 8.03
CA TYR A 157 -2.20 -2.08 7.50
C TYR A 157 -2.39 -0.58 7.57
N LEU A 158 -1.31 0.13 7.90
CA LEU A 158 -1.34 1.57 7.99
C LEU A 158 -0.21 2.14 7.15
N ASP A 159 -0.53 3.07 6.27
CA ASP A 159 0.47 3.66 5.39
C ASP A 159 0.90 5.04 5.87
N LEU A 160 2.21 5.23 5.94
CA LEU A 160 2.78 6.49 6.38
C LEU A 160 3.80 6.98 5.35
N PRO A 161 4.06 8.25 5.32
CA PRO A 161 5.05 8.84 4.36
C PRO A 161 6.48 8.43 4.67
N SER A 162 7.34 8.52 3.67
CA SER A 162 8.74 8.16 3.83
C SER A 162 9.40 9.01 4.90
N THR A 163 8.70 10.07 5.32
CA THR A 163 9.24 10.95 6.34
C THR A 163 8.76 10.53 7.73
N ALA A 164 7.83 9.58 7.77
CA ALA A 164 7.31 9.08 9.04
C ALA A 164 8.24 8.02 9.61
N THR A 165 8.51 8.12 10.91
CA THR A 165 9.38 7.16 11.58
C THR A 165 8.76 6.68 12.88
N SER A 166 7.47 6.90 13.02
CA SER A 166 6.74 6.48 14.22
C SER A 166 5.25 6.59 13.99
N VAL A 167 4.48 5.70 14.61
CA VAL A 167 3.04 5.72 14.43
C VAL A 167 2.32 5.15 15.65
N ASN A 168 1.10 5.64 15.88
CA ASN A 168 0.30 5.17 17.00
C ASN A 168 -0.84 4.28 16.49
N ILE A 169 -0.92 3.07 17.02
CA ILE A 169 -1.96 2.13 16.62
C ILE A 169 -3.11 2.12 17.62
N PRO A 170 -4.20 2.73 17.27
CA PRO A 170 -5.40 2.79 18.13
C PRO A 170 -6.36 1.63 17.87
N ASP A 171 -7.46 1.64 18.62
CA ASP A 171 -8.49 0.61 18.48
C ASP A 171 -7.93 -0.77 18.82
N LEU A 172 -6.98 -0.83 19.74
CA LEU A 172 -6.40 -2.09 20.15
C LEU A 172 -7.23 -2.75 21.25
N LEU A 173 -7.25 -4.08 21.26
CA LEU A 173 -8.02 -4.82 22.26
C LEU A 173 -7.19 -5.05 23.52
N PRO A 174 -7.59 -4.46 24.61
CA PRO A 174 -6.89 -4.61 25.91
C PRO A 174 -6.80 -6.07 26.37
N GLY A 175 -5.66 -6.44 26.93
CA GLY A 175 -5.47 -7.81 27.40
C GLY A 175 -5.19 -8.75 26.24
N ARG A 176 -4.73 -8.19 25.12
CA ARG A 176 -4.44 -9.00 23.95
C ARG A 176 -3.01 -8.72 23.46
N LYS A 177 -2.40 -9.74 22.85
CA LYS A 177 -1.06 -9.58 22.32
C LYS A 177 -1.11 -9.35 20.83
N TYR A 178 -0.39 -8.33 20.36
CA TYR A 178 -0.37 -8.01 18.94
C TYR A 178 1.05 -8.09 18.39
N ILE A 179 1.15 -8.47 17.13
CA ILE A 179 2.43 -8.54 16.45
C ILE A 179 2.55 -7.36 15.52
N VAL A 180 3.61 -6.59 15.67
CA VAL A 180 3.81 -5.41 14.84
C VAL A 180 5.03 -5.56 13.94
N ASN A 181 4.84 -5.24 12.67
CA ASN A 181 5.92 -5.32 11.70
C ASN A 181 5.90 -4.08 10.81
N VAL A 182 7.01 -3.35 10.79
CA VAL A 182 7.11 -2.15 9.98
C VAL A 182 7.87 -2.43 8.69
N TYR A 183 7.23 -2.10 7.57
CA TYR A 183 7.87 -2.31 6.27
C TYR A 183 8.05 -0.97 5.56
N GLN A 184 9.20 -0.78 4.94
CA GLN A 184 9.45 0.47 4.22
C GLN A 184 9.23 0.23 2.74
N ILE A 185 8.52 1.14 2.10
CA ILE A 185 8.24 1.00 0.68
C ILE A 185 9.20 1.83 -0.16
N SER A 186 9.90 1.15 -1.06
CA SER A 186 10.85 1.82 -1.93
C SER A 186 10.15 2.43 -3.14
N GLU A 187 10.88 3.23 -3.89
CA GLU A 187 10.32 3.89 -5.07
C GLU A 187 9.82 2.86 -6.08
N ASP A 188 10.22 1.61 -5.90
CA ASP A 188 9.81 0.55 -6.81
C ASP A 188 8.59 -0.20 -6.26
N GLY A 189 8.18 0.16 -5.05
CA GLY A 189 7.03 -0.48 -4.42
C GLY A 189 7.44 -1.73 -3.66
N GLU A 190 8.74 -1.89 -3.43
CA GLU A 190 9.25 -3.05 -2.69
C GLU A 190 9.18 -2.79 -1.19
N GLN A 191 8.79 -3.81 -0.43
CA GLN A 191 8.68 -3.68 1.01
C GLN A 191 9.82 -4.44 1.70
N SER A 192 10.35 -3.85 2.76
CA SER A 192 11.45 -4.47 3.50
C SER A 192 11.21 -4.34 5.00
N LEU A 193 11.26 -5.47 5.69
CA LEU A 193 11.05 -5.46 7.14
C LEU A 193 12.20 -4.75 7.84
N ILE A 194 11.89 -3.66 8.51
CA ILE A 194 12.90 -2.88 9.22
C ILE A 194 12.74 -3.04 10.74
N LEU A 195 11.53 -3.40 11.17
CA LEU A 195 11.28 -3.58 12.60
C LEU A 195 10.10 -4.51 12.85
N SER A 196 10.34 -5.54 13.65
CA SER A 196 9.31 -6.49 14.00
C SER A 196 9.32 -6.73 15.51
N THR A 197 8.18 -6.44 16.17
CA THR A 197 8.11 -6.63 17.61
C THR A 197 6.67 -6.85 18.05
N SER A 198 6.49 -7.57 19.15
CA SER A 198 5.16 -7.84 19.68
C SER A 198 4.94 -7.09 20.98
N GLN A 199 3.68 -6.90 21.33
CA GLN A 199 3.35 -6.18 22.57
C GLN A 199 2.07 -6.75 23.18
N THR A 200 1.92 -6.53 24.48
CA THR A 200 0.73 -7.01 25.18
C THR A 200 0.01 -5.84 25.84
N THR A 201 -1.10 -5.44 25.24
CA THR A 201 -1.88 -4.32 25.78
C THR A 201 -2.10 -4.49 27.28
N SER A 1 -1.12 9.29 -30.52
CA SER A 1 -0.52 8.09 -31.17
C SER A 1 -1.30 6.85 -30.76
N GLY A 2 -0.59 5.76 -30.47
CA GLY A 2 -1.25 4.53 -30.07
C GLY A 2 -0.87 4.14 -28.65
N PRO A 3 -1.76 3.47 -27.97
CA PRO A 3 -1.59 3.03 -26.58
C PRO A 3 -0.16 2.63 -26.24
N VAL A 4 0.23 2.98 -25.02
CA VAL A 4 1.55 2.65 -24.50
C VAL A 4 1.56 1.21 -24.02
N GLU A 5 2.72 0.69 -23.64
CA GLU A 5 2.80 -0.69 -23.18
C GLU A 5 2.96 -0.77 -21.67
N VAL A 6 2.06 -1.52 -21.03
CA VAL A 6 2.10 -1.70 -19.58
C VAL A 6 1.87 -3.16 -19.20
N PHE A 7 2.53 -3.61 -18.16
CA PHE A 7 2.39 -5.00 -17.72
C PHE A 7 2.66 -5.13 -16.22
N ILE A 8 2.32 -6.29 -15.67
CA ILE A 8 2.52 -6.55 -14.25
C ILE A 8 3.66 -7.55 -14.05
N THR A 9 4.59 -7.23 -13.16
CA THR A 9 5.73 -8.12 -12.89
C THR A 9 6.08 -8.13 -11.40
N GLU A 10 6.84 -9.15 -10.99
CA GLU A 10 7.25 -9.28 -9.59
C GLU A 10 6.12 -8.80 -8.69
N THR A 11 4.89 -8.98 -9.14
CA THR A 11 3.73 -8.53 -8.37
C THR A 11 2.78 -9.68 -8.05
N PRO A 12 3.19 -10.59 -7.21
CA PRO A 12 2.35 -11.76 -6.83
C PRO A 12 1.07 -11.33 -6.10
N SER A 13 1.15 -10.20 -5.41
CA SER A 13 0.01 -9.67 -4.67
C SER A 13 0.47 -8.89 -3.46
N GLN A 14 0.02 -7.64 -3.34
CA GLN A 14 0.40 -6.81 -2.21
C GLN A 14 -0.85 -6.29 -1.49
N PRO A 15 -0.71 -5.91 -0.24
CA PRO A 15 -1.84 -5.42 0.59
C PRO A 15 -2.17 -3.94 0.34
N ASN A 16 -1.23 -3.07 0.68
CA ASN A 16 -1.45 -1.63 0.53
C ASN A 16 -0.63 -1.05 -0.62
N SER A 17 0.41 -1.76 -1.04
CA SER A 17 1.25 -1.26 -2.12
C SER A 17 1.04 -2.05 -3.40
N HIS A 18 1.26 -1.40 -4.53
CA HIS A 18 1.09 -2.04 -5.83
C HIS A 18 1.94 -1.36 -6.89
N PRO A 19 3.06 -1.97 -7.25
CA PRO A 19 3.98 -1.41 -8.27
C PRO A 19 3.54 -1.74 -9.70
N ILE A 20 3.80 -0.80 -10.61
CA ILE A 20 3.44 -0.98 -12.02
C ILE A 20 4.63 -0.66 -12.90
N GLN A 21 4.55 -1.01 -14.18
CA GLN A 21 5.63 -0.71 -15.11
C GLN A 21 5.06 -0.49 -16.51
N TRP A 22 5.71 0.37 -17.28
CA TRP A 22 5.24 0.66 -18.64
C TRP A 22 6.41 0.84 -19.60
N ASN A 23 6.14 0.62 -20.88
CA ASN A 23 7.17 0.80 -21.90
C ASN A 23 6.68 1.72 -23.00
N ALA A 24 7.61 2.36 -23.69
CA ALA A 24 7.26 3.28 -24.77
C ALA A 24 8.09 3.00 -26.01
N PRO A 25 7.77 3.67 -27.08
CA PRO A 25 8.51 3.51 -28.38
C PRO A 25 10.02 3.65 -28.19
N GLN A 26 10.77 3.41 -29.25
CA GLN A 26 12.23 3.51 -29.16
C GLN A 26 12.66 4.97 -29.34
N PRO A 27 12.19 5.61 -30.38
CA PRO A 27 12.52 7.05 -30.64
C PRO A 27 11.96 7.96 -29.56
N SER A 28 12.62 9.11 -29.35
CA SER A 28 12.17 10.05 -28.33
C SER A 28 10.79 10.59 -28.67
N HIS A 29 9.94 9.69 -29.13
CA HIS A 29 8.56 10.05 -29.50
C HIS A 29 7.80 10.55 -28.27
N ILE A 30 7.99 9.88 -27.15
CA ILE A 30 7.31 10.24 -25.92
C ILE A 30 8.28 10.84 -24.91
N SER A 31 7.85 11.90 -24.23
CA SER A 31 8.69 12.56 -23.26
C SER A 31 8.23 12.29 -21.83
N LYS A 32 7.13 12.90 -21.44
CA LYS A 32 6.59 12.73 -20.10
C LYS A 32 5.64 11.54 -19.99
N TYR A 33 5.62 10.91 -18.82
CA TYR A 33 4.71 9.79 -18.57
C TYR A 33 3.82 10.11 -17.39
N ILE A 34 2.50 10.03 -17.58
CA ILE A 34 1.57 10.32 -16.50
C ILE A 34 0.73 9.09 -16.17
N LEU A 35 0.59 8.81 -14.88
CA LEU A 35 -0.19 7.65 -14.45
C LEU A 35 -1.35 8.08 -13.56
N ARG A 36 -2.54 7.62 -13.92
CA ARG A 36 -3.73 7.94 -13.13
C ARG A 36 -4.52 6.67 -12.83
N TRP A 37 -5.04 6.56 -11.61
CA TRP A 37 -5.77 5.36 -11.22
C TRP A 37 -6.92 5.68 -10.27
N ARG A 38 -7.84 4.72 -10.14
CA ARG A 38 -8.98 4.88 -9.25
C ARG A 38 -9.59 3.52 -8.93
N PRO A 39 -9.98 3.31 -7.70
CA PRO A 39 -10.59 2.02 -7.26
C PRO A 39 -11.92 1.75 -7.98
N LYS A 40 -11.95 0.70 -8.78
CA LYS A 40 -13.17 0.35 -9.51
C LYS A 40 -14.37 0.40 -8.57
N ASN A 41 -14.87 1.60 -8.34
CA ASN A 41 -16.02 1.78 -7.45
C ASN A 41 -16.73 3.11 -7.69
N SER A 42 -16.05 4.07 -8.31
CA SER A 42 -16.66 5.36 -8.58
C SER A 42 -15.94 6.07 -9.73
N VAL A 43 -16.62 7.00 -10.37
CA VAL A 43 -16.03 7.75 -11.47
C VAL A 43 -16.03 9.24 -11.16
N GLY A 44 -15.98 9.57 -9.86
CA GLY A 44 -15.99 10.96 -9.44
C GLY A 44 -14.58 11.50 -9.24
N ARG A 45 -13.95 11.11 -8.14
CA ARG A 45 -12.59 11.58 -7.84
C ARG A 45 -11.61 10.41 -7.79
N TRP A 46 -10.35 10.70 -8.09
CA TRP A 46 -9.31 9.67 -8.06
C TRP A 46 -7.91 10.26 -7.94
N LYS A 47 -6.89 9.42 -8.13
CA LYS A 47 -5.50 9.88 -7.99
C LYS A 47 -4.77 9.94 -9.31
N GLU A 48 -3.83 10.87 -9.39
CA GLU A 48 -3.01 11.04 -10.58
C GLU A 48 -1.57 11.36 -10.19
N ALA A 49 -0.65 11.08 -11.09
CA ALA A 49 0.77 11.33 -10.82
C ALA A 49 1.56 11.57 -12.10
N THR A 50 2.71 12.23 -11.95
CA THR A 50 3.57 12.51 -13.09
C THR A 50 4.89 11.78 -12.93
N ILE A 51 5.37 11.16 -14.01
CA ILE A 51 6.62 10.41 -13.95
C ILE A 51 7.60 10.87 -15.04
N PRO A 52 8.77 11.31 -14.66
CA PRO A 52 9.82 11.76 -15.61
C PRO A 52 9.99 10.79 -16.78
N GLY A 53 10.41 11.32 -17.92
CA GLY A 53 10.60 10.51 -19.11
C GLY A 53 11.67 9.42 -18.93
N HIS A 54 12.58 9.61 -17.99
CA HIS A 54 13.65 8.63 -17.77
C HIS A 54 13.19 7.46 -16.91
N LEU A 55 12.08 7.64 -16.20
CA LEU A 55 11.55 6.57 -15.36
C LEU A 55 10.56 5.72 -16.13
N ASN A 56 10.63 4.40 -15.96
CA ASN A 56 9.74 3.49 -16.67
C ASN A 56 8.92 2.64 -15.69
N SER A 57 8.92 3.02 -14.42
CA SER A 57 8.15 2.27 -13.42
C SER A 57 7.67 3.19 -12.30
N TYR A 58 6.46 2.92 -11.79
CA TYR A 58 5.88 3.73 -10.73
C TYR A 58 5.72 2.91 -9.45
N THR A 59 5.01 3.49 -8.49
CA THR A 59 4.75 2.82 -7.24
C THR A 59 3.44 3.31 -6.64
N ILE A 60 2.53 2.40 -6.32
CA ILE A 60 1.24 2.79 -5.76
C ILE A 60 1.08 2.29 -4.33
N LYS A 61 0.84 3.23 -3.42
CA LYS A 61 0.67 2.88 -2.01
C LYS A 61 -0.65 3.44 -1.48
N GLY A 62 -1.10 2.93 -0.34
CA GLY A 62 -2.35 3.38 0.26
C GLY A 62 -3.53 2.64 -0.33
N LEU A 63 -3.25 1.49 -0.95
CA LEU A 63 -4.31 0.70 -1.57
C LEU A 63 -5.07 -0.12 -0.54
N LYS A 64 -6.29 -0.50 -0.88
CA LYS A 64 -7.13 -1.29 0.02
C LYS A 64 -7.08 -2.76 -0.37
N PRO A 65 -6.92 -3.64 0.59
CA PRO A 65 -6.86 -5.11 0.34
C PRO A 65 -8.20 -5.67 -0.12
N GLY A 66 -8.16 -6.63 -1.04
CA GLY A 66 -9.37 -7.24 -1.54
C GLY A 66 -10.13 -6.26 -2.42
N VAL A 67 -9.42 -5.31 -3.00
CA VAL A 67 -10.04 -4.31 -3.87
C VAL A 67 -9.32 -4.25 -5.22
N VAL A 68 -10.00 -3.73 -6.22
CA VAL A 68 -9.42 -3.63 -7.54
C VAL A 68 -9.31 -2.16 -7.96
N TYR A 69 -8.19 -1.82 -8.61
CA TYR A 69 -7.96 -0.45 -9.06
C TYR A 69 -7.72 -0.41 -10.57
N GLU A 70 -8.34 0.55 -11.24
CA GLU A 70 -8.12 0.69 -12.68
C GLU A 70 -7.10 1.80 -12.91
N GLY A 71 -6.10 1.52 -13.73
CA GLY A 71 -5.06 2.51 -13.98
C GLY A 71 -4.95 2.86 -15.46
N GLN A 72 -4.46 4.07 -15.72
CA GLN A 72 -4.30 4.53 -17.09
C GLN A 72 -2.94 5.19 -17.24
N LEU A 73 -2.30 4.96 -18.37
CA LEU A 73 -1.00 5.55 -18.63
C LEU A 73 -1.07 6.51 -19.80
N ILE A 74 -0.77 7.78 -19.55
CA ILE A 74 -0.80 8.79 -20.59
C ILE A 74 0.60 9.29 -20.89
N SER A 75 0.97 9.29 -22.16
CA SER A 75 2.29 9.75 -22.57
C SER A 75 2.19 11.06 -23.34
N ILE A 76 2.86 12.09 -22.83
CA ILE A 76 2.82 13.40 -23.48
C ILE A 76 4.11 13.67 -24.23
N GLN A 77 3.99 14.38 -25.35
CA GLN A 77 5.15 14.72 -26.16
C GLN A 77 5.49 16.20 -25.99
N GLN A 78 6.75 16.53 -26.20
CA GLN A 78 7.19 17.91 -26.05
C GLN A 78 6.12 18.87 -26.60
N TYR A 79 5.19 19.26 -25.73
CA TYR A 79 4.13 20.16 -26.12
C TYR A 79 3.59 19.80 -27.50
N GLY A 80 3.62 18.51 -27.83
CA GLY A 80 3.14 18.06 -29.13
C GLY A 80 1.89 17.19 -29.00
N HIS A 81 2.01 15.93 -29.41
CA HIS A 81 0.88 15.00 -29.36
C HIS A 81 0.72 14.40 -27.96
N GLN A 82 -0.31 13.58 -27.81
CA GLN A 82 -0.60 12.92 -26.54
C GLN A 82 -1.23 11.55 -26.77
N GLU A 83 -0.98 10.61 -25.86
CA GLU A 83 -1.54 9.26 -25.99
C GLU A 83 -2.01 8.75 -24.62
N VAL A 84 -3.10 7.99 -24.62
CA VAL A 84 -3.62 7.46 -23.36
C VAL A 84 -3.83 5.94 -23.43
N THR A 85 -3.42 5.25 -22.37
CA THR A 85 -3.56 3.80 -22.29
C THR A 85 -4.34 3.41 -21.04
N ARG A 86 -5.20 2.40 -21.15
CA ARG A 86 -6.00 1.98 -20.00
C ARG A 86 -5.68 0.54 -19.60
N PHE A 87 -5.60 0.31 -18.29
CA PHE A 87 -5.32 -1.03 -17.76
C PHE A 87 -5.92 -1.16 -16.37
N ASP A 88 -6.05 -2.37 -15.87
CA ASP A 88 -6.63 -2.58 -14.55
C ASP A 88 -5.96 -3.75 -13.83
N PHE A 89 -5.95 -3.68 -12.50
CA PHE A 89 -5.35 -4.73 -11.70
C PHE A 89 -6.09 -4.93 -10.39
N THR A 90 -5.71 -5.96 -9.66
CA THR A 90 -6.35 -6.26 -8.37
C THR A 90 -5.30 -6.18 -7.25
N THR A 91 -5.75 -6.03 -6.01
CA THR A 91 -4.84 -5.95 -4.89
C THR A 91 -5.29 -6.85 -3.75
N THR A 92 -4.43 -7.79 -3.36
CA THR A 92 -4.74 -8.71 -2.27
C THR A 92 -3.65 -8.74 -1.20
N SER A 93 -4.00 -9.37 -0.07
CA SER A 93 -3.07 -9.51 1.05
C SER A 93 -2.67 -10.97 1.22
N THR A 94 -1.49 -11.19 1.78
CA THR A 94 -0.97 -12.54 1.98
C THR A 94 -1.89 -13.34 2.92
N SER A 95 -2.80 -12.66 3.58
CA SER A 95 -3.73 -13.31 4.50
C SER A 95 -5.16 -13.20 3.99
N THR A 96 -5.98 -14.22 4.28
CA THR A 96 -7.36 -14.24 3.84
C THR A 96 -8.30 -13.74 4.94
N PRO A 97 -9.04 -12.67 4.72
CA PRO A 97 -9.98 -12.13 5.73
C PRO A 97 -10.95 -13.20 6.24
N VAL A 98 -11.35 -13.10 7.50
CA VAL A 98 -12.28 -14.06 8.11
C VAL A 98 -13.45 -13.34 8.76
N THR A 99 -14.56 -14.06 8.94
CA THR A 99 -15.76 -13.48 9.54
C THR A 99 -16.12 -14.24 10.82
N SER A 100 -16.57 -13.49 11.83
CA SER A 100 -16.96 -14.07 13.11
C SER A 100 -18.41 -13.75 13.43
N ASN A 101 -19.03 -14.57 14.27
CA ASN A 101 -20.42 -14.37 14.66
C ASN A 101 -20.58 -14.49 16.18
N THR A 102 -21.81 -14.33 16.66
CA THR A 102 -22.10 -14.41 18.10
C THR A 102 -23.13 -15.49 18.37
N VAL A 103 -23.21 -15.90 19.64
CA VAL A 103 -24.15 -16.93 20.05
C VAL A 103 -25.59 -16.48 19.76
N THR A 104 -25.85 -15.20 19.99
CA THR A 104 -27.19 -14.66 19.76
C THR A 104 -27.47 -14.55 18.25
N GLY A 105 -28.68 -14.92 17.85
CA GLY A 105 -29.06 -14.87 16.44
C GLY A 105 -29.51 -13.46 16.04
N GLU A 106 -29.95 -13.32 14.80
CA GLU A 106 -30.40 -12.03 14.29
C GLU A 106 -31.91 -11.92 14.36
N THR A 107 -32.39 -10.73 14.75
CA THR A 107 -33.83 -10.48 14.86
C THR A 107 -34.16 -9.09 14.30
N THR A 108 -34.76 -8.24 15.12
CA THR A 108 -35.12 -6.90 14.68
C THR A 108 -33.85 -6.11 14.35
N PRO A 109 -33.91 -5.15 13.44
CA PRO A 109 -32.72 -4.35 13.07
C PRO A 109 -32.04 -3.73 14.29
N PHE A 110 -30.70 -3.67 14.25
CA PHE A 110 -29.91 -3.11 15.35
C PHE A 110 -29.07 -1.95 14.85
N SER A 111 -28.72 -1.04 15.77
CA SER A 111 -27.90 0.13 15.43
C SER A 111 -26.63 0.15 16.29
N PRO A 112 -25.71 -0.76 16.04
CA PRO A 112 -24.44 -0.83 16.82
C PRO A 112 -23.63 0.45 16.74
N LEU A 113 -23.87 1.26 15.71
CA LEU A 113 -23.13 2.51 15.55
C LEU A 113 -23.87 3.65 16.24
N VAL A 114 -23.09 4.53 16.88
CA VAL A 114 -23.64 5.67 17.60
C VAL A 114 -22.95 6.96 17.17
N ALA A 115 -23.60 8.10 17.42
CA ALA A 115 -23.02 9.38 17.06
C ALA A 115 -21.68 9.57 17.76
N THR A 116 -20.75 10.27 17.09
CA THR A 116 -19.42 10.51 17.64
C THR A 116 -19.18 12.00 17.86
N SER A 117 -18.48 12.31 18.94
CA SER A 117 -18.15 13.69 19.30
C SER A 117 -16.66 13.95 19.12
N GLU A 118 -16.31 15.18 18.77
CA GLU A 118 -14.91 15.52 18.55
C GLU A 118 -14.07 15.13 19.76
N SER A 119 -14.64 15.23 20.95
CA SER A 119 -13.94 14.85 22.16
C SER A 119 -13.80 13.33 22.22
N VAL A 120 -12.86 12.84 23.02
CA VAL A 120 -12.66 11.39 23.13
C VAL A 120 -12.93 10.90 24.56
N THR A 121 -13.70 9.83 24.66
CA THR A 121 -14.03 9.23 25.95
C THR A 121 -14.02 7.71 25.85
N GLU A 122 -13.66 7.22 24.66
CA GLU A 122 -13.62 5.78 24.40
C GLU A 122 -12.19 5.29 24.23
N ILE A 123 -11.98 4.00 24.40
CA ILE A 123 -10.65 3.40 24.27
C ILE A 123 -9.58 4.32 24.84
N THR A 124 -9.73 4.66 26.12
CA THR A 124 -8.78 5.54 26.78
C THR A 124 -7.35 5.00 26.64
N ALA A 125 -7.21 3.68 26.73
CA ALA A 125 -5.88 3.07 26.61
C ALA A 125 -5.98 1.76 25.83
N SER A 126 -4.88 1.43 25.13
CA SER A 126 -4.77 0.21 24.31
C SER A 126 -3.93 0.52 23.08
N SER A 127 -4.02 1.77 22.63
CA SER A 127 -3.26 2.21 21.47
C SER A 127 -1.78 1.91 21.63
N PHE A 128 -1.04 2.03 20.53
CA PHE A 128 0.39 1.77 20.53
C PHE A 128 1.14 2.88 19.81
N VAL A 129 2.33 3.20 20.28
CA VAL A 129 3.12 4.22 19.61
C VAL A 129 4.48 3.63 19.25
N VAL A 130 4.64 3.29 17.98
CA VAL A 130 5.88 2.69 17.51
C VAL A 130 6.61 3.62 16.55
N SER A 131 7.93 3.68 16.70
CA SER A 131 8.75 4.51 15.85
C SER A 131 9.90 3.69 15.26
N TRP A 132 10.38 4.10 14.09
CA TRP A 132 11.47 3.37 13.45
C TRP A 132 12.39 4.34 12.71
N VAL A 133 13.23 3.80 11.83
CA VAL A 133 14.16 4.62 11.07
C VAL A 133 13.98 4.41 9.58
N SER A 134 13.80 5.50 8.84
CA SER A 134 13.62 5.41 7.40
C SER A 134 14.81 4.72 6.76
N ALA A 135 15.07 3.49 7.19
CA ALA A 135 16.20 2.72 6.66
C ALA A 135 16.38 2.94 5.16
N SER A 136 15.91 4.08 4.67
CA SER A 136 16.04 4.38 3.24
C SER A 136 15.40 5.73 2.91
N ASP A 137 16.17 6.58 2.23
CA ASP A 137 15.68 7.90 1.85
C ASP A 137 14.93 7.82 0.52
N THR A 138 15.01 6.67 -0.13
CA THR A 138 14.34 6.47 -1.41
C THR A 138 12.92 5.99 -1.17
N VAL A 139 12.54 5.84 0.08
CA VAL A 139 11.21 5.40 0.43
C VAL A 139 10.18 6.44 0.01
N SER A 140 9.08 5.98 -0.58
CA SER A 140 8.03 6.88 -1.03
C SER A 140 6.94 7.00 0.03
N GLY A 141 6.96 6.08 0.97
CA GLY A 141 5.99 6.06 2.05
C GLY A 141 6.25 4.87 2.95
N PHE A 142 5.49 4.78 4.04
CA PHE A 142 5.65 3.68 4.97
C PHE A 142 4.33 2.93 5.15
N ARG A 143 4.42 1.65 5.45
CA ARG A 143 3.22 0.85 5.64
C ARG A 143 3.35 0.04 6.92
N VAL A 144 2.42 0.25 7.83
CA VAL A 144 2.43 -0.48 9.10
C VAL A 144 1.36 -1.55 9.12
N GLU A 145 1.73 -2.73 9.62
CA GLU A 145 0.80 -3.83 9.69
C GLU A 145 0.79 -4.42 11.09
N TYR A 146 -0.40 -4.59 11.66
CA TYR A 146 -0.54 -5.14 12.99
C TYR A 146 -1.70 -6.11 13.05
N GLU A 147 -1.47 -7.25 13.69
CA GLU A 147 -2.50 -8.27 13.83
C GLU A 147 -2.35 -8.97 15.19
N LEU A 148 -3.40 -9.63 15.62
CA LEU A 148 -3.36 -10.33 16.90
C LEU A 148 -2.46 -11.56 16.82
N SER A 149 -1.49 -11.62 17.72
CA SER A 149 -0.56 -12.73 17.76
C SER A 149 -1.24 -13.99 18.28
N GLU A 150 -2.47 -13.85 18.75
CA GLU A 150 -3.21 -14.99 19.28
C GLU A 150 -4.36 -15.39 18.35
N GLU A 151 -5.37 -14.53 18.30
CA GLU A 151 -6.54 -14.81 17.47
C GLU A 151 -6.17 -14.93 15.99
N GLY A 152 -5.19 -14.16 15.57
CA GLY A 152 -4.76 -14.20 14.17
C GLY A 152 -5.72 -13.41 13.28
N ASP A 153 -6.66 -12.71 13.91
CA ASP A 153 -7.64 -11.93 13.16
C ASP A 153 -7.04 -11.47 11.84
N GLU A 154 -7.76 -10.60 11.14
CA GLU A 154 -7.27 -10.08 9.87
C GLU A 154 -6.30 -8.94 10.09
N PRO A 155 -5.24 -8.90 9.34
CA PRO A 155 -4.21 -7.85 9.46
C PRO A 155 -4.69 -6.49 8.95
N GLN A 156 -4.22 -5.43 9.60
CA GLN A 156 -4.60 -4.08 9.21
C GLN A 156 -3.37 -3.34 8.72
N TYR A 157 -3.55 -2.46 7.74
CA TYR A 157 -2.42 -1.72 7.20
C TYR A 157 -2.65 -0.22 7.29
N LEU A 158 -1.57 0.50 7.61
CA LEU A 158 -1.62 1.95 7.71
C LEU A 158 -0.52 2.54 6.85
N ASP A 159 -0.89 3.47 5.99
CA ASP A 159 0.09 4.09 5.10
C ASP A 159 0.52 5.46 5.59
N LEU A 160 1.82 5.68 5.64
CA LEU A 160 2.38 6.95 6.08
C LEU A 160 3.37 7.46 5.04
N PRO A 161 3.61 8.74 5.02
CA PRO A 161 4.56 9.36 4.05
C PRO A 161 6.02 8.98 4.33
N SER A 162 6.85 9.09 3.30
CA SER A 162 8.26 8.75 3.44
C SER A 162 8.93 9.61 4.51
N THR A 163 8.21 10.65 4.95
CA THR A 163 8.75 11.53 5.96
C THR A 163 8.31 11.08 7.36
N ALA A 164 7.40 10.12 7.40
CA ALA A 164 6.90 9.60 8.68
C ALA A 164 7.86 8.55 9.23
N THR A 165 8.16 8.65 10.53
CA THR A 165 9.06 7.69 11.16
C THR A 165 8.47 7.19 12.47
N SER A 166 7.17 7.39 12.65
CA SER A 166 6.48 6.95 13.85
C SER A 166 4.97 7.03 13.64
N VAL A 167 4.23 6.12 14.26
CA VAL A 167 2.79 6.11 14.11
C VAL A 167 2.10 5.51 15.34
N ASN A 168 0.89 5.98 15.60
CA ASN A 168 0.11 5.49 16.73
C ASN A 168 -1.02 4.59 16.23
N ILE A 169 -1.07 3.36 16.75
CA ILE A 169 -2.09 2.42 16.35
C ILE A 169 -3.23 2.37 17.37
N PRO A 170 -4.34 2.97 17.05
CA PRO A 170 -5.53 3.00 17.94
C PRO A 170 -6.47 1.83 17.69
N ASP A 171 -7.56 1.80 18.44
CA ASP A 171 -8.57 0.75 18.31
C ASP A 171 -7.99 -0.62 18.62
N LEU A 172 -7.02 -0.66 19.54
CA LEU A 172 -6.40 -1.93 19.92
C LEU A 172 -7.21 -2.61 21.02
N LEU A 173 -7.20 -3.93 21.03
CA LEU A 173 -7.94 -4.69 22.03
C LEU A 173 -7.08 -4.93 23.27
N PRO A 174 -7.48 -4.36 24.37
CA PRO A 174 -6.74 -4.50 25.66
C PRO A 174 -6.62 -5.96 26.10
N GLY A 175 -5.47 -6.32 26.65
CA GLY A 175 -5.24 -7.69 27.10
C GLY A 175 -4.96 -8.61 25.92
N ARG A 176 -4.54 -8.04 24.81
CA ARG A 176 -4.24 -8.82 23.61
C ARG A 176 -2.84 -8.52 23.10
N LYS A 177 -2.22 -9.52 22.47
CA LYS A 177 -0.89 -9.33 21.93
C LYS A 177 -0.98 -9.09 20.43
N TYR A 178 -0.28 -8.06 19.96
CA TYR A 178 -0.29 -7.73 18.56
C TYR A 178 1.11 -7.77 17.97
N ILE A 179 1.19 -8.14 16.70
CA ILE A 179 2.48 -8.17 16.01
C ILE A 179 2.56 -6.97 15.08
N VAL A 180 3.61 -6.20 15.22
CA VAL A 180 3.76 -5.00 14.40
C VAL A 180 4.97 -5.12 13.48
N ASN A 181 4.76 -4.79 12.21
CA ASN A 181 5.82 -4.84 11.22
C ASN A 181 5.77 -3.61 10.34
N VAL A 182 6.86 -2.86 10.32
CA VAL A 182 6.92 -1.64 9.51
C VAL A 182 7.66 -1.89 8.21
N TYR A 183 7.01 -1.57 7.11
CA TYR A 183 7.62 -1.75 5.79
C TYR A 183 7.76 -0.41 5.10
N GLN A 184 8.90 -0.19 4.46
CA GLN A 184 9.11 1.07 3.75
C GLN A 184 8.87 0.84 2.27
N ILE A 185 8.14 1.75 1.64
CA ILE A 185 7.83 1.62 0.23
C ILE A 185 8.76 2.47 -0.62
N SER A 186 9.44 1.82 -1.55
CA SER A 186 10.38 2.50 -2.41
C SER A 186 9.64 3.11 -3.60
N GLU A 187 10.34 3.94 -4.37
CA GLU A 187 9.75 4.59 -5.52
C GLU A 187 9.26 3.57 -6.54
N ASP A 188 9.69 2.31 -6.38
CA ASP A 188 9.27 1.26 -7.29
C ASP A 188 8.08 0.49 -6.72
N GLY A 189 7.69 0.82 -5.51
CA GLY A 189 6.56 0.15 -4.87
C GLY A 189 7.00 -1.10 -4.11
N GLU A 190 8.32 -1.22 -3.90
CA GLU A 190 8.85 -2.37 -3.20
C GLU A 190 8.80 -2.14 -1.69
N GLN A 191 8.44 -3.17 -0.95
CA GLN A 191 8.37 -3.06 0.51
C GLN A 191 9.53 -3.80 1.17
N SER A 192 10.07 -3.22 2.22
CA SER A 192 11.18 -3.83 2.93
C SER A 192 10.98 -3.72 4.44
N LEU A 193 11.06 -4.85 5.13
CA LEU A 193 10.87 -4.85 6.57
C LEU A 193 12.02 -4.14 7.26
N ILE A 194 11.70 -3.05 7.96
CA ILE A 194 12.71 -2.27 8.65
C ILE A 194 12.58 -2.43 10.16
N LEU A 195 11.39 -2.83 10.61
CA LEU A 195 11.17 -3.01 12.04
C LEU A 195 10.00 -3.97 12.31
N SER A 196 10.27 -5.00 13.10
CA SER A 196 9.27 -5.99 13.46
C SER A 196 9.30 -6.23 14.96
N THR A 197 8.19 -5.97 15.64
CA THR A 197 8.13 -6.17 17.09
C THR A 197 6.71 -6.42 17.54
N SER A 198 6.56 -7.16 18.65
CA SER A 198 5.24 -7.46 19.19
C SER A 198 5.03 -6.72 20.51
N GLN A 199 3.78 -6.55 20.88
CA GLN A 199 3.46 -5.87 22.13
C GLN A 199 2.21 -6.46 22.76
N THR A 200 2.06 -6.25 24.06
CA THR A 200 0.90 -6.76 24.78
C THR A 200 0.17 -5.61 25.46
N THR A 201 -0.96 -5.22 24.89
CA THR A 201 -1.75 -4.12 25.45
C THR A 201 -1.93 -4.31 26.95
N SER A 1 -1.06 9.29 -30.63
CA SER A 1 -0.44 8.11 -31.26
C SER A 1 -1.22 6.86 -30.87
N GLY A 2 -0.50 5.77 -30.57
CA GLY A 2 -1.16 4.54 -30.17
C GLY A 2 -0.79 4.15 -28.74
N PRO A 3 -1.69 3.48 -28.08
CA PRO A 3 -1.51 3.05 -26.67
C PRO A 3 -0.09 2.65 -26.32
N VAL A 4 0.29 3.01 -25.10
CA VAL A 4 1.61 2.70 -24.57
C VAL A 4 1.62 1.24 -24.09
N GLU A 5 2.77 0.74 -23.70
CA GLU A 5 2.86 -0.65 -23.24
C GLU A 5 3.01 -0.72 -21.72
N VAL A 6 2.12 -1.47 -21.09
CA VAL A 6 2.14 -1.65 -19.64
C VAL A 6 1.91 -3.12 -19.26
N PHE A 7 2.59 -3.57 -18.21
CA PHE A 7 2.45 -4.95 -17.77
C PHE A 7 2.69 -5.08 -16.27
N ILE A 8 2.36 -6.24 -15.72
CA ILE A 8 2.55 -6.50 -14.30
C ILE A 8 3.70 -7.49 -14.09
N THR A 9 4.62 -7.15 -13.18
CA THR A 9 5.76 -8.04 -12.91
C THR A 9 6.10 -8.04 -11.42
N GLU A 10 6.85 -9.06 -10.99
CA GLU A 10 7.25 -9.19 -9.59
C GLU A 10 6.12 -8.70 -8.70
N THR A 11 4.89 -8.90 -9.16
CA THR A 11 3.74 -8.46 -8.40
C THR A 11 2.78 -9.62 -8.11
N PRO A 12 3.19 -10.52 -7.26
CA PRO A 12 2.35 -11.69 -6.87
C PRO A 12 1.07 -11.27 -6.16
N SER A 13 1.13 -10.13 -5.47
CA SER A 13 -0.02 -9.62 -4.75
C SER A 13 0.42 -8.84 -3.52
N GLN A 14 -0.05 -7.59 -3.41
CA GLN A 14 0.31 -6.75 -2.28
C GLN A 14 -0.94 -6.25 -1.56
N PRO A 15 -0.82 -5.86 -0.33
CA PRO A 15 -1.96 -5.37 0.49
C PRO A 15 -2.29 -3.90 0.25
N ASN A 16 -1.36 -3.03 0.59
CA ASN A 16 -1.59 -1.59 0.44
C ASN A 16 -0.77 -1.00 -0.71
N SER A 17 0.28 -1.69 -1.11
CA SER A 17 1.14 -1.19 -2.18
C SER A 17 0.93 -1.99 -3.47
N HIS A 18 1.17 -1.34 -4.59
CA HIS A 18 1.01 -1.99 -5.89
C HIS A 18 1.87 -1.30 -6.95
N PRO A 19 2.99 -1.90 -7.30
CA PRO A 19 3.92 -1.34 -8.31
C PRO A 19 3.49 -1.66 -9.74
N ILE A 20 3.75 -0.74 -10.65
CA ILE A 20 3.40 -0.92 -12.06
C ILE A 20 4.61 -0.58 -12.94
N GLN A 21 4.54 -0.94 -14.22
CA GLN A 21 5.63 -0.64 -15.13
C GLN A 21 5.07 -0.41 -16.54
N TRP A 22 5.72 0.45 -17.31
CA TRP A 22 5.26 0.72 -18.67
C TRP A 22 6.43 0.91 -19.62
N ASN A 23 6.18 0.71 -20.91
CA ASN A 23 7.21 0.88 -21.91
C ASN A 23 6.72 1.79 -23.02
N ALA A 24 7.65 2.44 -23.71
CA ALA A 24 7.31 3.35 -24.78
C ALA A 24 8.15 3.08 -26.02
N PRO A 25 7.84 3.75 -27.10
CA PRO A 25 8.59 3.60 -28.38
C PRO A 25 10.10 3.75 -28.18
N GLN A 26 10.86 3.51 -29.24
CA GLN A 26 12.31 3.63 -29.14
C GLN A 26 12.74 5.09 -29.31
N PRO A 27 12.27 5.73 -30.36
CA PRO A 27 12.59 7.16 -30.62
C PRO A 27 12.02 8.08 -29.55
N SER A 28 12.67 9.22 -29.33
CA SER A 28 12.20 10.16 -28.32
C SER A 28 10.82 10.68 -28.67
N HIS A 29 9.98 9.79 -29.13
CA HIS A 29 8.61 10.14 -29.51
C HIS A 29 7.83 10.63 -28.29
N ILE A 30 8.02 9.95 -27.17
CA ILE A 30 7.32 10.32 -25.94
C ILE A 30 8.27 10.92 -24.92
N SER A 31 7.82 11.99 -24.26
CA SER A 31 8.66 12.66 -23.27
C SER A 31 8.19 12.38 -21.85
N LYS A 32 7.07 12.98 -21.48
CA LYS A 32 6.53 12.81 -20.13
C LYS A 32 5.58 11.61 -20.04
N TYR A 33 5.56 10.99 -18.87
CA TYR A 33 4.66 9.86 -18.62
C TYR A 33 3.75 10.17 -17.45
N ILE A 34 2.44 10.08 -17.66
CA ILE A 34 1.49 10.37 -16.58
C ILE A 34 0.67 9.13 -16.25
N LEU A 35 0.51 8.84 -14.97
CA LEU A 35 -0.27 7.70 -14.53
C LEU A 35 -1.44 8.11 -13.66
N ARG A 36 -2.62 7.63 -14.03
CA ARG A 36 -3.82 7.95 -13.25
C ARG A 36 -4.60 6.68 -12.96
N TRP A 37 -5.13 6.56 -11.74
CA TRP A 37 -5.86 5.36 -11.35
C TRP A 37 -7.02 5.67 -10.42
N ARG A 38 -7.93 4.71 -10.30
CA ARG A 38 -9.09 4.86 -9.41
C ARG A 38 -9.69 3.49 -9.10
N PRO A 39 -10.09 3.28 -7.87
CA PRO A 39 -10.70 1.98 -7.44
C PRO A 39 -12.00 1.71 -8.17
N LYS A 40 -12.02 0.64 -8.97
CA LYS A 40 -13.23 0.28 -9.71
C LYS A 40 -14.44 0.33 -8.78
N ASN A 41 -14.96 1.53 -8.56
CA ASN A 41 -16.11 1.70 -7.68
C ASN A 41 -16.84 3.02 -7.94
N SER A 42 -16.15 3.98 -8.54
CA SER A 42 -16.77 5.28 -8.82
C SER A 42 -16.04 5.98 -9.96
N VAL A 43 -16.73 6.91 -10.62
CA VAL A 43 -16.13 7.67 -11.72
C VAL A 43 -16.15 9.16 -11.40
N GLY A 44 -16.12 9.48 -10.12
CA GLY A 44 -16.14 10.88 -9.68
C GLY A 44 -14.73 11.44 -9.48
N ARG A 45 -14.10 11.05 -8.37
CA ARG A 45 -12.76 11.53 -8.05
C ARG A 45 -11.77 10.37 -7.99
N TRP A 46 -10.50 10.66 -8.29
CA TRP A 46 -9.47 9.64 -8.24
C TRP A 46 -8.07 10.25 -8.11
N LYS A 47 -7.04 9.41 -8.28
CA LYS A 47 -5.66 9.89 -8.13
C LYS A 47 -4.91 9.94 -9.46
N GLU A 48 -3.97 10.89 -9.53
CA GLU A 48 -3.15 11.07 -10.70
C GLU A 48 -1.72 11.40 -10.30
N ALA A 49 -0.78 11.11 -11.20
CA ALA A 49 0.63 11.38 -10.91
C ALA A 49 1.42 11.62 -12.19
N THR A 50 2.57 12.29 -12.03
CA THR A 50 3.45 12.58 -13.16
C THR A 50 4.78 11.86 -12.98
N ILE A 51 5.26 11.24 -14.05
CA ILE A 51 6.52 10.50 -13.99
C ILE A 51 7.50 10.96 -15.06
N PRO A 52 8.67 11.40 -14.67
CA PRO A 52 9.72 11.87 -15.62
C PRO A 52 9.91 10.90 -16.78
N GLY A 53 10.34 11.44 -17.92
CA GLY A 53 10.55 10.61 -19.12
C GLY A 53 11.62 9.54 -18.93
N HIS A 54 12.52 9.74 -17.96
CA HIS A 54 13.59 8.77 -17.74
C HIS A 54 13.13 7.60 -16.88
N LEU A 55 12.01 7.77 -16.18
CA LEU A 55 11.49 6.69 -15.34
C LEU A 55 10.51 5.83 -16.13
N ASN A 56 10.60 4.52 -15.95
CA ASN A 56 9.71 3.60 -16.66
C ASN A 56 8.89 2.75 -15.69
N SER A 57 8.87 3.12 -14.42
CA SER A 57 8.10 2.37 -13.44
C SER A 57 7.61 3.28 -12.31
N TYR A 58 6.40 3.01 -11.83
CA TYR A 58 5.81 3.82 -10.76
C TYR A 58 5.63 3.00 -9.49
N THR A 59 4.92 3.57 -8.54
CA THR A 59 4.65 2.90 -7.27
C THR A 59 3.32 3.39 -6.70
N ILE A 60 2.42 2.47 -6.39
CA ILE A 60 1.12 2.84 -5.84
C ILE A 60 0.96 2.35 -4.41
N LYS A 61 0.70 3.29 -3.50
CA LYS A 61 0.51 2.94 -2.09
C LYS A 61 -0.81 3.50 -1.57
N GLY A 62 -1.26 2.98 -0.44
CA GLY A 62 -2.52 3.42 0.15
C GLY A 62 -3.71 2.67 -0.45
N LEU A 63 -3.41 1.53 -1.07
CA LEU A 63 -4.45 0.71 -1.69
C LEU A 63 -5.22 -0.10 -0.66
N LYS A 64 -6.42 -0.49 -1.02
CA LYS A 64 -7.27 -1.29 -0.14
C LYS A 64 -7.21 -2.76 -0.52
N PRO A 65 -7.04 -3.63 0.45
CA PRO A 65 -6.96 -5.10 0.20
C PRO A 65 -8.31 -5.67 -0.28
N GLY A 66 -8.25 -6.64 -1.17
CA GLY A 66 -9.44 -7.25 -1.70
C GLY A 66 -10.22 -6.29 -2.58
N VAL A 67 -9.50 -5.33 -3.17
CA VAL A 67 -10.12 -4.35 -4.04
C VAL A 67 -9.39 -4.27 -5.37
N VAL A 68 -10.07 -3.76 -6.39
CA VAL A 68 -9.46 -3.65 -7.71
C VAL A 68 -9.36 -2.18 -8.14
N TYR A 69 -8.25 -1.84 -8.77
CA TYR A 69 -8.03 -0.47 -9.21
C TYR A 69 -7.77 -0.43 -10.72
N GLU A 70 -8.38 0.52 -11.41
CA GLU A 70 -8.16 0.67 -12.83
C GLU A 70 -7.15 1.78 -13.06
N GLY A 71 -6.13 1.51 -13.87
CA GLY A 71 -5.10 2.51 -14.11
C GLY A 71 -4.97 2.86 -15.59
N GLN A 72 -4.50 4.06 -15.85
CA GLN A 72 -4.32 4.53 -17.22
C GLN A 72 -2.98 5.21 -17.36
N LEU A 73 -2.32 4.97 -18.49
CA LEU A 73 -1.02 5.58 -18.72
C LEU A 73 -1.08 6.54 -19.90
N ILE A 74 -0.79 7.81 -19.64
CA ILE A 74 -0.82 8.82 -20.69
C ILE A 74 0.57 9.33 -20.98
N SER A 75 0.95 9.33 -22.25
CA SER A 75 2.27 9.79 -22.65
C SER A 75 2.17 11.10 -23.42
N ILE A 76 2.83 12.15 -22.91
CA ILE A 76 2.78 13.44 -23.55
C ILE A 76 4.09 13.73 -24.30
N GLN A 77 3.96 14.44 -25.42
CA GLN A 77 5.13 14.78 -26.22
C GLN A 77 5.45 16.26 -26.05
N GLN A 78 6.72 16.61 -26.25
CA GLN A 78 7.14 17.99 -26.10
C GLN A 78 6.08 18.93 -26.65
N TYR A 79 5.14 19.31 -25.79
CA TYR A 79 4.06 20.21 -26.20
C TYR A 79 3.55 19.85 -27.58
N GLY A 80 3.58 18.55 -27.90
CA GLY A 80 3.12 18.10 -29.21
C GLY A 80 1.87 17.22 -29.09
N HIS A 81 2.01 15.97 -29.49
CA HIS A 81 0.90 15.02 -29.45
C HIS A 81 0.72 14.43 -28.05
N GLN A 82 -0.31 13.60 -27.91
CA GLN A 82 -0.60 12.93 -26.64
C GLN A 82 -1.22 11.56 -26.88
N GLU A 83 -0.97 10.62 -25.97
CA GLU A 83 -1.52 9.28 -26.09
C GLU A 83 -1.99 8.76 -24.74
N VAL A 84 -3.09 7.99 -24.73
CA VAL A 84 -3.62 7.46 -23.48
C VAL A 84 -3.81 5.94 -23.56
N THR A 85 -3.40 5.25 -22.49
CA THR A 85 -3.53 3.80 -22.41
C THR A 85 -4.32 3.40 -21.17
N ARG A 86 -5.18 2.39 -21.28
CA ARG A 86 -5.98 1.96 -20.14
C ARG A 86 -5.65 0.53 -19.73
N PHE A 87 -5.58 0.29 -18.43
CA PHE A 87 -5.29 -1.03 -17.89
C PHE A 87 -5.92 -1.16 -16.50
N ASP A 88 -6.04 -2.39 -16.00
CA ASP A 88 -6.62 -2.59 -14.69
C ASP A 88 -5.96 -3.76 -13.96
N PHE A 89 -5.95 -3.69 -12.64
CA PHE A 89 -5.35 -4.74 -11.82
C PHE A 89 -6.11 -4.92 -10.52
N THR A 90 -5.73 -5.96 -9.78
CA THR A 90 -6.37 -6.26 -8.50
C THR A 90 -5.34 -6.18 -7.38
N THR A 91 -5.80 -6.02 -6.14
CA THR A 91 -4.89 -5.94 -5.01
C THR A 91 -5.35 -6.85 -3.87
N THR A 92 -4.48 -7.77 -3.47
CA THR A 92 -4.80 -8.70 -2.38
C THR A 92 -3.76 -8.79 -1.28
N SER A 93 -4.23 -9.47 -0.22
CA SER A 93 -3.44 -9.77 0.96
C SER A 93 -4.36 -10.42 1.99
N THR A 94 -5.36 -9.66 2.42
CA THR A 94 -6.34 -10.13 3.39
C THR A 94 -7.74 -9.63 3.03
N SER A 95 -8.76 -10.22 3.65
CA SER A 95 -10.14 -9.81 3.38
C SER A 95 -10.75 -9.18 4.63
N THR A 96 -11.60 -8.18 4.44
CA THR A 96 -12.24 -7.49 5.56
C THR A 96 -13.65 -7.03 5.19
N PRO A 97 -14.66 -7.43 5.92
CA PRO A 97 -16.07 -6.99 5.63
C PRO A 97 -16.17 -5.47 5.55
N VAL A 98 -17.00 -4.98 4.63
CA VAL A 98 -17.17 -3.55 4.47
C VAL A 98 -17.68 -2.89 5.75
N THR A 99 -18.45 -3.64 6.55
CA THR A 99 -18.98 -3.10 7.81
C THR A 99 -18.50 -3.92 9.00
N SER A 100 -18.59 -3.32 10.18
CA SER A 100 -18.18 -4.00 11.42
C SER A 100 -19.16 -3.65 12.55
N ASN A 101 -19.20 -4.50 13.58
CA ASN A 101 -20.10 -4.26 14.70
C ASN A 101 -19.43 -4.67 16.02
N THR A 102 -20.13 -4.42 17.13
CA THR A 102 -19.62 -4.77 18.44
C THR A 102 -20.15 -6.14 18.87
N VAL A 103 -19.51 -6.74 19.87
CA VAL A 103 -19.92 -8.06 20.36
C VAL A 103 -20.26 -8.98 19.19
N THR A 104 -19.28 -9.77 18.77
CA THR A 104 -19.48 -10.69 17.64
C THR A 104 -20.17 -11.96 18.09
N GLY A 105 -20.73 -12.68 17.11
CA GLY A 105 -21.44 -13.93 17.39
C GLY A 105 -21.25 -14.90 16.23
N GLU A 106 -22.26 -14.98 15.37
CA GLU A 106 -22.19 -15.87 14.20
C GLU A 106 -21.71 -15.07 12.99
N THR A 107 -20.86 -15.71 12.18
CA THR A 107 -20.31 -15.04 11.00
C THR A 107 -21.31 -15.10 9.85
N THR A 108 -21.14 -14.19 8.88
CA THR A 108 -22.02 -14.13 7.72
C THR A 108 -21.28 -14.60 6.47
N PRO A 109 -21.68 -15.72 5.87
CA PRO A 109 -21.01 -16.22 4.65
C PRO A 109 -21.09 -15.23 3.49
N PHE A 110 -22.04 -14.30 3.59
CA PHE A 110 -22.23 -13.28 2.56
C PHE A 110 -21.78 -11.92 3.07
N SER A 111 -21.15 -11.14 2.18
CA SER A 111 -20.65 -9.81 2.54
C SER A 111 -21.22 -8.73 1.61
N PRO A 112 -22.44 -8.30 1.86
CA PRO A 112 -23.10 -7.26 1.03
C PRO A 112 -22.23 -5.99 0.92
N LEU A 113 -22.32 -5.30 -0.21
CA LEU A 113 -21.53 -4.09 -0.42
C LEU A 113 -22.30 -2.85 0.04
N VAL A 114 -21.60 -1.94 0.68
CA VAL A 114 -22.19 -0.69 1.17
C VAL A 114 -21.50 0.51 0.54
N ALA A 115 -22.30 1.49 0.10
CA ALA A 115 -21.76 2.70 -0.52
C ALA A 115 -20.40 3.08 0.07
N THR A 116 -20.43 3.79 1.19
CA THR A 116 -19.20 4.20 1.87
C THR A 116 -19.20 3.72 3.31
N SER A 117 -18.01 3.68 3.92
CA SER A 117 -17.88 3.23 5.31
C SER A 117 -17.17 4.29 6.15
N GLU A 118 -17.61 4.44 7.40
CA GLU A 118 -17.02 5.41 8.32
C GLU A 118 -16.37 4.69 9.50
N SER A 119 -15.36 5.32 10.09
CA SER A 119 -14.66 4.73 11.23
C SER A 119 -14.72 5.64 12.45
N VAL A 120 -14.64 5.05 13.63
CA VAL A 120 -14.68 5.79 14.89
C VAL A 120 -13.44 5.50 15.72
N THR A 121 -12.86 6.55 16.30
CA THR A 121 -11.67 6.39 17.14
C THR A 121 -11.92 6.95 18.54
N GLU A 122 -11.14 6.49 19.51
CA GLU A 122 -11.27 6.94 20.89
C GLU A 122 -9.96 7.56 21.38
N ILE A 123 -10.06 8.49 22.33
CA ILE A 123 -8.87 9.13 22.88
C ILE A 123 -7.95 8.08 23.50
N THR A 124 -8.57 7.09 24.15
CA THR A 124 -7.83 6.00 24.78
C THR A 124 -8.32 4.65 24.24
N ALA A 125 -7.40 3.74 23.99
CA ALA A 125 -7.77 2.43 23.48
C ALA A 125 -6.55 1.52 23.31
N SER A 126 -5.92 1.17 24.44
CA SER A 126 -4.75 0.28 24.41
C SER A 126 -3.88 0.57 23.17
N SER A 127 -3.96 1.82 22.73
CA SER A 127 -3.20 2.25 21.55
C SER A 127 -1.72 1.94 21.72
N PHE A 128 -0.99 2.06 20.62
CA PHE A 128 0.45 1.78 20.63
C PHE A 128 1.20 2.89 19.90
N VAL A 129 2.39 3.20 20.36
CA VAL A 129 3.19 4.22 19.70
C VAL A 129 4.54 3.62 19.33
N VAL A 130 4.70 3.26 18.06
CA VAL A 130 5.94 2.66 17.61
C VAL A 130 6.68 3.58 16.64
N SER A 131 8.00 3.63 16.79
CA SER A 131 8.83 4.47 15.94
C SER A 131 9.97 3.64 15.35
N TRP A 132 10.45 4.03 14.18
CA TRP A 132 11.54 3.30 13.55
C TRP A 132 12.46 4.26 12.80
N VAL A 133 13.30 3.70 11.93
CA VAL A 133 14.24 4.52 11.16
C VAL A 133 14.06 4.30 9.67
N SER A 134 13.89 5.38 8.92
CA SER A 134 13.71 5.29 7.48
C SER A 134 14.90 4.59 6.84
N ALA A 135 15.15 3.37 7.28
CA ALA A 135 16.28 2.58 6.76
C ALA A 135 16.45 2.80 5.26
N SER A 136 15.99 3.94 4.76
CA SER A 136 16.12 4.23 3.34
C SER A 136 15.50 5.59 3.00
N ASP A 137 16.27 6.42 2.31
CA ASP A 137 15.79 7.74 1.92
C ASP A 137 15.04 7.66 0.59
N THR A 138 15.12 6.51 -0.05
CA THR A 138 14.45 6.31 -1.32
C THR A 138 13.01 5.84 -1.10
N VAL A 139 12.64 5.70 0.17
CA VAL A 139 11.30 5.26 0.52
C VAL A 139 10.28 6.31 0.07
N SER A 140 9.18 5.84 -0.50
CA SER A 140 8.13 6.76 -0.96
C SER A 140 7.04 6.89 0.10
N GLY A 141 7.06 5.97 1.04
CA GLY A 141 6.09 5.97 2.12
C GLY A 141 6.33 4.78 3.04
N PHE A 142 5.58 4.69 4.12
CA PHE A 142 5.74 3.58 5.05
C PHE A 142 4.41 2.86 5.24
N ARG A 143 4.49 1.57 5.55
CA ARG A 143 3.29 0.78 5.75
C ARG A 143 3.41 -0.03 7.02
N VAL A 144 2.48 0.19 7.94
CA VAL A 144 2.49 -0.52 9.21
C VAL A 144 1.41 -1.59 9.23
N GLU A 145 1.78 -2.76 9.73
CA GLU A 145 0.84 -3.87 9.81
C GLU A 145 0.82 -4.45 11.21
N TYR A 146 -0.37 -4.61 11.77
CA TYR A 146 -0.51 -5.15 13.12
C TYR A 146 -1.68 -6.12 13.18
N GLU A 147 -1.45 -7.25 13.83
CA GLU A 147 -2.48 -8.27 13.97
C GLU A 147 -2.34 -8.96 15.33
N LEU A 148 -3.40 -9.62 15.77
CA LEU A 148 -3.36 -10.31 17.05
C LEU A 148 -2.47 -11.55 16.98
N SER A 149 -1.50 -11.61 17.88
CA SER A 149 -0.57 -12.72 17.91
C SER A 149 -1.25 -13.98 18.44
N GLU A 150 -2.49 -13.82 18.91
CA GLU A 150 -3.24 -14.96 19.44
C GLU A 150 -4.39 -15.36 18.53
N GLU A 151 -5.40 -14.50 18.46
CA GLU A 151 -6.58 -14.76 17.63
C GLU A 151 -6.19 -14.90 16.17
N GLY A 152 -5.22 -14.12 15.72
CA GLY A 152 -4.78 -14.17 14.34
C GLY A 152 -5.74 -13.40 13.45
N ASP A 153 -6.67 -12.69 14.06
CA ASP A 153 -7.64 -11.90 13.31
C ASP A 153 -7.05 -11.45 11.99
N GLU A 154 -7.76 -10.57 11.28
CA GLU A 154 -7.27 -10.07 10.01
C GLU A 154 -6.29 -8.93 10.22
N PRO A 155 -5.23 -8.91 9.47
CA PRO A 155 -4.19 -7.86 9.58
C PRO A 155 -4.67 -6.50 9.08
N GLN A 156 -4.19 -5.44 9.72
CA GLN A 156 -4.56 -4.09 9.33
C GLN A 156 -3.33 -3.36 8.83
N TYR A 157 -3.51 -2.48 7.85
CA TYR A 157 -2.37 -1.75 7.31
C TYR A 157 -2.59 -0.25 7.39
N LEU A 158 -1.52 0.46 7.70
CA LEU A 158 -1.55 1.91 7.79
C LEU A 158 -0.44 2.49 6.94
N ASP A 159 -0.81 3.43 6.07
CA ASP A 159 0.18 4.03 5.18
C ASP A 159 0.60 5.41 5.66
N LEU A 160 1.92 5.63 5.71
CA LEU A 160 2.48 6.89 6.14
C LEU A 160 3.47 7.39 5.09
N PRO A 161 3.73 8.67 5.08
CA PRO A 161 4.67 9.28 4.10
C PRO A 161 6.12 8.89 4.39
N SER A 162 6.96 8.99 3.37
CA SER A 162 8.37 8.64 3.50
C SER A 162 9.04 9.50 4.57
N THR A 163 8.34 10.55 5.00
CA THR A 163 8.87 11.45 6.02
C THR A 163 8.42 10.99 7.41
N ALA A 164 7.52 10.03 7.46
CA ALA A 164 7.02 9.53 8.74
C ALA A 164 7.97 8.48 9.29
N THR A 165 8.26 8.57 10.59
CA THR A 165 9.16 7.62 11.23
C THR A 165 8.56 7.13 12.54
N SER A 166 7.26 7.33 12.72
CA SER A 166 6.57 6.90 13.92
C SER A 166 5.06 6.99 13.72
N VAL A 167 4.33 6.08 14.34
CA VAL A 167 2.87 6.08 14.19
C VAL A 167 2.19 5.50 15.41
N ASN A 168 0.96 5.98 15.67
CA ASN A 168 0.19 5.50 16.80
C ASN A 168 -0.94 4.59 16.31
N ILE A 169 -1.00 3.38 16.83
CA ILE A 169 -2.03 2.43 16.44
C ILE A 169 -3.16 2.39 17.46
N PRO A 170 -4.28 2.99 17.13
CA PRO A 170 -5.46 3.04 18.01
C PRO A 170 -6.41 1.87 17.77
N ASP A 171 -7.50 1.85 18.53
CA ASP A 171 -8.52 0.81 18.40
C ASP A 171 -7.93 -0.57 18.72
N LEU A 172 -6.97 -0.61 19.63
CA LEU A 172 -6.36 -1.88 20.02
C LEU A 172 -7.18 -2.55 21.13
N LEU A 173 -7.17 -3.88 21.14
CA LEU A 173 -7.91 -4.63 22.15
C LEU A 173 -7.06 -4.85 23.39
N PRO A 174 -7.45 -4.28 24.49
CA PRO A 174 -6.72 -4.42 25.79
C PRO A 174 -6.61 -5.87 26.22
N GLY A 175 -5.45 -6.24 26.78
CA GLY A 175 -5.23 -7.61 27.24
C GLY A 175 -4.96 -8.54 26.05
N ARG A 176 -4.54 -7.97 24.94
CA ARG A 176 -4.25 -8.77 23.75
C ARG A 176 -2.85 -8.47 23.24
N LYS A 177 -2.23 -9.48 22.62
CA LYS A 177 -0.89 -9.30 22.07
C LYS A 177 -0.98 -9.06 20.57
N TYR A 178 -0.27 -8.04 20.11
CA TYR A 178 -0.28 -7.71 18.69
C TYR A 178 1.12 -7.77 18.11
N ILE A 179 1.21 -8.14 16.84
CA ILE A 179 2.49 -8.19 16.16
C ILE A 179 2.57 -7.00 15.21
N VAL A 180 3.63 -6.22 15.36
CA VAL A 180 3.80 -5.04 14.53
C VAL A 180 5.00 -5.15 13.61
N ASN A 181 4.78 -4.84 12.34
CA ASN A 181 5.85 -4.90 11.35
C ASN A 181 5.81 -3.67 10.47
N VAL A 182 6.90 -2.93 10.43
CA VAL A 182 6.97 -1.71 9.62
C VAL A 182 7.71 -1.97 8.33
N TYR A 183 7.06 -1.65 7.22
CA TYR A 183 7.66 -1.84 5.90
C TYR A 183 7.82 -0.50 5.20
N GLN A 184 8.96 -0.29 4.56
CA GLN A 184 9.18 0.97 3.84
C GLN A 184 8.94 0.73 2.36
N ILE A 185 8.22 1.64 1.74
CA ILE A 185 7.90 1.50 0.32
C ILE A 185 8.83 2.34 -0.53
N SER A 186 9.52 1.68 -1.45
CA SER A 186 10.46 2.36 -2.32
C SER A 186 9.72 2.96 -3.52
N GLU A 187 10.44 3.79 -4.28
CA GLU A 187 9.84 4.43 -5.44
C GLU A 187 9.35 3.40 -6.45
N ASP A 188 9.77 2.16 -6.27
CA ASP A 188 9.35 1.10 -7.19
C ASP A 188 8.16 0.34 -6.63
N GLY A 189 7.76 0.68 -5.41
CA GLY A 189 6.63 0.02 -4.77
C GLY A 189 7.07 -1.23 -4.01
N GLU A 190 8.37 -1.36 -3.80
CA GLU A 190 8.91 -2.51 -3.08
C GLU A 190 8.86 -2.27 -1.58
N GLN A 191 8.49 -3.30 -0.83
CA GLN A 191 8.41 -3.18 0.63
C GLN A 191 9.57 -3.92 1.29
N SER A 192 10.11 -3.34 2.35
CA SER A 192 11.22 -3.94 3.07
C SER A 192 11.01 -3.83 4.57
N LEU A 193 11.09 -4.96 5.27
CA LEU A 193 10.91 -4.96 6.71
C LEU A 193 12.06 -4.24 7.40
N ILE A 194 11.74 -3.14 8.08
CA ILE A 194 12.76 -2.37 8.78
C ILE A 194 12.62 -2.53 10.28
N LEU A 195 11.44 -2.92 10.74
CA LEU A 195 11.20 -3.09 12.17
C LEU A 195 10.04 -4.04 12.44
N SER A 196 10.30 -5.07 13.23
CA SER A 196 9.29 -6.04 13.59
C SER A 196 9.33 -6.30 15.10
N THR A 197 8.21 -6.02 15.77
CA THR A 197 8.15 -6.21 17.22
C THR A 197 6.72 -6.45 17.68
N SER A 198 6.58 -7.18 18.78
CA SER A 198 5.26 -7.47 19.33
C SER A 198 5.05 -6.74 20.65
N GLN A 199 3.79 -6.55 21.01
CA GLN A 199 3.47 -5.85 22.26
C GLN A 199 2.22 -6.43 22.89
N THR A 200 2.08 -6.22 24.19
CA THR A 200 0.92 -6.72 24.92
C THR A 200 0.18 -5.57 25.59
N THR A 201 -0.94 -5.17 25.01
CA THR A 201 -1.72 -4.06 25.57
C THR A 201 -1.91 -4.25 27.07
N SER A 1 -0.96 8.99 -31.23
CA SER A 1 -0.29 7.78 -31.80
C SER A 1 -1.06 6.54 -31.37
N GLY A 2 -0.32 5.48 -31.01
CA GLY A 2 -0.96 4.24 -30.58
C GLY A 2 -0.61 3.94 -29.12
N PRO A 3 -1.50 3.26 -28.45
CA PRO A 3 -1.35 2.90 -27.03
C PRO A 3 0.07 2.55 -26.63
N VAL A 4 0.42 2.97 -25.42
CA VAL A 4 1.74 2.71 -24.84
C VAL A 4 1.77 1.27 -24.31
N GLU A 5 2.93 0.82 -23.87
CA GLU A 5 3.04 -0.54 -23.35
C GLU A 5 3.16 -0.55 -21.83
N VAL A 6 2.27 -1.31 -21.18
CA VAL A 6 2.26 -1.42 -19.73
C VAL A 6 2.05 -2.87 -19.30
N PHE A 7 2.71 -3.27 -18.21
CA PHE A 7 2.60 -4.63 -17.72
C PHE A 7 2.81 -4.69 -16.21
N ILE A 8 2.50 -5.85 -15.62
CA ILE A 8 2.66 -6.03 -14.18
C ILE A 8 3.83 -6.99 -13.91
N THR A 9 4.72 -6.59 -13.01
CA THR A 9 5.88 -7.43 -12.66
C THR A 9 6.18 -7.37 -11.17
N GLU A 10 6.95 -8.35 -10.69
CA GLU A 10 7.32 -8.41 -9.28
C GLU A 10 6.16 -7.93 -8.42
N THR A 11 4.95 -8.16 -8.90
CA THR A 11 3.77 -7.72 -8.19
C THR A 11 2.83 -8.89 -7.86
N PRO A 12 3.24 -9.75 -6.97
CA PRO A 12 2.42 -10.93 -6.56
C PRO A 12 1.11 -10.50 -5.88
N SER A 13 1.14 -9.34 -5.24
CA SER A 13 -0.04 -8.82 -4.57
C SER A 13 0.35 -7.97 -3.35
N GLN A 14 -0.14 -6.74 -3.32
CA GLN A 14 0.19 -5.84 -2.21
C GLN A 14 -1.10 -5.35 -1.55
N PRO A 15 -1.00 -4.91 -0.32
CA PRO A 15 -2.18 -4.41 0.45
C PRO A 15 -2.55 -2.96 0.14
N ASN A 16 -1.64 -2.05 0.47
CA ASN A 16 -1.91 -0.62 0.24
C ASN A 16 -1.08 -0.06 -0.91
N SER A 17 0.01 -0.75 -1.26
CA SER A 17 0.87 -0.28 -2.33
C SER A 17 0.71 -1.13 -3.58
N HIS A 18 0.96 -0.51 -4.74
CA HIS A 18 0.84 -1.22 -6.01
C HIS A 18 1.71 -0.56 -7.07
N PRO A 19 2.84 -1.14 -7.37
CA PRO A 19 3.78 -0.60 -8.39
C PRO A 19 3.40 -1.00 -9.82
N ILE A 20 3.65 -0.09 -10.76
CA ILE A 20 3.34 -0.35 -12.16
C ILE A 20 4.55 -0.02 -13.03
N GLN A 21 4.52 -0.43 -14.29
CA GLN A 21 5.62 -0.14 -15.20
C GLN A 21 5.09 0.01 -16.62
N TRP A 22 5.73 0.86 -17.42
CA TRP A 22 5.29 1.07 -18.79
C TRP A 22 6.48 1.25 -19.73
N ASN A 23 6.26 0.98 -21.00
CA ASN A 23 7.32 1.13 -22.00
C ASN A 23 6.83 2.00 -23.16
N ALA A 24 7.77 2.63 -23.85
CA ALA A 24 7.42 3.50 -24.98
C ALA A 24 8.29 3.19 -26.18
N PRO A 25 7.99 3.80 -27.29
CA PRO A 25 8.77 3.62 -28.56
C PRO A 25 10.27 3.81 -28.32
N GLN A 26 11.07 3.55 -29.35
CA GLN A 26 12.51 3.70 -29.23
C GLN A 26 12.90 5.17 -29.45
N PRO A 27 12.45 5.75 -30.54
CA PRO A 27 12.74 7.18 -30.86
C PRO A 27 12.12 8.12 -29.82
N SER A 28 12.73 9.29 -29.64
CA SER A 28 12.22 10.26 -28.69
C SER A 28 10.85 10.74 -29.09
N HIS A 29 10.03 9.80 -29.53
CA HIS A 29 8.67 10.10 -29.95
C HIS A 29 7.84 10.63 -28.77
N ILE A 30 8.02 10.00 -27.62
CA ILE A 30 7.28 10.40 -26.42
C ILE A 30 8.21 11.07 -25.40
N SER A 31 7.72 12.15 -24.79
CA SER A 31 8.52 12.88 -23.82
C SER A 31 8.03 12.64 -22.40
N LYS A 32 6.89 13.24 -22.07
CA LYS A 32 6.31 13.11 -20.74
C LYS A 32 5.40 11.89 -20.61
N TYR A 33 5.36 11.31 -19.41
CA TYR A 33 4.50 10.17 -19.15
C TYR A 33 3.54 10.52 -18.00
N ILE A 34 2.24 10.39 -18.22
CA ILE A 34 1.27 10.69 -17.19
C ILE A 34 0.46 9.45 -16.82
N LEU A 35 0.29 9.22 -15.53
CA LEU A 35 -0.47 8.07 -15.07
C LEU A 35 -1.68 8.49 -14.24
N ARG A 36 -2.84 7.97 -14.61
CA ARG A 36 -4.06 8.29 -13.88
C ARG A 36 -4.82 7.01 -13.55
N TRP A 37 -5.36 6.93 -12.34
CA TRP A 37 -6.08 5.73 -11.91
C TRP A 37 -7.26 6.05 -11.01
N ARG A 38 -8.16 5.08 -10.87
CA ARG A 38 -9.33 5.22 -10.02
C ARG A 38 -9.91 3.86 -9.66
N PRO A 39 -10.33 3.69 -8.44
CA PRO A 39 -10.91 2.41 -7.96
C PRO A 39 -12.21 2.06 -8.70
N LYS A 40 -12.18 0.97 -9.46
CA LYS A 40 -13.36 0.56 -10.21
C LYS A 40 -14.59 0.60 -9.31
N ASN A 41 -15.15 1.80 -9.14
CA ASN A 41 -16.32 1.97 -8.29
C ASN A 41 -17.08 3.27 -8.62
N SER A 42 -16.40 4.23 -9.25
CA SER A 42 -17.04 5.49 -9.60
C SER A 42 -16.30 6.17 -10.75
N VAL A 43 -17.00 7.05 -11.46
CA VAL A 43 -16.40 7.78 -12.58
C VAL A 43 -16.45 9.28 -12.33
N GLY A 44 -16.45 9.66 -11.05
CA GLY A 44 -16.52 11.07 -10.67
C GLY A 44 -15.13 11.66 -10.46
N ARG A 45 -14.52 11.34 -9.33
CA ARG A 45 -13.19 11.86 -9.01
C ARG A 45 -12.17 10.73 -8.88
N TRP A 46 -10.91 11.05 -9.16
CA TRP A 46 -9.85 10.05 -9.06
C TRP A 46 -8.47 10.69 -8.91
N LYS A 47 -7.42 9.88 -9.04
CA LYS A 47 -6.06 10.39 -8.87
C LYS A 47 -5.28 10.41 -10.19
N GLU A 48 -4.37 11.37 -10.27
CA GLU A 48 -3.51 11.52 -11.45
C GLU A 48 -2.10 11.90 -11.03
N ALA A 49 -1.14 11.61 -11.89
CA ALA A 49 0.26 11.92 -11.59
C ALA A 49 1.09 12.13 -12.85
N THR A 50 2.20 12.83 -12.70
CA THR A 50 3.10 13.10 -13.82
C THR A 50 4.43 12.41 -13.59
N ILE A 51 4.95 11.76 -14.62
CA ILE A 51 6.23 11.05 -14.50
C ILE A 51 7.23 11.50 -15.57
N PRO A 52 8.36 11.99 -15.17
CA PRO A 52 9.43 12.43 -16.12
C PRO A 52 9.68 11.42 -17.24
N GLY A 53 10.12 11.92 -18.38
CA GLY A 53 10.37 11.06 -19.55
C GLY A 53 11.47 10.02 -19.28
N HIS A 54 12.33 10.28 -18.31
CA HIS A 54 13.43 9.34 -18.04
C HIS A 54 12.97 8.20 -17.13
N LEU A 55 11.84 8.36 -16.46
CA LEU A 55 11.32 7.31 -15.59
C LEU A 55 10.38 6.41 -16.37
N ASN A 56 10.48 5.10 -16.12
CA ASN A 56 9.64 4.13 -16.81
C ASN A 56 8.82 3.29 -15.83
N SER A 57 8.77 3.73 -14.58
CA SER A 57 7.99 3.00 -13.57
C SER A 57 7.45 3.94 -12.51
N TYR A 58 6.24 3.65 -12.03
CA TYR A 58 5.60 4.50 -11.01
C TYR A 58 5.42 3.73 -9.71
N THR A 59 4.66 4.32 -8.80
CA THR A 59 4.39 3.69 -7.51
C THR A 59 3.04 4.17 -6.99
N ILE A 60 2.16 3.24 -6.66
CA ILE A 60 0.84 3.61 -6.16
C ILE A 60 0.65 3.17 -4.70
N LYS A 61 0.35 4.14 -3.84
CA LYS A 61 0.15 3.84 -2.42
C LYS A 61 -1.21 4.39 -1.96
N GLY A 62 -1.66 3.91 -0.81
CA GLY A 62 -2.94 4.35 -0.27
C GLY A 62 -4.09 3.54 -0.86
N LEU A 63 -3.76 2.38 -1.42
CA LEU A 63 -4.77 1.53 -2.03
C LEU A 63 -5.54 0.73 -0.98
N LYS A 64 -6.74 0.29 -1.36
CA LYS A 64 -7.58 -0.48 -0.45
C LYS A 64 -7.47 -1.98 -0.78
N PRO A 65 -7.31 -2.79 0.23
CA PRO A 65 -7.19 -4.27 0.04
C PRO A 65 -8.50 -4.89 -0.43
N GLY A 66 -8.40 -5.89 -1.29
CA GLY A 66 -9.58 -6.56 -1.81
C GLY A 66 -10.36 -5.65 -2.76
N VAL A 67 -9.65 -4.70 -3.36
CA VAL A 67 -10.27 -3.76 -4.28
C VAL A 67 -9.51 -3.72 -5.60
N VAL A 68 -10.17 -3.27 -6.66
CA VAL A 68 -9.55 -3.20 -7.97
C VAL A 68 -9.48 -1.76 -8.45
N TYR A 69 -8.35 -1.41 -9.07
CA TYR A 69 -8.16 -0.06 -9.58
C TYR A 69 -7.87 -0.08 -11.08
N GLU A 70 -8.50 0.84 -11.81
CA GLU A 70 -8.24 0.93 -13.24
C GLU A 70 -7.25 2.05 -13.49
N GLY A 71 -6.21 1.78 -14.26
CA GLY A 71 -5.20 2.79 -14.53
C GLY A 71 -5.05 3.08 -16.02
N GLN A 72 -4.60 4.29 -16.32
CA GLN A 72 -4.40 4.70 -17.70
C GLN A 72 -3.06 5.40 -17.84
N LEU A 73 -2.38 5.13 -18.94
CA LEU A 73 -1.09 5.75 -19.18
C LEU A 73 -1.15 6.67 -20.40
N ILE A 74 -0.90 7.96 -20.18
CA ILE A 74 -0.92 8.92 -21.28
C ILE A 74 0.47 9.46 -21.56
N SER A 75 0.87 9.40 -22.82
CA SER A 75 2.19 9.89 -23.20
C SER A 75 2.08 11.16 -24.04
N ILE A 76 2.69 12.24 -23.55
CA ILE A 76 2.63 13.51 -24.26
C ILE A 76 3.94 13.80 -24.98
N GLN A 77 3.82 14.46 -26.13
CA GLN A 77 5.00 14.80 -26.93
C GLN A 77 5.29 16.28 -26.80
N GLN A 78 6.55 16.66 -27.00
CA GLN A 78 6.94 18.05 -26.90
C GLN A 78 5.86 18.95 -27.51
N TYR A 79 4.90 19.34 -26.68
CA TYR A 79 3.80 20.19 -27.15
C TYR A 79 3.33 19.77 -28.53
N GLY A 80 3.40 18.46 -28.79
CA GLY A 80 2.98 17.94 -30.09
C GLY A 80 1.76 17.04 -29.95
N HIS A 81 1.93 15.77 -30.31
CA HIS A 81 0.83 14.80 -30.24
C HIS A 81 0.65 14.26 -28.83
N GLN A 82 -0.37 13.41 -28.68
CA GLN A 82 -0.67 12.80 -27.38
C GLN A 82 -1.26 11.39 -27.58
N GLU A 83 -1.00 10.51 -26.63
CA GLU A 83 -1.51 9.14 -26.71
C GLU A 83 -2.02 8.67 -25.34
N VAL A 84 -3.08 7.87 -25.33
CA VAL A 84 -3.62 7.38 -24.07
C VAL A 84 -3.79 5.85 -24.09
N THR A 85 -3.38 5.22 -22.99
CA THR A 85 -3.48 3.77 -22.84
C THR A 85 -4.28 3.42 -21.60
N ARG A 86 -5.11 2.37 -21.70
CA ARG A 86 -5.93 1.97 -20.55
C ARG A 86 -5.58 0.56 -20.07
N PHE A 87 -5.53 0.39 -18.76
CA PHE A 87 -5.23 -0.90 -18.16
C PHE A 87 -5.88 -1.00 -16.78
N ASP A 88 -5.98 -2.20 -16.24
CA ASP A 88 -6.59 -2.37 -14.92
C ASP A 88 -5.91 -3.48 -14.14
N PHE A 89 -5.94 -3.36 -12.82
CA PHE A 89 -5.33 -4.36 -11.95
C PHE A 89 -6.11 -4.52 -10.65
N THR A 90 -5.72 -5.50 -9.86
CA THR A 90 -6.38 -5.77 -8.59
C THR A 90 -5.37 -5.62 -7.44
N THR A 91 -5.87 -5.43 -6.23
CA THR A 91 -4.98 -5.27 -5.08
C THR A 91 -5.45 -6.14 -3.91
N THR A 92 -4.57 -7.03 -3.46
CA THR A 92 -4.89 -7.91 -2.35
C THR A 92 -3.80 -7.87 -1.28
N SER A 93 -4.16 -8.18 -0.03
CA SER A 93 -3.16 -8.21 1.03
C SER A 93 -2.13 -9.28 0.73
N THR A 94 -2.63 -10.42 0.25
CA THR A 94 -1.79 -11.56 -0.12
C THR A 94 -2.16 -12.04 -1.52
N SER A 95 -1.30 -12.84 -2.14
CA SER A 95 -1.61 -13.35 -3.47
C SER A 95 -2.77 -14.33 -3.39
N THR A 96 -3.48 -14.52 -4.49
CA THR A 96 -4.62 -15.44 -4.51
C THR A 96 -4.77 -16.10 -5.88
N PRO A 97 -5.44 -17.23 -5.94
CA PRO A 97 -5.69 -17.95 -7.23
C PRO A 97 -6.39 -17.04 -8.23
N VAL A 98 -6.24 -17.32 -9.52
CA VAL A 98 -6.87 -16.49 -10.54
C VAL A 98 -8.38 -16.51 -10.38
N THR A 99 -8.98 -15.32 -10.46
CA THR A 99 -10.43 -15.18 -10.29
C THR A 99 -11.06 -14.55 -11.54
N SER A 100 -12.37 -14.64 -11.63
CA SER A 100 -13.10 -14.10 -12.77
C SER A 100 -13.01 -12.57 -12.77
N ASN A 101 -13.34 -11.96 -13.91
CA ASN A 101 -13.30 -10.51 -14.04
C ASN A 101 -14.26 -9.84 -13.07
N THR A 102 -13.78 -8.77 -12.43
CA THR A 102 -14.58 -8.02 -11.47
C THR A 102 -15.28 -8.96 -10.50
N VAL A 103 -14.61 -9.24 -9.38
CA VAL A 103 -15.16 -10.12 -8.34
C VAL A 103 -16.43 -9.54 -7.74
N THR A 104 -16.46 -8.21 -7.58
CA THR A 104 -17.61 -7.54 -6.99
C THR A 104 -18.76 -7.45 -7.98
N GLY A 105 -19.95 -7.14 -7.48
CA GLY A 105 -21.13 -7.04 -8.33
C GLY A 105 -21.77 -8.42 -8.52
N GLU A 106 -21.57 -9.30 -7.54
CA GLU A 106 -22.12 -10.65 -7.61
C GLU A 106 -23.64 -10.57 -7.79
N THR A 107 -24.19 -11.50 -8.56
CA THR A 107 -25.63 -11.52 -8.81
C THR A 107 -26.41 -11.66 -7.51
N THR A 108 -25.91 -12.47 -6.58
CA THR A 108 -26.59 -12.69 -5.30
C THR A 108 -25.65 -12.43 -4.12
N PRO A 109 -25.42 -11.19 -3.75
CA PRO A 109 -24.51 -10.87 -2.61
C PRO A 109 -25.00 -11.50 -1.32
N PHE A 110 -24.06 -11.96 -0.50
CA PHE A 110 -24.41 -12.60 0.78
C PHE A 110 -25.21 -11.66 1.67
N SER A 111 -24.83 -10.38 1.67
CA SER A 111 -25.52 -9.38 2.49
C SER A 111 -25.94 -8.19 1.65
N PRO A 112 -27.03 -8.31 0.92
CA PRO A 112 -27.54 -7.20 0.06
C PRO A 112 -27.78 -5.92 0.85
N LEU A 113 -27.49 -4.78 0.23
CA LEU A 113 -27.68 -3.47 0.87
C LEU A 113 -27.19 -3.46 2.31
N VAL A 114 -26.72 -2.29 2.76
CA VAL A 114 -26.23 -2.14 4.12
C VAL A 114 -25.37 -3.33 4.55
N ALA A 115 -24.06 -3.17 4.44
CA ALA A 115 -23.13 -4.24 4.82
C ALA A 115 -21.69 -3.76 4.76
N THR A 116 -21.50 -2.45 4.79
CA THR A 116 -20.14 -1.89 4.74
C THR A 116 -19.49 -1.88 6.12
N SER A 117 -18.17 -1.82 6.13
CA SER A 117 -17.41 -1.79 7.38
C SER A 117 -17.33 -0.38 7.93
N GLU A 118 -17.90 0.57 7.22
CA GLU A 118 -17.86 1.97 7.63
C GLU A 118 -18.54 2.15 9.00
N SER A 119 -19.58 1.39 9.26
CA SER A 119 -20.29 1.50 10.54
C SER A 119 -19.39 1.06 11.68
N VAL A 120 -19.60 1.65 12.86
CA VAL A 120 -18.81 1.30 14.05
C VAL A 120 -19.73 0.85 15.18
N THR A 121 -19.37 -0.26 15.83
CA THR A 121 -20.16 -0.78 16.94
C THR A 121 -19.53 -0.38 18.27
N GLU A 122 -18.45 -1.08 18.62
CA GLU A 122 -17.72 -0.82 19.87
C GLU A 122 -16.30 -0.34 19.54
N ILE A 123 -15.78 0.56 20.38
CA ILE A 123 -14.43 1.08 20.17
C ILE A 123 -13.53 0.75 21.35
N THR A 124 -12.23 0.63 21.09
CA THR A 124 -11.25 0.31 22.13
C THR A 124 -10.10 1.30 22.12
N ALA A 125 -9.29 1.29 23.18
CA ALA A 125 -8.14 2.18 23.29
C ALA A 125 -6.85 1.37 23.25
N SER A 126 -6.32 1.02 24.42
CA SER A 126 -5.08 0.21 24.50
C SER A 126 -4.17 0.47 23.29
N SER A 127 -4.27 1.68 22.78
CA SER A 127 -3.49 2.09 21.61
C SER A 127 -2.00 1.82 21.83
N PHE A 128 -1.24 1.92 20.75
CA PHE A 128 0.20 1.68 20.82
C PHE A 128 0.93 2.78 20.05
N VAL A 129 2.11 3.16 20.54
CA VAL A 129 2.90 4.16 19.84
C VAL A 129 4.28 3.59 19.56
N VAL A 130 4.48 3.18 18.32
CA VAL A 130 5.76 2.59 17.92
C VAL A 130 6.50 3.49 16.94
N SER A 131 7.81 3.59 17.12
CA SER A 131 8.64 4.41 16.26
C SER A 131 9.82 3.58 15.75
N TRP A 132 10.33 3.93 14.57
CA TRP A 132 11.45 3.21 14.00
C TRP A 132 12.38 4.16 13.24
N VAL A 133 13.26 3.59 12.43
CA VAL A 133 14.20 4.39 11.65
C VAL A 133 14.08 4.09 10.16
N SER A 134 13.89 5.15 9.36
CA SER A 134 13.76 4.97 7.92
C SER A 134 14.99 4.28 7.35
N ALA A 135 15.27 3.08 7.86
CA ALA A 135 16.42 2.31 7.42
C ALA A 135 16.65 2.46 5.92
N SER A 136 16.17 3.55 5.34
CA SER A 136 16.33 3.78 3.91
C SER A 136 15.68 5.10 3.48
N ASP A 137 16.45 5.92 2.78
CA ASP A 137 15.94 7.21 2.31
C ASP A 137 15.23 7.04 0.97
N THR A 138 15.38 5.85 0.38
CA THR A 138 14.74 5.57 -0.91
C THR A 138 13.32 5.07 -0.69
N VAL A 139 12.91 4.98 0.56
CA VAL A 139 11.58 4.52 0.90
C VAL A 139 10.54 5.51 0.37
N SER A 140 9.46 4.98 -0.20
CA SER A 140 8.41 5.84 -0.75
C SER A 140 7.29 5.99 0.27
N GLY A 141 7.30 5.11 1.27
CA GLY A 141 6.30 5.13 2.32
C GLY A 141 6.55 4.00 3.28
N PHE A 142 5.76 3.95 4.35
CA PHE A 142 5.91 2.89 5.34
C PHE A 142 4.61 2.13 5.52
N ARG A 143 4.72 0.86 5.90
CA ARG A 143 3.54 0.05 6.10
C ARG A 143 3.64 -0.69 7.42
N VAL A 144 2.68 -0.46 8.29
CA VAL A 144 2.68 -1.10 9.59
C VAL A 144 1.63 -2.21 9.64
N GLU A 145 2.00 -3.34 10.21
CA GLU A 145 1.10 -4.47 10.31
C GLU A 145 1.06 -4.99 11.74
N TYR A 146 -0.14 -5.15 12.27
CA TYR A 146 -0.31 -5.63 13.64
C TYR A 146 -1.45 -6.63 13.72
N GLU A 147 -1.21 -7.72 14.43
CA GLU A 147 -2.21 -8.77 14.59
C GLU A 147 -2.09 -9.39 15.98
N LEU A 148 -3.14 -10.06 16.43
CA LEU A 148 -3.12 -10.68 17.74
C LEU A 148 -2.20 -11.89 17.76
N SER A 149 -1.25 -11.87 18.69
CA SER A 149 -0.30 -12.96 18.81
C SER A 149 -0.96 -14.21 19.38
N GLU A 150 -2.21 -14.08 19.80
CA GLU A 150 -2.94 -15.20 20.37
C GLU A 150 -4.05 -15.67 19.43
N GLU A 151 -5.08 -14.86 19.30
CA GLU A 151 -6.22 -15.21 18.45
C GLU A 151 -5.79 -15.41 17.00
N GLY A 152 -4.82 -14.61 16.55
CA GLY A 152 -4.34 -14.72 15.18
C GLY A 152 -5.29 -14.01 14.22
N ASP A 153 -6.27 -13.31 14.78
CA ASP A 153 -7.24 -12.58 13.96
C ASP A 153 -6.61 -12.18 12.64
N GLU A 154 -7.32 -11.37 11.86
CA GLU A 154 -6.81 -10.92 10.58
C GLU A 154 -5.88 -9.73 10.78
N PRO A 155 -4.80 -9.71 10.05
CA PRO A 155 -3.79 -8.63 10.14
C PRO A 155 -4.30 -7.32 9.56
N GLN A 156 -3.87 -6.20 10.15
CA GLN A 156 -4.27 -4.88 9.68
C GLN A 156 -3.04 -4.14 9.19
N TYR A 157 -3.21 -3.32 8.16
CA TYR A 157 -2.09 -2.58 7.61
C TYR A 157 -2.36 -1.09 7.62
N LEU A 158 -1.31 -0.33 7.92
CA LEU A 158 -1.40 1.13 7.94
C LEU A 158 -0.28 1.70 7.10
N ASP A 159 -0.64 2.57 6.16
CA ASP A 159 0.36 3.16 5.28
C ASP A 159 0.72 4.58 5.71
N LEU A 160 2.02 4.83 5.78
CA LEU A 160 2.53 6.14 6.16
C LEU A 160 3.54 6.62 5.13
N PRO A 161 3.76 7.90 5.05
CA PRO A 161 4.71 8.49 4.07
C PRO A 161 6.17 8.16 4.42
N SER A 162 7.03 8.25 3.42
CA SER A 162 8.44 7.95 3.61
C SER A 162 9.05 8.88 4.66
N THR A 163 8.31 9.93 5.02
CA THR A 163 8.79 10.88 6.01
C THR A 163 8.31 10.50 7.41
N ALA A 164 7.42 9.50 7.47
CA ALA A 164 6.90 9.05 8.75
C ALA A 164 7.87 8.06 9.39
N THR A 165 8.11 8.22 10.69
CA THR A 165 9.02 7.33 11.40
C THR A 165 8.40 6.88 12.73
N SER A 166 7.09 7.06 12.85
CA SER A 166 6.38 6.66 14.05
C SER A 166 4.87 6.69 13.79
N VAL A 167 4.14 5.79 14.44
CA VAL A 167 2.70 5.75 14.25
C VAL A 167 1.99 5.20 15.48
N ASN A 168 0.74 5.64 15.68
CA ASN A 168 -0.05 5.20 16.81
C ASN A 168 -1.14 4.24 16.33
N ILE A 169 -1.18 3.05 16.91
CA ILE A 169 -2.16 2.05 16.52
C ILE A 169 -3.33 2.03 17.51
N PRO A 170 -4.44 2.58 17.12
CA PRO A 170 -5.66 2.63 17.97
C PRO A 170 -6.57 1.41 17.76
N ASP A 171 -7.67 1.40 18.48
CA ASP A 171 -8.65 0.32 18.38
C ASP A 171 -8.04 -1.02 18.78
N LEU A 172 -7.12 -0.99 19.73
CA LEU A 172 -6.47 -2.21 20.20
C LEU A 172 -7.30 -2.86 21.31
N LEU A 173 -7.25 -4.18 21.39
CA LEU A 173 -8.00 -4.90 22.41
C LEU A 173 -7.18 -5.05 23.68
N PRO A 174 -7.63 -4.43 24.74
CA PRO A 174 -6.94 -4.48 26.06
C PRO A 174 -6.80 -5.91 26.58
N GLY A 175 -5.64 -6.20 27.17
CA GLY A 175 -5.39 -7.54 27.72
C GLY A 175 -5.06 -8.52 26.60
N ARG A 176 -4.62 -8.00 25.47
CA ARG A 176 -4.26 -8.85 24.33
C ARG A 176 -2.86 -8.53 23.84
N LYS A 177 -2.19 -9.53 23.29
CA LYS A 177 -0.85 -9.34 22.78
C LYS A 177 -0.89 -9.18 21.27
N TYR A 178 -0.21 -8.17 20.77
CA TYR A 178 -0.18 -7.91 19.34
C TYR A 178 1.25 -7.95 18.81
N ILE A 179 1.38 -8.38 17.56
CA ILE A 179 2.68 -8.43 16.91
C ILE A 179 2.76 -7.27 15.92
N VAL A 180 3.78 -6.45 16.05
CA VAL A 180 3.94 -5.31 15.17
C VAL A 180 5.18 -5.44 14.29
N ASN A 181 5.00 -5.19 13.01
CA ASN A 181 6.10 -5.27 12.06
C ASN A 181 6.04 -4.07 11.11
N VAL A 182 7.12 -3.30 11.08
CA VAL A 182 7.16 -2.14 10.21
C VAL A 182 7.96 -2.42 8.95
N TYR A 183 7.33 -2.19 7.80
CA TYR A 183 7.98 -2.42 6.52
C TYR A 183 8.12 -1.12 5.76
N GLN A 184 9.28 -0.90 5.14
CA GLN A 184 9.48 0.32 4.37
C GLN A 184 9.29 0.01 2.90
N ILE A 185 8.56 0.86 2.20
CA ILE A 185 8.30 0.65 0.79
C ILE A 185 9.24 1.47 -0.07
N SER A 186 9.97 0.79 -0.94
CA SER A 186 10.91 1.45 -1.82
C SER A 186 10.20 1.98 -3.06
N GLU A 187 10.90 2.78 -3.84
CA GLU A 187 10.34 3.36 -5.05
C GLU A 187 9.90 2.26 -6.02
N ASP A 188 10.35 1.04 -5.78
CA ASP A 188 10.00 -0.08 -6.65
C ASP A 188 8.81 -0.86 -6.08
N GLY A 189 8.37 -0.46 -4.89
CA GLY A 189 7.24 -1.12 -4.25
C GLY A 189 7.69 -2.31 -3.41
N GLU A 190 8.99 -2.39 -3.17
CA GLU A 190 9.53 -3.50 -2.38
C GLU A 190 9.43 -3.18 -0.89
N GLN A 191 9.06 -4.18 -0.09
CA GLN A 191 8.94 -4.00 1.34
C GLN A 191 10.10 -4.67 2.07
N SER A 192 10.60 -4.01 3.12
CA SER A 192 11.70 -4.55 3.90
C SER A 192 11.44 -4.37 5.39
N LEU A 193 11.53 -5.46 6.14
CA LEU A 193 11.30 -5.39 7.58
C LEU A 193 12.40 -4.60 8.26
N ILE A 194 12.03 -3.49 8.87
CA ILE A 194 13.00 -2.65 9.56
C ILE A 194 12.82 -2.74 11.07
N LEU A 195 11.63 -3.14 11.51
CA LEU A 195 11.36 -3.25 12.95
C LEU A 195 10.23 -4.22 13.23
N SER A 196 10.50 -5.21 14.08
CA SER A 196 9.50 -6.19 14.45
C SER A 196 9.49 -6.36 15.97
N THR A 197 8.35 -6.10 16.60
CA THR A 197 8.26 -6.21 18.05
C THR A 197 6.81 -6.47 18.48
N SER A 198 6.66 -7.15 19.62
CA SER A 198 5.33 -7.46 20.14
C SER A 198 5.05 -6.67 21.40
N GLN A 199 3.78 -6.50 21.73
CA GLN A 199 3.39 -5.76 22.92
C GLN A 199 2.14 -6.35 23.54
N THR A 200 1.96 -6.08 24.83
CA THR A 200 0.79 -6.58 25.54
C THR A 200 0.00 -5.42 26.13
N THR A 201 -1.12 -5.08 25.51
CA THR A 201 -1.94 -3.98 25.98
C THR A 201 -2.18 -4.09 27.48
#